data_6DUQ
#
_entry.id   6DUQ
#
_cell.length_a   126.350
_cell.length_b   126.320
_cell.length_c   166.820
_cell.angle_alpha   89.94
_cell.angle_beta   89.90
_cell.angle_gamma   60.01
#
_symmetry.space_group_name_H-M   'P 1'
#
loop_
_entity.id
_entity.type
_entity.pdbx_description
1 polymer 'Transcription termination factor Rho'
2 polymer 'Transcription termination/antitermination protein NusG'
3 polymer rU12
4 non-polymer "ADENOSINE-5'-DIPHOSPHATE"
5 non-polymer 'MAGNESIUM ION'
6 non-polymer 'BERYLLIUM TRIFLUORIDE ION'
#
loop_
_entity_poly.entity_id
_entity_poly.type
_entity_poly.pdbx_seq_one_letter_code
_entity_poly.pdbx_strand_id
1 'polypeptide(L)'
;MGHMNLTELKNTPVSELITLGENMGLENLARMRKQDIIFAILKQHAKSGEDIFGDGVLEILQDGFGFLRSADSSYLAGPD
DIYVSPSQIRRFNLRTGDTISGKIRPPKEGERYFALLKVNEVNFDKPENARNKILFENLTPLHANSRLRMERGNGSTEDL
TARVLDLASPIGRGQRGLIVAPPKAGKTMLLQNIAQSIAYNHPDCVLMVLLIDERPEEVTEMQRLVKGEVVASTFDEPAS
RHVQVAEMVIEKAKRLVEHKKDVIILLDSITRLARAYNTVVPASGKVLTGGVDANALHRPKRFFGAARNVEEGGSLTIIA
TALIDTGSKMDEVIYEEFKGTGNMELHLSRKIAEKRVFPAIDYNRSGTRKEELLTTQEELQKMWILRKIIHPMGEIDAME
FLINKLAMTKTNDDFFEMMKRS
;
L,A,G,B,H,C,I,D,K,F,J,E
2 'polypeptide(L)' SNAKTLFEPGEMVRVNDGPFADFNGVVEEVDYEKSRLKVSVSIFGRATPVELDFSQVEKA M,N,O,P,Q,R,S,T,U,V,W,X
3 'polyribonucleotide' UUUUUUUUUUUU Y,Z
#
# COMPACT_ATOMS: atom_id res chain seq x y z
N MET A 4 -57.97 -56.10 -56.64
CA MET A 4 -58.32 -55.62 -55.30
C MET A 4 -57.21 -54.70 -54.79
N ASN A 5 -57.37 -53.39 -55.00
CA ASN A 5 -56.34 -52.41 -54.67
C ASN A 5 -56.91 -51.36 -53.73
N LEU A 6 -56.07 -50.89 -52.81
CA LEU A 6 -56.53 -49.95 -51.78
C LEU A 6 -56.93 -48.61 -52.40
N THR A 7 -56.02 -47.98 -53.15
CA THR A 7 -56.33 -46.68 -53.73
C THR A 7 -57.48 -46.77 -54.74
N GLU A 8 -57.60 -47.91 -55.42
CA GLU A 8 -58.73 -48.09 -56.33
C GLU A 8 -60.05 -48.11 -55.55
N LEU A 9 -60.05 -48.70 -54.35
CA LEU A 9 -61.23 -48.65 -53.50
C LEU A 9 -61.47 -47.25 -52.94
N LYS A 10 -60.40 -46.51 -52.64
CA LYS A 10 -60.56 -45.14 -52.19
C LYS A 10 -61.12 -44.24 -53.28
N ASN A 11 -60.83 -44.55 -54.55
CA ASN A 11 -61.34 -43.73 -55.64
C ASN A 11 -62.81 -44.00 -55.94
N THR A 12 -63.24 -45.26 -55.86
CA THR A 12 -64.62 -45.59 -56.22
C THR A 12 -65.59 -44.91 -55.26
N PRO A 13 -66.76 -44.49 -55.73
CA PRO A 13 -67.73 -43.84 -54.84
C PRO A 13 -68.22 -44.78 -53.76
N VAL A 14 -68.80 -44.18 -52.70
CA VAL A 14 -69.26 -44.97 -51.56
C VAL A 14 -70.40 -45.90 -51.97
N SER A 15 -71.24 -45.48 -52.92
CA SER A 15 -72.39 -46.31 -53.31
C SER A 15 -71.93 -47.66 -53.85
N GLU A 16 -70.99 -47.62 -54.81
CA GLU A 16 -70.45 -48.86 -55.37
C GLU A 16 -69.72 -49.68 -54.31
N LEU A 17 -69.05 -49.01 -53.35
CA LEU A 17 -68.37 -49.74 -52.27
C LEU A 17 -69.37 -50.47 -51.37
N ILE A 18 -70.47 -49.81 -50.99
CA ILE A 18 -71.47 -50.46 -50.15
C ILE A 18 -72.10 -51.64 -50.87
N THR A 19 -72.47 -51.45 -52.14
CA THR A 19 -73.01 -52.58 -52.89
C THR A 19 -72.01 -53.73 -52.97
N LEU A 20 -70.76 -53.43 -53.33
CA LEU A 20 -69.72 -54.44 -53.41
C LEU A 20 -69.51 -55.16 -52.08
N GLY A 21 -69.61 -54.45 -50.96
CA GLY A 21 -69.39 -55.06 -49.66
C GLY A 21 -70.55 -55.92 -49.22
N GLU A 22 -71.77 -55.49 -49.54
CA GLU A 22 -72.94 -56.32 -49.26
C GLU A 22 -72.91 -57.60 -50.09
N ASN A 23 -72.35 -57.55 -51.31
CA ASN A 23 -72.23 -58.78 -52.08
C ASN A 23 -71.33 -59.80 -51.38
N MET A 24 -70.29 -59.34 -50.70
CA MET A 24 -69.39 -60.24 -49.97
C MET A 24 -70.08 -60.78 -48.71
N ARG A 33 -68.42 -44.99 -41.60
CA ARG A 33 -67.73 -44.09 -42.51
C ARG A 33 -67.14 -44.85 -43.68
N LYS A 34 -66.91 -44.14 -44.79
CA LYS A 34 -66.38 -44.78 -46.00
C LYS A 34 -65.06 -45.50 -45.72
N GLN A 35 -64.15 -44.86 -44.97
CA GLN A 35 -62.89 -45.49 -44.59
C GLN A 35 -63.13 -46.87 -43.99
N ASP A 36 -64.16 -47.01 -43.14
CA ASP A 36 -64.47 -48.30 -42.54
C ASP A 36 -65.01 -49.29 -43.56
N ILE A 37 -65.84 -48.84 -44.50
CA ILE A 37 -66.29 -49.73 -45.56
C ILE A 37 -65.09 -50.35 -46.27
N ILE A 38 -64.12 -49.51 -46.66
CA ILE A 38 -62.95 -50.03 -47.35
C ILE A 38 -62.18 -51.00 -46.45
N PHE A 39 -61.99 -50.65 -45.17
CA PHE A 39 -61.22 -51.52 -44.28
C PHE A 39 -61.89 -52.89 -44.12
N ALA A 40 -63.20 -52.91 -43.89
CA ALA A 40 -63.90 -54.17 -43.72
C ALA A 40 -63.89 -55.00 -45.00
N ILE A 41 -64.05 -54.34 -46.16
CA ILE A 41 -64.02 -55.06 -47.43
C ILE A 41 -62.64 -55.69 -47.65
N LEU A 42 -61.57 -54.94 -47.40
CA LEU A 42 -60.21 -55.47 -47.52
C LEU A 42 -59.98 -56.66 -46.60
N LYS A 43 -60.39 -56.56 -45.33
CA LYS A 43 -60.24 -57.68 -44.41
C LYS A 43 -60.98 -58.91 -44.90
N GLN A 44 -62.25 -58.75 -45.32
CA GLN A 44 -63.01 -59.90 -45.78
C GLN A 44 -62.34 -60.55 -46.98
N HIS A 45 -61.82 -59.76 -47.92
CA HIS A 45 -61.08 -60.34 -49.02
C HIS A 45 -59.81 -61.07 -48.55
N ALA A 46 -59.15 -60.56 -47.50
CA ALA A 46 -57.99 -61.27 -46.95
C ALA A 46 -58.38 -62.61 -46.34
N LYS A 47 -59.57 -62.69 -45.72
CA LYS A 47 -60.02 -63.95 -45.14
C LYS A 47 -60.14 -65.03 -46.21
N SER A 48 -60.59 -64.68 -47.41
CA SER A 48 -60.73 -65.65 -48.49
C SER A 48 -59.40 -66.23 -48.93
N GLY A 49 -58.27 -65.67 -48.49
CA GLY A 49 -56.97 -66.06 -48.98
C GLY A 49 -56.53 -65.35 -50.23
N GLU A 50 -57.42 -64.62 -50.89
CA GLU A 50 -57.04 -63.83 -52.06
C GLU A 50 -56.13 -62.67 -51.67
N ASP A 51 -55.33 -62.23 -52.64
CA ASP A 51 -54.33 -61.21 -52.39
C ASP A 51 -54.96 -59.82 -52.33
N ILE A 52 -54.28 -58.90 -51.63
CA ILE A 52 -54.64 -57.50 -51.53
C ILE A 52 -53.47 -56.68 -52.06
N PHE A 53 -53.77 -55.50 -52.60
CA PHE A 53 -52.74 -54.66 -53.21
C PHE A 53 -52.89 -53.22 -52.77
N GLY A 54 -51.76 -52.52 -52.72
CA GLY A 54 -51.70 -51.11 -52.39
C GLY A 54 -50.52 -50.46 -53.05
N ASP A 55 -50.44 -49.13 -52.89
CA ASP A 55 -49.40 -48.35 -53.55
C ASP A 55 -49.32 -46.95 -52.96
N GLY A 56 -48.22 -46.29 -53.27
CA GLY A 56 -48.01 -44.90 -52.86
C GLY A 56 -46.55 -44.53 -52.96
N VAL A 57 -46.27 -43.24 -52.69
CA VAL A 57 -44.89 -42.74 -52.76
C VAL A 57 -44.22 -42.92 -51.41
N LEU A 58 -42.99 -43.42 -51.44
CA LEU A 58 -42.28 -43.76 -50.23
C LEU A 58 -41.77 -42.52 -49.51
N GLU A 59 -41.86 -42.53 -48.19
CA GLU A 59 -41.24 -41.52 -47.33
C GLU A 59 -40.57 -42.28 -46.19
N ILE A 60 -39.24 -42.18 -46.11
CA ILE A 60 -38.45 -42.90 -45.12
C ILE A 60 -38.31 -42.01 -43.89
N LEU A 61 -38.70 -42.54 -42.73
CA LEU A 61 -38.58 -41.83 -41.47
C LEU A 61 -37.15 -41.96 -40.93
N GLN A 62 -36.91 -41.24 -39.84
CA GLN A 62 -35.57 -41.18 -39.28
C GLN A 62 -35.13 -42.52 -38.70
N ASP A 63 -36.09 -43.34 -38.26
CA ASP A 63 -35.77 -44.60 -37.61
C ASP A 63 -35.31 -45.69 -38.59
N GLY A 64 -35.47 -45.49 -39.89
CA GLY A 64 -35.06 -46.46 -40.88
C GLY A 64 -36.20 -47.15 -41.60
N PHE A 65 -37.43 -47.07 -41.09
CA PHE A 65 -38.60 -47.60 -41.78
C PHE A 65 -39.34 -46.45 -42.46
N GLY A 66 -40.28 -46.80 -43.34
CA GLY A 66 -40.97 -45.80 -44.13
C GLY A 66 -42.45 -46.10 -44.28
N PHE A 67 -43.15 -45.17 -44.93
CA PHE A 67 -44.55 -45.36 -45.28
C PHE A 67 -44.78 -44.94 -46.72
N LEU A 68 -45.85 -45.49 -47.30
CA LEU A 68 -46.27 -45.14 -48.65
C LEU A 68 -47.39 -44.11 -48.54
N ARG A 69 -47.03 -42.84 -48.61
CA ARG A 69 -48.01 -41.77 -48.62
C ARG A 69 -48.84 -41.81 -49.89
N SER A 70 -50.02 -41.19 -49.82
CA SER A 70 -50.99 -41.21 -50.90
C SER A 70 -51.25 -39.81 -51.42
N ALA A 71 -51.60 -39.73 -52.71
CA ALA A 71 -51.82 -38.44 -53.37
C ALA A 71 -53.03 -37.70 -52.81
N ASP A 72 -54.05 -38.44 -52.35
CA ASP A 72 -55.23 -37.81 -51.77
C ASP A 72 -54.95 -37.12 -50.45
N SER A 73 -53.79 -37.36 -49.84
CA SER A 73 -53.33 -36.63 -48.66
C SER A 73 -52.18 -35.68 -48.98
N SER A 74 -51.98 -35.36 -50.27
CA SER A 74 -50.88 -34.52 -50.74
C SER A 74 -49.53 -35.09 -50.33
N TYR A 75 -49.45 -36.42 -50.24
CA TYR A 75 -48.27 -37.16 -49.84
C TYR A 75 -47.86 -36.86 -48.41
N LEU A 76 -48.80 -36.44 -47.58
CA LEU A 76 -48.61 -36.30 -46.15
C LEU A 76 -49.10 -37.56 -45.43
N ALA A 77 -48.90 -37.57 -44.12
CA ALA A 77 -49.32 -38.71 -43.32
C ALA A 77 -50.79 -39.01 -43.50
N GLY A 78 -51.12 -40.27 -43.76
CA GLY A 78 -52.48 -40.68 -44.01
C GLY A 78 -52.88 -41.92 -43.23
N PRO A 79 -54.20 -42.11 -43.04
CA PRO A 79 -54.64 -43.29 -42.29
C PRO A 79 -54.39 -44.60 -43.02
N ASP A 80 -54.40 -44.60 -44.35
CA ASP A 80 -54.21 -45.81 -45.14
C ASP A 80 -52.77 -45.98 -45.60
N ASP A 81 -51.81 -45.37 -44.90
CA ASP A 81 -50.42 -45.47 -45.31
C ASP A 81 -49.89 -46.88 -45.09
N ILE A 82 -49.03 -47.32 -46.00
CA ILE A 82 -48.52 -48.69 -46.00
C ILE A 82 -47.12 -48.68 -45.43
N TYR A 83 -46.92 -49.48 -44.38
CA TYR A 83 -45.61 -49.57 -43.73
C TYR A 83 -44.64 -50.35 -44.61
N VAL A 84 -43.44 -49.80 -44.78
CA VAL A 84 -42.36 -50.45 -45.51
C VAL A 84 -41.21 -50.67 -44.53
N SER A 85 -40.89 -51.94 -44.31
CA SER A 85 -39.88 -52.34 -43.34
C SER A 85 -38.49 -51.89 -43.81
N PRO A 86 -37.58 -51.65 -42.87
CA PRO A 86 -36.20 -51.32 -43.26
C PRO A 86 -35.56 -52.36 -44.17
N SER A 87 -35.79 -53.64 -43.90
CA SER A 87 -35.21 -54.71 -44.73
C SER A 87 -35.62 -54.57 -46.19
N GLN A 88 -36.89 -54.21 -46.43
CA GLN A 88 -37.36 -53.97 -47.79
C GLN A 88 -36.66 -52.78 -48.43
N ILE A 89 -36.40 -51.72 -47.66
CA ILE A 89 -35.72 -50.54 -48.20
C ILE A 89 -34.28 -50.87 -48.57
N ARG A 90 -33.58 -51.62 -47.72
CA ARG A 90 -32.20 -51.99 -48.02
C ARG A 90 -32.13 -52.95 -49.21
N ARG A 91 -33.08 -53.88 -49.32
CA ARG A 91 -33.04 -54.88 -50.38
C ARG A 91 -33.00 -54.24 -51.75
N PHE A 92 -33.86 -53.24 -51.99
CA PHE A 92 -33.98 -52.61 -53.30
C PHE A 92 -33.41 -51.19 -53.33
N ASN A 93 -32.68 -50.79 -52.29
CA ASN A 93 -32.07 -49.45 -52.22
C ASN A 93 -33.11 -48.36 -52.45
N LEU A 94 -34.25 -48.52 -51.78
CA LEU A 94 -35.32 -47.54 -51.91
C LEU A 94 -34.94 -46.25 -51.20
N ARG A 95 -35.47 -45.14 -51.73
CA ARG A 95 -35.27 -43.83 -51.13
C ARG A 95 -36.54 -43.02 -51.27
N THR A 96 -36.68 -42.02 -50.39
CA THR A 96 -37.86 -41.18 -50.37
C THR A 96 -38.18 -40.65 -51.77
N GLY A 97 -39.44 -40.76 -52.15
CA GLY A 97 -39.90 -40.38 -53.47
C GLY A 97 -40.24 -41.54 -54.37
N ASP A 98 -39.73 -42.74 -54.08
CA ASP A 98 -39.94 -43.90 -54.93
C ASP A 98 -41.41 -44.32 -54.91
N THR A 99 -42.06 -44.27 -56.07
CA THR A 99 -43.40 -44.82 -56.20
C THR A 99 -43.34 -46.33 -56.05
N ILE A 100 -44.15 -46.89 -55.15
CA ILE A 100 -44.11 -48.31 -54.84
C ILE A 100 -45.50 -48.90 -55.01
N SER A 101 -45.57 -50.08 -55.64
CA SER A 101 -46.78 -50.88 -55.74
C SER A 101 -46.49 -52.30 -55.29
N GLY A 102 -47.37 -52.85 -54.47
CA GLY A 102 -47.15 -54.23 -54.01
C GLY A 102 -48.33 -54.78 -53.23
N LYS A 103 -48.19 -56.07 -52.91
CA LYS A 103 -49.18 -56.77 -52.10
C LYS A 103 -49.10 -56.33 -50.65
N ILE A 104 -50.25 -56.22 -50.00
CA ILE A 104 -50.36 -55.69 -48.65
C ILE A 104 -51.29 -56.57 -47.83
N ARG A 105 -51.20 -56.41 -46.51
CA ARG A 105 -52.02 -57.12 -45.55
C ARG A 105 -52.58 -56.17 -44.51
N PRO A 106 -53.80 -56.43 -44.02
CA PRO A 106 -54.35 -55.58 -42.97
C PRO A 106 -53.53 -55.65 -41.75
N PRO A 107 -53.59 -54.63 -40.86
CA PRO A 107 -52.78 -54.65 -39.64
C PRO A 107 -53.23 -55.74 -38.69
N LYS A 108 -52.25 -56.43 -38.08
CA LYS A 108 -52.52 -57.43 -37.07
C LYS A 108 -52.88 -56.78 -35.74
N GLU A 109 -53.08 -57.60 -34.71
CA GLU A 109 -53.38 -57.10 -33.38
C GLU A 109 -52.17 -56.38 -32.81
N GLY A 110 -52.39 -55.15 -32.32
CA GLY A 110 -51.31 -54.30 -31.89
C GLY A 110 -50.66 -53.50 -32.99
N GLU A 111 -51.24 -53.47 -34.18
CA GLU A 111 -50.72 -52.71 -35.31
C GLU A 111 -51.78 -51.73 -35.78
N ARG A 112 -51.32 -50.66 -36.43
CA ARG A 112 -52.21 -49.60 -36.86
C ARG A 112 -52.15 -49.32 -38.35
N TYR A 113 -51.37 -50.08 -39.11
CA TYR A 113 -51.13 -49.74 -40.50
C TYR A 113 -51.12 -51.00 -41.35
N PHE A 114 -51.50 -50.83 -42.62
CA PHE A 114 -51.30 -51.86 -43.63
C PHE A 114 -49.81 -52.05 -43.88
N ALA A 115 -49.39 -53.31 -43.97
CA ALA A 115 -47.99 -53.66 -44.18
C ALA A 115 -47.77 -54.16 -45.61
N LEU A 116 -46.54 -53.99 -46.09
CA LEU A 116 -46.16 -54.38 -47.43
C LEU A 116 -45.53 -55.76 -47.39
N LEU A 117 -46.13 -56.71 -48.09
CA LEU A 117 -45.60 -58.06 -48.15
C LEU A 117 -44.50 -58.17 -49.18
N LYS A 118 -44.82 -57.83 -50.43
CA LYS A 118 -43.87 -57.96 -51.53
C LYS A 118 -44.06 -56.76 -52.44
N VAL A 119 -42.95 -56.22 -52.94
CA VAL A 119 -42.99 -55.04 -53.80
C VAL A 119 -42.95 -55.51 -55.24
N ASN A 120 -44.04 -55.26 -55.98
CA ASN A 120 -44.12 -55.68 -57.37
C ASN A 120 -43.43 -54.67 -58.28
N GLU A 121 -43.66 -53.37 -58.04
CA GLU A 121 -43.19 -52.35 -58.96
C GLU A 121 -42.56 -51.20 -58.20
N VAL A 122 -41.35 -50.80 -58.63
CA VAL A 122 -40.61 -49.66 -58.08
C VAL A 122 -40.40 -48.68 -59.23
N ASN A 123 -41.13 -47.56 -59.18
CA ASN A 123 -41.05 -46.54 -60.23
C ASN A 123 -41.48 -47.10 -61.58
N PHE A 124 -42.60 -47.82 -61.58
CA PHE A 124 -43.18 -48.35 -62.81
C PHE A 124 -42.18 -49.23 -63.54
N ASP A 125 -41.40 -49.99 -62.78
CA ASP A 125 -40.36 -50.81 -63.37
C ASP A 125 -40.07 -51.98 -62.44
N LYS A 126 -39.23 -52.90 -62.92
CA LYS A 126 -38.89 -54.10 -62.15
C LYS A 126 -38.08 -53.71 -60.92
N PRO A 127 -38.39 -54.27 -59.75
CA PRO A 127 -37.66 -53.89 -58.53
C PRO A 127 -36.15 -54.14 -58.59
N GLU A 128 -35.72 -55.20 -59.28
CA GLU A 128 -34.30 -55.48 -59.38
C GLU A 128 -33.54 -54.34 -60.04
N ASN A 129 -34.12 -53.74 -61.07
CA ASN A 129 -33.47 -52.64 -61.78
C ASN A 129 -33.25 -51.42 -60.88
N ALA A 130 -34.06 -51.26 -59.84
CA ALA A 130 -33.85 -50.13 -58.92
C ALA A 130 -32.59 -50.31 -58.07
N ARG A 131 -32.21 -51.57 -57.81
CA ARG A 131 -30.91 -51.86 -57.18
C ARG A 131 -29.77 -51.32 -58.08
N ASN A 132 -29.77 -51.58 -59.36
CA ASN A 132 -28.70 -51.12 -60.21
C ASN A 132 -29.16 -49.90 -60.99
N LYS A 133 -28.63 -48.74 -60.62
CA LYS A 133 -28.96 -47.50 -61.32
C LYS A 133 -27.94 -46.45 -60.95
N ILE A 134 -27.80 -45.40 -61.79
CA ILE A 134 -26.92 -44.27 -61.47
C ILE A 134 -27.73 -43.22 -60.73
N LEU A 135 -27.23 -42.80 -59.57
CA LEU A 135 -27.98 -41.88 -58.71
C LEU A 135 -28.05 -40.49 -59.35
N PHE A 136 -29.05 -39.72 -58.90
CA PHE A 136 -29.26 -38.38 -59.44
C PHE A 136 -28.07 -37.47 -59.16
N GLU A 137 -27.43 -37.65 -58.00
CA GLU A 137 -26.26 -36.84 -57.65
C GLU A 137 -25.08 -37.10 -58.57
N ASN A 138 -25.06 -38.24 -59.26
CA ASN A 138 -23.93 -38.63 -60.09
C ASN A 138 -24.19 -38.46 -61.59
N LEU A 139 -25.41 -38.10 -61.98
CA LEU A 139 -25.71 -37.84 -63.38
C LEU A 139 -24.94 -36.62 -63.86
N THR A 140 -24.41 -36.71 -65.08
CA THR A 140 -23.56 -35.64 -65.60
C THR A 140 -24.43 -34.51 -66.13
N PRO A 141 -24.33 -33.31 -65.58
CA PRO A 141 -25.21 -32.21 -66.00
C PRO A 141 -24.84 -31.68 -67.37
N LEU A 142 -25.82 -31.03 -68.01
CA LEU A 142 -25.61 -30.41 -69.30
C LEU A 142 -26.58 -29.24 -69.45
N HIS A 143 -26.25 -28.33 -70.37
CA HIS A 143 -27.21 -27.35 -70.82
C HIS A 143 -28.29 -28.03 -71.65
N ALA A 144 -29.48 -27.44 -71.66
CA ALA A 144 -30.62 -28.02 -72.36
C ALA A 144 -30.31 -28.18 -73.83
N ASN A 145 -30.56 -29.39 -74.35
CA ASN A 145 -30.36 -29.72 -75.76
C ASN A 145 -31.68 -29.74 -76.52
N SER A 146 -32.62 -30.56 -76.07
CA SER A 146 -33.86 -30.79 -76.82
C SER A 146 -34.84 -29.68 -76.53
N ARG A 147 -35.29 -28.99 -77.59
CA ARG A 147 -36.23 -27.90 -77.45
C ARG A 147 -37.61 -28.41 -77.07
N LEU A 148 -38.26 -27.74 -76.13
CA LEU A 148 -39.64 -28.00 -75.74
C LEU A 148 -40.48 -26.85 -76.29
N ARG A 149 -40.93 -27.00 -77.53
CA ARG A 149 -41.67 -25.93 -78.19
C ARG A 149 -43.07 -25.83 -77.61
N MET A 150 -43.46 -24.62 -77.23
CA MET A 150 -44.76 -24.40 -76.61
C MET A 150 -45.86 -24.09 -77.63
N GLU A 151 -45.51 -23.68 -78.83
CA GLU A 151 -46.51 -23.19 -79.78
C GLU A 151 -47.43 -24.29 -80.26
N ARG A 152 -48.72 -24.15 -79.97
CA ARG A 152 -49.72 -25.08 -80.47
C ARG A 152 -49.74 -25.11 -81.99
N GLY A 153 -49.80 -23.93 -82.62
CA GLY A 153 -50.02 -23.82 -84.04
C GLY A 153 -51.46 -23.86 -84.47
N ASN A 154 -52.41 -24.08 -83.53
CA ASN A 154 -53.83 -24.16 -83.84
C ASN A 154 -54.47 -22.79 -84.13
N GLY A 155 -53.67 -21.74 -84.33
CA GLY A 155 -54.22 -20.41 -84.51
C GLY A 155 -55.05 -19.91 -83.35
N SER A 156 -54.87 -20.48 -82.16
CA SER A 156 -55.67 -20.11 -81.00
C SER A 156 -55.25 -18.74 -80.47
N THR A 157 -56.21 -18.04 -79.86
CA THR A 157 -55.89 -16.76 -79.24
C THR A 157 -55.09 -16.95 -77.95
N GLU A 158 -55.29 -18.06 -77.25
CA GLU A 158 -54.41 -18.40 -76.14
C GLU A 158 -53.00 -18.69 -76.63
N ASP A 159 -52.88 -19.30 -77.81
CA ASP A 159 -51.59 -19.67 -78.36
C ASP A 159 -50.65 -18.49 -78.48
N LEU A 160 -51.18 -17.26 -78.58
CA LEU A 160 -50.32 -16.10 -78.58
C LEU A 160 -49.29 -16.16 -77.46
N THR A 161 -49.74 -16.43 -76.22
CA THR A 161 -48.80 -16.53 -75.11
C THR A 161 -47.70 -17.53 -75.40
N ALA A 162 -48.06 -18.70 -75.91
CA ALA A 162 -47.02 -19.66 -76.22
C ALA A 162 -46.07 -19.11 -77.29
N ARG A 163 -46.63 -18.51 -78.34
CA ARG A 163 -45.79 -18.10 -79.46
C ARG A 163 -44.76 -17.07 -79.00
N VAL A 164 -45.23 -15.98 -78.38
CA VAL A 164 -44.31 -15.01 -77.81
C VAL A 164 -43.27 -15.70 -76.95
N LEU A 165 -43.69 -16.64 -76.07
CA LEU A 165 -42.71 -17.30 -75.23
C LEU A 165 -41.60 -17.90 -76.09
N ASP A 166 -41.97 -18.68 -77.12
CA ASP A 166 -40.95 -19.32 -77.95
C ASP A 166 -39.98 -18.29 -78.51
N LEU A 167 -40.45 -17.10 -78.81
CA LEU A 167 -39.55 -16.12 -79.41
C LEU A 167 -38.72 -15.41 -78.36
N ALA A 168 -39.27 -15.24 -77.17
CA ALA A 168 -38.58 -14.39 -76.19
C ALA A 168 -37.63 -15.20 -75.32
N SER A 169 -38.03 -16.40 -74.93
CA SER A 169 -37.25 -17.22 -74.01
C SER A 169 -37.59 -18.68 -74.25
N PRO A 170 -36.90 -19.33 -75.18
CA PRO A 170 -37.18 -20.75 -75.46
C PRO A 170 -36.95 -21.61 -74.23
N ILE A 171 -37.62 -22.76 -74.21
CA ILE A 171 -37.55 -23.69 -73.09
C ILE A 171 -37.12 -25.05 -73.61
N GLY A 172 -36.03 -25.58 -73.06
CA GLY A 172 -35.56 -26.92 -73.36
C GLY A 172 -35.74 -27.88 -72.18
N ARG A 173 -35.42 -29.15 -72.44
CA ARG A 173 -35.53 -30.19 -71.42
C ARG A 173 -34.39 -30.05 -70.41
N GLY A 174 -34.73 -29.92 -69.13
CA GLY A 174 -33.78 -29.60 -68.10
C GLY A 174 -33.64 -28.12 -67.79
N GLN A 175 -34.49 -27.28 -68.36
CA GLN A 175 -34.42 -25.84 -68.13
C GLN A 175 -34.71 -25.52 -66.66
N ARG A 176 -34.18 -24.38 -66.23
CA ARG A 176 -34.30 -23.90 -64.85
C ARG A 176 -34.78 -22.45 -64.94
N GLY A 177 -36.08 -22.28 -65.16
CA GLY A 177 -36.65 -21.02 -65.55
C GLY A 177 -37.56 -20.39 -64.51
N LEU A 178 -37.85 -19.11 -64.74
CA LEU A 178 -38.62 -18.27 -63.84
C LEU A 178 -39.59 -17.40 -64.63
N ILE A 179 -40.85 -17.38 -64.22
CA ILE A 179 -41.85 -16.43 -64.73
C ILE A 179 -41.87 -15.31 -63.70
N VAL A 180 -41.11 -14.25 -63.95
CA VAL A 180 -40.92 -13.20 -62.95
C VAL A 180 -41.86 -12.05 -63.26
N ALA A 181 -42.59 -11.59 -62.23
CA ALA A 181 -43.52 -10.47 -62.39
C ALA A 181 -44.15 -10.04 -61.07
N PRO A 182 -44.64 -8.80 -61.01
CA PRO A 182 -45.37 -8.34 -59.82
C PRO A 182 -46.72 -9.04 -59.70
N PRO A 183 -47.38 -8.96 -58.54
CA PRO A 183 -48.71 -9.57 -58.42
C PRO A 183 -49.67 -9.03 -59.48
N LYS A 184 -50.46 -9.95 -60.03
CA LYS A 184 -51.53 -9.68 -61.00
C LYS A 184 -50.99 -9.32 -62.38
N ALA A 185 -49.77 -9.74 -62.71
CA ALA A 185 -49.22 -9.48 -64.02
C ALA A 185 -49.50 -10.59 -65.04
N GLY A 186 -49.81 -11.80 -64.57
CA GLY A 186 -50.19 -12.86 -65.49
C GLY A 186 -49.35 -14.11 -65.33
N LYS A 187 -48.65 -14.24 -64.20
CA LYS A 187 -47.72 -15.35 -64.02
C LYS A 187 -48.45 -16.69 -64.00
N THR A 188 -49.48 -16.80 -63.16
CA THR A 188 -50.17 -18.06 -62.99
C THR A 188 -50.82 -18.53 -64.28
N MET A 189 -51.61 -17.66 -64.93
CA MET A 189 -52.24 -18.01 -66.19
C MET A 189 -51.22 -18.33 -67.28
N LEU A 190 -50.05 -17.68 -67.24
CA LEU A 190 -48.99 -18.05 -68.17
C LEU A 190 -48.45 -19.45 -67.88
N LEU A 191 -48.33 -19.81 -66.61
CA LEU A 191 -47.96 -21.17 -66.24
C LEU A 191 -49.02 -22.17 -66.67
N GLN A 192 -50.31 -21.80 -66.59
CA GLN A 192 -51.38 -22.67 -67.07
C GLN A 192 -51.33 -22.84 -68.58
N ASN A 193 -51.07 -21.75 -69.31
CA ASN A 193 -50.86 -21.82 -70.75
C ASN A 193 -49.70 -22.76 -71.09
N ILE A 194 -48.60 -22.65 -70.35
CA ILE A 194 -47.48 -23.58 -70.52
C ILE A 194 -47.93 -25.02 -70.28
N ALA A 195 -48.69 -25.26 -69.21
CA ALA A 195 -49.14 -26.61 -68.89
C ALA A 195 -49.97 -27.20 -70.02
N GLN A 196 -50.89 -26.43 -70.58
CA GLN A 196 -51.65 -26.90 -71.72
C GLN A 196 -50.73 -27.23 -72.90
N SER A 197 -49.77 -26.34 -73.20
CA SER A 197 -48.86 -26.61 -74.31
C SER A 197 -48.06 -27.88 -74.08
N ILE A 198 -47.69 -28.15 -72.83
CA ILE A 198 -46.92 -29.35 -72.52
C ILE A 198 -47.78 -30.58 -72.71
N ALA A 199 -49.03 -30.54 -72.25
CA ALA A 199 -49.90 -31.71 -72.39
C ALA A 199 -50.17 -32.02 -73.86
N TYR A 200 -50.26 -31.01 -74.72
CA TYR A 200 -50.57 -31.27 -76.12
C TYR A 200 -49.32 -31.63 -76.93
N ASN A 201 -48.26 -30.83 -76.81
CA ASN A 201 -47.09 -31.00 -77.66
C ASN A 201 -46.11 -32.02 -77.10
N HIS A 202 -46.13 -32.26 -75.79
CA HIS A 202 -45.16 -33.16 -75.16
C HIS A 202 -45.88 -34.09 -74.18
N PRO A 203 -46.80 -34.93 -74.68
CA PRO A 203 -47.44 -35.90 -73.78
C PRO A 203 -46.46 -36.93 -73.24
N ASP A 204 -45.28 -37.04 -73.83
CA ASP A 204 -44.28 -37.99 -73.34
C ASP A 204 -43.71 -37.56 -72.01
N CYS A 205 -43.65 -36.24 -71.75
CA CYS A 205 -43.07 -35.74 -70.52
C CYS A 205 -43.98 -36.01 -69.33
N VAL A 206 -43.37 -36.24 -68.17
CA VAL A 206 -44.08 -36.46 -66.90
C VAL A 206 -44.35 -35.08 -66.29
N LEU A 207 -45.58 -34.61 -66.37
CA LEU A 207 -45.93 -33.26 -65.93
C LEU A 207 -46.43 -33.27 -64.49
N MET A 208 -45.81 -32.45 -63.65
CA MET A 208 -46.22 -32.23 -62.27
C MET A 208 -46.36 -30.73 -62.02
N VAL A 209 -47.43 -30.34 -61.31
CA VAL A 209 -47.72 -28.94 -61.02
C VAL A 209 -47.73 -28.77 -59.50
N LEU A 210 -46.71 -28.11 -58.97
CA LEU A 210 -46.57 -27.87 -57.54
C LEU A 210 -47.03 -26.45 -57.22
N LEU A 211 -48.05 -26.33 -56.38
CA LEU A 211 -48.64 -25.05 -55.99
C LEU A 211 -48.36 -24.79 -54.52
N ILE A 212 -47.57 -23.74 -54.24
CA ILE A 212 -47.12 -23.46 -52.88
C ILE A 212 -47.61 -22.07 -52.50
N ASP A 213 -48.41 -22.01 -51.42
CA ASP A 213 -48.77 -20.76 -50.74
C ASP A 213 -49.55 -19.82 -51.67
N GLU A 214 -50.38 -20.40 -52.54
CA GLU A 214 -51.16 -19.63 -53.49
C GLU A 214 -52.65 -19.90 -53.29
N ARG A 215 -53.45 -19.27 -54.15
CA ARG A 215 -54.90 -19.22 -53.95
C ARG A 215 -55.51 -20.62 -54.07
N PRO A 216 -56.51 -20.94 -53.25
CA PRO A 216 -57.08 -22.29 -53.31
C PRO A 216 -57.90 -22.55 -54.56
N GLU A 217 -58.58 -21.54 -55.09
CA GLU A 217 -59.37 -21.76 -56.30
C GLU A 217 -58.49 -22.07 -57.50
N GLU A 218 -57.23 -21.60 -57.50
CA GLU A 218 -56.29 -21.96 -58.55
C GLU A 218 -55.91 -23.44 -58.50
N VAL A 219 -55.90 -24.04 -57.31
CA VAL A 219 -55.65 -25.47 -57.19
C VAL A 219 -56.68 -26.28 -57.96
N THR A 220 -57.96 -26.04 -57.67
CA THR A 220 -59.00 -26.76 -58.37
C THR A 220 -59.04 -26.37 -59.85
N GLU A 221 -58.81 -25.09 -60.16
CA GLU A 221 -58.74 -24.68 -61.56
C GLU A 221 -57.63 -25.43 -62.30
N MET A 222 -56.51 -25.68 -61.65
CA MET A 222 -55.38 -26.34 -62.30
C MET A 222 -55.60 -27.84 -62.44
N GLN A 223 -56.21 -28.48 -61.43
CA GLN A 223 -56.34 -29.94 -61.51
C GLN A 223 -57.39 -30.35 -62.52
N ARG A 224 -58.36 -29.48 -62.79
CA ARG A 224 -59.36 -29.75 -63.80
C ARG A 224 -58.95 -29.24 -65.17
N LEU A 225 -57.82 -28.56 -65.28
CA LEU A 225 -57.34 -27.98 -66.54
C LEU A 225 -56.17 -28.72 -67.15
N VAL A 226 -55.16 -29.10 -66.34
CA VAL A 226 -53.94 -29.71 -66.86
C VAL A 226 -54.11 -31.22 -66.90
N LYS A 227 -53.45 -31.83 -67.89
CA LYS A 227 -53.44 -33.29 -68.03
C LYS A 227 -52.16 -33.78 -67.36
N GLY A 228 -52.20 -33.79 -66.03
CA GLY A 228 -51.07 -34.24 -65.26
C GLY A 228 -51.41 -34.29 -63.79
N GLU A 229 -50.37 -34.49 -62.98
CA GLU A 229 -50.53 -34.55 -61.54
C GLU A 229 -50.37 -33.17 -60.93
N VAL A 230 -51.24 -32.84 -59.97
CA VAL A 230 -51.23 -31.56 -59.29
C VAL A 230 -51.09 -31.80 -57.79
N VAL A 231 -50.01 -31.28 -57.20
CA VAL A 231 -49.76 -31.32 -55.76
C VAL A 231 -49.78 -29.89 -55.26
N ALA A 232 -50.57 -29.63 -54.20
CA ALA A 232 -50.78 -28.27 -53.73
C ALA A 232 -50.69 -28.18 -52.21
N SER A 233 -50.43 -26.95 -51.73
CA SER A 233 -50.30 -26.58 -50.33
C SER A 233 -50.60 -25.07 -50.26
N THR A 234 -51.90 -24.75 -50.24
CA THR A 234 -52.36 -23.37 -50.35
C THR A 234 -51.89 -22.49 -49.20
N PHE A 235 -52.22 -21.20 -49.28
CA PHE A 235 -51.85 -20.28 -48.21
C PHE A 235 -52.62 -20.54 -46.92
N ASP A 236 -53.61 -21.42 -46.93
CA ASP A 236 -54.25 -21.87 -45.69
C ASP A 236 -53.31 -22.73 -44.87
N GLU A 237 -52.23 -23.16 -45.42
CA GLU A 237 -51.30 -24.08 -44.81
C GLU A 237 -50.08 -23.37 -44.26
N PRO A 238 -49.44 -23.94 -43.25
CA PRO A 238 -48.23 -23.33 -42.68
C PRO A 238 -47.02 -23.59 -43.55
N ALA A 239 -45.96 -22.83 -43.27
CA ALA A 239 -44.71 -22.97 -44.01
C ALA A 239 -44.14 -24.38 -43.87
N SER A 240 -44.26 -24.97 -42.68
CA SER A 240 -43.77 -26.32 -42.44
C SER A 240 -44.31 -27.29 -43.47
N ARG A 241 -45.61 -27.21 -43.74
CA ARG A 241 -46.23 -28.09 -44.72
C ARG A 241 -45.71 -27.80 -46.12
N HIS A 242 -45.61 -26.53 -46.50
CA HIS A 242 -45.05 -26.17 -47.81
C HIS A 242 -43.72 -26.87 -48.04
N VAL A 243 -42.81 -26.75 -47.07
CA VAL A 243 -41.48 -27.35 -47.22
C VAL A 243 -41.60 -28.85 -47.41
N GLN A 244 -42.31 -29.53 -46.50
CA GLN A 244 -42.32 -30.99 -46.56
C GLN A 244 -42.88 -31.49 -47.89
N VAL A 245 -43.99 -30.88 -48.34
CA VAL A 245 -44.63 -31.27 -49.60
C VAL A 245 -43.68 -31.06 -50.77
N ALA A 246 -43.04 -29.88 -50.83
CA ALA A 246 -42.10 -29.62 -51.92
C ALA A 246 -40.94 -30.61 -51.93
N GLU A 247 -40.45 -30.98 -50.74
CA GLU A 247 -39.36 -31.95 -50.68
C GLU A 247 -39.79 -33.30 -51.26
N MET A 248 -40.99 -33.77 -50.89
CA MET A 248 -41.48 -35.02 -51.48
C MET A 248 -41.57 -34.93 -53.00
N VAL A 249 -42.11 -33.81 -53.52
CA VAL A 249 -42.28 -33.70 -54.97
C VAL A 249 -40.94 -33.70 -55.68
N ILE A 250 -39.98 -32.91 -55.18
CA ILE A 250 -38.67 -32.83 -55.84
C ILE A 250 -37.95 -34.18 -55.78
N GLU A 251 -38.04 -34.92 -54.67
CA GLU A 251 -37.39 -36.22 -54.63
C GLU A 251 -38.05 -37.19 -55.61
N LYS A 252 -39.38 -37.16 -55.71
CA LYS A 252 -40.07 -37.99 -56.68
C LYS A 252 -39.58 -37.70 -58.10
N ALA A 253 -39.46 -36.42 -58.45
CA ALA A 253 -38.91 -36.04 -59.75
C ALA A 253 -37.51 -36.62 -59.96
N LYS A 254 -36.63 -36.48 -58.96
CA LYS A 254 -35.28 -37.03 -59.09
C LYS A 254 -35.31 -38.54 -59.36
N ARG A 255 -36.17 -39.29 -58.67
CA ARG A 255 -36.26 -40.72 -58.91
C ARG A 255 -36.67 -41.01 -60.36
N LEU A 256 -37.73 -40.36 -60.83
CA LEU A 256 -38.14 -40.58 -62.22
C LEU A 256 -37.02 -40.26 -63.19
N VAL A 257 -36.23 -39.21 -62.91
CA VAL A 257 -35.10 -38.88 -63.78
C VAL A 257 -34.02 -39.96 -63.73
N GLU A 258 -33.80 -40.56 -62.56
CA GLU A 258 -32.95 -41.74 -62.49
C GLU A 258 -33.44 -42.85 -63.39
N HIS A 259 -34.74 -42.90 -63.69
CA HIS A 259 -35.23 -43.83 -64.70
C HIS A 259 -35.30 -43.21 -66.11
N LYS A 260 -34.43 -42.24 -66.41
CA LYS A 260 -34.31 -41.66 -67.76
C LYS A 260 -35.64 -41.09 -68.24
N LYS A 261 -36.38 -40.45 -67.34
CA LYS A 261 -37.63 -39.80 -67.68
C LYS A 261 -37.42 -38.30 -67.80
N ASP A 262 -38.25 -37.65 -68.63
CA ASP A 262 -38.25 -36.20 -68.80
C ASP A 262 -39.39 -35.62 -67.94
N VAL A 263 -39.03 -35.16 -66.73
CA VAL A 263 -39.98 -34.62 -65.76
C VAL A 263 -40.01 -33.10 -65.90
N ILE A 264 -41.20 -32.51 -65.73
CA ILE A 264 -41.40 -31.07 -65.73
C ILE A 264 -42.21 -30.69 -64.50
N ILE A 265 -41.72 -29.72 -63.74
CA ILE A 265 -42.38 -29.22 -62.54
C ILE A 265 -42.70 -27.75 -62.76
N LEU A 266 -43.99 -27.44 -62.79
CA LEU A 266 -44.47 -26.06 -62.86
C LEU A 266 -44.79 -25.63 -61.44
N LEU A 267 -43.95 -24.75 -60.88
CA LEU A 267 -44.05 -24.35 -59.48
C LEU A 267 -44.59 -22.93 -59.37
N ASP A 268 -45.58 -22.75 -58.49
CA ASP A 268 -46.21 -21.45 -58.28
C ASP A 268 -46.67 -21.40 -56.82
N SER A 269 -45.94 -20.67 -55.98
CA SER A 269 -44.83 -19.81 -56.39
C SER A 269 -43.54 -20.24 -55.72
N ILE A 270 -42.41 -20.08 -56.42
CA ILE A 270 -41.12 -20.43 -55.82
C ILE A 270 -40.64 -19.35 -54.86
N THR A 271 -41.06 -18.09 -55.07
CA THR A 271 -40.76 -17.04 -54.10
C THR A 271 -41.38 -17.37 -52.75
N ARG A 272 -42.63 -17.84 -52.75
CA ARG A 272 -43.28 -18.18 -51.49
C ARG A 272 -42.68 -19.43 -50.88
N LEU A 273 -42.21 -20.37 -51.71
CA LEU A 273 -41.49 -21.52 -51.19
C LEU A 273 -40.19 -21.09 -50.49
N ALA A 274 -39.47 -20.15 -51.10
CA ALA A 274 -38.28 -19.60 -50.47
C ALA A 274 -38.62 -18.92 -49.15
N ARG A 275 -39.72 -18.17 -49.11
CA ARG A 275 -40.18 -17.60 -47.84
C ARG A 275 -40.43 -18.68 -46.79
N ALA A 276 -41.04 -19.79 -47.18
CA ALA A 276 -41.30 -20.86 -46.22
C ALA A 276 -39.98 -21.39 -45.65
N TYR A 277 -39.01 -21.65 -46.52
CA TYR A 277 -37.69 -22.05 -46.04
C TYR A 277 -37.13 -21.04 -45.05
N ASN A 278 -37.23 -19.75 -45.38
CA ASN A 278 -36.76 -18.71 -44.45
C ASN A 278 -37.52 -18.75 -43.12
N THR A 279 -38.77 -19.24 -43.13
CA THR A 279 -39.56 -19.34 -41.90
C THR A 279 -39.09 -20.47 -41.01
N VAL A 280 -38.70 -21.61 -41.59
CA VAL A 280 -38.30 -22.74 -40.77
C VAL A 280 -36.78 -22.86 -40.59
N VAL A 281 -36.00 -22.01 -41.24
CA VAL A 281 -34.53 -22.15 -41.19
C VAL A 281 -34.04 -21.78 -39.79
N PRO A 282 -33.05 -22.48 -39.25
CA PRO A 282 -32.48 -22.06 -37.95
C PRO A 282 -31.78 -20.71 -38.09
N ALA A 283 -32.08 -19.82 -37.15
CA ALA A 283 -31.43 -18.51 -37.12
C ALA A 283 -29.92 -18.67 -37.05
N SER A 284 -29.21 -17.92 -37.90
CA SER A 284 -27.76 -17.96 -37.97
C SER A 284 -27.10 -16.77 -37.28
N GLY A 285 -27.89 -15.84 -36.74
CA GLY A 285 -27.35 -14.60 -36.27
C GLY A 285 -26.93 -13.63 -37.36
N LYS A 286 -27.18 -13.95 -38.62
CA LYS A 286 -26.84 -13.07 -39.75
C LYS A 286 -28.07 -13.01 -40.65
N VAL A 287 -28.49 -11.80 -41.00
CA VAL A 287 -29.71 -11.62 -41.78
C VAL A 287 -29.42 -10.66 -42.91
N LEU A 288 -29.75 -11.11 -44.13
CA LEU A 288 -29.56 -10.34 -45.34
C LEU A 288 -30.61 -9.24 -45.45
N THR A 289 -30.36 -8.31 -46.38
CA THR A 289 -31.31 -7.25 -46.69
C THR A 289 -32.68 -7.83 -47.03
N GLY A 290 -33.72 -7.25 -46.43
CA GLY A 290 -35.09 -7.70 -46.63
C GLY A 290 -35.61 -8.68 -45.59
N GLY A 291 -34.79 -9.08 -44.61
CA GLY A 291 -35.23 -10.03 -43.62
C GLY A 291 -35.06 -11.49 -43.98
N VAL A 292 -34.08 -11.82 -44.81
CA VAL A 292 -33.78 -13.19 -45.22
C VAL A 292 -32.54 -13.65 -44.48
N ASP A 293 -32.65 -14.75 -43.75
CA ASP A 293 -31.51 -15.32 -43.05
C ASP A 293 -30.38 -15.65 -44.02
N ALA A 294 -29.14 -15.44 -43.58
CA ALA A 294 -27.97 -15.65 -44.44
C ALA A 294 -27.86 -17.09 -44.95
N ASN A 295 -28.45 -18.06 -44.23
CA ASN A 295 -28.40 -19.46 -44.61
C ASN A 295 -29.73 -19.97 -45.13
N ALA A 296 -30.69 -19.08 -45.36
CA ALA A 296 -32.04 -19.53 -45.68
C ALA A 296 -32.17 -19.96 -47.12
N LEU A 297 -31.41 -19.35 -48.03
CA LEU A 297 -31.58 -19.59 -49.46
C LEU A 297 -30.80 -20.79 -49.97
N HIS A 298 -30.01 -21.45 -49.13
CA HIS A 298 -29.27 -22.63 -49.59
C HIS A 298 -30.22 -23.75 -50.01
N ARG A 299 -31.16 -24.11 -49.13
CA ARG A 299 -32.17 -25.13 -49.46
C ARG A 299 -33.01 -24.78 -50.69
N PRO A 300 -33.69 -23.63 -50.75
CA PRO A 300 -34.46 -23.33 -51.97
C PRO A 300 -33.58 -23.27 -53.19
N LYS A 301 -32.33 -22.83 -53.04
CA LYS A 301 -31.42 -22.83 -54.17
C LYS A 301 -31.14 -24.25 -54.65
N ARG A 302 -30.94 -25.20 -53.74
CA ARG A 302 -30.76 -26.58 -54.18
C ARG A 302 -32.03 -27.14 -54.81
N PHE A 303 -33.20 -26.72 -54.31
CA PHE A 303 -34.47 -27.15 -54.91
C PHE A 303 -34.59 -26.69 -56.35
N PHE A 304 -34.43 -25.39 -56.58
CA PHE A 304 -34.48 -24.88 -57.94
C PHE A 304 -33.37 -25.47 -58.80
N GLY A 305 -32.16 -25.57 -58.26
CA GLY A 305 -31.04 -26.14 -58.98
C GLY A 305 -31.14 -27.63 -59.26
N ALA A 306 -32.11 -28.32 -58.66
CA ALA A 306 -32.36 -29.72 -59.05
C ALA A 306 -32.57 -29.83 -60.56
N ALA A 307 -33.37 -28.92 -61.13
CA ALA A 307 -33.62 -28.93 -62.57
C ALA A 307 -32.31 -28.94 -63.35
N ARG A 308 -32.20 -29.90 -64.27
CA ARG A 308 -30.97 -30.06 -65.02
C ARG A 308 -31.20 -31.03 -66.16
N ASN A 309 -30.34 -30.91 -67.19
CA ASN A 309 -30.31 -31.86 -68.28
C ASN A 309 -29.26 -32.93 -67.99
N VAL A 310 -29.63 -34.18 -68.24
CA VAL A 310 -28.76 -35.33 -67.95
C VAL A 310 -28.30 -35.92 -69.27
N GLU A 311 -27.00 -36.16 -69.37
CA GLU A 311 -26.44 -36.82 -70.55
C GLU A 311 -26.82 -38.30 -70.60
N GLU A 312 -26.94 -38.95 -69.44
CA GLU A 312 -27.23 -40.38 -69.42
C GLU A 312 -28.63 -40.68 -69.95
N GLY A 313 -29.59 -39.77 -69.72
CA GLY A 313 -30.94 -39.97 -70.21
C GLY A 313 -31.98 -39.29 -69.34
N GLY A 314 -32.94 -38.61 -69.97
CA GLY A 314 -33.96 -37.88 -69.23
C GLY A 314 -33.50 -36.50 -68.82
N SER A 315 -34.38 -35.84 -68.07
CA SER A 315 -34.11 -34.47 -67.63
C SER A 315 -35.14 -34.07 -66.59
N LEU A 316 -34.83 -33.01 -65.84
CA LEU A 316 -35.73 -32.37 -64.89
C LEU A 316 -35.83 -30.90 -65.23
N THR A 317 -37.00 -30.47 -65.69
CA THR A 317 -37.31 -29.09 -65.98
C THR A 317 -38.11 -28.49 -64.84
N ILE A 318 -37.85 -27.23 -64.51
CA ILE A 318 -38.61 -26.53 -63.48
C ILE A 318 -38.90 -25.12 -64.00
N ILE A 319 -40.19 -24.83 -64.18
CA ILE A 319 -40.63 -23.48 -64.52
C ILE A 319 -41.41 -22.97 -63.31
N ALA A 320 -40.84 -22.02 -62.59
CA ALA A 320 -41.44 -21.52 -61.37
C ALA A 320 -41.68 -20.02 -61.48
N THR A 321 -42.72 -19.55 -60.81
CA THR A 321 -43.07 -18.14 -60.81
C THR A 321 -42.37 -17.44 -59.64
N ALA A 322 -41.98 -16.20 -59.86
CA ALA A 322 -41.33 -15.37 -58.85
C ALA A 322 -41.97 -13.99 -58.81
N LEU A 323 -41.85 -13.33 -57.66
CA LEU A 323 -42.47 -12.04 -57.43
C LEU A 323 -41.41 -10.95 -57.38
N ILE A 324 -41.77 -9.76 -57.90
CA ILE A 324 -40.91 -8.58 -57.82
C ILE A 324 -41.80 -7.35 -57.62
N ASP A 325 -41.14 -6.24 -57.26
CA ASP A 325 -41.81 -4.95 -57.05
C ASP A 325 -42.95 -5.08 -56.06
N THR A 326 -42.74 -5.89 -55.02
CA THR A 326 -43.71 -6.07 -53.96
C THR A 326 -43.54 -5.04 -52.83
N GLY A 327 -42.58 -4.12 -52.95
CA GLY A 327 -42.23 -3.24 -51.85
C GLY A 327 -41.39 -3.88 -50.75
N SER A 328 -41.22 -5.22 -50.79
CA SER A 328 -40.45 -5.95 -49.80
C SER A 328 -39.14 -6.40 -50.44
N LYS A 329 -38.02 -5.85 -49.96
CA LYS A 329 -36.72 -6.15 -50.56
C LYS A 329 -36.42 -7.64 -50.58
N MET A 330 -36.95 -8.38 -49.59
CA MET A 330 -36.75 -9.81 -49.51
C MET A 330 -37.00 -10.50 -50.85
N ASP A 331 -38.06 -10.08 -51.56
CA ASP A 331 -38.41 -10.74 -52.82
C ASP A 331 -37.42 -10.37 -53.94
N GLU A 332 -36.89 -9.15 -53.94
CA GLU A 332 -35.80 -8.83 -54.85
C GLU A 332 -34.59 -9.71 -54.61
N VAL A 333 -34.24 -9.93 -53.34
CA VAL A 333 -33.12 -10.81 -53.00
C VAL A 333 -33.38 -12.23 -53.51
N ILE A 334 -34.55 -12.77 -53.20
CA ILE A 334 -34.89 -14.12 -53.63
C ILE A 334 -34.87 -14.22 -55.15
N TYR A 335 -35.45 -13.25 -55.83
CA TYR A 335 -35.50 -13.28 -57.28
C TYR A 335 -34.10 -13.22 -57.89
N GLU A 336 -33.27 -12.32 -57.40
CA GLU A 336 -31.94 -12.21 -57.99
C GLU A 336 -31.08 -13.41 -57.66
N GLU A 337 -31.28 -14.02 -56.49
CA GLU A 337 -30.58 -15.24 -56.15
C GLU A 337 -30.98 -16.38 -57.08
N PHE A 338 -32.27 -16.51 -57.37
CA PHE A 338 -32.71 -17.55 -58.28
C PHE A 338 -32.28 -17.27 -59.72
N LYS A 339 -32.12 -16.00 -60.10
CA LYS A 339 -31.66 -15.69 -61.44
C LYS A 339 -30.23 -16.18 -61.67
N GLY A 340 -29.37 -16.02 -60.67
CA GLY A 340 -28.02 -16.56 -60.66
C GLY A 340 -27.92 -18.04 -60.43
N THR A 341 -29.05 -18.71 -60.26
CA THR A 341 -29.16 -20.17 -60.22
C THR A 341 -29.70 -20.76 -61.51
N GLY A 342 -30.73 -20.15 -62.10
CA GLY A 342 -31.37 -20.68 -63.28
C GLY A 342 -30.75 -20.15 -64.56
N ASN A 343 -31.52 -20.31 -65.65
CA ASN A 343 -31.00 -20.03 -66.99
C ASN A 343 -32.11 -19.63 -67.97
N MET A 344 -33.20 -19.07 -67.46
CA MET A 344 -34.33 -18.65 -68.28
C MET A 344 -35.26 -17.78 -67.44
N GLU A 345 -35.63 -16.60 -67.94
CA GLU A 345 -36.58 -15.75 -67.22
C GLU A 345 -37.51 -15.14 -68.24
N LEU A 346 -38.81 -15.30 -68.01
CA LEU A 346 -39.85 -14.62 -68.75
C LEU A 346 -40.44 -13.57 -67.82
N HIS A 347 -40.17 -12.31 -68.12
CA HIS A 347 -40.67 -11.21 -67.30
C HIS A 347 -42.04 -10.77 -67.81
N LEU A 348 -42.92 -10.45 -66.87
CA LEU A 348 -44.22 -9.88 -67.16
C LEU A 348 -44.32 -8.52 -66.48
N SER A 349 -44.91 -7.56 -67.18
CA SER A 349 -44.91 -6.17 -66.75
C SER A 349 -46.28 -5.78 -66.21
N ARG A 350 -46.30 -5.17 -65.03
CA ARG A 350 -47.53 -4.60 -64.50
C ARG A 350 -48.05 -3.46 -65.36
N LYS A 351 -47.15 -2.67 -65.95
CA LYS A 351 -47.54 -1.57 -66.81
C LYS A 351 -48.31 -2.07 -68.03
N ILE A 352 -47.83 -3.15 -68.66
CA ILE A 352 -48.54 -3.74 -69.79
C ILE A 352 -49.85 -4.36 -69.34
N ALA A 353 -49.87 -4.99 -68.17
CA ALA A 353 -51.07 -5.69 -67.71
C ALA A 353 -52.18 -4.72 -67.33
N GLU A 354 -51.83 -3.52 -66.85
CA GLU A 354 -52.84 -2.52 -66.50
C GLU A 354 -53.53 -1.94 -67.73
N LYS A 355 -52.87 -1.94 -68.89
CA LYS A 355 -53.50 -1.59 -70.16
C LYS A 355 -54.28 -2.76 -70.77
N ARG A 356 -54.37 -3.89 -70.05
CA ARG A 356 -55.10 -5.08 -70.52
C ARG A 356 -54.52 -5.58 -71.84
N VAL A 357 -53.20 -5.58 -71.95
CA VAL A 357 -52.50 -6.12 -73.10
C VAL A 357 -51.87 -7.45 -72.65
N PHE A 358 -52.35 -8.55 -73.22
CA PHE A 358 -51.87 -9.86 -72.81
C PHE A 358 -51.43 -10.67 -74.02
N PRO A 359 -50.34 -11.45 -73.90
CA PRO A 359 -49.56 -11.59 -72.67
C PRO A 359 -48.69 -10.35 -72.39
N ALA A 360 -48.67 -9.93 -71.12
CA ALA A 360 -47.95 -8.73 -70.72
C ALA A 360 -46.48 -9.08 -70.48
N ILE A 361 -45.77 -9.32 -71.58
CA ILE A 361 -44.40 -9.81 -71.54
C ILE A 361 -43.43 -8.66 -71.74
N ASP A 362 -42.49 -8.50 -70.82
CA ASP A 362 -41.37 -7.58 -70.95
C ASP A 362 -40.33 -8.27 -71.82
N TYR A 363 -40.29 -7.90 -73.11
CA TYR A 363 -39.48 -8.64 -74.06
C TYR A 363 -37.99 -8.49 -73.77
N ASN A 364 -37.53 -7.24 -73.58
CA ASN A 364 -36.10 -6.99 -73.42
C ASN A 364 -35.53 -7.73 -72.22
N ARG A 365 -36.28 -7.77 -71.10
CA ARG A 365 -35.77 -8.38 -69.89
C ARG A 365 -35.83 -9.90 -69.93
N SER A 366 -36.74 -10.47 -70.71
CA SER A 366 -36.83 -11.91 -70.84
C SER A 366 -35.64 -12.47 -71.61
N GLY A 367 -35.49 -13.78 -71.58
CA GLY A 367 -34.43 -14.42 -72.33
C GLY A 367 -34.05 -15.75 -71.72
N THR A 368 -33.26 -16.51 -72.51
CA THR A 368 -32.78 -17.83 -72.13
C THR A 368 -31.28 -17.91 -72.41
N ARG A 369 -30.55 -18.54 -71.51
CA ARG A 369 -29.12 -18.76 -71.71
C ARG A 369 -28.89 -19.90 -72.70
N LYS A 370 -27.82 -19.75 -73.49
CA LYS A 370 -27.42 -20.78 -74.45
C LYS A 370 -28.59 -21.18 -75.34
N GLU A 371 -29.37 -20.18 -75.77
CA GLU A 371 -30.54 -20.46 -76.60
C GLU A 371 -30.18 -21.03 -77.96
N GLU A 372 -28.90 -20.96 -78.36
CA GLU A 372 -28.47 -21.59 -79.61
C GLU A 372 -28.53 -23.11 -79.55
N LEU A 373 -28.53 -23.70 -78.35
CA LEU A 373 -28.67 -25.14 -78.19
C LEU A 373 -30.12 -25.60 -78.31
N LEU A 374 -31.07 -24.67 -78.38
CA LEU A 374 -32.49 -24.99 -78.43
C LEU A 374 -33.16 -24.52 -79.72
N THR A 375 -32.41 -23.96 -80.66
CA THR A 375 -32.98 -23.35 -81.85
C THR A 375 -32.18 -23.75 -83.07
N THR A 376 -32.83 -23.76 -84.23
CA THR A 376 -32.11 -23.91 -85.48
C THR A 376 -31.32 -22.65 -85.79
N GLN A 377 -30.39 -22.77 -86.74
CA GLN A 377 -29.52 -21.65 -87.07
C GLN A 377 -30.32 -20.45 -87.54
N GLU A 378 -31.23 -20.67 -88.49
CA GLU A 378 -32.04 -19.57 -89.00
C GLU A 378 -33.09 -19.09 -88.01
N GLU A 379 -33.67 -20.00 -87.20
CA GLU A 379 -34.60 -19.57 -86.15
C GLU A 379 -33.92 -18.60 -85.19
N LEU A 380 -32.69 -18.92 -84.78
CA LEU A 380 -31.94 -18.02 -83.92
C LEU A 380 -31.64 -16.70 -84.62
N GLN A 381 -31.24 -16.75 -85.90
CA GLN A 381 -30.98 -15.47 -86.58
C GLN A 381 -32.25 -14.60 -86.66
N LYS A 382 -33.40 -15.21 -86.92
CA LYS A 382 -34.66 -14.46 -86.98
C LYS A 382 -35.05 -13.89 -85.62
N MET A 383 -34.92 -14.68 -84.54
CA MET A 383 -35.17 -14.15 -83.20
C MET A 383 -34.23 -13.01 -82.85
N TRP A 384 -32.95 -13.11 -83.25
CA TRP A 384 -31.97 -12.08 -82.97
C TRP A 384 -32.37 -10.75 -83.62
N ILE A 385 -32.71 -10.79 -84.92
CA ILE A 385 -33.24 -9.60 -85.59
C ILE A 385 -34.44 -9.06 -84.84
N LEU A 386 -35.39 -9.93 -84.56
CA LEU A 386 -36.62 -9.48 -83.94
C LEU A 386 -36.33 -8.75 -82.64
N ARG A 387 -35.36 -9.23 -81.87
CA ARG A 387 -35.01 -8.53 -80.64
C ARG A 387 -34.38 -7.18 -80.92
N LYS A 388 -33.49 -7.10 -81.93
CA LYS A 388 -32.92 -5.79 -82.26
C LYS A 388 -34.01 -4.80 -82.65
N ILE A 389 -35.08 -5.27 -83.30
CA ILE A 389 -36.16 -4.36 -83.70
C ILE A 389 -37.00 -3.96 -82.49
N ILE A 390 -37.29 -4.90 -81.59
CA ILE A 390 -38.17 -4.61 -80.46
C ILE A 390 -37.50 -3.79 -79.36
N HIS A 391 -36.18 -3.92 -79.19
CA HIS A 391 -35.49 -3.23 -78.10
C HIS A 391 -35.77 -1.74 -78.01
N PRO A 392 -35.71 -0.94 -79.08
CA PRO A 392 -35.94 0.50 -78.89
C PRO A 392 -37.35 0.85 -78.45
N MET A 393 -38.30 -0.05 -78.61
CA MET A 393 -39.69 0.23 -78.27
C MET A 393 -39.89 0.20 -76.76
N GLY A 394 -40.96 0.85 -76.30
CA GLY A 394 -41.36 0.74 -74.92
C GLY A 394 -41.96 -0.62 -74.63
N GLU A 395 -42.11 -0.92 -73.33
CA GLU A 395 -42.67 -2.20 -72.93
C GLU A 395 -44.01 -2.45 -73.64
N ILE A 396 -44.95 -1.51 -73.47
CA ILE A 396 -46.29 -1.66 -74.01
C ILE A 396 -46.26 -1.67 -75.54
N ASP A 397 -45.57 -0.68 -76.13
CA ASP A 397 -45.46 -0.63 -77.59
C ASP A 397 -44.89 -1.92 -78.15
N ALA A 398 -43.87 -2.47 -77.49
CA ALA A 398 -43.29 -3.74 -77.93
C ALA A 398 -44.34 -4.84 -77.97
N MET A 399 -45.12 -5.02 -76.89
CA MET A 399 -46.08 -6.11 -76.95
C MET A 399 -47.19 -5.84 -77.97
N GLU A 400 -47.72 -4.62 -78.02
CA GLU A 400 -48.79 -4.35 -78.99
C GLU A 400 -48.32 -4.64 -80.40
N PHE A 401 -47.12 -4.16 -80.76
CA PHE A 401 -46.54 -4.42 -82.07
C PHE A 401 -46.42 -5.92 -82.34
N LEU A 402 -45.78 -6.66 -81.43
CA LEU A 402 -45.53 -8.07 -81.69
C LEU A 402 -46.81 -8.89 -81.77
N ILE A 403 -47.79 -8.61 -80.90
CA ILE A 403 -49.03 -9.38 -80.92
C ILE A 403 -49.83 -9.07 -82.18
N ASN A 404 -49.90 -7.81 -82.60
CA ASN A 404 -50.59 -7.52 -83.86
C ASN A 404 -49.91 -8.21 -85.03
N LYS A 405 -48.57 -8.27 -85.04
CA LYS A 405 -47.87 -8.95 -86.12
C LYS A 405 -48.12 -10.45 -86.11
N LEU A 406 -48.06 -11.07 -84.93
CA LEU A 406 -48.25 -12.51 -84.84
C LEU A 406 -49.69 -12.92 -85.11
N ALA A 407 -50.67 -12.10 -84.69
CA ALA A 407 -52.06 -12.41 -84.93
C ALA A 407 -52.40 -12.53 -86.41
N MET A 408 -51.57 -11.97 -87.29
CA MET A 408 -51.78 -12.08 -88.72
C MET A 408 -51.58 -13.49 -89.26
N THR A 409 -50.81 -14.33 -88.55
CA THR A 409 -50.50 -15.68 -89.02
C THR A 409 -50.81 -16.70 -87.94
N LYS A 410 -50.86 -17.96 -88.34
CA LYS A 410 -51.16 -19.04 -87.42
C LYS A 410 -49.92 -19.48 -86.64
N THR A 411 -48.78 -19.58 -87.32
CA THR A 411 -47.56 -20.08 -86.71
C THR A 411 -46.44 -19.05 -86.81
N ASN A 412 -45.44 -19.21 -85.92
CA ASN A 412 -44.26 -18.37 -85.97
C ASN A 412 -43.46 -18.57 -87.25
N ASP A 413 -43.49 -19.78 -87.83
CA ASP A 413 -42.78 -20.03 -89.07
C ASP A 413 -43.31 -19.16 -90.20
N ASP A 414 -44.64 -19.10 -90.37
CA ASP A 414 -45.23 -18.21 -91.36
C ASP A 414 -44.93 -16.74 -91.05
N PHE A 415 -44.92 -16.37 -89.77
CA PHE A 415 -44.53 -15.02 -89.39
C PHE A 415 -43.11 -14.69 -89.83
N PHE A 416 -42.17 -15.61 -89.60
CA PHE A 416 -40.80 -15.46 -90.09
C PHE A 416 -40.76 -15.32 -91.60
N GLU A 417 -41.51 -16.15 -92.32
CA GLU A 417 -41.57 -16.01 -93.78
C GLU A 417 -42.13 -14.65 -94.19
N MET A 418 -43.04 -14.09 -93.39
CA MET A 418 -43.49 -12.72 -93.64
C MET A 418 -42.37 -11.71 -93.43
N MET A 419 -41.53 -11.92 -92.41
CA MET A 419 -40.42 -10.99 -92.19
C MET A 419 -39.57 -10.79 -93.44
N LYS A 420 -39.50 -11.79 -94.32
CA LYS A 420 -38.70 -11.70 -95.54
C LYS A 420 -39.30 -10.76 -96.58
N MET B 4 6.82 -60.33 32.86
CA MET B 4 6.47 -59.88 34.20
C MET B 4 7.57 -58.96 34.75
N ASN B 5 7.41 -57.66 34.55
CA ASN B 5 8.42 -56.67 34.91
C ASN B 5 7.83 -55.64 35.85
N LEU B 6 8.64 -55.16 36.80
CA LEU B 6 8.16 -54.23 37.81
C LEU B 6 7.77 -52.90 37.20
N THR B 7 8.69 -52.26 36.47
CA THR B 7 8.39 -50.95 35.91
C THR B 7 7.26 -51.03 34.88
N GLU B 8 7.16 -52.16 34.17
CA GLU B 8 6.04 -52.35 33.26
C GLU B 8 4.72 -52.37 34.01
N LEU B 9 4.70 -52.99 35.19
CA LEU B 9 3.49 -52.96 36.02
C LEU B 9 3.24 -51.56 36.58
N LYS B 10 4.30 -50.82 36.90
CA LYS B 10 4.13 -49.46 37.38
C LYS B 10 3.58 -48.55 36.28
N ASN B 11 3.89 -48.85 35.02
CA ASN B 11 3.41 -48.01 33.93
C ASN B 11 1.95 -48.27 33.61
N THR B 12 1.52 -49.53 33.68
CA THR B 12 0.15 -49.86 33.28
C THR B 12 -0.84 -49.19 34.23
N PRO B 13 -2.00 -48.76 33.73
CA PRO B 13 -3.00 -48.13 34.60
C PRO B 13 -3.50 -49.10 35.66
N VAL B 14 -4.11 -48.53 36.71
CA VAL B 14 -4.59 -49.33 37.83
C VAL B 14 -5.72 -50.26 37.39
N SER B 15 -6.54 -49.84 36.42
CA SER B 15 -7.67 -50.66 36.00
C SER B 15 -7.19 -52.00 35.44
N GLU B 16 -6.24 -51.95 34.51
CA GLU B 16 -5.68 -53.18 33.95
C GLU B 16 -4.96 -54.01 35.02
N LEU B 17 -4.33 -53.35 36.00
CA LEU B 17 -3.68 -54.08 37.08
C LEU B 17 -4.67 -54.83 37.95
N ILE B 18 -5.80 -54.19 38.32
CA ILE B 18 -6.80 -54.86 39.14
C ILE B 18 -7.41 -56.03 38.38
N THR B 19 -7.76 -55.83 37.11
CA THR B 19 -8.27 -56.95 36.32
C THR B 19 -7.27 -58.09 36.25
N LEU B 20 -6.01 -57.78 35.91
CA LEU B 20 -4.97 -58.80 35.84
C LEU B 20 -4.78 -59.51 37.17
N GLY B 21 -4.92 -58.82 38.30
CA GLY B 21 -4.72 -59.44 39.59
C GLY B 21 -5.88 -60.32 40.01
N GLU B 22 -7.10 -59.88 39.67
CA GLU B 22 -8.26 -60.73 39.91
C GLU B 22 -8.22 -62.00 39.07
N ASN B 23 -7.63 -61.93 37.88
CA ASN B 23 -7.47 -63.14 37.08
C ASN B 23 -6.59 -64.17 37.79
N MET B 24 -5.57 -63.71 38.49
CA MET B 24 -4.68 -64.61 39.22
C MET B 24 -5.39 -65.17 40.46
N ASN B 28 -9.54 -58.91 47.32
CA ASN B 28 -10.03 -57.65 46.77
C ASN B 28 -8.90 -56.63 46.67
N LEU B 29 -8.60 -56.20 45.45
CA LEU B 29 -7.56 -55.21 45.19
C LEU B 29 -8.11 -53.79 45.08
N ALA B 30 -9.44 -53.62 45.04
CA ALA B 30 -10.01 -52.30 44.79
C ALA B 30 -9.69 -51.33 45.92
N ARG B 31 -9.64 -51.82 47.16
CA ARG B 31 -9.45 -50.93 48.30
C ARG B 31 -8.00 -50.47 48.41
N MET B 32 -7.05 -51.39 48.29
CA MET B 32 -5.65 -51.07 48.54
C MET B 32 -5.05 -50.15 47.47
N ARG B 33 -3.95 -49.47 47.84
CA ARG B 33 -3.28 -48.56 46.93
C ARG B 33 -2.63 -49.31 45.76
N LYS B 34 -2.40 -48.59 44.67
CA LYS B 34 -1.83 -49.20 43.46
C LYS B 34 -0.52 -49.92 43.75
N GLN B 35 0.37 -49.28 44.53
CA GLN B 35 1.62 -49.92 44.91
C GLN B 35 1.39 -51.31 45.50
N ASP B 36 0.34 -51.45 46.32
CA ASP B 36 0.02 -52.75 46.91
C ASP B 36 -0.48 -53.73 45.86
N ILE B 37 -1.30 -53.27 44.91
CA ILE B 37 -1.72 -54.16 43.83
C ILE B 37 -0.51 -54.76 43.14
N ILE B 38 0.46 -53.91 42.79
CA ILE B 38 1.66 -54.41 42.12
C ILE B 38 2.40 -55.39 43.01
N PHE B 39 2.57 -55.06 44.30
CA PHE B 39 3.32 -55.93 45.19
C PHE B 39 2.66 -57.31 45.31
N ALA B 40 1.34 -57.34 45.53
CA ALA B 40 0.63 -58.61 45.67
C ALA B 40 0.69 -59.43 44.38
N ILE B 41 0.54 -58.76 43.24
CA ILE B 41 0.61 -59.45 41.95
C ILE B 41 2.00 -60.07 41.74
N LEU B 42 3.06 -59.31 42.03
CA LEU B 42 4.42 -59.83 41.93
C LEU B 42 4.64 -61.04 42.84
N LYS B 43 4.19 -60.95 44.10
CA LYS B 43 4.33 -62.09 45.02
C LYS B 43 3.60 -63.31 44.49
N GLN B 44 2.36 -63.16 44.05
CA GLN B 44 1.60 -64.30 43.55
C GLN B 44 2.30 -64.95 42.35
N HIS B 45 2.84 -64.12 41.45
CA HIS B 45 3.61 -64.69 40.34
C HIS B 45 4.86 -65.43 40.84
N ALA B 46 5.50 -64.93 41.90
CA ALA B 46 6.65 -65.64 42.46
C ALA B 46 6.25 -66.99 43.04
N LYS B 47 5.06 -67.07 43.65
CA LYS B 47 4.59 -68.34 44.20
C LYS B 47 4.49 -69.42 43.12
N SER B 48 4.07 -69.04 41.92
CA SER B 48 3.96 -69.99 40.82
C SER B 48 5.31 -70.57 40.40
N GLY B 49 6.42 -70.00 40.88
CA GLY B 49 7.74 -70.38 40.41
C GLY B 49 8.21 -69.64 39.18
N GLU B 50 7.33 -68.92 38.51
CA GLU B 50 7.72 -68.12 37.36
C GLU B 50 8.63 -66.97 37.78
N ASP B 51 9.44 -66.50 36.83
CA ASP B 51 10.43 -65.49 37.11
C ASP B 51 9.78 -64.11 37.18
N ILE B 52 10.44 -63.20 37.89
CA ILE B 52 10.08 -61.79 38.00
C ILE B 52 11.25 -60.96 37.51
N PHE B 53 10.96 -59.78 36.97
CA PHE B 53 12.00 -58.93 36.41
C PHE B 53 11.84 -57.49 36.87
N GLY B 54 12.97 -56.80 36.95
CA GLY B 54 13.01 -55.39 37.28
C GLY B 54 14.20 -54.71 36.63
N ASP B 55 14.27 -53.39 36.84
CA ASP B 55 15.32 -52.60 36.20
C ASP B 55 15.37 -51.20 36.79
N GLY B 56 16.47 -50.51 36.52
CA GLY B 56 16.67 -49.14 36.94
C GLY B 56 18.13 -48.76 36.91
N VAL B 57 18.40 -47.49 37.20
CA VAL B 57 19.77 -46.98 37.17
C VAL B 57 20.42 -47.18 38.53
N LEU B 58 21.66 -47.66 38.52
CA LEU B 58 22.34 -48.00 39.76
C LEU B 58 22.83 -46.76 40.50
N GLU B 59 22.71 -46.80 41.82
CA GLU B 59 23.32 -45.81 42.71
C GLU B 59 23.96 -46.58 43.85
N ILE B 60 25.28 -46.47 43.95
CA ILE B 60 26.07 -47.20 44.96
C ILE B 60 26.19 -46.32 46.19
N LEU B 61 25.76 -46.86 47.33
CA LEU B 61 25.86 -46.16 48.60
C LEU B 61 27.27 -46.29 49.16
N GLN B 62 27.50 -45.61 50.29
CA GLN B 62 28.83 -45.55 50.87
C GLN B 62 29.25 -46.90 51.45
N ASP B 63 28.29 -47.72 51.87
CA ASP B 63 28.61 -48.99 52.50
C ASP B 63 29.09 -50.05 51.52
N GLY B 64 28.94 -49.84 50.22
CA GLY B 64 29.37 -50.80 49.22
C GLY B 64 28.26 -51.49 48.47
N PHE B 65 27.03 -51.43 48.95
CA PHE B 65 25.87 -51.95 48.23
C PHE B 65 25.15 -50.80 47.53
N GLY B 66 24.22 -51.15 46.63
CA GLY B 66 23.54 -50.13 45.85
C GLY B 66 22.06 -50.44 45.64
N PHE B 67 21.37 -49.49 45.00
CA PHE B 67 19.99 -49.69 44.63
C PHE B 67 19.77 -49.23 43.19
N LEU B 68 18.73 -49.79 42.58
CA LEU B 68 18.33 -49.43 41.22
C LEU B 68 17.19 -48.42 41.30
N ARG B 69 17.54 -47.15 41.26
CA ARG B 69 16.56 -46.07 41.24
C ARG B 69 15.75 -46.10 39.95
N SER B 70 14.56 -45.51 40.01
CA SER B 70 13.61 -45.52 38.91
C SER B 70 13.38 -44.11 38.40
N ALA B 71 13.04 -44.02 37.11
CA ALA B 71 12.85 -42.71 36.48
C ALA B 71 11.62 -41.99 37.02
N ASP B 72 10.60 -42.74 37.45
CA ASP B 72 9.41 -42.10 38.00
C ASP B 72 9.64 -41.43 39.34
N SER B 73 10.80 -41.68 39.97
CA SER B 73 11.23 -40.97 41.17
C SER B 73 12.38 -40.01 40.87
N SER B 74 12.60 -39.67 39.60
CA SER B 74 13.71 -38.83 39.16
C SER B 74 15.06 -39.39 39.59
N TYR B 75 15.14 -40.71 39.68
CA TYR B 75 16.31 -41.46 40.10
C TYR B 75 16.71 -41.18 41.55
N LEU B 76 15.74 -40.76 42.36
CA LEU B 76 15.90 -40.63 43.80
C LEU B 76 15.39 -41.90 44.48
N ALA B 77 15.57 -41.94 45.80
CA ALA B 77 15.13 -43.09 46.58
C ALA B 77 13.66 -43.37 46.35
N GLY B 78 13.35 -44.63 46.07
CA GLY B 78 11.99 -45.05 45.79
C GLY B 78 11.59 -46.31 46.54
N PRO B 79 10.28 -46.50 46.70
CA PRO B 79 9.82 -47.70 47.43
C PRO B 79 10.08 -49.00 46.70
N ASP B 80 10.12 -48.98 45.36
CA ASP B 80 10.33 -50.19 44.56
C ASP B 80 11.78 -50.36 44.13
N ASP B 81 12.72 -49.74 44.85
CA ASP B 81 14.11 -49.83 44.46
C ASP B 81 14.64 -51.24 44.68
N ILE B 82 15.53 -51.67 43.78
CA ILE B 82 16.04 -53.04 43.77
C ILE B 82 17.43 -53.03 44.38
N TYR B 83 17.61 -53.83 45.43
CA TYR B 83 18.89 -53.93 46.10
C TYR B 83 19.89 -54.69 45.23
N VAL B 84 21.10 -54.14 45.10
CA VAL B 84 22.21 -54.77 44.38
C VAL B 84 23.33 -55.00 45.38
N SER B 85 23.65 -56.27 45.60
CA SER B 85 24.64 -56.67 46.58
C SER B 85 26.04 -56.22 46.14
N PRO B 86 26.93 -55.98 47.11
CA PRO B 86 28.31 -55.64 46.75
C PRO B 86 28.97 -56.65 45.84
N SER B 87 28.75 -57.95 46.10
CA SER B 87 29.35 -58.99 45.27
C SER B 87 28.95 -58.83 43.80
N GLN B 88 27.70 -58.47 43.55
CA GLN B 88 27.26 -58.23 42.18
C GLN B 88 27.97 -57.03 41.56
N ILE B 89 28.22 -55.99 42.35
CA ILE B 89 28.90 -54.80 41.83
C ILE B 89 30.35 -55.11 41.48
N ARG B 90 31.02 -55.88 42.34
CA ARG B 90 32.41 -56.23 42.07
C ARG B 90 32.52 -57.17 40.87
N ARG B 91 31.57 -58.11 40.73
CA ARG B 91 31.64 -59.09 39.66
C ARG B 91 31.71 -58.42 38.29
N PHE B 92 30.85 -57.44 38.05
CA PHE B 92 30.76 -56.78 36.75
C PHE B 92 31.30 -55.36 36.75
N ASN B 93 32.03 -54.96 37.80
CA ASN B 93 32.62 -53.64 37.91
C ASN B 93 31.58 -52.53 37.69
N LEU B 94 30.43 -52.71 38.32
CA LEU B 94 29.36 -51.74 38.18
C LEU B 94 29.72 -50.45 38.91
N ARG B 95 29.20 -49.34 38.38
CA ARG B 95 29.38 -48.04 39.01
C ARG B 95 28.11 -47.23 38.84
N THR B 96 27.94 -46.24 39.73
CA THR B 96 26.75 -45.40 39.73
C THR B 96 26.48 -44.85 38.33
N GLY B 97 25.22 -44.97 37.90
CA GLY B 97 24.79 -44.58 36.57
C GLY B 97 24.48 -45.74 35.64
N ASP B 98 24.99 -46.94 35.94
CA ASP B 98 24.79 -48.10 35.09
C ASP B 98 23.32 -48.52 35.08
N THR B 99 22.70 -48.45 33.90
CA THR B 99 21.36 -49.01 33.74
C THR B 99 21.42 -50.52 33.87
N ILE B 100 20.59 -51.09 34.75
CA ILE B 100 20.64 -52.51 35.05
C ILE B 100 19.25 -53.11 34.84
N SER B 101 19.20 -54.28 34.19
CA SER B 101 17.99 -55.08 34.06
C SER B 101 18.28 -56.52 34.48
N GLY B 102 17.37 -57.09 35.27
CA GLY B 102 17.59 -58.46 35.71
C GLY B 102 16.41 -59.03 36.47
N LYS B 103 16.55 -60.32 36.78
CA LYS B 103 15.55 -61.04 37.56
C LYS B 103 15.59 -60.59 39.01
N ILE B 104 14.42 -60.49 39.64
CA ILE B 104 14.29 -60.00 41.00
C ILE B 104 13.34 -60.89 41.79
N ARG B 105 13.41 -60.75 43.11
CA ARG B 105 12.56 -61.48 44.05
C ARG B 105 11.98 -60.54 45.09
N PRO B 106 10.77 -60.81 45.55
CA PRO B 106 10.17 -59.98 46.58
C PRO B 106 10.98 -60.07 47.87
N PRO B 107 10.87 -59.07 48.73
CA PRO B 107 11.67 -59.09 49.97
C PRO B 107 11.20 -60.21 50.90
N LYS B 108 12.18 -60.89 51.51
CA LYS B 108 11.90 -61.91 52.50
C LYS B 108 11.51 -61.26 53.83
N GLU B 109 11.30 -62.11 54.85
CA GLU B 109 10.97 -61.62 56.18
C GLU B 109 12.17 -60.89 56.78
N GLY B 110 11.92 -59.68 57.29
CA GLY B 110 12.99 -58.83 57.76
C GLY B 110 13.67 -58.01 56.69
N GLU B 111 13.11 -57.97 55.49
CA GLU B 111 13.65 -57.20 54.38
C GLU B 111 12.60 -56.21 53.90
N ARG B 112 13.05 -55.13 53.27
CA ARG B 112 12.17 -54.06 52.84
C ARG B 112 12.26 -53.76 51.35
N TYR B 113 13.06 -54.51 50.59
CA TYR B 113 13.33 -54.16 49.20
C TYR B 113 13.36 -55.41 48.33
N PHE B 114 13.00 -55.23 47.07
CA PHE B 114 13.23 -56.25 46.06
C PHE B 114 14.73 -56.44 45.84
N ALA B 115 15.17 -57.68 45.74
CA ALA B 115 16.57 -58.02 45.56
C ALA B 115 16.82 -58.50 44.14
N LEU B 116 18.06 -58.32 43.69
CA LEU B 116 18.47 -58.69 42.33
C LEU B 116 19.11 -60.07 42.38
N LEU B 117 18.52 -61.01 41.64
CA LEU B 117 19.05 -62.37 41.57
C LEU B 117 20.19 -62.45 40.57
N LYS B 118 19.90 -62.09 39.32
CA LYS B 118 20.85 -62.20 38.22
C LYS B 118 20.68 -60.99 37.33
N VAL B 119 21.79 -60.45 36.86
CA VAL B 119 21.77 -59.25 36.01
C VAL B 119 21.83 -59.71 34.56
N ASN B 120 20.76 -59.47 33.82
CA ASN B 120 20.72 -59.86 32.41
C ASN B 120 21.44 -58.83 31.55
N GLU B 121 21.19 -57.54 31.80
CA GLU B 121 21.67 -56.51 30.89
C GLU B 121 22.27 -55.35 31.68
N VAL B 122 23.48 -54.95 31.29
CA VAL B 122 24.20 -53.81 31.86
C VAL B 122 24.44 -52.81 30.73
N ASN B 123 23.70 -51.70 30.76
CA ASN B 123 23.79 -50.65 29.75
C ASN B 123 23.40 -51.18 28.37
N PHE B 124 22.29 -51.92 28.33
CA PHE B 124 21.74 -52.44 27.09
C PHE B 124 22.74 -53.33 26.35
N ASP B 125 23.49 -54.12 27.11
CA ASP B 125 24.57 -54.92 26.54
C ASP B 125 24.85 -56.09 27.47
N LYS B 126 25.71 -56.98 27.01
CA LYS B 126 26.04 -58.18 27.77
C LYS B 126 26.82 -57.80 29.02
N PRO B 127 26.48 -58.37 30.18
CA PRO B 127 27.18 -58.00 31.42
C PRO B 127 28.69 -58.24 31.37
N GLU B 128 29.14 -59.30 30.70
CA GLU B 128 30.57 -59.59 30.62
C GLU B 128 31.33 -58.44 30.00
N ASN B 129 30.77 -57.83 28.95
CA ASN B 129 31.42 -56.71 28.29
C ASN B 129 31.61 -55.53 29.22
N ALA B 130 30.80 -55.41 30.28
CA ALA B 130 30.99 -54.27 31.20
C ALA B 130 32.21 -54.47 32.09
N ARG B 131 32.55 -55.72 32.41
CA ARG B 131 33.86 -56.02 33.03
C ARG B 131 34.99 -55.51 32.12
N ASN B 132 35.01 -55.83 30.85
CA ASN B 132 36.07 -55.39 29.98
C ASN B 132 35.62 -54.17 29.17
N LYS B 133 36.07 -53.00 29.58
CA LYS B 133 35.73 -51.77 28.84
C LYS B 133 36.77 -50.71 29.21
N ILE B 134 36.93 -49.69 28.36
CA ILE B 134 37.80 -48.57 28.69
C ILE B 134 36.98 -47.52 29.41
N LEU B 135 37.46 -47.08 30.57
CA LEU B 135 36.70 -46.15 31.39
C LEU B 135 36.63 -44.77 30.75
N PHE B 136 35.62 -44.00 31.17
CA PHE B 136 35.43 -42.66 30.62
C PHE B 136 36.62 -41.76 30.91
N GLU B 137 37.24 -41.92 32.09
CA GLU B 137 38.39 -41.11 32.44
C GLU B 137 39.59 -41.37 31.52
N ASN B 138 39.62 -42.52 30.85
CA ASN B 138 40.77 -42.92 30.05
C ASN B 138 40.53 -42.76 28.54
N LEU B 139 39.30 -42.41 28.13
CA LEU B 139 39.03 -42.18 26.72
C LEU B 139 39.82 -40.97 26.24
N THR B 140 40.37 -41.08 25.04
CA THR B 140 41.21 -40.01 24.50
C THR B 140 40.33 -38.89 23.95
N PRO B 141 40.44 -37.67 24.48
CA PRO B 141 39.56 -36.60 24.04
C PRO B 141 39.95 -36.08 22.66
N LEU B 142 38.99 -35.44 21.99
CA LEU B 142 39.21 -34.82 20.70
C LEU B 142 38.25 -33.66 20.53
N HIS B 143 38.59 -32.77 19.60
CA HIS B 143 37.63 -31.78 19.14
C HIS B 143 36.55 -32.47 18.30
N ALA B 144 35.37 -31.87 18.27
CA ALA B 144 34.24 -32.48 17.55
C ALA B 144 34.58 -32.66 16.09
N ASN B 145 34.34 -33.87 15.57
CA ASN B 145 34.57 -34.21 14.18
C ASN B 145 33.25 -34.25 13.40
N SER B 146 32.31 -35.05 13.86
CA SER B 146 31.09 -35.30 13.09
C SER B 146 30.08 -34.19 13.35
N ARG B 147 29.67 -33.52 12.27
CA ARG B 147 28.72 -32.42 12.38
C ARG B 147 27.34 -32.94 12.76
N LEU B 148 26.69 -32.24 13.69
CA LEU B 148 25.29 -32.50 14.05
C LEU B 148 24.46 -31.36 13.47
N ARG B 149 24.01 -31.52 12.23
CA ARG B 149 23.30 -30.46 11.54
C ARG B 149 21.88 -30.34 12.10
N MET B 150 21.48 -29.12 12.45
CA MET B 150 20.18 -28.90 13.05
C MET B 150 19.09 -28.61 12.02
N GLU B 151 19.47 -28.20 10.81
CA GLU B 151 18.50 -27.72 9.84
C GLU B 151 17.57 -28.85 9.38
N ARG B 152 16.28 -28.68 9.65
CA ARG B 152 15.29 -29.63 9.15
C ARG B 152 15.29 -29.68 7.62
N GLY B 153 15.21 -28.51 6.97
CA GLY B 153 15.03 -28.42 5.55
C GLY B 153 13.58 -28.47 5.09
N ASN B 154 12.63 -28.67 6.00
CA ASN B 154 11.20 -28.74 5.67
C ASN B 154 10.57 -27.37 5.37
N GLY B 155 11.37 -26.33 5.18
CA GLY B 155 10.82 -25.00 4.97
C GLY B 155 9.97 -24.49 6.11
N SER B 156 10.14 -25.03 7.32
CA SER B 156 9.34 -24.63 8.45
C SER B 156 9.76 -23.27 8.97
N THR B 157 8.79 -22.55 9.54
CA THR B 157 9.10 -21.27 10.16
C THR B 157 9.88 -21.44 11.46
N GLU B 158 9.66 -22.56 12.18
CA GLU B 158 10.52 -22.88 13.31
C GLU B 158 11.94 -23.18 12.83
N ASP B 159 12.07 -23.81 11.66
CA ASP B 159 13.37 -24.19 11.14
C ASP B 159 14.32 -22.99 11.02
N LEU B 160 13.79 -21.78 10.92
CA LEU B 160 14.66 -20.61 10.90
C LEU B 160 15.66 -20.66 12.05
N THR B 161 15.20 -20.90 13.27
CA THR B 161 16.13 -20.98 14.39
C THR B 161 17.23 -21.99 14.12
N ALA B 162 16.87 -23.17 13.62
CA ALA B 162 17.91 -24.14 13.35
C ALA B 162 18.88 -23.61 12.28
N ARG B 163 18.35 -23.02 11.22
CA ARG B 163 19.20 -22.63 10.11
C ARG B 163 20.23 -21.59 10.56
N VAL B 164 19.76 -20.50 11.16
CA VAL B 164 20.68 -19.52 11.73
C VAL B 164 21.70 -20.19 12.64
N LEU B 165 21.26 -21.12 13.50
CA LEU B 165 22.23 -21.78 14.36
C LEU B 165 23.34 -22.39 13.53
N ASP B 166 22.98 -23.17 12.51
CA ASP B 166 24.01 -23.82 11.70
C ASP B 166 25.00 -22.82 11.14
N LEU B 167 24.52 -21.62 10.83
CA LEU B 167 25.43 -20.66 10.22
C LEU B 167 26.24 -19.93 11.27
N ALA B 168 25.68 -19.75 12.46
CA ALA B 168 26.34 -18.89 13.42
C ALA B 168 27.29 -19.68 14.32
N SER B 169 26.89 -20.88 14.72
CA SER B 169 27.65 -21.68 15.67
C SER B 169 27.32 -23.14 15.45
N PRO B 170 28.03 -23.81 14.53
CA PRO B 170 27.76 -25.23 14.27
C PRO B 170 27.98 -26.07 15.52
N ILE B 171 27.30 -27.23 15.55
CA ILE B 171 27.35 -28.15 16.68
C ILE B 171 27.79 -29.52 16.18
N GLY B 172 28.87 -30.03 16.77
CA GLY B 172 29.35 -31.37 16.49
C GLY B 172 29.16 -32.32 17.66
N ARG B 173 29.47 -33.59 17.42
CA ARG B 173 29.35 -34.61 18.45
C ARG B 173 30.46 -34.46 19.47
N GLY B 174 30.09 -34.31 20.74
CA GLY B 174 31.04 -33.98 21.78
C GLY B 174 31.18 -32.51 22.07
N GLN B 175 30.32 -31.67 21.49
CA GLN B 175 30.40 -30.23 21.70
C GLN B 175 30.10 -29.89 23.15
N ARG B 176 30.62 -28.74 23.60
CA ARG B 176 30.48 -28.25 24.96
C ARG B 176 30.01 -26.80 24.85
N GLY B 177 28.71 -26.63 24.60
CA GLY B 177 28.15 -25.37 24.18
C GLY B 177 27.21 -24.73 25.19
N LEU B 178 26.93 -23.45 24.94
CA LEU B 178 26.13 -22.60 25.83
C LEU B 178 25.18 -21.74 25.01
N ILE B 179 23.91 -21.71 25.41
CA ILE B 179 22.94 -20.77 24.87
C ILE B 179 22.90 -19.64 25.89
N VAL B 180 23.66 -18.58 25.65
CA VAL B 180 23.83 -17.51 26.63
C VAL B 180 22.90 -16.36 26.29
N ALA B 181 22.14 -15.89 27.29
CA ALA B 181 21.22 -14.79 27.10
C ALA B 181 20.58 -14.32 28.40
N PRO B 182 20.09 -13.08 28.45
CA PRO B 182 19.35 -12.61 29.63
C PRO B 182 18.00 -13.31 29.73
N PRO B 183 17.32 -13.21 30.87
CA PRO B 183 15.99 -13.82 31.00
C PRO B 183 15.05 -13.30 29.92
N LYS B 184 14.26 -14.22 29.36
CA LYS B 184 13.21 -13.96 28.37
C LYS B 184 13.76 -13.63 26.99
N ALA B 185 14.98 -14.06 26.70
CA ALA B 185 15.56 -13.81 25.37
C ALA B 185 15.28 -14.93 24.38
N GLY B 186 14.97 -16.13 24.85
CA GLY B 186 14.62 -17.21 23.95
C GLY B 186 15.45 -18.46 24.13
N LYS B 187 16.13 -18.57 25.27
CA LYS B 187 17.05 -19.68 25.48
C LYS B 187 16.32 -21.01 25.51
N THR B 188 15.27 -21.10 26.33
CA THR B 188 14.57 -22.36 26.51
C THR B 188 13.93 -22.84 25.21
N MET B 189 13.17 -21.98 24.54
CA MET B 189 12.56 -22.36 23.27
C MET B 189 13.59 -22.69 22.21
N LEU B 190 14.77 -22.04 22.25
CA LEU B 190 15.83 -22.43 21.34
C LEU B 190 16.36 -23.82 21.67
N LEU B 191 16.45 -24.17 22.95
CA LEU B 191 16.83 -25.52 23.33
C LEU B 191 15.78 -26.54 22.89
N GLN B 192 14.50 -26.16 22.95
CA GLN B 192 13.42 -27.03 22.47
C GLN B 192 13.49 -27.22 20.96
N ASN B 193 13.76 -26.14 20.23
CA ASN B 193 14.00 -26.23 18.80
C ASN B 193 15.15 -27.19 18.49
N ILE B 194 16.24 -27.08 19.25
CA ILE B 194 17.36 -28.00 19.10
C ILE B 194 16.93 -29.43 19.37
N ALA B 195 16.14 -29.64 20.43
CA ALA B 195 15.69 -30.99 20.76
C ALA B 195 14.89 -31.61 19.61
N GLN B 196 13.96 -30.82 19.03
CA GLN B 196 13.21 -31.31 17.88
C GLN B 196 14.14 -31.66 16.71
N SER B 197 15.10 -30.77 16.40
CA SER B 197 16.03 -31.06 15.31
C SER B 197 16.83 -32.34 15.58
N ILE B 198 17.20 -32.58 16.85
CA ILE B 198 17.95 -33.78 17.19
C ILE B 198 17.09 -35.02 17.00
N ALA B 199 15.83 -34.96 17.44
CA ALA B 199 14.97 -36.13 17.30
C ALA B 199 14.73 -36.46 15.83
N TYR B 200 14.64 -35.45 14.96
CA TYR B 200 14.36 -35.75 13.56
C TYR B 200 15.61 -36.10 12.76
N ASN B 201 16.67 -35.30 12.89
CA ASN B 201 17.87 -35.49 12.07
C ASN B 201 18.82 -36.51 12.65
N HIS B 202 18.79 -36.74 13.96
CA HIS B 202 19.74 -37.63 14.62
C HIS B 202 19.01 -38.54 15.60
N PRO B 203 18.11 -39.40 15.10
CA PRO B 203 17.45 -40.37 16.00
C PRO B 203 18.42 -41.39 16.57
N ASP B 204 19.62 -41.51 16.00
CA ASP B 204 20.60 -42.45 16.51
C ASP B 204 21.17 -41.99 17.86
N CYS B 205 21.22 -40.68 18.10
CA CYS B 205 21.79 -40.15 19.33
C CYS B 205 20.86 -40.39 20.51
N VAL B 206 21.45 -40.62 21.68
CA VAL B 206 20.72 -40.83 22.92
C VAL B 206 20.44 -39.44 23.51
N LEU B 207 19.20 -38.97 23.41
CA LEU B 207 18.84 -37.61 23.83
C LEU B 207 18.31 -37.61 25.26
N MET B 208 18.93 -36.78 26.11
CA MET B 208 18.48 -36.55 27.48
C MET B 208 18.33 -35.04 27.69
N VAL B 209 17.27 -34.64 28.40
CA VAL B 209 16.98 -33.23 28.68
C VAL B 209 16.95 -33.04 30.20
N LEU B 210 17.97 -32.37 30.73
CA LEU B 210 18.10 -32.12 32.16
C LEU B 210 17.65 -30.69 32.46
N LEU B 211 16.60 -30.55 33.28
CA LEU B 211 16.01 -29.27 33.64
C LEU B 211 16.28 -29.00 35.11
N ILE B 212 17.05 -27.95 35.40
CA ILE B 212 17.49 -27.63 36.74
C ILE B 212 17.01 -26.24 37.11
N ASP B 213 16.17 -26.16 38.14
CA ASP B 213 15.80 -24.90 38.81
C ASP B 213 15.03 -23.98 37.86
N GLU B 214 14.23 -24.55 36.98
CA GLU B 214 13.46 -23.79 36.01
C GLU B 214 11.96 -24.06 36.19
N ARG B 215 11.18 -23.47 35.30
CA ARG B 215 9.73 -23.41 35.48
C ARG B 215 9.10 -24.79 35.37
N PRO B 216 8.10 -25.11 36.19
CA PRO B 216 7.54 -26.47 36.15
C PRO B 216 6.75 -26.75 34.89
N GLU B 217 6.05 -25.75 34.35
CA GLU B 217 5.29 -25.97 33.13
C GLU B 217 6.18 -26.31 31.95
N GLU B 218 7.43 -25.83 31.95
CA GLU B 218 8.39 -26.20 30.92
C GLU B 218 8.78 -27.68 31.00
N VAL B 219 8.76 -28.28 32.20
CA VAL B 219 9.03 -29.71 32.33
C VAL B 219 8.00 -30.51 31.54
N THR B 220 6.72 -30.28 31.82
CA THR B 220 5.69 -31.01 31.11
C THR B 220 5.66 -30.63 29.63
N GLU B 221 5.91 -29.35 29.31
CA GLU B 221 6.01 -28.97 27.91
C GLU B 221 7.11 -29.75 27.19
N MET B 222 8.23 -29.99 27.87
CA MET B 222 9.36 -30.64 27.25
C MET B 222 9.16 -32.15 27.13
N GLN B 223 8.54 -32.79 28.12
CA GLN B 223 8.40 -34.23 28.06
C GLN B 223 7.36 -34.67 27.04
N ARG B 224 6.38 -33.81 26.76
CA ARG B 224 5.38 -34.08 25.72
C ARG B 224 5.82 -33.57 24.35
N LEU B 225 6.96 -32.89 24.25
CA LEU B 225 7.45 -32.33 23.00
C LEU B 225 8.65 -33.07 22.43
N VAL B 226 9.64 -33.44 23.25
CA VAL B 226 10.86 -34.05 22.74
C VAL B 226 10.69 -35.56 22.71
N LYS B 227 11.35 -36.19 21.74
CA LYS B 227 11.37 -37.66 21.64
C LYS B 227 12.63 -38.14 22.33
N GLY B 228 12.58 -38.12 23.66
CA GLY B 228 13.71 -38.56 24.44
C GLY B 228 13.34 -38.61 25.91
N GLU B 229 14.36 -38.78 26.74
CA GLU B 229 14.19 -38.84 28.18
C GLU B 229 14.35 -37.45 28.79
N VAL B 230 13.46 -37.11 29.73
CA VAL B 230 13.45 -35.82 30.39
C VAL B 230 13.56 -36.04 31.90
N VAL B 231 14.64 -35.52 32.49
CA VAL B 231 14.86 -35.54 33.94
C VAL B 231 14.84 -34.09 34.41
N ALA B 232 14.04 -33.82 35.44
CA ALA B 232 13.82 -32.44 35.88
C ALA B 232 13.91 -32.34 37.39
N SER B 233 14.18 -31.10 37.86
CA SER B 233 14.27 -30.72 39.26
C SER B 233 13.97 -29.22 39.32
N THR B 234 12.68 -28.90 39.30
CA THR B 234 12.21 -27.52 39.18
C THR B 234 12.66 -26.63 40.33
N PHE B 235 12.35 -25.33 40.24
CA PHE B 235 12.70 -24.40 41.30
C PHE B 235 11.90 -24.64 42.58
N ASP B 236 10.91 -25.51 42.56
CA ASP B 236 10.27 -25.94 43.80
C ASP B 236 11.21 -26.77 44.67
N GLU B 237 12.28 -27.21 44.13
CA GLU B 237 13.20 -28.14 44.76
C GLU B 237 14.43 -27.42 45.30
N PRO B 238 15.04 -27.95 46.36
CA PRO B 238 16.24 -27.34 46.93
C PRO B 238 17.44 -27.59 46.05
N ALA B 239 18.54 -26.88 46.38
CA ALA B 239 19.78 -27.04 45.63
C ALA B 239 20.37 -28.44 45.81
N SER B 240 20.23 -29.01 47.01
CA SER B 240 20.71 -30.37 47.27
C SER B 240 20.18 -31.35 46.22
N ARG B 241 18.88 -31.30 45.96
CA ARG B 241 18.27 -32.18 44.98
C ARG B 241 18.80 -31.91 43.58
N HIS B 242 18.91 -30.64 43.19
CA HIS B 242 19.48 -30.31 41.88
C HIS B 242 20.81 -31.00 41.69
N VAL B 243 21.71 -30.86 42.67
CA VAL B 243 23.04 -31.45 42.53
C VAL B 243 22.94 -32.96 42.37
N GLN B 244 22.22 -33.63 43.27
CA GLN B 244 22.19 -35.09 43.22
C GLN B 244 21.64 -35.59 41.89
N VAL B 245 20.54 -34.99 41.44
CA VAL B 245 19.92 -35.39 40.17
C VAL B 245 20.91 -35.21 39.02
N ALA B 246 21.56 -34.04 38.95
CA ALA B 246 22.50 -33.78 37.86
C ALA B 246 23.65 -34.77 37.88
N GLU B 247 24.13 -35.14 39.07
CA GLU B 247 25.21 -36.12 39.16
C GLU B 247 24.78 -37.46 38.58
N MET B 248 23.58 -37.93 38.96
CA MET B 248 23.10 -39.18 38.37
C MET B 248 23.04 -39.11 36.85
N VAL B 249 22.49 -38.01 36.30
CA VAL B 249 22.34 -37.93 34.85
C VAL B 249 23.70 -37.92 34.17
N ILE B 250 24.65 -37.14 34.70
CA ILE B 250 25.95 -37.07 34.04
C ILE B 250 26.69 -38.41 34.11
N GLU B 251 26.57 -39.14 35.22
CA GLU B 251 27.23 -40.44 35.29
C GLU B 251 26.60 -41.44 34.32
N LYS B 252 25.26 -41.40 34.20
CA LYS B 252 24.59 -42.26 33.22
C LYS B 252 25.10 -41.96 31.81
N ALA B 253 25.23 -40.68 31.46
CA ALA B 253 25.79 -40.32 30.16
C ALA B 253 27.18 -40.91 29.96
N LYS B 254 28.05 -40.77 30.98
CA LYS B 254 29.40 -41.32 30.87
C LYS B 254 29.38 -42.82 30.61
N ARG B 255 28.51 -43.56 31.32
CA ARG B 255 28.43 -45.00 31.08
C ARG B 255 28.05 -45.31 29.63
N LEU B 256 26.99 -44.65 29.13
CA LEU B 256 26.59 -44.89 27.75
C LEU B 256 27.72 -44.56 26.77
N VAL B 257 28.52 -43.52 27.06
CA VAL B 257 29.65 -43.20 26.20
C VAL B 257 30.72 -44.29 26.28
N GLU B 258 30.92 -44.88 27.46
CA GLU B 258 31.78 -46.05 27.56
C GLU B 258 31.31 -47.18 26.66
N HIS B 259 30.01 -47.23 26.35
CA HIS B 259 29.52 -48.17 25.35
C HIS B 259 29.47 -47.57 23.93
N LYS B 260 30.37 -46.63 23.61
CA LYS B 260 30.48 -46.06 22.26
C LYS B 260 29.15 -45.50 21.74
N LYS B 261 28.41 -44.84 22.62
CA LYS B 261 27.17 -44.18 22.26
C LYS B 261 27.38 -42.67 22.15
N ASP B 262 26.57 -42.03 21.30
CA ASP B 262 26.57 -40.59 21.12
C ASP B 262 25.44 -40.00 21.96
N VAL B 263 25.77 -39.53 23.16
CA VAL B 263 24.81 -38.98 24.10
C VAL B 263 24.78 -37.47 23.95
N ILE B 264 23.59 -36.88 24.10
CA ILE B 264 23.39 -35.43 24.07
C ILE B 264 22.56 -35.03 25.29
N ILE B 265 23.04 -34.05 26.04
CA ILE B 265 22.36 -33.54 27.23
C ILE B 265 22.03 -32.07 26.98
N LEU B 266 20.74 -31.75 26.92
CA LEU B 266 20.27 -30.38 26.84
C LEU B 266 19.93 -29.92 28.24
N LEU B 267 20.78 -29.04 28.80
CA LEU B 267 20.65 -28.62 30.18
C LEU B 267 20.11 -27.20 30.27
N ASP B 268 19.11 -27.00 31.12
CA ASP B 268 18.49 -25.69 31.32
C ASP B 268 18.01 -25.63 32.77
N SER B 269 18.71 -24.89 33.62
CA SER B 269 19.84 -24.03 33.22
C SER B 269 21.12 -24.44 33.91
N ILE B 270 22.25 -24.30 33.22
CA ILE B 270 23.53 -24.65 33.85
C ILE B 270 23.98 -23.54 34.80
N THR B 271 23.57 -22.30 34.56
CA THR B 271 23.87 -21.24 35.51
C THR B 271 23.23 -21.55 36.87
N ARG B 272 21.98 -22.00 36.86
CA ARG B 272 21.32 -22.33 38.12
C ARG B 272 21.91 -23.59 38.75
N LEU B 273 22.37 -24.54 37.94
CA LEU B 273 23.09 -25.68 38.49
C LEU B 273 24.36 -25.23 39.20
N ALA B 274 25.10 -24.29 38.58
CA ALA B 274 26.29 -23.74 39.22
C ALA B 274 25.94 -23.04 40.52
N ARG B 275 24.82 -22.30 40.54
CA ARG B 275 24.36 -21.71 41.80
C ARG B 275 24.10 -22.78 42.86
N ALA B 276 23.48 -23.89 42.48
CA ALA B 276 23.22 -24.95 43.45
C ALA B 276 24.53 -25.48 44.04
N TYR B 277 25.51 -25.75 43.19
CA TYR B 277 26.83 -26.15 43.69
C TYR B 277 27.38 -25.12 44.68
N ASN B 278 27.29 -23.83 44.33
CA ASN B 278 27.74 -22.79 45.25
C ASN B 278 26.98 -22.79 46.57
N THR B 279 25.73 -23.28 46.54
CA THR B 279 24.92 -23.38 47.75
C THR B 279 25.37 -24.50 48.68
N VAL B 280 25.76 -25.65 48.11
CA VAL B 280 26.15 -26.77 48.95
C VAL B 280 27.66 -26.87 49.16
N VAL B 281 28.45 -26.04 48.49
CA VAL B 281 29.91 -26.20 48.58
C VAL B 281 30.39 -25.81 49.97
N PRO B 282 31.39 -26.48 50.54
CA PRO B 282 31.92 -26.05 51.83
C PRO B 282 32.62 -24.70 51.71
N ALA B 283 32.32 -23.80 52.63
CA ALA B 283 32.96 -22.49 52.64
C ALA B 283 34.47 -22.64 52.73
N SER B 284 35.18 -21.91 51.87
CA SER B 284 36.64 -21.96 51.83
C SER B 284 37.28 -20.76 52.51
N GLY B 285 36.49 -19.82 53.03
CA GLY B 285 37.03 -18.56 53.50
C GLY B 285 37.46 -17.60 52.42
N LYS B 286 37.25 -17.92 51.14
CA LYS B 286 37.60 -17.07 50.02
C LYS B 286 36.39 -17.00 49.12
N VAL B 287 35.93 -15.80 48.80
CA VAL B 287 34.74 -15.66 47.96
C VAL B 287 35.07 -14.74 46.80
N LEU B 288 34.70 -15.18 45.61
CA LEU B 288 34.94 -14.44 44.38
C LEU B 288 33.91 -13.35 44.18
N THR B 289 34.14 -12.53 43.17
CA THR B 289 33.23 -11.47 42.81
C THR B 289 31.85 -12.01 42.49
N GLY B 290 30.83 -11.40 43.11
CA GLY B 290 29.46 -11.81 42.96
C GLY B 290 28.94 -12.78 44.00
N GLY B 291 29.73 -13.17 44.99
CA GLY B 291 29.27 -14.11 45.99
C GLY B 291 29.45 -15.57 45.65
N VAL B 292 30.44 -15.91 44.83
CA VAL B 292 30.73 -17.29 44.44
C VAL B 292 31.97 -17.75 45.19
N ASP B 293 31.84 -18.85 45.93
CA ASP B 293 32.97 -19.39 46.66
C ASP B 293 34.11 -19.74 45.71
N ALA B 294 35.35 -19.54 46.19
CA ALA B 294 36.52 -19.75 45.33
C ALA B 294 36.64 -21.18 44.85
N ASN B 295 36.06 -22.14 45.57
CA ASN B 295 36.12 -23.55 45.21
C ASN B 295 34.78 -24.07 44.69
N ALA B 296 33.82 -23.18 44.44
CA ALA B 296 32.48 -23.63 44.11
C ALA B 296 32.36 -24.08 42.65
N LEU B 297 33.13 -23.49 41.75
CA LEU B 297 32.97 -23.75 40.32
C LEU B 297 33.78 -24.95 39.82
N HIS B 298 34.55 -25.61 40.68
CA HIS B 298 35.29 -26.79 40.26
C HIS B 298 34.35 -27.92 39.85
N ARG B 299 33.39 -28.27 40.73
CA ARG B 299 32.40 -29.28 40.39
C ARG B 299 31.57 -28.95 39.15
N PRO B 300 30.89 -27.80 39.06
CA PRO B 300 30.15 -27.50 37.83
C PRO B 300 31.03 -27.45 36.60
N LYS B 301 32.29 -27.01 36.76
CA LYS B 301 33.22 -27.03 35.65
C LYS B 301 33.51 -28.46 35.19
N ARG B 302 33.69 -29.40 36.12
CA ARG B 302 33.86 -30.79 35.70
C ARG B 302 32.59 -31.34 35.07
N PHE B 303 31.43 -30.94 35.55
CA PHE B 303 30.17 -31.38 34.94
C PHE B 303 30.07 -30.92 33.49
N PHE B 304 30.22 -29.62 33.25
CA PHE B 304 30.19 -29.14 31.88
C PHE B 304 31.32 -29.74 31.04
N GLY B 305 32.52 -29.85 31.60
CA GLY B 305 33.66 -30.42 30.92
C GLY B 305 33.56 -31.91 30.64
N ALA B 306 32.60 -32.60 31.24
CA ALA B 306 32.34 -33.99 30.85
C ALA B 306 32.16 -34.12 29.35
N ALA B 307 31.35 -33.23 28.76
CA ALA B 307 31.11 -33.26 27.32
C ALA B 307 32.43 -33.27 26.54
N ARG B 308 32.57 -34.24 25.64
CA ARG B 308 33.81 -34.40 24.90
C ARG B 308 33.59 -35.39 23.77
N ASN B 309 34.46 -35.30 22.76
CA ASN B 309 34.51 -36.26 21.67
C ASN B 309 35.55 -37.33 21.99
N VAL B 310 35.18 -38.59 21.77
CA VAL B 310 36.03 -39.73 22.07
C VAL B 310 36.51 -40.34 20.77
N GLU B 311 37.83 -40.58 20.70
CA GLU B 311 38.41 -41.24 19.54
C GLU B 311 38.02 -42.71 19.49
N GLU B 312 37.89 -43.35 20.66
CA GLU B 312 37.57 -44.78 20.70
C GLU B 312 36.19 -45.08 20.16
N GLY B 313 35.23 -44.17 20.34
CA GLY B 313 33.89 -44.39 19.85
C GLY B 313 32.85 -43.69 20.69
N GLY B 314 31.89 -43.02 20.04
CA GLY B 314 30.86 -42.28 20.75
C GLY B 314 31.32 -40.91 21.17
N SER B 315 30.44 -40.23 21.90
CA SER B 315 30.70 -38.86 22.32
C SER B 315 29.65 -38.45 23.34
N LEU B 316 29.96 -37.37 24.07
CA LEU B 316 29.03 -36.73 25.00
C LEU B 316 28.95 -35.25 24.63
N THR B 317 27.78 -34.84 24.14
CA THR B 317 27.48 -33.45 23.83
C THR B 317 26.67 -32.85 24.98
N ILE B 318 26.93 -31.57 25.29
CA ILE B 318 26.16 -30.86 26.30
C ILE B 318 25.85 -29.46 25.77
N ILE B 319 24.58 -29.16 25.56
CA ILE B 319 24.14 -27.83 25.20
C ILE B 319 23.34 -27.30 26.38
N ALA B 320 23.90 -26.34 27.10
CA ALA B 320 23.29 -25.82 28.30
C ALA B 320 23.05 -24.32 28.16
N THR B 321 22.00 -23.84 28.82
CA THR B 321 21.66 -22.42 28.81
C THR B 321 22.33 -21.70 29.97
N ALA B 322 22.76 -20.46 29.73
CA ALA B 322 23.38 -19.64 30.75
C ALA B 322 22.74 -18.24 30.75
N LEU B 323 22.84 -17.58 31.89
CA LEU B 323 22.21 -16.28 32.10
C LEU B 323 23.26 -15.18 32.16
N ILE B 324 22.92 -14.01 31.64
CA ILE B 324 23.77 -12.82 31.69
C ILE B 324 22.88 -11.60 31.87
N ASP B 325 23.53 -10.48 32.20
CA ASP B 325 22.86 -9.18 32.39
C ASP B 325 21.71 -9.30 33.38
N THR B 326 21.92 -10.08 34.42
CA THR B 326 20.94 -10.24 35.49
C THR B 326 21.11 -9.20 36.59
N GLY B 327 22.07 -8.28 36.47
CA GLY B 327 22.40 -7.40 37.56
C GLY B 327 23.21 -8.04 38.67
N SER B 328 23.38 -9.36 38.66
CA SER B 328 24.14 -10.08 39.68
C SER B 328 25.45 -10.54 39.06
N LYS B 329 26.57 -10.00 39.56
CA LYS B 329 27.88 -10.29 38.97
C LYS B 329 28.19 -11.78 38.98
N MET B 330 27.65 -12.52 39.97
CA MET B 330 27.85 -13.96 40.05
C MET B 330 27.58 -14.65 38.72
N ASP B 331 26.54 -14.25 38.01
CA ASP B 331 26.21 -14.91 36.75
C ASP B 331 27.20 -14.56 35.65
N GLU B 332 27.75 -13.34 35.66
CA GLU B 332 28.85 -13.02 34.74
C GLU B 332 30.06 -13.91 35.01
N VAL B 333 30.40 -14.11 36.28
CA VAL B 333 31.51 -14.99 36.65
C VAL B 333 31.25 -16.41 36.15
N ILE B 334 30.08 -16.96 36.46
CA ILE B 334 29.74 -18.31 36.04
C ILE B 334 29.80 -18.44 34.52
N TYR B 335 29.21 -17.47 33.81
CA TYR B 335 29.18 -17.53 32.35
C TYR B 335 30.58 -17.47 31.76
N GLU B 336 31.43 -16.55 32.25
CA GLU B 336 32.76 -16.44 31.70
C GLU B 336 33.63 -17.65 32.06
N GLU B 337 33.38 -18.26 33.22
CA GLU B 337 34.09 -19.48 33.59
C GLU B 337 33.70 -20.64 32.67
N PHE B 338 32.42 -20.76 32.37
CA PHE B 338 31.97 -21.81 31.45
C PHE B 338 32.44 -21.55 30.02
N LYS B 339 32.60 -20.29 29.63
CA LYS B 339 33.08 -20.00 28.27
C LYS B 339 34.50 -20.50 28.08
N GLY B 340 35.36 -20.33 29.09
CA GLY B 340 36.71 -20.86 29.13
C GLY B 340 36.81 -22.35 29.39
N THR B 341 35.67 -23.01 29.54
CA THR B 341 35.58 -24.46 29.61
C THR B 341 35.05 -25.07 28.32
N GLY B 342 34.04 -24.46 27.71
CA GLY B 342 33.41 -25.00 26.53
C GLY B 342 34.04 -24.50 25.24
N ASN B 343 33.29 -24.69 24.14
CA ASN B 343 33.82 -24.41 22.81
C ASN B 343 32.73 -24.03 21.81
N MET B 344 31.63 -23.45 22.29
CA MET B 344 30.51 -23.02 21.46
C MET B 344 29.56 -22.15 22.26
N GLU B 345 29.20 -20.98 21.75
CA GLU B 345 28.25 -20.11 22.45
C GLU B 345 27.33 -19.51 21.41
N LEU B 346 26.03 -19.68 21.62
CA LEU B 346 24.99 -19.02 20.84
C LEU B 346 24.39 -17.96 21.74
N HIS B 347 24.66 -16.70 21.43
CA HIS B 347 24.15 -15.60 22.24
C HIS B 347 22.79 -15.15 21.71
N LEU B 348 21.90 -14.83 22.64
CA LEU B 348 20.60 -14.25 22.32
C LEU B 348 20.49 -12.89 22.98
N SER B 349 19.92 -11.93 22.26
CA SER B 349 19.90 -10.54 22.68
C SER B 349 18.51 -10.15 23.18
N ARG B 350 18.49 -9.50 24.36
CA ARG B 350 17.25 -8.93 24.87
C ARG B 350 16.75 -7.80 23.99
N LYS B 351 17.67 -7.02 23.40
CA LYS B 351 17.28 -5.93 22.52
C LYS B 351 16.52 -6.44 21.29
N ILE B 352 17.01 -7.53 20.68
CA ILE B 352 16.32 -8.12 19.54
C ILE B 352 15.00 -8.74 19.98
N ALA B 353 14.98 -9.37 21.15
CA ALA B 353 13.76 -10.06 21.62
C ALA B 353 12.66 -9.07 21.97
N GLU B 354 13.01 -7.87 22.45
CA GLU B 354 12.00 -6.87 22.76
C GLU B 354 11.32 -6.32 21.52
N LYS B 355 12.00 -6.35 20.36
CA LYS B 355 11.39 -6.00 19.09
C LYS B 355 10.61 -7.17 18.49
N ARG B 356 10.48 -8.29 19.21
CA ARG B 356 9.77 -9.47 18.73
C ARG B 356 10.36 -10.00 17.43
N VAL B 357 11.69 -10.01 17.35
CA VAL B 357 12.41 -10.57 16.21
C VAL B 357 13.03 -11.88 16.68
N PHE B 358 12.56 -12.99 16.13
CA PHE B 358 13.03 -14.30 16.56
C PHE B 358 13.50 -15.12 15.36
N PRO B 359 14.59 -15.90 15.51
CA PRO B 359 15.36 -16.01 16.75
C PRO B 359 16.21 -14.78 17.04
N ALA B 360 16.21 -14.34 18.30
CA ALA B 360 16.92 -13.13 18.70
C ALA B 360 18.39 -13.48 18.95
N ILE B 361 19.12 -13.73 17.87
CA ILE B 361 20.49 -14.23 17.94
C ILE B 361 21.46 -13.08 17.72
N ASP B 362 22.38 -12.92 18.68
CA ASP B 362 23.52 -12.00 18.54
C ASP B 362 24.57 -12.71 17.70
N TYR B 363 24.64 -12.36 16.41
CA TYR B 363 25.46 -13.11 15.47
C TYR B 363 26.94 -12.96 15.77
N ASN B 364 27.40 -11.71 15.96
CA ASN B 364 28.82 -11.46 16.14
C ASN B 364 29.38 -12.19 17.35
N ARG B 365 28.62 -12.20 18.45
CA ARG B 365 29.11 -12.80 19.69
C ARG B 365 29.06 -14.33 19.66
N SER B 366 28.14 -14.89 18.88
CA SER B 366 28.04 -16.34 18.78
C SER B 366 29.26 -16.91 18.04
N GLY B 367 29.39 -18.22 18.08
CA GLY B 367 30.45 -18.88 17.35
C GLY B 367 30.82 -20.21 17.96
N THR B 368 31.61 -20.96 17.21
CA THR B 368 32.10 -22.27 17.62
C THR B 368 33.60 -22.34 17.35
N ARG B 369 34.33 -22.97 18.28
CA ARG B 369 35.76 -23.20 18.10
C ARG B 369 36.00 -24.35 17.14
N LYS B 370 37.08 -24.23 16.35
CA LYS B 370 37.49 -25.26 15.41
C LYS B 370 36.33 -25.68 14.51
N GLU B 371 35.55 -24.68 14.05
CA GLU B 371 34.39 -24.97 13.22
C GLU B 371 34.78 -25.56 11.86
N GLU B 372 36.05 -25.49 11.47
CA GLU B 372 36.51 -26.13 10.24
C GLU B 372 36.44 -27.67 10.33
N LEU B 373 36.44 -28.22 11.55
CA LEU B 373 36.28 -29.67 11.72
C LEU B 373 34.83 -30.12 11.60
N LEU B 374 33.90 -29.18 11.50
CA LEU B 374 32.48 -29.51 11.42
C LEU B 374 31.84 -29.04 10.13
N THR B 375 32.60 -28.50 9.19
CA THR B 375 32.04 -27.92 7.98
C THR B 375 32.87 -28.34 6.77
N THR B 376 32.23 -28.36 5.61
CA THR B 376 32.95 -28.54 4.37
C THR B 376 33.76 -27.27 4.05
N GLN B 377 34.69 -27.42 3.12
CA GLN B 377 35.58 -26.30 2.78
C GLN B 377 34.78 -25.10 2.28
N GLU B 378 33.88 -25.34 1.31
CA GLU B 378 33.08 -24.24 0.78
C GLU B 378 32.02 -23.76 1.76
N GLU B 379 31.43 -24.65 2.57
CA GLU B 379 30.49 -24.20 3.58
C GLU B 379 31.14 -23.22 4.55
N LEU B 380 32.37 -23.53 4.98
CA LEU B 380 33.11 -22.62 5.84
C LEU B 380 33.41 -21.31 5.12
N GLN B 381 33.83 -21.36 3.85
CA GLN B 381 34.10 -20.10 3.16
C GLN B 381 32.84 -19.23 3.04
N LYS B 382 31.68 -19.85 2.78
CA LYS B 382 30.43 -19.10 2.69
C LYS B 382 30.02 -18.51 4.05
N MET B 383 30.15 -19.28 5.14
CA MET B 383 29.87 -18.74 6.47
C MET B 383 30.82 -17.58 6.82
N TRP B 384 32.09 -17.71 6.46
CA TRP B 384 33.07 -16.66 6.71
C TRP B 384 32.69 -15.36 6.01
N ILE B 385 32.37 -15.44 4.72
CA ILE B 385 31.91 -14.25 3.99
C ILE B 385 30.65 -13.68 4.64
N LEU B 386 29.71 -14.55 5.02
CA LEU B 386 28.46 -14.08 5.62
C LEU B 386 28.73 -13.32 6.92
N ARG B 387 29.68 -13.78 7.71
CA ARG B 387 29.99 -13.07 8.93
C ARG B 387 30.64 -11.73 8.65
N LYS B 388 31.54 -11.67 7.68
CA LYS B 388 32.12 -10.37 7.33
C LYS B 388 31.03 -9.38 6.91
N ILE B 389 29.98 -9.86 6.25
CA ILE B 389 28.91 -8.96 5.82
C ILE B 389 28.04 -8.54 7.01
N ILE B 390 27.75 -9.46 7.92
CA ILE B 390 26.85 -9.15 9.03
C ILE B 390 27.51 -8.33 10.14
N HIS B 391 28.82 -8.46 10.32
CA HIS B 391 29.50 -7.76 11.41
C HIS B 391 29.22 -6.27 11.49
N PRO B 392 29.29 -5.48 10.40
CA PRO B 392 29.06 -4.03 10.57
C PRO B 392 27.64 -3.67 10.99
N MET B 393 26.69 -4.58 10.82
CA MET B 393 25.30 -4.30 11.14
C MET B 393 25.08 -4.28 12.65
N GLY B 394 24.00 -3.63 13.08
CA GLY B 394 23.57 -3.73 14.47
C GLY B 394 22.97 -5.08 14.76
N GLU B 395 22.81 -5.36 16.06
CA GLU B 395 22.24 -6.64 16.48
C GLU B 395 20.91 -6.90 15.75
N ILE B 396 19.97 -5.97 15.90
CA ILE B 396 18.64 -6.12 15.33
C ILE B 396 18.69 -6.15 13.81
N ASP B 397 19.38 -5.17 13.21
CA ASP B 397 19.52 -5.13 11.76
C ASP B 397 20.09 -6.44 11.21
N ALA B 398 21.10 -6.98 11.89
CA ALA B 398 21.68 -8.25 11.48
C ALA B 398 20.63 -9.35 11.44
N MET B 399 19.84 -9.51 12.51
CA MET B 399 18.88 -10.61 12.45
C MET B 399 17.77 -10.35 11.42
N GLU B 400 17.25 -9.12 11.35
CA GLU B 400 16.20 -8.87 10.36
C GLU B 400 16.69 -9.18 8.95
N PHE B 401 17.90 -8.72 8.61
CA PHE B 401 18.50 -8.99 7.32
C PHE B 401 18.63 -10.49 7.06
N LEU B 402 19.25 -11.22 7.99
CA LEU B 402 19.51 -12.64 7.76
C LEU B 402 18.22 -13.46 7.68
N ILE B 403 17.24 -13.17 8.53
CA ILE B 403 15.99 -13.92 8.50
C ILE B 403 15.21 -13.64 7.22
N ASN B 404 15.15 -12.37 6.78
CA ASN B 404 14.48 -12.09 5.51
C ASN B 404 15.19 -12.80 4.36
N LYS B 405 16.51 -12.86 4.35
CA LYS B 405 17.20 -13.56 3.26
C LYS B 405 16.97 -15.06 3.31
N LEU B 406 17.01 -15.66 4.50
CA LEU B 406 16.82 -17.10 4.62
C LEU B 406 15.39 -17.52 4.34
N ALA B 407 14.40 -16.70 4.73
CA ALA B 407 13.01 -17.02 4.47
C ALA B 407 12.69 -17.15 2.99
N MET B 408 13.54 -16.60 2.12
CA MET B 408 13.33 -16.73 0.68
C MET B 408 13.54 -18.15 0.17
N THR B 409 14.30 -18.98 0.89
CA THR B 409 14.62 -20.33 0.45
C THR B 409 14.29 -21.33 1.55
N LYS B 410 14.24 -22.60 1.14
CA LYS B 410 13.93 -23.67 2.09
C LYS B 410 15.16 -24.09 2.89
N THR B 411 16.31 -24.20 2.23
CA THR B 411 17.52 -24.69 2.86
C THR B 411 18.65 -23.67 2.76
N ASN B 412 19.63 -23.82 3.66
CA ASN B 412 20.82 -22.98 3.62
C ASN B 412 21.64 -23.21 2.36
N ASP B 413 21.61 -24.42 1.79
CA ASP B 413 22.34 -24.69 0.56
C ASP B 413 21.82 -23.83 -0.59
N ASP B 414 20.50 -23.79 -0.77
CA ASP B 414 19.92 -22.90 -1.78
C ASP B 414 20.22 -21.43 -1.48
N PHE B 415 20.21 -21.03 -0.21
CA PHE B 415 20.59 -19.68 0.16
C PHE B 415 22.02 -19.35 -0.27
N PHE B 416 22.95 -20.28 -0.03
CA PHE B 416 24.33 -20.13 -0.48
C PHE B 416 24.40 -20.01 -2.00
N GLU B 417 23.65 -20.85 -2.72
CA GLU B 417 23.61 -20.74 -4.18
C GLU B 417 23.07 -19.38 -4.62
N MET B 418 22.15 -18.79 -3.85
CA MET B 418 21.70 -17.44 -4.12
C MET B 418 22.82 -16.42 -3.90
N MET B 419 23.66 -16.62 -2.87
CA MET B 419 24.75 -15.66 -2.63
C MET B 419 25.64 -15.46 -3.85
N LYS B 420 25.81 -16.49 -4.66
CA LYS B 420 26.64 -16.42 -5.87
C LYS B 420 26.02 -15.50 -6.92
N MET C 4 2.93 -49.43 -61.67
CA MET C 4 1.81 -49.82 -60.82
C MET C 4 1.45 -48.68 -59.89
N ASN C 5 0.49 -47.85 -60.30
CA ASN C 5 0.11 -46.64 -59.56
C ASN C 5 -1.37 -46.68 -59.24
N LEU C 6 -1.72 -46.15 -58.06
CA LEU C 6 -3.11 -46.21 -57.60
C LEU C 6 -4.02 -45.38 -58.48
N THR C 7 -3.71 -44.09 -58.66
CA THR C 7 -4.59 -43.23 -59.44
C THR C 7 -4.64 -43.67 -60.90
N GLU C 8 -3.54 -44.25 -61.40
CA GLU C 8 -3.56 -44.79 -62.76
C GLU C 8 -4.55 -45.95 -62.85
N LEU C 9 -4.62 -46.78 -61.81
CA LEU C 9 -5.63 -47.84 -61.78
C LEU C 9 -7.04 -47.29 -61.64
N LYS C 10 -7.19 -46.21 -60.88
CA LYS C 10 -8.50 -45.57 -60.74
C LYS C 10 -8.96 -44.97 -62.07
N ASN C 11 -8.02 -44.51 -62.90
CA ASN C 11 -8.40 -43.90 -64.17
C ASN C 11 -8.81 -44.94 -65.20
N THR C 12 -8.13 -46.09 -65.23
CA THR C 12 -8.40 -47.07 -66.26
C THR C 12 -9.82 -47.62 -66.12
N PRO C 13 -10.50 -47.94 -67.21
CA PRO C 13 -11.85 -48.49 -67.11
C PRO C 13 -11.86 -49.82 -66.38
N VAL C 14 -13.07 -50.21 -65.92
CA VAL C 14 -13.21 -51.46 -65.16
C VAL C 14 -12.90 -52.66 -66.03
N SER C 15 -13.20 -52.60 -67.33
CA SER C 15 -12.98 -53.75 -68.20
C SER C 15 -11.50 -54.14 -68.24
N GLU C 16 -10.64 -53.15 -68.49
CA GLU C 16 -9.20 -53.38 -68.50
C GLU C 16 -8.70 -53.83 -67.13
N LEU C 17 -9.29 -53.32 -66.05
CA LEU C 17 -8.90 -53.73 -64.70
C LEU C 17 -9.25 -55.20 -64.43
N ILE C 18 -10.44 -55.64 -64.83
CA ILE C 18 -10.82 -57.03 -64.63
C ILE C 18 -9.94 -57.96 -65.45
N THR C 19 -9.69 -57.62 -66.71
CA THR C 19 -8.77 -58.43 -67.51
C THR C 19 -7.38 -58.49 -66.88
N LEU C 20 -6.83 -57.33 -66.51
CA LEU C 20 -5.52 -57.29 -65.87
C LEU C 20 -5.48 -58.10 -64.57
N GLY C 21 -6.57 -58.11 -63.80
CA GLY C 21 -6.58 -58.84 -62.55
C GLY C 21 -6.70 -60.34 -62.74
N GLU C 22 -7.50 -60.74 -63.73
CA GLU C 22 -7.57 -62.16 -64.07
C GLU C 22 -6.23 -62.68 -64.59
N ASN C 23 -5.45 -61.82 -65.27
CA ASN C 23 -4.13 -62.25 -65.69
C ASN C 23 -3.23 -62.59 -64.50
N MET C 24 -3.36 -61.86 -63.41
CA MET C 24 -2.57 -62.11 -62.21
C MET C 24 -3.07 -63.39 -61.51
N ASN C 28 -12.84 -64.36 -58.87
CA ASN C 28 -13.77 -63.66 -59.75
C ASN C 28 -13.91 -62.20 -59.32
N LEU C 29 -13.53 -61.29 -60.22
CA LEU C 29 -13.64 -59.86 -59.98
C LEU C 29 -14.90 -59.24 -60.54
N ALA C 30 -15.69 -60.00 -61.34
CA ALA C 30 -16.85 -59.42 -62.01
C ALA C 30 -17.90 -58.95 -61.02
N ARG C 31 -18.06 -59.66 -59.90
CA ARG C 31 -19.13 -59.34 -58.96
C ARG C 31 -18.79 -58.11 -58.14
N MET C 32 -17.58 -58.05 -57.60
CA MET C 32 -17.20 -56.99 -56.67
C MET C 32 -17.11 -55.61 -57.33
N ARG C 33 -17.22 -54.56 -56.52
CA ARG C 33 -17.14 -53.19 -57.01
C ARG C 33 -15.74 -52.87 -57.52
N LYS C 34 -15.67 -51.85 -58.39
CA LYS C 34 -14.41 -51.46 -59.01
C LYS C 34 -13.33 -51.17 -57.96
N GLN C 35 -13.70 -50.43 -56.91
CA GLN C 35 -12.77 -50.14 -55.82
C GLN C 35 -12.11 -51.42 -55.30
N ASP C 36 -12.90 -52.50 -55.17
CA ASP C 36 -12.37 -53.77 -54.71
C ASP C 36 -11.43 -54.40 -55.73
N ILE C 37 -11.76 -54.31 -57.03
CA ILE C 37 -10.85 -54.80 -58.05
C ILE C 37 -9.48 -54.15 -57.88
N ILE C 38 -9.46 -52.82 -57.74
CA ILE C 38 -8.19 -52.14 -57.57
C ILE C 38 -7.47 -52.59 -56.31
N PHE C 39 -8.21 -52.71 -55.20
CA PHE C 39 -7.58 -53.10 -53.94
C PHE C 39 -6.95 -54.49 -54.04
N ALA C 40 -7.70 -55.46 -54.57
CA ALA C 40 -7.18 -56.82 -54.68
C ALA C 40 -5.98 -56.88 -55.63
N ILE C 41 -6.03 -56.13 -56.74
CA ILE C 41 -4.93 -56.10 -57.68
C ILE C 41 -3.66 -55.53 -57.02
N LEU C 42 -3.82 -54.42 -56.28
CA LEU C 42 -2.69 -53.82 -55.57
C LEU C 42 -2.10 -54.79 -54.54
N LYS C 43 -2.95 -55.46 -53.76
CA LYS C 43 -2.44 -56.44 -52.79
C LYS C 43 -1.67 -57.54 -53.47
N GLN C 44 -2.22 -58.13 -54.54
CA GLN C 44 -1.54 -59.22 -55.23
C GLN C 44 -0.19 -58.76 -55.76
N HIS C 45 -0.11 -57.55 -56.32
CA HIS C 45 1.19 -57.03 -56.73
C HIS C 45 2.15 -56.87 -55.56
N ALA C 46 1.64 -56.47 -54.38
CA ALA C 46 2.49 -56.37 -53.20
C ALA C 46 3.02 -57.73 -52.76
N LYS C 47 2.22 -58.79 -52.91
CA LYS C 47 2.67 -60.12 -52.56
C LYS C 47 3.90 -60.53 -53.37
N SER C 48 3.93 -60.15 -54.65
CA SER C 48 5.07 -60.48 -55.51
C SER C 48 6.37 -59.82 -55.04
N GLY C 49 6.30 -58.87 -54.11
CA GLY C 49 7.45 -58.08 -53.72
C GLY C 49 7.69 -56.85 -54.57
N GLU C 50 7.01 -56.72 -55.71
CA GLU C 50 7.13 -55.54 -56.54
C GLU C 50 6.56 -54.32 -55.84
N ASP C 51 7.04 -53.15 -56.23
CA ASP C 51 6.66 -51.91 -55.57
C ASP C 51 5.28 -51.45 -56.05
N ILE C 52 4.63 -50.65 -55.19
CA ILE C 52 3.36 -50.01 -55.47
C ILE C 52 3.55 -48.51 -55.33
N PHE C 53 2.77 -47.73 -56.08
CA PHE C 53 2.93 -46.28 -56.08
C PHE C 53 1.57 -45.60 -55.97
N GLY C 54 1.60 -44.40 -55.37
CA GLY C 54 0.42 -43.56 -55.23
C GLY C 54 0.82 -42.10 -55.19
N ASP C 55 -0.20 -41.24 -55.15
CA ASP C 55 0.02 -39.80 -55.21
C ASP C 55 -1.25 -39.05 -54.85
N GLY C 56 -1.07 -37.77 -54.55
CA GLY C 56 -2.17 -36.87 -54.26
C GLY C 56 -1.70 -35.63 -53.54
N VAL C 57 -2.63 -34.71 -53.30
CA VAL C 57 -2.31 -33.45 -52.64
C VAL C 57 -2.43 -33.63 -51.14
N LEU C 58 -1.45 -33.11 -50.40
CA LEU C 58 -1.40 -33.31 -48.97
C LEU C 58 -2.40 -32.42 -48.25
N GLU C 59 -3.01 -32.98 -47.20
CA GLU C 59 -3.83 -32.23 -46.26
C GLU C 59 -3.44 -32.69 -44.87
N ILE C 60 -2.88 -31.79 -44.07
CA ILE C 60 -2.40 -32.09 -42.73
C ILE C 60 -3.54 -31.85 -41.74
N LEU C 61 -3.86 -32.87 -40.96
CA LEU C 61 -4.89 -32.79 -39.95
C LEU C 61 -4.34 -32.12 -38.69
N GLN C 62 -5.23 -31.92 -37.72
CA GLN C 62 -4.85 -31.19 -36.51
C GLN C 62 -3.90 -32.00 -35.64
N ASP C 63 -3.96 -33.32 -35.73
CA ASP C 63 -3.14 -34.17 -34.87
C ASP C 63 -1.68 -34.22 -35.29
N GLY C 64 -1.32 -33.73 -36.48
CA GLY C 64 0.05 -33.73 -36.94
C GLY C 64 0.33 -34.68 -38.10
N PHE C 65 -0.56 -35.63 -38.38
CA PHE C 65 -0.45 -36.49 -39.55
C PHE C 65 -1.36 -35.96 -40.66
N GLY C 66 -1.18 -36.50 -41.88
CA GLY C 66 -1.92 -36.01 -43.02
C GLY C 66 -2.36 -37.13 -43.95
N PHE C 67 -3.12 -36.74 -44.96
CA PHE C 67 -3.52 -37.66 -46.03
C PHE C 67 -3.31 -37.02 -47.40
N LEU C 68 -3.16 -37.86 -48.40
CA LEU C 68 -3.02 -37.44 -49.79
C LEU C 68 -4.38 -37.54 -50.46
N ARG C 69 -5.13 -36.45 -50.46
CA ARG C 69 -6.41 -36.38 -51.14
C ARG C 69 -6.22 -36.50 -52.65
N SER C 70 -7.29 -36.91 -53.32
CA SER C 70 -7.28 -37.17 -54.75
C SER C 70 -8.22 -36.22 -55.48
N ALA C 71 -7.88 -35.93 -56.73
CA ALA C 71 -8.67 -34.99 -57.52
C ALA C 71 -10.06 -35.51 -57.84
N ASP C 72 -10.21 -36.84 -57.96
CA ASP C 72 -11.53 -37.41 -58.24
C ASP C 72 -12.49 -37.25 -57.06
N SER C 73 -12.01 -36.88 -55.89
CA SER C 73 -12.84 -36.53 -54.74
C SER C 73 -12.84 -35.03 -54.47
N SER C 74 -12.42 -34.22 -55.45
CA SER C 74 -12.30 -32.78 -55.30
C SER C 74 -11.38 -32.39 -54.14
N TYR C 75 -10.41 -33.26 -53.86
CA TYR C 75 -9.43 -33.10 -52.78
C TYR C 75 -10.08 -33.15 -51.40
N LEU C 76 -11.25 -33.79 -51.31
CA LEU C 76 -11.90 -34.11 -50.05
C LEU C 76 -11.52 -35.52 -49.61
N ALA C 77 -11.99 -35.87 -48.42
CA ALA C 77 -11.70 -37.20 -47.87
C ALA C 77 -12.14 -38.30 -48.83
N GLY C 78 -11.23 -39.23 -49.08
CA GLY C 78 -11.50 -40.31 -50.00
C GLY C 78 -11.11 -41.67 -49.45
N PRO C 79 -11.70 -42.73 -50.01
CA PRO C 79 -11.37 -44.08 -49.52
C PRO C 79 -9.95 -44.51 -49.83
N ASP C 80 -9.35 -44.01 -50.91
CA ASP C 80 -8.00 -44.40 -51.31
C ASP C 80 -6.95 -43.39 -50.86
N ASP C 81 -7.24 -42.61 -49.82
CA ASP C 81 -6.30 -41.60 -49.36
C ASP C 81 -5.08 -42.28 -48.73
N ILE C 82 -3.92 -41.66 -48.92
CA ILE C 82 -2.65 -42.21 -48.49
C ILE C 82 -2.21 -41.51 -47.22
N TYR C 83 -2.01 -42.27 -46.17
CA TYR C 83 -1.58 -41.71 -44.89
C TYR C 83 -0.13 -41.25 -44.97
N VAL C 84 0.14 -40.04 -44.49
CA VAL C 84 1.47 -39.47 -44.40
C VAL C 84 1.78 -39.22 -42.93
N SER C 85 2.79 -39.92 -42.42
CA SER C 85 3.15 -39.87 -41.02
C SER C 85 3.72 -38.49 -40.66
N PRO C 86 3.56 -38.07 -39.41
CA PRO C 86 4.17 -36.79 -38.99
C PRO C 86 5.66 -36.72 -39.25
N SER C 87 6.39 -37.81 -39.01
CA SER C 87 7.83 -37.83 -39.23
C SER C 87 8.16 -37.48 -40.68
N GLN C 88 7.38 -37.98 -41.63
CA GLN C 88 7.58 -37.65 -43.03
C GLN C 88 7.33 -36.17 -43.29
N ILE C 89 6.33 -35.58 -42.63
CA ILE C 89 6.03 -34.17 -42.84
C ILE C 89 7.16 -33.30 -42.30
N ARG C 90 7.68 -33.63 -41.12
CA ARG C 90 8.77 -32.85 -40.54
C ARG C 90 10.05 -32.99 -41.36
N ARG C 91 10.32 -34.19 -41.88
CA ARG C 91 11.56 -34.43 -42.62
C ARG C 91 11.71 -33.47 -43.79
N PHE C 92 10.65 -33.31 -44.59
CA PHE C 92 10.69 -32.49 -45.79
C PHE C 92 9.91 -31.18 -45.66
N ASN C 93 9.53 -30.81 -44.43
CA ASN C 93 8.79 -29.56 -44.18
C ASN C 93 7.56 -29.45 -45.07
N LEU C 94 6.82 -30.56 -45.16
CA LEU C 94 5.61 -30.58 -45.97
C LEU C 94 4.52 -29.74 -45.33
N ARG C 95 3.67 -29.17 -46.18
CA ARG C 95 2.52 -28.40 -45.72
C ARG C 95 1.35 -28.65 -46.65
N THR C 96 0.14 -28.41 -46.13
CA THR C 96 -1.07 -28.63 -46.89
C THR C 96 -0.99 -27.98 -48.26
N GLY C 97 -1.36 -28.75 -49.29
CA GLY C 97 -1.28 -28.32 -50.67
C GLY C 97 -0.17 -28.98 -51.47
N ASP C 98 0.84 -29.53 -50.81
CA ASP C 98 1.99 -30.14 -51.48
C ASP C 98 1.56 -31.38 -52.25
N THR C 99 1.72 -31.36 -53.56
CA THR C 99 1.52 -32.56 -54.37
C THR C 99 2.61 -33.57 -54.04
N ILE C 100 2.22 -34.80 -53.70
CA ILE C 100 3.16 -35.81 -53.26
C ILE C 100 2.99 -37.06 -54.12
N SER C 101 4.13 -37.64 -54.54
CA SER C 101 4.15 -38.94 -55.20
C SER C 101 5.17 -39.84 -54.53
N GLY C 102 4.79 -41.09 -54.30
CA GLY C 102 5.72 -42.01 -53.65
C GLY C 102 5.22 -43.43 -53.60
N LYS C 103 6.09 -44.30 -53.12
CA LYS C 103 5.78 -45.71 -52.93
C LYS C 103 4.82 -45.88 -51.75
N ILE C 104 3.87 -46.82 -51.91
CA ILE C 104 2.83 -47.03 -50.91
C ILE C 104 2.67 -48.53 -50.67
N ARG C 105 2.01 -48.85 -49.55
CA ARG C 105 1.71 -50.22 -49.14
C ARG C 105 0.26 -50.33 -48.72
N PRO C 106 -0.36 -51.49 -48.97
CA PRO C 106 -1.74 -51.69 -48.54
C PRO C 106 -1.83 -51.65 -47.03
N PRO C 107 -3.01 -51.36 -46.49
CA PRO C 107 -3.14 -51.27 -45.02
C PRO C 107 -2.97 -52.63 -44.38
N LYS C 108 -2.25 -52.65 -43.26
CA LYS C 108 -2.06 -53.86 -42.46
C LYS C 108 -3.33 -54.14 -41.65
N GLU C 109 -3.27 -55.19 -40.83
CA GLU C 109 -4.38 -55.55 -39.96
C GLU C 109 -4.59 -54.48 -38.90
N GLY C 110 -5.82 -54.01 -38.76
CA GLY C 110 -6.12 -52.89 -37.87
C GLY C 110 -5.90 -51.53 -38.49
N GLU C 111 -5.68 -51.46 -39.80
CA GLU C 111 -5.50 -50.21 -40.52
C GLU C 111 -6.54 -50.09 -41.62
N ARG C 112 -6.82 -48.85 -42.02
CA ARG C 112 -7.87 -48.59 -42.99
C ARG C 112 -7.39 -47.82 -44.21
N TYR C 113 -6.09 -47.52 -44.32
CA TYR C 113 -5.60 -46.64 -45.36
C TYR C 113 -4.27 -47.15 -45.91
N PHE C 114 -4.04 -46.83 -47.17
CA PHE C 114 -2.70 -47.00 -47.75
C PHE C 114 -1.72 -46.05 -47.09
N ALA C 115 -0.53 -46.56 -46.78
CA ALA C 115 0.51 -45.79 -46.12
C ALA C 115 1.62 -45.45 -47.10
N LEU C 116 2.31 -44.35 -46.82
CA LEU C 116 3.39 -43.85 -47.67
C LEU C 116 4.72 -44.35 -47.11
N LEU C 117 5.44 -45.11 -47.93
CA LEU C 117 6.74 -45.63 -47.52
C LEU C 117 7.84 -44.59 -47.73
N LYS C 118 7.97 -44.12 -48.97
CA LYS C 118 9.01 -43.18 -49.34
C LYS C 118 8.44 -42.18 -50.33
N VAL C 119 8.81 -40.92 -50.18
CA VAL C 119 8.30 -39.86 -51.02
C VAL C 119 9.31 -39.62 -52.14
N ASN C 120 8.92 -39.92 -53.37
CA ASN C 120 9.81 -39.71 -54.50
C ASN C 120 9.80 -38.27 -54.96
N GLU C 121 8.61 -37.65 -55.05
CA GLU C 121 8.49 -36.34 -55.65
C GLU C 121 7.58 -35.45 -54.81
N VAL C 122 8.07 -34.23 -54.52
CA VAL C 122 7.34 -33.20 -53.79
C VAL C 122 7.22 -32.00 -54.71
N ASN C 123 6.01 -31.75 -55.22
CA ASN C 123 5.73 -30.66 -56.15
C ASN C 123 6.54 -30.79 -57.43
N PHE C 124 6.55 -32.02 -57.98
CA PHE C 124 7.20 -32.29 -59.26
C PHE C 124 8.69 -31.97 -59.20
N ASP C 125 9.32 -32.25 -58.07
CA ASP C 125 10.71 -31.86 -57.85
C ASP C 125 11.30 -32.77 -56.79
N LYS C 126 12.60 -32.62 -56.59
CA LYS C 126 13.32 -33.47 -55.64
C LYS C 126 12.89 -33.13 -54.21
N PRO C 127 12.61 -34.13 -53.37
CA PRO C 127 12.15 -33.84 -52.01
C PRO C 127 13.10 -32.98 -51.20
N GLU C 128 14.41 -33.17 -51.37
CA GLU C 128 15.39 -32.37 -50.62
C GLU C 128 15.20 -30.88 -50.86
N ASN C 129 14.92 -30.50 -52.11
CA ASN C 129 14.73 -29.10 -52.44
C ASN C 129 13.53 -28.51 -51.71
N ALA C 130 12.58 -29.34 -51.28
CA ALA C 130 11.43 -28.79 -50.56
C ALA C 130 11.78 -28.41 -49.12
N ARG C 131 12.74 -29.13 -48.52
CA ARG C 131 13.35 -28.66 -47.26
C ARG C 131 13.96 -27.27 -47.47
N ASN C 132 14.77 -27.05 -48.47
CA ASN C 132 15.39 -25.76 -48.68
C ASN C 132 14.62 -24.97 -49.74
N LYS C 133 13.78 -24.04 -49.30
CA LYS C 133 13.04 -23.20 -50.24
C LYS C 133 12.62 -21.94 -49.50
N ILE C 134 12.31 -20.88 -50.23
CA ILE C 134 11.79 -19.67 -49.61
C ILE C 134 10.28 -19.76 -49.58
N LEU C 135 9.68 -19.56 -48.41
CA LEU C 135 8.25 -19.73 -48.25
C LEU C 135 7.47 -18.63 -48.98
N PHE C 136 6.21 -18.94 -49.28
CA PHE C 136 5.36 -17.99 -49.99
C PHE C 136 5.18 -16.70 -49.20
N GLU C 137 5.08 -16.80 -47.87
CA GLU C 137 4.92 -15.62 -47.05
C GLU C 137 6.11 -14.69 -47.12
N ASN C 138 7.29 -15.19 -47.53
CA ASN C 138 8.51 -14.42 -47.53
C ASN C 138 8.94 -13.96 -48.92
N LEU C 139 8.24 -14.40 -49.97
CA LEU C 139 8.56 -13.93 -51.31
C LEU C 139 8.29 -12.43 -51.42
N THR C 140 9.17 -11.73 -52.11
CA THR C 140 9.04 -10.28 -52.20
C THR C 140 8.01 -9.93 -53.27
N PRO C 141 6.92 -9.23 -52.92
CA PRO C 141 5.88 -8.94 -53.89
C PRO C 141 6.30 -7.87 -54.88
N LEU C 142 5.64 -7.87 -56.04
CA LEU C 142 5.86 -6.86 -57.06
C LEU C 142 4.59 -6.67 -57.88
N HIS C 143 4.51 -5.54 -58.56
CA HIS C 143 3.49 -5.35 -59.58
C HIS C 143 3.84 -6.23 -60.79
N ALA C 144 2.80 -6.62 -61.53
CA ALA C 144 2.99 -7.52 -62.67
C ALA C 144 3.95 -6.91 -63.68
N ASN C 145 4.96 -7.70 -64.09
CA ASN C 145 5.94 -7.29 -65.09
C ASN C 145 5.64 -7.91 -66.45
N SER C 146 5.55 -9.23 -66.50
CA SER C 146 5.45 -9.95 -67.76
C SER C 146 4.00 -9.96 -68.24
N ARG C 147 3.77 -9.43 -69.43
CA ARG C 147 2.42 -9.36 -69.99
C ARG C 147 1.94 -10.75 -70.37
N LEU C 148 0.69 -11.05 -70.05
CA LEU C 148 0.00 -12.27 -70.49
C LEU C 148 -1.01 -11.86 -71.55
N ARG C 149 -0.56 -11.84 -72.81
CA ARG C 149 -1.41 -11.38 -73.89
C ARG C 149 -2.47 -12.44 -74.21
N MET C 150 -3.72 -12.02 -74.28
CA MET C 150 -4.81 -12.95 -74.53
C MET C 150 -5.13 -13.11 -76.01
N GLU C 151 -4.71 -12.18 -76.85
CA GLU C 151 -5.13 -12.17 -78.24
C GLU C 151 -4.57 -13.36 -79.00
N ARG C 152 -5.46 -14.20 -79.51
CA ARG C 152 -5.04 -15.32 -80.35
C ARG C 152 -4.33 -14.83 -81.61
N GLY C 153 -4.93 -13.87 -82.32
CA GLY C 153 -4.47 -13.45 -83.62
C GLY C 153 -4.97 -14.29 -84.79
N ASN C 154 -5.72 -15.37 -84.52
CA ASN C 154 -6.24 -16.24 -85.57
C ASN C 154 -7.44 -15.66 -86.33
N GLY C 155 -7.72 -14.37 -86.16
CA GLY C 155 -8.88 -13.77 -86.80
C GLY C 155 -10.21 -14.39 -86.38
N SER C 156 -10.25 -15.05 -85.24
CA SER C 156 -11.45 -15.72 -84.78
C SER C 156 -12.48 -14.72 -84.28
N THR C 157 -13.75 -15.09 -84.41
CA THR C 157 -14.82 -14.24 -83.88
C THR C 157 -14.86 -14.28 -82.36
N GLU C 158 -14.48 -15.41 -81.75
CA GLU C 158 -14.29 -15.44 -80.31
C GLU C 158 -13.14 -14.53 -79.89
N ASP C 159 -12.10 -14.46 -80.70
CA ASP C 159 -10.91 -13.67 -80.38
C ASP C 159 -11.26 -12.20 -80.10
N LEU C 160 -12.38 -11.72 -80.63
CA LEU C 160 -12.81 -10.36 -80.31
C LEU C 160 -12.75 -10.13 -78.80
N THR C 161 -13.35 -11.03 -78.01
CA THR C 161 -13.31 -10.84 -76.56
C THR C 161 -11.90 -10.69 -76.06
N ALA C 162 -10.98 -11.53 -76.54
CA ALA C 162 -9.61 -11.39 -76.08
C ALA C 162 -9.04 -10.04 -76.50
N ARG C 163 -9.28 -9.63 -77.75
CA ARG C 163 -8.64 -8.42 -78.24
C ARG C 163 -9.09 -7.20 -77.42
N VAL C 164 -10.40 -7.00 -77.32
CA VAL C 164 -10.91 -5.93 -76.46
C VAL C 164 -10.30 -6.02 -75.08
N LEU C 165 -10.22 -7.23 -74.48
CA LEU C 165 -9.62 -7.32 -73.16
C LEU C 165 -8.22 -6.69 -73.17
N ASP C 166 -7.38 -7.09 -74.12
CA ASP C 166 -6.01 -6.56 -74.14
C ASP C 166 -6.02 -5.05 -74.20
N LEU C 167 -7.00 -4.46 -74.85
CA LEU C 167 -6.99 -3.01 -74.97
C LEU C 167 -7.58 -2.34 -73.74
N ALA C 168 -8.52 -3.00 -73.07
CA ALA C 168 -9.24 -2.32 -72.01
C ALA C 168 -8.57 -2.52 -70.67
N SER C 169 -8.07 -3.74 -70.42
CA SER C 169 -7.50 -4.09 -69.11
C SER C 169 -6.50 -5.20 -69.32
N PRO C 170 -5.24 -4.86 -69.61
CA PRO C 170 -4.21 -5.89 -69.79
C PRO C 170 -4.03 -6.74 -68.55
N ILE C 171 -3.53 -7.95 -68.76
CA ILE C 171 -3.32 -8.93 -67.69
C ILE C 171 -1.87 -9.37 -67.70
N GLY C 172 -1.19 -9.20 -66.56
CA GLY C 172 0.16 -9.68 -66.37
C GLY C 172 0.24 -10.83 -65.38
N ARG C 173 1.45 -11.39 -65.27
CA ARG C 173 1.69 -12.51 -64.36
C ARG C 173 1.69 -12.00 -62.92
N GLY C 174 0.83 -12.59 -62.09
CA GLY C 174 0.61 -12.10 -60.75
C GLY C 174 -0.55 -11.15 -60.61
N GLN C 175 -1.32 -10.94 -61.66
CA GLN C 175 -2.44 -10.02 -61.61
C GLN C 175 -3.49 -10.49 -60.60
N ARG C 176 -4.26 -9.53 -60.09
CA ARG C 176 -5.30 -9.77 -59.10
C ARG C 176 -6.57 -9.09 -59.62
N GLY C 177 -7.25 -9.76 -60.56
CA GLY C 177 -8.28 -9.15 -61.36
C GLY C 177 -9.68 -9.69 -61.10
N LEU C 178 -10.67 -8.94 -61.61
CA LEU C 178 -12.09 -9.21 -61.42
C LEU C 178 -12.85 -8.98 -62.72
N ILE C 179 -13.67 -9.95 -63.09
CA ILE C 179 -14.64 -9.79 -64.18
C ILE C 179 -15.95 -9.42 -63.49
N VAL C 180 -16.22 -8.12 -63.39
CA VAL C 180 -17.37 -7.63 -62.61
C VAL C 180 -18.54 -7.38 -63.54
N ALA C 181 -19.72 -7.93 -63.19
CA ALA C 181 -20.92 -7.74 -63.98
C ALA C 181 -22.17 -8.31 -63.30
N PRO C 182 -23.35 -7.83 -63.68
CA PRO C 182 -24.60 -8.41 -63.17
C PRO C 182 -24.81 -9.81 -63.74
N PRO C 183 -25.74 -10.58 -63.17
CA PRO C 183 -26.02 -11.91 -63.72
C PRO C 183 -26.40 -11.82 -65.20
N LYS C 184 -25.87 -12.76 -65.99
CA LYS C 184 -26.18 -12.95 -67.40
C LYS C 184 -25.52 -11.88 -68.29
N ALA C 185 -24.45 -11.25 -67.82
CA ALA C 185 -23.76 -10.26 -68.63
C ALA C 185 -22.63 -10.84 -69.47
N GLY C 186 -22.10 -12.00 -69.10
CA GLY C 186 -21.08 -12.63 -69.92
C GLY C 186 -19.82 -12.98 -69.17
N LYS C 187 -19.90 -12.99 -67.84
CA LYS C 187 -18.70 -13.18 -67.03
C LYS C 187 -18.11 -14.57 -67.25
N THR C 188 -18.93 -15.61 -67.13
CA THR C 188 -18.43 -16.97 -67.22
C THR C 188 -17.83 -17.26 -68.58
N MET C 189 -18.56 -16.96 -69.66
CA MET C 189 -18.04 -17.18 -71.00
C MET C 189 -16.80 -16.34 -71.27
N LEU C 190 -16.70 -15.15 -70.67
CA LEU C 190 -15.47 -14.39 -70.80
C LEU C 190 -14.32 -15.08 -70.09
N LEU C 191 -14.58 -15.69 -68.92
CA LEU C 191 -13.56 -16.47 -68.24
C LEU C 191 -13.14 -17.68 -69.06
N GLN C 192 -14.10 -18.31 -69.75
CA GLN C 192 -13.79 -19.44 -70.64
C GLN C 192 -12.94 -18.99 -71.83
N ASN C 193 -13.28 -17.84 -72.42
CA ASN C 193 -12.46 -17.26 -73.47
C ASN C 193 -11.04 -17.02 -72.97
N ILE C 194 -10.89 -16.48 -71.76
CA ILE C 194 -9.58 -16.29 -71.16
C ILE C 194 -8.86 -17.63 -71.02
N ALA C 195 -9.56 -18.65 -70.55
CA ALA C 195 -8.95 -19.97 -70.36
C ALA C 195 -8.41 -20.51 -71.68
N GLN C 196 -9.19 -20.40 -72.75
CA GLN C 196 -8.71 -20.82 -74.06
C GLN C 196 -7.46 -20.04 -74.47
N SER C 197 -7.49 -18.71 -74.32
CA SER C 197 -6.33 -17.89 -74.67
C SER C 197 -5.10 -18.30 -73.87
N ILE C 198 -5.28 -18.67 -72.59
CA ILE C 198 -4.16 -19.07 -71.75
C ILE C 198 -3.60 -20.41 -72.22
N ALA C 199 -4.48 -21.35 -72.55
CA ALA C 199 -4.00 -22.65 -73.01
C ALA C 199 -3.23 -22.53 -74.32
N TYR C 200 -3.63 -21.62 -75.21
CA TYR C 200 -2.93 -21.52 -76.49
C TYR C 200 -1.68 -20.65 -76.42
N ASN C 201 -1.78 -19.46 -75.82
CA ASN C 201 -0.69 -18.49 -75.83
C ASN C 201 0.31 -18.74 -74.69
N HIS C 202 -0.13 -19.37 -73.61
CA HIS C 202 0.71 -19.56 -72.43
C HIS C 202 0.59 -20.99 -71.92
N PRO C 203 0.99 -21.98 -72.72
CA PRO C 203 0.98 -23.36 -72.23
C PRO C 203 1.97 -23.60 -71.11
N ASP C 204 2.92 -22.70 -70.91
CA ASP C 204 3.89 -22.84 -69.83
C ASP C 204 3.24 -22.62 -68.47
N CYS C 205 2.20 -21.79 -68.40
CA CYS C 205 1.56 -21.49 -67.12
C CYS C 205 0.74 -22.68 -66.62
N VAL C 206 0.69 -22.84 -65.30
CA VAL C 206 -0.08 -23.90 -64.66
C VAL C 206 -1.51 -23.36 -64.48
N LEU C 207 -2.44 -23.85 -65.29
CA LEU C 207 -3.81 -23.33 -65.30
C LEU C 207 -4.71 -24.16 -64.41
N MET C 208 -5.39 -23.50 -63.48
CA MET C 208 -6.39 -24.11 -62.62
C MET C 208 -7.67 -23.29 -62.69
N VAL C 209 -8.82 -23.97 -62.73
CA VAL C 209 -10.13 -23.33 -62.82
C VAL C 209 -10.96 -23.74 -61.61
N LEU C 210 -11.16 -22.80 -60.68
CA LEU C 210 -11.92 -23.05 -59.47
C LEU C 210 -13.34 -22.50 -59.64
N LEU C 211 -14.34 -23.39 -59.55
CA LEU C 211 -15.74 -23.06 -59.72
C LEU C 211 -16.46 -23.21 -58.38
N ILE C 212 -16.97 -22.10 -57.85
CA ILE C 212 -17.57 -22.07 -56.53
C ILE C 212 -19.01 -21.59 -56.65
N ASP C 213 -19.95 -22.45 -56.26
CA ASP C 213 -21.36 -22.09 -56.06
C ASP C 213 -22.02 -21.65 -57.38
N GLU C 214 -21.62 -22.26 -58.47
CA GLU C 214 -22.15 -21.93 -59.79
C GLU C 214 -22.78 -23.16 -60.43
N ARG C 215 -23.23 -22.99 -61.67
CA ARG C 215 -24.09 -23.97 -62.31
C ARG C 215 -23.33 -25.27 -62.58
N PRO C 216 -23.96 -26.43 -62.40
CA PRO C 216 -23.23 -27.70 -62.59
C PRO C 216 -22.87 -27.96 -64.05
N GLU C 217 -23.73 -27.57 -64.99
CA GLU C 217 -23.43 -27.81 -66.39
C GLU C 217 -22.19 -27.02 -66.84
N GLU C 218 -21.90 -25.88 -66.20
CA GLU C 218 -20.68 -25.14 -66.49
C GLU C 218 -19.43 -25.89 -66.04
N VAL C 219 -19.53 -26.71 -64.99
CA VAL C 219 -18.40 -27.53 -64.57
C VAL C 219 -17.98 -28.47 -65.69
N THR C 220 -18.92 -29.27 -66.19
CA THR C 220 -18.58 -30.19 -67.26
C THR C 220 -18.25 -29.45 -68.54
N GLU C 221 -18.91 -28.33 -68.82
CA GLU C 221 -18.53 -27.53 -69.97
C GLU C 221 -17.08 -27.06 -69.87
N MET C 222 -16.63 -26.72 -68.66
CA MET C 222 -15.29 -26.17 -68.49
C MET C 222 -14.22 -27.26 -68.51
N GLN C 223 -14.51 -28.43 -67.95
CA GLN C 223 -13.48 -29.47 -67.91
C GLN C 223 -13.25 -30.09 -69.28
N ARG C 224 -14.25 -30.09 -70.15
CA ARG C 224 -14.10 -30.56 -71.51
C ARG C 224 -13.65 -29.47 -72.47
N LEU C 225 -13.53 -28.24 -72.01
CA LEU C 225 -13.14 -27.11 -72.85
C LEU C 225 -11.73 -26.61 -72.59
N VAL C 226 -11.32 -26.47 -71.32
CA VAL C 226 -10.02 -25.89 -70.99
C VAL C 226 -8.98 -27.00 -70.93
N LYS C 227 -7.74 -26.65 -71.29
CA LYS C 227 -6.62 -27.56 -71.21
C LYS C 227 -5.92 -27.28 -69.89
N GLY C 228 -6.54 -27.76 -68.83
CA GLY C 228 -5.99 -27.57 -67.49
C GLY C 228 -6.79 -28.35 -66.47
N GLU C 229 -6.50 -28.07 -65.21
CA GLU C 229 -7.19 -28.72 -64.11
C GLU C 229 -8.40 -27.91 -63.68
N VAL C 230 -9.51 -28.60 -63.43
CA VAL C 230 -10.78 -27.97 -63.04
C VAL C 230 -11.22 -28.57 -61.70
N VAL C 231 -11.30 -27.71 -60.68
CA VAL C 231 -11.83 -28.08 -59.36
C VAL C 231 -13.12 -27.30 -59.16
N ALA C 232 -14.18 -28.00 -58.76
CA ALA C 232 -15.49 -27.39 -58.67
C ALA C 232 -16.21 -27.79 -57.38
N SER C 233 -17.19 -26.95 -57.01
CA SER C 233 -18.05 -27.11 -55.84
C SER C 233 -19.34 -26.34 -56.13
N THR C 234 -20.23 -26.98 -56.89
CA THR C 234 -21.42 -26.33 -57.41
C THR C 234 -22.35 -25.84 -56.31
N PHE C 235 -23.43 -25.15 -56.72
CA PHE C 235 -24.42 -24.67 -55.75
C PHE C 235 -25.21 -25.79 -55.10
N ASP C 236 -25.06 -27.03 -55.56
CA ASP C 236 -25.61 -28.17 -54.83
C ASP C 236 -24.91 -28.39 -53.50
N GLU C 237 -23.79 -27.79 -53.31
CA GLU C 237 -22.92 -28.01 -52.18
C GLU C 237 -23.07 -26.90 -51.14
N PRO C 238 -22.83 -27.23 -49.86
CA PRO C 238 -22.93 -26.21 -48.81
C PRO C 238 -21.74 -25.27 -48.85
N ALA C 239 -21.85 -24.19 -48.06
CA ALA C 239 -20.78 -23.20 -47.97
C ALA C 239 -19.51 -23.80 -47.33
N SER C 240 -19.69 -24.69 -46.35
CA SER C 240 -18.56 -25.36 -45.73
C SER C 240 -17.65 -26.00 -46.75
N ARG C 241 -18.23 -26.74 -47.70
CA ARG C 241 -17.46 -27.39 -48.74
C ARG C 241 -16.76 -26.38 -49.64
N HIS C 242 -17.47 -25.33 -50.05
CA HIS C 242 -16.85 -24.29 -50.86
C HIS C 242 -15.57 -23.79 -50.20
N VAL C 243 -15.65 -23.44 -48.92
CA VAL C 243 -14.48 -22.89 -48.23
C VAL C 243 -13.34 -23.90 -48.26
N GLN C 244 -13.61 -25.14 -47.82
CA GLN C 244 -12.52 -26.11 -47.71
C GLN C 244 -11.85 -26.36 -49.06
N VAL C 245 -12.65 -26.53 -50.11
CA VAL C 245 -12.11 -26.77 -51.43
C VAL C 245 -11.23 -25.60 -51.88
N ALA C 246 -11.75 -24.37 -51.72
CA ALA C 246 -10.98 -23.20 -52.13
C ALA C 246 -9.66 -23.10 -51.37
N GLU C 247 -9.68 -23.42 -50.07
CA GLU C 247 -8.44 -23.38 -49.29
C GLU C 247 -7.41 -24.37 -49.85
N MET C 248 -7.84 -25.60 -50.15
CA MET C 248 -6.91 -26.55 -50.74
C MET C 248 -6.32 -26.00 -52.04
N VAL C 249 -7.17 -25.46 -52.92
CA VAL C 249 -6.66 -25.01 -54.22
C VAL C 249 -5.67 -23.86 -54.05
N ILE C 250 -5.98 -22.89 -53.17
CA ILE C 250 -5.10 -21.75 -53.01
C ILE C 250 -3.76 -22.18 -52.39
N GLU C 251 -3.77 -23.12 -51.45
CA GLU C 251 -2.51 -23.58 -50.88
C GLU C 251 -1.67 -24.32 -51.92
N LYS C 252 -2.31 -25.14 -52.75
CA LYS C 252 -1.59 -25.81 -53.83
C LYS C 252 -0.93 -24.81 -54.76
N ALA C 253 -1.66 -23.75 -55.12
CA ALA C 253 -1.06 -22.69 -55.95
C ALA C 253 0.15 -22.09 -55.27
N LYS C 254 0.05 -21.77 -53.97
CA LYS C 254 1.18 -21.20 -53.25
C LYS C 254 2.41 -22.12 -53.30
N ARG C 255 2.20 -23.42 -53.11
CA ARG C 255 3.33 -24.35 -53.18
C ARG C 255 3.99 -24.30 -54.56
N LEU C 256 3.20 -24.40 -55.62
CA LEU C 256 3.77 -24.35 -56.96
C LEU C 256 4.55 -23.04 -57.18
N VAL C 257 4.05 -21.93 -56.63
CA VAL C 257 4.77 -20.66 -56.76
C VAL C 257 6.09 -20.70 -55.97
N GLU C 258 6.10 -21.37 -54.82
CA GLU C 258 7.37 -21.60 -54.13
C GLU C 258 8.35 -22.36 -55.01
N HIS C 259 7.86 -23.16 -55.97
CA HIS C 259 8.76 -23.75 -56.96
C HIS C 259 8.91 -22.90 -58.22
N LYS C 260 8.81 -21.57 -58.12
CA LYS C 260 9.05 -20.65 -59.25
C LYS C 260 8.18 -20.97 -60.47
N LYS C 261 6.92 -21.34 -60.22
CA LYS C 261 5.97 -21.61 -61.27
C LYS C 261 5.01 -20.43 -61.43
N ASP C 262 4.50 -20.27 -62.66
CA ASP C 262 3.51 -19.22 -62.97
C ASP C 262 2.14 -19.88 -62.98
N VAL C 263 1.43 -19.76 -61.85
CA VAL C 263 0.11 -20.35 -61.66
C VAL C 263 -0.95 -19.32 -61.98
N ILE C 264 -2.06 -19.77 -62.57
CA ILE C 264 -3.21 -18.93 -62.87
C ILE C 264 -4.46 -19.65 -62.36
N ILE C 265 -5.28 -18.93 -61.58
CA ILE C 265 -6.53 -19.47 -61.05
C ILE C 265 -7.68 -18.62 -61.60
N LEU C 266 -8.54 -19.24 -62.40
CA LEU C 266 -9.76 -18.63 -62.89
C LEU C 266 -10.90 -19.02 -61.97
N LEU C 267 -11.36 -18.08 -61.15
CA LEU C 267 -12.35 -18.36 -60.11
C LEU C 267 -13.70 -17.79 -60.51
N ASP C 268 -14.74 -18.62 -60.37
CA ASP C 268 -16.10 -18.24 -60.69
C ASP C 268 -17.04 -19.01 -59.77
N SER C 269 -17.61 -18.34 -58.77
CA SER C 269 -17.49 -16.89 -58.59
C SER C 269 -16.85 -16.55 -57.25
N ILE C 270 -16.08 -15.46 -57.22
CA ILE C 270 -15.44 -15.07 -55.97
C ILE C 270 -16.42 -14.35 -55.05
N THR C 271 -17.45 -13.71 -55.62
CA THR C 271 -18.51 -13.16 -54.79
C THR C 271 -19.21 -14.24 -53.98
N ARG C 272 -19.50 -15.37 -54.62
CA ARG C 272 -20.15 -16.47 -53.91
C ARG C 272 -19.20 -17.14 -52.91
N LEU C 273 -17.91 -17.18 -53.22
CA LEU C 273 -16.95 -17.65 -52.23
C LEU C 273 -16.95 -16.74 -51.01
N ALA C 274 -16.99 -15.43 -51.22
CA ALA C 274 -17.08 -14.49 -50.12
C ALA C 274 -18.34 -14.71 -49.31
N ARG C 275 -19.47 -14.96 -49.99
CA ARG C 275 -20.70 -15.31 -49.28
C ARG C 275 -20.51 -16.56 -48.41
N ALA C 276 -19.84 -17.59 -48.94
CA ALA C 276 -19.61 -18.79 -48.14
C ALA C 276 -18.82 -18.47 -46.88
N TYR C 277 -17.73 -17.71 -47.01
CA TYR C 277 -17.00 -17.27 -45.82
C TYR C 277 -17.91 -16.56 -44.83
N ASN C 278 -18.75 -15.64 -45.32
CA ASN C 278 -19.70 -14.97 -44.44
C ASN C 278 -20.66 -15.94 -43.77
N THR C 279 -20.92 -17.08 -44.41
CA THR C 279 -21.80 -18.10 -43.84
C THR C 279 -21.15 -18.86 -42.70
N VAL C 280 -19.86 -19.17 -42.81
CA VAL C 280 -19.20 -19.95 -41.77
C VAL C 280 -18.44 -19.09 -40.76
N VAL C 281 -18.35 -17.78 -40.97
CA VAL C 281 -17.54 -16.93 -40.08
C VAL C 281 -18.21 -16.84 -38.71
N PRO C 282 -17.45 -16.83 -37.61
CA PRO C 282 -18.07 -16.63 -36.29
C PRO C 282 -18.64 -15.22 -36.18
N ALA C 283 -19.88 -15.15 -35.69
CA ALA C 283 -20.52 -13.86 -35.49
C ALA C 283 -19.67 -12.99 -34.56
N SER C 284 -19.47 -11.74 -34.98
CA SER C 284 -18.69 -10.80 -34.21
C SER C 284 -19.54 -9.81 -33.43
N GLY C 285 -20.87 -9.88 -33.55
CA GLY C 285 -21.74 -8.85 -33.02
C GLY C 285 -21.76 -7.55 -33.79
N LYS C 286 -21.06 -7.47 -34.93
CA LYS C 286 -21.01 -6.28 -35.77
C LYS C 286 -21.29 -6.72 -37.18
N VAL C 287 -22.27 -6.12 -37.83
CA VAL C 287 -22.62 -6.52 -39.19
C VAL C 287 -22.61 -5.30 -40.08
N LEU C 288 -21.93 -5.42 -41.22
CA LEU C 288 -21.82 -4.36 -42.19
C LEU C 288 -23.09 -4.25 -43.02
N THR C 289 -23.15 -3.18 -43.81
CA THR C 289 -24.23 -2.96 -44.75
C THR C 289 -24.38 -4.14 -45.71
N GLY C 290 -25.62 -4.63 -45.82
CA GLY C 290 -25.93 -5.76 -46.68
C GLY C 290 -25.93 -7.11 -46.00
N GLY C 291 -25.68 -7.17 -44.69
CA GLY C 291 -25.66 -8.45 -44.01
C GLY C 291 -24.34 -9.19 -44.02
N VAL C 292 -23.22 -8.48 -44.12
CA VAL C 292 -21.89 -9.06 -44.12
C VAL C 292 -21.24 -8.81 -42.76
N ASP C 293 -20.82 -9.88 -42.10
CA ASP C 293 -20.16 -9.75 -40.81
C ASP C 293 -18.92 -8.89 -40.92
N ALA C 294 -18.64 -8.09 -39.88
CA ALA C 294 -17.52 -7.15 -39.92
C ALA C 294 -16.18 -7.86 -40.09
N ASN C 295 -16.09 -9.13 -39.70
CA ASN C 295 -14.86 -9.90 -39.80
C ASN C 295 -14.92 -10.95 -40.89
N ALA C 296 -15.95 -10.91 -41.73
CA ALA C 296 -16.16 -11.99 -42.68
C ALA C 296 -15.25 -11.87 -43.90
N LEU C 297 -14.89 -10.65 -44.30
CA LEU C 297 -14.16 -10.43 -45.54
C LEU C 297 -12.64 -10.53 -45.38
N HIS C 298 -12.14 -10.74 -44.15
CA HIS C 298 -10.70 -10.89 -43.97
C HIS C 298 -10.16 -12.12 -44.68
N ARG C 299 -10.78 -13.29 -44.44
CA ARG C 299 -10.38 -14.51 -45.14
C ARG C 299 -10.50 -14.40 -46.66
N PRO C 300 -11.66 -14.05 -47.24
CA PRO C 300 -11.70 -13.95 -48.71
C PRO C 300 -10.76 -12.90 -49.24
N LYS C 301 -10.52 -11.83 -48.47
CA LYS C 301 -9.54 -10.83 -48.88
C LYS C 301 -8.14 -11.42 -48.94
N ARG C 302 -7.77 -12.26 -47.96
CA ARG C 302 -6.46 -12.91 -48.05
C ARG C 302 -6.41 -13.90 -49.20
N PHE C 303 -7.52 -14.58 -49.49
CA PHE C 303 -7.56 -15.50 -50.63
C PHE C 303 -7.31 -14.77 -51.94
N PHE C 304 -8.08 -13.71 -52.21
CA PHE C 304 -7.86 -12.94 -53.43
C PHE C 304 -6.47 -12.31 -53.42
N GLY C 305 -6.03 -11.75 -52.28
CA GLY C 305 -4.71 -11.15 -52.16
C GLY C 305 -3.55 -12.10 -52.28
N ALA C 306 -3.78 -13.41 -52.22
CA ALA C 306 -2.73 -14.37 -52.52
C ALA C 306 -2.06 -14.07 -53.85
N ALA C 307 -2.86 -13.80 -54.88
CA ALA C 307 -2.32 -13.48 -56.21
C ALA C 307 -1.30 -12.36 -56.12
N ARG C 308 -0.12 -12.59 -56.68
CA ARG C 308 0.96 -11.62 -56.59
C ARG C 308 2.08 -12.03 -57.53
N ASN C 309 2.89 -11.04 -57.90
CA ASN C 309 4.12 -11.27 -58.66
C ASN C 309 5.29 -11.40 -57.71
N VAL C 310 6.13 -12.40 -57.95
CA VAL C 310 7.28 -12.70 -57.10
C VAL C 310 8.54 -12.34 -57.83
N GLU C 311 9.42 -11.59 -57.15
CA GLU C 311 10.72 -11.26 -57.71
C GLU C 311 11.63 -12.47 -57.79
N GLU C 312 11.52 -13.39 -56.82
CA GLU C 312 12.40 -14.54 -56.79
C GLU C 312 12.15 -15.49 -57.97
N GLY C 313 10.91 -15.58 -58.45
CA GLY C 313 10.61 -16.44 -59.56
C GLY C 313 9.19 -16.97 -59.52
N GLY C 314 8.49 -16.93 -60.66
CA GLY C 314 7.12 -17.37 -60.72
C GLY C 314 6.15 -16.29 -60.28
N SER C 315 4.88 -16.68 -60.25
CA SER C 315 3.80 -15.75 -59.92
C SER C 315 2.51 -16.53 -59.68
N LEU C 316 1.56 -15.87 -59.04
CA LEU C 316 0.20 -16.37 -58.86
C LEU C 316 -0.77 -15.32 -59.38
N THR C 317 -1.45 -15.65 -60.47
CA THR C 317 -2.50 -14.82 -61.07
C THR C 317 -3.86 -15.36 -60.64
N ILE C 318 -4.81 -14.46 -60.38
CA ILE C 318 -6.17 -14.84 -60.06
C ILE C 318 -7.12 -13.93 -60.82
N ILE C 319 -7.90 -14.51 -61.73
CA ILE C 319 -8.96 -13.79 -62.42
C ILE C 319 -10.28 -14.37 -61.94
N ALA C 320 -11.01 -13.61 -61.15
CA ALA C 320 -12.25 -14.09 -60.55
C ALA C 320 -13.42 -13.20 -60.98
N THR C 321 -14.60 -13.81 -61.06
CA THR C 321 -15.81 -13.09 -61.41
C THR C 321 -16.50 -12.57 -60.17
N ALA C 322 -17.10 -11.38 -60.29
CA ALA C 322 -17.85 -10.76 -59.20
C ALA C 322 -19.19 -10.27 -59.71
N LEU C 323 -20.15 -10.17 -58.79
CA LEU C 323 -21.52 -9.80 -59.11
C LEU C 323 -21.81 -8.38 -58.62
N ILE C 324 -22.63 -7.65 -59.39
CA ILE C 324 -23.10 -6.33 -59.02
C ILE C 324 -24.54 -6.15 -59.50
N ASP C 325 -25.18 -5.09 -58.99
CA ASP C 325 -26.55 -4.75 -59.36
C ASP C 325 -27.50 -5.92 -59.15
N THR C 326 -27.27 -6.66 -58.08
CA THR C 326 -28.11 -7.78 -57.71
C THR C 326 -29.28 -7.36 -56.82
N GLY C 327 -29.42 -6.07 -56.52
CA GLY C 327 -30.39 -5.64 -55.53
C GLY C 327 -30.00 -5.92 -54.10
N SER C 328 -28.94 -6.69 -53.86
CA SER C 328 -28.47 -7.03 -52.52
C SER C 328 -27.19 -6.23 -52.26
N LYS C 329 -27.24 -5.31 -51.29
CA LYS C 329 -26.10 -4.43 -51.02
C LYS C 329 -24.83 -5.22 -50.67
N MET C 330 -25.00 -6.39 -50.06
CA MET C 330 -23.87 -7.25 -49.71
C MET C 330 -22.91 -7.42 -50.87
N ASP C 331 -23.43 -7.61 -52.10
CA ASP C 331 -22.55 -7.83 -53.23
C ASP C 331 -21.82 -6.56 -53.64
N GLU C 332 -22.44 -5.39 -53.48
CA GLU C 332 -21.71 -4.14 -53.68
C GLU C 332 -20.56 -4.01 -52.69
N VAL C 333 -20.80 -4.36 -51.41
CA VAL C 333 -19.75 -4.32 -50.41
C VAL C 333 -18.60 -5.27 -50.78
N ILE C 334 -18.94 -6.51 -51.13
CA ILE C 334 -17.93 -7.49 -51.49
C ILE C 334 -17.13 -7.01 -52.70
N TYR C 335 -17.83 -6.52 -53.73
CA TYR C 335 -17.15 -6.08 -54.94
C TYR C 335 -16.23 -4.89 -54.66
N GLU C 336 -16.71 -3.90 -53.92
CA GLU C 336 -15.85 -2.75 -53.65
C GLU C 336 -14.68 -3.11 -52.75
N GLU C 337 -14.86 -4.08 -51.84
CA GLU C 337 -13.77 -4.53 -51.00
C GLU C 337 -12.70 -5.24 -51.83
N PHE C 338 -13.12 -6.07 -52.78
CA PHE C 338 -12.17 -6.75 -53.66
C PHE C 338 -11.50 -5.77 -54.62
N LYS C 339 -12.18 -4.69 -55.00
CA LYS C 339 -11.55 -3.71 -55.90
C LYS C 339 -10.37 -3.03 -55.21
N GLY C 340 -10.51 -2.70 -53.92
CA GLY C 340 -9.45 -2.18 -53.09
C GLY C 340 -8.42 -3.18 -52.65
N THR C 341 -8.57 -4.43 -53.07
CA THR C 341 -7.58 -5.48 -52.91
C THR C 341 -6.82 -5.79 -54.18
N GLY C 342 -7.52 -5.84 -55.32
CA GLY C 342 -6.91 -6.20 -56.57
C GLY C 342 -6.40 -5.00 -57.35
N ASN C 343 -6.16 -5.25 -58.65
CA ASN C 343 -5.50 -4.26 -59.50
C ASN C 343 -5.89 -4.39 -60.97
N MET C 344 -7.10 -4.90 -61.25
CA MET C 344 -7.61 -5.08 -62.60
C MET C 344 -9.10 -5.40 -62.56
N GLU C 345 -9.92 -4.68 -63.32
CA GLU C 345 -11.35 -4.98 -63.35
C GLU C 345 -11.82 -4.84 -64.79
N LEU C 346 -12.44 -5.88 -65.31
CA LEU C 346 -13.11 -5.87 -66.60
C LEU C 346 -14.60 -5.88 -66.30
N HIS C 347 -15.26 -4.76 -66.56
CA HIS C 347 -16.69 -4.64 -66.31
C HIS C 347 -17.48 -5.07 -67.53
N LEU C 348 -18.58 -5.77 -67.30
CA LEU C 348 -19.52 -6.14 -68.34
C LEU C 348 -20.87 -5.54 -68.01
N SER C 349 -21.56 -5.03 -69.04
CA SER C 349 -22.78 -4.27 -68.86
C SER C 349 -24.00 -5.09 -69.24
N ARG C 350 -25.01 -5.10 -68.36
CA ARG C 350 -26.28 -5.71 -68.69
C ARG C 350 -26.98 -4.99 -69.83
N LYS C 351 -26.83 -3.67 -69.91
CA LYS C 351 -27.44 -2.90 -70.98
C LYS C 351 -26.90 -3.32 -72.34
N ILE C 352 -25.59 -3.50 -72.45
CA ILE C 352 -25.00 -3.96 -73.70
C ILE C 352 -25.42 -5.40 -73.99
N ALA C 353 -25.47 -6.24 -72.95
CA ALA C 353 -25.79 -7.65 -73.16
C ALA C 353 -27.23 -7.86 -73.59
N GLU C 354 -28.14 -6.99 -73.15
CA GLU C 354 -29.55 -7.12 -73.56
C GLU C 354 -29.74 -6.76 -75.02
N LYS C 355 -28.88 -5.94 -75.60
CA LYS C 355 -28.89 -5.68 -77.04
C LYS C 355 -28.14 -6.75 -77.83
N ARG C 356 -27.70 -7.83 -77.16
CA ARG C 356 -26.98 -8.93 -77.81
C ARG C 356 -25.71 -8.43 -78.50
N VAL C 357 -24.99 -7.54 -77.84
CA VAL C 357 -23.71 -7.02 -78.31
C VAL C 357 -22.63 -7.65 -77.43
N PHE C 358 -21.81 -8.51 -78.02
CA PHE C 358 -20.79 -9.22 -77.26
C PHE C 358 -19.41 -9.04 -77.89
N PRO C 359 -18.35 -8.88 -77.08
CA PRO C 359 -18.43 -8.87 -75.61
C PRO C 359 -19.03 -7.59 -75.05
N ALA C 360 -19.91 -7.74 -74.07
CA ALA C 360 -20.62 -6.60 -73.49
C ALA C 360 -19.73 -5.94 -72.43
N ILE C 361 -18.69 -5.24 -72.91
CA ILE C 361 -17.66 -4.69 -72.04
C ILE C 361 -17.92 -3.21 -71.81
N ASP C 362 -17.98 -2.81 -70.54
CA ASP C 362 -18.03 -1.41 -70.14
C ASP C 362 -16.60 -0.87 -70.17
N TYR C 363 -16.27 -0.15 -71.25
CA TYR C 363 -14.88 0.21 -71.50
C TYR C 363 -14.37 1.19 -70.45
N ASN C 364 -15.14 2.25 -70.19
CA ASN C 364 -14.68 3.31 -69.29
C ASN C 364 -14.40 2.78 -67.89
N ARG C 365 -15.25 1.89 -67.39
CA ARG C 365 -15.10 1.39 -66.02
C ARG C 365 -13.99 0.36 -65.90
N SER C 366 -13.69 -0.37 -66.97
CA SER C 366 -12.63 -1.37 -66.94
C SER C 366 -11.27 -0.68 -66.83
N GLY C 367 -10.24 -1.47 -66.57
CA GLY C 367 -8.90 -0.95 -66.52
C GLY C 367 -7.99 -1.79 -65.64
N THR C 368 -6.70 -1.52 -65.75
CA THR C 368 -5.66 -2.19 -64.99
C THR C 368 -4.73 -1.16 -64.38
N ARG C 369 -4.30 -1.41 -63.14
CA ARG C 369 -3.33 -0.56 -62.48
C ARG C 369 -1.93 -0.82 -63.01
N LYS C 370 -1.13 0.24 -63.09
CA LYS C 370 0.27 0.16 -63.52
C LYS C 370 0.38 -0.58 -64.86
N GLU C 371 -0.55 -0.28 -65.77
CA GLU C 371 -0.56 -0.94 -67.06
C GLU C 371 0.67 -0.61 -67.90
N GLU C 372 1.44 0.41 -67.53
CA GLU C 372 2.69 0.71 -68.22
C GLU C 372 3.73 -0.38 -68.01
N LEU C 373 3.62 -1.17 -66.94
CA LEU C 373 4.52 -2.29 -66.71
C LEU C 373 4.19 -3.50 -67.56
N LEU C 374 3.05 -3.48 -68.26
CA LEU C 374 2.62 -4.61 -69.06
C LEU C 374 2.50 -4.28 -70.55
N THR C 375 2.91 -3.09 -70.98
CA THR C 375 2.73 -2.65 -72.35
C THR C 375 3.99 -1.96 -72.85
N THR C 376 4.20 -2.01 -74.16
CA THR C 376 5.25 -1.21 -74.77
C THR C 376 4.86 0.26 -74.73
N GLN C 377 5.86 1.12 -74.97
CA GLN C 377 5.63 2.56 -74.91
C GLN C 377 4.56 3.00 -75.90
N GLU C 378 4.69 2.59 -77.15
CA GLU C 378 3.72 2.96 -78.16
C GLU C 378 2.39 2.24 -78.00
N GLU C 379 2.40 0.97 -77.56
CA GLU C 379 1.13 0.29 -77.28
C GLU C 379 0.32 1.05 -76.23
N LEU C 380 0.98 1.51 -75.16
CA LEU C 380 0.29 2.31 -74.16
C LEU C 380 -0.20 3.63 -74.73
N GLN C 381 0.62 4.32 -75.55
CA GLN C 381 0.12 5.56 -76.13
C GLN C 381 -1.10 5.34 -77.02
N LYS C 382 -1.13 4.26 -77.79
CA LYS C 382 -2.28 3.96 -78.64
C LYS C 382 -3.52 3.60 -77.82
N MET C 383 -3.37 2.80 -76.76
CA MET C 383 -4.50 2.52 -75.87
C MET C 383 -5.02 3.78 -75.19
N TRP C 384 -4.12 4.68 -74.78
CA TRP C 384 -4.50 5.93 -74.15
C TRP C 384 -5.36 6.78 -75.10
N ILE C 385 -4.88 6.97 -76.33
CA ILE C 385 -5.67 7.70 -77.33
C ILE C 385 -7.02 7.02 -77.54
N LEU C 386 -7.03 5.69 -77.65
CA LEU C 386 -8.28 4.96 -77.88
C LEU C 386 -9.28 5.19 -76.76
N ARG C 387 -8.80 5.24 -75.53
CA ARG C 387 -9.71 5.50 -74.43
C ARG C 387 -10.26 6.92 -74.46
N LYS C 388 -9.40 7.90 -74.78
CA LYS C 388 -9.92 9.26 -74.90
C LYS C 388 -11.02 9.34 -75.96
N ILE C 389 -10.89 8.55 -77.04
CA ILE C 389 -11.92 8.58 -78.07
C ILE C 389 -13.20 7.88 -77.62
N ILE C 390 -13.06 6.75 -76.91
CA ILE C 390 -14.23 5.97 -76.52
C ILE C 390 -15.01 6.58 -75.35
N HIS C 391 -14.32 7.30 -74.45
CA HIS C 391 -14.97 7.84 -73.26
C HIS C 391 -16.26 8.61 -73.53
N PRO C 392 -16.33 9.56 -74.48
CA PRO C 392 -17.59 10.32 -74.63
C PRO C 392 -18.75 9.47 -75.10
N MET C 393 -18.50 8.30 -75.66
CA MET C 393 -19.55 7.45 -76.19
C MET C 393 -20.33 6.78 -75.06
N GLY C 394 -21.56 6.34 -75.37
CA GLY C 394 -22.32 5.53 -74.45
C GLY C 394 -21.75 4.12 -74.37
N GLU C 395 -22.20 3.38 -73.36
CA GLU C 395 -21.74 2.01 -73.17
C GLU C 395 -21.89 1.21 -74.46
N ILE C 396 -23.12 1.15 -74.98
CA ILE C 396 -23.45 0.36 -76.15
C ILE C 396 -22.73 0.90 -77.39
N ASP C 397 -22.83 2.21 -77.62
CA ASP C 397 -22.14 2.83 -78.76
C ASP C 397 -20.66 2.54 -78.74
N ALA C 398 -20.04 2.61 -77.56
CA ALA C 398 -18.62 2.30 -77.43
C ALA C 398 -18.32 0.89 -77.91
N MET C 399 -19.07 -0.12 -77.44
CA MET C 399 -18.73 -1.46 -77.90
C MET C 399 -19.03 -1.67 -79.38
N GLU C 400 -20.17 -1.17 -79.87
CA GLU C 400 -20.46 -1.36 -81.29
C GLU C 400 -19.36 -0.76 -82.15
N PHE C 401 -18.93 0.47 -81.82
CA PHE C 401 -17.86 1.13 -82.54
C PHE C 401 -16.56 0.32 -82.50
N LEU C 402 -16.12 -0.08 -81.30
CA LEU C 402 -14.84 -0.77 -81.18
C LEU C 402 -14.85 -2.14 -81.87
N ILE C 403 -15.94 -2.90 -81.74
CA ILE C 403 -16.00 -4.22 -82.36
C ILE C 403 -16.05 -4.10 -83.87
N ASN C 404 -16.82 -3.15 -84.41
CA ASN C 404 -16.80 -2.97 -85.87
C ASN C 404 -15.42 -2.58 -86.37
N LYS C 405 -14.69 -1.73 -85.62
CA LYS C 405 -13.35 -1.36 -86.08
C LYS C 405 -12.38 -2.53 -85.98
N LEU C 406 -12.45 -3.31 -84.90
CA LEU C 406 -11.52 -4.43 -84.74
C LEU C 406 -11.81 -5.56 -85.71
N ALA C 407 -13.09 -5.81 -86.01
CA ALA C 407 -13.46 -6.87 -86.95
C ALA C 407 -12.87 -6.64 -88.34
N MET C 408 -12.45 -5.42 -88.67
CA MET C 408 -11.83 -5.14 -89.95
C MET C 408 -10.45 -5.78 -90.08
N THR C 409 -9.77 -6.06 -88.99
CA THR C 409 -8.41 -6.59 -89.02
C THR C 409 -8.32 -7.86 -88.18
N LYS C 410 -7.23 -8.59 -88.38
CA LYS C 410 -7.02 -9.83 -87.64
C LYS C 410 -6.44 -9.58 -86.25
N THR C 411 -5.48 -8.66 -86.16
CA THR C 411 -4.78 -8.40 -84.92
C THR C 411 -4.92 -6.94 -84.50
N ASN C 412 -4.71 -6.70 -83.20
CA ASN C 412 -4.70 -5.34 -82.67
C ASN C 412 -3.56 -4.50 -83.25
N ASP C 413 -2.43 -5.13 -83.59
CA ASP C 413 -1.31 -4.40 -84.17
C ASP C 413 -1.71 -3.78 -85.52
N ASP C 414 -2.33 -4.56 -86.40
CA ASP C 414 -2.84 -4.02 -87.66
C ASP C 414 -3.90 -2.94 -87.43
N PHE C 415 -4.75 -3.12 -86.42
CA PHE C 415 -5.73 -2.10 -86.06
C PHE C 415 -5.05 -0.78 -85.67
N PHE C 416 -4.01 -0.86 -84.84
CA PHE C 416 -3.21 0.31 -84.50
C PHE C 416 -2.60 0.96 -85.72
N GLU C 417 -2.04 0.16 -86.63
CA GLU C 417 -1.50 0.71 -87.87
C GLU C 417 -2.58 1.40 -88.69
N MET C 418 -3.83 0.90 -88.64
CA MET C 418 -4.94 1.60 -89.26
C MET C 418 -5.22 2.94 -88.58
N MET C 419 -5.08 3.02 -87.25
CA MET C 419 -5.35 4.29 -86.56
C MET C 419 -4.50 5.44 -87.10
N LYS C 420 -3.28 5.16 -87.56
CA LYS C 420 -2.40 6.19 -88.10
C LYS C 420 -2.94 6.72 -89.44
N MET D 4 67.63 -53.88 28.07
CA MET D 4 66.51 -54.24 28.93
C MET D 4 66.16 -53.07 29.86
N ASN D 5 65.21 -52.24 29.44
CA ASN D 5 64.87 -51.03 30.16
C ASN D 5 63.39 -51.03 30.51
N LEU D 6 63.06 -50.47 31.68
CA LEU D 6 61.68 -50.52 32.16
C LEU D 6 60.76 -49.67 31.27
N THR D 7 61.10 -48.39 31.09
CA THR D 7 60.23 -47.53 30.29
C THR D 7 60.17 -48.00 28.83
N GLU D 8 61.24 -48.59 28.32
CA GLU D 8 61.19 -49.15 26.98
C GLU D 8 60.19 -50.30 26.90
N LEU D 9 60.10 -51.11 27.96
CA LEU D 9 59.09 -52.16 28.01
C LEU D 9 57.68 -51.57 28.17
N LYS D 10 57.55 -50.47 28.93
CA LYS D 10 56.25 -49.82 29.06
C LYS D 10 55.78 -49.23 27.74
N ASN D 11 56.72 -48.80 26.90
CA ASN D 11 56.36 -48.21 25.60
C ASN D 11 55.92 -49.27 24.59
N THR D 12 56.59 -50.42 24.57
CA THR D 12 56.30 -51.42 23.56
C THR D 12 54.87 -51.95 23.73
N PRO D 13 54.17 -52.28 22.65
CA PRO D 13 52.81 -52.79 22.77
C PRO D 13 52.77 -54.12 23.51
N VAL D 14 51.57 -54.47 24.00
CA VAL D 14 51.42 -55.70 24.77
C VAL D 14 51.69 -56.93 23.92
N SER D 15 51.38 -56.88 22.63
CA SER D 15 51.57 -58.04 21.77
C SER D 15 53.04 -58.45 21.74
N GLU D 16 53.93 -57.49 21.45
CA GLU D 16 55.36 -57.75 21.43
C GLU D 16 55.86 -58.18 22.80
N LEU D 17 55.30 -57.63 23.88
CA LEU D 17 55.70 -58.04 25.23
C LEU D 17 55.33 -59.49 25.51
N ILE D 18 54.12 -59.92 25.15
CA ILE D 18 53.71 -61.29 25.37
C ILE D 18 54.57 -62.25 24.56
N THR D 19 54.82 -61.93 23.28
CA THR D 19 55.70 -62.78 22.49
C THR D 19 57.10 -62.85 23.11
N LEU D 20 57.66 -61.70 23.48
CA LEU D 20 58.98 -61.67 24.10
C LEU D 20 59.02 -62.46 25.40
N GLY D 21 57.95 -62.44 26.18
CA GLY D 21 57.95 -63.15 27.45
C GLY D 21 57.80 -64.65 27.28
N GLU D 22 56.99 -65.05 26.30
CA GLU D 22 56.89 -66.48 25.99
C GLU D 22 58.21 -67.02 25.46
N ASN D 23 59.00 -66.20 24.77
CA ASN D 23 60.31 -66.66 24.32
C ASN D 23 61.22 -66.99 25.51
N MET D 24 61.11 -66.23 26.60
CA MET D 24 61.90 -66.48 27.80
C MET D 24 61.40 -67.74 28.51
N ARG D 33 47.44 -58.61 33.48
CA ARG D 33 47.54 -57.23 33.01
C ARG D 33 48.92 -56.94 32.45
N LYS D 34 49.02 -55.93 31.57
CA LYS D 34 50.28 -55.59 30.94
C LYS D 34 51.37 -55.30 31.98
N GLN D 35 51.02 -54.53 33.02
CA GLN D 35 51.98 -54.24 34.09
C GLN D 35 52.60 -55.53 34.63
N ASP D 36 51.80 -56.58 34.78
CA ASP D 36 52.32 -57.86 35.26
C ASP D 36 53.23 -58.52 34.24
N ILE D 37 52.89 -58.44 32.95
CA ILE D 37 53.79 -58.98 31.92
C ILE D 37 55.17 -58.34 32.07
N ILE D 38 55.22 -57.02 32.19
CA ILE D 38 56.50 -56.34 32.33
C ILE D 38 57.21 -56.79 33.59
N PHE D 39 56.48 -56.86 34.72
CA PHE D 39 57.12 -57.25 35.97
C PHE D 39 57.73 -58.66 35.90
N ALA D 40 56.97 -59.62 35.37
CA ALA D 40 57.46 -60.99 35.28
C ALA D 40 58.65 -61.09 34.32
N ILE D 41 58.59 -60.36 33.20
CA ILE D 41 59.70 -60.36 32.26
C ILE D 41 60.97 -59.80 32.90
N LEU D 42 60.85 -58.68 33.61
CA LEU D 42 61.99 -58.09 34.31
C LEU D 42 62.58 -59.05 35.34
N LYS D 43 61.72 -59.69 36.15
CA LYS D 43 62.22 -60.65 37.13
C LYS D 43 62.98 -61.80 36.46
N GLN D 44 62.38 -62.38 35.40
CA GLN D 44 63.05 -63.48 34.72
C GLN D 44 64.41 -63.07 34.18
N HIS D 45 64.51 -61.86 33.60
CA HIS D 45 65.81 -61.38 33.15
C HIS D 45 66.77 -61.20 34.33
N ALA D 46 66.29 -60.77 35.50
CA ALA D 46 67.15 -60.67 36.67
C ALA D 46 67.67 -62.04 37.12
N LYS D 47 66.84 -63.09 37.00
CA LYS D 47 67.28 -64.43 37.37
C LYS D 47 68.50 -64.86 36.55
N SER D 48 68.53 -64.50 35.26
CA SER D 48 69.65 -64.86 34.41
C SER D 48 70.97 -64.23 34.85
N GLY D 49 70.93 -63.26 35.77
CA GLY D 49 72.10 -62.49 36.12
C GLY D 49 72.35 -61.28 35.25
N GLU D 50 71.65 -61.17 34.12
CA GLU D 50 71.77 -59.99 33.27
C GLU D 50 71.22 -58.75 33.96
N ASP D 51 71.72 -57.59 33.54
CA ASP D 51 71.37 -56.33 34.18
C ASP D 51 70.00 -55.85 33.71
N ILE D 52 69.37 -55.03 34.56
CA ILE D 52 68.10 -54.37 34.29
C ILE D 52 68.32 -52.87 34.40
N PHE D 53 67.55 -52.09 33.64
CA PHE D 53 67.72 -50.65 33.61
C PHE D 53 66.38 -49.94 33.73
N GLY D 54 66.43 -48.74 34.31
CA GLY D 54 65.27 -47.88 34.45
C GLY D 54 65.69 -46.43 34.47
N ASP D 55 64.68 -45.54 34.51
CA ASP D 55 64.93 -44.11 34.43
C ASP D 55 63.67 -43.34 34.79
N GLY D 56 63.88 -42.05 35.07
CA GLY D 56 62.79 -41.13 35.36
C GLY D 56 63.30 -39.88 36.04
N VAL D 57 62.37 -38.95 36.27
CA VAL D 57 62.74 -37.68 36.91
C VAL D 57 62.61 -37.81 38.41
N LEU D 58 63.62 -37.32 39.13
CA LEU D 58 63.69 -37.50 40.57
C LEU D 58 62.72 -36.58 41.29
N GLU D 59 62.09 -37.11 42.34
CA GLU D 59 61.30 -36.33 43.28
C GLU D 59 61.69 -36.78 44.67
N ILE D 60 62.26 -35.86 45.46
CA ILE D 60 62.76 -36.16 46.79
C ILE D 60 61.64 -35.90 47.79
N LEU D 61 61.33 -36.91 48.59
CA LEU D 61 60.31 -36.79 49.61
C LEU D 61 60.88 -36.12 50.86
N GLN D 62 59.99 -35.86 51.82
CA GLN D 62 60.39 -35.12 53.01
C GLN D 62 61.34 -35.94 53.89
N ASP D 63 61.25 -37.27 53.82
CA ASP D 63 62.07 -38.11 54.67
C ASP D 63 63.53 -38.19 54.24
N GLY D 64 63.88 -37.71 53.05
CA GLY D 64 65.24 -37.75 52.57
C GLY D 64 65.49 -38.72 51.43
N PHE D 65 64.59 -39.65 51.17
CA PHE D 65 64.67 -40.54 50.01
C PHE D 65 63.75 -40.03 48.92
N GLY D 66 63.92 -40.58 47.71
CA GLY D 66 63.16 -40.10 46.57
C GLY D 66 62.71 -41.23 45.65
N PHE D 67 61.95 -40.84 44.63
CA PHE D 67 61.54 -41.77 43.59
C PHE D 67 61.75 -41.16 42.23
N LEU D 68 61.86 -42.02 41.23
CA LEU D 68 61.98 -41.60 39.84
C LEU D 68 60.61 -41.70 39.18
N ARG D 69 59.88 -40.59 39.18
CA ARG D 69 58.60 -40.51 38.51
C ARG D 69 58.76 -40.66 37.00
N SER D 70 57.68 -41.06 36.34
CA SER D 70 57.69 -41.34 34.91
C SER D 70 56.74 -40.40 34.17
N ALA D 71 57.07 -40.14 32.91
CA ALA D 71 56.31 -39.19 32.10
C ALA D 71 54.90 -39.69 31.81
N ASP D 72 54.72 -41.02 31.71
CA ASP D 72 53.39 -41.57 31.48
C ASP D 72 52.44 -41.38 32.65
N SER D 73 52.95 -40.99 33.81
CA SER D 73 52.13 -40.61 34.96
C SER D 73 52.15 -39.11 35.20
N SER D 74 52.58 -38.32 34.21
CA SER D 74 52.74 -36.87 34.33
C SER D 74 53.67 -36.50 35.47
N TYR D 75 54.64 -37.36 35.75
CA TYR D 75 55.62 -37.21 36.82
C TYR D 75 54.97 -37.24 38.20
N LEU D 76 53.81 -37.86 38.32
CA LEU D 76 53.18 -38.14 39.60
C LEU D 76 53.52 -39.54 40.06
N ALA D 77 53.06 -39.88 41.25
CA ALA D 77 53.34 -41.19 41.84
C ALA D 77 52.89 -42.30 40.89
N GLY D 78 53.77 -43.27 40.65
CA GLY D 78 53.47 -44.35 39.75
C GLY D 78 53.85 -45.70 40.31
N PRO D 79 53.23 -46.76 39.77
CA PRO D 79 53.53 -48.11 40.28
C PRO D 79 54.95 -48.56 39.97
N ASP D 80 55.53 -48.10 38.86
CA ASP D 80 56.87 -48.51 38.47
C ASP D 80 57.93 -47.51 38.88
N ASP D 81 57.67 -46.72 39.92
CA ASP D 81 58.63 -45.72 40.36
C ASP D 81 59.84 -46.39 40.99
N ILE D 82 61.01 -45.79 40.77
CA ILE D 82 62.28 -46.37 41.20
C ILE D 82 62.74 -45.64 42.45
N TYR D 83 62.94 -46.39 43.53
CA TYR D 83 63.40 -45.81 44.79
C TYR D 83 64.87 -45.39 44.68
N VAL D 84 65.15 -44.17 45.14
CA VAL D 84 66.51 -43.62 45.20
C VAL D 84 66.82 -43.36 46.67
N SER D 85 67.84 -44.07 47.17
CA SER D 85 68.21 -44.00 48.57
C SER D 85 68.80 -42.63 48.90
N PRO D 86 68.66 -42.18 50.15
CA PRO D 86 69.29 -40.92 50.55
C PRO D 86 70.79 -40.87 50.26
N SER D 87 71.51 -41.96 50.51
CA SER D 87 72.95 -42.00 50.27
C SER D 87 73.29 -41.69 48.82
N GLN D 88 72.48 -42.20 47.88
CA GLN D 88 72.67 -41.89 46.48
C GLN D 88 72.44 -40.40 46.19
N ILE D 89 71.44 -39.80 46.84
CA ILE D 89 71.15 -38.38 46.63
C ILE D 89 72.29 -37.51 47.15
N ARG D 90 72.83 -37.84 48.32
CA ARG D 90 73.95 -37.07 48.88
C ARG D 90 75.22 -37.26 48.05
N ARG D 91 75.46 -38.47 47.54
CA ARG D 91 76.69 -38.74 46.80
C ARG D 91 76.84 -37.81 45.61
N PHE D 92 75.77 -37.62 44.83
CA PHE D 92 75.82 -36.83 43.61
C PHE D 92 75.07 -35.50 43.72
N ASN D 93 74.70 -35.11 44.94
CA ASN D 93 74.00 -33.84 45.18
C ASN D 93 72.74 -33.73 44.31
N LEU D 94 71.99 -34.81 44.25
CA LEU D 94 70.78 -34.85 43.45
C LEU D 94 69.71 -33.97 44.08
N ARG D 95 68.86 -33.40 43.23
CA ARG D 95 67.73 -32.60 43.68
C ARG D 95 66.54 -32.86 42.76
N THR D 96 65.34 -32.59 43.30
CA THR D 96 64.11 -32.81 42.56
C THR D 96 64.18 -32.18 41.18
N GLY D 97 63.80 -32.96 40.16
CA GLY D 97 63.86 -32.55 38.78
C GLY D 97 64.94 -33.24 37.98
N ASP D 98 65.96 -33.79 38.65
CA ASP D 98 67.09 -34.42 37.97
C ASP D 98 66.64 -35.67 37.22
N THR D 99 66.78 -35.67 35.91
CA THR D 99 66.55 -36.88 35.12
C THR D 99 67.63 -37.89 35.47
N ILE D 100 67.23 -39.11 35.82
CA ILE D 100 68.16 -40.14 36.27
C ILE D 100 67.96 -41.40 35.44
N SER D 101 69.08 -42.00 35.01
CA SER D 101 69.09 -43.30 34.36
C SER D 101 70.10 -44.22 35.04
N GLY D 102 69.69 -45.46 35.30
CA GLY D 102 70.61 -46.39 35.95
C GLY D 102 70.08 -47.80 36.03
N LYS D 103 70.95 -48.67 36.52
CA LYS D 103 70.61 -50.08 36.73
C LYS D 103 69.66 -50.22 37.91
N ILE D 104 68.71 -51.14 37.79
CA ILE D 104 67.67 -51.33 38.80
C ILE D 104 67.48 -52.81 39.08
N ARG D 105 66.83 -53.11 40.21
CA ARG D 105 66.51 -54.46 40.64
C ARG D 105 65.06 -54.55 41.08
N PRO D 106 64.42 -55.69 40.84
CA PRO D 106 63.04 -55.86 41.30
C PRO D 106 62.98 -55.78 42.80
N PRO D 107 61.81 -55.46 43.36
CA PRO D 107 61.69 -55.35 44.82
C PRO D 107 61.85 -56.71 45.49
N LYS D 108 62.58 -56.72 46.61
CA LYS D 108 62.74 -57.92 47.41
C LYS D 108 61.48 -58.17 48.24
N GLU D 109 61.54 -59.22 49.07
CA GLU D 109 60.43 -59.55 49.95
C GLU D 109 60.25 -58.46 51.00
N GLY D 110 59.02 -57.96 51.14
CA GLY D 110 58.75 -56.83 52.00
C GLY D 110 58.97 -55.49 51.36
N GLU D 111 59.20 -55.44 50.05
CA GLU D 111 59.39 -54.20 49.31
C GLU D 111 58.34 -54.08 48.23
N ARG D 112 58.07 -52.85 47.81
CA ARG D 112 57.02 -52.58 46.84
C ARG D 112 57.51 -51.84 45.61
N TYR D 113 58.80 -51.56 45.49
CA TYR D 113 59.30 -50.69 44.43
C TYR D 113 60.61 -51.23 43.88
N PHE D 114 60.85 -50.94 42.61
CA PHE D 114 62.16 -51.14 42.01
C PHE D 114 63.17 -50.19 42.64
N ALA D 115 64.35 -50.72 42.95
CA ALA D 115 65.42 -49.96 43.58
C ALA D 115 66.52 -49.65 42.58
N LEU D 116 67.24 -48.56 42.84
CA LEU D 116 68.31 -48.10 41.98
C LEU D 116 69.64 -48.61 42.52
N LEU D 117 70.34 -49.40 41.72
CA LEU D 117 71.63 -49.93 42.12
C LEU D 117 72.74 -48.91 41.88
N LYS D 118 72.88 -48.47 40.64
CA LYS D 118 73.93 -47.55 40.25
C LYS D 118 73.36 -46.56 39.25
N VAL D 119 73.75 -45.30 39.39
CA VAL D 119 73.23 -44.24 38.52
C VAL D 119 74.25 -44.02 37.39
N ASN D 120 73.83 -44.33 36.17
CA ASN D 120 74.72 -44.16 35.02
C ASN D 120 74.72 -42.73 34.53
N GLU D 121 73.55 -42.10 34.45
CA GLU D 121 73.44 -40.80 33.82
C GLU D 121 72.58 -39.87 34.67
N VAL D 122 73.09 -38.67 34.93
CA VAL D 122 72.38 -37.61 35.65
C VAL D 122 72.27 -36.42 34.70
N ASN D 123 71.05 -36.16 34.23
CA ASN D 123 70.80 -35.08 33.28
C ASN D 123 71.60 -35.26 32.00
N PHE D 124 71.55 -36.48 31.46
CA PHE D 124 72.19 -36.79 30.18
C PHE D 124 73.68 -36.47 30.23
N ASP D 125 74.31 -36.72 31.37
CA ASP D 125 75.70 -36.37 31.56
C ASP D 125 76.30 -37.28 32.63
N LYS D 126 77.62 -37.18 32.79
CA LYS D 126 78.33 -38.02 33.75
C LYS D 126 77.92 -37.64 35.17
N PRO D 127 77.65 -38.62 36.04
CA PRO D 127 77.19 -38.31 37.41
C PRO D 127 78.18 -37.46 38.21
N GLU D 128 79.48 -37.64 38.00
CA GLU D 128 80.48 -36.86 38.73
C GLU D 128 80.30 -35.37 38.48
N ASN D 129 80.03 -34.99 37.22
CA ASN D 129 79.86 -33.58 36.87
C ASN D 129 78.68 -32.95 37.58
N ALA D 130 77.68 -33.73 38.01
CA ALA D 130 76.55 -33.16 38.74
C ALA D 130 76.93 -32.76 40.17
N ARG D 131 77.91 -33.45 40.76
CA ARG D 131 78.53 -33.00 42.02
C ARG D 131 79.11 -31.58 41.83
N ASN D 132 79.87 -31.32 40.78
CA ASN D 132 80.45 -30.01 40.59
C ASN D 132 79.65 -29.23 39.54
N LYS D 133 78.88 -28.26 40.00
CA LYS D 133 78.11 -27.43 39.09
C LYS D 133 77.68 -26.18 39.84
N ILE D 134 77.36 -25.10 39.11
CA ILE D 134 76.83 -23.87 39.72
C ILE D 134 75.32 -23.97 39.77
N LEU D 135 74.75 -23.77 40.95
CA LEU D 135 73.32 -23.94 41.14
C LEU D 135 72.53 -22.84 40.41
N PHE D 136 71.26 -23.15 40.13
CA PHE D 136 70.40 -22.21 39.43
C PHE D 136 70.23 -20.91 40.21
N GLU D 137 70.17 -21.01 41.54
CA GLU D 137 70.01 -19.81 42.37
C GLU D 137 71.21 -18.88 42.28
N ASN D 138 72.36 -19.39 41.86
CA ASN D 138 73.59 -18.62 41.83
C ASN D 138 73.99 -18.16 40.44
N LEU D 139 73.27 -18.59 39.41
CA LEU D 139 73.54 -18.14 38.05
C LEU D 139 73.25 -16.66 37.93
N THR D 140 74.14 -15.94 37.23
CA THR D 140 74.01 -14.49 37.12
C THR D 140 72.96 -14.15 36.08
N PRO D 141 71.89 -13.46 36.45
CA PRO D 141 70.82 -13.19 35.48
C PRO D 141 71.21 -12.11 34.49
N LEU D 142 70.53 -12.11 33.35
CA LEU D 142 70.74 -11.10 32.31
C LEU D 142 69.45 -10.92 31.52
N HIS D 143 69.35 -9.79 30.84
CA HIS D 143 68.33 -9.62 29.83
C HIS D 143 68.65 -10.50 28.63
N ALA D 144 67.60 -10.89 27.89
CA ALA D 144 67.76 -11.79 26.76
C ALA D 144 68.69 -11.19 25.72
N ASN D 145 69.69 -11.97 25.31
CA ASN D 145 70.66 -11.59 24.29
C ASN D 145 70.34 -12.21 22.94
N SER D 146 70.25 -13.53 22.88
CA SER D 146 70.13 -14.24 21.62
C SER D 146 68.67 -14.26 21.19
N ARG D 147 68.42 -13.74 19.99
CA ARG D 147 67.07 -13.67 19.46
C ARG D 147 66.58 -15.07 19.08
N LEU D 148 65.33 -15.37 19.42
CA LEU D 148 64.64 -16.60 19.02
C LEU D 148 63.62 -16.19 17.97
N ARG D 149 64.05 -16.17 16.70
CA ARG D 149 63.18 -15.71 15.63
C ARG D 149 62.12 -16.78 15.33
N MET D 150 60.86 -16.37 15.30
CA MET D 150 59.77 -17.30 15.07
C MET D 150 59.42 -17.48 13.61
N GLU D 151 59.82 -16.55 12.74
CA GLU D 151 59.36 -16.56 11.36
C GLU D 151 59.92 -17.74 10.58
N ARG D 152 59.02 -18.60 10.09
CA ARG D 152 59.43 -19.72 9.25
C ARG D 152 60.12 -19.22 7.97
N GLY D 153 59.49 -18.26 7.29
CA GLY D 153 59.93 -17.84 5.98
C GLY D 153 59.40 -18.67 4.83
N ASN D 154 58.67 -19.77 5.11
CA ASN D 154 58.14 -20.66 4.08
C ASN D 154 56.93 -20.08 3.34
N GLY D 155 56.65 -18.78 3.49
CA GLY D 155 55.47 -18.20 2.89
C GLY D 155 54.17 -18.82 3.32
N SER D 156 54.15 -19.48 4.48
CA SER D 156 52.95 -20.16 4.96
C SER D 156 51.93 -19.15 5.47
N THR D 157 50.65 -19.53 5.37
CA THR D 157 49.60 -18.69 5.92
C THR D 157 49.59 -18.72 7.44
N GLU D 158 49.98 -19.85 8.04
CA GLU D 158 50.19 -19.87 9.48
C GLU D 158 51.35 -18.95 9.88
N ASP D 159 52.38 -18.88 9.03
CA ASP D 159 53.55 -18.08 9.32
C ASP D 159 53.22 -16.63 9.60
N LEU D 160 52.09 -16.13 9.07
CA LEU D 160 51.66 -14.78 9.42
C LEU D 160 51.74 -14.54 10.92
N THR D 161 51.16 -15.43 11.73
CA THR D 161 51.22 -15.24 13.18
C THR D 161 52.65 -15.08 13.65
N ALA D 162 53.56 -15.93 13.17
CA ALA D 162 54.94 -15.79 13.60
C ALA D 162 55.49 -14.43 13.16
N ARG D 163 55.22 -14.03 11.92
CA ARG D 163 55.85 -12.81 11.42
C ARG D 163 55.42 -11.60 12.23
N VAL D 164 54.10 -11.40 12.36
CA VAL D 164 53.61 -10.33 13.22
C VAL D 164 54.25 -10.41 14.60
N LEU D 165 54.34 -11.61 15.18
CA LEU D 165 54.97 -11.69 16.51
C LEU D 165 56.35 -11.06 16.48
N ASP D 166 57.19 -11.46 15.52
CA ASP D 166 58.55 -10.93 15.46
C ASP D 166 58.54 -9.41 15.40
N LEU D 167 57.54 -8.83 14.76
CA LEU D 167 57.54 -7.38 14.63
C LEU D 167 56.98 -6.72 15.88
N ALA D 168 56.05 -7.37 16.55
CA ALA D 168 55.35 -6.68 17.63
C ALA D 168 56.05 -6.89 18.97
N SER D 169 56.55 -8.09 19.21
CA SER D 169 57.14 -8.44 20.50
C SER D 169 58.15 -9.54 20.29
N PRO D 170 59.40 -9.20 19.95
CA PRO D 170 60.42 -10.24 19.74
C PRO D 170 60.63 -11.08 20.98
N ILE D 171 61.13 -12.30 20.77
CA ILE D 171 61.36 -13.26 21.85
C ILE D 171 62.81 -13.69 21.81
N GLY D 172 63.52 -13.52 22.93
CA GLY D 172 64.88 -13.99 23.10
C GLY D 172 64.98 -15.14 24.11
N ARG D 173 66.19 -15.69 24.20
CA ARG D 173 66.45 -16.80 25.11
C ARG D 173 66.48 -16.31 26.55
N GLY D 174 65.63 -16.89 27.40
CA GLY D 174 65.43 -16.41 28.74
C GLY D 174 64.28 -15.44 28.90
N GLN D 175 63.48 -15.24 27.85
CA GLN D 175 62.36 -14.31 27.93
C GLN D 175 61.32 -14.79 28.94
N ARG D 176 60.55 -13.83 29.47
CA ARG D 176 59.53 -14.07 30.48
C ARG D 176 58.25 -13.39 29.98
N GLY D 177 57.57 -14.06 29.06
CA GLY D 177 56.52 -13.46 28.28
C GLY D 177 55.13 -14.00 28.58
N LEU D 178 54.14 -13.27 28.06
CA LEU D 178 52.73 -13.54 28.29
C LEU D 178 51.96 -13.34 27.00
N ILE D 179 51.12 -14.31 26.65
CA ILE D 179 50.13 -14.15 25.58
C ILE D 179 48.84 -13.78 26.29
N VAL D 180 48.54 -12.48 26.39
CA VAL D 180 47.42 -12.00 27.18
C VAL D 180 46.22 -11.76 26.28
N ALA D 181 45.06 -12.30 26.68
CA ALA D 181 43.84 -12.11 25.91
C ALA D 181 42.61 -12.68 26.60
N PRO D 182 41.42 -12.21 26.24
CA PRO D 182 40.18 -12.80 26.77
C PRO D 182 39.96 -14.19 26.22
N PRO D 183 39.05 -14.97 26.80
CA PRO D 183 38.76 -16.30 26.25
C PRO D 183 38.33 -16.22 24.79
N LYS D 184 38.85 -17.15 23.99
CA LYS D 184 38.53 -17.35 22.58
C LYS D 184 39.15 -16.28 21.68
N ALA D 185 40.24 -15.64 22.13
CA ALA D 185 40.92 -14.65 21.31
C ALA D 185 42.04 -15.23 20.46
N GLY D 186 42.58 -16.40 20.83
CA GLY D 186 43.56 -17.05 19.99
C GLY D 186 44.84 -17.38 20.71
N LYS D 187 44.79 -17.39 22.04
CA LYS D 187 46.01 -17.57 22.83
C LYS D 187 46.63 -18.94 22.60
N THR D 188 45.81 -19.99 22.75
CA THR D 188 46.31 -21.36 22.66
C THR D 188 46.89 -21.65 21.28
N MET D 189 46.14 -21.36 20.22
CA MET D 189 46.64 -21.59 18.87
C MET D 189 47.85 -20.74 18.55
N LEU D 190 47.97 -19.55 19.15
CA LEU D 190 49.19 -18.77 19.00
C LEU D 190 50.36 -19.44 19.70
N LEU D 191 50.13 -20.05 20.86
CA LEU D 191 51.17 -20.82 21.53
C LEU D 191 51.57 -22.05 20.71
N GLN D 192 50.59 -22.70 20.05
CA GLN D 192 50.89 -23.82 19.15
C GLN D 192 51.72 -23.37 17.96
N ASN D 193 51.36 -22.22 17.37
CA ASN D 193 52.16 -21.63 16.30
C ASN D 193 53.59 -21.38 16.76
N ILE D 194 53.74 -20.84 17.97
CA ILE D 194 55.07 -20.65 18.55
C ILE D 194 55.80 -21.99 18.67
N ALA D 195 55.11 -23.01 19.15
CA ALA D 195 55.74 -24.32 19.35
C ALA D 195 56.26 -24.88 18.03
N GLN D 196 55.45 -24.78 16.97
CA GLN D 196 55.93 -25.21 15.65
C GLN D 196 57.16 -24.41 15.22
N SER D 197 57.12 -23.08 15.39
CA SER D 197 58.26 -22.26 14.99
C SER D 197 59.51 -22.66 15.77
N ILE D 198 59.35 -23.02 17.05
CA ILE D 198 60.50 -23.42 17.87
C ILE D 198 61.05 -24.76 17.38
N ALA D 199 60.17 -25.71 17.07
CA ALA D 199 60.65 -27.01 16.62
C ALA D 199 61.40 -26.90 15.29
N TYR D 200 60.97 -25.99 14.41
CA TYR D 200 61.64 -25.90 13.12
C TYR D 200 62.90 -25.02 13.17
N ASN D 201 62.79 -23.82 13.76
CA ASN D 201 63.89 -22.86 13.72
C ASN D 201 64.90 -23.10 14.83
N HIS D 202 64.49 -23.71 15.94
CA HIS D 202 65.37 -23.89 17.09
C HIS D 202 65.26 -25.32 17.62
N PRO D 203 65.63 -26.31 16.80
CA PRO D 203 65.63 -27.70 17.30
C PRO D 203 66.63 -27.93 18.41
N ASP D 204 67.60 -27.02 18.58
CA ASP D 204 68.58 -27.15 19.64
C ASP D 204 67.96 -26.94 21.02
N CYS D 205 66.92 -26.11 21.11
CA CYS D 205 66.31 -25.80 22.39
C CYS D 205 65.51 -27.00 22.91
N VAL D 206 65.48 -27.15 24.24
CA VAL D 206 64.71 -28.20 24.92
C VAL D 206 63.29 -27.67 25.12
N LEU D 207 62.34 -28.15 24.31
CA LEU D 207 60.98 -27.63 24.32
C LEU D 207 60.08 -28.47 25.24
N MET D 208 59.43 -27.80 26.18
CA MET D 208 58.45 -28.41 27.08
C MET D 208 57.16 -27.60 27.04
N VAL D 209 56.01 -28.28 26.99
CA VAL D 209 54.70 -27.65 26.91
C VAL D 209 53.90 -28.06 28.14
N LEU D 210 53.70 -27.12 29.06
CA LEU D 210 52.97 -27.36 30.29
C LEU D 210 51.55 -26.83 30.13
N LEU D 211 50.56 -27.71 30.26
CA LEU D 211 49.15 -27.38 30.10
C LEU D 211 48.45 -27.54 31.45
N ILE D 212 47.96 -26.42 31.99
CA ILE D 212 47.37 -26.39 33.33
C ILE D 212 45.93 -25.93 33.23
N ASP D 213 45.00 -26.78 33.66
CA ASP D 213 43.60 -26.43 33.88
C ASP D 213 42.91 -26.01 32.58
N GLU D 214 43.30 -26.63 31.47
CA GLU D 214 42.75 -26.30 30.17
C GLU D 214 42.10 -27.54 29.55
N ARG D 215 41.61 -27.37 28.33
CA ARG D 215 40.75 -28.36 27.70
C ARG D 215 41.51 -29.65 27.43
N PRO D 216 40.87 -30.81 27.60
CA PRO D 216 41.60 -32.07 27.40
C PRO D 216 41.94 -32.35 25.94
N GLU D 217 41.06 -31.96 25.01
CA GLU D 217 41.36 -32.19 23.61
C GLU D 217 42.59 -31.42 23.14
N GLU D 218 42.88 -30.28 23.77
CA GLU D 218 44.09 -29.52 23.45
C GLU D 218 45.35 -30.27 23.88
N VAL D 219 45.26 -31.10 24.92
CA VAL D 219 46.40 -31.91 25.34
C VAL D 219 46.81 -32.86 24.22
N THR D 220 45.87 -33.65 23.73
CA THR D 220 46.18 -34.58 22.67
C THR D 220 46.52 -33.83 21.37
N GLU D 221 45.82 -32.73 21.09
CA GLU D 221 46.19 -31.92 19.93
C GLU D 221 47.63 -31.44 20.01
N MET D 222 48.09 -31.09 21.20
CA MET D 222 49.44 -30.54 21.35
C MET D 222 50.50 -31.64 21.29
N GLN D 223 50.22 -32.82 21.87
CA GLN D 223 51.26 -33.84 21.90
C GLN D 223 51.47 -34.47 20.54
N ARG D 224 50.46 -34.46 19.68
CA ARG D 224 50.61 -34.95 18.32
C ARG D 224 51.04 -33.86 17.35
N LEU D 225 51.16 -32.62 17.81
CA LEU D 225 51.53 -31.50 16.96
C LEU D 225 52.95 -31.00 17.20
N VAL D 226 53.38 -30.86 18.46
CA VAL D 226 54.68 -30.27 18.75
C VAL D 226 55.73 -31.37 18.80
N LYS D 227 56.95 -31.01 18.41
CA LYS D 227 58.09 -31.91 18.47
C LYS D 227 58.81 -31.63 19.79
N GLY D 228 58.21 -32.12 20.86
CA GLY D 228 58.78 -31.92 22.19
C GLY D 228 57.99 -32.68 23.22
N GLU D 229 58.31 -32.41 24.48
CA GLU D 229 57.64 -33.05 25.60
C GLU D 229 56.44 -32.24 26.05
N VAL D 230 55.33 -32.93 26.32
CA VAL D 230 54.07 -32.30 26.73
C VAL D 230 53.66 -32.88 28.08
N VAL D 231 53.58 -32.02 29.09
CA VAL D 231 53.09 -32.38 30.42
C VAL D 231 51.79 -31.62 30.66
N ALA D 232 50.74 -32.33 31.08
CA ALA D 232 49.42 -31.72 31.18
C ALA D 232 48.74 -32.13 32.49
N SER D 233 47.76 -31.30 32.87
CA SER D 233 46.93 -31.45 34.07
C SER D 233 45.63 -30.69 33.80
N THR D 234 44.72 -31.33 33.07
CA THR D 234 43.52 -30.68 32.55
C THR D 234 42.59 -30.17 33.65
N PHE D 235 41.52 -29.50 33.26
CA PHE D 235 40.57 -29.02 34.24
C PHE D 235 39.79 -30.14 34.92
N ASP D 236 39.97 -31.39 34.47
CA ASP D 236 39.42 -32.54 35.21
C ASP D 236 40.17 -32.79 36.49
N GLU D 237 41.27 -32.15 36.68
CA GLU D 237 42.14 -32.36 37.81
C GLU D 237 42.00 -31.25 38.84
N PRO D 238 42.29 -31.57 40.11
CA PRO D 238 42.21 -30.55 41.17
C PRO D 238 43.41 -29.62 41.13
N ALA D 239 43.26 -28.51 41.87
CA ALA D 239 44.33 -27.52 41.94
C ALA D 239 45.60 -28.13 42.53
N SER D 240 45.43 -29.01 43.53
CA SER D 240 46.58 -29.66 44.16
C SER D 240 47.48 -30.31 43.11
N ARG D 241 46.86 -31.03 42.17
CA ARG D 241 47.63 -31.69 41.13
C ARG D 241 48.31 -30.67 40.22
N HIS D 242 47.59 -29.62 39.81
CA HIS D 242 48.19 -28.57 39.00
C HIS D 242 49.49 -28.06 39.62
N VAL D 243 49.43 -27.73 40.91
CA VAL D 243 50.61 -27.19 41.58
C VAL D 243 51.75 -28.20 41.53
N GLN D 244 51.48 -29.43 41.98
CA GLN D 244 52.59 -30.38 42.09
C GLN D 244 53.26 -30.64 40.73
N VAL D 245 52.44 -30.81 39.68
CA VAL D 245 52.96 -31.06 38.34
C VAL D 245 53.80 -29.88 37.86
N ALA D 246 53.30 -28.66 38.04
CA ALA D 246 54.05 -27.48 37.62
C ALA D 246 55.38 -27.36 38.36
N GLU D 247 55.39 -27.70 39.65
CA GLU D 247 56.64 -27.65 40.41
C GLU D 247 57.66 -28.63 39.83
N MET D 248 57.24 -29.87 39.55
CA MET D 248 58.16 -30.83 38.94
C MET D 248 58.71 -30.30 37.61
N VAL D 249 57.85 -29.75 36.75
CA VAL D 249 58.33 -29.29 35.45
C VAL D 249 59.32 -28.13 35.60
N ILE D 250 59.00 -27.16 36.45
CA ILE D 250 59.91 -26.01 36.61
C ILE D 250 61.26 -26.44 37.21
N GLU D 251 61.26 -27.37 38.16
CA GLU D 251 62.53 -27.82 38.71
C GLU D 251 63.34 -28.57 37.66
N LYS D 252 62.69 -29.39 36.83
CA LYS D 252 63.38 -30.07 35.75
C LYS D 252 64.04 -29.07 34.80
N ALA D 253 63.31 -28.01 34.43
CA ALA D 253 63.88 -26.95 33.61
C ALA D 253 65.12 -26.34 34.27
N LYS D 254 65.03 -26.01 35.57
CA LYS D 254 66.19 -25.43 36.26
C LYS D 254 67.39 -26.36 36.20
N ARG D 255 67.19 -27.67 36.40
CA ARG D 255 68.32 -28.59 36.31
C ARG D 255 68.96 -28.55 34.92
N LEU D 256 68.15 -28.66 33.87
CA LEU D 256 68.71 -28.61 32.52
C LEU D 256 69.46 -27.31 32.28
N VAL D 257 68.98 -26.19 32.84
CA VAL D 257 69.70 -24.92 32.70
C VAL D 257 71.01 -24.95 33.46
N GLU D 258 71.06 -25.62 34.62
CA GLU D 258 72.34 -25.85 35.28
C GLU D 258 73.31 -26.60 34.39
N HIS D 259 72.81 -27.40 33.44
CA HIS D 259 73.69 -27.99 32.44
C HIS D 259 73.83 -27.15 31.17
N LYS D 260 73.71 -25.82 31.27
CA LYS D 260 73.92 -24.90 30.15
C LYS D 260 73.05 -25.24 28.94
N LYS D 261 71.80 -25.60 29.21
CA LYS D 261 70.81 -25.88 28.17
C LYS D 261 69.87 -24.69 28.02
N ASP D 262 69.34 -24.53 26.81
CA ASP D 262 68.33 -23.51 26.51
C ASP D 262 66.95 -24.17 26.53
N VAL D 263 66.26 -24.05 27.66
CA VAL D 263 64.95 -24.65 27.89
C VAL D 263 63.87 -23.62 27.57
N ILE D 264 62.76 -24.08 26.99
CA ILE D 264 61.59 -23.25 26.72
C ILE D 264 60.35 -23.96 27.25
N ILE D 265 59.55 -23.24 28.02
CA ILE D 265 58.32 -23.77 28.59
C ILE D 265 57.17 -22.92 28.06
N LEU D 266 56.28 -23.56 27.30
CA LEU D 266 55.05 -22.94 26.83
C LEU D 266 53.93 -23.35 27.78
N LEU D 267 53.48 -22.41 28.60
CA LEU D 267 52.52 -22.68 29.67
C LEU D 267 51.14 -22.14 29.30
N ASP D 268 50.12 -22.97 29.47
CA ASP D 268 48.74 -22.59 29.14
C ASP D 268 47.83 -23.37 30.09
N SER D 269 47.27 -22.70 31.08
CA SER D 269 47.39 -21.24 31.26
C SER D 269 48.08 -20.88 32.58
N ILE D 270 48.85 -19.79 32.59
CA ILE D 270 49.49 -19.38 33.83
C ILE D 270 48.51 -18.67 34.75
N THR D 271 47.47 -18.04 34.20
CA THR D 271 46.42 -17.48 35.04
C THR D 271 45.76 -18.58 35.87
N ARG D 272 45.47 -19.72 35.25
CA ARG D 272 44.83 -20.81 35.97
C ARG D 272 45.79 -21.46 36.96
N LEU D 273 47.08 -21.50 36.64
CA LEU D 273 48.08 -21.95 37.60
C LEU D 273 48.11 -21.05 38.83
N ALA D 274 48.05 -19.72 38.61
CA ALA D 274 47.98 -18.78 39.72
C ALA D 274 46.72 -19.02 40.55
N ARG D 275 45.59 -19.26 39.90
CA ARG D 275 44.36 -19.62 40.62
C ARG D 275 44.57 -20.86 41.49
N ALA D 276 45.24 -21.88 40.95
CA ALA D 276 45.49 -23.09 41.74
C ALA D 276 46.30 -22.77 43.00
N TYR D 277 47.37 -21.99 42.83
CA TYR D 277 48.13 -21.56 44.01
C TYR D 277 47.23 -20.84 45.01
N ASN D 278 46.37 -19.93 44.53
CA ASN D 278 45.44 -19.26 45.42
C ASN D 278 44.49 -20.24 46.11
N THR D 279 44.22 -21.39 45.49
CA THR D 279 43.35 -22.40 46.09
C THR D 279 44.04 -23.16 47.22
N VAL D 280 45.33 -23.46 47.07
CA VAL D 280 46.02 -24.23 48.11
C VAL D 280 46.79 -23.36 49.11
N VAL D 281 46.84 -22.04 48.90
CA VAL D 281 47.67 -21.18 49.76
C VAL D 281 47.03 -21.09 51.15
N PRO D 282 47.81 -21.09 52.24
CA PRO D 282 47.23 -20.88 53.56
C PRO D 282 46.65 -19.48 53.68
N ALA D 283 45.41 -19.40 54.19
CA ALA D 283 44.77 -18.12 54.41
C ALA D 283 45.62 -17.23 55.32
N SER D 284 45.81 -15.99 54.90
CA SER D 284 46.61 -15.02 55.64
C SER D 284 45.77 -14.04 56.43
N GLY D 285 44.45 -14.13 56.34
CA GLY D 285 43.60 -13.09 56.88
C GLY D 285 43.57 -11.80 56.10
N LYS D 286 44.24 -11.74 54.95
CA LYS D 286 44.27 -10.55 54.10
C LYS D 286 43.98 -11.00 52.68
N VAL D 287 43.03 -10.36 52.01
CA VAL D 287 42.62 -10.79 50.69
C VAL D 287 42.57 -9.57 49.78
N LEU D 288 43.27 -9.67 48.65
CA LEU D 288 43.34 -8.61 47.66
C LEU D 288 42.03 -8.53 46.87
N THR D 289 41.89 -7.43 46.13
CA THR D 289 40.75 -7.25 45.23
C THR D 289 40.63 -8.42 44.26
N GLY D 290 39.40 -8.94 44.12
CA GLY D 290 39.11 -10.07 43.27
C GLY D 290 39.12 -11.43 43.95
N GLY D 291 39.39 -11.49 45.26
CA GLY D 291 39.44 -12.76 45.96
C GLY D 291 40.77 -13.49 45.92
N VAL D 292 41.88 -12.77 45.80
CA VAL D 292 43.23 -13.34 45.78
C VAL D 292 43.87 -13.08 47.14
N ASP D 293 44.31 -14.13 47.80
CA ASP D 293 45.00 -14.00 49.07
C ASP D 293 46.26 -13.14 48.92
N ALA D 294 46.54 -12.33 49.94
CA ALA D 294 47.67 -11.40 49.89
C ALA D 294 49.02 -12.11 49.71
N ASN D 295 49.11 -13.38 50.09
CA ASN D 295 50.34 -14.16 49.97
C ASN D 295 50.26 -15.20 48.87
N ALA D 296 49.21 -15.18 48.06
CA ALA D 296 48.99 -16.25 47.10
C ALA D 296 49.90 -16.13 45.88
N LEU D 297 50.23 -14.91 45.48
CA LEU D 297 50.95 -14.69 44.22
C LEU D 297 52.47 -14.78 44.37
N HIS D 298 52.99 -14.99 45.57
CA HIS D 298 54.44 -15.13 45.74
C HIS D 298 54.96 -16.36 45.01
N ARG D 299 54.36 -17.53 45.25
CA ARG D 299 54.74 -18.75 44.55
C ARG D 299 54.59 -18.66 43.03
N PRO D 300 53.42 -18.34 42.47
CA PRO D 300 53.35 -18.23 41.01
C PRO D 300 54.29 -17.18 40.46
N LYS D 301 54.54 -16.12 41.22
CA LYS D 301 55.50 -15.12 40.79
C LYS D 301 56.91 -15.69 40.70
N ARG D 302 57.30 -16.51 41.68
CA ARG D 302 58.61 -17.17 41.58
C ARG D 302 58.65 -18.17 40.42
N PHE D 303 57.54 -18.84 40.15
CA PHE D 303 57.47 -19.76 39.01
C PHE D 303 57.69 -19.03 37.69
N PHE D 304 56.90 -17.99 37.44
CA PHE D 304 57.10 -17.22 36.22
C PHE D 304 58.49 -16.59 36.20
N GLY D 305 58.96 -16.04 37.32
CA GLY D 305 60.27 -15.42 37.40
C GLY D 305 61.43 -16.37 37.29
N ALA D 306 61.20 -17.68 37.35
CA ALA D 306 62.26 -18.64 37.04
C ALA D 306 62.90 -18.33 35.69
N ALA D 307 62.07 -18.06 34.67
CA ALA D 307 62.59 -17.75 33.35
C ALA D 307 63.61 -16.62 33.42
N ARG D 308 64.78 -16.86 32.82
CA ARG D 308 65.86 -15.89 32.89
C ARG D 308 66.95 -16.29 31.92
N ASN D 309 67.76 -15.30 31.53
CA ASN D 309 68.95 -15.54 30.75
C ASN D 309 70.15 -15.66 31.69
N VAL D 310 71.00 -16.64 31.43
CA VAL D 310 72.16 -16.94 32.27
C VAL D 310 73.42 -16.58 31.51
N GLU D 311 74.30 -15.82 32.18
CA GLU D 311 75.60 -15.49 31.59
C GLU D 311 76.50 -16.71 31.50
N GLU D 312 76.41 -17.63 32.47
CA GLU D 312 77.30 -18.77 32.50
C GLU D 312 77.05 -19.72 31.33
N GLY D 313 75.80 -19.83 30.89
CA GLY D 313 75.49 -20.69 29.76
C GLY D 313 74.07 -21.23 29.84
N GLY D 314 73.35 -21.19 28.71
CA GLY D 314 71.96 -21.63 28.68
C GLY D 314 70.99 -20.55 29.11
N SER D 315 69.72 -20.95 29.18
CA SER D 315 68.66 -20.01 29.53
C SER D 315 67.38 -20.79 29.79
N LEU D 316 66.43 -20.13 30.46
CA LEU D 316 65.08 -20.64 30.68
C LEU D 316 64.09 -19.61 30.15
N THR D 317 63.38 -19.94 29.08
CA THR D 317 62.33 -19.12 28.50
C THR D 317 60.97 -19.65 28.96
N ILE D 318 60.04 -18.75 29.22
CA ILE D 318 58.67 -19.15 29.57
C ILE D 318 57.72 -18.24 28.82
N ILE D 319 56.93 -18.82 27.93
CA ILE D 319 55.85 -18.11 27.25
C ILE D 319 54.54 -18.70 27.77
N ALA D 320 53.82 -17.93 28.56
CA ALA D 320 52.59 -18.41 29.20
C ALA D 320 51.42 -17.53 28.79
N THR D 321 50.24 -18.15 28.72
CA THR D 321 49.02 -17.43 28.37
C THR D 321 48.35 -16.91 29.63
N ALA D 322 47.73 -15.73 29.52
CA ALA D 322 47.00 -15.12 30.61
C ALA D 322 45.65 -14.64 30.13
N LEU D 323 44.71 -14.52 31.06
CA LEU D 323 43.33 -14.15 30.77
C LEU D 323 43.05 -12.74 31.26
N ILE D 324 42.21 -12.01 30.51
CA ILE D 324 41.74 -10.68 30.90
C ILE D 324 40.29 -10.52 30.45
N ASP D 325 39.66 -9.47 30.97
CA ASP D 325 38.28 -9.13 30.63
C ASP D 325 37.35 -10.31 30.84
N THR D 326 37.60 -11.06 31.91
CA THR D 326 36.76 -12.19 32.28
C THR D 326 35.60 -11.79 33.17
N GLY D 327 35.46 -10.50 33.50
CA GLY D 327 34.51 -10.07 34.50
C GLY D 327 34.92 -10.32 35.94
N SER D 328 36.01 -11.07 36.17
CA SER D 328 36.51 -11.39 37.50
C SER D 328 37.78 -10.59 37.73
N LYS D 329 37.74 -9.65 38.68
CA LYS D 329 38.88 -8.77 38.93
C LYS D 329 40.15 -9.56 39.26
N MET D 330 39.99 -10.75 39.86
CA MET D 330 41.12 -11.59 40.21
C MET D 330 42.09 -11.76 39.04
N ASP D 331 41.55 -11.95 37.83
CA ASP D 331 42.41 -12.17 36.67
C ASP D 331 43.13 -10.90 36.25
N GLU D 332 42.51 -9.73 36.39
CA GLU D 332 43.23 -8.48 36.18
C GLU D 332 44.40 -8.35 37.15
N VAL D 333 44.18 -8.71 38.42
CA VAL D 333 45.24 -8.66 39.43
C VAL D 333 46.38 -9.59 39.02
N ILE D 334 46.05 -10.84 38.70
CA ILE D 334 47.07 -11.82 38.33
C ILE D 334 47.83 -11.34 37.08
N TYR D 335 47.11 -10.85 36.08
CA TYR D 335 47.74 -10.41 34.85
C TYR D 335 48.68 -9.23 35.11
N GLU D 336 48.23 -8.24 35.87
CA GLU D 336 49.08 -7.08 36.10
C GLU D 336 50.27 -7.43 36.98
N GLU D 337 50.09 -8.37 37.91
CA GLU D 337 51.21 -8.83 38.72
C GLU D 337 52.26 -9.54 37.87
N PHE D 338 51.82 -10.37 36.93
CA PHE D 338 52.77 -11.05 36.05
C PHE D 338 53.41 -10.08 35.07
N LYS D 339 52.72 -9.00 34.69
CA LYS D 339 53.32 -8.03 33.78
C LYS D 339 54.52 -7.34 34.43
N GLY D 340 54.41 -7.01 35.71
CA GLY D 340 55.48 -6.46 36.52
C GLY D 340 56.52 -7.47 36.94
N THR D 341 56.36 -8.73 36.55
CA THR D 341 57.36 -9.77 36.70
C THR D 341 58.09 -10.10 35.41
N GLY D 342 57.37 -10.16 34.29
CA GLY D 342 57.96 -10.52 33.02
C GLY D 342 58.46 -9.32 32.23
N ASN D 343 58.66 -9.56 30.92
CA ASN D 343 59.31 -8.57 30.06
C ASN D 343 58.88 -8.70 28.61
N MET D 344 57.68 -9.23 28.36
CA MET D 344 57.16 -9.42 27.01
C MET D 344 55.68 -9.75 27.09
N GLU D 345 54.83 -9.04 26.35
CA GLU D 345 53.41 -9.34 26.32
C GLU D 345 52.93 -9.20 24.89
N LEU D 346 52.29 -10.25 24.39
CA LEU D 346 51.58 -10.24 23.13
C LEU D 346 50.09 -10.25 23.44
N HIS D 347 49.43 -9.13 23.20
CA HIS D 347 48.01 -9.01 23.47
C HIS D 347 47.21 -9.44 22.26
N LEU D 348 46.11 -10.14 22.53
CA LEU D 348 45.14 -10.53 21.51
C LEU D 348 43.80 -9.93 21.86
N SER D 349 43.09 -9.43 20.84
CA SER D 349 41.88 -8.66 21.03
C SER D 349 40.66 -9.49 20.68
N ARG D 350 39.67 -9.50 21.58
CA ARG D 350 38.39 -10.13 21.28
C ARG D 350 37.67 -9.42 20.13
N LYS D 351 37.80 -8.10 20.06
CA LYS D 351 37.17 -7.34 18.99
C LYS D 351 37.68 -7.75 17.62
N ILE D 352 39.00 -7.93 17.49
CA ILE D 352 39.58 -8.40 16.23
C ILE D 352 39.16 -9.84 15.96
N ALA D 353 39.11 -10.68 17.00
CA ALA D 353 38.80 -12.10 16.82
C ALA D 353 37.35 -12.32 16.40
N GLU D 354 36.44 -11.46 16.85
CA GLU D 354 35.03 -11.58 16.46
C GLU D 354 34.79 -11.23 15.00
N LYS D 355 35.64 -10.39 14.40
CA LYS D 355 35.62 -10.14 12.96
C LYS D 355 36.35 -11.22 12.17
N ARG D 356 36.82 -12.29 12.84
CA ARG D 356 37.54 -13.39 12.20
C ARG D 356 38.79 -12.90 11.47
N VAL D 357 39.51 -11.99 12.11
CA VAL D 357 40.78 -11.48 11.61
C VAL D 357 41.87 -12.10 12.47
N PHE D 358 42.69 -12.96 11.87
CA PHE D 358 43.72 -13.64 12.62
C PHE D 358 45.08 -13.48 11.95
N PRO D 359 46.16 -13.32 12.74
CA PRO D 359 46.12 -13.31 14.22
C PRO D 359 45.52 -12.02 14.78
N ALA D 360 44.66 -12.16 15.79
CA ALA D 360 43.96 -11.02 16.37
C ALA D 360 44.87 -10.35 17.41
N ILE D 361 45.90 -9.67 16.92
CA ILE D 361 46.94 -9.09 17.77
C ILE D 361 46.68 -7.62 17.99
N ASP D 362 46.63 -7.21 19.26
CA ASP D 362 46.58 -5.80 19.63
C ASP D 362 48.01 -5.27 19.57
N TYR D 363 48.32 -4.56 18.50
CA TYR D 363 49.70 -4.19 18.22
C TYR D 363 50.23 -3.20 19.26
N ASN D 364 49.46 -2.14 19.53
CA ASN D 364 49.94 -1.08 20.41
C ASN D 364 50.23 -1.60 21.81
N ARG D 365 49.39 -2.50 22.32
CA ARG D 365 49.57 -2.99 23.69
C ARG D 365 50.68 -4.02 23.80
N SER D 366 50.97 -4.75 22.72
CA SER D 366 52.05 -5.73 22.74
C SER D 366 53.40 -5.03 22.81
N GLY D 367 54.43 -5.81 23.06
CA GLY D 367 55.78 -5.28 23.09
C GLY D 367 56.70 -6.11 23.96
N THR D 368 58.00 -5.84 23.83
CA THR D 368 59.05 -6.51 24.57
C THR D 368 59.99 -5.48 25.16
N ARG D 369 60.44 -5.72 26.39
CA ARG D 369 61.42 -4.86 27.03
C ARG D 369 62.82 -5.12 26.48
N LYS D 370 63.60 -4.04 26.38
CA LYS D 370 64.99 -4.14 25.93
C LYS D 370 65.08 -4.87 24.60
N GLU D 371 64.14 -4.57 23.70
CA GLU D 371 64.10 -5.24 22.41
C GLU D 371 65.31 -4.91 21.54
N GLU D 372 66.10 -3.89 21.90
CA GLU D 372 67.32 -3.59 21.18
C GLU D 372 68.40 -4.67 21.37
N LEU D 373 68.30 -5.48 22.44
CA LEU D 373 69.21 -6.58 22.66
C LEU D 373 68.86 -7.81 21.82
N LEU D 374 67.73 -7.80 21.14
CA LEU D 374 67.27 -8.93 20.35
C LEU D 374 67.13 -8.62 18.86
N THR D 375 67.52 -7.42 18.43
CA THR D 375 67.31 -6.99 17.06
C THR D 375 68.56 -6.29 16.54
N THR D 376 68.74 -6.34 15.21
CA THR D 376 69.78 -5.54 14.58
C THR D 376 69.37 -4.07 14.62
N GLN D 377 70.36 -3.20 14.36
CA GLN D 377 70.13 -1.76 14.44
C GLN D 377 69.04 -1.33 13.46
N GLU D 378 69.17 -1.76 12.20
CA GLU D 378 68.16 -1.38 11.20
C GLU D 378 66.84 -2.12 11.40
N GLU D 379 66.85 -3.38 11.85
CA GLU D 379 65.60 -4.06 12.16
C GLU D 379 64.81 -3.31 13.21
N LEU D 380 65.48 -2.85 14.27
CA LEU D 380 64.82 -2.04 15.29
C LEU D 380 64.32 -0.72 14.71
N GLN D 381 65.11 -0.05 13.87
CA GLN D 381 64.61 1.21 13.30
C GLN D 381 63.36 0.98 12.44
N LYS D 382 63.33 -0.10 11.67
CA LYS D 382 62.17 -0.42 10.85
C LYS D 382 60.94 -0.77 11.70
N MET D 383 61.12 -1.58 12.75
CA MET D 383 60.00 -1.86 13.66
C MET D 383 59.49 -0.59 14.34
N TRP D 384 60.39 0.31 14.71
CA TRP D 384 60.01 1.57 15.35
C TRP D 384 59.12 2.41 14.43
N ILE D 385 59.56 2.59 13.18
CA ILE D 385 58.70 3.27 12.20
C ILE D 385 57.35 2.59 12.08
N LEU D 386 57.38 1.28 11.92
CA LEU D 386 56.15 0.54 11.71
C LEU D 386 55.17 0.77 12.85
N ARG D 387 55.68 0.83 14.08
CA ARG D 387 54.81 1.10 15.20
C ARG D 387 54.26 2.53 15.15
N LYS D 388 55.10 3.51 14.80
CA LYS D 388 54.59 4.87 14.68
C LYS D 388 53.46 4.95 13.64
N ILE D 389 53.55 4.14 12.58
CA ILE D 389 52.51 4.17 11.56
C ILE D 389 51.25 3.47 12.05
N ILE D 390 51.39 2.34 12.75
CA ILE D 390 50.23 1.55 13.17
C ILE D 390 49.49 2.18 14.35
N HIS D 391 50.17 2.91 15.22
CA HIS D 391 49.55 3.45 16.43
C HIS D 391 48.25 4.22 16.18
N PRO D 392 48.16 5.16 15.24
CA PRO D 392 46.90 5.91 15.09
C PRO D 392 45.73 5.05 14.64
N MET D 393 45.98 3.87 14.10
CA MET D 393 44.92 3.02 13.59
C MET D 393 44.17 2.35 14.74
N GLY D 394 42.93 1.91 14.44
CA GLY D 394 42.20 1.09 15.39
C GLY D 394 42.78 -0.31 15.46
N GLU D 395 42.34 -1.04 16.49
CA GLU D 395 42.82 -2.41 16.67
C GLU D 395 42.64 -3.23 15.38
N ILE D 396 41.39 -3.28 14.89
CA ILE D 396 41.06 -4.08 13.73
C ILE D 396 41.75 -3.54 12.48
N ASP D 397 41.64 -2.23 12.24
CA ASP D 397 42.29 -1.62 11.09
C ASP D 397 43.78 -1.90 11.09
N ALA D 398 44.42 -1.82 12.25
CA ALA D 398 45.85 -2.13 12.35
C ALA D 398 46.14 -3.54 11.88
N MET D 399 45.41 -4.55 12.37
CA MET D 399 45.74 -5.90 11.92
C MET D 399 45.42 -6.11 10.44
N GLU D 400 44.27 -5.61 9.97
CA GLU D 400 43.96 -5.81 8.54
C GLU D 400 45.04 -5.21 7.66
N PHE D 401 45.46 -3.99 7.98
CA PHE D 401 46.52 -3.32 7.24
C PHE D 401 47.81 -4.13 7.25
N LEU D 402 48.28 -4.52 8.43
CA LEU D 402 49.57 -5.20 8.54
C LEU D 402 49.54 -6.57 7.86
N ILE D 403 48.46 -7.33 8.01
CA ILE D 403 48.40 -8.65 7.41
C ILE D 403 48.32 -8.56 5.88
N ASN D 404 47.53 -7.61 5.36
CA ASN D 404 47.52 -7.44 3.91
C ASN D 404 48.90 -7.06 3.38
N LYS D 405 49.63 -6.22 4.12
CA LYS D 405 50.97 -5.83 3.66
C LYS D 405 51.95 -6.99 3.73
N LEU D 406 51.92 -7.77 4.81
CA LEU D 406 52.85 -8.89 4.96
C LEU D 406 52.53 -10.02 4.00
N ALA D 407 51.25 -10.25 3.71
CA ALA D 407 50.87 -11.31 2.78
C ALA D 407 51.44 -11.10 1.38
N MET D 408 51.83 -9.87 1.04
CA MET D 408 52.43 -9.58 -0.25
C MET D 408 53.81 -10.22 -0.41
N THR D 409 54.52 -10.50 0.68
CA THR D 409 55.88 -11.03 0.63
C THR D 409 55.98 -12.29 1.47
N LYS D 410 57.08 -13.02 1.25
CA LYS D 410 57.30 -14.26 1.99
C LYS D 410 57.92 -13.99 3.36
N THR D 411 58.87 -13.08 3.44
CA THR D 411 59.60 -12.80 4.66
C THR D 411 59.46 -11.35 5.08
N ASN D 412 59.69 -11.11 6.37
CA ASN D 412 59.70 -9.74 6.89
C ASN D 412 60.82 -8.91 6.29
N ASP D 413 61.94 -9.53 5.93
CA ASP D 413 63.05 -8.80 5.32
C ASP D 413 62.63 -8.19 3.99
N ASP D 414 61.98 -8.97 3.13
CA ASP D 414 61.45 -8.43 1.87
C ASP D 414 60.40 -7.35 2.11
N PHE D 415 59.57 -7.54 3.14
CA PHE D 415 58.59 -6.51 3.51
C PHE D 415 59.28 -5.20 3.89
N PHE D 416 60.33 -5.27 4.69
CA PHE D 416 61.13 -4.09 5.03
C PHE D 416 61.71 -3.44 3.78
N GLU D 417 62.27 -4.26 2.87
CA GLU D 417 62.77 -3.71 1.61
C GLU D 417 61.67 -3.02 0.81
N MET D 418 60.44 -3.53 0.90
CA MET D 418 59.31 -2.84 0.28
C MET D 418 59.04 -1.50 0.96
N MET D 419 59.18 -1.42 2.29
CA MET D 419 58.96 -0.15 2.97
C MET D 419 59.80 0.98 2.36
N LYS D 420 60.95 0.65 1.79
CA LYS D 420 61.85 1.64 1.20
C LYS D 420 61.31 2.25 -0.10
N MET E 4 31.19 -2.89 -33.03
CA MET E 4 30.51 -4.16 -32.87
C MET E 4 29.06 -3.94 -32.45
N ASN E 5 28.14 -3.87 -33.41
CA ASN E 5 26.74 -3.55 -33.15
C ASN E 5 25.85 -4.66 -33.68
N LEU E 6 24.75 -4.92 -32.96
CA LEU E 6 23.87 -6.03 -33.32
C LEU E 6 23.17 -5.77 -34.64
N THR E 7 22.47 -4.64 -34.79
CA THR E 7 21.76 -4.38 -36.03
C THR E 7 22.71 -4.23 -37.20
N GLU E 8 23.93 -3.73 -36.96
CA GLU E 8 24.93 -3.68 -38.02
C GLU E 8 25.30 -5.07 -38.50
N LEU E 9 25.38 -6.04 -37.58
CA LEU E 9 25.62 -7.43 -37.96
C LEU E 9 24.41 -8.02 -38.66
N LYS E 10 23.19 -7.65 -38.25
CA LYS E 10 22.00 -8.13 -38.94
C LYS E 10 21.91 -7.58 -40.35
N ASN E 11 22.45 -6.39 -40.60
CA ASN E 11 22.39 -5.80 -41.92
C ASN E 11 23.41 -6.44 -42.88
N THR E 12 24.61 -6.76 -42.39
CA THR E 12 25.65 -7.26 -43.27
C THR E 12 25.25 -8.62 -43.83
N PRO E 13 25.61 -8.93 -45.08
CA PRO E 13 25.24 -10.22 -45.67
C PRO E 13 25.89 -11.38 -44.91
N VAL E 14 25.33 -12.58 -45.11
CA VAL E 14 25.81 -13.77 -44.41
C VAL E 14 27.24 -14.10 -44.81
N SER E 15 27.62 -13.83 -46.06
CA SER E 15 28.97 -14.19 -46.51
C SER E 15 30.02 -13.45 -45.69
N GLU E 16 29.88 -12.14 -45.56
CA GLU E 16 30.81 -11.35 -44.76
C GLU E 16 30.77 -11.77 -43.30
N LEU E 17 29.60 -12.16 -42.78
CA LEU E 17 29.50 -12.61 -41.40
C LEU E 17 30.27 -13.92 -41.18
N ILE E 18 30.13 -14.88 -42.10
CA ILE E 18 30.84 -16.15 -41.96
C ILE E 18 32.34 -15.91 -42.04
N THR E 19 32.80 -15.11 -43.00
CA THR E 19 34.22 -14.80 -43.07
C THR E 19 34.70 -14.14 -41.79
N LEU E 20 33.98 -13.12 -41.32
CA LEU E 20 34.34 -12.44 -40.09
C LEU E 20 34.37 -13.37 -38.89
N GLY E 21 33.47 -14.35 -38.83
CA GLY E 21 33.43 -15.26 -37.70
C GLY E 21 34.54 -16.30 -37.73
N GLU E 22 34.86 -16.76 -38.94
CA GLU E 22 36.01 -17.66 -39.07
C GLU E 22 37.32 -16.96 -38.72
N ASN E 23 37.41 -15.65 -38.98
CA ASN E 23 38.61 -14.93 -38.56
C ASN E 23 38.78 -14.95 -37.03
N MET E 24 37.68 -14.91 -36.30
CA MET E 24 37.73 -14.95 -34.84
C MET E 24 38.09 -16.36 -34.36
N ARG E 33 22.08 -21.32 -39.02
CA ARG E 33 21.32 -20.19 -39.53
C ARG E 33 22.05 -18.88 -39.26
N LYS E 34 21.75 -17.86 -40.07
CA LYS E 34 22.41 -16.57 -39.94
C LYS E 34 22.28 -16.00 -38.52
N GLN E 35 21.07 -16.08 -37.94
CA GLN E 35 20.87 -15.62 -36.57
C GLN E 35 21.90 -16.24 -35.63
N ASP E 36 22.21 -17.52 -35.82
CA ASP E 36 23.20 -18.19 -34.98
C ASP E 36 24.61 -17.67 -35.23
N ILE E 37 24.94 -17.40 -36.50
CA ILE E 37 26.25 -16.81 -36.79
C ILE E 37 26.41 -15.51 -35.99
N ILE E 38 25.39 -14.65 -36.03
CA ILE E 38 25.49 -13.39 -35.29
C ILE E 38 25.62 -13.65 -33.79
N PHE E 39 24.81 -14.57 -33.26
CA PHE E 39 24.86 -14.83 -31.81
C PHE E 39 26.24 -15.33 -31.38
N ALA E 40 26.79 -16.29 -32.11
CA ALA E 40 28.11 -16.84 -31.76
C ALA E 40 29.20 -15.78 -31.87
N ILE E 41 29.14 -14.96 -32.92
CA ILE E 41 30.11 -13.90 -33.11
C ILE E 41 30.06 -12.89 -31.94
N LEU E 42 28.84 -12.48 -31.56
CA LEU E 42 28.67 -11.56 -30.43
C LEU E 42 29.22 -12.16 -29.14
N LYS E 43 28.91 -13.43 -28.86
CA LYS E 43 29.44 -14.08 -27.66
C LYS E 43 30.96 -14.10 -27.66
N GLN E 44 31.56 -14.52 -28.79
CA GLN E 44 33.02 -14.58 -28.85
C GLN E 44 33.64 -13.20 -28.60
N HIS E 45 33.05 -12.15 -29.17
CA HIS E 45 33.55 -10.80 -28.88
C HIS E 45 33.38 -10.44 -27.40
N ALA E 46 32.31 -10.89 -26.76
CA ALA E 46 32.15 -10.64 -25.33
C ALA E 46 33.22 -11.36 -24.51
N LYS E 47 33.62 -12.56 -24.93
CA LYS E 47 34.68 -13.28 -24.22
C LYS E 47 35.97 -12.47 -24.18
N SER E 48 36.30 -11.77 -25.26
CA SER E 48 37.51 -10.97 -25.31
C SER E 48 37.50 -9.82 -24.31
N GLY E 49 36.36 -9.53 -23.69
CA GLY E 49 36.22 -8.37 -22.85
C GLY E 49 35.85 -7.09 -23.58
N GLU E 50 35.91 -7.10 -24.91
CA GLU E 50 35.49 -5.94 -25.69
C GLU E 50 33.98 -5.72 -25.57
N ASP E 51 33.56 -4.48 -25.79
CA ASP E 51 32.17 -4.10 -25.61
C ASP E 51 31.32 -4.54 -26.80
N ILE E 52 30.02 -4.71 -26.54
CA ILE E 52 29.02 -5.02 -27.55
C ILE E 52 27.97 -3.91 -27.54
N PHE E 53 27.34 -3.66 -28.67
CA PHE E 53 26.38 -2.58 -28.79
C PHE E 53 25.12 -3.04 -29.52
N GLY E 54 24.00 -2.42 -29.16
CA GLY E 54 22.73 -2.66 -29.79
C GLY E 54 21.85 -1.43 -29.73
N ASP E 55 20.67 -1.54 -30.35
CA ASP E 55 19.77 -0.39 -30.45
C ASP E 55 18.39 -0.85 -30.93
N GLY E 56 17.43 0.04 -30.75
CA GLY E 56 16.06 -0.18 -31.21
C GLY E 56 15.10 0.76 -30.53
N VAL E 57 13.83 0.68 -30.96
CA VAL E 57 12.80 1.54 -30.39
C VAL E 57 12.17 0.85 -29.19
N LEU E 58 11.99 1.60 -28.11
CA LEU E 58 11.51 1.03 -26.85
C LEU E 58 10.03 0.75 -26.90
N GLU E 59 9.64 -0.37 -26.30
CA GLU E 59 8.24 -0.71 -26.06
C GLU E 59 8.15 -1.23 -24.64
N ILE E 60 7.41 -0.51 -23.80
CA ILE E 60 7.29 -0.84 -22.39
C ILE E 60 6.08 -1.75 -22.21
N LEU E 61 6.31 -2.90 -21.59
CA LEU E 61 5.26 -3.86 -21.33
C LEU E 61 4.50 -3.46 -20.06
N GLN E 62 3.43 -4.21 -19.78
CA GLN E 62 2.56 -3.87 -18.67
C GLN E 62 3.25 -4.07 -17.33
N ASP E 63 4.23 -4.97 -17.26
CA ASP E 63 4.88 -5.29 -16.01
C ASP E 63 5.86 -4.22 -15.54
N GLY E 64 6.22 -3.27 -16.39
CA GLY E 64 7.16 -2.21 -16.04
C GLY E 64 8.50 -2.28 -16.74
N PHE E 65 8.85 -3.43 -17.33
CA PHE E 65 10.05 -3.57 -18.13
C PHE E 65 9.71 -3.45 -19.61
N GLY E 66 10.74 -3.30 -20.45
CA GLY E 66 10.51 -3.10 -21.86
C GLY E 66 11.51 -3.83 -22.73
N PHE E 67 11.30 -3.73 -24.04
CA PHE E 67 12.24 -4.26 -25.01
C PHE E 67 12.50 -3.25 -26.11
N LEU E 68 13.64 -3.41 -26.77
CA LEU E 68 14.01 -2.56 -27.90
C LEU E 68 13.69 -3.32 -29.18
N ARG E 69 12.51 -3.07 -29.72
CA ARG E 69 12.09 -3.64 -30.99
C ARG E 69 12.96 -3.10 -32.12
N SER E 70 13.01 -3.87 -33.21
CA SER E 70 13.84 -3.56 -34.35
C SER E 70 13.00 -3.31 -35.60
N ALA E 71 13.54 -2.49 -36.50
CA ALA E 71 12.81 -2.11 -37.70
C ALA E 71 12.60 -3.28 -38.65
N ASP E 72 13.53 -4.24 -38.67
CA ASP E 72 13.39 -5.41 -39.52
C ASP E 72 12.24 -6.31 -39.09
N SER E 73 11.68 -6.12 -37.90
CA SER E 73 10.48 -6.81 -37.46
C SER E 73 9.27 -5.87 -37.41
N SER E 74 9.35 -4.73 -38.10
CA SER E 74 8.31 -3.71 -38.10
C SER E 74 7.98 -3.24 -36.68
N TYR E 75 9.00 -3.26 -35.82
CA TYR E 75 8.89 -2.87 -34.42
C TYR E 75 7.96 -3.79 -33.63
N LEU E 76 7.80 -5.02 -34.09
CA LEU E 76 7.12 -6.06 -33.36
C LEU E 76 8.13 -6.92 -32.60
N ALA E 77 7.61 -7.86 -31.82
CA ALA E 77 8.47 -8.75 -31.03
C ALA E 77 9.47 -9.46 -31.92
N GLY E 78 10.74 -9.41 -31.53
CA GLY E 78 11.79 -10.02 -32.30
C GLY E 78 12.74 -10.86 -31.46
N PRO E 79 13.45 -11.79 -32.11
CA PRO E 79 14.36 -12.66 -31.35
C PRO E 79 15.55 -11.91 -30.78
N ASP E 80 16.00 -10.83 -31.42
CA ASP E 80 17.16 -10.07 -30.98
C ASP E 80 16.77 -8.85 -30.16
N ASP E 81 15.59 -8.85 -29.55
CA ASP E 81 15.14 -7.70 -28.79
C ASP E 81 15.96 -7.55 -27.52
N ILE E 82 16.21 -6.31 -27.13
CA ILE E 82 17.08 -5.98 -26.02
C ILE E 82 16.21 -5.62 -24.82
N TYR E 83 16.41 -6.35 -23.73
CA TYR E 83 15.64 -6.09 -22.50
C TYR E 83 16.11 -4.82 -21.83
N VAL E 84 15.16 -3.97 -21.45
CA VAL E 84 15.41 -2.74 -20.72
C VAL E 84 14.72 -2.84 -19.37
N SER E 85 15.53 -2.82 -18.31
CA SER E 85 15.04 -3.00 -16.95
C SER E 85 14.18 -1.81 -16.53
N PRO E 86 13.25 -2.03 -15.62
CA PRO E 86 12.45 -0.91 -15.10
C PRO E 86 13.28 0.22 -14.53
N SER E 87 14.35 -0.11 -13.79
CA SER E 87 15.21 0.91 -13.20
C SER E 87 15.78 1.83 -14.26
N GLN E 88 16.18 1.27 -15.41
CA GLN E 88 16.67 2.09 -16.51
C GLN E 88 15.58 3.02 -17.06
N ILE E 89 14.33 2.53 -17.13
CA ILE E 89 13.24 3.36 -17.64
C ILE E 89 12.94 4.51 -16.68
N ARG E 90 12.93 4.24 -15.38
CA ARG E 90 12.69 5.30 -14.41
C ARG E 90 13.82 6.31 -14.38
N ARG E 91 15.08 5.85 -14.51
CA ARG E 91 16.22 6.75 -14.42
C ARG E 91 16.14 7.88 -15.44
N PHE E 92 15.81 7.55 -16.70
CA PHE E 92 15.79 8.53 -17.78
C PHE E 92 14.38 8.86 -18.25
N ASN E 93 13.35 8.46 -17.50
CA ASN E 93 11.97 8.75 -17.84
C ASN E 93 11.64 8.29 -19.26
N LEU E 94 12.08 7.07 -19.59
CA LEU E 94 11.85 6.54 -20.92
C LEU E 94 10.38 6.18 -21.09
N ARG E 95 9.91 6.29 -22.33
CA ARG E 95 8.55 5.91 -22.67
C ARG E 95 8.54 5.25 -24.05
N THR E 96 7.51 4.45 -24.29
CA THR E 96 7.37 3.74 -25.55
C THR E 96 7.55 4.68 -26.73
N GLY E 97 8.38 4.24 -27.70
CA GLY E 97 8.73 5.03 -28.85
C GLY E 97 10.14 5.57 -28.84
N ASP E 98 10.77 5.66 -27.66
CA ASP E 98 12.10 6.23 -27.54
C ASP E 98 13.13 5.35 -28.24
N THR E 99 13.80 5.90 -29.26
CA THR E 99 14.92 5.23 -29.87
C THR E 99 16.08 5.16 -28.88
N ILE E 100 16.61 3.96 -28.64
CA ILE E 100 17.64 3.75 -27.64
C ILE E 100 18.84 3.07 -28.29
N SER E 101 20.04 3.56 -27.95
CA SER E 101 21.30 2.92 -28.33
C SER E 101 22.17 2.76 -27.09
N GLY E 102 22.78 1.59 -26.96
CA GLY E 102 23.63 1.35 -25.79
C GLY E 102 24.38 0.04 -25.84
N LYS E 103 25.25 -0.13 -24.85
CA LYS E 103 26.03 -1.35 -24.69
C LYS E 103 25.12 -2.49 -24.20
N ILE E 104 25.38 -3.69 -24.71
CA ILE E 104 24.55 -4.85 -24.43
C ILE E 104 25.43 -6.06 -24.13
N ARG E 105 24.81 -7.07 -23.51
CA ARG E 105 25.46 -8.32 -23.16
C ARG E 105 24.60 -9.50 -23.59
N PRO E 106 25.23 -10.60 -23.99
CA PRO E 106 24.45 -11.79 -24.33
C PRO E 106 23.70 -12.30 -23.16
N PRO E 107 22.61 -13.07 -23.36
CA PRO E 107 21.83 -13.57 -22.24
C PRO E 107 22.61 -14.59 -21.43
N LYS E 108 22.50 -14.49 -20.11
CA LYS E 108 23.11 -15.44 -19.20
C LYS E 108 22.29 -16.74 -19.17
N GLU E 109 22.72 -17.67 -18.32
CA GLU E 109 22.01 -18.94 -18.16
C GLU E 109 20.64 -18.69 -17.53
N GLY E 110 19.60 -19.23 -18.15
CA GLY E 110 18.25 -18.96 -17.73
C GLY E 110 17.65 -17.70 -18.30
N GLU E 111 18.30 -17.08 -19.27
CA GLU E 111 17.81 -15.87 -19.92
C GLU E 111 17.67 -16.13 -21.41
N ARG E 112 16.81 -15.34 -22.05
CA ARG E 112 16.51 -15.54 -23.46
C ARG E 112 16.76 -14.30 -24.30
N TYR E 113 17.25 -13.21 -23.72
CA TYR E 113 17.35 -11.95 -24.44
C TYR E 113 18.65 -11.25 -24.10
N PHE E 114 19.12 -10.45 -25.07
CA PHE E 114 20.19 -9.51 -24.82
C PHE E 114 19.74 -8.42 -23.85
N ALA E 115 20.58 -8.08 -22.89
CA ALA E 115 20.28 -7.08 -21.88
C ALA E 115 21.05 -5.80 -22.13
N LEU E 116 20.48 -4.69 -21.68
CA LEU E 116 21.07 -3.38 -21.86
C LEU E 116 21.87 -3.02 -20.61
N LEU E 117 23.17 -2.79 -20.80
CA LEU E 117 24.04 -2.42 -19.69
C LEU E 117 23.95 -0.93 -19.41
N LYS E 118 24.23 -0.12 -20.41
CA LYS E 118 24.27 1.32 -20.28
C LYS E 118 23.68 1.94 -21.54
N VAL E 119 22.88 2.99 -21.36
CA VAL E 119 22.23 3.65 -22.49
C VAL E 119 23.09 4.85 -22.89
N ASN E 120 23.66 4.79 -24.09
CA ASN E 120 24.49 5.88 -24.57
C ASN E 120 23.64 7.00 -25.15
N GLU E 121 22.63 6.66 -25.95
CA GLU E 121 21.88 7.67 -26.69
C GLU E 121 20.38 7.41 -26.57
N VAL E 122 19.63 8.47 -26.23
CA VAL E 122 18.17 8.44 -26.15
C VAL E 122 17.65 9.48 -27.14
N ASN E 123 17.08 9.01 -28.25
CA ASN E 123 16.55 9.87 -29.29
C ASN E 123 17.65 10.73 -29.90
N PHE E 124 18.78 10.09 -30.21
CA PHE E 124 19.90 10.74 -30.88
C PHE E 124 20.40 11.94 -30.07
N ASP E 125 20.41 11.79 -28.75
CA ASP E 125 20.77 12.89 -27.86
C ASP E 125 21.26 12.32 -26.54
N LYS E 126 21.75 13.21 -25.69
CA LYS E 126 22.31 12.80 -24.41
C LYS E 126 21.21 12.29 -23.50
N PRO E 127 21.40 11.15 -22.82
CA PRO E 127 20.33 10.60 -21.97
C PRO E 127 19.84 11.54 -20.87
N GLU E 128 20.73 12.36 -20.31
CA GLU E 128 20.33 13.28 -19.25
C GLU E 128 19.26 14.25 -19.74
N ASN E 129 19.40 14.74 -20.98
CA ASN E 129 18.43 15.67 -21.54
C ASN E 129 17.05 15.05 -21.67
N ALA E 130 16.94 13.71 -21.75
CA ALA E 130 15.62 13.09 -21.85
C ALA E 130 14.88 13.12 -20.50
N ARG E 131 15.63 13.07 -19.40
CA ARG E 131 15.03 13.37 -18.08
C ARG E 131 14.37 14.75 -18.11
N ASN E 132 15.01 15.79 -18.59
CA ASN E 132 14.43 17.11 -18.60
C ASN E 132 13.90 17.45 -20.01
N LYS E 133 12.60 17.38 -20.17
CA LYS E 133 12.00 17.73 -21.46
C LYS E 133 10.51 18.03 -21.21
N ILE E 134 9.89 18.77 -22.13
CA ILE E 134 8.45 19.03 -22.05
C ILE E 134 7.73 17.93 -22.83
N LEU E 135 6.76 17.29 -22.19
CA LEU E 135 6.09 16.15 -22.79
C LEU E 135 5.20 16.60 -23.95
N PHE E 136 4.91 15.64 -24.84
CA PHE E 136 4.09 15.93 -26.01
C PHE E 136 2.70 16.40 -25.61
N GLU E 137 2.14 15.84 -24.53
CA GLU E 137 0.81 16.24 -24.08
C GLU E 137 0.77 17.69 -23.62
N ASN E 138 1.90 18.26 -23.27
CA ASN E 138 1.97 19.60 -22.70
C ASN E 138 2.46 20.66 -23.70
N LEU E 139 2.86 20.24 -24.90
CA LEU E 139 3.27 21.19 -25.93
C LEU E 139 2.07 22.02 -26.37
N THR E 140 2.30 23.32 -26.55
CA THR E 140 1.21 24.24 -26.89
C THR E 140 0.88 24.12 -28.38
N PRO E 141 -0.33 23.72 -28.74
CA PRO E 141 -0.64 23.53 -30.16
C PRO E 141 -0.80 24.85 -30.88
N LEU E 142 -0.64 24.79 -32.21
CA LEU E 142 -0.83 25.94 -33.07
C LEU E 142 -1.26 25.48 -34.45
N HIS E 143 -1.84 26.40 -35.20
CA HIS E 143 -2.05 26.18 -36.62
C HIS E 143 -0.71 26.21 -37.34
N ALA E 144 -0.63 25.50 -38.47
CA ALA E 144 0.62 25.41 -39.21
C ALA E 144 1.10 26.79 -39.64
N ASN E 145 2.38 27.07 -39.34
CA ASN E 145 3.02 28.33 -39.71
C ASN E 145 3.92 28.17 -40.93
N SER E 146 4.88 27.25 -40.86
CA SER E 146 5.91 27.12 -41.88
C SER E 146 5.38 26.30 -43.04
N ARG E 147 5.39 26.89 -44.24
CA ARG E 147 4.90 26.21 -45.42
C ARG E 147 5.85 25.09 -45.82
N LEU E 148 5.30 23.94 -46.18
CA LEU E 148 6.03 22.81 -46.75
C LEU E 148 5.67 22.76 -48.24
N ARG E 149 6.43 23.50 -49.05
CA ARG E 149 6.13 23.58 -50.47
C ARG E 149 6.51 22.27 -51.16
N MET E 150 5.58 21.72 -51.93
CA MET E 150 5.82 20.45 -52.61
C MET E 150 6.42 20.61 -54.00
N GLU E 151 6.32 21.78 -54.59
CA GLU E 151 6.71 21.95 -55.99
C GLU E 151 8.22 21.80 -56.18
N ARG E 152 8.61 20.80 -56.97
CA ARG E 152 10.03 20.64 -57.32
C ARG E 152 10.56 21.86 -58.06
N GLY E 153 9.84 22.30 -59.09
CA GLY E 153 10.33 23.32 -59.98
C GLY E 153 11.19 22.81 -61.12
N ASN E 154 11.50 21.50 -61.15
CA ASN E 154 12.34 20.91 -62.19
C ASN E 154 11.62 20.75 -63.54
N GLY E 155 10.46 21.38 -63.72
CA GLY E 155 9.69 21.19 -64.94
C GLY E 155 9.30 19.75 -65.21
N SER E 156 9.27 18.90 -64.18
CA SER E 156 8.96 17.49 -64.36
C SER E 156 7.47 17.30 -64.62
N THR E 157 7.15 16.23 -65.35
CA THR E 157 5.75 15.89 -65.58
C THR E 157 5.09 15.34 -64.32
N GLU E 158 5.85 14.65 -63.47
CA GLU E 158 5.34 14.28 -62.16
C GLU E 158 5.09 15.52 -61.30
N ASP E 159 5.93 16.54 -61.45
CA ASP E 159 5.80 17.76 -60.66
C ASP E 159 4.42 18.40 -60.80
N LEU E 160 3.72 18.16 -61.91
CA LEU E 160 2.35 18.65 -62.02
C LEU E 160 1.56 18.35 -60.76
N THR E 161 1.57 17.09 -60.29
CA THR E 161 0.81 16.76 -59.08
C THR E 161 1.21 17.65 -57.93
N ALA E 162 2.51 17.87 -57.73
CA ALA E 162 2.90 18.74 -56.65
C ALA E 162 2.37 20.16 -56.86
N ARG E 163 2.50 20.67 -58.09
CA ARG E 163 2.13 22.06 -58.32
C ARG E 163 0.65 22.29 -58.02
N VAL E 164 -0.22 21.49 -58.66
CA VAL E 164 -1.64 21.58 -58.35
C VAL E 164 -1.87 21.49 -56.84
N LEU E 165 -1.19 20.56 -56.15
CA LEU E 165 -1.39 20.46 -54.72
C LEU E 165 -1.15 21.81 -54.06
N ASP E 166 0.00 22.44 -54.36
CA ASP E 166 0.31 23.71 -53.73
C ASP E 166 -0.79 24.74 -53.96
N LEU E 167 -1.44 24.68 -55.11
CA LEU E 167 -2.46 25.68 -55.39
C LEU E 167 -3.78 25.31 -54.74
N ALA E 168 -4.07 24.02 -54.61
CA ALA E 168 -5.41 23.65 -54.18
C ALA E 168 -5.49 23.52 -52.67
N SER E 169 -4.45 22.97 -52.05
CA SER E 169 -4.46 22.69 -50.61
C SER E 169 -3.04 22.70 -50.10
N PRO E 170 -2.52 23.88 -49.74
CA PRO E 170 -1.14 23.95 -49.23
C PRO E 170 -0.95 23.11 -47.98
N ILE E 171 0.29 22.70 -47.74
CA ILE E 171 0.64 21.85 -46.60
C ILE E 171 1.71 22.56 -45.78
N GLY E 172 1.44 22.75 -44.49
CA GLY E 172 2.40 23.28 -43.55
C GLY E 172 2.86 22.24 -42.53
N ARG E 173 3.83 22.66 -41.72
CA ARG E 173 4.40 21.78 -40.69
C ARG E 173 3.41 21.64 -39.54
N GLY E 174 3.04 20.40 -39.23
CA GLY E 174 1.98 20.12 -38.29
C GLY E 174 0.61 19.95 -38.90
N GLN E 175 0.51 19.89 -40.22
CA GLN E 175 -0.76 19.73 -40.89
C GLN E 175 -1.39 18.38 -40.55
N ARG E 176 -2.71 18.32 -40.67
CA ARG E 176 -3.50 17.13 -40.35
C ARG E 176 -4.43 16.90 -41.54
N GLY E 177 -3.88 16.32 -42.60
CA GLY E 177 -4.51 16.30 -43.90
C GLY E 177 -4.94 14.90 -44.35
N LEU E 178 -5.76 14.90 -45.40
CA LEU E 178 -6.37 13.70 -45.95
C LEU E 178 -6.36 13.76 -47.46
N ILE E 179 -5.90 12.68 -48.10
CA ILE E 179 -6.04 12.48 -49.53
C ILE E 179 -7.29 11.62 -49.69
N VAL E 180 -8.43 12.26 -49.94
CA VAL E 180 -9.71 11.56 -49.95
C VAL E 180 -10.10 11.23 -51.38
N ALA E 181 -10.45 9.96 -51.62
CA ALA E 181 -10.87 9.54 -52.95
C ALA E 181 -11.38 8.10 -52.99
N PRO E 182 -12.17 7.74 -53.99
CA PRO E 182 -12.60 6.33 -54.16
C PRO E 182 -11.44 5.46 -54.60
N PRO E 183 -11.58 4.13 -54.50
CA PRO E 183 -10.50 3.24 -54.95
C PRO E 183 -10.11 3.53 -56.39
N LYS E 184 -8.80 3.53 -56.65
CA LYS E 184 -8.20 3.67 -57.98
C LYS E 184 -8.27 5.10 -58.51
N ALA E 185 -8.41 6.10 -57.62
CA ALA E 185 -8.44 7.48 -58.06
C ALA E 185 -7.07 8.14 -58.10
N GLY E 186 -6.10 7.60 -57.35
CA GLY E 186 -4.74 8.10 -57.42
C GLY E 186 -4.17 8.50 -56.09
N LYS E 187 -4.77 8.01 -55.01
CA LYS E 187 -4.37 8.44 -53.67
C LYS E 187 -2.94 8.00 -53.34
N THR E 188 -2.64 6.72 -53.55
CA THR E 188 -1.34 6.18 -53.18
C THR E 188 -0.22 6.85 -53.97
N MET E 189 -0.35 6.91 -55.31
CA MET E 189 0.67 7.55 -56.13
C MET E 189 0.81 9.03 -55.82
N LEU E 190 -0.29 9.69 -55.42
CA LEU E 190 -0.17 11.07 -54.95
C LEU E 190 0.61 11.16 -53.65
N LEU E 191 0.41 10.21 -52.74
CA LEU E 191 1.22 10.16 -51.52
C LEU E 191 2.69 9.89 -51.84
N GLN E 192 2.97 9.06 -52.86
CA GLN E 192 4.34 8.82 -53.29
C GLN E 192 4.96 10.07 -53.90
N ASN E 193 4.19 10.80 -54.70
CA ASN E 193 4.64 12.09 -55.23
C ASN E 193 4.98 13.06 -54.10
N ILE E 194 4.12 13.10 -53.07
CA ILE E 194 4.40 13.91 -51.89
C ILE E 194 5.70 13.47 -51.22
N ALA E 195 5.90 12.16 -51.06
CA ALA E 195 7.10 11.66 -50.41
C ALA E 195 8.35 12.09 -51.16
N GLN E 196 8.35 11.98 -52.49
CA GLN E 196 9.47 12.46 -53.28
C GLN E 196 9.71 13.96 -53.06
N SER E 197 8.64 14.76 -53.11
CA SER E 197 8.78 16.20 -52.89
C SER E 197 9.35 16.50 -51.51
N ILE E 198 8.97 15.71 -50.50
CA ILE E 198 9.49 15.92 -49.16
C ILE E 198 10.97 15.58 -49.10
N ALA E 199 11.38 14.47 -49.70
CA ALA E 199 12.78 14.10 -49.66
C ALA E 199 13.65 15.13 -50.37
N TYR E 200 13.15 15.74 -51.44
CA TYR E 200 13.99 16.69 -52.15
C TYR E 200 13.96 18.09 -51.53
N ASN E 201 12.76 18.60 -51.24
CA ASN E 201 12.63 19.98 -50.80
C ASN E 201 12.82 20.13 -49.30
N HIS E 202 12.58 19.07 -48.53
CA HIS E 202 12.64 19.14 -47.07
C HIS E 202 13.42 17.94 -46.52
N PRO E 203 14.70 17.81 -46.87
CA PRO E 203 15.50 16.73 -46.30
C PRO E 203 15.69 16.86 -44.80
N ASP E 204 15.42 18.05 -44.25
CA ASP E 204 15.56 18.25 -42.81
C ASP E 204 14.49 17.51 -42.03
N CYS E 205 13.31 17.32 -42.62
CA CYS E 205 12.20 16.67 -41.93
C CYS E 205 12.45 15.17 -41.79
N VAL E 206 11.96 14.60 -40.70
CA VAL E 206 12.05 13.16 -40.43
C VAL E 206 10.86 12.50 -41.11
N LEU E 207 11.08 11.82 -42.24
CA LEU E 207 10.00 11.24 -43.03
C LEU E 207 9.78 9.78 -42.67
N MET E 208 8.53 9.46 -42.32
CA MET E 208 8.09 8.10 -42.03
C MET E 208 6.85 7.80 -42.87
N VAL E 209 6.79 6.60 -43.46
CA VAL E 209 5.69 6.17 -44.32
C VAL E 209 5.05 4.94 -43.69
N LEU E 210 3.84 5.11 -43.14
CA LEU E 210 3.10 4.04 -42.50
C LEU E 210 2.05 3.50 -43.47
N LEU E 211 2.15 2.21 -43.80
CA LEU E 211 1.26 1.54 -44.74
C LEU E 211 0.43 0.50 -43.98
N ILE E 212 -0.89 0.73 -43.92
CA ILE E 212 -1.79 -0.11 -43.14
C ILE E 212 -2.83 -0.73 -44.07
N ASP E 213 -2.84 -2.06 -44.11
CA ASP E 213 -3.91 -2.84 -44.74
C ASP E 213 -4.00 -2.56 -46.25
N GLU E 214 -2.85 -2.34 -46.88
CA GLU E 214 -2.79 -2.04 -48.30
C GLU E 214 -1.92 -3.08 -49.01
N ARG E 215 -1.75 -2.86 -50.32
CA ARG E 215 -1.19 -3.89 -51.20
C ARG E 215 0.28 -4.13 -50.86
N PRO E 216 0.74 -5.39 -50.92
CA PRO E 216 2.13 -5.67 -50.53
C PRO E 216 3.14 -5.13 -51.52
N GLU E 217 2.83 -5.14 -52.81
CA GLU E 217 3.78 -4.61 -53.79
C GLU E 217 4.03 -3.12 -53.59
N GLU E 218 3.04 -2.39 -53.05
CA GLU E 218 3.24 -0.98 -52.75
C GLU E 218 4.24 -0.77 -51.61
N VAL E 219 4.33 -1.73 -50.69
CA VAL E 219 5.34 -1.64 -49.63
C VAL E 219 6.74 -1.62 -50.22
N THR E 220 7.07 -2.61 -51.04
CA THR E 220 8.38 -2.65 -51.64
C THR E 220 8.58 -1.50 -52.61
N GLU E 221 7.53 -1.12 -53.37
CA GLU E 221 7.63 0.05 -54.22
C GLU E 221 7.96 1.31 -53.43
N MET E 222 7.40 1.45 -52.24
CA MET E 222 7.61 2.64 -51.44
C MET E 222 9.00 2.64 -50.79
N GLN E 223 9.47 1.48 -50.32
CA GLN E 223 10.74 1.49 -49.60
C GLN E 223 11.92 1.68 -50.54
N ARG E 224 11.77 1.31 -51.80
CA ARG E 224 12.80 1.55 -52.80
C ARG E 224 12.65 2.89 -53.50
N LEU E 225 11.59 3.65 -53.19
CA LEU E 225 11.32 4.93 -53.81
C LEU E 225 11.57 6.12 -52.91
N VAL E 226 11.13 6.07 -51.65
CA VAL E 226 11.22 7.21 -50.76
C VAL E 226 12.55 7.17 -50.02
N LYS E 227 13.07 8.36 -49.72
CA LYS E 227 14.29 8.51 -48.93
C LYS E 227 13.85 8.73 -47.50
N GLY E 228 13.42 7.64 -46.87
CA GLY E 228 12.98 7.69 -45.49
C GLY E 228 12.69 6.31 -44.96
N GLU E 229 12.11 6.27 -43.78
CA GLU E 229 11.75 5.01 -43.14
C GLU E 229 10.34 4.59 -43.52
N VAL E 230 10.17 3.30 -43.82
CA VAL E 230 8.89 2.74 -44.24
C VAL E 230 8.53 1.61 -43.28
N VAL E 231 7.41 1.77 -42.58
CA VAL E 231 6.83 0.75 -41.70
C VAL E 231 5.50 0.31 -42.31
N ALA E 232 5.31 -1.01 -42.46
CA ALA E 232 4.15 -1.53 -43.17
C ALA E 232 3.51 -2.70 -42.42
N SER E 233 2.23 -2.94 -42.73
CA SER E 233 1.40 -4.00 -42.17
C SER E 233 0.30 -4.27 -43.19
N THR E 234 0.64 -5.05 -44.22
CA THR E 234 -0.22 -5.25 -45.38
C THR E 234 -1.54 -5.90 -45.03
N PHE E 235 -2.41 -6.04 -46.03
CA PHE E 235 -3.69 -6.69 -45.80
C PHE E 235 -3.54 -8.18 -45.52
N ASP E 236 -2.33 -8.74 -45.64
CA ASP E 236 -2.10 -10.11 -45.21
C ASP E 236 -2.12 -10.23 -43.70
N GLU E 237 -2.11 -9.15 -43.01
CA GLU E 237 -2.01 -9.07 -41.57
C GLU E 237 -3.36 -8.79 -40.93
N PRO E 238 -3.53 -9.23 -39.68
CA PRO E 238 -4.79 -8.99 -38.96
C PRO E 238 -4.86 -7.56 -38.45
N ALA E 239 -6.08 -7.18 -38.05
CA ALA E 239 -6.30 -5.83 -37.53
C ALA E 239 -5.47 -5.60 -36.28
N SER E 240 -5.34 -6.63 -35.44
CA SER E 240 -4.56 -6.51 -34.21
C SER E 240 -3.17 -5.98 -34.51
N ARG E 241 -2.52 -6.54 -35.54
CA ARG E 241 -1.18 -6.11 -35.90
C ARG E 241 -1.19 -4.68 -36.41
N HIS E 242 -2.15 -4.32 -37.27
CA HIS E 242 -2.27 -2.94 -37.74
C HIS E 242 -2.25 -1.96 -36.58
N VAL E 243 -3.10 -2.21 -35.58
CA VAL E 243 -3.20 -1.29 -34.44
C VAL E 243 -1.85 -1.20 -33.74
N GLN E 244 -1.28 -2.34 -33.36
CA GLN E 244 -0.06 -2.27 -32.56
C GLN E 244 1.07 -1.52 -33.29
N VAL E 245 1.24 -1.82 -34.58
CA VAL E 245 2.28 -1.18 -35.38
C VAL E 245 2.06 0.32 -35.46
N ALA E 246 0.80 0.73 -35.72
CA ALA E 246 0.51 2.16 -35.82
C ALA E 246 0.76 2.87 -34.49
N GLU E 247 0.45 2.21 -33.37
CA GLU E 247 0.71 2.81 -32.07
C GLU E 247 2.20 3.04 -31.88
N MET E 248 3.03 2.04 -32.20
CA MET E 248 4.47 2.23 -32.08
C MET E 248 4.96 3.41 -32.92
N VAL E 249 4.49 3.50 -34.17
CA VAL E 249 4.97 4.56 -35.05
C VAL E 249 4.55 5.95 -34.53
N ILE E 250 3.29 6.08 -34.10
CA ILE E 250 2.83 7.38 -33.62
C ILE E 250 3.56 7.80 -32.34
N GLU E 251 3.84 6.85 -31.43
CA GLU E 251 4.58 7.22 -30.23
C GLU E 251 6.01 7.62 -30.58
N LYS E 252 6.65 6.91 -31.50
CA LYS E 252 7.99 7.31 -31.93
C LYS E 252 7.98 8.74 -32.49
N ALA E 253 6.99 9.07 -33.31
CA ALA E 253 6.86 10.44 -33.82
C ALA E 253 6.73 11.44 -32.67
N LYS E 254 5.89 11.15 -31.68
CA LYS E 254 5.73 12.07 -30.55
C LYS E 254 7.05 12.30 -29.82
N ARG E 255 7.83 11.23 -29.61
CA ARG E 255 9.13 11.39 -28.96
C ARG E 255 10.04 12.33 -29.77
N LEU E 256 10.19 12.07 -31.07
CA LEU E 256 11.02 12.94 -31.88
C LEU E 256 10.55 14.40 -31.83
N VAL E 257 9.23 14.61 -31.77
CA VAL E 257 8.70 15.98 -31.64
C VAL E 257 9.06 16.57 -30.29
N GLU E 258 9.06 15.77 -29.23
CA GLU E 258 9.58 16.24 -27.96
C GLU E 258 11.04 16.70 -28.07
N HIS E 259 11.79 16.17 -29.03
CA HIS E 259 13.12 16.71 -29.32
C HIS E 259 13.13 17.79 -30.40
N LYS E 260 12.05 18.57 -30.53
CA LYS E 260 11.96 19.70 -31.46
C LYS E 260 12.29 19.31 -32.90
N LYS E 261 11.80 18.14 -33.31
CA LYS E 261 11.98 17.66 -34.67
C LYS E 261 10.69 17.85 -35.46
N ASP E 262 10.83 18.01 -36.78
CA ASP E 262 9.70 18.13 -37.71
C ASP E 262 9.49 16.76 -38.36
N VAL E 263 8.55 15.99 -37.81
CA VAL E 263 8.23 14.63 -38.27
C VAL E 263 7.06 14.71 -39.24
N ILE E 264 7.09 13.87 -40.27
CA ILE E 264 6.01 13.74 -41.24
C ILE E 264 5.66 12.26 -41.39
N ILE E 265 4.38 11.93 -41.26
CA ILE E 265 3.89 10.56 -41.40
C ILE E 265 2.93 10.54 -42.57
N LEU E 266 3.30 9.79 -43.61
CA LEU E 266 2.42 9.54 -44.75
C LEU E 266 1.74 8.20 -44.52
N LEU E 267 0.45 8.24 -44.20
CA LEU E 267 -0.31 7.05 -43.82
C LEU E 267 -1.25 6.62 -44.95
N ASP E 268 -1.22 5.32 -45.27
CA ASP E 268 -2.05 4.77 -46.33
C ASP E 268 -2.37 3.32 -45.97
N SER E 269 -3.60 3.05 -45.53
CA SER E 269 -4.68 4.03 -45.47
C SER E 269 -5.18 4.26 -44.05
N ILE E 270 -5.61 5.50 -43.75
CA ILE E 270 -6.13 5.78 -42.41
C ILE E 270 -7.56 5.27 -42.27
N THR E 271 -8.31 5.18 -43.38
CA THR E 271 -9.63 4.56 -43.32
C THR E 271 -9.52 3.11 -42.87
N ARG E 272 -8.54 2.38 -43.42
CA ARG E 272 -8.39 0.98 -43.02
C ARG E 272 -7.85 0.86 -41.60
N LEU E 273 -7.02 1.81 -41.17
CA LEU E 273 -6.61 1.83 -39.76
C LEU E 273 -7.81 2.03 -38.84
N ALA E 274 -8.72 2.94 -39.21
CA ALA E 274 -9.94 3.13 -38.44
C ALA E 274 -10.77 1.86 -38.41
N ARG E 275 -10.88 1.16 -39.55
CA ARG E 275 -11.55 -0.14 -39.57
C ARG E 275 -10.92 -1.12 -38.59
N ALA E 276 -9.57 -1.16 -38.55
CA ALA E 276 -8.91 -2.06 -37.60
C ALA E 276 -9.29 -1.73 -36.17
N TYR E 277 -9.24 -0.46 -35.80
CA TYR E 277 -9.70 -0.07 -34.47
C TYR E 277 -11.13 -0.54 -34.22
N ASN E 278 -12.02 -0.35 -35.19
CA ASN E 278 -13.39 -0.84 -35.04
C ASN E 278 -13.45 -2.36 -34.86
N THR E 279 -12.46 -3.07 -35.39
CA THR E 279 -12.42 -4.53 -35.25
C THR E 279 -12.01 -4.95 -33.85
N VAL E 280 -11.07 -4.25 -33.23
CA VAL E 280 -10.61 -4.66 -31.90
C VAL E 280 -11.31 -3.91 -30.77
N VAL E 281 -12.16 -2.93 -31.06
CA VAL E 281 -12.75 -2.11 -30.00
C VAL E 281 -13.75 -2.94 -29.21
N PRO E 282 -13.84 -2.80 -27.88
CA PRO E 282 -14.88 -3.51 -27.12
C PRO E 282 -16.27 -3.01 -27.52
N ALA E 283 -17.17 -3.96 -27.77
CA ALA E 283 -18.55 -3.60 -28.10
C ALA E 283 -19.17 -2.77 -27.00
N SER E 284 -19.81 -1.67 -27.39
CA SER E 284 -20.44 -0.75 -26.45
C SER E 284 -21.95 -0.93 -26.37
N GLY E 285 -22.52 -1.83 -27.17
CA GLY E 285 -23.96 -1.92 -27.30
C GLY E 285 -24.59 -0.82 -28.12
N LYS E 286 -23.79 0.06 -28.73
CA LYS E 286 -24.28 1.16 -29.55
C LYS E 286 -23.46 1.16 -30.83
N VAL E 287 -24.12 1.18 -31.98
CA VAL E 287 -23.42 1.08 -33.25
C VAL E 287 -23.94 2.16 -34.18
N LEU E 288 -23.02 2.95 -34.72
CA LEU E 288 -23.34 4.03 -35.64
C LEU E 288 -23.70 3.48 -37.01
N THR E 289 -24.27 4.37 -37.83
CA THR E 289 -24.58 4.04 -39.22
C THR E 289 -23.34 3.53 -39.95
N GLY E 290 -23.50 2.41 -40.67
CA GLY E 290 -22.42 1.77 -41.39
C GLY E 290 -21.72 0.65 -40.64
N GLY E 291 -22.13 0.34 -39.41
CA GLY E 291 -21.48 -0.72 -38.65
C GLY E 291 -20.25 -0.30 -37.87
N VAL E 292 -20.17 0.96 -37.45
CA VAL E 292 -19.05 1.47 -36.67
C VAL E 292 -19.52 1.63 -35.23
N ASP E 293 -18.80 0.99 -34.30
CA ASP E 293 -19.11 1.10 -32.89
C ASP E 293 -19.05 2.56 -32.45
N ALA E 294 -19.95 2.93 -31.53
CA ALA E 294 -20.05 4.31 -31.07
C ALA E 294 -18.77 4.81 -30.40
N ASN E 295 -17.94 3.90 -29.87
CA ASN E 295 -16.69 4.25 -29.21
C ASN E 295 -15.47 3.89 -30.04
N ALA E 296 -15.67 3.48 -31.29
CA ALA E 296 -14.56 2.96 -32.07
C ALA E 296 -13.65 4.05 -32.60
N LEU E 297 -14.21 5.22 -32.91
CA LEU E 297 -13.45 6.27 -33.59
C LEU E 297 -12.67 7.16 -32.62
N HIS E 298 -12.80 6.97 -31.31
CA HIS E 298 -12.03 7.78 -30.37
C HIS E 298 -10.53 7.57 -30.55
N ARG E 299 -10.09 6.31 -30.53
CA ARG E 299 -8.68 6.00 -30.75
C ARG E 299 -8.14 6.49 -32.10
N PRO E 300 -8.73 6.12 -33.25
CA PRO E 300 -8.21 6.64 -34.52
C PRO E 300 -8.28 8.15 -34.58
N LYS E 301 -9.25 8.77 -33.93
CA LYS E 301 -9.32 10.22 -33.88
C LYS E 301 -8.14 10.80 -33.11
N ARG E 302 -7.76 10.18 -31.99
CA ARG E 302 -6.57 10.66 -31.29
C ARG E 302 -5.30 10.43 -32.10
N PHE E 303 -5.25 9.32 -32.85
CA PHE E 303 -4.09 9.06 -33.72
C PHE E 303 -3.95 10.15 -34.79
N PHE E 304 -5.01 10.39 -35.55
CA PHE E 304 -4.94 11.47 -36.54
C PHE E 304 -4.70 12.81 -35.88
N GLY E 305 -5.36 13.10 -34.75
CA GLY E 305 -5.19 14.36 -34.04
C GLY E 305 -3.83 14.55 -33.39
N ALA E 306 -3.01 13.50 -33.31
CA ALA E 306 -1.63 13.68 -32.87
C ALA E 306 -0.94 14.77 -33.68
N ALA E 307 -1.11 14.75 -35.00
CA ALA E 307 -0.49 15.76 -35.86
C ALA E 307 -0.83 17.16 -35.39
N ARG E 308 0.20 17.99 -35.21
CA ARG E 308 -0.01 19.33 -34.68
C ARG E 308 1.27 20.12 -34.82
N ASN E 309 1.12 21.45 -34.83
CA ASN E 309 2.25 22.36 -34.80
C ASN E 309 2.52 22.75 -33.36
N VAL E 310 3.81 22.75 -32.99
CA VAL E 310 4.23 23.05 -31.62
C VAL E 310 4.93 24.39 -31.61
N GLU E 311 4.54 25.24 -30.67
CA GLU E 311 5.20 26.53 -30.49
C GLU E 311 6.60 26.36 -29.91
N GLU E 312 6.80 25.36 -29.05
CA GLU E 312 8.09 25.19 -28.40
C GLU E 312 9.17 24.79 -29.39
N GLY E 313 8.82 24.03 -30.43
CA GLY E 313 9.79 23.65 -31.43
C GLY E 313 9.46 22.32 -32.08
N GLY E 314 9.55 22.24 -33.40
CA GLY E 314 9.20 21.04 -34.14
C GLY E 314 7.72 20.96 -34.45
N SER E 315 7.33 19.83 -35.04
CA SER E 315 5.94 19.62 -35.44
C SER E 315 5.76 18.16 -35.83
N LEU E 316 4.49 17.73 -35.89
CA LEU E 316 4.09 16.42 -36.38
C LEU E 316 3.05 16.62 -37.47
N THR E 317 3.42 16.30 -38.71
CA THR E 317 2.53 16.34 -39.86
C THR E 317 2.04 14.93 -40.16
N ILE E 318 0.78 14.81 -40.55
CA ILE E 318 0.23 13.52 -40.96
C ILE E 318 -0.59 13.74 -42.22
N ILE E 319 -0.17 13.13 -43.31
CA ILE E 319 -0.95 13.12 -44.55
C ILE E 319 -1.39 11.68 -44.77
N ALA E 320 -2.68 11.42 -44.59
CA ALA E 320 -3.22 10.08 -44.68
C ALA E 320 -4.30 10.01 -45.77
N THR E 321 -4.39 8.84 -46.41
CA THR E 321 -5.40 8.62 -47.44
C THR E 321 -6.67 8.08 -46.83
N ALA E 322 -7.81 8.50 -47.39
CA ALA E 322 -9.12 8.03 -46.96
C ALA E 322 -9.95 7.62 -48.16
N LEU E 323 -10.92 6.75 -47.90
CA LEU E 323 -11.77 6.18 -48.95
C LEU E 323 -13.18 6.74 -48.86
N ILE E 324 -13.81 6.92 -50.03
CA ILE E 324 -15.20 7.37 -50.14
C ILE E 324 -15.86 6.66 -51.32
N ASP E 325 -17.18 6.75 -51.37
CA ASP E 325 -17.98 6.18 -52.45
C ASP E 325 -17.68 4.69 -52.63
N THR E 326 -17.47 4.00 -51.52
CA THR E 326 -17.21 2.58 -51.52
C THR E 326 -18.50 1.75 -51.47
N GLY E 327 -19.67 2.39 -51.42
CA GLY E 327 -20.92 1.70 -51.18
C GLY E 327 -21.15 1.33 -49.72
N SER E 328 -20.14 1.47 -48.86
CA SER E 328 -20.24 1.13 -47.44
C SER E 328 -20.29 2.44 -46.66
N LYS E 329 -21.43 2.70 -46.00
CA LYS E 329 -21.61 3.96 -45.27
C LYS E 329 -20.52 4.17 -44.21
N MET E 330 -19.99 3.07 -43.66
CA MET E 330 -18.94 3.15 -42.66
C MET E 330 -17.82 4.08 -43.08
N ASP E 331 -17.41 4.01 -44.34
CA ASP E 331 -16.30 4.84 -44.81
C ASP E 331 -16.69 6.31 -44.93
N GLU E 332 -17.94 6.61 -45.28
CA GLU E 332 -18.41 7.99 -45.22
C GLU E 332 -18.34 8.53 -43.78
N VAL E 333 -18.76 7.70 -42.81
CA VAL E 333 -18.69 8.10 -41.40
C VAL E 333 -17.25 8.39 -40.99
N ILE E 334 -16.34 7.46 -41.28
CA ILE E 334 -14.94 7.62 -40.93
C ILE E 334 -14.36 8.86 -41.60
N TYR E 335 -14.64 9.05 -42.89
CA TYR E 335 -14.11 10.19 -43.61
C TYR E 335 -14.61 11.51 -43.03
N GLU E 336 -15.92 11.61 -42.77
CA GLU E 336 -16.45 12.85 -42.25
C GLU E 336 -15.99 13.11 -40.81
N GLU E 337 -15.79 12.05 -40.04
CA GLU E 337 -15.22 12.21 -38.70
C GLU E 337 -13.80 12.73 -38.76
N PHE E 338 -12.99 12.20 -39.68
CA PHE E 338 -11.62 12.70 -39.81
C PHE E 338 -11.58 14.11 -40.38
N LYS E 339 -12.57 14.50 -41.20
CA LYS E 339 -12.57 15.86 -41.73
C LYS E 339 -12.78 16.88 -40.63
N GLY E 340 -13.64 16.58 -39.67
CA GLY E 340 -13.86 17.38 -38.48
C GLY E 340 -12.77 17.27 -37.43
N THR E 341 -11.75 16.47 -37.70
CA THR E 341 -10.53 16.39 -36.91
C THR E 341 -9.36 17.11 -37.54
N GLY E 342 -9.17 16.98 -38.85
CA GLY E 342 -8.04 17.56 -39.53
C GLY E 342 -8.33 18.95 -40.05
N ASN E 343 -7.47 19.38 -41.00
CA ASN E 343 -7.50 20.76 -41.49
C ASN E 343 -6.97 20.89 -42.91
N MET E 344 -7.08 19.83 -43.70
CA MET E 344 -6.62 19.82 -45.08
C MET E 344 -7.15 18.58 -45.78
N GLU E 345 -7.78 18.74 -46.94
CA GLU E 345 -8.27 17.60 -47.71
C GLU E 345 -7.98 17.87 -49.18
N LEU E 346 -7.30 16.92 -49.82
CA LEU E 346 -7.11 16.90 -51.25
C LEU E 346 -8.00 15.78 -51.78
N HIS E 347 -9.06 16.17 -52.49
CA HIS E 347 -9.99 15.20 -53.07
C HIS E 347 -9.53 14.79 -54.46
N LEU E 348 -9.69 13.51 -54.75
CA LEU E 348 -9.44 12.96 -56.08
C LEU E 348 -10.72 12.33 -56.61
N SER E 349 -10.99 12.55 -57.88
CA SER E 349 -12.27 12.18 -58.48
C SER E 349 -12.11 10.94 -59.35
N ARG E 350 -13.00 9.96 -59.13
CA ARG E 350 -13.05 8.80 -60.01
C ARG E 350 -13.44 9.18 -61.43
N LYS E 351 -14.32 10.18 -61.59
CA LYS E 351 -14.74 10.62 -62.91
C LYS E 351 -13.56 11.15 -63.71
N ILE E 352 -12.69 11.95 -63.08
CA ILE E 352 -11.51 12.46 -63.76
C ILE E 352 -10.52 11.32 -64.04
N ALA E 353 -10.39 10.39 -63.09
CA ALA E 353 -9.42 9.30 -63.25
C ALA E 353 -9.81 8.33 -64.36
N GLU E 354 -11.11 8.14 -64.59
CA GLU E 354 -11.56 7.25 -65.66
C GLU E 354 -11.29 7.83 -67.05
N LYS E 355 -11.21 9.16 -67.18
CA LYS E 355 -10.77 9.80 -68.41
C LYS E 355 -9.25 9.85 -68.53
N ARG E 356 -8.53 9.22 -67.59
CA ARG E 356 -7.06 9.19 -67.60
C ARG E 356 -6.47 10.60 -67.58
N VAL E 357 -7.06 11.46 -66.77
CA VAL E 357 -6.58 12.82 -66.56
C VAL E 357 -5.94 12.84 -65.17
N PHE E 358 -4.62 13.02 -65.12
CA PHE E 358 -3.92 13.00 -63.85
C PHE E 358 -3.06 14.24 -63.67
N PRO E 359 -2.99 14.80 -62.45
CA PRO E 359 -3.67 14.28 -61.26
C PRO E 359 -5.17 14.53 -61.27
N ALA E 360 -5.95 13.53 -60.88
CA ALA E 360 -7.40 13.62 -60.91
C ALA E 360 -7.90 14.30 -59.64
N ILE E 361 -7.68 15.62 -59.58
CA ILE E 361 -7.94 16.39 -58.37
C ILE E 361 -9.27 17.12 -58.51
N ASP E 362 -10.16 16.92 -57.54
CA ASP E 362 -11.39 17.68 -57.42
C ASP E 362 -11.03 19.01 -56.76
N TYR E 363 -10.92 20.06 -57.56
CA TYR E 363 -10.38 21.32 -57.08
C TYR E 363 -11.30 21.96 -56.05
N ASN E 364 -12.60 22.06 -56.38
CA ASN E 364 -13.53 22.79 -55.51
C ASN E 364 -13.61 22.16 -54.13
N ARG E 365 -13.60 20.82 -54.05
CA ARG E 365 -13.75 20.15 -52.77
C ARG E 365 -12.47 20.17 -51.94
N SER E 366 -11.31 20.25 -52.59
CA SER E 366 -10.05 20.32 -51.87
C SER E 366 -9.91 21.65 -51.14
N GLY E 367 -8.92 21.75 -50.28
CA GLY E 367 -8.64 22.98 -49.59
C GLY E 367 -7.95 22.74 -48.26
N THR E 368 -7.43 23.84 -47.69
CA THR E 368 -6.72 23.84 -46.42
C THR E 368 -7.27 24.95 -45.55
N ARG E 369 -7.40 24.67 -44.25
CA ARG E 369 -7.83 25.68 -43.29
C ARG E 369 -6.69 26.63 -42.95
N LYS E 370 -7.05 27.89 -42.73
CA LYS E 370 -6.09 28.91 -42.34
C LYS E 370 -4.90 28.95 -43.31
N GLU E 371 -5.21 28.82 -44.60
CA GLU E 371 -4.15 28.80 -45.61
C GLU E 371 -3.41 30.12 -45.71
N GLU E 372 -3.92 31.19 -45.10
CA GLU E 372 -3.20 32.45 -45.07
C GLU E 372 -1.95 32.39 -44.19
N LEU E 373 -1.88 31.43 -43.26
CA LEU E 373 -0.68 31.23 -42.45
C LEU E 373 0.41 30.47 -43.18
N LEU E 374 0.13 29.96 -44.38
CA LEU E 374 1.09 29.17 -45.15
C LEU E 374 1.44 29.81 -46.48
N THR E 375 0.95 31.00 -46.77
CA THR E 375 1.13 31.62 -48.08
C THR E 375 1.48 33.08 -47.92
N THR E 376 2.18 33.63 -48.90
CA THR E 376 2.40 35.06 -48.96
C THR E 376 1.09 35.77 -49.32
N GLN E 377 1.07 37.08 -49.11
CA GLN E 377 -0.15 37.86 -49.35
C GLN E 377 -0.59 37.75 -50.80
N GLU E 378 0.34 37.98 -51.73
CA GLU E 378 0.01 37.91 -53.15
C GLU E 378 -0.22 36.48 -53.62
N GLU E 379 0.53 35.50 -53.08
CA GLU E 379 0.27 34.10 -53.44
C GLU E 379 -1.16 33.71 -53.08
N LEU E 380 -1.62 34.09 -51.90
CA LEU E 380 -3.01 33.84 -51.51
C LEU E 380 -3.99 34.57 -52.42
N GLN E 381 -3.71 35.83 -52.76
CA GLN E 381 -4.64 36.52 -53.67
C GLN E 381 -4.73 35.83 -55.03
N LYS E 382 -3.60 35.36 -55.55
CA LYS E 382 -3.60 34.67 -56.83
C LYS E 382 -4.34 33.32 -56.76
N MET E 383 -4.11 32.54 -55.70
CA MET E 383 -4.87 31.30 -55.52
C MET E 383 -6.36 31.56 -55.39
N TRP E 384 -6.74 32.63 -54.69
CA TRP E 384 -8.15 32.98 -54.52
C TRP E 384 -8.81 33.26 -55.87
N ILE E 385 -8.18 34.11 -56.69
CA ILE E 385 -8.69 34.33 -58.03
C ILE E 385 -8.80 33.03 -58.79
N LEU E 386 -7.74 32.23 -58.76
CA LEU E 386 -7.74 31.00 -59.52
C LEU E 386 -8.91 30.11 -59.13
N ARG E 387 -9.24 30.06 -57.84
CA ARG E 387 -10.38 29.28 -57.42
C ARG E 387 -11.69 29.86 -57.93
N LYS E 388 -11.84 31.18 -57.89
CA LYS E 388 -13.05 31.77 -58.43
C LYS E 388 -13.21 31.44 -59.92
N ILE E 389 -12.10 31.34 -60.66
CA ILE E 389 -12.21 31.01 -62.08
C ILE E 389 -12.54 29.54 -62.28
N ILE E 390 -11.94 28.64 -61.47
CA ILE E 390 -12.13 27.21 -61.66
C ILE E 390 -13.49 26.72 -61.17
N HIS E 391 -14.07 27.36 -60.16
CA HIS E 391 -15.32 26.88 -59.57
C HIS E 391 -16.43 26.61 -60.58
N PRO E 392 -16.76 27.50 -61.53
CA PRO E 392 -17.88 27.21 -62.43
C PRO E 392 -17.65 26.02 -63.33
N MET E 393 -16.41 25.59 -63.51
CA MET E 393 -16.09 24.50 -64.40
C MET E 393 -16.47 23.16 -63.78
N GLY E 394 -16.64 22.15 -64.65
CA GLY E 394 -16.85 20.80 -64.18
C GLY E 394 -15.58 20.20 -63.61
N GLU E 395 -15.73 19.07 -62.92
CA GLU E 395 -14.58 18.40 -62.33
C GLU E 395 -13.49 18.14 -63.36
N ILE E 396 -13.86 17.56 -64.51
CA ILE E 396 -12.88 17.19 -65.53
C ILE E 396 -12.36 18.42 -66.24
N ASP E 397 -13.28 19.31 -66.67
CA ASP E 397 -12.88 20.53 -67.34
C ASP E 397 -11.89 21.34 -66.51
N ALA E 398 -12.11 21.39 -65.19
CA ALA E 398 -11.23 22.14 -64.31
C ALA E 398 -9.80 21.63 -64.38
N MET E 399 -9.61 20.31 -64.27
CA MET E 399 -8.26 19.78 -64.29
C MET E 399 -7.63 19.88 -65.67
N GLU E 400 -8.38 19.58 -66.73
CA GLU E 400 -7.79 19.74 -68.06
C GLU E 400 -7.31 21.17 -68.27
N PHE E 401 -8.14 22.14 -67.92
CA PHE E 401 -7.78 23.55 -68.03
C PHE E 401 -6.52 23.87 -67.22
N LEU E 402 -6.52 23.54 -65.92
CA LEU E 402 -5.41 23.89 -65.05
C LEU E 402 -4.11 23.21 -65.46
N ILE E 403 -4.16 21.92 -65.84
CA ILE E 403 -2.95 21.22 -66.21
C ILE E 403 -2.39 21.76 -67.52
N ASN E 404 -3.26 22.04 -68.50
CA ASN E 404 -2.75 22.65 -69.74
C ASN E 404 -2.11 24.00 -69.47
N LYS E 405 -2.70 24.81 -68.57
CA LYS E 405 -2.10 26.11 -68.27
C LYS E 405 -0.77 25.96 -67.53
N LEU E 406 -0.69 25.04 -66.57
CA LEU E 406 0.54 24.87 -65.79
C LEU E 406 1.65 24.24 -66.62
N ALA E 407 1.31 23.32 -67.53
CA ALA E 407 2.31 22.69 -68.38
C ALA E 407 3.06 23.69 -69.25
N MET E 408 2.50 24.88 -69.47
CA MET E 408 3.17 25.91 -70.24
C MET E 408 4.41 26.49 -69.55
N THR E 409 4.49 26.38 -68.23
CA THR E 409 5.59 26.96 -67.46
C THR E 409 6.21 25.92 -66.54
N LYS E 410 7.41 26.22 -66.05
CA LYS E 410 8.11 25.31 -65.15
C LYS E 410 7.61 25.42 -63.72
N THR E 411 7.37 26.64 -63.25
CA THR E 411 7.01 26.88 -61.86
C THR E 411 5.67 27.61 -61.77
N ASN E 412 5.04 27.48 -60.60
CA ASN E 412 3.80 28.22 -60.33
C ASN E 412 4.02 29.72 -60.31
N ASP E 413 5.21 30.18 -59.92
CA ASP E 413 5.50 31.61 -59.91
C ASP E 413 5.42 32.20 -61.32
N ASP E 414 6.05 31.54 -62.30
CA ASP E 414 5.94 31.98 -63.69
C ASP E 414 4.50 31.90 -64.20
N PHE E 415 3.76 30.87 -63.78
CA PHE E 415 2.35 30.77 -64.13
C PHE E 415 1.55 31.96 -63.60
N PHE E 416 1.78 32.35 -62.34
CA PHE E 416 1.17 33.54 -61.77
C PHE E 416 1.55 34.79 -62.56
N GLU E 417 2.83 34.93 -62.93
CA GLU E 417 3.23 36.06 -63.76
C GLU E 417 2.52 36.06 -65.11
N MET E 418 2.23 34.87 -65.65
CA MET E 418 1.42 34.79 -66.86
C MET E 418 -0.02 35.27 -66.61
N MET E 419 -0.58 34.97 -65.42
CA MET E 419 -1.95 35.42 -65.14
C MET E 419 -2.11 36.92 -65.32
N LYS E 420 -1.06 37.69 -65.08
CA LYS E 420 -1.12 39.15 -65.20
C LYS E 420 -1.23 39.62 -66.65
N MET F 4 95.98 -7.20 56.62
CA MET F 4 95.31 -8.50 56.75
C MET F 4 93.87 -8.30 57.19
N ASN F 5 92.95 -8.25 56.23
CA ASN F 5 91.54 -7.95 56.48
C ASN F 5 90.66 -9.06 55.92
N LEU F 6 89.58 -9.34 56.64
CA LEU F 6 88.71 -10.46 56.27
C LEU F 6 88.02 -10.20 54.93
N THR F 7 87.30 -9.09 54.81
CA THR F 7 86.59 -8.82 53.57
C THR F 7 87.54 -8.64 52.39
N GLU F 8 88.75 -8.12 52.66
CA GLU F 8 89.74 -8.03 51.60
C GLU F 8 90.14 -9.42 51.10
N LEU F 9 90.25 -10.39 52.02
CA LEU F 9 90.51 -11.77 51.61
C LEU F 9 89.32 -12.38 50.89
N LYS F 10 88.11 -12.03 51.31
CA LYS F 10 86.92 -12.52 50.62
C LYS F 10 86.83 -11.96 49.20
N ASN F 11 87.33 -10.75 48.98
CA ASN F 11 87.26 -10.15 47.65
C ASN F 11 88.29 -10.76 46.70
N THR F 12 89.49 -11.06 47.18
CA THR F 12 90.54 -11.53 46.30
C THR F 12 90.15 -12.89 45.71
N PRO F 13 90.53 -13.17 44.47
CA PRO F 13 90.21 -14.47 43.86
C PRO F 13 90.86 -15.62 44.61
N VAL F 14 90.33 -16.82 44.37
CA VAL F 14 90.83 -18.01 45.06
C VAL F 14 92.28 -18.30 44.68
N SER F 15 92.65 -18.02 43.42
CA SER F 15 94.01 -18.33 42.98
C SER F 15 95.05 -17.60 43.80
N GLU F 16 94.88 -16.28 43.95
CA GLU F 16 95.79 -15.49 44.77
C GLU F 16 95.76 -15.92 46.23
N LEU F 17 94.59 -16.35 46.73
CA LEU F 17 94.49 -16.84 48.11
C LEU F 17 95.28 -18.13 48.31
N ILE F 18 95.17 -19.08 47.38
CA ILE F 18 95.91 -20.33 47.51
C ILE F 18 97.41 -20.07 47.43
N THR F 19 97.85 -19.25 46.48
CA THR F 19 99.27 -18.91 46.43
C THR F 19 99.74 -18.25 47.72
N LEU F 20 98.99 -17.24 48.19
CA LEU F 20 99.35 -16.57 49.44
C LEU F 20 99.38 -17.53 50.62
N GLY F 21 98.50 -18.52 50.66
CA GLY F 21 98.47 -19.45 51.78
C GLY F 21 99.60 -20.46 51.73
N GLU F 22 99.93 -20.91 50.53
CA GLU F 22 101.10 -21.79 50.38
C GLU F 22 102.38 -21.07 50.75
N ASN F 23 102.46 -19.76 50.52
CA ASN F 23 103.64 -19.01 50.95
C ASN F 23 103.81 -19.06 52.47
N MET F 24 102.70 -19.03 53.21
CA MET F 24 102.75 -19.10 54.67
C MET F 24 103.14 -20.51 55.12
N ASN F 28 97.71 -28.53 52.01
CA ASN F 28 97.12 -28.38 50.70
C ASN F 28 95.78 -27.64 50.79
N LEU F 29 95.71 -26.49 50.14
CA LEU F 29 94.50 -25.68 50.12
C LEU F 29 93.65 -25.91 48.86
N ALA F 30 94.16 -26.66 47.87
CA ALA F 30 93.44 -26.80 46.61
C ALA F 30 92.12 -27.53 46.80
N ARG F 31 92.07 -28.49 47.71
CA ARG F 31 90.87 -29.31 47.85
C ARG F 31 89.75 -28.57 48.58
N MET F 32 90.09 -27.91 49.68
CA MET F 32 89.08 -27.28 50.53
C MET F 32 88.41 -26.06 49.87
N ARG F 33 87.23 -25.72 50.36
CA ARG F 33 86.47 -24.59 49.83
C ARG F 33 87.18 -23.27 50.15
N LYS F 34 86.85 -22.24 49.34
CA LYS F 34 87.48 -20.94 49.49
C LYS F 34 87.34 -20.39 50.91
N GLN F 35 86.14 -20.51 51.49
CA GLN F 35 85.92 -20.07 52.87
C GLN F 35 86.95 -20.68 53.81
N ASP F 36 87.29 -21.97 53.60
CA ASP F 36 88.29 -22.61 54.43
C ASP F 36 89.69 -22.06 54.18
N ILE F 37 90.03 -21.77 52.93
CA ILE F 37 91.32 -21.14 52.65
C ILE F 37 91.45 -19.86 53.47
N ILE F 38 90.43 -19.01 53.43
CA ILE F 38 90.49 -17.77 54.19
C ILE F 38 90.62 -18.05 55.67
N PHE F 39 89.84 -18.99 56.20
CA PHE F 39 89.88 -19.27 57.63
C PHE F 39 91.27 -19.74 58.06
N ALA F 40 91.85 -20.70 57.33
CA ALA F 40 93.16 -21.21 57.69
C ALA F 40 94.24 -20.14 57.58
N ILE F 41 94.15 -19.29 56.54
CA ILE F 41 95.12 -18.22 56.38
C ILE F 41 95.03 -17.24 57.56
N LEU F 42 93.81 -16.85 57.94
CA LEU F 42 93.62 -15.95 59.08
C LEU F 42 94.18 -16.56 60.37
N LYS F 43 93.90 -17.84 60.63
CA LYS F 43 94.43 -18.49 61.83
C LYS F 43 95.96 -18.48 61.83
N GLN F 44 96.57 -18.88 60.70
CA GLN F 44 98.03 -18.90 60.65
C GLN F 44 98.62 -17.52 60.90
N HIS F 45 98.01 -16.47 60.35
CA HIS F 45 98.48 -15.13 60.65
C HIS F 45 98.31 -14.80 62.14
N ALA F 46 97.24 -15.27 62.77
CA ALA F 46 97.07 -15.05 64.20
C ALA F 46 98.15 -15.75 65.02
N LYS F 47 98.58 -16.94 64.58
CA LYS F 47 99.65 -17.64 65.28
C LYS F 47 100.93 -16.83 65.34
N SER F 48 101.24 -16.10 64.26
CA SER F 48 102.44 -15.27 64.22
C SER F 48 102.40 -14.14 65.25
N GLY F 49 101.25 -13.87 65.87
CA GLY F 49 101.08 -12.73 66.73
C GLY F 49 100.68 -11.46 66.01
N GLU F 50 100.75 -11.43 64.68
CA GLU F 50 100.31 -10.28 63.91
C GLU F 50 98.80 -10.09 64.04
N ASP F 51 98.37 -8.84 63.84
CA ASP F 51 96.96 -8.50 64.02
C ASP F 51 96.13 -8.93 62.82
N ILE F 52 94.83 -9.13 63.07
CA ILE F 52 93.84 -9.45 62.05
C ILE F 52 92.77 -8.37 62.09
N PHE F 53 92.14 -8.11 60.95
CA PHE F 53 91.16 -7.05 60.86
C PHE F 53 89.91 -7.52 60.13
N GLY F 54 88.78 -6.91 60.49
CA GLY F 54 87.51 -7.18 59.85
C GLY F 54 86.61 -5.95 59.92
N ASP F 55 85.43 -6.08 59.30
CA ASP F 55 84.51 -4.95 59.20
C ASP F 55 83.15 -5.42 58.71
N GLY F 56 82.16 -4.55 58.90
CA GLY F 56 80.81 -4.78 58.41
C GLY F 56 79.82 -3.89 59.13
N VAL F 57 78.56 -3.98 58.69
CA VAL F 57 77.50 -3.16 59.27
C VAL F 57 76.88 -3.88 60.45
N LEU F 58 76.69 -3.15 61.54
CA LEU F 58 76.22 -3.74 62.79
C LEU F 58 74.74 -4.06 62.72
N GLU F 59 74.37 -5.20 63.31
CA GLU F 59 72.98 -5.56 63.54
C GLU F 59 72.91 -6.10 64.96
N ILE F 60 72.16 -5.40 65.81
CA ILE F 60 72.02 -5.75 67.22
C ILE F 60 70.83 -6.69 67.38
N LEU F 61 71.07 -7.85 67.97
CA LEU F 61 70.03 -8.82 68.22
C LEU F 61 69.26 -8.45 69.49
N GLN F 62 68.21 -9.23 69.77
CA GLN F 62 67.33 -8.92 70.90
C GLN F 62 68.02 -9.13 72.23
N ASP F 63 69.01 -10.03 72.28
CA ASP F 63 69.66 -10.35 73.55
C ASP F 63 70.63 -9.26 74.03
N GLY F 64 70.98 -8.28 73.18
CA GLY F 64 71.90 -7.23 73.56
C GLY F 64 73.25 -7.27 72.87
N PHE F 65 73.62 -8.38 72.26
CA PHE F 65 74.83 -8.48 71.45
C PHE F 65 74.49 -8.35 69.97
N GLY F 66 75.52 -8.16 69.14
CA GLY F 66 75.30 -7.93 67.73
C GLY F 66 76.31 -8.64 66.85
N PHE F 67 76.10 -8.54 65.54
CA PHE F 67 77.04 -9.05 64.56
C PHE F 67 77.27 -8.01 63.46
N LEU F 68 78.43 -8.12 62.82
CA LEU F 68 78.80 -7.27 61.70
C LEU F 68 78.49 -8.01 60.41
N ARG F 69 77.30 -7.78 59.86
CA ARG F 69 76.91 -8.35 58.60
C ARG F 69 77.76 -7.78 57.46
N SER F 70 77.82 -8.52 56.36
CA SER F 70 78.65 -8.19 55.22
C SER F 70 77.80 -7.93 53.98
N ALA F 71 78.33 -7.09 53.10
CA ALA F 71 77.58 -6.70 51.91
C ALA F 71 77.41 -7.86 50.95
N ASP F 72 78.36 -8.80 50.92
CA ASP F 72 78.24 -9.95 50.03
C ASP F 72 77.12 -10.90 50.44
N SER F 73 76.55 -10.73 51.64
CA SER F 73 75.36 -11.45 52.07
C SER F 73 74.14 -10.54 52.13
N SER F 74 74.19 -9.39 51.47
CA SER F 74 73.12 -8.38 51.48
C SER F 74 72.78 -7.94 52.89
N TYR F 75 73.80 -7.95 53.76
CA TYR F 75 73.69 -7.59 55.17
C TYR F 75 72.77 -8.53 55.95
N LEU F 76 72.62 -9.76 55.46
CA LEU F 76 71.97 -10.83 56.18
C LEU F 76 73.00 -11.66 56.92
N ALA F 77 72.49 -12.63 57.69
CA ALA F 77 73.36 -13.51 58.46
C ALA F 77 74.38 -14.20 57.56
N GLY F 78 75.65 -14.14 57.97
CA GLY F 78 76.72 -14.71 57.19
C GLY F 78 77.67 -15.55 58.02
N PRO F 79 78.40 -16.45 57.36
CA PRO F 79 79.35 -17.31 58.09
C PRO F 79 80.52 -16.54 58.68
N ASP F 80 80.94 -15.45 58.06
CA ASP F 80 82.09 -14.67 58.52
C ASP F 80 81.67 -13.46 59.36
N ASP F 81 80.48 -13.49 59.96
CA ASP F 81 80.02 -12.37 60.74
C ASP F 81 80.84 -12.22 62.00
N ILE F 82 81.07 -10.97 62.42
CA ILE F 82 81.93 -10.66 63.54
C ILE F 82 81.06 -10.34 64.75
N TYR F 83 81.26 -11.08 65.83
CA TYR F 83 80.50 -10.86 67.05
C TYR F 83 80.93 -9.56 67.73
N VAL F 84 79.95 -8.75 68.14
CA VAL F 84 80.18 -7.51 68.88
C VAL F 84 79.49 -7.66 70.23
N SER F 85 80.29 -7.64 71.29
CA SER F 85 79.81 -7.84 72.64
C SER F 85 78.92 -6.68 73.08
N PRO F 86 77.97 -6.94 73.98
CA PRO F 86 77.15 -5.84 74.51
C PRO F 86 77.97 -4.71 75.11
N SER F 87 79.04 -5.04 75.84
CA SER F 87 79.87 -4.01 76.45
C SER F 87 80.43 -3.05 75.41
N GLN F 88 80.84 -3.59 74.24
CA GLN F 88 81.32 -2.75 73.16
C GLN F 88 80.22 -1.83 72.64
N ILE F 89 78.99 -2.33 72.54
CA ILE F 89 77.88 -1.52 72.04
C ILE F 89 77.56 -0.38 73.00
N ARG F 90 77.56 -0.66 74.31
CA ARG F 90 77.27 0.38 75.29
C ARG F 90 78.39 1.41 75.35
N ARG F 91 79.65 0.97 75.21
CA ARG F 91 80.79 1.89 75.32
C ARG F 91 80.68 3.03 74.32
N PHE F 92 80.37 2.72 73.06
CA PHE F 92 80.33 3.71 71.99
C PHE F 92 78.92 4.01 71.51
N ASN F 93 77.89 3.59 72.25
CA ASN F 93 76.49 3.84 71.92
C ASN F 93 76.17 3.40 70.50
N LEU F 94 76.65 2.21 70.14
CA LEU F 94 76.43 1.69 68.81
C LEU F 94 74.96 1.30 68.63
N ARG F 95 74.49 1.41 67.39
CA ARG F 95 73.14 1.00 67.04
C ARG F 95 73.15 0.38 65.65
N THR F 96 72.13 -0.43 65.40
CA THR F 96 72.02 -1.13 64.12
C THR F 96 72.18 -0.17 62.95
N GLY F 97 73.03 -0.56 61.98
CA GLY F 97 73.37 0.26 60.84
C GLY F 97 74.77 0.84 60.88
N ASP F 98 75.39 0.90 62.06
CA ASP F 98 76.72 1.49 62.20
C ASP F 98 77.77 0.65 61.48
N THR F 99 78.41 1.22 60.47
CA THR F 99 79.55 0.55 59.85
C THR F 99 80.70 0.49 60.84
N ILE F 100 81.26 -0.71 61.06
CA ILE F 100 82.28 -0.91 62.06
C ILE F 100 83.51 -1.55 61.41
N SER F 101 84.70 -1.04 61.75
CA SER F 101 85.97 -1.64 61.38
C SER F 101 86.85 -1.81 62.61
N GLY F 102 87.48 -2.97 62.73
CA GLY F 102 88.33 -3.20 63.90
C GLY F 102 89.10 -4.50 63.83
N LYS F 103 89.97 -4.66 64.82
CA LYS F 103 90.77 -5.87 64.96
C LYS F 103 89.89 -7.03 65.43
N ILE F 104 90.16 -8.22 64.89
CA ILE F 104 89.36 -9.41 65.16
C ILE F 104 90.26 -10.59 65.46
N ARG F 105 89.67 -11.63 66.05
CA ARG F 105 90.34 -12.87 66.38
C ARG F 105 89.50 -14.07 65.94
N PRO F 106 90.15 -15.15 65.53
CA PRO F 106 89.40 -16.34 65.15
C PRO F 106 88.65 -16.89 66.34
N PRO F 107 87.59 -17.67 66.10
CA PRO F 107 86.81 -18.21 67.22
C PRO F 107 87.60 -19.23 68.02
N LYS F 108 87.49 -19.14 69.34
CA LYS F 108 88.11 -20.10 70.24
C LYS F 108 87.31 -21.41 70.25
N GLU F 109 87.76 -22.35 71.09
CA GLU F 109 87.06 -23.62 71.23
C GLU F 109 85.69 -23.42 71.86
N GLY F 110 84.66 -23.97 71.24
CA GLY F 110 83.30 -23.74 71.65
C GLY F 110 82.68 -22.47 71.10
N GLU F 111 83.33 -21.82 70.14
CA GLU F 111 82.82 -20.62 69.51
C GLU F 111 82.69 -20.85 68.01
N ARG F 112 81.81 -20.07 67.38
CA ARG F 112 81.52 -20.26 65.97
C ARG F 112 81.74 -19.00 65.14
N TYR F 113 82.22 -17.91 65.73
CA TYR F 113 82.28 -16.64 65.04
C TYR F 113 83.58 -15.91 65.38
N PHE F 114 84.04 -15.10 64.43
CA PHE F 114 85.10 -14.14 64.71
C PHE F 114 84.60 -13.08 65.68
N ALA F 115 85.44 -12.73 66.66
CA ALA F 115 85.11 -11.76 67.68
C ALA F 115 85.85 -10.46 67.45
N LEU F 116 85.27 -9.36 67.93
CA LEU F 116 85.84 -8.03 67.77
C LEU F 116 86.62 -7.68 69.02
N LEU F 117 87.93 -7.43 68.84
CA LEU F 117 88.78 -7.05 69.96
C LEU F 117 88.66 -5.57 70.26
N LYS F 118 88.94 -4.74 69.26
CA LYS F 118 88.94 -3.30 69.41
C LYS F 118 88.35 -2.67 68.16
N VAL F 119 87.53 -1.64 68.35
CA VAL F 119 86.88 -0.98 67.22
C VAL F 119 87.70 0.24 66.84
N ASN F 120 88.28 0.20 65.64
CA ASN F 120 89.09 1.32 65.18
C ASN F 120 88.23 2.44 64.62
N GLU F 121 87.21 2.09 63.82
CA GLU F 121 86.45 3.09 63.10
C GLU F 121 84.96 2.80 63.19
N VAL F 122 84.20 3.82 63.55
CA VAL F 122 82.73 3.78 63.63
C VAL F 122 82.20 4.82 62.65
N ASN F 123 81.64 4.36 61.54
CA ASN F 123 81.09 5.23 60.49
C ASN F 123 82.18 6.12 59.88
N PHE F 124 83.32 5.50 59.57
CA PHE F 124 84.44 6.19 58.92
C PHE F 124 84.92 7.38 59.76
N ASP F 125 84.94 7.21 61.07
CA ASP F 125 85.27 8.31 61.97
C ASP F 125 85.77 7.73 63.29
N LYS F 126 86.24 8.61 64.15
CA LYS F 126 86.79 8.20 65.44
C LYS F 126 85.69 7.64 66.33
N PRO F 127 85.91 6.51 66.99
CA PRO F 127 84.84 5.92 67.83
C PRO F 127 84.33 6.84 68.92
N GLU F 128 85.21 7.66 69.53
CA GLU F 128 84.78 8.57 70.59
C GLU F 128 83.70 9.52 70.11
N ASN F 129 83.84 10.03 68.89
CA ASN F 129 82.85 10.94 68.34
C ASN F 129 81.48 10.27 68.20
N ALA F 130 81.43 8.94 68.10
CA ALA F 130 80.11 8.30 68.00
C ALA F 130 79.36 8.28 69.34
N ARG F 131 80.11 8.24 70.45
CA ARG F 131 79.51 8.55 71.77
C ARG F 131 78.87 9.94 71.73
N ASN F 132 79.54 10.96 71.26
CA ASN F 132 78.98 12.30 71.26
C ASN F 132 78.48 12.67 69.87
N LYS F 133 77.16 12.58 69.66
CA LYS F 133 76.58 12.96 68.37
C LYS F 133 75.10 13.26 68.60
N ILE F 134 74.49 14.02 67.70
CA ILE F 134 73.06 14.27 67.77
C ILE F 134 72.35 13.19 66.98
N LEU F 135 71.37 12.53 67.59
CA LEU F 135 70.70 11.40 66.97
C LEU F 135 69.81 11.86 65.81
N PHE F 136 69.53 10.92 64.91
CA PHE F 136 68.72 11.23 63.74
C PHE F 136 67.33 11.68 64.13
N GLU F 137 66.76 11.12 65.19
CA GLU F 137 65.44 11.51 65.64
C GLU F 137 65.38 12.95 66.12
N ASN F 138 66.53 13.52 66.48
CA ASN F 138 66.59 14.86 67.06
C ASN F 138 67.07 15.93 66.08
N LEU F 139 67.51 15.53 64.89
CA LEU F 139 67.93 16.50 63.89
C LEU F 139 66.74 17.35 63.46
N THR F 140 66.97 18.64 63.29
CA THR F 140 65.88 19.56 62.96
C THR F 140 65.57 19.46 61.47
N PRO F 141 64.35 19.07 61.09
CA PRO F 141 64.04 18.90 59.67
C PRO F 141 63.90 20.24 58.96
N LEU F 142 64.07 20.19 57.64
CA LEU F 142 63.91 21.36 56.79
C LEU F 142 63.47 20.91 55.39
N HIS F 143 62.89 21.85 54.64
CA HIS F 143 62.71 21.64 53.22
C HIS F 143 64.06 21.69 52.52
N ALA F 144 64.15 20.99 51.38
CA ALA F 144 65.41 20.91 50.66
C ALA F 144 65.90 22.30 50.26
N ASN F 145 67.17 22.58 50.56
CA ASN F 145 67.82 23.85 50.22
C ASN F 145 68.72 23.70 49.00
N SER F 146 69.67 22.78 49.07
CA SER F 146 70.71 22.68 48.06
C SER F 146 70.20 21.86 46.88
N ARG F 147 70.21 22.47 45.70
CA ARG F 147 69.73 21.80 44.50
C ARG F 147 70.69 20.69 44.09
N LEU F 148 70.12 19.55 43.71
CA LEU F 148 70.87 18.42 43.13
C LEU F 148 70.53 18.39 41.64
N ARG F 149 71.30 19.13 40.84
CA ARG F 149 71.01 19.24 39.41
C ARG F 149 71.40 17.95 38.70
N MET F 150 70.48 17.41 37.91
CA MET F 150 70.72 16.15 37.21
C MET F 150 71.33 16.34 35.84
N GLU F 151 71.23 17.53 35.26
CA GLU F 151 71.63 17.73 33.87
C GLU F 151 73.14 17.57 33.70
N ARG F 152 73.53 16.58 32.89
CA ARG F 152 74.94 16.41 32.56
C ARG F 152 75.49 17.63 31.84
N GLY F 153 74.80 18.11 30.82
CA GLY F 153 75.30 19.14 29.93
C GLY F 153 76.18 18.65 28.80
N ASN F 154 76.49 17.34 28.74
CA ASN F 154 77.34 16.78 27.70
C ASN F 154 76.63 16.63 26.34
N GLY F 155 75.46 17.24 26.17
CA GLY F 155 74.71 17.07 24.93
C GLY F 155 74.31 15.64 24.62
N SER F 156 74.27 14.78 25.64
CA SER F 156 73.96 13.38 25.44
C SER F 156 72.47 13.19 25.17
N THR F 157 72.16 12.14 24.40
CA THR F 157 70.76 11.81 24.17
C THR F 157 70.09 11.24 25.41
N GLU F 158 70.85 10.54 26.27
CA GLU F 158 70.32 10.15 27.56
C GLU F 158 70.04 11.38 28.43
N ASP F 159 70.89 12.40 28.32
CA ASP F 159 70.75 13.60 29.12
C ASP F 159 69.38 14.24 28.99
N LEU F 160 68.69 14.00 27.88
CA LEU F 160 67.33 14.50 27.76
C LEU F 160 66.51 14.18 29.01
N THR F 161 66.51 12.91 29.44
CA THR F 161 65.76 12.57 30.64
C THR F 161 66.14 13.45 31.81
N ALA F 162 67.43 13.66 32.01
CA ALA F 162 67.82 14.52 33.13
C ALA F 162 67.30 15.94 32.92
N ARG F 163 67.43 16.48 31.72
CA ARG F 163 67.07 17.88 31.52
C ARG F 163 65.59 18.10 31.79
N VAL F 164 64.72 17.32 31.14
CA VAL F 164 63.30 17.40 31.44
C VAL F 164 63.06 17.28 32.94
N LEU F 165 63.73 16.33 33.61
CA LEU F 165 63.52 16.22 35.04
C LEU F 165 63.76 17.55 35.72
N ASP F 166 64.91 18.18 35.44
CA ASP F 166 65.23 19.45 36.09
C ASP F 166 64.13 20.47 35.87
N LEU F 167 63.48 20.43 34.71
CA LEU F 167 62.47 21.44 34.45
C LEU F 167 61.13 21.07 35.06
N ALA F 168 60.86 19.78 35.18
CA ALA F 168 59.51 19.38 35.58
C ALA F 168 59.40 19.23 37.09
N SER F 169 60.44 18.68 37.72
CA SER F 169 60.41 18.38 39.16
C SER F 169 61.84 18.39 39.67
N PRO F 170 62.35 19.56 40.07
CA PRO F 170 63.72 19.62 40.60
C PRO F 170 63.88 18.75 41.84
N ILE F 171 65.13 18.35 42.10
CA ILE F 171 65.48 17.48 43.21
C ILE F 171 66.55 18.16 44.05
N GLY F 172 66.26 18.33 45.34
CA GLY F 172 67.22 18.86 46.29
C GLY F 172 67.67 17.80 47.30
N ARG F 173 68.65 18.20 48.12
CA ARG F 173 69.19 17.31 49.14
C ARG F 173 68.19 17.15 50.28
N GLY F 174 67.81 15.91 50.56
CA GLY F 174 66.75 15.63 51.50
C GLY F 174 65.38 15.46 50.87
N GLN F 175 65.30 15.42 49.55
CA GLN F 175 64.02 15.28 48.87
C GLN F 175 63.40 13.92 49.18
N ARG F 176 62.06 13.87 49.06
CA ARG F 176 61.28 12.68 49.36
C ARG F 176 60.37 12.46 48.15
N GLY F 177 60.93 11.90 47.08
CA GLY F 177 60.30 11.88 45.78
C GLY F 177 59.89 10.49 45.29
N LEU F 178 59.06 10.51 44.25
CA LEU F 178 58.45 9.32 43.67
C LEU F 178 58.48 9.40 42.14
N ILE F 179 58.94 8.33 41.50
CA ILE F 179 58.80 8.17 40.05
C ILE F 179 57.56 7.31 39.86
N VAL F 180 56.42 7.95 39.64
CA VAL F 180 55.14 7.25 39.59
C VAL F 180 54.78 6.95 38.15
N ALA F 181 54.42 5.69 37.87
CA ALA F 181 54.02 5.28 36.54
C ALA F 181 53.50 3.84 36.48
N PRO F 182 52.71 3.49 35.47
CA PRO F 182 52.28 2.10 35.28
C PRO F 182 53.45 1.23 34.86
N PRO F 183 53.31 -0.09 34.92
CA PRO F 183 54.39 -0.97 34.47
C PRO F 183 54.79 -0.67 33.03
N LYS F 184 56.10 -0.68 32.78
CA LYS F 184 56.71 -0.51 31.47
C LYS F 184 56.64 0.93 30.95
N ALA F 185 56.52 1.90 31.85
CA ALA F 185 56.49 3.30 31.45
C ALA F 185 57.87 3.95 31.43
N GLY F 186 58.83 3.41 32.16
CA GLY F 186 60.19 3.93 32.11
C GLY F 186 60.75 4.29 33.47
N LYS F 187 60.11 3.79 34.54
CA LYS F 187 60.51 4.18 35.89
C LYS F 187 61.94 3.74 36.19
N THR F 188 62.24 2.46 35.97
CA THR F 188 63.54 1.91 36.34
C THR F 188 64.66 2.60 35.57
N MET F 189 64.54 2.67 34.25
CA MET F 189 65.58 3.33 33.45
C MET F 189 65.70 4.80 33.80
N LEU F 190 64.61 5.45 34.20
CA LEU F 190 64.72 6.82 34.67
C LEU F 190 65.50 6.89 35.98
N LEU F 191 65.30 5.91 36.88
CA LEU F 191 66.10 5.85 38.10
C LEU F 191 67.57 5.60 37.79
N GLN F 192 67.86 4.78 36.77
CA GLN F 192 69.23 4.54 36.35
C GLN F 192 69.85 5.81 35.76
N ASN F 193 69.09 6.54 34.96
CA ASN F 193 69.54 7.83 34.46
C ASN F 193 69.88 8.77 35.62
N ILE F 194 69.01 8.82 36.63
CA ILE F 194 69.28 9.61 37.82
C ILE F 194 70.56 9.16 38.50
N ALA F 195 70.76 7.84 38.63
CA ALA F 195 71.96 7.33 39.28
C ALA F 195 73.22 7.77 38.55
N GLN F 196 73.21 7.69 37.22
CA GLN F 196 74.37 8.18 36.45
C GLN F 196 74.60 9.67 36.69
N SER F 197 73.53 10.48 36.65
CA SER F 197 73.68 11.91 36.89
C SER F 197 74.24 12.18 38.27
N ILE F 198 73.85 11.38 39.28
CA ILE F 198 74.34 11.58 40.63
C ILE F 198 75.82 11.23 40.71
N ALA F 199 76.22 10.13 40.08
CA ALA F 199 77.62 9.75 40.12
C ALA F 199 78.51 10.78 39.43
N TYR F 200 78.03 11.41 38.37
CA TYR F 200 78.88 12.38 37.67
C TYR F 200 78.83 13.78 38.31
N ASN F 201 77.64 14.29 38.60
CA ASN F 201 77.50 15.66 39.08
C ASN F 201 77.67 15.77 40.58
N HIS F 202 77.42 14.70 41.33
CA HIS F 202 77.48 14.74 42.79
C HIS F 202 78.24 13.53 43.32
N PRO F 203 79.54 13.42 42.99
CA PRO F 203 80.34 12.32 43.57
C PRO F 203 80.52 12.44 45.07
N ASP F 204 80.24 13.62 45.64
CA ASP F 204 80.35 13.80 47.08
C ASP F 204 79.27 13.04 47.83
N CYS F 205 78.09 12.87 47.23
CA CYS F 205 76.99 12.20 47.89
C CYS F 205 77.23 10.71 48.00
N VAL F 206 76.73 10.12 49.09
CA VAL F 206 76.83 8.68 49.33
C VAL F 206 75.64 8.03 48.64
N LEU F 207 75.87 7.36 47.50
CA LEU F 207 74.80 6.80 46.69
C LEU F 207 74.56 5.34 47.03
N MET F 208 73.32 5.01 47.37
CA MET F 208 72.88 3.64 47.61
C MET F 208 71.66 3.36 46.75
N VAL F 209 71.59 2.16 46.17
CA VAL F 209 70.49 1.73 45.30
C VAL F 209 69.84 0.50 45.91
N LEU F 210 68.63 0.66 46.44
CA LEU F 210 67.89 -0.42 47.07
C LEU F 210 66.84 -0.95 46.09
N LEU F 211 66.95 -2.23 45.74
CA LEU F 211 66.06 -2.87 44.78
C LEU F 211 65.21 -3.91 45.51
N ILE F 212 63.89 -3.70 45.54
CA ILE F 212 62.98 -4.54 46.30
C ILE F 212 61.95 -5.14 45.35
N ASP F 213 61.94 -6.47 45.27
CA ASP F 213 60.86 -7.23 44.61
C ASP F 213 60.79 -6.93 43.12
N GLU F 214 61.94 -6.70 42.51
CA GLU F 214 62.02 -6.38 41.08
C GLU F 214 62.88 -7.40 40.36
N ARG F 215 63.08 -7.16 39.06
CA ARG F 215 63.65 -8.17 38.18
C ARG F 215 65.11 -8.42 38.53
N PRO F 216 65.56 -9.69 38.48
CA PRO F 216 66.96 -9.97 38.86
C PRO F 216 67.99 -9.42 37.90
N GLU F 217 67.68 -9.41 36.59
CA GLU F 217 68.64 -8.88 35.63
C GLU F 217 68.87 -7.38 35.83
N GLU F 218 67.90 -6.66 36.39
CA GLU F 218 68.09 -5.25 36.72
C GLU F 218 69.09 -5.07 37.87
N VAL F 219 69.17 -6.04 38.78
CA VAL F 219 70.16 -5.97 39.85
C VAL F 219 71.58 -5.94 39.27
N THR F 220 71.90 -6.92 38.43
CA THR F 220 73.23 -6.95 37.85
C THR F 220 73.42 -5.78 36.88
N GLU F 221 72.38 -5.39 36.15
CA GLU F 221 72.49 -4.21 35.31
C GLU F 221 72.84 -2.97 36.13
N MET F 222 72.28 -2.85 37.33
CA MET F 222 72.47 -1.66 38.14
C MET F 222 73.84 -1.66 38.83
N GLN F 223 74.31 -2.83 39.28
CA GLN F 223 75.58 -2.84 40.00
C GLN F 223 76.78 -2.64 39.07
N ARG F 224 76.63 -2.99 37.80
CA ARG F 224 77.67 -2.75 36.81
C ARG F 224 77.52 -1.40 36.12
N LEU F 225 76.46 -0.65 36.42
CA LEU F 225 76.20 0.64 35.80
C LEU F 225 76.43 1.82 36.73
N VAL F 226 75.98 1.76 37.98
CA VAL F 226 76.07 2.90 38.90
C VAL F 226 77.39 2.84 39.65
N LYS F 227 77.91 4.02 39.98
CA LYS F 227 79.12 4.13 40.77
C LYS F 227 78.68 4.33 42.22
N GLY F 228 78.24 3.23 42.82
CA GLY F 228 77.79 3.28 44.19
C GLY F 228 77.51 1.88 44.70
N GLU F 229 76.89 1.82 45.87
CA GLU F 229 76.54 0.55 46.50
C GLU F 229 75.13 0.14 46.10
N VAL F 230 74.96 -1.14 45.78
CA VAL F 230 73.68 -1.70 45.35
C VAL F 230 73.31 -2.84 46.28
N VAL F 231 72.17 -2.69 46.97
CA VAL F 231 71.59 -3.72 47.83
C VAL F 231 70.28 -4.14 47.20
N ALA F 232 70.08 -5.45 47.03
CA ALA F 232 68.93 -5.95 46.30
C ALA F 232 68.29 -7.12 47.03
N SER F 233 67.00 -7.35 46.72
CA SER F 233 66.16 -8.43 47.24
C SER F 233 65.07 -8.68 46.19
N THR F 234 65.43 -9.43 45.16
CA THR F 234 64.57 -9.63 44.00
C THR F 234 63.24 -10.29 44.33
N PHE F 235 62.38 -10.43 43.32
CA PHE F 235 61.10 -11.08 43.52
C PHE F 235 61.23 -12.58 43.76
N ASP F 236 62.43 -13.14 43.63
CA ASP F 236 62.66 -14.52 44.07
C ASP F 236 62.60 -14.64 45.58
N GLU F 237 62.62 -13.57 46.28
CA GLU F 237 62.73 -13.52 47.71
C GLU F 237 61.38 -13.23 48.36
N PRO F 238 61.18 -13.71 49.59
CA PRO F 238 59.91 -13.47 50.29
C PRO F 238 59.83 -12.05 50.79
N ALA F 239 58.62 -11.68 51.24
CA ALA F 239 58.42 -10.34 51.77
C ALA F 239 59.22 -10.12 53.05
N SER F 240 59.35 -11.15 53.88
CA SER F 240 60.12 -11.06 55.12
C SER F 240 61.53 -10.53 54.84
N ARG F 241 62.20 -11.08 53.83
CA ARG F 241 63.53 -10.64 53.47
C ARG F 241 63.53 -9.20 52.98
N HIS F 242 62.57 -8.83 52.13
CA HIS F 242 62.47 -7.45 51.67
C HIS F 242 62.46 -6.49 52.84
N VAL F 243 61.60 -6.76 53.83
CA VAL F 243 61.48 -5.85 54.96
C VAL F 243 62.81 -5.75 55.69
N GLN F 244 63.41 -6.90 56.06
CA GLN F 244 64.62 -6.85 56.87
C GLN F 244 65.74 -6.11 56.15
N VAL F 245 65.94 -6.40 54.87
CA VAL F 245 66.97 -5.74 54.08
C VAL F 245 66.74 -4.23 54.05
N ALA F 246 65.51 -3.82 53.75
CA ALA F 246 65.22 -2.39 53.68
C ALA F 246 65.47 -1.70 55.02
N GLU F 247 65.14 -2.37 56.13
CA GLU F 247 65.40 -1.79 57.44
C GLU F 247 66.89 -1.56 57.66
N MET F 248 67.71 -2.56 57.34
CA MET F 248 69.15 -2.37 57.48
C MET F 248 69.62 -1.17 56.64
N VAL F 249 69.17 -1.08 55.39
CA VAL F 249 69.67 0.00 54.54
C VAL F 249 69.24 1.36 55.07
N ILE F 250 67.99 1.49 55.51
CA ILE F 250 67.53 2.78 55.99
C ILE F 250 68.25 3.19 57.27
N GLU F 251 68.53 2.23 58.17
CA GLU F 251 69.25 2.59 59.39
C GLU F 251 70.68 3.00 59.08
N LYS F 252 71.34 2.30 58.15
CA LYS F 252 72.67 2.70 57.72
C LYS F 252 72.67 4.14 57.18
N ALA F 253 71.68 4.48 56.36
CA ALA F 253 71.56 5.85 55.87
C ALA F 253 71.43 6.84 57.02
N LYS F 254 70.57 6.54 58.00
CA LYS F 254 70.42 7.43 59.14
C LYS F 254 71.73 7.64 59.89
N ARG F 255 72.51 6.57 60.10
CA ARG F 255 73.80 6.74 60.76
C ARG F 255 74.72 7.68 59.99
N LEU F 256 74.85 7.44 58.68
CA LEU F 256 75.70 8.33 57.87
C LEU F 256 75.23 9.78 57.95
N VAL F 257 73.91 10.00 58.00
CA VAL F 257 73.40 11.37 58.14
C VAL F 257 73.74 11.95 59.50
N GLU F 258 73.73 11.12 60.55
CA GLU F 258 74.24 11.58 61.84
C GLU F 258 75.69 12.03 61.75
N HIS F 259 76.45 11.51 60.78
CA HIS F 259 77.79 12.04 60.51
C HIS F 259 77.80 13.15 59.44
N LYS F 260 76.71 13.92 59.32
CA LYS F 260 76.65 15.08 58.40
C LYS F 260 76.99 14.70 56.96
N LYS F 261 76.52 13.54 56.53
CA LYS F 261 76.71 13.08 55.16
C LYS F 261 75.42 13.28 54.35
N ASP F 262 75.58 13.47 53.05
CA ASP F 262 74.46 13.61 52.12
C ASP F 262 74.24 12.25 51.45
N VAL F 263 73.29 11.48 51.98
CA VAL F 263 72.97 10.14 51.50
C VAL F 263 71.81 10.22 50.52
N ILE F 264 71.85 9.39 49.47
CA ILE F 264 70.78 9.28 48.49
C ILE F 264 70.44 7.80 48.32
N ILE F 265 69.16 7.46 48.42
CA ILE F 265 68.67 6.09 48.25
C ILE F 265 67.72 6.07 47.07
N LEU F 266 68.10 5.36 46.02
CA LEU F 266 67.24 5.13 44.87
C LEU F 266 66.54 3.79 45.07
N LEU F 267 65.24 3.83 45.36
CA LEU F 267 64.49 2.64 45.73
C LEU F 267 63.56 2.24 44.59
N ASP F 268 63.58 0.95 44.24
CA ASP F 268 62.75 0.40 43.17
C ASP F 268 62.44 -1.05 43.53
N SER F 269 61.21 -1.32 43.96
CA SER F 269 60.12 -0.34 44.01
C SER F 269 59.61 -0.14 45.42
N ILE F 270 59.19 1.08 45.73
CA ILE F 270 58.65 1.35 47.08
C ILE F 270 57.23 0.84 47.19
N THR F 271 56.49 0.77 46.09
CA THR F 271 55.16 0.16 46.14
C THR F 271 55.26 -1.30 46.56
N ARG F 272 56.22 -2.03 46.00
CA ARG F 272 56.38 -3.43 46.37
C ARG F 272 56.91 -3.59 47.79
N LEU F 273 57.75 -2.66 48.26
CA LEU F 273 58.14 -2.65 49.66
C LEU F 273 56.92 -2.46 50.56
N ALA F 274 56.03 -1.54 50.19
CA ALA F 274 54.81 -1.35 50.96
C ALA F 274 53.97 -2.62 50.96
N ARG F 275 53.88 -3.31 49.82
CA ARG F 275 53.20 -4.60 49.77
C ARG F 275 53.83 -5.59 50.75
N ALA F 276 55.16 -5.65 50.81
CA ALA F 276 55.82 -6.56 51.74
C ALA F 276 55.42 -6.26 53.17
N TYR F 277 55.46 -4.98 53.55
CA TYR F 277 54.99 -4.62 54.90
C TYR F 277 53.56 -5.09 55.14
N ASN F 278 52.67 -4.89 54.16
CA ASN F 278 51.30 -5.37 54.28
C ASN F 278 51.23 -6.89 54.43
N THR F 279 52.23 -7.59 53.90
CA THR F 279 52.29 -9.05 54.02
C THR F 279 52.66 -9.49 55.42
N VAL F 280 53.61 -8.81 56.06
CA VAL F 280 54.05 -9.24 57.39
C VAL F 280 53.36 -8.51 58.53
N VAL F 281 52.53 -7.51 58.24
CA VAL F 281 51.92 -6.70 59.32
C VAL F 281 50.91 -7.56 60.07
N PRO F 282 50.78 -7.41 61.40
CA PRO F 282 49.74 -8.14 62.13
C PRO F 282 48.36 -7.63 61.74
N ALA F 283 47.45 -8.58 61.46
CA ALA F 283 46.09 -8.23 61.12
C ALA F 283 45.46 -7.40 62.24
N SER F 284 44.83 -6.29 61.86
CA SER F 284 44.19 -5.40 62.80
C SER F 284 42.68 -5.59 62.87
N GLY F 285 42.12 -6.48 62.04
CA GLY F 285 40.67 -6.56 61.90
C GLY F 285 40.05 -5.44 61.09
N LYS F 286 40.86 -4.54 60.51
CA LYS F 286 40.38 -3.43 59.70
C LYS F 286 41.20 -3.43 58.43
N VAL F 287 40.55 -3.47 57.27
CA VAL F 287 41.27 -3.50 56.01
C VAL F 287 40.75 -2.37 55.12
N LEU F 288 41.69 -1.62 54.57
CA LEU F 288 41.40 -0.51 53.68
C LEU F 288 41.04 -1.01 52.28
N THR F 289 40.55 -0.07 51.47
CA THR F 289 40.28 -0.29 50.07
C THR F 289 41.48 -0.88 49.35
N GLY F 290 41.26 -1.99 48.64
CA GLY F 290 42.32 -2.64 47.90
C GLY F 290 43.01 -3.78 48.62
N GLY F 291 42.63 -4.10 49.86
CA GLY F 291 43.27 -5.17 50.59
C GLY F 291 44.49 -4.77 51.39
N VAL F 292 44.57 -3.51 51.84
CA VAL F 292 45.69 -3.01 52.63
C VAL F 292 45.23 -2.88 54.07
N ASP F 293 45.93 -3.54 54.99
CA ASP F 293 45.60 -3.45 56.40
C ASP F 293 45.65 -1.99 56.88
N ALA F 294 44.74 -1.64 57.79
CA ALA F 294 44.63 -0.28 58.26
C ALA F 294 45.90 0.22 58.95
N ASN F 295 46.72 -0.70 59.48
CA ASN F 295 47.95 -0.35 60.15
C ASN F 295 49.19 -0.73 59.34
N ALA F 296 49.01 -1.10 58.08
CA ALA F 296 50.12 -1.62 57.30
C ALA F 296 51.03 -0.52 56.79
N LEU F 297 50.49 0.66 56.50
CA LEU F 297 51.25 1.72 55.84
C LEU F 297 52.03 2.60 56.82
N HIS F 298 51.89 2.38 58.13
CA HIS F 298 52.64 3.18 59.09
C HIS F 298 54.15 2.96 58.94
N ARG F 299 54.59 1.70 58.94
CA ARG F 299 56.00 1.38 58.73
C ARG F 299 56.53 1.89 57.40
N PRO F 300 55.95 1.56 56.25
CA PRO F 300 56.49 2.10 54.98
C PRO F 300 56.44 3.61 54.94
N LYS F 301 55.43 4.22 55.57
CA LYS F 301 55.38 5.67 55.65
C LYS F 301 56.56 6.23 56.43
N ARG F 302 56.92 5.60 57.55
CA ARG F 302 58.10 6.06 58.27
C ARG F 302 59.38 5.83 57.46
N PHE F 303 59.44 4.73 56.70
CA PHE F 303 60.60 4.49 55.85
C PHE F 303 60.77 5.58 54.81
N PHE F 304 59.71 5.87 54.04
CA PHE F 304 59.80 6.93 53.05
C PHE F 304 60.04 8.28 53.73
N GLY F 305 59.36 8.55 54.86
CA GLY F 305 59.52 9.80 55.59
C GLY F 305 60.87 9.98 56.25
N ALA F 306 61.70 8.92 56.33
CA ALA F 306 63.07 9.09 56.79
C ALA F 306 63.78 10.20 56.00
N ALA F 307 63.62 10.19 54.68
CA ALA F 307 64.25 11.22 53.83
C ALA F 307 63.90 12.61 54.33
N ARG F 308 64.92 13.43 54.53
CA ARG F 308 64.71 14.77 55.08
C ARG F 308 66.00 15.56 54.96
N ASN F 309 65.85 16.89 54.98
CA ASN F 309 66.98 17.80 55.04
C ASN F 309 67.25 18.18 56.50
N VAL F 310 68.52 18.17 56.87
CA VAL F 310 68.94 18.43 58.24
C VAL F 310 69.65 19.78 58.27
N GLU F 311 69.23 20.61 59.22
CA GLU F 311 69.89 21.90 59.43
C GLU F 311 71.29 21.72 60.02
N GLU F 312 71.48 20.71 60.87
CA GLU F 312 72.77 20.51 61.52
C GLU F 312 73.85 20.13 60.53
N GLY F 313 73.50 19.40 59.47
CA GLY F 313 74.49 19.02 58.48
C GLY F 313 74.14 17.71 57.81
N GLY F 314 74.27 17.66 56.48
CA GLY F 314 73.92 16.46 55.73
C GLY F 314 72.43 16.38 55.42
N SER F 315 72.06 15.27 54.81
CA SER F 315 70.69 15.06 54.38
C SER F 315 70.51 13.61 53.96
N LEU F 316 69.24 13.18 53.89
CA LEU F 316 68.85 11.88 53.37
C LEU F 316 67.81 12.11 52.27
N THR F 317 68.19 11.81 51.04
CA THR F 317 67.31 11.86 49.88
C THR F 317 66.82 10.46 49.56
N ILE F 318 65.56 10.34 49.15
CA ILE F 318 65.00 9.06 48.71
C ILE F 318 64.18 9.29 47.44
N ILE F 319 64.63 8.70 46.34
CA ILE F 319 63.87 8.71 45.09
C ILE F 319 63.42 7.28 44.85
N ALA F 320 62.13 7.02 45.01
CA ALA F 320 61.59 5.68 44.89
C ALA F 320 60.53 5.63 43.79
N THR F 321 60.41 4.46 43.16
CA THR F 321 59.43 4.26 42.11
C THR F 321 58.14 3.72 42.70
N ALA F 322 57.01 4.14 42.13
CA ALA F 322 55.69 3.68 42.54
C ALA F 322 54.87 3.28 41.33
N LEU F 323 53.90 2.42 41.56
CA LEU F 323 53.07 1.85 40.49
C LEU F 323 51.66 2.43 40.57
N ILE F 324 51.06 2.62 39.40
CA ILE F 324 49.66 3.07 39.28
C ILE F 324 49.03 2.38 38.08
N ASP F 325 47.69 2.49 38.03
CA ASP F 325 46.90 1.93 36.93
C ASP F 325 47.19 0.46 36.73
N THR F 326 47.39 -0.25 37.83
CA THR F 326 47.61 -1.69 37.81
C THR F 326 46.31 -2.49 37.85
N GLY F 327 45.16 -1.83 37.88
CA GLY F 327 43.91 -2.52 38.11
C GLY F 327 43.67 -2.93 39.54
N SER F 328 44.68 -2.82 40.42
CA SER F 328 44.56 -3.18 41.83
C SER F 328 44.51 -1.90 42.65
N LYS F 329 43.38 -1.64 43.30
CA LYS F 329 43.19 -0.40 44.05
C LYS F 329 44.25 -0.20 45.12
N MET F 330 44.78 -1.30 45.67
CA MET F 330 45.83 -1.24 46.68
C MET F 330 46.96 -0.30 46.28
N ASP F 331 47.37 -0.36 45.01
CA ASP F 331 48.49 0.47 44.57
C ASP F 331 48.10 1.94 44.47
N GLU F 332 46.85 2.25 44.11
CA GLU F 332 46.39 3.63 44.19
C GLU F 332 46.44 4.14 45.63
N VAL F 333 46.02 3.31 46.60
CA VAL F 333 46.07 3.69 48.00
C VAL F 333 47.52 3.96 48.43
N ILE F 334 48.42 3.02 48.12
CA ILE F 334 49.83 3.18 48.49
C ILE F 334 50.41 4.44 47.86
N TYR F 335 50.15 4.65 46.57
CA TYR F 335 50.70 5.81 45.88
C TYR F 335 50.17 7.11 46.47
N GLU F 336 48.87 7.20 46.71
CA GLU F 336 48.33 8.45 47.25
C GLU F 336 48.79 8.68 48.69
N GLU F 337 49.00 7.61 49.46
CA GLU F 337 49.52 7.74 50.80
C GLU F 337 50.95 8.27 50.78
N PHE F 338 51.79 7.76 49.86
CA PHE F 338 53.15 8.25 49.74
C PHE F 338 53.21 9.67 49.20
N LYS F 339 52.23 10.07 48.37
CA LYS F 339 52.22 11.44 47.86
C LYS F 339 52.01 12.44 48.99
N GLY F 340 51.12 12.13 49.93
CA GLY F 340 50.89 12.91 51.13
C GLY F 340 51.98 12.77 52.19
N THR F 341 53.00 11.98 51.91
CA THR F 341 54.20 11.89 52.72
C THR F 341 55.38 12.63 52.11
N GLY F 342 55.57 12.51 50.79
CA GLY F 342 56.71 13.10 50.13
C GLY F 342 56.43 14.50 49.62
N ASN F 343 57.31 14.94 48.70
CA ASN F 343 57.30 16.32 48.24
C ASN F 343 57.84 16.47 46.81
N MET F 344 57.73 15.43 46.00
CA MET F 344 58.21 15.44 44.62
C MET F 344 57.67 14.21 43.89
N GLU F 345 57.05 14.40 42.72
CA GLU F 345 56.57 13.27 41.94
C GLU F 345 56.87 13.54 40.48
N LEU F 346 57.55 12.61 39.84
CA LEU F 346 57.77 12.61 38.40
C LEU F 346 56.88 11.51 37.82
N HIS F 347 55.83 11.91 37.12
CA HIS F 347 54.91 10.94 36.53
C HIS F 347 55.37 10.55 35.14
N LEU F 348 55.22 9.27 34.82
CA LEU F 348 55.48 8.76 33.50
C LEU F 348 54.20 8.14 32.95
N SER F 349 53.94 8.37 31.66
CA SER F 349 52.67 8.00 31.05
C SER F 349 52.83 6.77 30.17
N ARG F 350 51.93 5.80 30.35
CA ARG F 350 51.89 4.65 29.45
C ARG F 350 51.51 5.04 28.04
N LYS F 351 50.64 6.06 27.89
CA LYS F 351 50.24 6.51 26.58
C LYS F 351 51.42 7.07 25.79
N ILE F 352 52.28 7.86 26.44
CA ILE F 352 53.48 8.37 25.79
C ILE F 352 54.45 7.24 25.49
N ALA F 353 54.58 6.30 26.43
CA ALA F 353 55.56 5.22 26.26
C ALA F 353 55.17 4.27 25.14
N GLU F 354 53.86 4.07 24.90
CA GLU F 354 53.43 3.21 23.82
C GLU F 354 53.71 3.80 22.45
N LYS F 355 53.80 5.12 22.34
CA LYS F 355 54.24 5.79 21.12
C LYS F 355 55.76 5.83 21.00
N ARG F 356 56.48 5.19 21.92
CA ARG F 356 57.95 5.16 21.92
C ARG F 356 58.54 6.57 21.96
N VAL F 357 57.94 7.42 22.80
CA VAL F 357 58.43 8.77 23.04
C VAL F 357 59.05 8.77 24.44
N PHE F 358 60.37 8.95 24.50
CA PHE F 358 61.06 8.90 25.78
C PHE F 358 61.91 10.16 25.98
N PRO F 359 61.98 10.69 27.21
CA PRO F 359 61.28 10.15 28.39
C PRO F 359 59.79 10.40 28.36
N ALA F 360 59.00 9.39 28.72
CA ALA F 360 57.55 9.48 28.68
C ALA F 360 57.05 10.14 29.97
N ILE F 361 57.27 11.45 30.04
CA ILE F 361 57.00 12.21 31.26
C ILE F 361 55.68 12.95 31.13
N ASP F 362 54.78 12.73 32.09
CA ASP F 362 53.54 13.50 32.23
C ASP F 362 53.90 14.81 32.91
N TYR F 363 54.02 15.87 32.12
CA TYR F 363 54.56 17.14 32.63
C TYR F 363 53.62 17.76 33.66
N ASN F 364 52.34 17.87 33.31
CA ASN F 364 51.39 18.57 34.18
C ASN F 364 51.31 17.92 35.56
N ARG F 365 51.31 16.59 35.61
CA ARG F 365 51.14 15.90 36.89
C ARG F 365 52.42 15.91 37.72
N SER F 366 53.58 16.00 37.09
CA SER F 366 54.84 16.05 37.82
C SER F 366 54.98 17.36 38.56
N GLY F 367 55.98 17.44 39.42
CA GLY F 367 56.26 18.66 40.14
C GLY F 367 56.95 18.40 41.47
N THR F 368 57.44 19.48 42.06
CA THR F 368 58.13 19.47 43.34
C THR F 368 57.56 20.57 44.23
N ARG F 369 57.42 20.27 45.52
CA ARG F 369 56.99 21.25 46.50
C ARG F 369 58.13 22.19 46.86
N LYS F 370 57.77 23.45 47.09
CA LYS F 370 58.74 24.48 47.50
C LYS F 370 59.93 24.52 46.55
N GLU F 371 59.65 24.41 45.25
CA GLU F 371 60.71 24.41 44.25
C GLU F 371 61.46 25.73 44.19
N GLU F 372 60.93 26.80 44.81
CA GLU F 372 61.65 28.06 44.87
C GLU F 372 62.89 27.98 45.75
N LEU F 373 62.95 27.01 46.67
CA LEU F 373 64.12 26.79 47.48
C LEU F 373 65.22 26.05 46.75
N LEU F 374 64.94 25.55 45.55
CA LEU F 374 65.91 24.77 44.79
C LEU F 374 66.27 25.42 43.46
N THR F 375 65.78 26.62 43.17
CA THR F 375 65.98 27.26 41.88
C THR F 375 66.34 28.74 42.08
N THR F 376 67.06 29.29 41.10
CA THR F 376 67.28 30.73 41.07
C THR F 376 65.97 31.43 40.71
N GLN F 377 65.95 32.75 40.93
CA GLN F 377 64.74 33.53 40.70
C GLN F 377 64.31 33.44 39.24
N GLU F 378 65.25 33.69 38.33
CA GLU F 378 64.92 33.63 36.90
C GLU F 378 64.71 32.21 36.40
N GLU F 379 65.44 31.22 36.92
CA GLU F 379 65.18 29.83 36.56
C GLU F 379 63.75 29.44 36.89
N LEU F 380 63.27 29.81 38.08
CA LEU F 380 61.89 29.55 38.45
C LEU F 380 60.92 30.29 37.54
N GLN F 381 61.20 31.56 37.23
CA GLN F 381 60.28 32.26 36.32
C GLN F 381 60.21 31.60 34.94
N LYS F 382 61.34 31.13 34.42
CA LYS F 382 61.36 30.45 33.12
C LYS F 382 60.62 29.11 33.18
N MET F 383 60.82 28.31 34.23
CA MET F 383 60.06 27.07 34.39
C MET F 383 58.56 27.34 34.50
N TRP F 384 58.17 28.38 35.24
CA TRP F 384 56.77 28.75 35.39
C TRP F 384 56.13 29.06 34.03
N ILE F 385 56.79 29.92 33.25
CA ILE F 385 56.30 30.22 31.90
C ILE F 385 56.21 28.94 31.07
N LEU F 386 57.24 28.09 31.14
CA LEU F 386 57.23 26.86 30.36
C LEU F 386 56.05 25.96 30.72
N ARG F 387 55.71 25.89 31.99
CA ARG F 387 54.57 25.08 32.38
C ARG F 387 53.26 25.67 31.88
N LYS F 388 53.11 26.99 31.96
CA LYS F 388 51.90 27.60 31.41
C LYS F 388 51.76 27.29 29.91
N ILE F 389 52.88 27.21 29.19
CA ILE F 389 52.80 26.90 27.76
C ILE F 389 52.46 25.42 27.53
N ILE F 390 53.05 24.53 28.33
CA ILE F 390 52.85 23.09 28.11
C ILE F 390 51.49 22.59 28.58
N HIS F 391 50.91 23.21 29.60
CA HIS F 391 49.65 22.74 30.18
C HIS F 391 48.54 22.49 29.15
N PRO F 392 48.23 23.39 28.22
CA PRO F 392 47.10 23.10 27.30
C PRO F 392 47.35 21.92 26.38
N MET F 393 48.60 21.50 26.20
CA MET F 393 48.92 20.42 25.30
C MET F 393 48.52 19.07 25.89
N GLY F 394 48.34 18.08 25.01
CA GLY F 394 48.15 16.71 25.47
C GLY F 394 49.44 16.13 26.01
N GLU F 395 49.31 14.99 26.70
CA GLU F 395 50.48 14.33 27.27
C GLU F 395 51.57 14.14 26.21
N ILE F 396 51.21 13.45 25.12
CA ILE F 396 52.15 13.11 24.07
C ILE F 396 52.67 14.37 23.37
N ASP F 397 51.75 15.25 22.96
CA ASP F 397 52.14 16.50 22.32
C ASP F 397 53.11 17.29 23.18
N ALA F 398 52.85 17.35 24.49
CA ALA F 398 53.74 18.05 25.41
C ALA F 398 55.15 17.47 25.35
N MET F 399 55.30 16.15 25.45
CA MET F 399 56.67 15.64 25.43
C MET F 399 57.32 15.81 24.06
N GLU F 400 56.60 15.55 22.97
CA GLU F 400 57.23 15.70 21.66
C GLU F 400 57.73 17.14 21.47
N PHE F 401 56.89 18.12 21.84
CA PHE F 401 57.26 19.52 21.74
C PHE F 401 58.51 19.84 22.57
N LEU F 402 58.49 19.47 23.86
CA LEU F 402 59.60 19.81 24.74
C LEU F 402 60.90 19.13 24.32
N ILE F 403 60.85 17.86 23.93
CA ILE F 403 62.07 17.15 23.56
C ILE F 403 62.63 17.71 22.26
N ASN F 404 61.78 18.01 21.28
CA ASN F 404 62.30 18.64 20.06
C ASN F 404 62.93 19.99 20.35
N LYS F 405 62.34 20.78 21.26
CA LYS F 405 62.95 22.08 21.56
C LYS F 405 64.27 21.92 22.32
N LEU F 406 64.33 20.99 23.28
CA LEU F 406 65.56 20.81 24.06
C LEU F 406 66.67 20.19 23.22
N ALA F 407 66.34 19.28 22.30
CA ALA F 407 67.36 18.66 21.46
C ALA F 407 68.11 19.67 20.61
N MET F 408 67.56 20.87 20.41
CA MET F 408 68.24 21.90 19.64
C MET F 408 69.47 22.45 20.36
N THR F 409 69.54 22.34 21.69
CA THR F 409 70.63 22.90 22.47
C THR F 409 71.24 21.83 23.37
N LYS F 410 72.44 22.15 23.88
CA LYS F 410 73.12 21.21 24.77
C LYS F 410 72.61 21.30 26.20
N THR F 411 72.37 22.51 26.68
CA THR F 411 71.99 22.72 28.07
C THR F 411 70.66 23.46 28.17
N ASN F 412 70.01 23.32 29.33
CA ASN F 412 68.77 24.05 29.60
C ASN F 412 68.99 25.56 29.64
N ASP F 413 70.18 26.00 30.05
CA ASP F 413 70.47 27.44 30.08
C ASP F 413 70.41 28.05 28.68
N ASP F 414 71.05 27.40 27.70
CA ASP F 414 70.95 27.86 26.33
C ASP F 414 69.52 27.79 25.80
N PHE F 415 68.77 26.76 26.20
CA PHE F 415 67.36 26.67 25.83
C PHE F 415 66.56 27.85 26.37
N PHE F 416 66.78 28.22 27.63
CA PHE F 416 66.16 29.40 28.22
C PHE F 416 66.55 30.67 27.45
N GLU F 417 67.83 30.82 27.11
CA GLU F 417 68.24 31.96 26.30
C GLU F 417 67.55 31.97 24.94
N MET F 418 67.27 30.80 24.37
CA MET F 418 66.45 30.74 23.15
C MET F 418 65.03 31.21 23.40
N MET F 419 64.45 30.91 24.58
CA MET F 419 63.07 31.33 24.85
C MET F 419 62.89 32.84 24.70
N LYS F 420 63.90 33.62 25.04
CA LYS F 420 63.81 35.08 24.93
C LYS F 420 63.77 35.54 23.47
N MET G 4 -1.68 37.12 0.36
CA MET G 4 -1.12 35.77 0.26
C MET G 4 -2.18 34.78 -0.20
N ASN G 5 -2.27 34.54 -1.50
CA ASN G 5 -3.32 33.71 -2.09
C ASN G 5 -2.69 32.58 -2.89
N LEU G 6 -3.35 31.42 -2.87
CA LEU G 6 -2.80 30.23 -3.51
C LEU G 6 -2.75 30.40 -5.03
N THR G 7 -3.89 30.71 -5.66
CA THR G 7 -3.91 30.83 -7.11
C THR G 7 -3.04 31.99 -7.58
N GLU G 8 -2.92 33.05 -6.77
CA GLU G 8 -2.01 34.13 -7.13
C GLU G 8 -0.57 33.65 -7.15
N LEU G 9 -0.20 32.77 -6.22
CA LEU G 9 1.13 32.17 -6.24
C LEU G 9 1.30 31.22 -7.42
N LYS G 10 0.24 30.49 -7.78
CA LYS G 10 0.30 29.62 -8.94
C LYS G 10 0.46 30.41 -10.23
N ASN G 11 -0.07 31.62 -10.28
CA ASN G 11 0.03 32.43 -11.49
C ASN G 11 1.42 33.03 -11.65
N THR G 12 2.04 33.49 -10.55
CA THR G 12 3.31 34.16 -10.66
C THR G 12 4.38 33.22 -11.20
N PRO G 13 5.33 33.71 -11.99
CA PRO G 13 6.38 32.84 -12.51
C PRO G 13 7.25 32.26 -11.40
N VAL G 14 7.97 31.18 -11.73
CA VAL G 14 8.79 30.50 -10.74
C VAL G 14 9.92 31.41 -10.25
N SER G 15 10.44 32.28 -11.11
CA SER G 15 11.57 33.12 -10.72
C SER G 15 11.18 34.02 -9.54
N GLU G 16 10.06 34.72 -9.67
CA GLU G 16 9.57 35.57 -8.59
C GLU G 16 9.24 34.76 -7.34
N LEU G 17 8.74 33.53 -7.52
CA LEU G 17 8.45 32.67 -6.37
C LEU G 17 9.72 32.28 -5.62
N ILE G 18 10.78 31.89 -6.33
CA ILE G 18 12.03 31.51 -5.67
C ILE G 18 12.62 32.70 -4.95
N THR G 19 12.65 33.87 -5.60
CA THR G 19 13.14 35.06 -4.91
C THR G 19 12.33 35.37 -3.65
N LEU G 20 11.00 35.37 -3.78
CA LEU G 20 10.13 35.62 -2.64
C LEU G 20 10.34 34.61 -1.53
N GLY G 21 10.61 33.35 -1.86
CA GLY G 21 10.79 32.33 -0.84
C GLY G 21 12.12 32.43 -0.14
N GLU G 22 13.16 32.77 -0.90
CA GLU G 22 14.46 33.02 -0.29
C GLU G 22 14.43 34.23 0.63
N ASN G 23 13.59 35.23 0.34
CA ASN G 23 13.46 36.35 1.25
C ASN G 23 12.90 35.93 2.60
N MET G 24 12.00 34.94 2.62
CA MET G 24 11.44 34.43 3.85
C MET G 24 12.47 33.59 4.60
N ASN G 28 17.02 25.74 0.03
CA ASN G 28 17.19 25.90 -1.40
C ASN G 28 15.93 25.46 -2.14
N LEU G 29 15.31 26.41 -2.86
CA LEU G 29 14.11 26.15 -3.64
C LEU G 29 14.40 25.85 -5.11
N ALA G 30 15.65 26.03 -5.56
CA ALA G 30 15.96 25.89 -6.98
C ALA G 30 15.74 24.47 -7.47
N ARG G 31 16.02 23.47 -6.62
CA ARG G 31 15.96 22.09 -7.06
C ARG G 31 14.53 21.60 -7.15
N MET G 32 13.72 21.88 -6.14
CA MET G 32 12.37 21.34 -6.06
C MET G 32 11.42 21.91 -7.11
N ARG G 33 10.34 21.18 -7.40
CA ARG G 33 9.35 21.60 -8.38
C ARG G 33 8.60 22.84 -7.91
N LYS G 34 8.02 23.57 -8.87
CA LYS G 34 7.31 24.81 -8.55
C LYS G 34 6.21 24.59 -7.52
N GLN G 35 5.43 23.51 -7.68
CA GLN G 35 4.39 23.18 -6.71
C GLN G 35 4.96 23.14 -5.29
N ASP G 36 6.16 22.59 -5.12
CA ASP G 36 6.79 22.54 -3.81
C ASP G 36 7.21 23.93 -3.32
N ILE G 37 7.71 24.78 -4.22
CA ILE G 37 8.03 26.15 -3.81
C ILE G 37 6.79 26.81 -3.22
N ILE G 38 5.65 26.70 -3.91
CA ILE G 38 4.43 27.31 -3.40
C ILE G 38 4.05 26.69 -2.05
N PHE G 39 4.12 25.37 -1.93
CA PHE G 39 3.71 24.72 -0.69
C PHE G 39 4.57 25.19 0.49
N ALA G 40 5.90 25.19 0.31
CA ALA G 40 6.80 25.60 1.38
C ALA G 40 6.59 27.06 1.74
N ILE G 41 6.38 27.93 0.75
CA ILE G 41 6.14 29.34 1.00
C ILE G 41 4.86 29.53 1.81
N LEU G 42 3.78 28.84 1.42
CA LEU G 42 2.52 28.91 2.16
C LEU G 42 2.68 28.44 3.61
N LYS G 43 3.36 27.31 3.81
CA LYS G 43 3.60 26.83 5.17
C LYS G 43 4.36 27.85 6.01
N GLN G 44 5.46 28.40 5.46
CA GLN G 44 6.25 29.35 6.21
C GLN G 44 5.41 30.58 6.59
N HIS G 45 4.57 31.06 5.66
CA HIS G 45 3.67 32.16 6.01
C HIS G 45 2.69 31.76 7.11
N ALA G 46 2.21 30.51 7.10
CA ALA G 46 1.33 30.05 8.18
C ALA G 46 2.04 30.02 9.52
N LYS G 47 3.34 29.69 9.54
CA LYS G 47 4.10 29.68 10.79
C LYS G 47 4.11 31.06 11.44
N SER G 48 4.21 32.12 10.62
CA SER G 48 4.22 33.47 11.15
C SER G 48 2.91 33.85 11.84
N GLY G 49 1.86 33.04 11.70
CA GLY G 49 0.54 33.40 12.18
C GLY G 49 -0.28 34.22 11.22
N GLU G 50 0.32 34.73 10.15
CA GLU G 50 -0.42 35.47 9.13
C GLU G 50 -1.38 34.55 8.38
N ASP G 51 -2.44 35.15 7.84
CA ASP G 51 -3.48 34.37 7.19
C ASP G 51 -3.04 33.95 5.78
N ILE G 52 -3.67 32.87 5.30
CA ILE G 52 -3.50 32.33 3.96
C ILE G 52 -4.86 32.33 3.28
N PHE G 53 -4.87 32.47 1.96
CA PHE G 53 -6.12 32.54 1.21
C PHE G 53 -6.06 31.65 -0.01
N GLY G 54 -7.25 31.17 -0.40
CA GLY G 54 -7.42 30.38 -1.60
C GLY G 54 -8.81 30.56 -2.17
N ASP G 55 -9.04 29.91 -3.32
CA ASP G 55 -10.31 30.07 -4.04
C ASP G 55 -10.43 29.02 -5.14
N GLY G 56 -11.66 28.88 -5.62
CA GLY G 56 -11.96 27.99 -6.72
C GLY G 56 -13.44 27.68 -6.78
N VAL G 57 -13.82 26.93 -7.82
CA VAL G 57 -15.22 26.57 -8.01
C VAL G 57 -15.53 25.27 -7.28
N LEU G 58 -16.65 25.26 -6.57
CA LEU G 58 -16.99 24.12 -5.74
C LEU G 58 -17.48 22.94 -6.57
N GLU G 59 -17.08 21.75 -6.14
CA GLU G 59 -17.62 20.50 -6.65
C GLU G 59 -17.89 19.59 -5.46
N ILE G 60 -19.15 19.27 -5.24
CA ILE G 60 -19.59 18.46 -4.11
C ILE G 60 -19.57 16.99 -4.51
N LEU G 61 -18.85 16.19 -3.75
CA LEU G 61 -18.76 14.76 -3.99
C LEU G 61 -19.99 14.05 -3.40
N GLN G 62 -20.07 12.74 -3.66
CA GLN G 62 -21.24 11.97 -3.24
C GLN G 62 -21.32 11.84 -1.73
N ASP G 63 -20.19 11.87 -1.03
CA ASP G 63 -20.18 11.68 0.41
C ASP G 63 -20.69 12.89 1.21
N GLY G 64 -20.85 14.05 0.57
CA GLY G 64 -21.35 15.23 1.26
C GLY G 64 -20.32 16.35 1.43
N PHE G 65 -19.04 16.05 1.27
CA PHE G 65 -18.00 17.08 1.28
C PHE G 65 -17.63 17.44 -0.15
N GLY G 66 -16.88 18.55 -0.31
CA GLY G 66 -16.53 19.03 -1.63
C GLY G 66 -15.11 19.53 -1.72
N PHE G 67 -14.72 19.90 -2.94
CA PHE G 67 -13.43 20.54 -3.17
C PHE G 67 -13.59 21.76 -4.08
N LEU G 68 -12.64 22.67 -3.96
CA LEU G 68 -12.59 23.87 -4.79
C LEU G 68 -11.63 23.62 -5.95
N ARG G 69 -12.17 23.18 -7.08
CA ARG G 69 -11.39 22.96 -8.28
C ARG G 69 -10.88 24.29 -8.83
N SER G 70 -9.81 24.22 -9.61
CA SER G 70 -9.13 25.39 -10.14
C SER G 70 -9.20 25.42 -11.66
N ALA G 71 -9.18 26.63 -12.21
CA ALA G 71 -9.31 26.80 -13.65
C ALA G 71 -8.12 26.25 -14.40
N ASP G 72 -6.93 26.27 -13.79
CA ASP G 72 -5.75 25.73 -14.46
C ASP G 72 -5.80 24.21 -14.62
N SER G 73 -6.75 23.53 -13.96
CA SER G 73 -7.00 22.11 -14.16
C SER G 73 -8.31 21.87 -14.91
N SER G 74 -8.85 22.90 -15.56
CA SER G 74 -10.14 22.84 -16.25
C SER G 74 -11.27 22.44 -15.30
N TYR G 75 -11.13 22.81 -14.03
CA TYR G 75 -12.06 22.49 -12.97
C TYR G 75 -12.18 20.99 -12.71
N LEU G 76 -11.13 20.25 -13.04
CA LEU G 76 -10.98 18.86 -12.68
C LEU G 76 -10.17 18.73 -11.41
N ALA G 77 -10.04 17.50 -10.93
CA ALA G 77 -9.30 17.22 -9.71
C ALA G 77 -7.87 17.75 -9.82
N GLY G 78 -7.45 18.51 -8.80
CA GLY G 78 -6.14 19.11 -8.79
C GLY G 78 -5.40 18.91 -7.48
N PRO G 79 -4.08 19.04 -7.52
CA PRO G 79 -3.30 18.84 -6.29
C PRO G 79 -3.52 19.93 -5.26
N ASP G 80 -3.84 21.14 -5.66
CA ASP G 80 -4.04 22.26 -4.75
C ASP G 80 -5.52 22.50 -4.43
N ASP G 81 -6.36 21.48 -4.59
CA ASP G 81 -7.78 21.65 -4.33
C ASP G 81 -8.03 21.86 -2.84
N ILE G 82 -9.01 22.69 -2.52
CA ILE G 82 -9.31 23.09 -1.15
C ILE G 82 -10.52 22.31 -0.67
N TYR G 83 -10.35 21.58 0.43
CA TYR G 83 -11.43 20.79 1.00
C TYR G 83 -12.47 21.70 1.64
N VAL G 84 -13.75 21.46 1.35
CA VAL G 84 -14.87 22.16 1.94
C VAL G 84 -15.71 21.15 2.70
N SER G 85 -15.79 21.34 4.01
CA SER G 85 -16.48 20.41 4.89
C SER G 85 -17.98 20.44 4.64
N PRO G 86 -18.67 19.33 4.89
CA PRO G 86 -20.13 19.32 4.75
C PRO G 86 -20.82 20.42 5.56
N SER G 87 -20.37 20.66 6.79
CA SER G 87 -20.97 21.68 7.63
C SER G 87 -20.92 23.06 6.96
N GLN G 88 -19.81 23.37 6.29
CA GLN G 88 -19.72 24.63 5.54
C GLN G 88 -20.72 24.67 4.40
N ILE G 89 -20.93 23.55 3.70
CA ILE G 89 -21.87 23.51 2.59
C ILE G 89 -23.30 23.72 3.07
N ARG G 90 -23.66 23.09 4.19
CA ARG G 90 -25.01 23.26 4.73
C ARG G 90 -25.24 24.67 5.27
N ARG G 91 -24.21 25.25 5.89
CA ARG G 91 -24.36 26.58 6.49
C ARG G 91 -24.82 27.61 5.46
N PHE G 92 -24.19 27.63 4.28
CA PHE G 92 -24.48 28.63 3.26
C PHE G 92 -25.21 28.05 2.05
N ASN G 93 -25.73 26.83 2.16
CA ASN G 93 -26.49 26.18 1.09
C ASN G 93 -25.70 26.16 -0.21
N LEU G 94 -24.41 25.82 -0.10
CA LEU G 94 -23.55 25.77 -1.27
C LEU G 94 -23.93 24.61 -2.16
N ARG G 95 -23.71 24.78 -3.46
CA ARG G 95 -23.94 23.74 -4.44
C ARG G 95 -22.86 23.80 -5.52
N THR G 96 -22.67 22.68 -6.21
CA THR G 96 -21.64 22.58 -7.23
C THR G 96 -21.76 23.74 -8.22
N GLY G 97 -20.62 24.36 -8.52
CA GLY G 97 -20.54 25.52 -9.38
C GLY G 97 -20.28 26.83 -8.65
N ASP G 98 -20.53 26.88 -7.34
CA ASP G 98 -20.35 28.11 -6.58
C ASP G 98 -18.87 28.49 -6.50
N THR G 99 -18.53 29.65 -7.04
CA THR G 99 -17.19 30.18 -6.86
C THR G 99 -16.99 30.58 -5.40
N ILE G 100 -15.93 30.08 -4.77
CA ILE G 100 -15.69 30.29 -3.35
C ILE G 100 -14.31 30.89 -3.15
N SER G 101 -14.23 31.91 -2.28
CA SER G 101 -12.98 32.49 -1.82
C SER G 101 -12.96 32.54 -0.30
N GLY G 102 -11.82 32.14 0.28
CA GLY G 102 -11.75 32.15 1.73
C GLY G 102 -10.35 31.84 2.25
N LYS G 103 -10.22 31.97 3.57
CA LYS G 103 -8.98 31.65 4.26
C LYS G 103 -8.78 30.15 4.31
N ILE G 104 -7.52 29.72 4.16
CA ILE G 104 -7.18 28.30 4.09
C ILE G 104 -5.96 28.02 4.97
N ARG G 105 -5.76 26.74 5.26
CA ARG G 105 -4.64 26.25 6.05
C ARG G 105 -4.00 25.06 5.37
N PRO G 106 -2.68 24.92 5.52
CA PRO G 106 -2.01 23.76 4.94
C PRO G 106 -2.51 22.48 5.57
N PRO G 107 -2.37 21.34 4.89
CA PRO G 107 -2.87 20.09 5.46
C PRO G 107 -2.05 19.67 6.68
N LYS G 108 -2.77 19.18 7.70
CA LYS G 108 -2.13 18.65 8.90
C LYS G 108 -1.57 17.26 8.63
N GLU G 109 -1.02 16.64 9.68
CA GLU G 109 -0.48 15.30 9.57
C GLU G 109 -1.62 14.30 9.33
N GLY G 110 -1.45 13.45 8.31
CA GLY G 110 -2.50 12.56 7.88
C GLY G 110 -3.51 13.17 6.94
N GLU G 111 -3.23 14.36 6.42
CA GLU G 111 -4.10 15.04 5.47
C GLU G 111 -3.34 15.32 4.19
N ARG G 112 -4.07 15.46 3.09
CA ARG G 112 -3.47 15.62 1.78
C ARG G 112 -3.93 16.90 1.06
N TYR G 113 -4.75 17.73 1.69
CA TYR G 113 -5.36 18.85 1.00
C TYR G 113 -5.39 20.08 1.90
N PHE G 114 -5.35 21.25 1.26
CA PHE G 114 -5.63 22.50 1.95
C PHE G 114 -7.10 22.53 2.37
N ALA G 115 -7.35 22.99 3.59
CA ALA G 115 -8.69 23.06 4.14
C ALA G 115 -9.18 24.50 4.20
N LEU G 116 -10.49 24.66 4.15
CA LEU G 116 -11.13 25.98 4.17
C LEU G 116 -11.53 26.31 5.59
N LEU G 117 -10.99 27.40 6.12
CA LEU G 117 -11.32 27.84 7.47
C LEU G 117 -12.62 28.63 7.47
N LYS G 118 -12.66 29.70 6.69
CA LYS G 118 -13.79 30.61 6.65
C LYS G 118 -14.00 31.05 5.21
N VAL G 119 -15.25 31.13 4.80
CA VAL G 119 -15.59 31.52 3.44
C VAL G 119 -15.89 33.01 3.43
N ASN G 120 -15.05 33.79 2.76
CA ASN G 120 -15.26 35.23 2.69
C ASN G 120 -16.28 35.58 1.62
N GLU G 121 -16.18 34.95 0.45
CA GLU G 121 -16.99 35.35 -0.70
C GLU G 121 -17.57 34.14 -1.40
N VAL G 122 -18.88 34.17 -1.64
CA VAL G 122 -19.62 33.15 -2.36
C VAL G 122 -20.24 33.82 -3.59
N ASN G 123 -19.70 33.52 -4.77
CA ASN G 123 -20.14 34.08 -6.05
C ASN G 123 -19.98 35.61 -6.06
N PHE G 124 -18.80 36.06 -5.62
CA PHE G 124 -18.46 37.49 -5.63
C PHE G 124 -19.47 38.30 -4.83
N ASP G 125 -19.93 37.75 -3.71
CA ASP G 125 -20.98 38.39 -2.91
C ASP G 125 -20.87 37.89 -1.47
N LYS G 126 -21.65 38.50 -0.60
CA LYS G 126 -21.62 38.16 0.82
C LYS G 126 -22.18 36.75 1.02
N PRO G 127 -21.52 35.92 1.84
CA PRO G 127 -21.99 34.53 2.02
C PRO G 127 -23.41 34.41 2.53
N GLU G 128 -23.84 35.34 3.41
CA GLU G 128 -25.19 35.28 3.95
C GLU G 128 -26.24 35.37 2.85
N ASN G 129 -26.00 36.21 1.85
CA ASN G 129 -26.95 36.34 0.74
C ASN G 129 -27.08 35.04 -0.04
N ALA G 130 -26.08 34.15 0.00
CA ALA G 130 -26.23 32.89 -0.73
C ALA G 130 -27.20 31.93 -0.04
N ARG G 131 -27.29 32.01 1.29
CA ARG G 131 -28.41 31.39 2.02
C ARG G 131 -29.75 31.91 1.46
N ASN G 132 -29.94 33.19 1.30
CA ASN G 132 -31.21 33.71 0.83
C ASN G 132 -31.10 34.11 -0.64
N LYS G 133 -31.63 33.27 -1.52
CA LYS G 133 -31.64 33.59 -2.97
C LYS G 133 -32.70 32.72 -3.63
N ILE G 134 -33.18 33.13 -4.82
CA ILE G 134 -34.12 32.31 -5.57
C ILE G 134 -33.34 31.40 -6.49
N LEU G 135 -33.63 30.09 -6.43
CA LEU G 135 -32.86 29.12 -7.17
C LEU G 135 -33.12 29.24 -8.68
N PHE G 136 -32.17 28.74 -9.45
CA PHE G 136 -32.30 28.80 -10.90
C PHE G 136 -33.52 28.05 -11.41
N GLU G 137 -33.87 26.94 -10.75
CA GLU G 137 -35.04 26.16 -11.17
C GLU G 137 -36.33 26.91 -10.96
N ASN G 138 -36.34 27.94 -10.11
CA ASN G 138 -37.54 28.67 -9.77
C ASN G 138 -37.64 30.03 -10.44
N LEU G 139 -36.60 30.46 -11.14
CA LEU G 139 -36.65 31.72 -11.87
C LEU G 139 -37.68 31.65 -12.98
N THR G 140 -38.44 32.72 -13.15
CA THR G 140 -39.53 32.72 -14.14
C THR G 140 -38.96 32.96 -15.52
N PRO G 141 -39.13 32.02 -16.45
CA PRO G 141 -38.53 32.18 -17.78
C PRO G 141 -39.26 33.21 -18.62
N LEU G 142 -38.56 33.75 -19.61
CA LEU G 142 -39.12 34.71 -20.54
C LEU G 142 -38.39 34.60 -21.87
N HIS G 143 -39.03 35.10 -22.92
CA HIS G 143 -38.34 35.31 -24.18
C HIS G 143 -37.37 36.49 -24.02
N ALA G 144 -36.31 36.47 -24.83
CA ALA G 144 -35.28 37.51 -24.73
C ALA G 144 -35.88 38.89 -24.97
N ASN G 145 -35.58 39.80 -24.04
CA ASN G 145 -36.03 41.20 -24.14
C ASN G 145 -34.92 42.11 -24.63
N SER G 146 -33.79 42.12 -23.94
CA SER G 146 -32.73 43.08 -24.21
C SER G 146 -31.86 42.59 -25.36
N ARG G 147 -31.78 43.42 -26.40
CA ARG G 147 -31.00 43.06 -27.58
C ARG G 147 -29.50 43.09 -27.26
N LEU G 148 -28.78 42.09 -27.74
CA LEU G 148 -27.32 42.04 -27.67
C LEU G 148 -26.80 42.30 -29.09
N ARG G 149 -26.60 43.57 -29.42
CA ARG G 149 -26.20 43.93 -30.77
C ARG G 149 -24.73 43.57 -30.99
N MET G 150 -24.46 42.88 -32.08
CA MET G 150 -23.10 42.43 -32.36
C MET G 150 -22.30 43.44 -33.19
N GLU G 151 -22.98 44.37 -33.87
CA GLU G 151 -22.29 45.24 -34.82
C GLU G 151 -21.34 46.19 -34.12
N ARG G 152 -20.05 46.07 -34.46
CA ARG G 152 -19.05 47.00 -33.94
C ARG G 152 -19.35 48.44 -34.37
N GLY G 153 -19.58 48.64 -35.67
CA GLY G 153 -19.70 49.96 -36.25
C GLY G 153 -18.39 50.60 -36.65
N ASN G 154 -17.25 49.96 -36.37
CA ASN G 154 -15.93 50.48 -36.71
C ASN G 154 -15.59 50.38 -38.20
N GLY G 155 -16.56 50.07 -39.06
CA GLY G 155 -16.26 49.88 -40.47
C GLY G 155 -15.28 48.77 -40.76
N SER G 156 -15.10 47.83 -39.84
CA SER G 156 -14.14 46.75 -40.00
C SER G 156 -14.64 45.73 -41.02
N THR G 157 -13.69 45.08 -41.69
CA THR G 157 -14.05 44.02 -42.62
C THR G 157 -14.53 42.77 -41.88
N GLU G 158 -14.02 42.52 -40.68
CA GLU G 158 -14.58 41.46 -39.85
C GLU G 158 -16.00 41.80 -39.42
N ASP G 159 -16.27 43.09 -39.19
CA ASP G 159 -17.59 43.51 -38.73
C ASP G 159 -18.69 43.08 -39.67
N LEU G 160 -18.38 42.84 -40.95
CA LEU G 160 -19.39 42.31 -41.86
C LEU G 160 -20.13 41.13 -41.23
N THR G 161 -19.39 40.14 -40.72
CA THR G 161 -20.05 38.99 -40.10
C THR G 161 -21.03 39.44 -39.03
N ALA G 162 -20.62 40.37 -38.17
CA ALA G 162 -21.54 40.82 -37.14
C ALA G 162 -22.76 41.48 -37.77
N ARG G 163 -22.56 42.35 -38.76
CA ARG G 163 -23.67 43.11 -39.30
C ARG G 163 -24.71 42.18 -39.91
N VAL G 164 -24.29 41.30 -40.83
CA VAL G 164 -25.21 40.31 -41.37
C VAL G 164 -25.91 39.56 -40.25
N LEU G 165 -25.18 39.15 -39.21
CA LEU G 165 -25.84 38.44 -38.12
C LEU G 165 -27.01 39.26 -37.58
N ASP G 166 -26.76 40.53 -37.27
CA ASP G 166 -27.82 41.37 -36.71
C ASP G 166 -29.04 41.39 -37.62
N LEU G 167 -28.82 41.33 -38.92
CA LEU G 167 -29.95 41.43 -39.82
C LEU G 167 -30.64 40.08 -39.99
N ALA G 168 -29.88 38.99 -39.90
CA ALA G 168 -30.45 37.70 -40.25
C ALA G 168 -31.07 37.01 -39.05
N SER G 169 -30.41 37.12 -37.89
CA SER G 169 -30.85 36.42 -36.68
C SER G 169 -30.35 37.19 -35.48
N PRO G 170 -31.13 38.17 -35.00
CA PRO G 170 -30.71 38.95 -33.82
C PRO G 170 -30.54 38.06 -32.60
N ILE G 171 -29.72 38.53 -31.66
CA ILE G 171 -29.40 37.79 -30.44
C ILE G 171 -29.74 38.67 -29.25
N GLY G 172 -30.58 38.16 -28.35
CA GLY G 172 -30.92 38.81 -27.10
C GLY G 172 -30.36 38.06 -25.89
N ARG G 173 -30.52 38.69 -24.73
CA ARG G 173 -30.05 38.13 -23.47
C ARG G 173 -30.94 36.97 -23.05
N GLY G 174 -30.35 35.79 -22.87
CA GLY G 174 -31.10 34.57 -22.64
C GLY G 174 -31.38 33.77 -23.89
N GLN G 175 -30.81 34.15 -25.03
CA GLN G 175 -31.04 33.43 -26.27
C GLN G 175 -30.50 32.01 -26.20
N ARG G 176 -31.08 31.13 -27.02
CA ARG G 176 -30.73 29.71 -27.06
C ARG G 176 -30.52 29.38 -28.54
N GLY G 177 -29.33 29.74 -29.04
CA GLY G 177 -29.06 29.76 -30.46
C GLY G 177 -28.05 28.71 -30.92
N LEU G 178 -28.00 28.54 -32.24
CA LEU G 178 -27.17 27.55 -32.91
C LEU G 178 -26.54 28.14 -34.16
N ILE G 179 -25.24 27.95 -34.32
CA ILE G 179 -24.54 28.25 -35.56
C ILE G 179 -24.45 26.91 -36.30
N VAL G 180 -25.40 26.66 -37.19
CA VAL G 180 -25.52 25.35 -37.83
C VAL G 180 -24.84 25.40 -39.20
N ALA G 181 -23.97 24.42 -39.47
CA ALA G 181 -23.28 24.34 -40.74
C ALA G 181 -22.46 23.06 -40.90
N PRO G 182 -22.16 22.65 -42.12
CA PRO G 182 -21.27 21.50 -42.35
C PRO G 182 -19.84 21.84 -41.95
N PRO G 183 -18.97 20.84 -41.82
CA PRO G 183 -17.57 21.13 -41.49
C PRO G 183 -16.96 22.08 -42.50
N LYS G 184 -16.17 23.04 -41.99
CA LYS G 184 -15.39 24.00 -42.77
C LYS G 184 -16.26 25.09 -43.40
N ALA G 185 -17.44 25.35 -42.85
CA ALA G 185 -18.30 26.40 -43.37
C ALA G 185 -18.08 27.76 -42.70
N GLY G 186 -17.50 27.78 -41.50
CA GLY G 186 -17.18 29.04 -40.87
C GLY G 186 -17.77 29.19 -39.48
N LYS G 187 -18.19 28.07 -38.88
CA LYS G 187 -18.88 28.15 -37.60
C LYS G 187 -17.96 28.69 -36.51
N THR G 188 -16.77 28.11 -36.38
CA THR G 188 -15.87 28.48 -35.30
C THR G 188 -15.45 29.94 -35.39
N MET G 189 -14.98 30.38 -36.57
CA MET G 189 -14.59 31.77 -36.73
C MET G 189 -15.76 32.71 -36.56
N LEU G 190 -16.98 32.28 -36.89
CA LEU G 190 -18.14 33.11 -36.62
C LEU G 190 -18.38 33.23 -35.11
N LEU G 191 -18.16 32.15 -34.37
CA LEU G 191 -18.26 32.21 -32.92
C LEU G 191 -17.17 33.12 -32.33
N GLN G 192 -15.98 33.10 -32.91
CA GLN G 192 -14.91 34.01 -32.48
C GLN G 192 -15.26 35.47 -32.78
N ASN G 193 -15.84 35.72 -33.95
CA ASN G 193 -16.33 37.06 -34.28
C ASN G 193 -17.37 37.51 -33.25
N ILE G 194 -18.29 36.61 -32.89
CA ILE G 194 -19.28 36.92 -31.85
C ILE G 194 -18.59 37.24 -30.53
N ALA G 195 -17.58 36.45 -30.15
CA ALA G 195 -16.88 36.68 -28.89
C ALA G 195 -16.24 38.06 -28.86
N GLN G 196 -15.58 38.46 -29.95
CA GLN G 196 -15.02 39.80 -30.03
C GLN G 196 -16.11 40.87 -29.88
N SER G 197 -17.23 40.71 -30.60
CA SER G 197 -18.31 41.68 -30.49
C SER G 197 -18.85 41.77 -29.07
N ILE G 198 -18.91 40.63 -28.36
CA ILE G 198 -19.40 40.63 -26.99
C ILE G 198 -18.42 41.35 -26.08
N ALA G 199 -17.12 41.11 -26.25
CA ALA G 199 -16.14 41.77 -25.40
C ALA G 199 -16.15 43.28 -25.60
N TYR G 200 -16.38 43.75 -26.83
CA TYR G 200 -16.36 45.19 -27.06
C TYR G 200 -17.69 45.88 -26.73
N ASN G 201 -18.81 45.32 -27.20
CA ASN G 201 -20.10 45.97 -27.05
C ASN G 201 -20.77 45.66 -25.72
N HIS G 202 -20.43 44.53 -25.11
CA HIS G 202 -21.09 44.09 -23.87
C HIS G 202 -20.05 43.60 -22.87
N PRO G 203 -19.16 44.50 -22.43
CA PRO G 203 -18.20 44.10 -21.38
C PRO G 203 -18.86 43.79 -20.06
N ASP G 204 -20.12 44.19 -19.88
CA ASP G 204 -20.85 43.91 -18.65
C ASP G 204 -21.19 42.42 -18.52
N CYS G 205 -21.38 41.73 -19.64
CA CYS G 205 -21.75 40.33 -19.62
C CYS G 205 -20.58 39.44 -19.22
N VAL G 206 -20.88 38.35 -18.51
CA VAL G 206 -19.88 37.39 -18.08
C VAL G 206 -19.69 36.40 -19.23
N LEU G 207 -18.58 36.51 -19.96
CA LEU G 207 -18.35 35.70 -21.14
C LEU G 207 -17.55 34.45 -20.80
N MET G 208 -18.10 33.29 -21.17
CA MET G 208 -17.42 32.00 -21.05
C MET G 208 -17.44 31.29 -22.40
N VAL G 209 -16.33 30.66 -22.76
CA VAL G 209 -16.19 29.94 -24.03
C VAL G 209 -15.88 28.47 -23.73
N LEU G 210 -16.85 27.60 -23.98
CA LEU G 210 -16.72 26.16 -23.74
C LEU G 210 -16.43 25.45 -25.05
N LEU G 211 -15.28 24.79 -25.13
CA LEU G 211 -14.82 24.09 -26.33
C LEU G 211 -14.82 22.60 -26.06
N ILE G 212 -15.66 21.85 -26.79
CA ILE G 212 -15.84 20.43 -26.56
C ILE G 212 -15.50 19.68 -27.83
N ASP G 213 -14.50 18.80 -27.73
CA ASP G 213 -14.20 17.81 -28.78
C ASP G 213 -13.79 18.48 -30.09
N GLU G 214 -13.10 19.60 -30.00
CA GLU G 214 -12.66 20.34 -31.17
C GLU G 214 -11.14 20.49 -31.17
N ARG G 215 -10.64 21.22 -32.18
CA ARG G 215 -9.22 21.23 -32.47
C ARG G 215 -8.43 21.91 -31.35
N PRO G 216 -7.25 21.40 -30.99
CA PRO G 216 -6.50 22.00 -29.87
C PRO G 216 -5.96 23.38 -30.18
N GLU G 217 -5.53 23.63 -31.42
CA GLU G 217 -5.01 24.93 -31.76
C GLU G 217 -6.08 26.02 -31.64
N GLU G 218 -7.36 25.67 -31.82
CA GLU G 218 -8.44 26.62 -31.61
C GLU G 218 -8.58 27.00 -30.13
N VAL G 219 -8.23 26.11 -29.21
CA VAL G 219 -8.26 26.44 -27.79
C VAL G 219 -7.30 27.60 -27.51
N THR G 220 -6.05 27.45 -27.91
CA THR G 220 -5.09 28.52 -27.66
C THR G 220 -5.41 29.75 -28.48
N GLU G 221 -5.90 29.57 -29.72
CA GLU G 221 -6.33 30.72 -30.49
C GLU G 221 -7.44 31.49 -29.77
N MET G 222 -8.35 30.79 -29.10
CA MET G 222 -9.48 31.44 -28.47
C MET G 222 -9.10 32.11 -27.15
N GLN G 223 -8.20 31.49 -26.37
CA GLN G 223 -7.87 32.07 -25.07
C GLN G 223 -7.00 33.32 -25.22
N ARG G 224 -6.23 33.42 -26.30
CA ARG G 224 -5.45 34.62 -26.58
C ARG G 224 -6.21 35.66 -27.39
N LEU G 225 -7.44 35.34 -27.83
CA LEU G 225 -8.26 36.24 -28.64
C LEU G 225 -9.42 36.86 -27.89
N VAL G 226 -10.16 36.09 -27.10
CA VAL G 226 -11.36 36.59 -26.43
C VAL G 226 -10.98 37.18 -25.08
N LYS G 227 -11.72 38.20 -24.66
CA LYS G 227 -11.54 38.81 -23.35
C LYS G 227 -12.55 38.16 -22.42
N GLY G 228 -12.24 36.93 -22.03
CA GLY G 228 -13.11 36.19 -21.13
C GLY G 228 -12.45 34.89 -20.70
N GLU G 229 -13.25 34.05 -20.07
CA GLU G 229 -12.78 32.75 -19.59
C GLU G 229 -13.02 31.67 -20.64
N VAL G 230 -12.02 30.82 -20.84
CA VAL G 230 -12.06 29.76 -21.84
C VAL G 230 -11.83 28.42 -21.13
N VAL G 231 -12.82 27.54 -21.20
CA VAL G 231 -12.74 26.18 -20.68
C VAL G 231 -12.83 25.23 -21.86
N ALA G 232 -11.89 24.29 -21.95
CA ALA G 232 -11.78 23.44 -23.12
C ALA G 232 -11.58 21.99 -22.72
N SER G 233 -11.93 21.09 -23.67
CA SER G 233 -11.79 19.63 -23.56
C SER G 233 -11.69 19.09 -25.00
N THR G 234 -10.49 19.19 -25.56
CA THR G 234 -10.26 18.89 -26.97
C THR G 234 -10.60 17.45 -27.34
N PHE G 235 -10.48 17.14 -28.63
CA PHE G 235 -10.75 15.78 -29.09
C PHE G 235 -9.68 14.78 -28.63
N ASP G 236 -8.60 15.24 -28.02
CA ASP G 236 -7.67 14.34 -27.36
C ASP G 236 -8.27 13.70 -26.12
N GLU G 237 -9.37 14.19 -25.66
CA GLU G 237 -9.99 13.80 -24.42
C GLU G 237 -11.17 12.87 -24.66
N PRO G 238 -11.47 12.00 -23.71
CA PRO G 238 -12.60 11.08 -23.84
C PRO G 238 -13.92 11.81 -23.64
N ALA G 239 -15.00 11.11 -23.97
CA ALA G 239 -16.34 11.67 -23.81
C ALA G 239 -16.67 11.93 -22.35
N SER G 240 -16.21 11.04 -21.45
CA SER G 240 -16.43 11.20 -20.02
C SER G 240 -15.99 12.58 -19.54
N ARG G 241 -14.78 12.99 -19.94
CA ARG G 241 -14.27 14.30 -19.57
C ARG G 241 -15.12 15.42 -20.15
N HIS G 242 -15.49 15.32 -21.42
CA HIS G 242 -16.36 16.33 -22.04
C HIS G 242 -17.59 16.56 -21.19
N VAL G 243 -18.28 15.47 -20.81
CA VAL G 243 -19.51 15.61 -20.04
C VAL G 243 -19.21 16.31 -18.72
N GLN G 244 -18.23 15.81 -17.95
CA GLN G 244 -18.02 16.37 -16.63
C GLN G 244 -17.69 17.86 -16.70
N VAL G 245 -16.79 18.23 -17.62
CA VAL G 245 -16.40 19.62 -17.78
C VAL G 245 -17.61 20.49 -18.12
N ALA G 246 -18.42 20.05 -19.09
CA ALA G 246 -19.58 20.83 -19.49
C ALA G 246 -20.55 21.00 -18.33
N GLU G 247 -20.71 19.97 -17.50
CA GLU G 247 -21.60 20.07 -16.35
C GLU G 247 -21.12 21.13 -15.38
N MET G 248 -19.81 21.13 -15.07
CA MET G 248 -19.28 22.16 -14.20
C MET G 248 -19.55 23.56 -14.76
N VAL G 249 -19.29 23.75 -16.06
CA VAL G 249 -19.44 25.09 -16.64
C VAL G 249 -20.91 25.53 -16.59
N ILE G 250 -21.84 24.63 -16.93
CA ILE G 250 -23.24 25.02 -16.95
C ILE G 250 -23.73 25.33 -15.53
N GLU G 251 -23.30 24.58 -14.53
CA GLU G 251 -23.73 24.87 -13.17
C GLU G 251 -23.17 26.21 -12.68
N LYS G 252 -21.91 26.50 -13.02
CA LYS G 252 -21.33 27.80 -12.69
C LYS G 252 -22.15 28.93 -13.30
N ALA G 253 -22.54 28.79 -14.56
CA ALA G 253 -23.39 29.79 -15.21
C ALA G 253 -24.70 29.96 -14.44
N LYS G 254 -25.34 28.86 -14.06
CA LYS G 254 -26.60 28.95 -13.30
C LYS G 254 -26.41 29.72 -12.00
N ARG G 255 -25.32 29.45 -11.28
CA ARG G 255 -25.08 30.19 -10.04
C ARG G 255 -24.96 31.70 -10.30
N LEU G 256 -24.13 32.07 -11.28
CA LEU G 256 -23.99 33.50 -11.59
C LEU G 256 -25.35 34.12 -11.95
N VAL G 257 -26.20 33.38 -12.66
CA VAL G 257 -27.53 33.90 -13.01
C VAL G 257 -28.39 34.05 -11.75
N GLU G 258 -28.26 33.14 -10.79
CA GLU G 258 -28.90 33.34 -9.50
C GLU G 258 -28.46 34.64 -8.83
N HIS G 259 -27.26 35.12 -9.15
CA HIS G 259 -26.85 36.45 -8.71
C HIS G 259 -27.18 37.57 -9.71
N LYS G 260 -28.24 37.41 -10.52
CA LYS G 260 -28.72 38.44 -11.45
C LYS G 260 -27.62 38.92 -12.41
N LYS G 261 -26.82 37.97 -12.90
CA LYS G 261 -25.78 38.26 -13.87
C LYS G 261 -26.23 37.81 -15.25
N ASP G 262 -25.70 38.48 -16.28
CA ASP G 262 -25.96 38.14 -17.68
C ASP G 262 -24.77 37.33 -18.19
N VAL G 263 -24.91 35.99 -18.17
CA VAL G 263 -23.87 35.07 -18.58
C VAL G 263 -24.09 34.69 -20.04
N ILE G 264 -22.98 34.52 -20.78
CA ILE G 264 -23.01 34.06 -22.16
C ILE G 264 -22.02 32.91 -22.30
N ILE G 265 -22.47 31.79 -22.88
CA ILE G 265 -21.65 30.62 -23.11
C ILE G 265 -21.60 30.38 -24.62
N LEU G 266 -20.41 30.51 -25.20
CA LEU G 266 -20.16 30.19 -26.59
C LEU G 266 -19.62 28.76 -26.65
N LEU G 267 -20.44 27.83 -27.11
CA LEU G 267 -20.11 26.41 -27.08
C LEU G 267 -19.77 25.90 -28.48
N ASP G 268 -18.66 25.18 -28.59
CA ASP G 268 -18.20 24.63 -29.87
C ASP G 268 -17.45 23.35 -29.56
N SER G 269 -18.07 22.19 -29.85
CA SER G 269 -19.36 22.12 -30.53
C SER G 269 -20.41 21.42 -29.66
N ILE G 270 -21.67 21.85 -29.79
CA ILE G 270 -22.73 21.21 -29.00
C ILE G 270 -23.14 19.88 -29.62
N THR G 271 -22.96 19.72 -30.94
CA THR G 271 -23.20 18.42 -31.56
C THR G 271 -22.27 17.36 -30.98
N ARG G 272 -21.00 17.71 -30.81
CA ARG G 272 -20.04 16.76 -30.25
C ARG G 272 -20.30 16.52 -28.76
N LEU G 273 -20.77 17.55 -28.04
CA LEU G 273 -21.20 17.33 -26.66
C LEU G 273 -22.36 16.34 -26.59
N ALA G 274 -23.33 16.47 -27.50
CA ALA G 274 -24.43 15.53 -27.56
C ALA G 274 -23.93 14.12 -27.88
N ARG G 275 -22.97 14.00 -28.79
CA ARG G 275 -22.34 12.71 -29.04
C ARG G 275 -21.72 12.13 -27.75
N ALA G 276 -21.03 12.97 -26.97
CA ALA G 276 -20.43 12.48 -25.72
C ALA G 276 -21.50 11.92 -24.79
N TYR G 277 -22.58 12.68 -24.60
CA TYR G 277 -23.69 12.16 -23.80
C TYR G 277 -24.17 10.81 -24.34
N ASN G 278 -24.34 10.68 -25.66
CA ASN G 278 -24.74 9.41 -26.23
C ASN G 278 -23.73 8.31 -25.96
N THR G 279 -22.46 8.66 -25.77
CA THR G 279 -21.42 7.69 -25.47
C THR G 279 -21.51 7.16 -24.05
N VAL G 280 -21.83 8.04 -23.08
CA VAL G 280 -21.88 7.60 -21.69
C VAL G 280 -23.28 7.24 -21.22
N VAL G 281 -24.31 7.43 -22.03
CA VAL G 281 -25.69 7.21 -21.57
C VAL G 281 -25.92 5.71 -21.39
N PRO G 282 -26.67 5.28 -20.38
CA PRO G 282 -27.00 3.84 -20.25
C PRO G 282 -27.89 3.40 -21.40
N ALA G 283 -27.52 2.28 -22.02
CA ALA G 283 -28.33 1.71 -23.09
C ALA G 283 -29.76 1.47 -22.60
N SER G 284 -30.72 1.91 -23.40
CA SER G 284 -32.14 1.75 -23.08
C SER G 284 -32.80 0.61 -23.84
N GLY G 285 -32.06 -0.08 -24.71
CA GLY G 285 -32.66 -1.04 -25.61
C GLY G 285 -33.44 -0.43 -26.76
N LYS G 286 -33.44 0.89 -26.90
CA LYS G 286 -34.14 1.60 -27.97
C LYS G 286 -33.16 2.58 -28.58
N VAL G 287 -32.96 2.52 -29.89
CA VAL G 287 -32.00 3.39 -30.53
C VAL G 287 -32.69 4.11 -31.69
N LEU G 288 -32.54 5.42 -31.72
CA LEU G 288 -33.09 6.26 -32.77
C LEU G 288 -32.28 6.16 -34.05
N THR G 289 -32.88 6.69 -35.12
CA THR G 289 -32.23 6.90 -36.40
C THR G 289 -30.86 7.54 -36.25
N GLY G 290 -29.84 6.89 -36.83
CA GLY G 290 -28.48 7.40 -36.79
C GLY G 290 -27.62 6.87 -35.67
N GLY G 291 -28.13 5.99 -34.82
CA GLY G 291 -27.34 5.46 -33.72
C GLY G 291 -27.38 6.27 -32.44
N VAL G 292 -28.45 7.00 -32.19
CA VAL G 292 -28.61 7.80 -30.97
C VAL G 292 -29.59 7.08 -30.06
N ASP G 293 -29.15 6.79 -28.84
CA ASP G 293 -30.01 6.15 -27.85
C ASP G 293 -31.27 7.00 -27.60
N ALA G 294 -32.40 6.31 -27.40
CA ALA G 294 -33.67 7.01 -27.22
C ALA G 294 -33.69 7.93 -26.02
N ASN G 295 -32.83 7.70 -25.03
CA ASN G 295 -32.75 8.51 -23.83
C ASN G 295 -31.49 9.36 -23.78
N ALA G 296 -30.74 9.41 -24.88
CA ALA G 296 -29.45 10.08 -24.86
C ALA G 296 -29.57 11.59 -24.92
N LEU G 297 -30.58 12.12 -25.60
CA LEU G 297 -30.68 13.55 -25.85
C LEU G 297 -31.38 14.32 -24.72
N HIS G 298 -31.86 13.64 -23.68
CA HIS G 298 -32.49 14.35 -22.57
C HIS G 298 -31.50 15.25 -21.84
N ARG G 299 -30.35 14.70 -21.44
CA ARG G 299 -29.30 15.50 -20.82
C ARG G 299 -28.81 16.65 -21.69
N PRO G 300 -28.34 16.44 -22.91
CA PRO G 300 -27.90 17.58 -23.73
C PRO G 300 -29.03 18.56 -23.98
N LYS G 301 -30.26 18.08 -24.08
CA LYS G 301 -31.39 18.99 -24.22
C LYS G 301 -31.55 19.87 -23.01
N ARG G 302 -31.41 19.33 -21.80
CA ARG G 302 -31.46 20.17 -20.61
C ARG G 302 -30.28 21.14 -20.55
N PHE G 303 -29.11 20.71 -21.02
CA PHE G 303 -27.96 21.61 -21.06
C PHE G 303 -28.22 22.80 -21.97
N PHE G 304 -28.61 22.55 -23.21
CA PHE G 304 -28.92 23.65 -24.11
C PHE G 304 -30.09 24.48 -23.58
N GLY G 305 -31.13 23.83 -23.06
CA GLY G 305 -32.29 24.51 -22.52
C GLY G 305 -32.04 25.30 -21.25
N ALA G 306 -30.88 25.12 -20.60
CA ALA G 306 -30.51 25.99 -19.49
C ALA G 306 -30.62 27.46 -19.89
N ALA G 307 -30.10 27.82 -21.07
CA ALA G 307 -30.16 29.19 -21.54
C ALA G 307 -31.58 29.73 -21.51
N ARG G 308 -31.75 30.89 -20.88
CA ARG G 308 -33.08 31.44 -20.71
C ARG G 308 -32.97 32.87 -20.19
N ASN G 309 -34.02 33.64 -20.42
CA ASN G 309 -34.15 34.98 -19.86
C ASN G 309 -34.93 34.91 -18.57
N VAL G 310 -34.44 35.62 -17.55
CA VAL G 310 -35.04 35.61 -16.22
C VAL G 310 -35.69 36.96 -15.98
N GLU G 311 -36.93 36.92 -15.52
CA GLU G 311 -37.63 38.14 -15.15
C GLU G 311 -37.05 38.75 -13.88
N GLU G 312 -36.59 37.91 -12.94
CA GLU G 312 -36.09 38.43 -11.67
C GLU G 312 -34.80 39.23 -11.85
N GLY G 313 -33.98 38.87 -12.82
CA GLY G 313 -32.74 39.60 -13.06
C GLY G 313 -31.66 38.73 -13.65
N GLY G 314 -30.97 39.23 -14.67
CA GLY G 314 -29.94 38.46 -15.33
C GLY G 314 -30.50 37.53 -16.38
N SER G 315 -29.60 36.74 -16.96
CA SER G 315 -29.95 35.83 -18.05
C SER G 315 -28.78 34.89 -18.31
N LEU G 316 -29.07 33.81 -19.01
CA LEU G 316 -28.10 32.84 -19.50
C LEU G 316 -28.30 32.69 -21.00
N THR G 317 -27.34 33.15 -21.79
CA THR G 317 -27.31 33.00 -23.23
C THR G 317 -26.39 31.85 -23.60
N ILE G 318 -26.75 31.08 -24.61
CA ILE G 318 -25.90 30.00 -25.12
C ILE G 318 -25.92 30.05 -26.64
N ILE G 319 -24.77 30.32 -27.24
CA ILE G 319 -24.60 30.25 -28.69
C ILE G 319 -23.66 29.09 -28.96
N ALA G 320 -24.21 28.00 -29.52
CA ALA G 320 -23.45 26.79 -29.74
C ALA G 320 -23.46 26.42 -31.22
N THR G 321 -22.38 25.80 -31.67
CA THR G 321 -22.26 25.37 -33.06
C THR G 321 -22.79 23.94 -33.20
N ALA G 322 -23.42 23.67 -34.34
CA ALA G 322 -23.94 22.35 -34.66
C ALA G 322 -23.52 21.95 -36.07
N LEU G 323 -23.47 20.65 -36.31
CA LEU G 323 -23.00 20.08 -37.57
C LEU G 323 -24.17 19.50 -38.35
N ILE G 324 -24.12 19.63 -39.68
CA ILE G 324 -25.11 19.04 -40.58
C ILE G 324 -24.39 18.57 -41.84
N ASP G 325 -25.12 17.78 -42.64
CA ASP G 325 -24.62 17.25 -43.92
C ASP G 325 -23.28 16.54 -43.74
N THR G 326 -23.16 15.83 -42.63
CA THR G 326 -21.98 15.02 -42.34
C THR G 326 -22.08 13.62 -42.92
N GLY G 327 -23.16 13.28 -43.61
CA GLY G 327 -23.39 11.91 -44.02
C GLY G 327 -23.85 10.98 -42.91
N SER G 328 -23.81 11.43 -41.66
CA SER G 328 -24.23 10.63 -40.50
C SER G 328 -25.57 11.17 -40.01
N LYS G 329 -26.63 10.36 -40.12
CA LYS G 329 -27.97 10.81 -39.77
C LYS G 329 -28.05 11.29 -38.32
N MET G 330 -27.22 10.72 -37.45
CA MET G 330 -27.18 11.11 -36.04
C MET G 330 -27.12 12.62 -35.87
N ASP G 331 -26.30 13.29 -36.69
CA ASP G 331 -26.14 14.73 -36.55
C ASP G 331 -27.38 15.49 -37.02
N GLU G 332 -28.07 14.99 -38.03
CA GLU G 332 -29.37 15.57 -38.39
C GLU G 332 -30.37 15.46 -37.23
N VAL G 333 -30.39 14.29 -36.56
CA VAL G 333 -31.27 14.10 -35.42
C VAL G 333 -30.93 15.09 -34.30
N ILE G 334 -29.65 15.17 -33.94
CA ILE G 334 -29.20 16.08 -32.89
C ILE G 334 -29.55 17.53 -33.25
N TYR G 335 -29.25 17.93 -34.49
CA TYR G 335 -29.53 19.31 -34.90
C TYR G 335 -31.01 19.63 -34.85
N GLU G 336 -31.86 18.73 -35.38
CA GLU G 336 -33.29 19.02 -35.38
C GLU G 336 -33.87 18.99 -33.97
N GLU G 337 -33.32 18.15 -33.09
CA GLU G 337 -33.76 18.14 -31.69
C GLU G 337 -33.40 19.44 -30.99
N PHE G 338 -32.19 19.96 -31.26
CA PHE G 338 -31.80 21.24 -30.66
C PHE G 338 -32.57 22.41 -31.26
N LYS G 339 -32.99 22.31 -32.52
CA LYS G 339 -33.79 23.38 -33.12
C LYS G 339 -35.14 23.53 -32.44
N GLY G 340 -35.78 22.41 -32.09
CA GLY G 340 -36.99 22.38 -31.30
C GLY G 340 -36.82 22.64 -29.82
N THR G 341 -35.59 22.89 -29.40
CA THR G 341 -35.28 23.36 -28.05
C THR G 341 -34.94 24.84 -28.01
N GLY G 342 -34.17 25.33 -28.97
CA GLY G 342 -33.73 26.71 -28.98
C GLY G 342 -34.68 27.63 -29.71
N ASN G 343 -34.15 28.82 -30.05
CA ASN G 343 -34.97 29.88 -30.62
C ASN G 343 -34.16 30.83 -31.52
N MET G 344 -33.08 30.33 -32.13
CA MET G 344 -32.23 31.13 -33.01
C MET G 344 -31.28 30.21 -33.76
N GLU G 345 -31.21 30.32 -35.08
CA GLU G 345 -30.27 29.51 -35.86
C GLU G 345 -29.68 30.39 -36.94
N LEU G 346 -28.36 30.45 -36.99
CA LEU G 346 -27.61 31.07 -38.06
C LEU G 346 -26.99 29.95 -38.87
N HIS G 347 -27.49 29.77 -40.09
CA HIS G 347 -26.99 28.70 -40.95
C HIS G 347 -25.86 29.23 -41.81
N LEU G 348 -24.85 28.38 -42.00
CA LEU G 348 -23.74 28.67 -42.90
C LEU G 348 -23.70 27.60 -43.97
N SER G 349 -23.42 28.01 -45.20
CA SER G 349 -23.53 27.13 -46.36
C SER G 349 -22.15 26.72 -46.84
N ARG G 350 -21.97 25.41 -47.07
CA ARG G 350 -20.75 24.92 -47.69
C ARG G 350 -20.61 25.41 -49.13
N LYS G 351 -21.73 25.56 -49.84
CA LYS G 351 -21.68 26.05 -51.21
C LYS G 351 -21.13 27.47 -51.28
N ILE G 352 -21.57 28.35 -50.37
CA ILE G 352 -21.05 29.70 -50.33
C ILE G 352 -19.59 29.69 -49.89
N ALA G 353 -19.24 28.84 -48.93
CA ALA G 353 -17.88 28.82 -48.40
C ALA G 353 -16.87 28.31 -49.43
N GLU G 354 -17.29 27.40 -50.31
CA GLU G 354 -16.39 26.90 -51.35
C GLU G 354 -16.07 27.96 -52.39
N LYS G 355 -16.96 28.94 -52.60
CA LYS G 355 -16.67 30.08 -53.46
C LYS G 355 -15.89 31.16 -52.73
N ARG G 356 -15.46 30.90 -51.49
CA ARG G 356 -14.68 31.85 -50.68
C ARG G 356 -15.45 33.17 -50.49
N VAL G 357 -16.74 33.05 -50.23
CA VAL G 357 -17.60 34.20 -49.93
C VAL G 357 -17.91 34.13 -48.44
N PHE G 358 -17.39 35.10 -47.68
CA PHE G 358 -17.58 35.10 -46.24
C PHE G 358 -18.16 36.43 -45.77
N PRO G 359 -19.06 36.41 -44.77
CA PRO G 359 -19.54 35.18 -44.11
C PRO G 359 -20.48 34.37 -44.98
N ALA G 360 -20.29 33.05 -44.99
CA ALA G 360 -21.08 32.16 -45.83
C ALA G 360 -22.39 31.83 -45.12
N ILE G 361 -23.29 32.82 -45.10
CA ILE G 361 -24.52 32.73 -44.33
C ILE G 361 -25.68 32.39 -45.26
N ASP G 362 -26.41 31.32 -44.92
CA ASP G 362 -27.66 30.96 -45.58
C ASP G 362 -28.75 31.85 -44.98
N TYR G 363 -29.12 32.91 -45.70
CA TYR G 363 -30.00 33.92 -45.14
C TYR G 363 -31.39 33.38 -44.88
N ASN G 364 -31.98 32.70 -45.87
CA ASN G 364 -33.36 32.25 -45.76
C ASN G 364 -33.55 31.30 -44.59
N ARG G 365 -32.58 30.39 -44.38
CA ARG G 365 -32.72 29.39 -43.33
C ARG G 365 -32.46 29.96 -41.95
N SER G 366 -31.65 31.01 -41.84
CA SER G 366 -31.37 31.62 -40.56
C SER G 366 -32.60 32.33 -40.02
N GLY G 367 -32.54 32.74 -38.77
CA GLY G 367 -33.62 33.50 -38.17
C GLY G 367 -33.66 33.33 -36.67
N THR G 368 -34.47 34.18 -36.04
CA THR G 368 -34.68 34.19 -34.61
C THR G 368 -36.16 34.24 -34.31
N ARG G 369 -36.58 33.51 -33.28
CA ARG G 369 -37.97 33.55 -32.84
C ARG G 369 -38.24 34.81 -32.03
N LYS G 370 -39.46 35.33 -32.18
CA LYS G 370 -39.90 36.51 -31.43
C LYS G 370 -38.90 37.66 -31.58
N GLU G 371 -38.39 37.84 -32.80
CA GLU G 371 -37.40 38.88 -33.04
C GLU G 371 -37.97 40.28 -32.85
N GLU G 372 -39.29 40.44 -32.75
CA GLU G 372 -39.88 41.73 -32.46
C GLU G 372 -39.59 42.19 -31.03
N LEU G 373 -39.25 41.27 -30.13
CA LEU G 373 -38.86 41.64 -28.78
C LEU G 373 -37.41 42.12 -28.69
N LEU G 374 -36.66 42.02 -29.78
CA LEU G 374 -35.25 42.41 -29.79
C LEU G 374 -34.95 43.53 -30.77
N THR G 375 -35.96 44.11 -31.41
CA THR G 375 -35.75 45.10 -32.46
C THR G 375 -36.74 46.24 -32.28
N THR G 376 -36.35 47.42 -32.76
CA THR G 376 -37.29 48.54 -32.85
C THR G 376 -38.31 48.27 -33.96
N GLN G 377 -39.40 49.04 -33.93
CA GLN G 377 -40.48 48.84 -34.89
C GLN G 377 -39.99 49.00 -36.32
N GLU G 378 -39.27 50.09 -36.59
CA GLU G 378 -38.77 50.33 -37.93
C GLU G 378 -37.60 49.40 -38.29
N GLU G 379 -36.74 49.06 -37.34
CA GLU G 379 -35.69 48.08 -37.61
C GLU G 379 -36.28 46.76 -38.08
N LEU G 380 -37.32 46.28 -37.40
CA LEU G 380 -38.00 45.07 -37.83
C LEU G 380 -38.63 45.23 -39.20
N GLN G 381 -39.29 46.37 -39.46
CA GLN G 381 -39.87 46.53 -40.80
C GLN G 381 -38.80 46.51 -41.89
N LYS G 382 -37.64 47.12 -41.64
CA LYS G 382 -36.56 47.13 -42.63
C LYS G 382 -35.97 45.72 -42.84
N MET G 383 -35.75 44.97 -41.75
CA MET G 383 -35.29 43.59 -41.88
C MET G 383 -36.31 42.73 -42.64
N TRP G 384 -37.59 42.92 -42.37
CA TRP G 384 -38.65 42.18 -43.06
C TRP G 384 -38.60 42.43 -44.57
N ILE G 385 -38.56 43.71 -44.97
CA ILE G 385 -38.43 44.03 -46.38
C ILE G 385 -37.16 43.41 -46.97
N LEU G 386 -36.04 43.50 -46.24
CA LEU G 386 -34.78 42.94 -46.74
C LEU G 386 -34.88 41.45 -46.98
N ARG G 387 -35.57 40.73 -46.10
CA ARG G 387 -35.72 39.30 -46.31
C ARG G 387 -36.61 39.00 -47.51
N LYS G 388 -37.69 39.76 -47.69
CA LYS G 388 -38.50 39.54 -48.89
C LYS G 388 -37.68 39.75 -50.16
N ILE G 389 -36.73 40.69 -50.14
CA ILE G 389 -35.91 40.91 -51.33
C ILE G 389 -34.89 39.79 -51.52
N ILE G 390 -34.29 39.31 -50.43
CA ILE G 390 -33.24 38.30 -50.54
C ILE G 390 -33.77 36.89 -50.83
N HIS G 391 -34.98 36.58 -50.38
CA HIS G 391 -35.52 35.23 -50.54
C HIS G 391 -35.45 34.68 -51.96
N PRO G 392 -35.85 35.39 -53.01
CA PRO G 392 -35.81 34.77 -54.35
C PRO G 392 -34.40 34.45 -54.84
N MET G 393 -33.38 35.06 -54.25
CA MET G 393 -32.01 34.87 -54.70
C MET G 393 -31.48 33.50 -54.26
N GLY G 394 -30.45 33.03 -54.96
CA GLY G 394 -29.75 31.84 -54.52
C GLY G 394 -28.91 32.12 -53.29
N GLU G 395 -28.45 31.04 -52.66
CA GLU G 395 -27.63 31.18 -51.46
C GLU G 395 -26.45 32.13 -51.72
N ILE G 396 -25.64 31.80 -52.74
CA ILE G 396 -24.44 32.57 -53.04
C ILE G 396 -24.80 33.98 -53.50
N ASP G 397 -25.73 34.10 -54.45
CA ASP G 397 -26.16 35.42 -54.92
C ASP G 397 -26.64 36.29 -53.77
N ALA G 398 -27.40 35.71 -52.84
CA ALA G 398 -27.87 36.45 -51.67
C ALA G 398 -26.70 37.03 -50.88
N MET G 399 -25.69 36.20 -50.55
CA MET G 399 -24.61 36.78 -49.76
C MET G 399 -23.79 37.80 -50.55
N GLU G 400 -23.48 37.52 -51.82
CA GLU G 400 -22.70 38.49 -52.58
C GLU G 400 -23.41 39.83 -52.64
N PHE G 401 -24.72 39.80 -52.92
CA PHE G 401 -25.53 41.02 -52.97
C PHE G 401 -25.48 41.77 -51.63
N LEU G 402 -25.80 41.07 -50.53
CA LEU G 402 -25.89 41.74 -49.24
C LEU G 402 -24.54 42.29 -48.78
N ILE G 403 -23.45 41.54 -48.98
CA ILE G 403 -22.15 42.01 -48.54
C ILE G 403 -21.69 43.20 -49.37
N ASN G 404 -21.91 43.17 -50.69
CA ASN G 404 -21.56 44.35 -51.49
C ASN G 404 -22.37 45.57 -51.06
N LYS G 405 -23.64 45.40 -50.73
CA LYS G 405 -24.43 46.55 -50.30
C LYS G 405 -23.98 47.07 -48.93
N LEU G 406 -23.69 46.17 -48.00
CA LEU G 406 -23.28 46.59 -46.67
C LEU G 406 -21.88 47.20 -46.65
N ALA G 407 -20.97 46.69 -47.49
CA ALA G 407 -19.62 47.24 -47.56
C ALA G 407 -19.60 48.71 -47.97
N MET G 408 -20.68 49.20 -48.59
CA MET G 408 -20.75 50.61 -48.97
C MET G 408 -20.85 51.54 -47.77
N THR G 409 -21.32 51.06 -46.62
CA THR G 409 -21.52 51.90 -45.46
C THR G 409 -20.84 51.28 -44.25
N LYS G 410 -20.69 52.10 -43.20
CA LYS G 410 -20.04 51.64 -41.98
C LYS G 410 -21.01 50.87 -41.09
N THR G 411 -22.24 51.36 -40.96
CA THR G 411 -23.21 50.78 -40.04
C THR G 411 -24.46 50.35 -40.79
N ASN G 412 -25.20 49.44 -40.16
CA ASN G 412 -26.49 49.00 -40.71
C ASN G 412 -27.51 50.14 -40.73
N ASP G 413 -27.42 51.08 -39.80
CA ASP G 413 -28.35 52.22 -39.79
C ASP G 413 -28.20 53.06 -41.05
N ASP G 414 -26.97 53.40 -41.43
CA ASP G 414 -26.73 54.10 -42.69
C ASP G 414 -27.18 53.27 -43.89
N PHE G 415 -26.98 51.95 -43.85
CA PHE G 415 -27.46 51.08 -44.91
C PHE G 415 -28.98 51.16 -45.06
N PHE G 416 -29.70 51.12 -43.94
CA PHE G 416 -31.15 51.30 -43.94
C PHE G 416 -31.54 52.65 -44.52
N GLU G 417 -30.84 53.72 -44.12
CA GLU G 417 -31.11 55.03 -44.69
C GLU G 417 -30.87 55.04 -46.20
N MET G 418 -29.91 54.26 -46.69
CA MET G 418 -29.73 54.10 -48.13
C MET G 418 -30.91 53.39 -48.76
N MET G 419 -31.50 52.40 -48.07
CA MET G 419 -32.64 51.67 -48.66
C MET G 419 -33.79 52.61 -49.06
N LYS G 420 -33.99 53.69 -48.32
CA LYS G 420 -35.07 54.64 -48.63
C LYS G 420 -34.78 55.40 -49.93
N MET H 4 63.15 32.74 90.00
CA MET H 4 63.67 31.38 89.91
C MET H 4 62.57 30.42 89.44
N ASN H 5 62.49 30.19 88.13
CA ASN H 5 61.43 29.39 87.55
C ASN H 5 62.02 28.24 86.75
N LEU H 6 61.33 27.10 86.77
CA LEU H 6 61.86 25.90 86.12
C LEU H 6 61.91 26.06 84.61
N THR H 7 60.78 26.40 83.98
CA THR H 7 60.78 26.54 82.52
C THR H 7 61.68 27.66 82.05
N GLU H 8 61.83 28.71 82.86
CA GLU H 8 62.77 29.78 82.53
C GLU H 8 64.21 29.27 82.51
N LEU H 9 64.55 28.37 83.44
CA LEU H 9 65.86 27.73 83.41
C LEU H 9 65.99 26.78 82.24
N LYS H 10 64.92 26.07 81.87
CA LYS H 10 64.97 25.20 80.71
C LYS H 10 65.15 25.99 79.41
N ASN H 11 64.65 27.22 79.36
CA ASN H 11 64.79 28.03 78.16
C ASN H 11 66.19 28.61 78.01
N THR H 12 66.82 29.02 79.11
CA THR H 12 68.11 29.68 79.02
C THR H 12 69.16 28.70 78.48
N PRO H 13 70.12 29.17 77.70
CA PRO H 13 71.16 28.27 77.18
C PRO H 13 72.00 27.67 78.30
N VAL H 14 72.70 26.57 77.96
CA VAL H 14 73.49 25.86 78.95
C VAL H 14 74.64 26.72 79.45
N SER H 15 75.20 27.59 78.59
CA SER H 15 76.33 28.40 78.98
C SER H 15 75.97 29.30 80.16
N GLU H 16 74.87 30.04 80.02
CA GLU H 16 74.40 30.90 81.10
C GLU H 16 74.04 30.09 82.35
N LEU H 17 73.50 28.88 82.17
CA LEU H 17 73.18 28.03 83.32
C LEU H 17 74.43 27.60 84.07
N ILE H 18 75.49 27.19 83.37
CA ILE H 18 76.71 26.77 84.02
C ILE H 18 77.35 27.95 84.75
N THR H 19 77.42 29.12 84.11
CA THR H 19 77.94 30.29 84.80
C THR H 19 77.12 30.62 86.05
N LEU H 20 75.79 30.65 85.92
CA LEU H 20 74.92 30.92 87.05
C LEU H 20 75.10 29.90 88.17
N GLY H 21 75.33 28.63 87.84
CA GLY H 21 75.48 27.61 88.87
C GLY H 21 76.82 27.67 89.56
N GLU H 22 77.87 27.99 88.81
CA GLU H 22 79.17 28.20 89.43
C GLU H 22 79.17 29.41 90.35
N ASN H 23 78.36 30.44 90.05
CA ASN H 23 78.26 31.57 90.96
C ASN H 23 77.68 31.14 92.31
N MET H 24 76.76 30.18 92.32
CA MET H 24 76.17 29.68 93.55
C MET H 24 77.18 28.82 94.31
N ARG H 33 74.78 16.52 82.25
CA ARG H 33 73.78 16.94 81.28
C ARG H 33 73.07 18.20 81.75
N LYS H 34 72.52 18.95 80.79
CA LYS H 34 71.84 20.21 81.11
C LYS H 34 70.73 20.01 82.14
N GLN H 35 69.92 18.95 81.98
CA GLN H 35 68.87 18.65 82.94
C GLN H 35 69.42 18.59 84.36
N ASP H 36 70.62 18.02 84.52
CA ASP H 36 71.24 17.94 85.85
C ASP H 36 71.69 19.31 86.35
N ILE H 37 72.22 20.16 85.45
CA ILE H 37 72.57 21.51 85.86
C ILE H 37 71.34 22.20 86.45
N ILE H 38 70.21 22.12 85.76
CA ILE H 38 69.00 22.77 86.27
C ILE H 38 68.60 22.16 87.60
N PHE H 39 68.62 20.83 87.73
CA PHE H 39 68.21 20.19 88.97
C PHE H 39 69.07 20.63 90.14
N ALA H 40 70.40 20.60 89.96
CA ALA H 40 71.31 20.99 91.04
C ALA H 40 71.13 22.46 91.42
N ILE H 41 70.95 23.33 90.42
CA ILE H 41 70.75 24.74 90.67
C ILE H 41 69.47 24.97 91.48
N LEU H 42 68.38 24.31 91.09
CA LEU H 42 67.12 24.42 91.82
C LEU H 42 67.26 23.93 93.26
N LYS H 43 67.91 22.78 93.47
CA LYS H 43 68.12 22.29 94.83
C LYS H 43 68.92 23.29 95.66
N GLN H 44 70.03 23.81 95.12
CA GLN H 44 70.84 24.76 95.88
C GLN H 44 70.03 25.99 96.25
N HIS H 45 69.21 26.50 95.33
CA HIS H 45 68.34 27.63 95.68
C HIS H 45 67.33 27.25 96.77
N ALA H 46 66.84 26.00 96.77
CA ALA H 46 65.93 25.57 97.83
C ALA H 46 66.64 25.51 99.18
N LYS H 47 67.92 25.15 99.20
CA LYS H 47 68.67 25.12 100.46
C LYS H 47 68.72 26.50 101.11
N SER H 48 68.85 27.56 100.30
CA SER H 48 68.89 28.91 100.83
C SER H 48 67.60 29.32 101.52
N GLY H 49 66.52 28.55 101.37
CA GLY H 49 65.21 28.95 101.85
C GLY H 49 64.41 29.79 100.88
N GLU H 50 65.04 30.29 99.82
CA GLU H 50 64.32 31.05 98.80
C GLU H 50 63.34 30.15 98.05
N ASP H 51 62.31 30.77 97.49
CA ASP H 51 61.25 30.04 96.82
C ASP H 51 61.67 29.59 95.43
N ILE H 52 61.02 28.53 94.94
CA ILE H 52 61.17 28.00 93.59
C ILE H 52 59.82 28.03 92.92
N PHE H 53 59.82 28.17 91.59
CA PHE H 53 58.59 28.29 90.84
C PHE H 53 58.61 27.39 89.61
N GLY H 54 57.43 26.95 89.22
CA GLY H 54 57.24 26.15 88.02
C GLY H 54 55.84 26.37 87.45
N ASP H 55 55.60 25.74 86.30
CA ASP H 55 54.35 25.94 85.57
C ASP H 55 54.20 24.89 84.47
N GLY H 56 52.97 24.77 83.99
CA GLY H 56 52.65 23.88 82.88
C GLY H 56 51.16 23.62 82.81
N VAL H 57 50.77 22.89 81.76
CA VAL H 57 49.35 22.57 81.56
C VAL H 57 49.01 21.29 82.29
N LEU H 58 47.89 21.30 83.00
CA LEU H 58 47.50 20.18 83.84
C LEU H 58 46.98 19.01 83.02
N GLU H 59 47.35 17.80 83.43
CA GLU H 59 46.79 16.56 82.91
C GLU H 59 46.49 15.67 84.11
N ILE H 60 45.20 15.38 84.31
CA ILE H 60 44.76 14.58 85.45
C ILE H 60 44.74 13.12 85.04
N LEU H 61 45.44 12.29 85.82
CA LEU H 61 45.48 10.86 85.58
C LEU H 61 44.24 10.18 86.15
N GLN H 62 44.13 8.88 85.89
CA GLN H 62 42.94 8.15 86.29
C GLN H 62 42.84 8.02 87.80
N ASP H 63 43.98 8.04 88.49
CA ASP H 63 43.98 7.83 89.93
C ASP H 63 43.49 9.04 90.73
N GLY H 64 43.35 10.21 90.11
CA GLY H 64 42.89 11.39 90.78
C GLY H 64 43.93 12.48 90.95
N PHE H 65 45.21 12.16 90.79
CA PHE H 65 46.29 13.14 90.81
C PHE H 65 46.69 13.50 89.37
N GLY H 66 47.47 14.57 89.23
CA GLY H 66 47.83 15.04 87.91
C GLY H 66 49.27 15.52 87.84
N PHE H 67 49.67 15.89 86.62
CA PHE H 67 50.97 16.49 86.41
C PHE H 67 50.84 17.71 85.51
N LEU H 68 51.83 18.60 85.61
CA LEU H 68 51.90 19.80 84.79
C LEU H 68 52.86 19.52 83.63
N ARG H 69 52.30 19.08 82.51
CA ARG H 69 53.09 18.87 81.31
C ARG H 69 53.63 20.18 80.78
N SER H 70 54.71 20.09 80.00
CA SER H 70 55.42 21.24 79.48
C SER H 70 55.35 21.27 77.96
N ALA H 71 55.42 22.48 77.40
CA ALA H 71 55.30 22.67 75.95
C ALA H 71 56.48 22.07 75.20
N ASP H 72 57.67 22.07 75.80
CA ASP H 72 58.84 21.48 75.15
C ASP H 72 58.74 19.97 74.99
N SER H 73 57.78 19.33 75.65
CA SER H 73 57.48 17.91 75.45
C SER H 73 56.15 17.71 74.72
N SER H 74 55.66 18.77 74.04
CA SER H 74 54.37 18.74 73.34
C SER H 74 53.23 18.36 74.29
N TYR H 75 53.38 18.72 75.56
CA TYR H 75 52.42 18.43 76.61
C TYR H 75 52.29 16.94 76.88
N LEU H 76 53.31 16.17 76.54
CA LEU H 76 53.39 14.77 76.91
C LEU H 76 54.21 14.62 78.18
N ALA H 77 54.29 13.38 78.66
CA ALA H 77 55.03 13.09 79.88
C ALA H 77 56.47 13.58 79.78
N GLY H 78 56.90 14.31 80.81
CA GLY H 78 58.23 14.87 80.83
C GLY H 78 58.95 14.65 82.13
N PRO H 79 60.29 14.74 82.10
CA PRO H 79 61.06 14.50 83.33
C PRO H 79 60.85 15.60 84.37
N ASP H 80 60.57 16.83 83.95
CA ASP H 80 60.40 17.95 84.86
C ASP H 80 58.94 18.23 85.17
N ASP H 81 58.07 17.23 85.03
CA ASP H 81 56.65 17.43 85.28
C ASP H 81 56.40 17.65 86.77
N ILE H 82 55.44 18.51 87.07
CA ILE H 82 55.14 18.92 88.44
C ILE H 82 53.90 18.17 88.91
N TYR H 83 54.05 17.43 90.01
CA TYR H 83 52.94 16.68 90.57
C TYR H 83 51.93 17.61 91.23
N VAL H 84 50.65 17.40 90.92
CA VAL H 84 49.55 18.15 91.50
C VAL H 84 48.68 17.14 92.26
N SER H 85 48.60 17.34 93.58
CA SER H 85 47.88 16.43 94.46
C SER H 85 46.38 16.49 94.19
N PRO H 86 45.65 15.41 94.46
CA PRO H 86 44.19 15.45 94.32
C PRO H 86 43.54 16.56 95.11
N SER H 87 44.00 16.79 96.34
CA SER H 87 43.42 17.83 97.18
C SER H 87 43.49 19.20 96.51
N GLN H 88 44.61 19.48 95.84
CA GLN H 88 44.75 20.73 95.10
C GLN H 88 43.75 20.81 93.94
N ILE H 89 43.51 19.68 93.26
CA ILE H 89 42.57 19.68 92.13
C ILE H 89 41.15 19.93 92.62
N ARG H 90 40.76 19.29 93.74
CA ARG H 90 39.42 19.50 94.26
C ARG H 90 39.24 20.91 94.80
N ARG H 91 40.28 21.48 95.43
CA ARG H 91 40.16 22.81 96.03
C ARG H 91 39.73 23.85 95.00
N PHE H 92 40.37 23.85 93.83
CA PHE H 92 40.12 24.86 92.81
C PHE H 92 39.37 24.31 91.60
N ASN H 93 38.81 23.10 91.71
CA ASN H 93 38.05 22.49 90.62
C ASN H 93 38.85 22.47 89.32
N LEU H 94 40.12 22.07 89.44
CA LEU H 94 40.98 22.00 88.27
C LEU H 94 40.58 20.85 87.37
N ARG H 95 40.80 21.03 86.07
CA ARG H 95 40.54 20.00 85.09
C ARG H 95 41.64 20.04 84.03
N THR H 96 41.81 18.90 83.35
CA THR H 96 42.82 18.76 82.32
C THR H 96 42.76 19.91 81.33
N GLY H 97 43.92 20.51 81.04
CA GLY H 97 44.02 21.67 80.18
C GLY H 97 44.34 22.96 80.91
N ASP H 98 44.08 23.02 82.22
CA ASP H 98 44.28 24.24 82.98
C ASP H 98 45.76 24.58 83.06
N THR H 99 46.14 25.74 82.53
CA THR H 99 47.49 26.25 82.73
C THR H 99 47.68 26.63 84.19
N ILE H 100 48.73 26.10 84.81
CA ILE H 100 48.97 26.31 86.24
C ILE H 100 50.36 26.87 86.44
N SER H 101 50.47 27.88 87.32
CA SER H 101 51.74 28.42 87.77
C SER H 101 51.75 28.47 89.29
N GLY H 102 52.87 28.04 89.88
CA GLY H 102 52.94 28.04 91.34
C GLY H 102 54.33 27.69 91.86
N LYS H 103 54.45 27.81 93.19
CA LYS H 103 55.67 27.46 93.88
C LYS H 103 55.84 25.95 93.92
N ILE H 104 57.09 25.49 93.79
CA ILE H 104 57.39 24.07 93.72
C ILE H 104 58.59 23.75 94.59
N ARG H 105 58.76 22.45 94.88
CA ARG H 105 59.86 21.94 95.68
C ARG H 105 60.48 20.72 94.99
N PRO H 106 61.79 20.55 95.13
CA PRO H 106 62.43 19.37 94.57
C PRO H 106 61.89 18.11 95.20
N PRO H 107 62.00 16.97 94.51
CA PRO H 107 61.47 15.73 95.07
C PRO H 107 62.26 15.29 96.30
N LYS H 108 61.54 14.81 97.31
CA LYS H 108 62.15 14.27 98.52
C LYS H 108 62.69 12.87 98.24
N GLU H 109 63.21 12.23 99.29
CA GLU H 109 63.71 10.87 99.19
C GLU H 109 62.55 9.92 98.94
N GLY H 110 62.70 9.07 97.92
CA GLY H 110 61.62 8.21 97.49
C GLY H 110 60.64 8.84 96.54
N GLU H 111 60.95 10.02 96.02
CA GLU H 111 60.10 10.72 95.07
C GLU H 111 60.88 10.97 93.79
N ARG H 112 60.14 11.15 92.69
CA ARG H 112 60.76 11.30 91.38
C ARG H 112 60.34 12.58 90.67
N TYR H 113 59.54 13.43 91.30
CA TYR H 113 58.98 14.57 90.61
C TYR H 113 58.97 15.79 91.51
N PHE H 114 59.05 16.97 90.88
CA PHE H 114 58.79 18.22 91.56
C PHE H 114 57.32 18.31 91.96
N ALA H 115 57.08 18.77 93.18
CA ALA H 115 55.74 18.87 93.74
C ALA H 115 55.29 20.32 93.79
N LEU H 116 53.99 20.53 93.73
CA LEU H 116 53.39 21.86 93.76
C LEU H 116 52.99 22.20 95.18
N LEU H 117 53.56 23.28 95.71
CA LEU H 117 53.24 23.72 97.06
C LEU H 117 51.97 24.55 97.06
N LYS H 118 51.96 25.63 96.28
CA LYS H 118 50.85 26.56 96.25
C LYS H 118 50.66 27.02 94.82
N VAL H 119 49.40 27.14 94.39
CA VAL H 119 49.08 27.52 93.04
C VAL H 119 48.81 29.02 93.03
N ASN H 120 49.68 29.77 92.35
CA ASN H 120 49.51 31.22 92.27
C ASN H 120 48.51 31.59 91.19
N GLU H 121 48.60 30.96 90.02
CA GLU H 121 47.80 31.40 88.88
C GLU H 121 47.18 30.19 88.17
N VAL H 122 45.87 30.27 87.92
CA VAL H 122 45.11 29.26 87.19
C VAL H 122 44.52 29.95 85.96
N ASN H 123 45.07 29.63 84.79
CA ASN H 123 44.63 30.22 83.52
C ASN H 123 44.82 31.73 83.52
N PHE H 124 46.01 32.16 83.97
CA PHE H 124 46.40 33.57 83.95
C PHE H 124 45.41 34.42 84.76
N ASP H 125 44.94 33.86 85.87
CA ASP H 125 43.92 34.53 86.67
C ASP H 125 44.00 34.02 88.10
N LYS H 126 43.21 34.64 88.97
CA LYS H 126 43.22 34.30 90.38
C LYS H 126 42.64 32.92 90.58
N PRO H 127 43.27 32.06 91.39
CA PRO H 127 42.77 30.68 91.58
C PRO H 127 41.33 30.61 92.10
N GLU H 128 40.93 31.56 92.96
CA GLU H 128 39.58 31.54 93.49
C GLU H 128 38.53 31.64 92.38
N ASN H 129 38.79 32.48 91.38
CA ASN H 129 37.85 32.65 90.28
C ASN H 129 37.65 31.37 89.48
N ALA H 130 38.64 30.46 89.49
CA ALA H 130 38.44 29.19 88.77
C ALA H 130 37.45 28.27 89.48
N ARG H 131 37.32 28.41 90.80
CA ARG H 131 36.22 27.74 91.53
C ARG H 131 34.87 28.21 90.98
N ASN H 132 34.66 29.49 90.77
CA ASN H 132 33.38 29.97 90.29
C ASN H 132 33.50 30.34 88.82
N LYS H 133 32.91 29.53 87.96
CA LYS H 133 32.89 29.80 86.52
C LYS H 133 31.82 28.93 85.88
N ILE H 134 31.38 29.32 84.67
CA ILE H 134 30.42 28.50 83.91
C ILE H 134 31.21 27.56 83.01
N LEU H 135 30.90 26.27 83.08
CA LEU H 135 31.66 25.27 82.35
C LEU H 135 31.40 25.37 80.85
N PHE H 136 32.36 24.84 80.08
CA PHE H 136 32.25 24.89 78.63
C PHE H 136 31.03 24.15 78.13
N GLU H 137 30.67 23.04 78.79
CA GLU H 137 29.51 22.27 78.38
C GLU H 137 28.21 23.05 78.55
N ASN H 138 28.22 24.08 79.40
CA ASN H 138 27.01 24.82 79.74
C ASN H 138 26.92 26.17 79.04
N LEU H 139 27.98 26.58 78.33
CA LEU H 139 27.94 27.83 77.59
C LEU H 139 26.91 27.74 76.47
N THR H 140 26.16 28.81 76.27
CA THR H 140 25.10 28.81 75.28
C THR H 140 25.68 29.03 73.88
N PRO H 141 25.51 28.08 72.97
CA PRO H 141 26.13 28.22 71.65
C PRO H 141 25.41 29.25 70.78
N LEU H 142 26.14 29.76 69.80
CA LEU H 142 25.59 30.71 68.84
C LEU H 142 26.33 30.57 67.51
N HIS H 143 25.69 31.05 66.45
CA HIS H 143 26.39 31.25 65.20
C HIS H 143 27.37 32.41 65.34
N ALA H 144 28.43 32.38 64.53
CA ALA H 144 29.46 33.40 64.63
C ALA H 144 28.88 34.79 64.38
N ASN H 145 29.19 35.71 65.29
CA ASN H 145 28.76 37.11 65.18
C ASN H 145 29.89 38.01 64.69
N SER H 146 31.01 38.02 65.40
CA SER H 146 32.07 38.97 65.12
C SER H 146 32.94 38.46 63.98
N ARG H 147 33.05 39.26 62.92
CA ARG H 147 33.83 38.88 61.76
C ARG H 147 35.32 38.91 62.09
N LEU H 148 36.05 37.89 61.62
CA LEU H 148 37.50 37.83 61.71
C LEU H 148 38.03 38.06 60.29
N ARG H 149 38.24 39.33 59.94
CA ARG H 149 38.67 39.67 58.60
C ARG H 149 40.13 39.30 58.40
N MET H 150 40.42 38.57 57.33
CA MET H 150 41.78 38.12 57.06
C MET H 150 42.59 39.10 56.23
N GLU H 151 41.93 40.02 55.52
CA GLU H 151 42.63 40.87 54.56
C GLU H 151 43.59 41.82 55.26
N ARG H 152 44.88 41.69 54.94
CA ARG H 152 45.88 42.64 55.45
C ARG H 152 45.59 44.05 54.97
N GLY H 153 45.35 44.22 53.66
CA GLY H 153 45.25 45.53 53.07
C GLY H 153 46.58 46.16 52.68
N ASN H 154 47.71 45.50 52.99
CA ASN H 154 49.04 46.02 52.67
C ASN H 154 49.41 45.91 51.18
N GLY H 155 48.45 45.61 50.31
CA GLY H 155 48.75 45.38 48.90
C GLY H 155 49.72 44.26 48.65
N SER H 156 49.86 43.32 49.59
CA SER H 156 50.82 42.23 49.45
C SER H 156 50.33 41.20 48.44
N THR H 157 51.27 40.53 47.79
CA THR H 157 50.92 39.46 46.87
C THR H 157 50.43 38.23 47.62
N GLU H 158 50.93 37.99 48.83
CA GLU H 158 50.35 36.95 49.68
C GLU H 158 48.93 37.31 50.09
N ASP H 159 48.67 38.60 50.29
CA ASP H 159 47.36 39.06 50.73
C ASP H 159 46.25 38.62 49.78
N LEU H 160 46.57 38.36 48.51
CA LEU H 160 45.57 37.82 47.59
C LEU H 160 44.82 36.67 48.24
N THR H 161 45.54 35.68 48.79
CA THR H 161 44.86 34.55 49.42
C THR H 161 43.88 35.01 50.48
N ALA H 162 44.30 35.95 51.33
CA ALA H 162 43.36 36.43 52.33
C ALA H 162 42.16 37.08 51.68
N ARG H 163 42.39 37.92 50.67
CA ARG H 163 41.28 38.69 50.11
C ARG H 163 40.23 37.76 49.50
N VAL H 164 40.65 36.87 48.60
CA VAL H 164 39.74 35.88 48.07
C VAL H 164 39.02 35.15 49.20
N LEU H 165 39.73 34.75 50.26
CA LEU H 165 39.05 34.06 51.34
C LEU H 165 37.89 34.90 51.85
N ASP H 166 38.14 36.17 52.15
CA ASP H 166 37.08 37.02 52.69
C ASP H 166 35.89 37.05 51.77
N LEU H 167 36.11 36.97 50.47
CA LEU H 167 34.98 37.05 49.56
C LEU H 167 34.29 35.71 49.40
N ALA H 168 35.04 34.61 49.52
CA ALA H 168 34.44 33.33 49.18
C ALA H 168 33.82 32.67 50.40
N SER H 169 34.46 32.79 51.55
CA SER H 169 34.01 32.10 52.76
C SER H 169 34.49 32.89 53.96
N PRO H 170 33.72 33.89 54.41
CA PRO H 170 34.14 34.67 55.58
C PRO H 170 34.29 33.80 56.82
N ILE H 171 35.11 34.28 57.75
CA ILE H 171 35.42 33.56 58.99
C ILE H 171 35.08 34.46 60.17
N GLY H 172 34.21 33.98 61.06
CA GLY H 172 33.89 34.66 62.30
C GLY H 172 34.43 33.93 63.52
N ARG H 173 34.25 34.57 64.68
CA ARG H 173 34.72 34.00 65.94
C ARG H 173 33.80 32.86 66.37
N GLY H 174 34.38 31.68 66.58
CA GLY H 174 33.62 30.47 66.81
C GLY H 174 33.34 29.65 65.58
N GLN H 175 33.92 30.01 64.44
CA GLN H 175 33.69 29.28 63.20
C GLN H 175 34.22 27.85 63.30
N ARG H 176 33.64 26.97 62.50
CA ARG H 176 33.97 25.54 62.47
C ARG H 176 34.20 25.19 61.00
N GLY H 177 35.39 25.52 60.50
CA GLY H 177 35.68 25.51 59.09
C GLY H 177 36.70 24.47 58.66
N LEU H 178 36.75 24.27 57.34
CA LEU H 178 37.57 23.26 56.69
C LEU H 178 38.21 23.83 55.44
N ILE H 179 39.52 23.63 55.30
CA ILE H 179 40.24 23.90 54.06
C ILE H 179 40.32 22.55 53.35
N VAL H 180 39.37 22.29 52.45
CA VAL H 180 39.24 20.99 51.82
C VAL H 180 39.91 21.00 50.46
N ALA H 181 40.77 19.99 50.21
CA ALA H 181 41.49 19.89 48.94
C ALA H 181 42.29 18.60 48.83
N PRO H 182 42.61 18.17 47.61
CA PRO H 182 43.50 17.02 47.43
C PRO H 182 44.93 17.36 47.82
N PRO H 183 45.80 16.36 47.98
CA PRO H 183 47.20 16.63 48.31
C PRO H 183 47.83 17.58 47.30
N LYS H 184 48.62 18.53 47.81
CA LYS H 184 49.42 19.48 47.03
C LYS H 184 48.57 20.57 46.38
N ALA H 185 47.38 20.83 46.90
CA ALA H 185 46.53 21.88 46.35
C ALA H 185 46.77 23.25 46.99
N GLY H 186 47.33 23.28 48.20
CA GLY H 186 47.65 24.56 48.81
C GLY H 186 47.05 24.74 50.19
N LYS H 187 46.63 23.63 50.81
CA LYS H 187 45.91 23.73 52.08
C LYS H 187 46.82 24.28 53.17
N THR H 188 48.00 23.69 53.33
CA THR H 188 48.90 24.07 54.42
C THR H 188 49.33 25.52 54.30
N MET H 189 49.82 25.93 53.13
CA MET H 189 50.23 27.32 52.94
C MET H 189 49.06 28.28 53.08
N LEU H 190 47.85 27.85 52.73
CA LEU H 190 46.68 28.70 53.00
C LEU H 190 46.42 28.84 54.48
N LEU H 191 46.61 27.77 55.26
CA LEU H 191 46.52 27.84 56.72
C LEU H 191 47.60 28.75 57.29
N GLN H 192 48.82 28.73 56.72
CA GLN H 192 49.88 29.64 57.14
C GLN H 192 49.55 31.09 56.83
N ASN H 193 48.98 31.33 55.65
CA ASN H 193 48.49 32.66 55.29
C ASN H 193 47.43 33.14 56.29
N ILE H 194 46.51 32.25 56.65
CA ILE H 194 45.52 32.58 57.68
C ILE H 194 46.21 32.92 59.00
N ALA H 195 47.21 32.12 59.40
CA ALA H 195 47.90 32.36 60.67
C ALA H 195 48.55 33.75 60.69
N GLN H 196 49.23 34.12 59.60
CA GLN H 196 49.80 35.45 59.51
C GLN H 196 48.71 36.52 59.62
N SER H 197 47.60 36.36 58.90
CA SER H 197 46.52 37.35 58.99
C SER H 197 45.98 37.46 60.41
N ILE H 198 45.91 36.35 61.14
CA ILE H 198 45.40 36.37 62.50
C ILE H 198 46.38 37.11 63.40
N ALA H 199 47.68 36.84 63.25
CA ALA H 199 48.65 37.51 64.11
C ALA H 199 48.66 39.01 63.87
N TYR H 200 48.43 39.45 62.63
CA TYR H 200 48.47 40.89 62.39
C TYR H 200 47.15 41.59 62.70
N ASN H 201 46.03 41.03 62.23
CA ASN H 201 44.75 41.71 62.35
C ASN H 201 44.06 41.42 63.68
N HIS H 202 44.38 40.29 64.31
CA HIS H 202 43.70 39.89 65.54
C HIS H 202 44.73 39.41 66.57
N PRO H 203 45.64 40.31 67.00
CA PRO H 203 46.59 39.92 68.06
C PRO H 203 45.89 39.63 69.38
N ASP H 204 44.65 40.06 69.53
CA ASP H 204 43.92 39.79 70.77
C ASP H 204 43.59 38.31 70.90
N CYS H 205 43.40 37.61 69.78
CA CYS H 205 42.99 36.22 69.84
C CYS H 205 44.16 35.34 70.28
N VAL H 206 43.83 34.24 70.97
CA VAL H 206 44.80 33.26 71.44
C VAL H 206 44.98 32.24 70.32
N LEU H 207 46.10 32.32 69.60
CA LEU H 207 46.35 31.50 68.42
C LEU H 207 47.13 30.25 68.78
N MET H 208 46.59 29.09 68.43
CA MET H 208 47.24 27.79 68.58
C MET H 208 47.21 27.06 67.24
N VAL H 209 48.33 26.42 66.89
CA VAL H 209 48.48 25.70 65.62
C VAL H 209 48.77 24.23 65.94
N LEU H 210 47.79 23.37 65.70
CA LEU H 210 47.91 21.94 65.97
C LEU H 210 48.21 21.21 64.65
N LEU H 211 49.37 20.55 64.59
CA LEU H 211 49.83 19.82 63.41
C LEU H 211 49.82 18.32 63.72
N ILE H 212 48.96 17.57 63.01
CA ILE H 212 48.76 16.15 63.26
C ILE H 212 49.10 15.37 62.01
N ASP H 213 50.10 14.48 62.12
CA ASP H 213 50.42 13.48 61.10
C ASP H 213 50.86 14.12 59.78
N GLU H 214 51.56 15.24 59.87
CA GLU H 214 52.02 15.96 58.69
C GLU H 214 53.54 16.09 58.71
N ARG H 215 54.05 16.80 57.70
CA ARG H 215 55.49 16.79 57.42
C ARG H 215 56.27 17.49 58.53
N PRO H 216 57.44 16.97 58.90
CA PRO H 216 58.18 17.58 60.02
C PRO H 216 58.74 18.95 59.70
N GLU H 217 59.16 19.18 58.45
CA GLU H 217 59.70 20.47 58.11
C GLU H 217 58.64 21.58 58.21
N GLU H 218 57.37 21.23 58.01
CA GLU H 218 56.29 22.19 58.20
C GLU H 218 56.13 22.61 59.66
N VAL H 219 56.46 21.72 60.61
CA VAL H 219 56.44 22.08 62.03
C VAL H 219 57.40 23.23 62.30
N THR H 220 58.66 23.05 61.92
CA THR H 220 59.63 24.12 62.15
C THR H 220 59.32 25.34 61.31
N GLU H 221 58.83 25.16 60.07
CA GLU H 221 58.42 26.29 59.28
C GLU H 221 57.30 27.09 59.95
N MET H 222 56.38 26.41 60.62
CA MET H 222 55.25 27.07 61.25
C MET H 222 55.66 27.76 62.55
N GLN H 223 56.53 27.14 63.34
CA GLN H 223 56.84 27.75 64.64
C GLN H 223 57.73 28.97 64.48
N ARG H 224 58.49 29.05 63.40
CA ARG H 224 59.29 30.23 63.10
C ARG H 224 58.53 31.26 62.27
N LEU H 225 57.32 30.96 61.85
CA LEU H 225 56.52 31.85 61.02
C LEU H 225 55.36 32.50 61.75
N VAL H 226 54.60 31.75 62.56
CA VAL H 226 53.41 32.27 63.20
C VAL H 226 53.78 32.86 64.56
N LYS H 227 53.03 33.90 64.95
CA LYS H 227 53.19 34.53 66.25
C LYS H 227 52.16 33.91 67.18
N GLY H 228 52.47 32.69 67.59
CA GLY H 228 51.58 31.95 68.48
C GLY H 228 52.22 30.66 68.93
N GLU H 229 51.42 29.84 69.58
CA GLU H 229 51.90 28.56 70.08
C GLU H 229 51.66 27.47 69.03
N VAL H 230 52.66 26.60 68.85
CA VAL H 230 52.60 25.51 67.88
C VAL H 230 52.81 24.19 68.61
N VAL H 231 51.81 23.32 68.56
CA VAL H 231 51.88 21.96 69.09
C VAL H 231 51.81 21.00 67.91
N ALA H 232 52.74 20.04 67.85
CA ALA H 232 52.85 19.17 66.70
C ALA H 232 53.05 17.72 67.11
N SER H 233 52.72 16.81 66.18
CA SER H 233 52.83 15.36 66.31
C SER H 233 52.92 14.79 64.89
N THR H 234 54.13 14.87 64.32
CA THR H 234 54.35 14.54 62.92
C THR H 234 54.01 13.11 62.56
N PHE H 235 54.12 12.78 61.28
CA PHE H 235 53.85 11.41 60.85
C PHE H 235 54.91 10.42 61.33
N ASP H 236 56.00 10.89 61.96
CA ASP H 236 56.93 10.00 62.63
C ASP H 236 56.32 9.37 63.87
N GLU H 237 55.20 9.88 64.32
CA GLU H 237 54.56 9.51 65.56
C GLU H 237 53.37 8.59 65.33
N PRO H 238 53.06 7.73 66.30
CA PRO H 238 51.92 6.83 66.17
C PRO H 238 50.61 7.57 66.35
N ALA H 239 49.53 6.87 65.99
CA ALA H 239 48.19 7.44 66.14
C ALA H 239 47.87 7.72 67.60
N SER H 240 48.31 6.83 68.50
CA SER H 240 48.08 7.01 69.92
C SER H 240 48.51 8.40 70.38
N ARG H 241 49.71 8.79 69.96
CA ARG H 241 50.24 10.09 70.34
C ARG H 241 49.41 11.22 69.74
N HIS H 242 49.05 11.10 68.46
CA HIS H 242 48.20 12.11 67.83
C HIS H 242 46.97 12.38 68.67
N VAL H 243 46.26 11.30 69.06
CA VAL H 243 45.02 11.47 69.82
C VAL H 243 45.31 12.18 71.14
N GLN H 244 46.28 11.69 71.91
CA GLN H 244 46.49 12.27 73.23
C GLN H 244 46.84 13.76 73.14
N VAL H 245 47.74 14.11 72.22
CA VAL H 245 48.15 15.49 72.04
C VAL H 245 46.95 16.37 71.68
N ALA H 246 46.16 15.93 70.70
CA ALA H 246 45.00 16.71 70.29
C ALA H 246 44.02 16.90 71.44
N GLU H 247 43.82 15.86 72.26
CA GLU H 247 42.93 15.99 73.41
C GLU H 247 43.41 17.05 74.37
N MET H 248 44.72 17.05 74.69
CA MET H 248 45.24 18.10 75.56
C MET H 248 45.01 19.48 74.97
N VAL H 249 45.27 19.66 73.67
CA VAL H 249 45.13 21.00 73.09
C VAL H 249 43.66 21.45 73.11
N ILE H 250 42.74 20.56 72.76
CA ILE H 250 41.34 20.96 72.73
C ILE H 250 40.82 21.29 74.13
N GLU H 251 41.25 20.54 75.15
CA GLU H 251 40.82 20.86 76.51
C GLU H 251 41.39 22.20 76.96
N LYS H 252 42.65 22.48 76.63
CA LYS H 252 43.23 23.78 76.96
C LYS H 252 42.44 24.93 76.33
N ALA H 253 42.07 24.77 75.05
CA ALA H 253 41.22 25.76 74.40
C ALA H 253 39.90 25.95 75.16
N LYS H 254 39.24 24.85 75.55
CA LYS H 254 37.98 24.97 76.27
C LYS H 254 38.14 25.74 77.58
N ARG H 255 39.22 25.48 78.32
CA ARG H 255 39.47 26.23 79.55
C ARG H 255 39.61 27.74 79.27
N LEU H 256 40.46 28.10 78.30
CA LEU H 256 40.61 29.52 77.97
C LEU H 256 39.27 30.14 77.57
N VAL H 257 38.41 29.39 76.87
CA VAL H 257 37.10 29.91 76.51
C VAL H 257 36.22 30.09 77.75
N GLU H 258 36.34 29.19 78.72
CA GLU H 258 35.69 29.42 80.01
C GLU H 258 36.13 30.72 80.65
N HIS H 259 37.35 31.20 80.34
CA HIS H 259 37.76 32.53 80.77
C HIS H 259 37.45 33.62 79.74
N LYS H 260 36.39 33.46 78.94
CA LYS H 260 35.93 34.48 77.98
C LYS H 260 37.03 34.93 77.02
N LYS H 261 37.83 33.97 76.56
CA LYS H 261 38.88 34.22 75.59
C LYS H 261 38.44 33.77 74.22
N ASP H 262 38.98 34.43 73.18
CA ASP H 262 38.74 34.08 71.78
C ASP H 262 39.93 33.24 71.30
N VAL H 263 39.78 31.92 71.33
CA VAL H 263 40.81 30.95 70.94
C VAL H 263 40.59 30.55 69.49
N ILE H 264 41.69 30.37 68.75
CA ILE H 264 41.67 29.89 67.38
C ILE H 264 42.66 28.74 67.26
N ILE H 265 42.20 27.63 66.70
CA ILE H 265 43.02 26.44 66.49
C ILE H 265 43.08 26.18 64.98
N LEU H 266 44.28 26.28 64.42
CA LEU H 266 44.54 25.92 63.04
C LEU H 266 45.09 24.50 63.01
N LEU H 267 44.25 23.56 62.56
CA LEU H 267 44.58 22.13 62.62
C LEU H 267 44.91 21.62 61.22
N ASP H 268 46.03 20.88 61.13
CA ASP H 268 46.49 20.32 59.87
C ASP H 268 47.22 19.02 60.20
N SER H 269 46.60 17.88 59.92
CA SER H 269 45.31 17.80 59.23
C SER H 269 44.25 17.14 60.10
N ILE H 270 43.00 17.58 59.96
CA ILE H 270 41.93 16.95 60.75
C ILE H 270 41.51 15.61 60.14
N THR H 271 41.72 15.43 58.84
CA THR H 271 41.46 14.13 58.23
C THR H 271 42.38 13.08 58.84
N ARG H 272 43.65 13.41 59.01
CA ARG H 272 44.58 12.46 59.60
C ARG H 272 44.31 12.25 61.08
N LEU H 273 43.85 13.28 61.79
CA LEU H 273 43.40 13.10 63.16
C LEU H 273 42.23 12.12 63.24
N ALA H 274 41.27 12.25 62.32
CA ALA H 274 40.16 11.31 62.26
C ALA H 274 40.66 9.89 61.98
N ARG H 275 41.63 9.75 61.07
CA ARG H 275 42.25 8.45 60.85
C ARG H 275 42.85 7.88 62.13
N ALA H 276 43.55 8.72 62.91
CA ALA H 276 44.13 8.24 64.16
C ALA H 276 43.05 7.72 65.11
N TYR H 277 41.96 8.47 65.27
CA TYR H 277 40.84 7.97 66.07
C TYR H 277 40.35 6.63 65.56
N ASN H 278 40.20 6.49 64.23
CA ASN H 278 39.80 5.21 63.66
C ASN H 278 40.81 4.11 63.96
N THR H 279 42.08 4.45 64.15
CA THR H 279 43.10 3.46 64.49
C THR H 279 42.98 2.96 65.92
N VAL H 280 42.67 3.86 66.86
CA VAL H 280 42.60 3.44 68.26
C VAL H 280 41.18 3.09 68.72
N VAL H 281 40.17 3.29 67.90
CA VAL H 281 38.78 3.07 68.35
C VAL H 281 38.54 1.58 68.56
N PRO H 282 37.79 1.17 69.57
CA PRO H 282 37.44 -0.25 69.71
C PRO H 282 36.55 -0.71 68.56
N ALA H 283 36.90 -1.85 67.98
CA ALA H 283 36.09 -2.43 66.92
C ALA H 283 34.67 -2.65 67.38
N SER H 284 33.71 -2.21 66.57
CA SER H 284 32.29 -2.34 66.88
C SER H 284 31.63 -3.49 66.13
N GLY H 285 32.36 -4.20 65.28
CA GLY H 285 31.74 -5.16 64.39
C GLY H 285 30.97 -4.56 63.23
N LYS H 286 31.01 -3.24 63.05
CA LYS H 286 30.34 -2.56 61.95
C LYS H 286 31.33 -1.59 61.34
N VAL H 287 31.51 -1.64 60.02
CA VAL H 287 32.50 -0.81 59.37
C VAL H 287 31.86 -0.11 58.19
N LEU H 288 32.00 1.21 58.16
CA LEU H 288 31.45 2.03 57.10
C LEU H 288 32.29 1.89 55.83
N THR H 289 31.73 2.40 54.73
CA THR H 289 32.42 2.46 53.46
C THR H 289 33.75 3.20 53.61
N GLY H 290 34.82 2.59 53.06
CA GLY H 290 36.15 3.13 53.14
C GLY H 290 37.01 2.59 54.28
N GLY H 291 36.49 1.69 55.11
CA GLY H 291 37.25 1.17 56.22
C GLY H 291 37.22 1.99 57.49
N VAL H 292 36.14 2.73 57.73
CA VAL H 292 35.96 3.56 58.92
C VAL H 292 34.97 2.86 59.84
N ASP H 293 35.39 2.60 61.08
CA ASP H 293 34.51 1.98 62.06
C ASP H 293 33.26 2.83 62.28
N ALA H 294 32.13 2.15 62.49
CA ALA H 294 30.86 2.86 62.64
C ALA H 294 30.84 3.82 63.83
N ASN H 295 31.69 3.58 64.83
CA ASN H 295 31.77 4.42 66.02
C ASN H 295 33.03 5.27 66.06
N ALA H 296 33.78 5.30 64.96
CA ALA H 296 35.08 5.95 65.00
C ALA H 296 34.98 7.46 64.92
N LEU H 297 33.96 7.98 64.23
CA LEU H 297 33.88 9.40 63.96
C LEU H 297 33.18 10.19 65.05
N HIS H 298 32.68 9.53 66.10
CA HIS H 298 32.04 10.25 67.19
C HIS H 298 33.03 11.18 67.91
N ARG H 299 34.18 10.62 68.32
CA ARG H 299 35.23 11.43 68.95
C ARG H 299 35.75 12.56 68.07
N PRO H 300 36.23 12.32 66.85
CA PRO H 300 36.68 13.45 66.02
C PRO H 300 35.57 14.43 65.74
N LYS H 301 34.33 13.96 65.65
CA LYS H 301 33.21 14.87 65.47
C LYS H 301 33.05 15.78 66.67
N ARG H 302 33.18 15.24 67.89
CA ARG H 302 33.11 16.11 69.07
C ARG H 302 34.29 17.07 69.12
N PHE H 303 35.47 16.63 68.68
CA PHE H 303 36.63 17.51 68.63
C PHE H 303 36.38 18.70 67.70
N PHE H 304 35.99 18.42 66.46
CA PHE H 304 35.69 19.51 65.54
C PHE H 304 34.53 20.35 66.05
N GLY H 305 33.48 19.71 66.57
CA GLY H 305 32.32 20.42 67.09
C GLY H 305 32.58 21.23 68.35
N ALA H 306 33.74 21.06 69.00
CA ALA H 306 34.10 21.95 70.09
C ALA H 306 34.01 23.41 69.67
N ALA H 307 34.55 23.75 68.50
CA ALA H 307 34.51 25.11 68.00
C ALA H 307 33.08 25.65 68.02
N ARG H 308 32.92 26.81 68.63
CA ARG H 308 31.58 27.38 68.78
C ARG H 308 31.71 28.82 69.27
N ASN H 309 30.66 29.60 69.01
CA ASN H 309 30.54 30.95 69.55
C ASN H 309 29.74 30.89 70.85
N VAL H 310 30.22 31.62 71.85
CA VAL H 310 29.62 31.63 73.18
C VAL H 310 28.97 32.99 73.41
N GLU H 311 27.73 32.98 73.87
CA GLU H 311 27.04 34.21 74.22
C GLU H 311 27.61 34.84 75.48
N GLU H 312 28.07 34.01 76.43
CA GLU H 312 28.55 34.53 77.70
C GLU H 312 29.84 35.32 77.52
N GLY H 313 30.68 34.94 76.57
CA GLY H 313 31.92 35.66 76.31
C GLY H 313 33.00 34.76 75.75
N GLY H 314 33.72 35.25 74.73
CA GLY H 314 34.75 34.47 74.07
C GLY H 314 34.19 33.52 73.03
N SER H 315 35.09 32.72 72.47
CA SER H 315 34.73 31.80 71.39
C SER H 315 35.88 30.84 71.16
N LEU H 316 35.57 29.73 70.47
CA LEU H 316 36.55 28.76 70.01
C LEU H 316 36.36 28.58 68.51
N THR H 317 37.34 29.03 67.73
CA THR H 317 37.39 28.85 66.28
C THR H 317 38.31 27.70 65.95
N ILE H 318 37.94 26.91 64.94
CA ILE H 318 38.79 25.83 64.46
C ILE H 318 38.79 25.86 62.94
N ILE H 319 39.94 26.11 62.34
CA ILE H 319 40.11 26.00 60.90
C ILE H 319 41.04 24.83 60.66
N ALA H 320 40.50 23.74 60.13
CA ALA H 320 41.25 22.51 59.93
C ALA H 320 41.25 22.12 58.45
N THR H 321 42.33 21.50 58.02
CA THR H 321 42.47 21.03 56.64
C THR H 321 41.94 19.61 56.51
N ALA H 322 41.32 19.33 55.36
CA ALA H 322 40.79 18.02 55.05
C ALA H 322 41.22 17.60 53.65
N LEU H 323 41.26 16.29 53.43
CA LEU H 323 41.72 15.70 52.19
C LEU H 323 40.54 15.11 51.42
N ILE H 324 40.61 15.23 50.08
CA ILE H 324 39.63 14.63 49.17
C ILE H 324 40.35 14.13 47.93
N ASP H 325 39.63 13.32 47.15
CA ASP H 325 40.14 12.76 45.89
C ASP H 325 41.47 12.05 46.08
N THR H 326 41.59 11.34 47.20
CA THR H 326 42.76 10.56 47.51
C THR H 326 42.68 9.14 46.95
N GLY H 327 41.60 8.79 46.26
CA GLY H 327 41.36 7.41 45.88
C GLY H 327 40.86 6.51 46.98
N SER H 328 40.89 6.98 48.24
CA SER H 328 40.45 6.20 49.40
C SER H 328 39.11 6.77 49.88
N LYS H 329 38.04 5.96 49.75
CA LYS H 329 36.70 6.43 50.09
C LYS H 329 36.63 6.93 51.53
N MET H 330 37.45 6.36 52.42
CA MET H 330 37.47 6.78 53.82
C MET H 330 37.56 8.29 53.97
N ASP H 331 38.38 8.95 53.15
CA ASP H 331 38.54 10.39 53.28
C ASP H 331 37.31 11.14 52.78
N GLU H 332 36.62 10.63 51.77
CA GLU H 332 35.33 11.22 51.39
C GLU H 332 34.33 11.13 52.54
N VAL H 333 34.27 9.98 53.21
CA VAL H 333 33.38 9.81 54.37
C VAL H 333 33.73 10.81 55.46
N ILE H 334 35.00 10.88 55.83
CA ILE H 334 35.44 11.80 56.88
C ILE H 334 35.10 13.24 56.49
N TYR H 335 35.40 13.63 55.25
CA TYR H 335 35.16 14.99 54.80
C TYR H 335 33.68 15.33 54.83
N GLU H 336 32.83 14.45 54.31
CA GLU H 336 31.42 14.76 54.31
C GLU H 336 30.84 14.77 55.72
N GLU H 337 31.37 13.93 56.61
CA GLU H 337 30.92 13.94 57.99
C GLU H 337 31.28 15.25 58.68
N PHE H 338 32.49 15.75 58.43
CA PHE H 338 32.88 17.03 59.01
C PHE H 338 32.12 18.19 58.38
N LYS H 339 31.70 18.05 57.11
CA LYS H 339 30.94 19.14 56.50
C LYS H 339 29.59 19.32 57.17
N GLY H 340 28.93 18.21 57.51
CA GLY H 340 27.70 18.19 58.29
C GLY H 340 27.86 18.50 59.76
N THR H 341 29.09 18.73 60.20
CA THR H 341 29.40 19.21 61.54
C THR H 341 29.75 20.69 61.57
N GLY H 342 30.54 21.17 60.60
CA GLY H 342 30.98 22.54 60.59
C GLY H 342 30.05 23.46 59.82
N ASN H 343 30.60 24.63 59.46
CA ASN H 343 29.78 25.70 58.87
C ASN H 343 30.61 26.63 57.98
N MET H 344 31.69 26.12 57.39
CA MET H 344 32.56 26.88 56.51
C MET H 344 33.51 25.94 55.78
N GLU H 345 33.60 26.03 54.46
CA GLU H 345 34.52 25.20 53.70
C GLU H 345 35.14 26.06 52.61
N LEU H 346 36.46 26.09 52.57
CA LEU H 346 37.23 26.71 51.49
C LEU H 346 37.82 25.55 50.70
N HIS H 347 37.32 25.34 49.50
CA HIS H 347 37.83 24.28 48.65
C HIS H 347 38.99 24.79 47.80
N LEU H 348 39.98 23.93 47.63
CA LEU H 348 41.10 24.19 46.74
C LEU H 348 41.14 23.10 45.67
N SER H 349 41.43 23.50 44.44
CA SER H 349 41.33 22.61 43.29
C SER H 349 42.70 22.18 42.82
N ARG H 350 42.88 20.88 42.62
CA ARG H 350 44.11 20.37 42.02
C ARG H 350 44.26 20.84 40.58
N LYS H 351 43.15 20.97 39.85
CA LYS H 351 43.21 21.44 38.47
C LYS H 351 43.78 22.86 38.38
N ILE H 352 43.34 23.74 39.29
CA ILE H 352 43.87 25.10 39.32
C ILE H 352 45.34 25.09 39.78
N ALA H 353 45.67 24.25 40.75
CA ALA H 353 47.03 24.22 41.29
C ALA H 353 48.04 23.69 40.27
N GLU H 354 47.64 22.77 39.40
CA GLU H 354 48.54 22.26 38.38
C GLU H 354 48.88 23.29 37.32
N LYS H 355 48.01 24.26 37.08
CA LYS H 355 48.30 25.40 36.22
C LYS H 355 49.09 26.48 36.95
N ARG H 356 49.49 26.24 38.19
CA ARG H 356 50.27 27.19 39.00
C ARG H 356 49.52 28.51 39.16
N VAL H 357 48.21 28.41 39.41
CA VAL H 357 47.37 29.57 39.68
C VAL H 357 47.05 29.53 41.16
N PHE H 358 47.56 30.51 41.91
CA PHE H 358 47.36 30.53 43.35
C PHE H 358 46.80 31.87 43.81
N PRO H 359 45.87 31.87 44.79
CA PRO H 359 45.38 30.66 45.47
C PRO H 359 44.44 29.84 44.60
N ALA H 360 44.62 28.52 44.62
CA ALA H 360 43.83 27.62 43.79
C ALA H 360 42.50 27.31 44.47
N ILE H 361 41.62 28.31 44.48
CA ILE H 361 40.37 28.25 45.23
C ILE H 361 39.22 27.91 44.30
N ASP H 362 38.49 26.85 44.63
CA ASP H 362 37.24 26.49 43.96
C ASP H 362 36.15 27.39 44.54
N TYR H 363 35.80 28.44 43.80
CA TYR H 363 34.93 29.47 44.35
C TYR H 363 33.52 28.94 44.60
N ASN H 364 32.94 28.26 43.61
CA ASN H 364 31.56 27.82 43.73
C ASN H 364 31.35 26.88 44.91
N ARG H 365 32.30 25.97 45.14
CA ARG H 365 32.14 24.98 46.20
C ARG H 365 32.40 25.57 47.58
N SER H 366 33.22 26.61 47.67
CA SER H 366 33.50 27.25 48.94
C SER H 366 32.26 28.00 49.46
N GLY H 367 32.32 28.43 50.70
CA GLY H 367 31.23 29.19 51.28
C GLY H 367 31.16 29.05 52.79
N THR H 368 30.36 29.92 53.40
CA THR H 368 30.15 29.96 54.84
C THR H 368 28.66 30.03 55.12
N ARG H 369 28.22 29.30 56.15
CA ARG H 369 26.83 29.36 56.58
C ARG H 369 26.55 30.64 57.37
N LYS H 370 25.34 31.17 57.19
CA LYS H 370 24.90 32.36 57.92
C LYS H 370 25.91 33.48 57.76
N GLU H 371 26.44 33.65 56.55
CA GLU H 371 27.43 34.67 56.30
C GLU H 371 26.88 36.08 56.47
N GLU H 372 25.55 36.24 56.54
CA GLU H 372 24.97 37.55 56.81
C GLU H 372 25.27 38.05 58.23
N LEU H 373 25.59 37.15 59.16
CA LEU H 373 25.98 37.52 60.52
C LEU H 373 27.42 38.00 60.60
N LEU H 374 28.20 37.87 59.53
CA LEU H 374 29.60 38.25 59.52
C LEU H 374 29.92 39.36 58.54
N THR H 375 28.92 39.93 57.86
CA THR H 375 29.14 40.90 56.81
C THR H 375 28.16 42.05 56.95
N THR H 376 28.57 43.22 56.46
CA THR H 376 27.64 44.34 56.34
C THR H 376 26.63 44.06 55.24
N GLN H 377 25.55 44.85 55.23
CA GLN H 377 24.48 44.64 54.28
C GLN H 377 24.98 44.76 52.84
N GLU H 378 25.69 45.86 52.55
CA GLU H 378 26.21 46.07 51.21
C GLU H 378 27.38 45.12 50.87
N GLU H 379 28.23 44.78 51.85
CA GLU H 379 29.29 43.80 51.59
C GLU H 379 28.69 42.47 51.14
N LEU H 380 27.64 42.02 51.83
CA LEU H 380 26.96 40.80 51.42
C LEU H 380 26.33 40.95 50.03
N GLN H 381 25.70 42.09 49.75
CA GLN H 381 25.12 42.24 48.41
C GLN H 381 26.20 42.19 47.31
N LYS H 382 27.35 42.80 47.56
CA LYS H 382 28.44 42.77 46.59
C LYS H 382 29.02 41.36 46.42
N MET H 383 29.22 40.63 47.51
CA MET H 383 29.67 39.24 47.41
C MET H 383 28.67 38.38 46.65
N TRP H 384 27.37 38.60 46.89
CA TRP H 384 26.32 37.84 46.21
C TRP H 384 26.38 38.05 44.70
N ILE H 385 26.46 39.31 44.27
CA ILE H 385 26.65 39.59 42.84
C ILE H 385 27.89 38.91 42.31
N LEU H 386 29.00 39.07 43.03
CA LEU H 386 30.25 38.50 42.56
C LEU H 386 30.14 37.00 42.35
N ARG H 387 29.42 36.31 43.24
CA ARG H 387 29.23 34.87 43.06
C ARG H 387 28.36 34.57 41.84
N LYS H 388 27.29 35.34 41.63
CA LYS H 388 26.49 35.11 40.43
C LYS H 388 27.32 35.29 39.16
N ILE H 389 28.30 36.21 39.18
CA ILE H 389 29.14 36.41 37.99
C ILE H 389 30.15 35.28 37.84
N ILE H 390 30.73 34.81 38.93
CA ILE H 390 31.78 33.79 38.85
C ILE H 390 31.23 32.39 38.58
N HIS H 391 30.01 32.09 39.02
CA HIS H 391 29.46 30.74 38.88
C HIS H 391 29.54 30.17 37.46
N PRO H 392 29.15 30.87 36.39
CA PRO H 392 29.21 30.23 35.06
C PRO H 392 30.62 29.91 34.60
N MET H 393 31.63 30.50 35.19
CA MET H 393 33.00 30.30 34.77
C MET H 393 33.51 28.92 35.22
N GLY H 394 34.55 28.43 34.55
CA GLY H 394 35.24 27.25 35.02
C GLY H 394 36.06 27.53 36.25
N GLU H 395 36.52 26.46 36.90
CA GLU H 395 37.33 26.61 38.10
C GLU H 395 38.52 27.55 37.83
N ILE H 396 39.33 27.21 36.84
CA ILE H 396 40.53 27.96 36.52
C ILE H 396 40.19 29.36 36.05
N ASP H 397 39.27 29.47 35.09
CA ASP H 397 38.85 30.78 34.59
C ASP H 397 38.37 31.67 35.72
N ALA H 398 37.60 31.12 36.65
CA ALA H 398 37.13 31.88 37.79
C ALA H 398 38.30 32.46 38.59
N MET H 399 39.29 31.63 38.94
CA MET H 399 40.37 32.22 39.74
C MET H 399 41.21 33.21 38.94
N GLU H 400 41.52 32.91 37.68
CA GLU H 400 42.33 33.86 36.91
C GLU H 400 41.64 35.22 36.83
N PHE H 401 40.34 35.20 36.53
CA PHE H 401 39.53 36.41 36.47
C PHE H 401 39.58 37.18 37.79
N LEU H 402 39.24 36.51 38.89
CA LEU H 402 39.14 37.20 40.17
C LEU H 402 40.49 37.74 40.64
N ILE H 403 41.57 36.99 40.45
CA ILE H 403 42.88 37.45 40.90
C ILE H 403 43.36 38.63 40.06
N ASN H 404 43.15 38.57 38.73
CA ASN H 404 43.52 39.74 37.92
C ASN H 404 42.75 40.98 38.34
N LYS H 405 41.47 40.81 38.70
CA LYS H 405 40.70 41.98 39.08
C LYS H 405 41.10 42.50 40.45
N LEU H 406 41.37 41.62 41.41
CA LEU H 406 41.77 42.06 42.73
C LEU H 406 43.16 42.66 42.73
N ALA H 407 44.07 42.13 41.89
CA ALA H 407 45.42 42.67 41.82
C ALA H 407 45.46 44.12 41.38
N MET H 408 44.39 44.62 40.75
CA MET H 408 44.33 46.02 40.34
C MET H 408 44.23 46.97 41.53
N THR H 409 43.74 46.51 42.69
CA THR H 409 43.53 47.36 43.84
C THR H 409 44.22 46.76 45.07
N LYS H 410 44.37 47.61 46.10
CA LYS H 410 45.00 47.15 47.34
C LYS H 410 44.03 46.41 48.25
N THR H 411 42.80 46.91 48.35
CA THR H 411 41.81 46.35 49.26
C THR H 411 40.55 45.92 48.51
N ASN H 412 39.79 45.02 49.14
CA ASN H 412 38.51 44.59 48.59
C ASN H 412 37.50 45.73 48.53
N ASP H 413 37.59 46.69 49.46
CA ASP H 413 36.68 47.83 49.44
C ASP H 413 36.85 48.64 48.16
N ASP H 414 38.08 48.96 47.79
CA ASP H 414 38.33 49.65 46.52
C ASP H 414 37.89 48.82 45.32
N PHE H 415 38.09 47.50 45.38
CA PHE H 415 37.60 46.61 44.33
C PHE H 415 36.08 46.71 44.18
N PHE H 416 35.36 46.68 45.30
CA PHE H 416 33.90 46.88 45.28
C PHE H 416 33.53 48.23 44.67
N GLU H 417 34.23 49.29 45.06
CA GLU H 417 33.98 50.60 44.46
C GLU H 417 34.23 50.59 42.95
N MET H 418 35.21 49.79 42.50
CA MET H 418 35.40 49.60 41.06
C MET H 418 34.21 48.88 40.43
N MET H 419 33.63 47.89 41.12
CA MET H 419 32.47 47.20 40.55
C MET H 419 31.37 48.17 40.14
N LYS H 420 31.27 49.32 40.80
CA LYS H 420 30.24 50.32 40.50
C LYS H 420 30.45 51.03 39.16
N MET I 4 -90.57 -16.20 -23.47
CA MET I 4 -89.72 -15.78 -22.37
C MET I 4 -88.25 -16.04 -22.71
N ASN I 5 -87.57 -15.04 -23.26
CA ASN I 5 -86.21 -15.17 -23.75
C ASN I 5 -85.31 -14.15 -23.08
N LEU I 6 -84.06 -14.54 -22.82
CA LEU I 6 -83.14 -13.69 -22.08
C LEU I 6 -82.79 -12.44 -22.88
N THR I 7 -82.29 -12.61 -24.11
CA THR I 7 -81.89 -11.45 -24.89
C THR I 7 -83.09 -10.56 -25.21
N GLU I 8 -84.27 -11.15 -25.37
CA GLU I 8 -85.47 -10.35 -25.57
C GLU I 8 -85.76 -9.47 -24.36
N LEU I 9 -85.52 -10.00 -23.15
CA LEU I 9 -85.66 -9.18 -21.95
C LEU I 9 -84.57 -8.13 -21.86
N LYS I 10 -83.35 -8.46 -22.30
CA LYS I 10 -82.27 -7.48 -22.31
C LYS I 10 -82.55 -6.35 -23.30
N ASN I 11 -83.28 -6.63 -24.37
CA ASN I 11 -83.57 -5.59 -25.36
C ASN I 11 -84.68 -4.65 -24.88
N THR I 12 -85.69 -5.17 -24.21
CA THR I 12 -86.81 -4.34 -23.81
C THR I 12 -86.36 -3.27 -22.82
N PRO I 13 -86.95 -2.08 -22.87
CA PRO I 13 -86.56 -1.02 -21.93
C PRO I 13 -86.87 -1.41 -20.49
N VAL I 14 -86.23 -0.70 -19.54
CA VAL I 14 -86.40 -1.02 -18.13
C VAL I 14 -87.83 -0.75 -17.67
N SER I 15 -88.50 0.24 -18.26
CA SER I 15 -89.85 0.58 -17.82
C SER I 15 -90.80 -0.60 -18.03
N GLU I 16 -90.80 -1.17 -19.24
CA GLU I 16 -91.62 -2.33 -19.53
C GLU I 16 -91.22 -3.53 -18.68
N LEU I 17 -89.92 -3.67 -18.37
CA LEU I 17 -89.47 -4.77 -17.51
C LEU I 17 -90.00 -4.63 -16.08
N ILE I 18 -89.95 -3.42 -15.51
CA ILE I 18 -90.46 -3.21 -14.16
C ILE I 18 -91.96 -3.46 -14.11
N THR I 19 -92.71 -2.92 -15.08
CA THR I 19 -94.13 -3.19 -15.11
C THR I 19 -94.42 -4.70 -15.22
N LEU I 20 -93.75 -5.37 -16.16
CA LEU I 20 -93.93 -6.81 -16.33
C LEU I 20 -93.58 -7.58 -15.06
N GLY I 21 -92.58 -7.15 -14.31
CA GLY I 21 -92.18 -7.85 -13.10
C GLY I 21 -93.13 -7.63 -11.96
N GLU I 22 -93.64 -6.41 -11.84
CA GLU I 22 -94.66 -6.13 -10.84
C GLU I 22 -95.94 -6.91 -11.11
N ASN I 23 -96.26 -7.16 -12.39
CA ASN I 23 -97.42 -8.00 -12.70
C ASN I 23 -97.25 -9.41 -12.14
N MET I 24 -96.04 -9.95 -12.17
CA MET I 24 -95.78 -11.28 -11.65
C MET I 24 -95.84 -11.27 -10.11
N ASN I 28 -90.04 -4.84 -4.77
CA ASN I 28 -89.77 -3.58 -5.45
C ASN I 28 -88.57 -3.72 -6.38
N LEU I 29 -88.80 -3.52 -7.68
CA LEU I 29 -87.76 -3.58 -8.69
C LEU I 29 -87.16 -2.23 -9.03
N ALA I 30 -87.74 -1.14 -8.54
CA ALA I 30 -87.29 0.20 -8.95
C ALA I 30 -85.87 0.48 -8.50
N ARG I 31 -85.48 -0.03 -7.33
CA ARG I 31 -84.17 0.30 -6.77
C ARG I 31 -83.06 -0.47 -7.48
N MET I 32 -83.26 -1.78 -7.68
CA MET I 32 -82.20 -2.63 -8.21
C MET I 32 -81.88 -2.34 -9.67
N ARG I 33 -80.67 -2.73 -10.09
CA ARG I 33 -80.22 -2.53 -11.45
C ARG I 33 -81.02 -3.37 -12.44
N LYS I 34 -81.03 -2.94 -13.70
CA LYS I 34 -81.80 -3.62 -14.74
C LYS I 34 -81.45 -5.10 -14.83
N GLN I 35 -80.15 -5.42 -14.79
CA GLN I 35 -79.72 -6.81 -14.81
C GLN I 35 -80.43 -7.63 -13.73
N ASP I 36 -80.60 -7.05 -12.54
CA ASP I 36 -81.31 -7.74 -11.48
C ASP I 36 -82.79 -7.90 -11.78
N ILE I 37 -83.43 -6.88 -12.37
CA ILE I 37 -84.82 -7.03 -12.76
C ILE I 37 -84.98 -8.25 -13.67
N ILE I 38 -84.12 -8.36 -14.69
CA ILE I 38 -84.21 -9.50 -15.58
C ILE I 38 -83.99 -10.81 -14.83
N PHE I 39 -82.98 -10.85 -13.96
CA PHE I 39 -82.68 -12.09 -13.24
C PHE I 39 -83.87 -12.54 -12.38
N ALA I 40 -84.44 -11.61 -11.61
CA ALA I 40 -85.56 -11.95 -10.73
C ALA I 40 -86.77 -12.38 -11.55
N ILE I 41 -87.04 -11.70 -12.67
CA ILE I 41 -88.16 -12.06 -13.52
C ILE I 41 -87.98 -13.48 -14.08
N LEU I 42 -86.78 -13.79 -14.58
CA LEU I 42 -86.49 -15.13 -15.09
C LEU I 42 -86.68 -16.20 -14.01
N LYS I 43 -86.16 -15.95 -12.80
CA LYS I 43 -86.32 -16.91 -11.71
C LYS I 43 -87.80 -17.14 -11.40
N GLN I 44 -88.58 -16.05 -11.26
CA GLN I 44 -89.99 -16.20 -10.95
C GLN I 44 -90.71 -17.01 -12.02
N HIS I 45 -90.41 -16.76 -13.29
CA HIS I 45 -90.99 -17.58 -14.36
C HIS I 45 -90.58 -19.05 -14.24
N ALA I 46 -89.33 -19.31 -13.83
CA ALA I 46 -88.89 -20.70 -13.62
C ALA I 46 -89.68 -21.36 -12.48
N LYS I 47 -90.00 -20.61 -11.43
CA LYS I 47 -90.78 -21.17 -10.32
C LYS I 47 -92.13 -21.69 -10.81
N SER I 48 -92.76 -20.99 -11.75
CA SER I 48 -94.05 -21.42 -12.28
C SER I 48 -93.96 -22.74 -13.02
N GLY I 49 -92.76 -23.24 -13.31
CA GLY I 49 -92.60 -24.41 -14.14
C GLY I 49 -92.54 -24.13 -15.63
N GLU I 50 -92.90 -22.91 -16.04
CA GLU I 50 -92.81 -22.54 -17.45
C GLU I 50 -91.35 -22.49 -17.91
N ASP I 51 -91.15 -22.67 -19.21
CA ASP I 51 -89.80 -22.75 -19.76
C ASP I 51 -89.18 -21.36 -19.91
N ILE I 52 -87.85 -21.34 -19.92
CA ILE I 52 -87.05 -20.14 -20.15
C ILE I 52 -86.17 -20.41 -21.37
N PHE I 53 -85.83 -19.34 -22.08
CA PHE I 53 -85.06 -19.48 -23.30
C PHE I 53 -83.94 -18.45 -23.34
N GLY I 54 -82.85 -18.84 -24.03
CA GLY I 54 -81.71 -17.96 -24.26
C GLY I 54 -81.01 -18.32 -25.55
N ASP I 55 -80.00 -17.53 -25.88
CA ASP I 55 -79.28 -17.70 -27.16
C ASP I 55 -78.00 -16.87 -27.16
N GLY I 56 -77.14 -17.20 -28.11
CA GLY I 56 -75.89 -16.49 -28.32
C GLY I 56 -74.92 -17.31 -29.14
N VAL I 57 -73.78 -16.68 -29.46
CA VAL I 57 -72.77 -17.36 -30.27
C VAL I 57 -71.82 -18.12 -29.35
N LEU I 58 -71.51 -19.36 -29.73
CA LEU I 58 -70.70 -20.23 -28.90
C LEU I 58 -69.24 -19.83 -28.93
N GLU I 59 -68.59 -19.93 -27.77
CA GLU I 59 -67.14 -19.83 -27.64
C GLU I 59 -66.70 -20.95 -26.72
N ILE I 60 -65.90 -21.87 -27.26
CA ILE I 60 -65.42 -23.03 -26.52
C ILE I 60 -64.10 -22.68 -25.85
N LEU I 61 -64.04 -22.86 -24.54
CA LEU I 61 -62.83 -22.60 -23.78
C LEU I 61 -61.88 -23.80 -23.88
N GLN I 62 -60.70 -23.64 -23.29
CA GLN I 62 -59.66 -24.66 -23.42
C GLN I 62 -60.02 -25.93 -22.65
N ASP I 63 -60.83 -25.82 -21.61
CA ASP I 63 -61.15 -26.97 -20.78
C ASP I 63 -62.16 -27.93 -21.43
N GLY I 64 -62.81 -27.52 -22.52
CA GLY I 64 -63.77 -28.37 -23.20
C GLY I 64 -65.21 -27.92 -23.09
N PHE I 65 -65.53 -27.02 -22.17
CA PHE I 65 -66.86 -26.43 -22.08
C PHE I 65 -66.85 -25.05 -22.74
N GLY I 66 -68.05 -24.50 -22.96
CA GLY I 66 -68.16 -23.23 -23.65
C GLY I 66 -69.23 -22.33 -23.07
N PHE I 67 -69.31 -21.11 -23.62
CA PHE I 67 -70.34 -20.16 -23.25
C PHE I 67 -70.96 -19.54 -24.49
N LEU I 68 -72.19 -19.07 -24.35
CA LEU I 68 -72.90 -18.38 -25.42
C LEU I 68 -72.75 -16.88 -25.19
N ARG I 69 -71.75 -16.29 -25.83
CA ARG I 69 -71.56 -14.85 -25.79
C ARG I 69 -72.70 -14.13 -26.48
N SER I 70 -72.88 -12.86 -26.12
CA SER I 70 -73.98 -12.04 -26.61
C SER I 70 -73.45 -10.86 -27.41
N ALA I 71 -74.27 -10.40 -28.35
CA ALA I 71 -73.86 -9.32 -29.25
C ALA I 71 -73.71 -8.00 -28.51
N ASP I 72 -74.49 -7.79 -27.45
CA ASP I 72 -74.38 -6.56 -26.68
C ASP I 72 -73.07 -6.45 -25.92
N SER I 73 -72.31 -7.53 -25.81
CA SER I 73 -70.96 -7.52 -25.26
C SER I 73 -69.90 -7.70 -26.35
N SER I 74 -70.27 -7.48 -27.61
CA SER I 74 -69.37 -7.68 -28.76
C SER I 74 -68.82 -9.10 -28.80
N TYR I 75 -69.62 -10.05 -28.30
CA TYR I 75 -69.27 -11.47 -28.22
C TYR I 75 -68.10 -11.73 -27.29
N LEU I 76 -67.87 -10.83 -26.34
CA LEU I 76 -66.92 -11.03 -25.27
C LEU I 76 -67.63 -11.58 -24.04
N ALA I 77 -66.84 -11.89 -23.01
CA ALA I 77 -67.38 -12.43 -21.77
C ALA I 77 -68.45 -11.51 -21.20
N GLY I 78 -69.61 -12.08 -20.87
CA GLY I 78 -70.72 -11.32 -20.36
C GLY I 78 -71.35 -11.95 -19.12
N PRO I 79 -72.07 -11.13 -18.34
CA PRO I 79 -72.69 -11.66 -17.12
C PRO I 79 -73.81 -12.65 -17.40
N ASP I 80 -74.52 -12.51 -18.52
CA ASP I 80 -75.64 -13.37 -18.85
C ASP I 80 -75.25 -14.50 -19.81
N ASP I 81 -73.97 -14.86 -19.84
CA ASP I 81 -73.52 -15.91 -20.74
C ASP I 81 -74.08 -17.26 -20.30
N ILE I 82 -74.39 -18.10 -21.29
CA ILE I 82 -75.05 -19.39 -21.05
C ILE I 82 -74.00 -20.49 -21.16
N TYR I 83 -73.85 -21.27 -20.10
CA TYR I 83 -72.90 -22.36 -20.08
C TYR I 83 -73.37 -23.50 -20.97
N VAL I 84 -72.46 -24.02 -21.80
CA VAL I 84 -72.71 -25.16 -22.66
C VAL I 84 -71.74 -26.26 -22.25
N SER I 85 -72.30 -27.37 -21.77
CA SER I 85 -71.52 -28.47 -21.26
C SER I 85 -70.74 -29.15 -22.39
N PRO I 86 -69.61 -29.76 -22.07
CA PRO I 86 -68.86 -30.51 -23.10
C PRO I 86 -69.70 -31.57 -23.79
N SER I 87 -70.53 -32.29 -23.04
CA SER I 87 -71.36 -33.34 -23.62
C SER I 87 -72.27 -32.77 -24.71
N GLN I 88 -72.82 -31.58 -24.49
CA GLN I 88 -73.64 -30.93 -25.52
C GLN I 88 -72.81 -30.60 -26.76
N ILE I 89 -71.56 -30.17 -26.58
CA ILE I 89 -70.71 -29.82 -27.72
C ILE I 89 -70.38 -31.06 -28.53
N ARG I 90 -70.06 -32.18 -27.87
CA ARG I 90 -69.75 -33.40 -28.58
C ARG I 90 -70.97 -33.97 -29.30
N ARG I 91 -72.14 -33.87 -28.66
CA ARG I 91 -73.35 -34.46 -29.25
C ARG I 91 -73.62 -33.90 -30.64
N PHE I 92 -73.55 -32.58 -30.80
CA PHE I 92 -73.87 -31.92 -32.06
C PHE I 92 -72.66 -31.38 -32.79
N ASN I 93 -71.44 -31.77 -32.37
CA ASN I 93 -70.19 -31.35 -33.01
C ASN I 93 -70.11 -29.82 -33.12
N LEU I 94 -70.48 -29.16 -32.03
CA LEU I 94 -70.46 -27.70 -32.00
C LEU I 94 -69.03 -27.20 -32.00
N ARG I 95 -68.84 -26.02 -32.59
CA ARG I 95 -67.55 -25.36 -32.60
C ARG I 95 -67.74 -23.86 -32.46
N THR I 96 -66.69 -23.19 -32.00
CA THR I 96 -66.75 -21.75 -31.77
C THR I 96 -67.29 -21.02 -32.99
N GLY I 97 -68.25 -20.12 -32.76
CA GLY I 97 -68.94 -19.39 -33.80
C GLY I 97 -70.38 -19.83 -34.03
N ASP I 98 -70.74 -21.03 -33.60
CA ASP I 98 -72.09 -21.55 -33.82
C ASP I 98 -73.12 -20.75 -33.04
N THR I 99 -74.04 -20.11 -33.75
CA THR I 99 -75.17 -19.47 -33.10
C THR I 99 -76.07 -20.54 -32.48
N ILE I 100 -76.39 -20.42 -31.19
CA ILE I 100 -77.15 -21.42 -30.47
C ILE I 100 -78.37 -20.77 -29.83
N SER I 101 -79.51 -21.44 -29.94
CA SER I 101 -80.74 -21.07 -29.24
C SER I 101 -81.30 -22.29 -28.52
N GLY I 102 -81.72 -22.09 -27.26
CA GLY I 102 -82.26 -23.22 -26.51
C GLY I 102 -82.84 -22.81 -25.17
N LYS I 103 -83.44 -23.81 -24.52
CA LYS I 103 -84.00 -23.64 -23.19
C LYS I 103 -82.89 -23.54 -22.16
N ILE I 104 -83.08 -22.67 -21.16
CA ILE I 104 -82.07 -22.40 -20.15
C ILE I 104 -82.71 -22.39 -18.78
N ARG I 105 -81.85 -22.50 -17.75
CA ARG I 105 -82.26 -22.48 -16.35
C ARG I 105 -81.35 -21.54 -15.56
N PRO I 106 -81.91 -20.86 -14.55
CA PRO I 106 -81.09 -19.99 -13.72
C PRO I 106 -80.03 -20.81 -12.99
N PRO I 107 -78.95 -20.16 -12.58
CA PRO I 107 -77.88 -20.90 -11.89
C PRO I 107 -78.34 -21.41 -10.53
N LYS I 108 -77.95 -22.65 -10.22
CA LYS I 108 -78.22 -23.24 -8.92
C LYS I 108 -77.27 -22.67 -7.87
N GLU I 109 -77.38 -23.20 -6.64
CA GLU I 109 -76.50 -22.78 -5.56
C GLU I 109 -75.07 -23.24 -5.85
N GLY I 110 -74.11 -22.32 -5.73
CA GLY I 110 -72.75 -22.60 -6.10
C GLY I 110 -72.45 -22.43 -7.57
N GLU I 111 -73.37 -21.86 -8.34
CA GLU I 111 -73.19 -21.60 -9.76
C GLU I 111 -73.34 -20.12 -10.03
N ARG I 112 -72.73 -19.67 -11.13
CA ARG I 112 -72.72 -18.26 -11.47
C ARG I 112 -73.30 -17.95 -12.86
N TYR I 113 -73.80 -18.96 -13.57
CA TYR I 113 -74.19 -18.76 -14.96
C TYR I 113 -75.47 -19.52 -15.26
N PHE I 114 -76.24 -18.99 -16.22
CA PHE I 114 -77.35 -19.72 -16.80
C PHE I 114 -76.82 -20.92 -17.58
N ALA I 115 -77.49 -22.06 -17.41
CA ALA I 115 -77.10 -23.30 -18.07
C ALA I 115 -78.06 -23.64 -19.20
N LEU I 116 -77.56 -24.38 -20.18
CA LEU I 116 -78.34 -24.77 -21.34
C LEU I 116 -78.89 -26.16 -21.12
N LEU I 117 -80.23 -26.28 -21.13
CA LEU I 117 -80.87 -27.57 -20.96
C LEU I 117 -80.92 -28.35 -22.26
N LYS I 118 -81.51 -27.74 -23.29
CA LYS I 118 -81.70 -28.39 -24.59
C LYS I 118 -81.48 -27.36 -25.67
N VAL I 119 -80.81 -27.75 -26.74
CA VAL I 119 -80.50 -26.85 -27.84
C VAL I 119 -81.57 -27.05 -28.91
N ASN I 120 -82.36 -26.01 -29.14
CA ASN I 120 -83.41 -26.07 -30.15
C ASN I 120 -82.85 -25.81 -31.54
N GLU I 121 -81.99 -24.80 -31.67
CA GLU I 121 -81.55 -24.36 -32.99
C GLU I 121 -80.04 -24.13 -33.00
N VAL I 122 -79.37 -24.71 -34.01
CA VAL I 122 -77.94 -24.54 -34.24
C VAL I 122 -77.77 -23.92 -35.62
N ASN I 123 -77.40 -22.65 -35.65
CA ASN I 123 -77.22 -21.90 -36.89
C ASN I 123 -78.52 -21.80 -37.68
N PHE I 124 -79.60 -21.48 -36.97
CA PHE I 124 -80.92 -21.27 -37.57
C PHE I 124 -81.40 -22.52 -38.32
N ASP I 125 -81.11 -23.69 -37.75
CA ASP I 125 -81.40 -24.95 -38.43
C ASP I 125 -81.52 -26.04 -37.37
N LYS I 126 -81.94 -27.22 -37.82
CA LYS I 126 -82.14 -28.34 -36.92
C LYS I 126 -80.80 -28.81 -36.36
N PRO I 127 -80.71 -29.07 -35.05
CA PRO I 127 -79.42 -29.49 -34.47
C PRO I 127 -78.83 -30.75 -35.09
N GLU I 128 -79.68 -31.72 -35.47
CA GLU I 128 -79.19 -32.95 -36.07
C GLU I 128 -78.37 -32.68 -37.33
N ASN I 129 -78.85 -31.73 -38.15
CA ASN I 129 -78.14 -31.40 -39.38
C ASN I 129 -76.75 -30.85 -39.10
N ALA I 130 -76.50 -30.29 -37.91
CA ALA I 130 -75.16 -29.78 -37.63
C ALA I 130 -74.15 -30.90 -37.36
N ARG I 131 -74.63 -32.03 -36.81
CA ARG I 131 -73.83 -33.26 -36.79
C ARG I 131 -73.41 -33.63 -38.23
N ASN I 132 -74.32 -33.67 -39.19
CA ASN I 132 -73.96 -34.05 -40.53
C ASN I 132 -73.83 -32.81 -41.43
N LYS I 133 -72.58 -32.40 -41.68
CA LYS I 133 -72.35 -31.25 -42.58
C LYS I 133 -70.91 -31.34 -43.09
N ILE I 134 -70.63 -30.69 -44.21
CA ILE I 134 -69.26 -30.62 -44.73
C ILE I 134 -68.60 -29.40 -44.13
N LEU I 135 -67.42 -29.60 -43.54
CA LEU I 135 -66.73 -28.52 -42.83
C LEU I 135 -66.21 -27.48 -43.80
N PHE I 136 -66.00 -26.27 -43.28
CA PHE I 136 -65.50 -25.17 -44.10
C PHE I 136 -64.15 -25.50 -44.71
N GLU I 137 -63.28 -26.19 -43.96
CA GLU I 137 -61.96 -26.53 -44.46
C GLU I 137 -62.02 -27.49 -45.65
N ASN I 138 -63.14 -28.20 -45.83
CA ASN I 138 -63.27 -29.21 -46.87
C ASN I 138 -64.10 -28.74 -48.06
N LEU I 139 -64.71 -27.56 -47.97
CA LEU I 139 -65.47 -27.03 -49.09
C LEU I 139 -64.55 -26.75 -50.27
N THR I 140 -65.01 -27.09 -51.47
CA THR I 140 -64.16 -26.93 -52.65
C THR I 140 -64.15 -25.47 -53.10
N PRO I 141 -63.00 -24.81 -53.13
CA PRO I 141 -62.99 -23.38 -53.48
C PRO I 141 -63.20 -23.17 -54.96
N LEU I 142 -63.65 -21.96 -55.31
CA LEU I 142 -63.83 -21.55 -56.70
C LEU I 142 -63.65 -20.06 -56.80
N HIS I 143 -63.39 -19.60 -58.04
CA HIS I 143 -63.49 -18.17 -58.32
C HIS I 143 -64.95 -17.74 -58.30
N ALA I 144 -65.17 -16.46 -58.00
CA ALA I 144 -66.53 -15.95 -57.88
C ALA I 144 -67.29 -16.14 -59.19
N ASN I 145 -68.49 -16.72 -59.09
CA ASN I 145 -69.38 -16.94 -60.23
C ASN I 145 -70.49 -15.90 -60.27
N SER I 146 -71.25 -15.79 -59.19
CA SER I 146 -72.46 -14.97 -59.20
C SER I 146 -72.10 -13.52 -58.93
N ARG I 147 -72.46 -12.64 -59.86
CA ARG I 147 -72.15 -11.22 -59.72
C ARG I 147 -72.99 -10.60 -58.61
N LEU I 148 -72.36 -9.77 -57.79
CA LEU I 148 -73.04 -8.95 -56.78
C LEU I 148 -73.02 -7.50 -57.29
N ARG I 149 -74.04 -7.13 -58.06
CA ARG I 149 -74.08 -5.81 -58.66
C ARG I 149 -74.41 -4.76 -57.61
N MET I 150 -73.61 -3.71 -57.56
CA MET I 150 -73.81 -2.67 -56.56
C MET I 150 -74.73 -1.55 -57.04
N GLU I 151 -74.93 -1.41 -58.34
CA GLU I 151 -75.65 -0.25 -58.88
C GLU I 151 -77.11 -0.27 -58.46
N ARG I 152 -77.52 0.76 -57.73
CA ARG I 152 -78.93 0.91 -57.36
C ARG I 152 -79.80 1.06 -58.61
N GLY I 153 -79.42 1.97 -59.51
CA GLY I 153 -80.25 2.34 -60.64
C GLY I 153 -81.26 3.44 -60.36
N ASN I 154 -81.37 3.90 -59.11
CA ASN I 154 -82.33 4.94 -58.72
C ASN I 154 -81.91 6.34 -59.17
N GLY I 155 -80.90 6.47 -60.04
CA GLY I 155 -80.43 7.78 -60.42
C GLY I 155 -79.89 8.62 -59.29
N SER I 156 -79.52 7.99 -58.17
CA SER I 156 -79.05 8.72 -57.00
C SER I 156 -77.64 9.25 -57.23
N THR I 157 -77.34 10.37 -56.56
CA THR I 157 -75.99 10.92 -56.63
C THR I 157 -75.00 10.07 -55.86
N GLU I 158 -75.45 9.41 -54.78
CA GLU I 158 -74.60 8.43 -54.12
C GLU I 158 -74.33 7.23 -55.04
N ASP I 159 -75.32 6.85 -55.85
CA ASP I 159 -75.19 5.70 -56.73
C ASP I 159 -74.00 5.82 -57.66
N LEU I 160 -73.52 7.04 -57.94
CA LEU I 160 -72.31 7.18 -58.73
C LEU I 160 -71.20 6.26 -58.23
N THR I 161 -70.93 6.29 -56.91
CA THR I 161 -69.88 5.42 -56.38
C THR I 161 -70.13 3.97 -56.74
N ALA I 162 -71.38 3.51 -56.60
CA ALA I 162 -71.65 2.13 -56.96
C ALA I 162 -71.39 1.89 -58.44
N ARG I 163 -71.86 2.81 -59.28
CA ARG I 163 -71.76 2.57 -60.73
C ARG I 163 -70.31 2.45 -61.16
N VAL I 164 -69.50 3.46 -60.83
CA VAL I 164 -68.07 3.37 -61.10
C VAL I 164 -67.50 2.06 -60.58
N LEU I 165 -67.87 1.67 -59.35
CA LEU I 165 -67.34 0.41 -58.84
C LEU I 165 -67.62 -0.72 -59.81
N ASP I 166 -68.88 -0.86 -60.23
CA ASP I 166 -69.24 -1.95 -61.13
C ASP I 166 -68.37 -1.94 -62.38
N LEU I 167 -68.00 -0.76 -62.84
CA LEU I 167 -67.23 -0.71 -64.08
C LEU I 167 -65.76 -0.94 -63.82
N ALA I 168 -65.26 -0.55 -62.65
CA ALA I 168 -63.82 -0.60 -62.45
C ALA I 168 -63.38 -1.92 -61.86
N SER I 169 -64.16 -2.46 -60.92
CA SER I 169 -63.79 -3.67 -60.21
C SER I 169 -65.05 -4.37 -59.75
N PRO I 170 -65.64 -5.22 -60.59
CA PRO I 170 -66.86 -5.94 -60.19
C PRO I 170 -66.62 -6.82 -58.97
N ILE I 171 -67.71 -7.09 -58.25
CA ILE I 171 -67.68 -7.87 -57.02
C ILE I 171 -68.63 -9.06 -57.16
N GLY I 172 -68.10 -10.27 -56.98
CA GLY I 172 -68.90 -11.47 -56.96
C GLY I 172 -68.96 -12.11 -55.57
N ARG I 173 -69.77 -13.16 -55.48
CA ARG I 173 -69.95 -13.88 -54.23
C ARG I 173 -68.73 -14.73 -53.93
N GLY I 174 -68.12 -14.51 -52.78
CA GLY I 174 -66.85 -15.11 -52.44
C GLY I 174 -65.63 -14.27 -52.76
N GLN I 175 -65.84 -13.01 -53.16
CA GLN I 175 -64.73 -12.14 -53.51
C GLN I 175 -63.86 -11.86 -52.29
N ARG I 176 -62.60 -11.52 -52.56
CA ARG I 176 -61.59 -11.25 -51.53
C ARG I 176 -60.94 -9.92 -51.91
N GLY I 177 -61.63 -8.83 -51.60
CA GLY I 177 -61.30 -7.52 -52.12
C GLY I 177 -60.78 -6.53 -51.09
N LEU I 178 -60.21 -5.44 -51.61
CA LEU I 178 -59.58 -4.39 -50.83
C LEU I 178 -59.95 -3.02 -51.37
N ILE I 179 -60.36 -2.12 -50.49
CA ILE I 179 -60.52 -0.71 -50.82
C ILE I 179 -59.23 -0.06 -50.34
N VAL I 180 -58.27 0.11 -51.25
CA VAL I 180 -56.94 0.59 -50.88
C VAL I 180 -56.85 2.09 -51.14
N ALA I 181 -56.37 2.84 -50.13
CA ALA I 181 -56.22 4.28 -50.26
C ALA I 181 -55.53 4.90 -49.05
N PRO I 182 -54.93 6.08 -49.22
CA PRO I 182 -54.34 6.81 -48.08
C PRO I 182 -55.43 7.32 -47.16
N PRO I 183 -55.08 7.74 -45.94
CA PRO I 183 -56.09 8.31 -45.04
C PRO I 183 -56.82 9.47 -45.69
N LYS I 184 -58.14 9.51 -45.48
CA LYS I 184 -59.04 10.57 -45.92
C LYS I 184 -59.30 10.55 -47.43
N ALA I 185 -59.13 9.40 -48.08
CA ALA I 185 -59.40 9.30 -49.51
C ALA I 185 -60.83 8.88 -49.83
N GLY I 186 -61.52 8.24 -48.88
CA GLY I 186 -62.91 7.91 -49.10
C GLY I 186 -63.22 6.43 -48.88
N LYS I 187 -62.31 5.72 -48.22
CA LYS I 187 -62.46 4.27 -48.07
C LYS I 187 -63.70 3.92 -47.26
N THR I 188 -63.84 4.54 -46.08
CA THR I 188 -64.94 4.20 -45.19
C THR I 188 -66.29 4.50 -45.81
N MET I 189 -66.47 5.72 -46.33
CA MET I 189 -67.74 6.06 -46.97
C MET I 189 -68.01 5.22 -48.19
N LEU I 190 -66.96 4.79 -48.91
CA LEU I 190 -67.18 3.85 -50.01
C LEU I 190 -67.66 2.49 -49.49
N LEU I 191 -67.14 2.04 -48.35
CA LEU I 191 -67.62 0.82 -47.74
C LEU I 191 -69.07 0.97 -47.29
N GLN I 192 -69.44 2.15 -46.79
CA GLN I 192 -70.83 2.42 -46.40
C GLN I 192 -71.75 2.42 -47.63
N ASN I 193 -71.30 3.03 -48.72
CA ASN I 193 -72.04 2.97 -49.97
C ASN I 193 -72.25 1.52 -50.42
N ILE I 194 -71.21 0.69 -50.32
CA ILE I 194 -71.32 -0.73 -50.62
C ILE I 194 -72.35 -1.39 -49.71
N ALA I 195 -72.30 -1.08 -48.41
CA ALA I 195 -73.25 -1.69 -47.48
C ALA I 195 -74.69 -1.36 -47.86
N GLN I 196 -74.96 -0.10 -48.19
CA GLN I 196 -76.30 0.28 -48.64
C GLN I 196 -76.71 -0.50 -49.90
N SER I 197 -75.79 -0.58 -50.89
CA SER I 197 -76.10 -1.33 -52.11
C SER I 197 -76.39 -2.80 -51.80
N ILE I 198 -75.67 -3.38 -50.83
CA ILE I 198 -75.90 -4.77 -50.47
C ILE I 198 -77.26 -4.94 -49.82
N ALA I 199 -77.62 -4.03 -48.92
CA ALA I 199 -78.91 -4.15 -48.25
C ALA I 199 -80.07 -4.02 -49.25
N TYR I 200 -79.92 -3.18 -50.27
CA TYR I 200 -81.04 -3.00 -51.20
C TYR I 200 -81.06 -4.07 -52.30
N ASN I 201 -79.92 -4.33 -52.94
CA ASN I 201 -79.88 -5.23 -54.08
C ASN I 201 -79.76 -6.69 -53.68
N HIS I 202 -79.20 -6.96 -52.50
CA HIS I 202 -78.95 -8.34 -52.07
C HIS I 202 -79.39 -8.53 -50.62
N PRO I 203 -80.69 -8.38 -50.34
CA PRO I 203 -81.17 -8.65 -48.97
C PRO I 203 -81.04 -10.10 -48.58
N ASP I 204 -80.82 -11.00 -49.55
CA ASP I 204 -80.66 -12.41 -49.24
C ASP I 204 -79.33 -12.68 -48.54
N CYS I 205 -78.31 -11.88 -48.82
CA CYS I 205 -76.99 -12.10 -48.23
C CYS I 205 -76.98 -11.72 -46.75
N VAL I 206 -76.19 -12.45 -45.97
CA VAL I 206 -76.02 -12.18 -44.54
C VAL I 206 -74.92 -11.14 -44.41
N LEU I 207 -75.29 -9.90 -44.10
CA LEU I 207 -74.34 -8.79 -44.06
C LEU I 207 -73.82 -8.56 -42.65
N MET I 208 -72.49 -8.57 -42.51
CA MET I 208 -71.81 -8.25 -41.27
C MET I 208 -70.77 -7.16 -41.53
N VAL I 209 -70.67 -6.20 -40.62
CA VAL I 209 -69.72 -5.08 -40.74
C VAL I 209 -68.78 -5.11 -39.54
N LEU I 210 -67.52 -5.48 -39.78
CA LEU I 210 -66.50 -5.57 -38.75
C LEU I 210 -65.62 -4.32 -38.78
N LEU I 211 -65.62 -3.57 -37.68
CA LEU I 211 -64.86 -2.32 -37.57
C LEU I 211 -63.74 -2.52 -36.57
N ILE I 212 -62.50 -2.41 -37.03
CA ILE I 212 -61.32 -2.69 -36.21
C ILE I 212 -60.44 -1.45 -36.17
N ASP I 213 -60.24 -0.91 -34.97
CA ASP I 213 -59.23 0.13 -34.70
C ASP I 213 -59.52 1.42 -35.46
N GLU I 214 -60.80 1.74 -35.63
CA GLU I 214 -61.23 2.93 -36.35
C GLU I 214 -62.06 3.83 -35.45
N ARG I 215 -62.57 4.91 -36.03
CA ARG I 215 -63.16 5.99 -35.25
C ARG I 215 -64.46 5.53 -34.59
N PRO I 216 -64.72 5.95 -33.35
CA PRO I 216 -65.94 5.49 -32.68
C PRO I 216 -67.22 6.04 -33.27
N GLU I 217 -67.21 7.28 -33.74
CA GLU I 217 -68.43 7.84 -34.34
C GLU I 217 -68.84 7.10 -35.60
N GLU I 218 -67.88 6.49 -36.32
CA GLU I 218 -68.21 5.67 -37.46
C GLU I 218 -68.94 4.39 -37.07
N VAL I 219 -68.69 3.86 -35.86
CA VAL I 219 -69.43 2.69 -35.39
C VAL I 219 -70.91 3.01 -35.30
N THR I 220 -71.27 4.07 -34.58
CA THR I 220 -72.67 4.42 -34.46
C THR I 220 -73.24 4.88 -35.80
N GLU I 221 -72.45 5.59 -36.60
CA GLU I 221 -72.91 5.93 -37.94
C GLU I 221 -73.26 4.68 -38.76
N MET I 222 -72.47 3.63 -38.61
CA MET I 222 -72.67 2.43 -39.42
C MET I 222 -73.84 1.59 -38.91
N GLN I 223 -74.03 1.52 -37.59
CA GLN I 223 -75.09 0.66 -37.08
C GLN I 223 -76.47 1.26 -37.31
N ARG I 224 -76.56 2.58 -37.40
CA ARG I 224 -77.81 3.25 -37.72
C ARG I 224 -78.01 3.44 -39.22
N LEU I 225 -77.02 3.07 -40.05
CA LEU I 225 -77.10 3.22 -41.49
C LEU I 225 -77.30 1.92 -42.24
N VAL I 226 -76.58 0.85 -41.89
CA VAL I 226 -76.64 -0.41 -42.63
C VAL I 226 -77.75 -1.28 -42.06
N LYS I 227 -78.36 -2.06 -42.94
CA LYS I 227 -79.39 -3.03 -42.54
C LYS I 227 -78.68 -4.38 -42.36
N GLY I 228 -77.96 -4.48 -41.25
CA GLY I 228 -77.25 -5.70 -40.94
C GLY I 228 -76.65 -5.64 -39.56
N GLU I 229 -75.79 -6.61 -39.26
CA GLU I 229 -75.13 -6.69 -37.97
C GLU I 229 -73.79 -5.96 -38.02
N VAL I 230 -73.50 -5.20 -36.96
CA VAL I 230 -72.28 -4.40 -36.86
C VAL I 230 -71.55 -4.81 -35.59
N VAL I 231 -70.33 -5.33 -35.76
CA VAL I 231 -69.43 -5.67 -34.65
C VAL I 231 -68.23 -4.75 -34.74
N ALA I 232 -67.88 -4.11 -33.63
CA ALA I 232 -66.85 -3.09 -33.64
C ALA I 232 -65.90 -3.28 -32.47
N SER I 233 -64.69 -2.70 -32.63
CA SER I 233 -63.61 -2.67 -31.64
C SER I 233 -62.74 -1.46 -31.97
N THR I 234 -63.20 -0.29 -31.51
CA THR I 234 -62.60 0.98 -31.89
C THR I 234 -61.15 1.10 -31.45
N PHE I 235 -60.52 2.22 -31.81
CA PHE I 235 -59.13 2.44 -31.42
C PHE I 235 -58.98 2.72 -29.93
N ASP I 236 -60.08 2.87 -29.20
CA ASP I 236 -60.01 2.90 -27.74
C ASP I 236 -59.62 1.55 -27.16
N GLU I 237 -59.63 0.54 -27.95
CA GLU I 237 -59.44 -0.83 -27.51
C GLU I 237 -58.03 -1.32 -27.85
N PRO I 238 -57.50 -2.25 -27.06
CA PRO I 238 -56.17 -2.79 -27.34
C PRO I 238 -56.19 -3.75 -28.52
N ALA I 239 -55.00 -4.11 -28.98
CA ALA I 239 -54.88 -5.05 -30.10
C ALA I 239 -55.42 -6.42 -29.73
N SER I 240 -55.20 -6.85 -28.48
CA SER I 240 -55.70 -8.14 -28.02
C SER I 240 -57.20 -8.29 -28.30
N ARG I 241 -57.98 -7.25 -27.96
CA ARG I 241 -59.41 -7.28 -28.19
C ARG I 241 -59.73 -7.33 -29.68
N HIS I 242 -59.03 -6.52 -30.49
CA HIS I 242 -59.24 -6.55 -31.93
C HIS I 242 -59.13 -7.97 -32.46
N VAL I 243 -58.04 -8.66 -32.09
CA VAL I 243 -57.83 -10.02 -32.59
C VAL I 243 -58.98 -10.92 -32.16
N GLN I 244 -59.29 -10.94 -30.86
CA GLN I 244 -60.30 -11.90 -30.39
C GLN I 244 -61.65 -11.67 -31.07
N VAL I 245 -62.06 -10.40 -31.17
CA VAL I 245 -63.33 -10.06 -31.80
C VAL I 245 -63.35 -10.52 -33.25
N ALA I 246 -62.27 -10.22 -33.99
CA ALA I 246 -62.21 -10.60 -35.40
C ALA I 246 -62.28 -12.12 -35.57
N GLU I 247 -61.63 -12.86 -34.66
CA GLU I 247 -61.68 -14.31 -34.73
C GLU I 247 -63.10 -14.83 -34.56
N MET I 248 -63.82 -14.29 -33.56
CA MET I 248 -65.21 -14.70 -33.40
C MET I 248 -66.03 -14.43 -34.65
N VAL I 249 -65.88 -13.23 -35.24
CA VAL I 249 -66.71 -12.88 -36.40
C VAL I 249 -66.39 -13.80 -37.59
N ILE I 250 -65.10 -14.06 -37.84
CA ILE I 250 -64.74 -14.88 -38.98
C ILE I 250 -65.21 -16.33 -38.79
N GLU I 251 -65.14 -16.87 -37.57
CA GLU I 251 -65.64 -18.22 -37.36
C GLU I 251 -67.15 -18.30 -37.53
N LYS I 252 -67.87 -17.29 -37.04
CA LYS I 252 -69.32 -17.24 -37.27
C LYS I 252 -69.65 -17.25 -38.75
N ALA I 253 -68.92 -16.45 -39.55
CA ALA I 253 -69.12 -16.45 -40.99
C ALA I 253 -68.89 -17.85 -41.58
N LYS I 254 -67.81 -18.52 -41.16
CA LYS I 254 -67.53 -19.86 -41.67
C LYS I 254 -68.68 -20.83 -41.36
N ARG I 255 -69.23 -20.75 -40.15
CA ARG I 255 -70.36 -21.62 -39.79
C ARG I 255 -71.56 -21.37 -40.72
N LEU I 256 -71.93 -20.10 -40.89
CA LEU I 256 -73.05 -19.79 -41.78
C LEU I 256 -72.80 -20.30 -43.20
N VAL I 257 -71.54 -20.22 -43.68
CA VAL I 257 -71.22 -20.75 -45.00
C VAL I 257 -71.34 -22.27 -45.03
N GLU I 258 -70.99 -22.95 -43.94
CA GLU I 258 -71.27 -24.38 -43.84
C GLU I 258 -72.76 -24.67 -43.99
N HIS I 259 -73.62 -23.70 -43.65
CA HIS I 259 -75.05 -23.84 -43.94
C HIS I 259 -75.46 -23.25 -45.30
N LYS I 260 -74.56 -23.24 -46.28
CA LYS I 260 -74.87 -22.79 -47.65
C LYS I 260 -75.47 -21.37 -47.68
N LYS I 261 -74.91 -20.49 -46.85
CA LYS I 261 -75.31 -19.09 -46.82
C LYS I 261 -74.27 -18.24 -47.52
N ASP I 262 -74.72 -17.11 -48.08
CA ASP I 262 -73.85 -16.12 -48.74
C ASP I 262 -73.59 -14.99 -47.74
N VAL I 263 -72.45 -15.07 -47.05
CA VAL I 263 -72.06 -14.11 -46.02
C VAL I 263 -71.17 -13.06 -46.67
N ILE I 264 -71.30 -11.81 -46.21
CA ILE I 264 -70.45 -10.70 -46.64
C ILE I 264 -69.93 -9.98 -45.40
N ILE I 265 -68.62 -9.76 -45.33
CA ILE I 265 -67.98 -9.06 -44.22
C ILE I 265 -67.30 -7.81 -44.79
N LEU I 266 -67.79 -6.64 -44.38
CA LEU I 266 -67.17 -5.37 -44.70
C LEU I 266 -66.26 -4.98 -43.55
N LEU I 267 -64.95 -5.10 -43.77
CA LEU I 267 -63.96 -4.89 -42.71
C LEU I 267 -63.25 -3.56 -42.88
N ASP I 268 -63.16 -2.79 -41.80
CA ASP I 268 -62.50 -1.49 -41.81
C ASP I 268 -61.91 -1.27 -40.42
N SER I 269 -60.59 -1.39 -40.29
CA SER I 269 -59.68 -1.60 -41.42
C SER I 269 -58.91 -2.90 -41.27
N ILE I 270 -58.62 -3.55 -42.40
CA ILE I 270 -57.86 -4.79 -42.32
C ILE I 270 -56.37 -4.52 -42.13
N THR I 271 -55.89 -3.35 -42.55
CA THR I 271 -54.51 -2.98 -42.27
C THR I 271 -54.29 -2.88 -40.77
N ARG I 272 -55.23 -2.27 -40.05
CA ARG I 272 -55.09 -2.15 -38.61
C ARG I 272 -55.28 -3.50 -37.91
N LEU I 273 -56.13 -4.36 -38.46
CA LEU I 273 -56.22 -5.72 -37.94
C LEU I 273 -54.88 -6.45 -38.09
N ALA I 274 -54.22 -6.29 -39.24
CA ALA I 274 -52.90 -6.88 -39.43
C ALA I 274 -51.89 -6.31 -38.43
N ARG I 275 -51.95 -5.00 -38.18
CA ARG I 275 -51.12 -4.41 -37.14
C ARG I 275 -51.37 -5.05 -35.77
N ALA I 276 -52.63 -5.29 -35.43
CA ALA I 276 -52.94 -5.94 -34.14
C ALA I 276 -52.29 -7.32 -34.06
N TYR I 277 -52.44 -8.12 -35.12
CA TYR I 277 -51.75 -9.41 -35.15
C TYR I 277 -50.25 -9.24 -34.93
N ASN I 278 -49.64 -8.29 -35.62
CA ASN I 278 -48.21 -8.03 -35.43
C ASN I 278 -47.88 -7.64 -33.99
N THR I 279 -48.85 -7.04 -33.29
CA THR I 279 -48.68 -6.65 -31.90
C THR I 279 -48.67 -7.83 -30.96
N VAL I 280 -49.54 -8.82 -31.19
CA VAL I 280 -49.62 -9.95 -30.28
C VAL I 280 -48.82 -11.16 -30.74
N VAL I 281 -48.22 -11.12 -31.93
CA VAL I 281 -47.53 -12.30 -32.46
C VAL I 281 -46.26 -12.55 -31.66
N PRO I 282 -45.90 -13.80 -31.39
CA PRO I 282 -44.62 -14.07 -30.71
C PRO I 282 -43.44 -13.66 -31.59
N ALA I 283 -42.49 -12.95 -30.99
CA ALA I 283 -41.29 -12.55 -31.72
C ALA I 283 -40.57 -13.77 -32.27
N SER I 284 -40.21 -13.72 -33.55
CA SER I 284 -39.53 -14.81 -34.22
C SER I 284 -38.02 -14.58 -34.35
N GLY I 285 -37.52 -13.43 -33.90
CA GLY I 285 -36.15 -13.04 -34.18
C GLY I 285 -35.88 -12.58 -35.60
N LYS I 286 -36.91 -12.49 -36.44
CA LYS I 286 -36.78 -12.06 -37.83
C LYS I 286 -37.85 -11.00 -38.06
N VAL I 287 -37.46 -9.82 -38.52
CA VAL I 287 -38.43 -8.76 -38.73
C VAL I 287 -38.30 -8.26 -40.16
N LEU I 288 -39.43 -8.13 -40.83
CA LEU I 288 -39.50 -7.67 -42.21
C LEU I 288 -39.40 -6.16 -42.28
N THR I 289 -39.30 -5.67 -43.52
CA THR I 289 -39.27 -4.25 -43.78
C THR I 289 -40.50 -3.55 -43.23
N GLY I 290 -40.27 -2.48 -42.47
CA GLY I 290 -41.32 -1.71 -41.84
C GLY I 290 -41.66 -2.10 -40.42
N GLY I 291 -40.95 -3.06 -39.82
CA GLY I 291 -41.27 -3.47 -38.47
C GLY I 291 -42.33 -4.53 -38.33
N VAL I 292 -42.51 -5.39 -39.32
CA VAL I 292 -43.48 -6.47 -39.30
C VAL I 292 -42.75 -7.78 -39.08
N ASP I 293 -43.14 -8.51 -38.03
CA ASP I 293 -42.52 -9.79 -37.74
C ASP I 293 -42.69 -10.74 -38.91
N ALA I 294 -41.67 -11.58 -39.15
CA ALA I 294 -41.68 -12.48 -40.30
C ALA I 294 -42.83 -13.47 -40.27
N ASN I 295 -43.37 -13.76 -39.08
CA ASN I 295 -44.47 -14.70 -38.93
C ASN I 295 -45.78 -14.00 -38.57
N ALA I 296 -45.82 -12.67 -38.66
CA ALA I 296 -46.99 -11.94 -38.18
C ALA I 296 -48.13 -11.98 -39.18
N LEU I 297 -47.85 -12.05 -40.48
CA LEU I 297 -48.88 -11.93 -41.50
C LEU I 297 -49.55 -13.26 -41.85
N HIS I 298 -49.11 -14.37 -41.25
CA HIS I 298 -49.76 -15.65 -41.53
C HIS I 298 -51.21 -15.66 -41.05
N ARG I 299 -51.44 -15.29 -39.79
CA ARG I 299 -52.81 -15.20 -39.27
C ARG I 299 -53.69 -14.22 -40.05
N PRO I 300 -53.32 -12.95 -40.22
CA PRO I 300 -54.19 -12.05 -41.00
C PRO I 300 -54.36 -12.53 -42.42
N LYS I 301 -53.36 -13.18 -43.00
CA LYS I 301 -53.50 -13.74 -44.33
C LYS I 301 -54.56 -14.84 -44.36
N ARG I 302 -54.58 -15.71 -43.34
CA ARG I 302 -55.64 -16.72 -43.28
C ARG I 302 -57.01 -16.09 -43.06
N PHE I 303 -57.07 -15.01 -42.26
CA PHE I 303 -58.34 -14.30 -42.06
C PHE I 303 -58.88 -13.75 -43.38
N PHE I 304 -58.07 -12.97 -44.09
CA PHE I 304 -58.52 -12.45 -45.38
C PHE I 304 -58.82 -13.58 -46.35
N GLY I 305 -57.96 -14.61 -46.40
CA GLY I 305 -58.13 -15.76 -47.28
C GLY I 305 -59.32 -16.63 -46.96
N ALA I 306 -59.93 -16.47 -45.78
CA ALA I 306 -61.20 -17.16 -45.52
C ALA I 306 -62.20 -16.92 -46.63
N ALA I 307 -62.34 -15.66 -47.08
CA ALA I 307 -63.28 -15.34 -48.15
C ALA I 307 -63.04 -16.22 -49.36
N ARG I 308 -64.11 -16.86 -49.84
CA ARG I 308 -63.99 -17.79 -50.96
C ARG I 308 -65.38 -18.15 -51.46
N ASN I 309 -65.43 -18.60 -52.71
CA ASN I 309 -66.65 -19.16 -53.30
C ASN I 309 -66.65 -20.67 -53.12
N VAL I 310 -67.80 -21.20 -52.72
CA VAL I 310 -67.95 -22.63 -52.45
C VAL I 310 -68.83 -23.24 -53.54
N GLU I 311 -68.35 -24.35 -54.10
CA GLU I 311 -69.13 -25.09 -55.08
C GLU I 311 -70.32 -25.77 -54.44
N GLU I 312 -70.18 -26.23 -53.20
CA GLU I 312 -71.25 -26.97 -52.54
C GLU I 312 -72.46 -26.08 -52.26
N GLY I 313 -72.24 -24.79 -51.99
CA GLY I 313 -73.36 -23.89 -51.74
C GLY I 313 -72.97 -22.76 -50.81
N GLY I 314 -73.35 -21.53 -51.16
CA GLY I 314 -73.00 -20.38 -50.36
C GLY I 314 -71.62 -19.85 -50.70
N SER I 315 -71.22 -18.83 -49.93
CA SER I 315 -69.96 -18.15 -50.17
C SER I 315 -69.66 -17.23 -49.00
N LEU I 316 -68.38 -16.82 -48.90
CA LEU I 316 -67.93 -15.82 -47.94
C LEU I 316 -67.20 -14.74 -48.71
N THR I 317 -67.77 -13.55 -48.74
CA THR I 317 -67.17 -12.37 -49.35
C THR I 317 -66.56 -11.51 -48.25
N ILE I 318 -65.42 -10.89 -48.53
CA ILE I 318 -64.78 -9.96 -47.61
C ILE I 318 -64.31 -8.75 -48.40
N ILE I 319 -64.87 -7.59 -48.09
CA ILE I 319 -64.41 -6.33 -48.66
C ILE I 319 -63.81 -5.53 -47.49
N ALA I 320 -62.50 -5.39 -47.49
CA ALA I 320 -61.80 -4.73 -46.41
C ALA I 320 -61.00 -3.53 -46.92
N THR I 321 -60.86 -2.53 -46.08
CA THR I 321 -60.09 -1.34 -46.43
C THR I 321 -58.64 -1.50 -46.01
N ALA I 322 -57.73 -0.96 -46.82
CA ALA I 322 -56.30 -0.98 -46.55
C ALA I 322 -55.72 0.41 -46.74
N LEU I 323 -54.61 0.65 -46.06
CA LEU I 323 -53.95 1.95 -46.05
C LEU I 323 -52.66 1.89 -46.85
N ILE I 324 -52.34 3.00 -47.54
CA ILE I 324 -51.09 3.16 -48.28
C ILE I 324 -50.63 4.60 -48.16
N ASP I 325 -49.37 4.83 -48.56
CA ASP I 325 -48.75 6.16 -48.55
C ASP I 325 -48.88 6.82 -47.18
N THR I 326 -48.73 6.02 -46.14
CA THR I 326 -48.74 6.50 -44.77
C THR I 326 -47.36 6.95 -44.29
N GLY I 327 -46.32 6.85 -45.13
CA GLY I 327 -44.97 7.06 -44.69
C GLY I 327 -44.37 5.91 -43.91
N SER I 328 -45.16 4.91 -43.53
CA SER I 328 -44.70 3.75 -42.78
C SER I 328 -44.67 2.56 -43.73
N LYS I 329 -43.46 2.04 -44.00
CA LYS I 329 -43.31 0.94 -44.96
C LYS I 329 -44.15 -0.28 -44.57
N MET I 330 -44.36 -0.48 -43.27
CA MET I 330 -45.16 -1.60 -42.78
C MET I 330 -46.49 -1.72 -43.53
N ASP I 331 -47.14 -0.59 -43.79
CA ASP I 331 -48.44 -0.63 -44.46
C ASP I 331 -48.32 -1.00 -45.94
N GLU I 332 -47.22 -0.60 -46.59
CA GLU I 332 -46.97 -1.09 -47.95
C GLU I 332 -46.78 -2.60 -47.96
N VAL I 333 -46.04 -3.13 -46.98
CA VAL I 333 -45.86 -4.58 -46.88
C VAL I 333 -47.20 -5.29 -46.68
N ILE I 334 -48.00 -4.82 -45.73
CA ILE I 334 -49.29 -5.42 -45.46
C ILE I 334 -50.18 -5.36 -46.70
N TYR I 335 -50.24 -4.20 -47.35
CA TYR I 335 -51.09 -4.04 -48.52
C TYR I 335 -50.65 -4.97 -49.65
N GLU I 336 -49.35 -5.03 -49.94
CA GLU I 336 -48.90 -5.88 -51.03
C GLU I 336 -49.07 -7.36 -50.70
N GLU I 337 -48.94 -7.74 -49.44
CA GLU I 337 -49.20 -9.11 -49.02
C GLU I 337 -50.66 -9.48 -49.20
N PHE I 338 -51.57 -8.57 -48.84
CA PHE I 338 -52.99 -8.83 -49.04
C PHE I 338 -53.37 -8.83 -50.52
N LYS I 339 -52.67 -8.06 -51.35
CA LYS I 339 -52.98 -8.07 -52.79
C LYS I 339 -52.69 -9.43 -53.41
N GLY I 340 -51.59 -10.07 -53.01
CA GLY I 340 -51.23 -11.41 -53.40
C GLY I 340 -52.02 -12.52 -52.72
N THR I 341 -52.96 -12.13 -51.86
CA THR I 341 -53.93 -13.04 -51.26
C THR I 341 -55.31 -12.90 -51.88
N GLY I 342 -55.76 -11.67 -52.14
CA GLY I 342 -57.08 -11.43 -52.66
C GLY I 342 -57.13 -11.42 -54.17
N ASN I 343 -58.23 -10.84 -54.69
CA ASN I 343 -58.52 -10.89 -56.12
C ASN I 343 -59.37 -9.71 -56.59
N MET I 344 -59.27 -8.57 -55.91
CA MET I 344 -60.03 -7.37 -56.24
C MET I 344 -59.49 -6.19 -55.44
N GLU I 345 -59.18 -5.08 -56.11
CA GLU I 345 -58.72 -3.89 -55.42
C GLU I 345 -59.34 -2.68 -56.07
N LEU I 346 -60.01 -1.86 -55.27
CA LEU I 346 -60.53 -0.57 -55.67
C LEU I 346 -59.64 0.47 -55.01
N HIS I 347 -58.83 1.15 -55.82
CA HIS I 347 -57.93 2.17 -55.32
C HIS I 347 -58.61 3.52 -55.29
N LEU I 348 -58.34 4.28 -54.24
CA LEU I 348 -58.79 5.65 -54.13
C LEU I 348 -57.59 6.57 -53.99
N SER I 349 -57.64 7.72 -54.67
CA SER I 349 -56.50 8.61 -54.79
C SER I 349 -56.66 9.82 -53.89
N ARG I 350 -55.61 10.13 -53.12
CA ARG I 350 -55.58 11.37 -52.35
C ARG I 350 -55.58 12.59 -53.25
N LYS I 351 -54.92 12.50 -54.41
CA LYS I 351 -54.88 13.62 -55.34
C LYS I 351 -56.27 13.98 -55.84
N ILE I 352 -57.07 12.98 -56.20
CA ILE I 352 -58.45 13.23 -56.62
C ILE I 352 -59.28 13.73 -55.45
N ALA I 353 -59.07 13.19 -54.25
CA ALA I 353 -59.88 13.57 -53.10
C ALA I 353 -59.60 15.00 -52.66
N GLU I 354 -58.37 15.48 -52.83
CA GLU I 354 -58.05 16.85 -52.46
C GLU I 354 -58.72 17.88 -53.38
N LYS I 355 -59.02 17.50 -54.63
CA LYS I 355 -59.80 18.33 -55.52
C LYS I 355 -61.31 18.19 -55.28
N ARG I 356 -61.71 17.46 -54.24
CA ARG I 356 -63.12 17.25 -53.91
C ARG I 356 -63.89 16.62 -55.07
N VAL I 357 -63.26 15.65 -55.73
CA VAL I 357 -63.89 14.88 -56.80
C VAL I 357 -64.18 13.50 -56.23
N PHE I 358 -65.47 13.17 -56.09
CA PHE I 358 -65.86 11.90 -55.50
C PHE I 358 -66.82 11.15 -56.41
N PRO I 359 -66.70 9.81 -56.51
CA PRO I 359 -65.69 9.01 -55.79
C PRO I 359 -64.29 9.17 -56.35
N ALA I 360 -63.30 9.32 -55.47
CA ALA I 360 -61.92 9.55 -55.87
C ALA I 360 -61.27 8.21 -56.19
N ILE I 361 -61.66 7.64 -57.32
CA ILE I 361 -61.25 6.29 -57.69
C ILE I 361 -60.11 6.35 -58.71
N ASP I 362 -59.02 5.67 -58.39
CA ASP I 362 -57.90 5.47 -59.32
C ASP I 362 -58.29 4.32 -60.24
N TYR I 363 -58.73 4.66 -61.45
CA TYR I 363 -59.34 3.67 -62.34
C TYR I 363 -58.31 2.65 -62.80
N ASN I 364 -57.15 3.12 -63.28
CA ASN I 364 -56.16 2.22 -63.85
C ASN I 364 -55.69 1.18 -62.85
N ARG I 365 -55.48 1.60 -61.60
CA ARG I 365 -54.94 0.68 -60.59
C ARG I 365 -56.00 -0.29 -60.07
N SER I 366 -57.27 0.09 -60.11
CA SER I 366 -58.33 -0.79 -59.65
C SER I 366 -58.51 -1.96 -60.61
N GLY I 367 -59.28 -2.95 -60.18
CA GLY I 367 -59.57 -4.08 -61.03
C GLY I 367 -59.93 -5.32 -60.24
N THR I 368 -60.45 -6.31 -60.94
CA THR I 368 -60.84 -7.59 -60.39
C THR I 368 -60.27 -8.71 -61.23
N ARG I 369 -59.81 -9.77 -60.59
CA ARG I 369 -59.33 -10.95 -61.29
C ARG I 369 -60.50 -11.78 -61.80
N LYS I 370 -60.29 -12.40 -62.97
CA LYS I 370 -61.28 -13.28 -63.58
C LYS I 370 -62.65 -12.59 -63.67
N GLU I 371 -62.63 -11.31 -64.04
CA GLU I 371 -63.87 -10.54 -64.12
C GLU I 371 -64.81 -11.06 -65.21
N GLU I 372 -64.33 -11.91 -66.11
CA GLU I 372 -65.20 -12.52 -67.11
C GLU I 372 -66.19 -13.49 -66.48
N LEU I 373 -65.90 -14.01 -65.29
CA LEU I 373 -66.84 -14.88 -64.58
C LEU I 373 -67.94 -14.10 -63.88
N LEU I 374 -67.85 -12.77 -63.86
CA LEU I 374 -68.83 -11.94 -63.19
C LEU I 374 -69.57 -11.00 -64.12
N THR I 375 -69.34 -11.09 -65.44
CA THR I 375 -69.90 -10.15 -66.38
C THR I 375 -70.42 -10.89 -67.60
N THR I 376 -71.40 -10.29 -68.27
CA THR I 376 -71.83 -10.79 -69.57
C THR I 376 -70.76 -10.50 -70.62
N GLN I 377 -70.87 -11.18 -71.76
CA GLN I 377 -69.88 -11.05 -72.81
C GLN I 377 -69.77 -9.59 -73.28
N GLU I 378 -70.91 -8.98 -73.60
CA GLU I 378 -70.90 -7.59 -74.06
C GLU I 378 -70.58 -6.61 -72.95
N GLU I 379 -71.02 -6.86 -71.71
CA GLU I 379 -70.65 -6.00 -70.60
C GLU I 379 -69.13 -5.94 -70.43
N LEU I 380 -68.48 -7.10 -70.51
CA LEU I 380 -67.02 -7.14 -70.45
C LEU I 380 -66.39 -6.42 -71.63
N GLN I 381 -66.92 -6.60 -72.84
CA GLN I 381 -66.32 -5.88 -73.97
C GLN I 381 -66.45 -4.36 -73.80
N LYS I 382 -67.59 -3.88 -73.30
CA LYS I 382 -67.78 -2.45 -73.07
C LYS I 382 -66.86 -1.91 -71.97
N MET I 383 -66.71 -2.64 -70.86
CA MET I 383 -65.75 -2.23 -69.82
C MET I 383 -64.32 -2.21 -70.35
N TRP I 384 -63.95 -3.20 -71.18
CA TRP I 384 -62.62 -3.25 -71.76
C TRP I 384 -62.34 -2.01 -72.61
N ILE I 385 -63.26 -1.68 -73.53
CA ILE I 385 -63.11 -0.47 -74.32
C ILE I 385 -63.02 0.75 -73.41
N LEU I 386 -63.87 0.83 -72.39
CA LEU I 386 -63.85 1.98 -71.50
C LEU I 386 -62.51 2.14 -70.80
N ARG I 387 -61.89 1.04 -70.40
CA ARG I 387 -60.58 1.14 -69.77
C ARG I 387 -59.52 1.59 -70.76
N LYS I 388 -59.56 1.08 -72.00
CA LYS I 388 -58.60 1.57 -72.99
C LYS I 388 -58.72 3.08 -73.18
N ILE I 389 -59.95 3.61 -73.10
CA ILE I 389 -60.12 5.06 -73.29
C ILE I 389 -59.63 5.83 -72.06
N ILE I 390 -59.90 5.31 -70.86
CA ILE I 390 -59.54 6.04 -69.64
C ILE I 390 -58.05 5.98 -69.30
N HIS I 391 -57.36 4.91 -69.70
CA HIS I 391 -55.96 4.74 -69.34
C HIS I 391 -55.07 5.94 -69.66
N PRO I 392 -55.10 6.53 -70.86
CA PRO I 392 -54.16 7.65 -71.12
C PRO I 392 -54.42 8.88 -70.26
N MET I 393 -55.60 9.00 -69.67
CA MET I 393 -55.95 10.17 -68.89
C MET I 393 -55.23 10.15 -67.54
N GLY I 394 -55.11 11.34 -66.93
CA GLY I 394 -54.63 11.41 -65.57
C GLY I 394 -55.67 10.91 -64.58
N GLU I 395 -55.22 10.69 -63.34
CA GLU I 395 -56.13 10.22 -62.30
C GLU I 395 -57.38 11.11 -62.22
N ILE I 396 -57.15 12.41 -62.01
CA ILE I 396 -58.25 13.35 -61.82
C ILE I 396 -59.07 13.48 -63.09
N ASP I 397 -58.42 13.69 -64.23
CA ASP I 397 -59.12 13.80 -65.51
C ASP I 397 -59.98 12.58 -65.76
N ALA I 398 -59.45 11.39 -65.47
CA ALA I 398 -60.23 10.16 -65.63
C ALA I 398 -61.52 10.21 -64.82
N MET I 399 -61.44 10.55 -63.53
CA MET I 399 -62.70 10.54 -62.77
C MET I 399 -63.65 11.64 -63.21
N GLU I 400 -63.14 12.86 -63.47
CA GLU I 400 -64.05 13.92 -63.90
C GLU I 400 -64.78 13.52 -65.18
N PHE I 401 -64.04 12.98 -66.15
CA PHE I 401 -64.63 12.51 -67.40
C PHE I 401 -65.71 11.44 -67.17
N LEU I 402 -65.36 10.39 -66.42
CA LEU I 402 -66.29 9.28 -66.23
C LEU I 402 -67.53 9.69 -65.45
N ILE I 403 -67.37 10.52 -64.41
CA ILE I 403 -68.52 10.93 -63.62
C ILE I 403 -69.43 11.85 -64.42
N ASN I 404 -68.86 12.78 -65.19
CA ASN I 404 -69.72 13.61 -66.04
C ASN I 404 -70.47 12.77 -67.07
N LYS I 405 -69.83 11.75 -67.64
CA LYS I 405 -70.54 10.91 -68.61
C LYS I 405 -71.63 10.06 -67.95
N LEU I 406 -71.35 9.50 -66.77
CA LEU I 406 -72.34 8.66 -66.10
C LEU I 406 -73.50 9.47 -65.55
N ALA I 407 -73.24 10.70 -65.06
CA ALA I 407 -74.31 11.55 -64.54
C ALA I 407 -75.38 11.87 -65.59
N MET I 408 -75.06 11.71 -66.87
CA MET I 408 -76.03 11.95 -67.93
C MET I 408 -77.15 10.92 -67.95
N THR I 409 -76.91 9.73 -67.42
CA THR I 409 -77.88 8.65 -67.46
C THR I 409 -78.12 8.08 -66.06
N LYS I 410 -79.21 7.33 -65.93
CA LYS I 410 -79.54 6.73 -64.65
C LYS I 410 -78.76 5.45 -64.39
N THR I 411 -78.61 4.61 -65.42
CA THR I 411 -77.97 3.32 -65.26
C THR I 411 -76.78 3.18 -66.18
N ASN I 412 -75.88 2.25 -65.83
CA ASN I 412 -74.74 1.93 -66.68
C ASN I 412 -75.17 1.34 -68.02
N ASP I 413 -76.29 0.61 -68.05
CA ASP I 413 -76.78 0.04 -69.30
C ASP I 413 -77.11 1.13 -70.32
N ASP I 414 -77.85 2.16 -69.89
CA ASP I 414 -78.12 3.30 -70.77
C ASP I 414 -76.83 4.01 -71.17
N PHE I 415 -75.87 4.12 -70.25
CA PHE I 415 -74.58 4.71 -70.58
C PHE I 415 -73.86 3.93 -71.68
N PHE I 416 -73.87 2.59 -71.57
CA PHE I 416 -73.32 1.74 -72.62
C PHE I 416 -74.04 1.93 -73.95
N GLU I 417 -75.37 2.02 -73.93
CA GLU I 417 -76.11 2.31 -75.15
C GLU I 417 -75.74 3.66 -75.73
N MET I 418 -75.40 4.64 -74.88
CA MET I 418 -74.88 5.90 -75.37
C MET I 418 -73.51 5.73 -76.04
N MET I 419 -72.66 4.84 -75.51
CA MET I 419 -71.34 4.64 -76.12
C MET I 419 -71.41 4.28 -77.59
N LYS I 420 -72.45 3.53 -78.00
CA LYS I 420 -72.62 3.14 -79.40
C LYS I 420 -72.93 4.34 -80.29
N MET J 4 -25.79 -20.62 66.33
CA MET J 4 -24.91 -20.22 67.41
C MET J 4 -23.44 -20.48 67.03
N ASN J 5 -22.77 -19.47 66.49
CA ASN J 5 -21.41 -19.63 65.97
C ASN J 5 -20.49 -18.62 66.65
N LEU J 6 -19.24 -19.03 66.88
CA LEU J 6 -18.29 -18.20 67.61
C LEU J 6 -17.93 -16.95 66.82
N THR J 7 -17.46 -17.10 65.59
CA THR J 7 -17.07 -15.94 64.81
C THR J 7 -18.25 -15.03 64.51
N GLU J 8 -19.46 -15.60 64.37
CA GLU J 8 -20.64 -14.78 64.20
C GLU J 8 -20.90 -13.92 65.43
N LEU J 9 -20.65 -14.46 66.63
CA LEU J 9 -20.75 -13.66 67.85
C LEU J 9 -19.64 -12.62 67.94
N LYS J 10 -18.43 -12.95 67.46
CA LYS J 10 -17.35 -11.98 67.45
C LYS J 10 -17.63 -10.83 66.49
N ASN J 11 -18.38 -11.10 65.41
CA ASN J 11 -18.69 -10.05 64.44
C ASN J 11 -19.77 -9.11 64.95
N THR J 12 -20.79 -9.64 65.65
CA THR J 12 -21.90 -8.79 66.07
C THR J 12 -21.42 -7.75 67.07
N PRO J 13 -22.00 -6.54 67.05
CA PRO J 13 -21.58 -5.50 68.00
C PRO J 13 -21.86 -5.90 69.44
N VAL J 14 -21.18 -5.22 70.37
CA VAL J 14 -21.32 -5.54 71.79
C VAL J 14 -22.73 -5.26 72.27
N SER J 15 -23.41 -4.25 71.72
CA SER J 15 -24.75 -3.90 72.18
C SER J 15 -25.71 -5.06 71.98
N GLU J 16 -25.74 -5.62 70.76
CA GLU J 16 -26.59 -6.77 70.48
C GLU J 16 -26.18 -7.98 71.31
N LEU J 17 -24.89 -8.15 71.58
CA LEU J 17 -24.43 -9.26 72.42
C LEU J 17 -24.93 -9.14 73.86
N ILE J 18 -24.85 -7.94 74.44
CA ILE J 18 -25.32 -7.74 75.81
C ILE J 18 -26.82 -7.97 75.88
N THR J 19 -27.58 -7.40 74.93
CA THR J 19 -29.01 -7.66 74.93
C THR J 19 -29.32 -9.16 74.81
N LEU J 20 -28.68 -9.83 73.85
CA LEU J 20 -28.87 -11.26 73.67
C LEU J 20 -28.51 -12.06 74.93
N GLY J 21 -27.47 -11.65 75.66
CA GLY J 21 -27.06 -12.38 76.84
C GLY J 21 -27.98 -12.15 78.02
N GLU J 22 -28.49 -10.93 78.15
CA GLU J 22 -29.49 -10.66 79.18
C GLU J 22 -30.78 -11.42 78.92
N ASN J 23 -31.13 -11.64 77.64
CA ASN J 23 -32.31 -12.46 77.35
C ASN J 23 -32.15 -13.89 77.88
N MET J 24 -30.94 -14.43 77.83
CA MET J 24 -30.68 -15.78 78.34
C MET J 24 -30.71 -15.78 79.87
N ARG J 33 -15.47 -7.41 79.67
CA ARG J 33 -15.00 -7.21 78.30
C ARG J 33 -15.85 -8.01 77.32
N LYS J 34 -15.88 -7.56 76.06
CA LYS J 34 -16.68 -8.23 75.04
C LYS J 34 -16.35 -9.72 74.92
N GLN J 35 -15.05 -10.05 74.94
CA GLN J 35 -14.64 -11.45 74.90
C GLN J 35 -15.33 -12.27 75.97
N ASP J 36 -15.48 -11.71 77.17
CA ASP J 36 -16.17 -12.41 78.25
C ASP J 36 -17.66 -12.54 77.97
N ILE J 37 -18.31 -11.51 77.41
CA ILE J 37 -19.71 -11.64 77.05
C ILE J 37 -19.89 -12.84 76.13
N ILE J 38 -19.05 -12.95 75.10
CA ILE J 38 -19.18 -14.07 74.18
C ILE J 38 -18.95 -15.40 74.91
N PHE J 39 -17.92 -15.47 75.76
CA PHE J 39 -17.62 -16.72 76.45
C PHE J 39 -18.79 -17.16 77.33
N ALA J 40 -19.34 -16.24 78.12
CA ALA J 40 -20.45 -16.57 79.01
C ALA J 40 -21.69 -16.98 78.23
N ILE J 41 -21.97 -16.28 77.12
CA ILE J 41 -23.12 -16.62 76.29
C ILE J 41 -22.97 -18.03 75.72
N LEU J 42 -21.78 -18.35 75.19
CA LEU J 42 -21.52 -19.69 74.66
C LEU J 42 -21.68 -20.76 75.73
N LYS J 43 -21.13 -20.54 76.92
CA LYS J 43 -21.30 -21.51 78.00
C LYS J 43 -22.77 -21.73 78.34
N GLN J 44 -23.52 -20.63 78.50
CA GLN J 44 -24.93 -20.77 78.84
C GLN J 44 -25.69 -21.55 77.78
N HIS J 45 -25.40 -21.30 76.51
CA HIS J 45 -26.02 -22.10 75.44
C HIS J 45 -25.61 -23.57 75.54
N ALA J 46 -24.36 -23.85 75.92
CA ALA J 46 -23.94 -25.25 76.10
C ALA J 46 -24.70 -25.92 77.24
N LYS J 47 -25.01 -25.18 78.31
CA LYS J 47 -25.77 -25.75 79.42
C LYS J 47 -27.13 -26.25 78.96
N SER J 48 -27.78 -25.52 78.05
CA SER J 48 -29.08 -25.93 77.54
C SER J 48 -29.03 -27.26 76.78
N GLY J 49 -27.85 -27.77 76.46
CA GLY J 49 -27.71 -28.93 75.60
C GLY J 49 -27.69 -28.63 74.12
N GLU J 50 -28.03 -27.40 73.72
CA GLU J 50 -27.96 -27.00 72.32
C GLU J 50 -26.51 -26.97 71.85
N ASP J 51 -26.34 -27.14 70.54
CA ASP J 51 -25.00 -27.22 69.95
C ASP J 51 -24.37 -25.84 69.81
N ILE J 52 -23.04 -25.83 69.77
CA ILE J 52 -22.22 -24.65 69.54
C ILE J 52 -21.37 -24.89 68.31
N PHE J 53 -21.04 -23.82 67.58
CA PHE J 53 -20.29 -23.95 66.34
C PHE J 53 -19.17 -22.93 66.28
N GLY J 54 -18.09 -23.31 65.57
CA GLY J 54 -16.95 -22.46 65.36
C GLY J 54 -16.27 -22.82 64.04
N ASP J 55 -15.26 -22.02 63.70
CA ASP J 55 -14.58 -22.18 62.42
C ASP J 55 -13.29 -21.37 62.40
N GLY J 56 -12.44 -21.71 61.43
CA GLY J 56 -11.19 -21.00 61.19
C GLY J 56 -10.25 -21.82 60.34
N VAL J 57 -9.11 -21.20 60.01
CA VAL J 57 -8.12 -21.87 59.17
C VAL J 57 -7.16 -22.66 60.05
N LEU J 58 -6.88 -23.89 59.65
CA LEU J 58 -6.08 -24.79 60.46
C LEU J 58 -4.60 -24.43 60.40
N GLU J 59 -3.93 -24.54 61.54
CA GLU J 59 -2.48 -24.45 61.63
C GLU J 59 -2.03 -25.59 62.53
N ILE J 60 -1.24 -26.50 61.97
CA ILE J 60 -0.78 -27.68 62.68
C ILE J 60 0.56 -27.36 63.34
N LEU J 61 0.64 -27.57 64.64
CA LEU J 61 1.86 -27.35 65.39
C LEU J 61 2.80 -28.54 65.25
N GLN J 62 4.00 -28.38 65.81
CA GLN J 62 5.02 -29.41 65.65
C GLN J 62 4.66 -30.69 66.39
N ASP J 63 3.87 -30.57 67.46
CA ASP J 63 3.55 -31.73 68.29
C ASP J 63 2.53 -32.67 67.64
N GLY J 64 1.87 -32.25 66.57
CA GLY J 64 0.88 -33.08 65.89
C GLY J 64 -0.55 -32.61 66.03
N PHE J 65 -0.84 -31.72 66.97
CA PHE J 65 -2.16 -31.11 67.11
C PHE J 65 -2.14 -29.72 66.48
N GLY J 66 -3.34 -29.15 66.30
CA GLY J 66 -3.44 -27.87 65.63
C GLY J 66 -4.49 -26.96 66.24
N PHE J 67 -4.56 -25.75 65.71
CA PHE J 67 -5.60 -24.80 66.11
C PHE J 67 -6.23 -24.17 64.88
N LEU J 68 -7.45 -23.67 65.05
CA LEU J 68 -8.17 -22.97 64.01
C LEU J 68 -8.00 -21.46 64.24
N ARG J 69 -7.00 -20.88 63.59
CA ARG J 69 -6.78 -19.44 63.66
C ARG J 69 -7.93 -18.70 62.98
N SER J 70 -8.09 -17.44 63.37
CA SER J 70 -9.19 -16.60 62.91
C SER J 70 -8.66 -15.41 62.11
N ALA J 71 -9.49 -14.94 61.18
CA ALA J 71 -9.10 -13.84 60.31
C ALA J 71 -8.92 -12.53 61.05
N ASP J 72 -9.68 -12.33 62.14
CA ASP J 72 -9.54 -11.11 62.93
C ASP J 72 -8.21 -11.02 63.66
N SER J 73 -7.45 -12.12 63.73
CA SER J 73 -6.09 -12.12 64.25
C SER J 73 -5.05 -12.30 63.15
N SER J 74 -5.43 -12.06 61.90
CA SER J 74 -4.57 -12.26 60.73
C SER J 74 -4.04 -13.69 60.65
N TYR J 75 -4.84 -14.62 61.15
CA TYR J 75 -4.52 -16.04 61.21
C TYR J 75 -3.33 -16.34 62.11
N LEU J 76 -3.07 -15.45 63.07
CA LEU J 76 -2.10 -15.68 64.12
C LEU J 76 -2.80 -16.23 65.36
N ALA J 77 -1.99 -16.56 66.37
CA ALA J 77 -2.52 -17.12 67.60
C ALA J 77 -3.58 -16.20 68.21
N GLY J 78 -4.72 -16.77 68.56
CA GLY J 78 -5.82 -16.01 69.10
C GLY J 78 -6.42 -16.63 70.34
N PRO J 79 -7.11 -15.81 71.15
CA PRO J 79 -7.71 -16.35 72.38
C PRO J 79 -8.85 -17.32 72.11
N ASP J 80 -9.57 -17.15 71.00
CA ASP J 80 -10.71 -18.00 70.68
C ASP J 80 -10.35 -19.11 69.70
N ASP J 81 -9.08 -19.50 69.65
CA ASP J 81 -8.67 -20.54 68.72
C ASP J 81 -9.22 -21.89 69.15
N ILE J 82 -9.57 -22.71 68.17
CA ILE J 82 -10.23 -23.99 68.40
C ILE J 82 -9.19 -25.10 68.26
N TYR J 83 -9.05 -25.90 69.31
CA TYR J 83 -8.10 -27.00 69.29
C TYR J 83 -8.60 -28.13 68.40
N VAL J 84 -7.72 -28.64 67.54
CA VAL J 84 -8.00 -29.77 66.66
C VAL J 84 -7.04 -30.88 67.04
N SER J 85 -7.59 -31.99 67.51
CA SER J 85 -6.81 -33.11 67.99
C SER J 85 -6.06 -33.78 66.85
N PRO J 86 -4.94 -34.43 67.13
CA PRO J 86 -4.23 -35.17 66.08
C PRO J 86 -5.09 -36.21 65.39
N SER J 87 -5.92 -36.94 66.15
CA SER J 87 -6.78 -37.96 65.57
C SER J 87 -7.70 -37.38 64.50
N GLN J 88 -8.23 -36.18 64.74
CA GLN J 88 -9.06 -35.51 63.75
C GLN J 88 -8.26 -35.16 62.49
N ILE J 89 -6.99 -34.73 62.66
CA ILE J 89 -6.16 -34.39 61.51
C ILE J 89 -5.87 -35.63 60.68
N ARG J 90 -5.54 -36.75 61.32
CA ARG J 90 -5.25 -37.97 60.58
C ARG J 90 -6.49 -38.51 59.89
N ARG J 91 -7.66 -38.42 60.54
CA ARG J 91 -8.89 -38.97 59.98
C ARG J 91 -9.18 -38.40 58.60
N PHE J 92 -9.08 -37.08 58.46
CA PHE J 92 -9.43 -36.40 57.21
C PHE J 92 -8.21 -35.88 56.46
N ASN J 93 -7.01 -36.29 56.85
CA ASN J 93 -5.77 -35.86 56.19
C ASN J 93 -5.69 -34.34 56.11
N LEU J 94 -6.02 -33.68 57.22
CA LEU J 94 -5.98 -32.23 57.26
C LEU J 94 -4.54 -31.73 57.22
N ARG J 95 -4.36 -30.56 56.64
CA ARG J 95 -3.05 -29.91 56.61
C ARG J 95 -3.24 -28.41 56.78
N THR J 96 -2.17 -27.76 57.24
CA THR J 96 -2.20 -26.32 57.49
C THR J 96 -2.77 -25.57 56.29
N GLY J 97 -3.69 -24.65 56.57
CA GLY J 97 -4.39 -23.89 55.56
C GLY J 97 -5.84 -24.31 55.36
N ASP J 98 -6.21 -25.52 55.77
CA ASP J 98 -7.56 -26.03 55.56
C ASP J 98 -8.57 -25.23 56.38
N THR J 99 -9.49 -24.56 55.68
CA THR J 99 -10.62 -23.93 56.36
C THR J 99 -11.51 -25.00 56.97
N ILE J 100 -11.80 -24.88 58.27
CA ILE J 100 -12.55 -25.89 58.99
C ILE J 100 -13.74 -25.23 59.67
N SER J 101 -14.91 -25.89 59.58
CA SER J 101 -16.11 -25.51 60.31
C SER J 101 -16.67 -26.72 61.03
N GLY J 102 -17.04 -26.55 62.29
CA GLY J 102 -17.59 -27.67 63.04
C GLY J 102 -18.13 -27.28 64.40
N LYS J 103 -18.74 -28.28 65.05
CA LYS J 103 -19.28 -28.12 66.39
C LYS J 103 -18.14 -28.06 67.40
N ILE J 104 -18.30 -27.21 68.42
CA ILE J 104 -17.26 -26.96 69.41
C ILE J 104 -17.88 -26.95 70.81
N ARG J 105 -17.00 -27.08 71.80
CA ARG J 105 -17.38 -27.06 73.20
C ARG J 105 -16.46 -26.14 73.99
N PRO J 106 -16.98 -25.48 75.02
CA PRO J 106 -16.14 -24.63 75.85
C PRO J 106 -15.07 -25.47 76.55
N PRO J 107 -13.96 -24.83 76.94
CA PRO J 107 -12.88 -25.61 77.60
C PRO J 107 -13.32 -26.12 78.96
N LYS J 108 -12.96 -27.37 79.25
CA LYS J 108 -13.21 -27.97 80.55
C LYS J 108 -12.23 -27.43 81.59
N GLU J 109 -12.33 -27.96 82.81
CA GLU J 109 -11.42 -27.57 83.88
C GLU J 109 -10.00 -28.05 83.56
N GLY J 110 -9.04 -27.14 83.65
CA GLY J 110 -7.68 -27.42 83.24
C GLY J 110 -7.41 -27.23 81.77
N GLU J 111 -8.34 -26.64 81.03
CA GLU J 111 -8.18 -26.38 79.61
C GLU J 111 -8.32 -24.89 79.35
N ARG J 112 -7.73 -24.44 78.25
CA ARG J 112 -7.71 -23.01 77.93
C ARG J 112 -8.31 -22.69 76.58
N TYR J 113 -8.84 -23.67 75.86
CA TYR J 113 -9.26 -23.45 74.49
C TYR J 113 -10.54 -24.19 74.20
N PHE J 114 -11.31 -23.64 73.26
CA PHE J 114 -12.46 -24.36 72.70
C PHE J 114 -11.96 -25.55 71.89
N ALA J 115 -12.64 -26.69 72.05
CA ALA J 115 -12.28 -27.92 71.36
C ALA J 115 -13.28 -28.23 70.26
N LEU J 116 -12.80 -28.96 69.25
CA LEU J 116 -13.60 -29.34 68.10
C LEU J 116 -14.17 -30.73 68.32
N LEU J 117 -15.50 -30.82 68.33
CA LEU J 117 -16.16 -32.11 68.51
C LEU J 117 -16.24 -32.86 67.20
N LYS J 118 -16.84 -32.25 66.19
CA LYS J 118 -17.06 -32.87 64.89
C LYS J 118 -16.85 -31.83 63.82
N VAL J 119 -16.22 -32.23 62.72
CA VAL J 119 -15.91 -31.32 61.64
C VAL J 119 -17.01 -31.48 60.58
N ASN J 120 -17.79 -30.43 60.38
CA ASN J 120 -18.86 -30.47 59.39
C ASN J 120 -18.32 -30.19 57.99
N GLU J 121 -17.45 -29.19 57.85
CA GLU J 121 -17.04 -28.75 56.53
C GLU J 121 -15.54 -28.54 56.49
N VAL J 122 -14.90 -29.11 55.47
CA VAL J 122 -13.47 -28.96 55.21
C VAL J 122 -13.33 -28.32 53.83
N ASN J 123 -12.93 -27.05 53.80
CA ASN J 123 -12.77 -26.29 52.56
C ASN J 123 -14.09 -26.19 51.82
N PHE J 124 -15.15 -25.84 52.56
CA PHE J 124 -16.47 -25.61 51.98
C PHE J 124 -16.96 -26.83 51.23
N ASP J 125 -16.66 -28.01 51.77
CA ASP J 125 -16.99 -29.25 51.10
C ASP J 125 -17.12 -30.36 52.14
N LYS J 126 -17.56 -31.53 51.68
CA LYS J 126 -17.76 -32.66 52.56
C LYS J 126 -16.42 -33.16 53.09
N PRO J 127 -16.31 -33.44 54.39
CA PRO J 127 -15.01 -33.89 54.95
C PRO J 127 -14.46 -35.15 54.31
N GLU J 128 -15.32 -36.09 53.90
CA GLU J 128 -14.85 -37.33 53.29
C GLU J 128 -14.06 -37.05 52.02
N ASN J 129 -14.51 -36.09 51.21
CA ASN J 129 -13.84 -35.75 49.96
C ASN J 129 -12.43 -35.22 50.20
N ALA J 130 -12.15 -34.64 51.38
CA ALA J 130 -10.79 -34.16 51.65
C ALA J 130 -9.80 -35.30 51.88
N ARG J 131 -10.31 -36.45 52.35
CA ARG J 131 -9.50 -37.69 52.38
C ARG J 131 -9.05 -38.04 50.94
N ASN J 132 -9.94 -38.03 49.97
CA ASN J 132 -9.55 -38.40 48.62
C ASN J 132 -9.40 -37.16 47.76
N LYS J 133 -8.16 -36.81 47.45
CA LYS J 133 -7.90 -35.66 46.59
C LYS J 133 -6.46 -35.77 46.08
N ILE J 134 -6.16 -35.07 44.97
CA ILE J 134 -4.79 -35.00 44.46
C ILE J 134 -4.09 -33.80 45.08
N LEU J 135 -2.92 -34.02 45.66
CA LEU J 135 -2.23 -32.98 46.39
C LEU J 135 -1.69 -31.91 45.42
N PHE J 136 -1.46 -30.72 45.97
CA PHE J 136 -0.96 -29.61 45.17
C PHE J 136 0.40 -29.93 44.56
N GLU J 137 1.25 -30.66 45.29
CA GLU J 137 2.57 -31.01 44.78
C GLU J 137 2.49 -31.93 43.58
N ASN J 138 1.38 -32.63 43.39
CA ASN J 138 1.23 -33.62 42.33
C ASN J 138 0.39 -33.12 41.16
N LEU J 139 -0.19 -31.93 41.26
CA LEU J 139 -0.94 -31.37 40.15
C LEU J 139 -0.01 -31.07 38.98
N THR J 140 -0.46 -31.37 37.78
CA THR J 140 0.39 -31.21 36.60
C THR J 140 0.40 -29.75 36.17
N PRO J 141 1.56 -29.09 36.15
CA PRO J 141 1.59 -27.66 35.84
C PRO J 141 1.39 -27.41 34.35
N LEU J 142 0.95 -26.19 34.04
CA LEU J 142 0.78 -25.75 32.67
C LEU J 142 0.97 -24.24 32.58
N HIS J 143 1.23 -23.78 31.37
CA HIS J 143 1.16 -22.36 31.10
C HIS J 143 -0.30 -21.92 31.13
N ALA J 144 -0.51 -20.64 31.45
CA ALA J 144 -1.86 -20.11 31.58
C ALA J 144 -2.62 -20.27 30.27
N ASN J 145 -3.83 -20.83 30.36
CA ASN J 145 -4.73 -21.01 29.23
C ASN J 145 -5.83 -19.97 29.20
N SER J 146 -6.61 -19.86 30.27
CA SER J 146 -7.79 -19.02 30.28
C SER J 146 -7.39 -17.58 30.58
N ARG J 147 -7.75 -16.68 29.67
CA ARG J 147 -7.43 -15.27 29.83
C ARG J 147 -8.27 -14.65 30.94
N LEU J 148 -7.63 -13.84 31.78
CA LEU J 148 -8.30 -13.04 32.81
C LEU J 148 -8.26 -11.60 32.33
N ARG J 149 -9.28 -11.21 31.57
CA ARG J 149 -9.30 -9.88 30.98
C ARG J 149 -9.62 -8.84 32.06
N MET J 150 -8.81 -7.79 32.13
CA MET J 150 -8.99 -6.77 33.15
C MET J 150 -9.89 -5.63 32.71
N GLU J 151 -10.10 -5.45 31.41
CA GLU J 151 -10.80 -4.28 30.90
C GLU J 151 -12.27 -4.29 31.30
N ARG J 152 -12.67 -3.26 32.07
CA ARG J 152 -14.07 -3.09 32.42
C ARG J 152 -14.94 -2.91 31.19
N GLY J 153 -14.53 -2.01 30.29
CA GLY J 153 -15.34 -1.59 29.17
C GLY J 153 -16.35 -0.51 29.47
N ASN J 154 -16.46 -0.08 30.74
CA ASN J 154 -17.41 0.96 31.15
C ASN J 154 -16.99 2.38 30.74
N GLY J 155 -15.99 2.51 29.86
CA GLY J 155 -15.48 3.82 29.50
C GLY J 155 -14.94 4.63 30.66
N SER J 156 -14.57 3.97 31.75
CA SER J 156 -14.10 4.66 32.94
C SER J 156 -12.68 5.20 32.73
N THR J 157 -12.37 6.29 33.43
CA THR J 157 -11.02 6.84 33.36
C THR J 157 -10.04 5.95 34.12
N GLU J 158 -10.49 5.28 35.19
CA GLU J 158 -9.65 4.27 35.83
C GLU J 158 -9.41 3.09 34.88
N ASP J 159 -10.40 2.74 34.07
CA ASP J 159 -10.29 1.62 33.16
C ASP J 159 -9.09 1.73 32.22
N LEU J 160 -8.61 2.95 31.97
CA LEU J 160 -7.39 3.10 31.18
C LEU J 160 -6.30 2.16 31.68
N THR J 161 -6.03 2.16 32.99
CA THR J 161 -5.00 1.26 33.52
C THR J 161 -5.26 -0.17 33.12
N ALA J 162 -6.50 -0.63 33.25
CA ALA J 162 -6.78 -2.00 32.87
C ALA J 162 -6.53 -2.21 31.38
N ARG J 163 -6.99 -1.27 30.55
CA ARG J 163 -6.89 -1.47 29.11
C ARG J 163 -5.44 -1.59 28.68
N VAL J 164 -4.61 -0.60 29.03
CA VAL J 164 -3.19 -0.71 28.75
C VAL J 164 -2.64 -2.03 29.25
N LEU J 165 -3.01 -2.46 30.46
CA LEU J 165 -2.49 -3.72 30.96
C LEU J 165 -2.78 -4.83 29.96
N ASP J 166 -4.04 -4.95 29.54
CA ASP J 166 -4.41 -6.02 28.62
C ASP J 166 -3.55 -5.99 27.37
N LEU J 167 -3.16 -4.80 26.92
CA LEU J 167 -2.39 -4.74 25.69
C LEU J 167 -0.91 -5.00 25.94
N ALA J 168 -0.42 -4.65 27.12
CA ALA J 168 1.02 -4.70 27.32
C ALA J 168 1.45 -6.05 27.89
N SER J 169 0.66 -6.60 28.81
CA SER J 169 1.03 -7.83 29.50
C SER J 169 -0.25 -8.52 29.95
N PRO J 170 -0.83 -9.35 29.08
CA PRO J 170 -2.08 -10.05 29.46
C PRO J 170 -1.85 -10.95 30.68
N ILE J 171 -2.95 -11.22 31.39
CA ILE J 171 -2.92 -12.04 32.60
C ILE J 171 -3.89 -13.19 32.44
N GLY J 172 -3.39 -14.43 32.59
CA GLY J 172 -4.21 -15.62 32.58
C GLY J 172 -4.27 -16.28 33.96
N ARG J 173 -5.11 -17.32 34.03
CA ARG J 173 -5.28 -18.06 35.28
C ARG J 173 -4.07 -18.93 35.56
N GLY J 174 -3.46 -18.75 36.73
CA GLY J 174 -2.18 -19.37 37.04
C GLY J 174 -0.97 -18.53 36.73
N GLN J 175 -1.15 -17.26 36.36
CA GLN J 175 -0.03 -16.39 36.03
C GLN J 175 0.84 -16.14 37.26
N ARG J 176 2.12 -15.83 37.00
CA ARG J 176 3.12 -15.59 38.03
C ARG J 176 3.79 -14.27 37.67
N GLY J 177 3.12 -13.16 38.01
CA GLY J 177 3.45 -11.85 37.51
C GLY J 177 3.99 -10.89 38.56
N LEU J 178 4.56 -9.80 38.07
CA LEU J 178 5.22 -8.78 38.87
C LEU J 178 4.86 -7.39 38.35
N ILE J 179 4.46 -6.51 39.25
CA ILE J 179 4.31 -5.08 38.95
C ILE J 179 5.60 -4.44 39.43
N VAL J 180 6.57 -4.26 38.53
CA VAL J 180 7.90 -3.82 38.91
C VAL J 180 8.02 -2.33 38.68
N ALA J 181 8.51 -1.60 39.70
CA ALA J 181 8.69 -0.16 39.61
C ALA J 181 9.40 0.43 40.83
N PRO J 182 9.99 1.62 40.69
CA PRO J 182 10.58 2.31 41.84
C PRO J 182 9.50 2.82 42.77
N PRO J 183 9.85 3.21 44.00
CA PRO J 183 8.84 3.78 44.91
C PRO J 183 8.13 4.96 44.29
N LYS J 184 6.80 5.00 44.49
CA LYS J 184 5.91 6.08 44.08
C LYS J 184 5.65 6.10 42.58
N ALA J 185 5.81 4.96 41.90
CA ALA J 185 5.55 4.89 40.47
C ALA J 185 4.12 4.49 40.14
N GLY J 186 3.41 3.83 41.06
CA GLY J 186 2.01 3.52 40.85
C GLY J 186 1.69 2.05 41.03
N LYS J 187 2.59 1.31 41.69
CA LYS J 187 2.42 -0.13 41.79
C LYS J 187 1.17 -0.48 42.60
N THR J 188 1.03 0.10 43.79
CA THR J 188 -0.06 -0.25 44.68
C THR J 188 -1.41 0.08 44.05
N MET J 189 -1.58 1.32 43.58
CA MET J 189 -2.84 1.70 42.94
C MET J 189 -3.12 0.88 41.69
N LEU J 190 -2.07 0.44 40.98
CA LEU J 190 -2.29 -0.46 39.86
C LEU J 190 -2.79 -1.83 40.34
N LEU J 191 -2.26 -2.31 41.46
CA LEU J 191 -2.78 -3.54 42.05
C LEU J 191 -4.23 -3.39 42.50
N GLN J 192 -4.58 -2.21 43.03
CA GLN J 192 -5.97 -1.93 43.41
C GLN J 192 -6.89 -1.90 42.20
N ASN J 193 -6.42 -1.28 41.10
CA ASN J 193 -7.16 -1.30 39.84
C ASN J 193 -7.39 -2.74 39.37
N ILE J 194 -6.34 -3.57 39.45
CA ILE J 194 -6.49 -4.98 39.13
C ILE J 194 -7.53 -5.65 40.02
N ALA J 195 -7.49 -5.37 41.32
CA ALA J 195 -8.44 -5.98 42.25
C ALA J 195 -9.87 -5.63 41.88
N GLN J 196 -10.13 -4.35 41.58
CA GLN J 196 -11.47 -3.97 41.12
C GLN J 196 -11.86 -4.72 39.85
N SER J 197 -10.96 -4.79 38.87
CA SER J 197 -11.27 -5.50 37.63
C SER J 197 -11.58 -6.97 37.90
N ILE J 198 -10.89 -7.57 38.87
CA ILE J 198 -11.13 -8.98 39.19
C ILE J 198 -12.49 -9.15 39.84
N ALA J 199 -12.84 -8.25 40.76
CA ALA J 199 -14.13 -8.37 41.42
C ALA J 199 -15.27 -8.20 40.44
N TYR J 200 -15.12 -7.35 39.44
CA TYR J 200 -16.23 -7.14 38.51
C TYR J 200 -16.27 -8.19 37.40
N ASN J 201 -15.13 -8.44 36.75
CA ASN J 201 -15.10 -9.32 35.58
C ASN J 201 -14.98 -10.78 35.95
N HIS J 202 -14.44 -11.09 37.13
CA HIS J 202 -14.20 -12.48 37.53
C HIS J 202 -14.64 -12.69 38.97
N PRO J 203 -15.95 -12.52 39.26
CA PRO J 203 -16.43 -12.80 40.62
C PRO J 203 -16.31 -14.27 40.98
N ASP J 204 -16.12 -15.15 40.00
CA ASP J 204 -15.96 -16.58 40.27
C ASP J 204 -14.65 -16.87 40.98
N CYS J 205 -13.61 -16.08 40.71
CA CYS J 205 -12.31 -16.33 41.29
C CYS J 205 -12.29 -15.97 42.78
N VAL J 206 -11.50 -16.71 43.55
CA VAL J 206 -11.30 -16.50 44.98
C VAL J 206 -10.19 -15.47 45.14
N LEU J 207 -10.56 -14.23 45.46
CA LEU J 207 -9.59 -13.14 45.52
C LEU J 207 -9.07 -12.95 46.94
N MET J 208 -7.74 -12.98 47.08
CA MET J 208 -7.06 -12.69 48.34
C MET J 208 -6.00 -11.61 48.09
N VAL J 209 -5.90 -10.66 49.02
CA VAL J 209 -4.95 -9.54 48.92
C VAL J 209 -4.00 -9.61 50.13
N LEU J 210 -2.75 -9.99 49.87
CA LEU J 210 -1.74 -10.11 50.92
C LEU J 210 -0.86 -8.86 50.89
N LEU J 211 -0.83 -8.12 52.00
CA LEU J 211 -0.06 -6.89 52.15
C LEU J 211 1.06 -7.12 53.16
N ILE J 212 2.31 -7.03 52.69
CA ILE J 212 3.47 -7.34 53.51
C ILE J 212 4.35 -6.11 53.57
N ASP J 213 4.56 -5.61 54.79
CA ASP J 213 5.58 -4.59 55.09
C ASP J 213 5.31 -3.27 54.35
N GLU J 214 4.03 -2.94 54.19
CA GLU J 214 3.62 -1.74 53.50
C GLU J 214 2.79 -0.85 54.42
N ARG J 215 2.31 0.26 53.86
CA ARG J 215 1.72 1.33 54.66
C ARG J 215 0.42 0.89 55.30
N PRO J 216 0.16 1.29 56.55
CA PRO J 216 -1.06 0.81 57.23
C PRO J 216 -2.34 1.39 56.64
N GLU J 217 -2.30 2.64 56.17
CA GLU J 217 -3.50 3.22 55.60
C GLU J 217 -3.93 2.50 54.32
N GLU J 218 -2.98 1.90 53.59
CA GLU J 218 -3.31 1.10 52.43
C GLU J 218 -4.06 -0.17 52.79
N VAL J 219 -3.82 -0.72 53.98
CA VAL J 219 -4.58 -1.88 54.46
C VAL J 219 -6.06 -1.55 54.54
N THR J 220 -6.39 -0.49 55.28
CA THR J 220 -7.79 -0.13 55.41
C THR J 220 -8.36 0.35 54.07
N GLU J 221 -7.56 1.06 53.28
CA GLU J 221 -8.02 1.45 51.94
C GLU J 221 -8.37 0.23 51.09
N MET J 222 -7.60 -0.84 51.21
CA MET J 222 -7.81 -2.02 50.39
C MET J 222 -9.00 -2.85 50.88
N GLN J 223 -9.18 -2.96 52.20
CA GLN J 223 -10.26 -3.81 52.69
C GLN J 223 -11.63 -3.18 52.49
N ARG J 224 -11.68 -1.86 52.41
CA ARG J 224 -12.93 -1.18 52.10
C ARG J 224 -13.13 -0.97 50.61
N LEU J 225 -12.16 -1.34 49.79
CA LEU J 225 -12.23 -1.15 48.34
C LEU J 225 -12.45 -2.43 47.56
N VAL J 226 -11.75 -3.51 47.91
CA VAL J 226 -11.83 -4.75 47.13
C VAL J 226 -12.94 -5.63 47.68
N LYS J 227 -13.56 -6.40 46.78
CA LYS J 227 -14.59 -7.36 47.15
C LYS J 227 -13.89 -8.71 47.30
N GLY J 228 -13.19 -8.85 48.43
CA GLY J 228 -12.47 -10.08 48.69
C GLY J 228 -11.88 -10.05 50.09
N GLU J 229 -11.05 -11.04 50.37
CA GLU J 229 -10.39 -11.15 51.65
C GLU J 229 -9.05 -10.43 51.62
N VAL J 230 -8.75 -9.69 52.69
CA VAL J 230 -7.51 -8.92 52.81
C VAL J 230 -6.78 -9.36 54.08
N VAL J 231 -5.58 -9.90 53.90
CA VAL J 231 -4.68 -10.28 54.99
C VAL J 231 -3.47 -9.37 54.93
N ALA J 232 -3.12 -8.75 56.06
CA ALA J 232 -2.07 -7.74 56.08
C ALA J 232 -1.13 -7.94 57.27
N SER J 233 0.09 -7.37 57.12
CA SER J 233 1.17 -7.39 58.10
C SER J 233 2.05 -6.18 57.78
N THR J 234 1.61 -5.01 58.27
CA THR J 234 2.25 -3.74 57.92
C THR J 234 3.69 -3.63 58.35
N PHE J 235 4.33 -2.52 58.00
CA PHE J 235 5.72 -2.32 58.40
C PHE J 235 5.87 -2.09 59.89
N ASP J 236 4.77 -1.94 60.63
CA ASP J 236 4.83 -1.93 62.09
C ASP J 236 5.21 -3.29 62.65
N GLU J 237 5.16 -4.31 61.85
CA GLU J 237 5.35 -5.68 62.27
C GLU J 237 6.75 -6.18 61.92
N PRO J 238 7.26 -7.15 62.67
CA PRO J 238 8.59 -7.70 62.40
C PRO J 238 8.55 -8.65 61.21
N ALA J 239 9.75 -8.98 60.72
CA ALA J 239 9.87 -9.89 59.59
C ALA J 239 9.31 -11.27 59.93
N SER J 240 9.51 -11.71 61.18
CA SER J 240 9.00 -13.01 61.62
C SER J 240 7.52 -13.12 61.32
N ARG J 241 6.76 -12.08 61.67
CA ARG J 241 5.33 -12.10 61.44
C ARG J 241 4.99 -12.12 59.95
N HIS J 242 5.68 -11.30 59.15
CA HIS J 242 5.48 -11.31 57.71
C HIS J 242 5.58 -12.72 57.15
N VAL J 243 6.66 -13.43 57.50
CA VAL J 243 6.86 -14.78 56.99
C VAL J 243 5.70 -15.68 57.40
N GLN J 244 5.38 -15.71 58.70
CA GLN J 244 4.36 -16.68 59.14
C GLN J 244 3.01 -16.42 58.48
N VAL J 245 2.62 -15.15 58.40
CA VAL J 245 1.35 -14.78 57.77
C VAL J 245 1.33 -15.20 56.31
N ALA J 246 2.41 -14.88 55.57
CA ALA J 246 2.47 -15.25 54.16
C ALA J 246 2.39 -16.77 53.98
N GLU J 247 3.06 -17.53 54.84
CA GLU J 247 2.98 -18.98 54.76
C GLU J 247 1.55 -19.47 54.92
N MET J 248 0.84 -18.96 55.92
CA MET J 248 -0.57 -19.36 56.08
C MET J 248 -1.38 -19.06 54.84
N VAL J 249 -1.20 -17.85 54.26
CA VAL J 249 -2.03 -17.48 53.11
C VAL J 249 -1.72 -18.37 51.91
N ILE J 250 -0.43 -18.61 51.64
CA ILE J 250 -0.09 -19.43 50.48
C ILE J 250 -0.59 -20.87 50.65
N GLU J 251 -0.52 -21.43 51.86
CA GLU J 251 -1.02 -22.79 52.05
C GLU J 251 -2.54 -22.84 51.87
N LYS J 252 -3.25 -21.82 52.38
CA LYS J 252 -4.69 -21.75 52.16
C LYS J 252 -5.03 -21.72 50.67
N ALA J 253 -4.30 -20.92 49.89
CA ALA J 253 -4.49 -20.90 48.44
C ALA J 253 -4.27 -22.29 47.84
N LYS J 254 -3.19 -22.98 48.23
CA LYS J 254 -2.95 -24.32 47.70
C LYS J 254 -4.10 -25.27 48.00
N ARG J 255 -4.64 -25.23 49.22
CA ARG J 255 -5.78 -26.09 49.54
C ARG J 255 -6.97 -25.80 48.62
N LEU J 256 -7.33 -24.52 48.49
CA LEU J 256 -8.45 -24.20 47.60
C LEU J 256 -8.20 -24.68 46.17
N VAL J 257 -6.94 -24.62 45.71
CA VAL J 257 -6.63 -25.11 44.38
C VAL J 257 -6.78 -26.62 44.31
N GLU J 258 -6.42 -27.33 45.38
CA GLU J 258 -6.73 -28.76 45.45
C GLU J 258 -8.22 -29.01 45.30
N HIS J 259 -9.07 -28.05 45.66
CA HIS J 259 -10.49 -28.19 45.36
C HIS J 259 -10.89 -27.55 44.02
N LYS J 260 -9.98 -27.51 43.04
CA LYS J 260 -10.26 -27.05 41.67
C LYS J 260 -10.83 -25.63 41.66
N LYS J 261 -10.29 -24.77 42.52
CA LYS J 261 -10.68 -23.37 42.58
C LYS J 261 -9.64 -22.51 41.89
N ASP J 262 -10.09 -21.36 41.36
CA ASP J 262 -9.22 -20.38 40.72
C ASP J 262 -8.94 -19.27 41.74
N VAL J 263 -7.79 -19.37 42.43
CA VAL J 263 -7.38 -18.44 43.47
C VAL J 263 -6.46 -17.39 42.84
N ILE J 264 -6.59 -16.14 43.32
CA ILE J 264 -5.72 -15.03 42.91
C ILE J 264 -5.21 -14.33 44.17
N ILE J 265 -3.90 -14.13 44.24
CA ILE J 265 -3.26 -13.48 45.36
C ILE J 265 -2.56 -12.23 44.82
N LEU J 266 -3.02 -11.07 45.27
CA LEU J 266 -2.39 -9.79 44.96
C LEU J 266 -1.48 -9.44 46.14
N LEU J 267 -0.17 -9.56 45.92
CA LEU J 267 0.82 -9.39 46.98
C LEU J 267 1.55 -8.07 46.83
N ASP J 268 1.65 -7.32 47.93
CA ASP J 268 2.31 -6.01 47.95
C ASP J 268 2.90 -5.83 49.33
N SER J 269 4.23 -5.96 49.47
CA SER J 269 5.13 -6.16 48.34
C SER J 269 5.87 -7.49 48.46
N ILE J 270 6.17 -8.12 47.31
CA ILE J 270 6.92 -9.37 47.36
C ILE J 270 8.41 -9.12 47.56
N THR J 271 8.90 -7.95 47.16
CA THR J 271 10.28 -7.60 47.46
C THR J 271 10.49 -7.53 48.97
N ARG J 272 9.54 -6.92 49.69
CA ARG J 272 9.69 -6.82 51.13
C ARG J 272 9.50 -8.18 51.80
N LEU J 273 8.64 -9.05 51.24
CA LEU J 273 8.55 -10.41 51.73
C LEU J 273 9.87 -11.16 51.57
N ALA J 274 10.52 -10.99 50.42
CA ALA J 274 11.84 -11.58 50.22
C ALA J 274 12.84 -11.04 51.23
N ARG J 275 12.80 -9.73 51.51
CA ARG J 275 13.63 -9.16 52.57
C ARG J 275 13.38 -9.84 53.91
N ALA J 276 12.11 -10.06 54.26
CA ALA J 276 11.79 -10.72 55.53
C ALA J 276 12.42 -12.11 55.59
N TYR J 277 12.27 -12.89 54.52
CA TYR J 277 12.94 -14.19 54.47
C TYR J 277 14.45 -14.04 54.67
N ASN J 278 15.07 -13.07 54.01
CA ASN J 278 16.50 -12.84 54.21
C ASN J 278 16.82 -12.46 55.66
N THR J 279 15.87 -11.87 56.39
CA THR J 279 16.06 -11.52 57.79
C THR J 279 16.04 -12.74 58.70
N VAL J 280 15.16 -13.69 58.43
CA VAL J 280 15.06 -14.85 59.32
C VAL J 280 15.86 -16.07 58.83
N VAL J 281 16.47 -15.99 57.65
CA VAL J 281 17.14 -17.17 57.10
C VAL J 281 18.41 -17.47 57.90
N PRO J 282 18.75 -18.74 58.14
CA PRO J 282 20.02 -19.03 58.81
C PRO J 282 21.20 -18.63 57.93
N ALA J 283 22.16 -17.94 58.54
CA ALA J 283 23.37 -17.54 57.83
C ALA J 283 24.08 -18.77 57.27
N SER J 284 24.46 -18.69 55.99
CA SER J 284 25.13 -19.78 55.29
C SER J 284 26.63 -19.55 55.17
N GLY J 285 27.14 -18.42 55.65
CA GLY J 285 28.51 -18.06 55.37
C GLY J 285 28.77 -17.61 53.94
N LYS J 286 27.73 -17.45 53.12
CA LYS J 286 27.86 -16.97 51.75
C LYS J 286 26.80 -15.90 51.52
N VAL J 287 27.20 -14.75 51.00
CA VAL J 287 26.28 -13.64 50.86
C VAL J 287 26.43 -13.06 49.46
N LEU J 288 25.31 -12.97 48.76
CA LEU J 288 25.24 -12.45 47.41
C LEU J 288 25.39 -10.93 47.42
N THR J 289 25.62 -10.38 46.23
CA THR J 289 25.66 -8.93 46.03
C THR J 289 24.39 -8.28 46.55
N GLY J 290 24.57 -7.18 47.32
CA GLY J 290 23.47 -6.47 47.92
C GLY J 290 23.12 -6.88 49.34
N GLY J 291 23.81 -7.85 49.93
CA GLY J 291 23.50 -8.29 51.27
C GLY J 291 22.43 -9.35 51.38
N VAL J 292 22.25 -10.19 50.36
CA VAL J 292 21.27 -11.26 50.36
C VAL J 292 22.00 -12.58 50.58
N ASP J 293 21.58 -13.32 51.60
CA ASP J 293 22.18 -14.63 51.86
C ASP J 293 21.99 -15.56 50.68
N ALA J 294 23.03 -16.38 50.41
CA ALA J 294 23.01 -17.27 49.25
C ALA J 294 21.83 -18.25 49.29
N ASN J 295 21.28 -18.55 50.46
CA ASN J 295 20.17 -19.48 50.61
C ASN J 295 18.86 -18.77 50.95
N ALA J 296 18.85 -17.45 50.88
CA ALA J 296 17.69 -16.72 51.37
C ALA J 296 16.53 -16.73 50.39
N LEU J 297 16.83 -16.77 49.09
CA LEU J 297 15.80 -16.61 48.08
C LEU J 297 15.12 -17.93 47.69
N HIS J 298 15.55 -19.05 48.26
CA HIS J 298 14.90 -20.33 47.95
C HIS J 298 13.44 -20.33 48.42
N ARG J 299 13.20 -19.98 49.69
CA ARG J 299 11.84 -19.87 50.21
C ARG J 299 10.97 -18.88 49.46
N PRO J 300 11.34 -17.60 49.30
CA PRO J 300 10.49 -16.68 48.55
C PRO J 300 10.30 -17.12 47.11
N LYS J 301 11.30 -17.78 46.53
CA LYS J 301 11.16 -18.31 45.19
C LYS J 301 10.09 -19.40 45.14
N ARG J 302 10.07 -20.30 46.14
CA ARG J 302 9.00 -21.29 46.16
C ARG J 302 7.64 -20.65 46.40
N PHE J 303 7.59 -19.58 47.20
CA PHE J 303 6.34 -18.86 47.43
C PHE J 303 5.80 -18.27 46.12
N PHE J 304 6.62 -17.51 45.42
CA PHE J 304 6.18 -16.96 44.14
C PHE J 304 5.88 -18.08 43.15
N GLY J 305 6.73 -19.10 43.08
CA GLY J 305 6.52 -20.22 42.18
C GLY J 305 5.32 -21.09 42.50
N ALA J 306 4.69 -20.93 43.66
CA ALA J 306 3.43 -21.61 43.93
C ALA J 306 2.43 -21.35 42.81
N ALA J 307 2.31 -20.09 42.39
CA ALA J 307 1.38 -19.73 41.32
C ALA J 307 1.61 -20.60 40.10
N ARG J 308 0.53 -21.20 39.60
CA ARG J 308 0.64 -22.12 38.48
C ARG J 308 -0.75 -22.46 37.97
N ASN J 309 -0.80 -22.88 36.71
CA ASN J 309 -2.02 -23.40 36.11
C ASN J 309 -2.04 -24.91 36.25
N VAL J 310 -3.19 -25.45 36.63
CA VAL J 310 -3.36 -26.87 36.88
C VAL J 310 -4.24 -27.45 35.78
N GLU J 311 -3.78 -28.55 35.19
CA GLU J 311 -4.57 -29.27 34.20
C GLU J 311 -5.78 -29.96 34.83
N GLU J 312 -5.63 -30.47 36.07
CA GLU J 312 -6.72 -31.19 36.71
C GLU J 312 -7.92 -30.29 37.00
N GLY J 313 -7.68 -29.01 37.31
CA GLY J 313 -8.77 -28.10 37.57
C GLY J 313 -8.39 -26.98 38.52
N GLY J 314 -8.76 -25.76 38.20
CA GLY J 314 -8.39 -24.61 39.01
C GLY J 314 -7.01 -24.08 38.69
N SER J 315 -6.60 -23.07 39.47
CA SER J 315 -5.32 -22.42 39.24
C SER J 315 -5.00 -21.54 40.44
N LEU J 316 -3.73 -21.14 40.54
CA LEU J 316 -3.25 -20.17 41.52
C LEU J 316 -2.51 -19.07 40.77
N THR J 317 -3.08 -17.87 40.77
CA THR J 317 -2.48 -16.68 40.20
C THR J 317 -1.86 -15.84 41.30
N ILE J 318 -0.71 -15.24 41.02
CA ILE J 318 -0.07 -14.34 41.98
C ILE J 318 0.43 -13.13 41.21
N ILE J 319 -0.13 -11.96 41.52
CA ILE J 319 0.35 -10.69 40.99
C ILE J 319 0.95 -9.94 42.17
N ALA J 320 2.27 -9.81 42.19
CA ALA J 320 2.98 -9.19 43.30
C ALA J 320 3.79 -8.00 42.80
N THR J 321 3.94 -7.00 43.66
CA THR J 321 4.71 -5.81 43.33
C THR J 321 6.16 -5.99 43.75
N ALA J 322 7.08 -5.43 42.95
CA ALA J 322 8.51 -5.48 43.22
C ALA J 322 9.11 -4.09 43.06
N LEU J 323 10.23 -3.88 43.74
CA LEU J 323 10.91 -2.59 43.78
C LEU J 323 12.19 -2.65 42.96
N ILE J 324 12.51 -1.55 42.30
CA ILE J 324 13.77 -1.39 41.57
C ILE J 324 14.26 0.06 41.73
N ASP J 325 15.53 0.27 41.34
CA ASP J 325 16.16 1.59 41.37
C ASP J 325 16.04 2.23 42.76
N THR J 326 16.17 1.40 43.79
CA THR J 326 16.16 1.86 45.17
C THR J 326 17.54 2.28 45.67
N GLY J 327 18.58 2.20 44.83
CA GLY J 327 19.93 2.39 45.28
C GLY J 327 20.54 1.21 46.03
N SER J 328 19.72 0.21 46.39
CA SER J 328 20.17 -0.98 47.11
C SER J 328 20.18 -2.15 46.13
N LYS J 329 21.38 -2.67 45.85
CA LYS J 329 21.52 -3.75 44.87
C LYS J 329 20.68 -4.97 45.23
N MET J 330 20.44 -5.18 46.53
CA MET J 330 19.63 -6.29 47.00
C MET J 330 18.31 -6.40 46.24
N ASP J 331 17.67 -5.26 46.00
CA ASP J 331 16.37 -5.28 45.32
C ASP J 331 16.50 -5.63 43.84
N GLU J 332 17.58 -5.20 43.19
CA GLU J 332 17.85 -5.67 41.83
C GLU J 332 18.01 -7.19 41.79
N VAL J 333 18.76 -7.75 42.75
CA VAL J 333 18.91 -9.21 42.83
C VAL J 333 17.56 -9.89 43.01
N ILE J 334 16.78 -9.42 43.98
CA ILE J 334 15.47 -10.03 44.24
C ILE J 334 14.59 -9.93 43.00
N TYR J 335 14.56 -8.76 42.36
CA TYR J 335 13.71 -8.57 41.20
C TYR J 335 14.13 -9.47 40.04
N GLU J 336 15.42 -9.54 39.75
CA GLU J 336 15.87 -10.37 38.65
C GLU J 336 15.67 -11.86 38.95
N GLU J 337 15.80 -12.26 40.22
CA GLU J 337 15.53 -13.63 40.60
C GLU J 337 14.06 -13.98 40.41
N PHE J 338 13.17 -13.07 40.78
CA PHE J 338 11.75 -13.32 40.58
C PHE J 338 11.36 -13.29 39.10
N LYS J 339 12.08 -12.52 38.29
CA LYS J 339 11.78 -12.48 36.86
C LYS J 339 12.05 -13.83 36.20
N GLY J 340 13.15 -14.48 36.58
CA GLY J 340 13.49 -15.83 36.17
C GLY J 340 12.69 -16.92 36.82
N THR J 341 11.76 -16.56 37.70
CA THR J 341 10.76 -17.46 38.27
C THR J 341 9.39 -17.28 37.65
N GLY J 342 8.95 -16.05 37.43
CA GLY J 342 7.63 -15.79 36.91
C GLY J 342 7.58 -15.73 35.39
N ASN J 343 6.48 -15.15 34.89
CA ASN J 343 6.18 -15.18 33.46
C ASN J 343 5.35 -13.98 33.01
N MET J 344 5.46 -12.85 33.73
CA MET J 344 4.71 -11.64 33.41
C MET J 344 5.27 -10.48 34.23
N GLU J 345 5.59 -9.37 33.59
CA GLU J 345 6.07 -8.19 34.30
C GLU J 345 5.44 -6.96 33.68
N LEU J 346 4.81 -6.15 34.50
CA LEU J 346 4.31 -4.84 34.12
C LEU J 346 5.22 -3.82 34.79
N HIS J 347 6.04 -3.15 33.99
CA HIS J 347 6.95 -2.15 34.52
C HIS J 347 6.27 -0.79 34.57
N LEU J 348 6.56 -0.05 35.63
CA LEU J 348 6.12 1.33 35.77
C LEU J 348 7.34 2.23 35.93
N SER J 349 7.29 3.38 35.27
CA SER J 349 8.45 4.26 35.17
C SER J 349 8.31 5.46 36.08
N ARG J 350 9.35 5.74 36.86
CA ARG J 350 9.39 6.96 37.66
C ARG J 350 9.41 8.20 36.79
N LYS J 351 10.07 8.13 35.63
CA LYS J 351 10.12 9.26 34.72
C LYS J 351 8.74 9.65 34.23
N ILE J 352 7.92 8.66 33.86
CA ILE J 352 6.55 8.93 33.44
C ILE J 352 5.71 9.44 34.61
N ALA J 353 5.92 8.86 35.80
CA ALA J 353 5.11 9.22 36.96
C ALA J 353 5.39 10.65 37.44
N GLU J 354 6.63 11.12 37.29
CA GLU J 354 6.96 12.50 37.67
C GLU J 354 6.32 13.54 36.77
N LYS J 355 6.02 13.20 35.51
CA LYS J 355 5.25 14.04 34.63
C LYS J 355 3.74 13.92 34.87
N ARG J 356 3.34 13.16 35.89
CA ARG J 356 1.92 12.95 36.23
C ARG J 356 1.15 12.36 35.05
N VAL J 357 1.76 11.40 34.37
CA VAL J 357 1.14 10.65 33.29
C VAL J 357 0.82 9.27 33.83
N PHE J 358 -0.46 8.95 33.96
CA PHE J 358 -0.87 7.67 34.52
C PHE J 358 -1.84 6.96 33.60
N PRO J 359 -1.74 5.62 33.49
CA PRO J 359 -0.75 4.80 34.20
C PRO J 359 0.65 4.96 33.63
N ALA J 360 1.63 5.06 34.52
CA ALA J 360 3.03 5.29 34.12
C ALA J 360 3.67 3.94 33.77
N ILE J 361 3.27 3.40 32.62
CA ILE J 361 3.66 2.05 32.21
C ILE J 361 4.80 2.13 31.21
N ASP J 362 5.90 1.43 31.51
CA ASP J 362 7.01 1.25 30.57
C ASP J 362 6.60 0.12 29.63
N TYR J 363 6.16 0.49 28.43
CA TYR J 363 5.55 -0.48 27.53
C TYR J 363 6.57 -1.50 27.05
N ASN J 364 7.74 -1.04 26.57
CA ASN J 364 8.71 -1.95 25.98
C ASN J 364 9.18 -3.00 26.97
N ARG J 365 9.39 -2.62 28.24
CA ARG J 365 9.92 -3.55 29.22
C ARG J 365 8.85 -4.52 29.72
N SER J 366 7.58 -4.13 29.69
CA SER J 366 6.50 -4.99 30.12
C SER J 366 6.31 -6.15 29.14
N GLY J 367 5.52 -7.13 29.53
CA GLY J 367 5.23 -8.25 28.66
C GLY J 367 4.86 -9.49 29.44
N THR J 368 4.34 -10.48 28.72
CA THR J 368 3.92 -11.76 29.26
C THR J 368 4.48 -12.87 28.37
N ARG J 369 4.92 -13.95 29.01
CA ARG J 369 5.39 -15.12 28.28
C ARG J 369 4.22 -15.93 27.75
N LYS J 370 4.42 -16.52 26.57
CA LYS J 370 3.42 -17.38 25.94
C LYS J 370 2.07 -16.67 25.86
N GLU J 371 2.10 -15.38 25.52
CA GLU J 371 0.87 -14.60 25.45
C GLU J 371 -0.07 -15.09 24.35
N GLU J 372 0.40 -15.93 23.43
CA GLU J 372 -0.48 -16.51 22.43
C GLU J 372 -1.49 -17.48 23.02
N LEU J 373 -1.22 -18.03 24.21
CA LEU J 373 -2.17 -18.90 24.90
C LEU J 373 -3.26 -18.12 25.62
N LEU J 374 -3.17 -16.80 25.66
CA LEU J 374 -4.14 -15.96 26.36
C LEU J 374 -4.87 -14.99 25.44
N THR J 375 -4.63 -15.06 24.13
CA THR J 375 -5.17 -14.08 23.19
C THR J 375 -5.70 -14.79 21.96
N THR J 376 -6.67 -14.17 21.30
CA THR J 376 -7.11 -14.64 19.99
C THR J 376 -6.03 -14.34 18.96
N GLN J 377 -6.16 -14.99 17.79
CA GLN J 377 -5.15 -14.86 16.75
C GLN J 377 -5.02 -13.41 16.31
N GLU J 378 -6.14 -12.76 16.00
CA GLU J 378 -6.11 -11.37 15.56
C GLU J 378 -5.79 -10.41 16.70
N GLU J 379 -6.24 -10.69 17.93
CA GLU J 379 -5.85 -9.84 19.06
C GLU J 379 -4.34 -9.82 19.22
N LEU J 380 -3.70 -10.98 19.14
CA LEU J 380 -2.25 -11.04 19.20
C LEU J 380 -1.60 -10.30 18.04
N GLN J 381 -2.13 -10.46 16.81
CA GLN J 381 -1.53 -9.72 15.70
C GLN J 381 -1.64 -8.20 15.90
N LYS J 382 -2.77 -7.72 16.40
CA LYS J 382 -2.95 -6.29 16.66
C LYS J 382 -2.01 -5.80 17.78
N MET J 383 -1.88 -6.55 18.87
CA MET J 383 -0.93 -6.18 19.92
C MET J 383 0.51 -6.16 19.40
N TRP J 384 0.87 -7.11 18.53
CA TRP J 384 2.22 -7.17 17.98
C TRP J 384 2.53 -5.92 17.16
N ILE J 385 1.62 -5.53 16.26
CA ILE J 385 1.77 -4.25 15.56
C ILE J 385 1.95 -3.12 16.53
N LEU J 386 1.03 -3.02 17.48
CA LEU J 386 1.04 -1.90 18.38
C LEU J 386 2.38 -1.78 19.07
N ARG J 387 2.98 -2.92 19.43
CA ARG J 387 4.30 -2.87 20.04
C ARG J 387 5.37 -2.40 19.06
N LYS J 388 5.31 -2.88 17.82
CA LYS J 388 6.29 -2.39 16.84
C LYS J 388 6.18 -0.87 16.66
N ILE J 389 4.96 -0.31 16.77
CA ILE J 389 4.80 1.12 16.61
C ILE J 389 5.29 1.87 17.85
N ILE J 390 5.02 1.34 19.04
CA ILE J 390 5.38 2.04 20.27
C ILE J 390 6.88 1.95 20.60
N HIS J 391 7.55 0.88 20.20
CA HIS J 391 8.96 0.69 20.55
C HIS J 391 9.85 1.88 20.25
N PRO J 392 9.83 2.50 19.07
CA PRO J 392 10.77 3.61 18.83
C PRO J 392 10.53 4.82 19.71
N MET J 393 9.36 4.94 20.31
CA MET J 393 9.02 6.10 21.12
C MET J 393 9.74 6.04 22.47
N GLY J 394 9.88 7.21 23.10
CA GLY J 394 10.35 7.25 24.46
C GLY J 394 9.31 6.75 25.44
N GLU J 395 9.74 6.50 26.67
CA GLU J 395 8.83 6.01 27.70
C GLU J 395 7.60 6.92 27.80
N ILE J 396 7.83 8.21 28.06
CA ILE J 396 6.75 9.17 28.25
C ILE J 396 5.93 9.33 26.97
N ASP J 397 6.60 9.56 25.83
CA ASP J 397 5.89 9.70 24.56
C ASP J 397 5.02 8.49 24.28
N ALA J 398 5.53 7.29 24.55
CA ALA J 398 4.74 6.08 24.36
C ALA J 398 3.46 6.13 25.17
N MET J 399 3.54 6.44 26.47
CA MET J 399 2.28 6.43 27.23
C MET J 399 1.35 7.56 26.79
N GLU J 400 1.86 8.76 26.56
CA GLU J 400 0.96 9.84 26.17
C GLU J 400 0.21 9.48 24.90
N PHE J 401 0.93 8.97 23.91
CA PHE J 401 0.36 8.52 22.66
C PHE J 401 -0.74 7.46 22.88
N LEU J 402 -0.40 6.38 23.58
CA LEU J 402 -1.34 5.29 23.73
C LEU J 402 -2.57 5.71 24.52
N ILE J 403 -2.41 6.51 25.58
CA ILE J 403 -3.55 6.91 26.38
C ILE J 403 -4.45 7.85 25.59
N ASN J 404 -3.87 8.80 24.85
CA ASN J 404 -4.73 9.66 24.02
C ASN J 404 -5.51 8.85 23.00
N LYS J 405 -4.88 7.81 22.44
CA LYS J 405 -5.61 7.03 21.44
C LYS J 405 -6.68 6.16 22.07
N LEU J 406 -6.39 5.55 23.22
CA LEU J 406 -7.39 4.72 23.88
C LEU J 406 -8.54 5.54 24.43
N ALA J 407 -8.27 6.75 24.91
CA ALA J 407 -9.32 7.61 25.46
C ALA J 407 -10.37 7.97 24.42
N MET J 408 -10.06 7.84 23.14
CA MET J 408 -11.03 8.10 22.08
C MET J 408 -12.15 7.08 22.02
N THR J 409 -11.94 5.86 22.55
CA THR J 409 -12.92 4.79 22.48
C THR J 409 -13.18 4.22 23.87
N LYS J 410 -14.26 3.46 23.99
CA LYS J 410 -14.62 2.85 25.26
C LYS J 410 -13.84 1.55 25.50
N THR J 411 -13.70 0.73 24.46
CA THR J 411 -13.09 -0.57 24.59
C THR J 411 -11.88 -0.71 23.66
N ASN J 412 -11.01 -1.66 23.99
CA ASN J 412 -9.87 -1.96 23.14
C ASN J 412 -10.29 -2.53 21.79
N ASP J 413 -11.43 -3.23 21.74
CA ASP J 413 -11.93 -3.77 20.48
C ASP J 413 -12.23 -2.66 19.48
N ASP J 414 -12.96 -1.63 19.92
CA ASP J 414 -13.22 -0.47 19.06
C ASP J 414 -11.92 0.24 18.68
N PHE J 415 -10.96 0.32 19.60
CA PHE J 415 -9.65 0.90 19.29
C PHE J 415 -8.95 0.13 18.17
N PHE J 416 -8.96 -1.22 18.26
CA PHE J 416 -8.43 -2.06 17.19
C PHE J 416 -9.15 -1.80 15.87
N GLU J 417 -10.48 -1.72 15.90
CA GLU J 417 -11.22 -1.41 14.68
C GLU J 417 -10.82 -0.04 14.11
N MET J 418 -10.48 0.91 14.99
CA MET J 418 -9.94 2.19 14.52
C MET J 418 -8.58 2.00 13.85
N MET J 419 -7.74 1.11 14.38
CA MET J 419 -6.43 0.89 13.76
C MET J 419 -6.55 0.57 12.26
N LYS J 420 -7.66 -0.03 11.84
CA LYS J 420 -7.85 -0.41 10.44
C LYS J 420 -8.14 0.77 9.52
N MET K 4 -62.67 30.21 5.20
CA MET K 4 -61.36 29.69 5.57
C MET K 4 -60.99 28.50 4.70
N ASN K 5 -60.28 28.75 3.60
CA ASN K 5 -59.96 27.72 2.63
C ASN K 5 -58.45 27.62 2.44
N LEU K 6 -57.96 26.40 2.21
CA LEU K 6 -56.53 26.18 2.11
C LEU K 6 -55.94 26.85 0.88
N THR K 7 -56.48 26.55 -0.31
CA THR K 7 -55.93 27.15 -1.53
C THR K 7 -56.11 28.66 -1.55
N GLU K 8 -57.18 29.17 -0.93
CA GLU K 8 -57.34 30.61 -0.82
C GLU K 8 -56.23 31.23 0.02
N LEU K 9 -55.80 30.54 1.09
CA LEU K 9 -54.66 31.00 1.87
C LEU K 9 -53.35 30.87 1.09
N LYS K 10 -53.22 29.81 0.28
CA LYS K 10 -52.02 29.67 -0.54
C LYS K 10 -51.94 30.76 -1.60
N ASN K 11 -53.08 31.28 -2.07
CA ASN K 11 -53.07 32.32 -3.09
C ASN K 11 -52.72 33.68 -2.50
N THR K 12 -53.22 33.99 -1.29
CA THR K 12 -53.00 35.31 -0.73
C THR K 12 -51.51 35.55 -0.47
N PRO K 13 -51.02 36.77 -0.63
CA PRO K 13 -49.60 37.05 -0.39
C PRO K 13 -49.23 36.81 1.07
N VAL K 14 -47.92 36.67 1.31
CA VAL K 14 -47.43 36.37 2.65
C VAL K 14 -47.71 37.53 3.60
N SER K 15 -47.68 38.77 3.09
CA SER K 15 -47.89 39.92 3.96
C SER K 15 -49.27 39.87 4.61
N GLU K 16 -50.30 39.67 3.81
CA GLU K 16 -51.66 39.56 4.33
C GLU K 16 -51.80 38.35 5.26
N LEU K 17 -51.10 37.25 4.96
CA LEU K 17 -51.15 36.07 5.83
C LEU K 17 -50.53 36.35 7.20
N ILE K 18 -49.37 37.02 7.23
CA ILE K 18 -48.74 37.34 8.52
C ILE K 18 -49.62 38.28 9.32
N THR K 19 -50.17 39.32 8.68
CA THR K 19 -51.07 40.20 9.41
C THR K 19 -52.28 39.44 9.95
N LEU K 20 -52.91 38.63 9.10
CA LEU K 20 -54.06 37.85 9.51
C LEU K 20 -53.72 36.89 10.66
N GLY K 21 -52.52 36.32 10.66
CA GLY K 21 -52.15 35.39 11.71
C GLY K 21 -51.83 36.07 13.03
N GLU K 22 -51.20 37.24 12.94
CA GLU K 22 -50.97 38.02 14.15
C GLU K 22 -52.28 38.49 14.76
N ASN K 23 -53.31 38.74 13.94
CA ASN K 23 -54.61 39.11 14.50
C ASN K 23 -55.18 37.98 15.35
N MET K 24 -54.95 36.72 14.96
CA MET K 24 -55.43 35.57 15.71
C MET K 24 -54.61 35.40 17.00
N ARG K 33 -41.35 29.87 7.19
CA ARG K 33 -41.73 29.83 5.80
C ARG K 33 -43.23 30.03 5.63
N LYS K 34 -43.64 30.50 4.45
CA LYS K 34 -45.05 30.77 4.19
C LYS K 34 -45.92 29.55 4.45
N GLN K 35 -45.47 28.36 3.98
CA GLN K 35 -46.21 27.13 4.23
C GLN K 35 -46.52 26.96 5.71
N ASP K 36 -45.57 27.31 6.59
CA ASP K 36 -45.80 27.22 8.03
C ASP K 36 -46.80 28.25 8.52
N ILE K 37 -46.75 29.48 7.98
CA ILE K 37 -47.76 30.47 8.35
C ILE K 37 -49.16 29.91 8.07
N ILE K 38 -49.36 29.34 6.88
CA ILE K 38 -50.67 28.78 6.56
C ILE K 38 -51.03 27.65 7.50
N PHE K 39 -50.08 26.74 7.77
CA PHE K 39 -50.37 25.61 8.64
C PHE K 39 -50.79 26.06 10.04
N ALA K 40 -50.02 26.98 10.63
CA ALA K 40 -50.33 27.46 11.97
C ALA K 40 -51.67 28.20 12.01
N ILE K 41 -51.95 29.00 10.98
CA ILE K 41 -53.22 29.72 10.91
C ILE K 41 -54.40 28.73 10.85
N LEU K 42 -54.28 27.71 9.99
CA LEU K 42 -55.31 26.69 9.88
C LEU K 42 -55.54 25.96 11.21
N LYS K 43 -54.45 25.56 11.88
CA LYS K 43 -54.59 24.89 13.18
C LYS K 43 -55.30 25.79 14.19
N GLN K 44 -54.87 27.05 14.30
CA GLN K 44 -55.51 27.96 15.25
C GLN K 44 -57.00 28.11 14.97
N HIS K 45 -57.37 28.23 13.69
CA HIS K 45 -58.80 28.28 13.37
C HIS K 45 -59.51 26.98 13.75
N ALA K 46 -58.84 25.83 13.62
CA ALA K 46 -59.45 24.56 14.04
C ALA K 46 -59.66 24.53 15.55
N LYS K 47 -58.75 25.12 16.33
CA LYS K 47 -58.92 25.16 17.78
C LYS K 47 -60.20 25.88 18.18
N SER K 48 -60.54 26.96 17.46
CA SER K 48 -61.76 27.69 17.77
C SER K 48 -63.03 26.86 17.56
N GLY K 49 -62.94 25.69 16.93
CA GLY K 49 -64.10 24.92 16.56
C GLY K 49 -64.70 25.29 15.22
N GLU K 50 -64.28 26.41 14.63
CA GLU K 50 -64.74 26.79 13.30
C GLU K 50 -64.24 25.82 12.25
N ASP K 51 -64.98 25.73 11.14
CA ASP K 51 -64.67 24.77 10.09
C ASP K 51 -63.50 25.25 9.23
N ILE K 52 -62.83 24.28 8.59
CA ILE K 52 -61.75 24.51 7.63
C ILE K 52 -62.16 23.87 6.32
N PHE K 53 -61.68 24.44 5.21
CA PHE K 53 -62.04 23.95 3.89
C PHE K 53 -60.83 23.81 2.99
N GLY K 54 -60.92 22.87 2.07
CA GLY K 54 -59.89 22.62 1.08
C GLY K 54 -60.50 22.05 -0.19
N ASP K 55 -59.64 21.88 -1.20
CA ASP K 55 -60.09 21.43 -2.51
C ASP K 55 -58.90 21.03 -3.38
N GLY K 56 -59.22 20.31 -4.44
CA GLY K 56 -58.24 19.89 -5.43
C GLY K 56 -58.76 18.76 -6.29
N VAL K 57 -57.95 18.37 -7.28
CA VAL K 57 -58.34 17.30 -8.19
C VAL K 57 -57.89 15.96 -7.62
N LEU K 58 -58.79 14.98 -7.66
CA LEU K 58 -58.52 13.69 -7.05
C LEU K 58 -57.55 12.86 -7.87
N GLU K 59 -56.66 12.16 -7.19
CA GLU K 59 -55.80 11.15 -7.79
C GLU K 59 -55.82 9.94 -6.87
N ILE K 60 -56.35 8.83 -7.37
CA ILE K 60 -56.49 7.60 -6.60
C ILE K 60 -55.23 6.76 -6.77
N LEU K 61 -54.62 6.41 -5.65
CA LEU K 61 -53.43 5.57 -5.64
C LEU K 61 -53.81 4.10 -5.77
N GLN K 62 -52.79 3.25 -5.90
CA GLN K 62 -53.04 1.83 -6.15
C GLN K 62 -53.65 1.15 -4.93
N ASP K 63 -53.40 1.68 -3.74
CA ASP K 63 -53.89 1.03 -2.52
C ASP K 63 -55.38 1.23 -2.28
N GLY K 64 -56.04 2.13 -3.01
CA GLY K 64 -57.45 2.38 -2.86
C GLY K 64 -57.81 3.73 -2.26
N PHE K 65 -56.85 4.42 -1.65
CA PHE K 65 -57.04 5.78 -1.16
C PHE K 65 -56.46 6.78 -2.16
N GLY K 66 -56.79 8.06 -1.97
CA GLY K 66 -56.37 9.08 -2.92
C GLY K 66 -55.97 10.37 -2.23
N PHE K 67 -55.50 11.30 -3.05
CA PHE K 67 -55.18 12.64 -2.59
C PHE K 67 -55.76 13.68 -3.54
N LEU K 68 -55.96 14.88 -3.02
CA LEU K 68 -56.45 16.01 -3.80
C LEU K 68 -55.24 16.86 -4.18
N ARG K 69 -54.69 16.60 -5.36
CA ARG K 69 -53.59 17.41 -5.88
C ARG K 69 -54.07 18.83 -6.18
N SER K 70 -53.10 19.74 -6.21
CA SER K 70 -53.37 21.16 -6.39
C SER K 70 -52.74 21.67 -7.69
N ALA K 71 -53.36 22.71 -8.25
CA ALA K 71 -52.92 23.26 -9.52
C ALA K 71 -51.54 23.91 -9.42
N ASP K 72 -51.21 24.48 -8.26
CA ASP K 72 -49.89 25.10 -8.08
C ASP K 72 -48.76 24.08 -8.09
N SER K 73 -49.06 22.79 -8.00
CA SER K 73 -48.07 21.73 -8.17
C SER K 73 -48.26 20.98 -9.48
N SER K 74 -48.98 21.58 -10.44
CA SER K 74 -49.30 20.95 -11.72
C SER K 74 -50.02 19.61 -11.54
N TYR K 75 -50.78 19.50 -10.46
CA TYR K 75 -51.52 18.31 -10.07
C TYR K 75 -50.62 17.13 -9.75
N LEU K 76 -49.38 17.42 -9.37
CA LEU K 76 -48.46 16.43 -8.85
C LEU K 76 -48.51 16.42 -7.33
N ALA K 77 -47.75 15.48 -6.75
CA ALA K 77 -47.72 15.35 -5.30
C ALA K 77 -47.31 16.65 -4.64
N GLY K 78 -48.08 17.07 -3.64
CA GLY K 78 -47.84 18.32 -2.97
C GLY K 78 -47.90 18.20 -1.45
N PRO K 79 -47.27 19.15 -0.76
CA PRO K 79 -47.26 19.08 0.71
C PRO K 79 -48.63 19.31 1.32
N ASP K 80 -49.50 20.09 0.68
CA ASP K 80 -50.82 20.40 1.20
C ASP K 80 -51.91 19.50 0.62
N ASP K 81 -51.54 18.31 0.14
CA ASP K 81 -52.53 17.42 -0.47
C ASP K 81 -53.47 16.88 0.59
N ILE K 82 -54.73 16.70 0.21
CA ILE K 82 -55.78 16.31 1.12
C ILE K 82 -56.07 14.82 0.92
N TYR K 83 -55.95 14.04 1.99
CA TYR K 83 -56.19 12.62 1.92
C TYR K 83 -57.68 12.33 1.78
N VAL K 84 -58.04 11.46 0.85
CA VAL K 84 -59.40 11.01 0.63
C VAL K 84 -59.44 9.50 0.89
N SER K 85 -60.21 9.12 1.90
CA SER K 85 -60.29 7.74 2.35
C SER K 85 -60.99 6.88 1.28
N PRO K 86 -60.67 5.59 1.24
CA PRO K 86 -61.36 4.70 0.29
C PRO K 86 -62.87 4.71 0.46
N SER K 87 -63.37 4.74 1.71
CA SER K 87 -64.80 4.76 1.95
C SER K 87 -65.47 5.95 1.28
N GLN K 88 -64.82 7.11 1.31
CA GLN K 88 -65.34 8.30 0.62
C GLN K 88 -65.38 8.10 -0.89
N ILE K 89 -64.37 7.44 -1.46
CA ILE K 89 -64.34 7.20 -2.90
C ILE K 89 -65.45 6.24 -3.32
N ARG K 90 -65.68 5.18 -2.54
CA ARG K 90 -66.75 4.24 -2.87
C ARG K 90 -68.12 4.87 -2.70
N ARG K 91 -68.30 5.71 -1.68
CA ARG K 91 -69.60 6.31 -1.40
C ARG K 91 -70.13 7.08 -2.60
N PHE K 92 -69.29 7.91 -3.22
CA PHE K 92 -69.70 8.77 -4.32
C PHE K 92 -69.13 8.33 -5.67
N ASN K 93 -68.57 7.12 -5.75
CA ASN K 93 -68.02 6.59 -6.99
C ASN K 93 -67.01 7.55 -7.61
N LEU K 94 -66.14 8.10 -6.77
CA LEU K 94 -65.13 9.03 -7.25
C LEU K 94 -64.08 8.32 -8.08
N ARG K 95 -63.53 9.05 -9.04
CA ARG K 95 -62.45 8.52 -9.87
C ARG K 95 -61.46 9.64 -10.15
N THR K 96 -60.23 9.23 -10.47
CA THR K 96 -59.15 10.18 -10.73
C THR K 96 -59.61 11.25 -11.72
N GLY K 97 -59.33 12.51 -11.40
CA GLY K 97 -59.75 13.65 -12.18
C GLY K 97 -60.87 14.46 -11.55
N ASP K 98 -61.62 13.87 -10.63
CA ASP K 98 -62.77 14.54 -10.02
C ASP K 98 -62.31 15.72 -9.17
N THR K 99 -62.73 16.92 -9.55
CA THR K 99 -62.52 18.09 -8.71
C THR K 99 -63.36 17.97 -7.44
N ILE K 100 -62.72 18.09 -6.28
CA ILE K 100 -63.38 17.88 -5.00
C ILE K 100 -63.18 19.12 -4.12
N SER K 101 -64.27 19.54 -3.47
CA SER K 101 -64.22 20.58 -2.44
C SER K 101 -64.93 20.10 -1.19
N GLY K 102 -64.31 20.34 -0.04
CA GLY K 102 -64.94 19.89 1.21
C GLY K 102 -64.21 20.38 2.45
N LYS K 103 -64.83 20.08 3.58
CA LYS K 103 -64.27 20.41 4.88
C LYS K 103 -63.08 19.50 5.19
N ILE K 104 -62.06 20.07 5.83
CA ILE K 104 -60.81 19.36 6.09
C ILE K 104 -60.36 19.63 7.52
N ARG K 105 -59.45 18.78 8.00
CA ARG K 105 -58.86 18.90 9.32
C ARG K 105 -57.35 18.74 9.24
N PRO K 106 -56.63 19.44 10.12
CA PRO K 106 -55.17 19.27 10.15
C PRO K 106 -54.81 17.89 10.51
N PRO K 107 -53.60 17.41 10.15
CA PRO K 107 -53.19 16.05 10.46
C PRO K 107 -53.02 15.85 11.97
N LYS K 108 -53.49 14.70 12.46
CA LYS K 108 -53.32 14.34 13.86
C LYS K 108 -51.88 13.85 14.10
N GLU K 109 -51.62 13.42 15.33
CA GLU K 109 -50.31 12.88 15.68
C GLU K 109 -50.08 11.57 14.95
N GLY K 110 -48.93 11.45 14.29
CA GLY K 110 -48.64 10.32 13.43
C GLY K 110 -49.18 10.44 12.03
N GLU K 111 -49.67 11.60 11.63
CA GLU K 111 -50.19 11.84 10.30
C GLU K 111 -49.41 12.97 9.64
N ARG K 112 -49.42 12.97 8.31
CA ARG K 112 -48.64 13.94 7.56
C ARG K 112 -49.47 14.76 6.60
N TYR K 113 -50.79 14.58 6.57
CA TYR K 113 -51.61 15.21 5.54
C TYR K 113 -52.91 15.70 6.14
N PHE K 114 -53.46 16.75 5.52
CA PHE K 114 -54.82 17.17 5.80
C PHE K 114 -55.80 16.10 5.31
N ALA K 115 -56.81 15.82 6.12
CA ALA K 115 -57.81 14.81 5.82
C ALA K 115 -59.14 15.46 5.45
N LEU K 116 -59.93 14.76 4.65
CA LEU K 116 -61.22 15.23 4.18
C LEU K 116 -62.31 14.69 5.09
N LEU K 117 -63.06 15.60 5.71
CA LEU K 117 -64.15 15.21 6.60
C LEU K 117 -65.40 14.92 5.80
N LYS K 118 -65.86 15.90 5.02
CA LYS K 118 -67.09 15.79 4.27
C LYS K 118 -66.89 16.47 2.93
N VAL K 119 -67.41 15.87 1.87
CA VAL K 119 -67.25 16.39 0.52
C VAL K 119 -68.50 17.21 0.18
N ASN K 120 -68.31 18.51 0.01
CA ASN K 120 -69.43 19.39 -0.31
C ASN K 120 -69.73 19.35 -1.80
N GLU K 121 -68.70 19.40 -2.65
CA GLU K 121 -68.91 19.55 -4.08
C GLU K 121 -68.02 18.60 -4.85
N VAL K 122 -68.62 17.88 -5.80
CA VAL K 122 -67.93 16.96 -6.70
C VAL K 122 -68.20 17.45 -8.12
N ASN K 123 -67.16 18.02 -8.74
CA ASN K 123 -67.26 18.55 -10.10
C ASN K 123 -68.27 19.69 -10.16
N PHE K 124 -68.19 20.60 -9.20
CA PHE K 124 -69.03 21.79 -9.16
C PHE K 124 -70.51 21.42 -9.14
N ASP K 125 -70.83 20.35 -8.43
CA ASP K 125 -72.20 19.84 -8.42
C ASP K 125 -72.42 19.06 -7.14
N LYS K 126 -73.67 18.65 -6.94
CA LYS K 126 -74.04 17.94 -5.71
C LYS K 126 -73.40 16.56 -5.71
N PRO K 127 -72.80 16.13 -4.59
CA PRO K 127 -72.14 14.82 -4.56
C PRO K 127 -73.03 13.64 -4.91
N GLU K 128 -74.31 13.70 -4.54
CA GLU K 128 -75.22 12.60 -4.84
C GLU K 128 -75.32 12.37 -6.35
N ASN K 129 -75.37 13.44 -7.13
CA ASN K 129 -75.47 13.33 -8.58
C ASN K 129 -74.27 12.62 -9.19
N ALA K 130 -73.11 12.66 -8.52
CA ALA K 130 -71.94 11.94 -9.07
C ALA K 130 -72.08 10.42 -8.93
N ARG K 131 -72.83 9.96 -7.92
CA ARG K 131 -73.25 8.56 -7.87
C ARG K 131 -74.07 8.21 -9.13
N ASN K 132 -75.05 9.00 -9.50
CA ASN K 132 -75.86 8.66 -10.66
C ASN K 132 -75.42 9.49 -11.86
N LYS K 133 -74.72 8.86 -12.78
CA LYS K 133 -74.30 9.54 -14.00
C LYS K 133 -73.92 8.48 -15.03
N ILE K 134 -73.91 8.86 -16.32
CA ILE K 134 -73.46 7.94 -17.37
C ILE K 134 -71.97 8.14 -17.57
N LEU K 135 -71.20 7.06 -17.52
CA LEU K 135 -69.75 7.14 -17.59
C LEU K 135 -69.30 7.56 -18.99
N PHE K 136 -68.08 8.11 -19.03
CA PHE K 136 -67.52 8.57 -20.30
C PHE K 136 -67.38 7.44 -21.30
N GLU K 137 -67.03 6.24 -20.83
CA GLU K 137 -66.88 5.10 -21.71
C GLU K 137 -68.19 4.68 -22.36
N ASN K 138 -69.32 5.09 -21.79
CA ASN K 138 -70.63 4.66 -22.27
C ASN K 138 -71.36 5.75 -23.05
N LEU K 139 -70.81 6.96 -23.10
CA LEU K 139 -71.43 8.02 -23.89
C LEU K 139 -71.39 7.67 -25.37
N THR K 140 -72.48 7.96 -26.06
CA THR K 140 -72.58 7.58 -27.47
C THR K 140 -71.82 8.58 -28.33
N PRO K 141 -70.80 8.17 -29.07
CA PRO K 141 -70.01 9.12 -29.84
C PRO K 141 -70.75 9.62 -31.06
N LEU K 142 -70.32 10.79 -31.55
CA LEU K 142 -70.87 11.39 -32.76
C LEU K 142 -69.80 12.25 -33.43
N HIS K 143 -70.02 12.51 -34.72
CA HIS K 143 -69.25 13.54 -35.39
C HIS K 143 -69.68 14.91 -34.86
N ALA K 144 -68.75 15.86 -34.94
CA ALA K 144 -69.02 17.20 -34.43
C ALA K 144 -70.23 17.82 -35.12
N ASN K 145 -71.16 18.33 -34.32
CA ASN K 145 -72.36 19.01 -34.79
C ASN K 145 -72.23 20.53 -34.69
N SER K 146 -71.97 21.04 -33.49
CA SER K 146 -72.01 22.47 -33.24
C SER K 146 -70.69 23.10 -33.65
N ARG K 147 -70.75 24.07 -34.56
CA ARG K 147 -69.57 24.74 -35.05
C ARG K 147 -68.97 25.63 -33.96
N LEU K 148 -67.65 25.59 -33.83
CA LEU K 148 -66.89 26.48 -32.96
C LEU K 148 -66.17 27.47 -33.87
N ARG K 149 -66.84 28.58 -34.18
CA ARG K 149 -66.28 29.56 -35.11
C ARG K 149 -65.16 30.34 -34.42
N MET K 150 -64.00 30.41 -35.07
CA MET K 150 -62.86 31.10 -34.50
C MET K 150 -62.80 32.58 -34.85
N GLU K 151 -63.50 33.01 -35.91
CA GLU K 151 -63.35 34.36 -36.42
C GLU K 151 -63.87 35.39 -35.44
N ARG K 152 -62.97 36.27 -34.97
CA ARG K 152 -63.38 37.39 -34.12
C ARG K 152 -64.36 38.30 -34.84
N GLY K 153 -64.03 38.70 -36.06
CA GLY K 153 -64.78 39.72 -36.77
C GLY K 153 -64.40 41.14 -36.43
N ASN K 154 -63.48 41.35 -35.48
CA ASN K 154 -63.05 42.70 -35.08
C ASN K 154 -62.11 43.37 -36.10
N GLY K 155 -61.99 42.83 -37.31
CA GLY K 155 -61.05 43.37 -38.28
C GLY K 155 -59.61 43.35 -37.82
N SER K 156 -59.26 42.50 -36.86
CA SER K 156 -57.91 42.44 -36.32
C SER K 156 -56.96 41.78 -37.31
N THR K 157 -55.70 42.19 -37.25
CA THR K 157 -54.67 41.56 -38.08
C THR K 157 -54.35 40.15 -37.58
N GLU K 158 -54.45 39.92 -36.27
CA GLU K 158 -54.36 38.55 -35.77
C GLU K 158 -55.53 37.71 -36.25
N ASP K 159 -56.71 38.32 -36.38
CA ASP K 159 -57.91 37.61 -36.80
C ASP K 159 -57.72 36.91 -38.14
N LEU K 160 -56.80 37.39 -38.97
CA LEU K 160 -56.52 36.69 -40.21
C LEU K 160 -56.33 35.19 -39.95
N THR K 161 -55.47 34.83 -38.99
CA THR K 161 -55.27 33.41 -38.71
C THR K 161 -56.58 32.71 -38.42
N ALA K 162 -57.44 33.31 -37.61
CA ALA K 162 -58.71 32.66 -37.34
C ALA K 162 -59.52 32.53 -38.62
N ARG K 163 -59.58 33.59 -39.43
CA ARG K 163 -60.45 33.56 -40.59
C ARG K 163 -60.03 32.44 -41.56
N VAL K 164 -58.76 32.44 -41.97
CA VAL K 164 -58.26 31.36 -42.79
C VAL K 164 -58.60 30.01 -42.17
N LEU K 165 -58.41 29.85 -40.85
CA LEU K 165 -58.73 28.56 -40.24
C LEU K 165 -60.16 28.18 -40.56
N ASP K 166 -61.11 29.09 -40.31
CA ASP K 166 -62.51 28.77 -40.55
C ASP K 166 -62.73 28.30 -41.98
N LEU K 167 -61.98 28.85 -42.92
CA LEU K 167 -62.22 28.48 -44.30
C LEU K 167 -61.51 27.18 -44.66
N ALA K 168 -60.37 26.90 -44.03
CA ALA K 168 -59.59 25.77 -44.47
C ALA K 168 -59.95 24.49 -43.74
N SER K 169 -60.22 24.60 -42.45
CA SER K 169 -60.48 23.44 -41.60
C SER K 169 -61.35 23.86 -40.44
N PRO K 170 -62.67 23.86 -40.61
CA PRO K 170 -63.55 24.27 -39.51
C PRO K 170 -63.40 23.36 -38.29
N ILE K 171 -63.74 23.90 -37.13
CA ILE K 171 -63.61 23.20 -35.85
C ILE K 171 -64.96 23.17 -35.17
N GLY K 172 -65.44 21.96 -34.85
CA GLY K 172 -66.65 21.78 -34.09
C GLY K 172 -66.38 21.23 -32.68
N ARG K 173 -67.46 21.14 -31.89
CA ARG K 173 -67.37 20.63 -30.52
C ARG K 173 -67.18 19.12 -30.53
N GLY K 174 -66.11 18.66 -29.91
CA GLY K 174 -65.71 17.26 -29.99
C GLY K 174 -64.70 16.96 -31.08
N GLN K 175 -64.15 17.97 -31.74
CA GLN K 175 -63.19 17.76 -32.80
C GLN K 175 -61.91 17.13 -32.26
N ARG K 176 -61.20 16.43 -33.14
CA ARG K 176 -59.97 15.71 -32.81
C ARG K 176 -58.93 16.13 -33.86
N GLY K 177 -58.35 17.32 -33.66
CA GLY K 177 -57.58 17.99 -34.67
C GLY K 177 -56.09 18.10 -34.36
N LEU K 178 -55.34 18.45 -35.40
CA LEU K 178 -53.89 18.55 -35.37
C LEU K 178 -53.42 19.79 -36.12
N ILE K 179 -52.55 20.57 -35.50
CA ILE K 179 -51.84 21.66 -36.16
C ILE K 179 -50.49 21.05 -36.54
N VAL K 180 -50.38 20.57 -37.78
CA VAL K 180 -49.20 19.82 -38.20
C VAL K 180 -48.27 20.76 -38.96
N ALA K 181 -46.97 20.74 -38.58
CA ALA K 181 -45.98 21.57 -39.22
C ALA K 181 -44.56 21.29 -38.72
N PRO K 182 -43.54 21.65 -39.51
CA PRO K 182 -42.15 21.54 -39.04
C PRO K 182 -41.85 22.57 -37.97
N PRO K 183 -40.74 22.42 -37.25
CA PRO K 183 -40.38 23.42 -36.23
C PRO K 183 -40.30 24.81 -36.84
N LYS K 184 -40.82 25.79 -36.09
CA LYS K 184 -40.77 27.21 -36.40
C LYS K 184 -41.72 27.60 -37.55
N ALA K 185 -42.76 26.80 -37.80
CA ALA K 185 -43.71 27.13 -38.83
C ALA K 185 -44.89 27.97 -38.34
N GLY K 186 -45.17 27.95 -37.04
CA GLY K 186 -46.21 28.80 -36.50
C GLY K 186 -47.26 28.05 -35.71
N LYS K 187 -46.94 26.82 -35.30
CA LYS K 187 -47.93 25.97 -34.64
C LYS K 187 -48.36 26.57 -33.31
N THR K 188 -47.39 26.92 -32.47
CA THR K 188 -47.70 27.39 -31.11
C THR K 188 -48.50 28.68 -31.15
N MET K 189 -48.02 29.68 -31.90
CA MET K 189 -48.76 30.93 -32.00
C MET K 189 -50.12 30.75 -32.63
N LEU K 190 -50.28 29.78 -33.53
CA LEU K 190 -51.60 29.48 -34.05
C LEU K 190 -52.50 28.89 -32.97
N LEU K 191 -51.95 28.04 -32.11
CA LEU K 191 -52.71 27.53 -30.97
C LEU K 191 -53.10 28.66 -30.01
N GLN K 192 -52.20 29.63 -29.82
CA GLN K 192 -52.52 30.80 -28.98
C GLN K 192 -53.61 31.66 -29.60
N ASN K 193 -53.57 31.85 -30.92
CA ASN K 193 -54.63 32.53 -31.63
C ASN K 193 -55.97 31.80 -31.44
N ILE K 194 -55.95 30.48 -31.53
CA ILE K 194 -57.15 29.68 -31.26
C ILE K 194 -57.63 29.90 -29.83
N ALA K 195 -56.72 29.89 -28.86
CA ALA K 195 -57.10 30.08 -27.47
C ALA K 195 -57.79 31.43 -27.26
N GLN K 196 -57.23 32.49 -27.83
CA GLN K 196 -57.89 33.80 -27.75
C GLN K 196 -59.29 33.75 -28.37
N SER K 197 -59.41 33.16 -29.57
CA SER K 197 -60.72 33.08 -30.21
C SER K 197 -61.71 32.31 -29.34
N ILE K 198 -61.25 31.26 -28.66
CA ILE K 198 -62.13 30.48 -27.80
C ILE K 198 -62.58 31.30 -26.61
N ALA K 199 -61.65 32.03 -25.99
CA ALA K 199 -62.03 32.82 -24.83
C ALA K 199 -63.03 33.91 -25.19
N TYR K 200 -62.93 34.49 -26.39
CA TYR K 200 -63.85 35.56 -26.73
C TYR K 200 -65.18 35.04 -27.29
N ASN K 201 -65.13 34.10 -28.23
CA ASN K 201 -66.34 33.65 -28.91
C ASN K 201 -67.06 32.54 -28.15
N HIS K 202 -66.34 31.79 -27.32
CA HIS K 202 -66.93 30.65 -26.63
C HIS K 202 -66.52 30.65 -25.16
N PRO K 203 -66.90 31.70 -24.41
CA PRO K 203 -66.61 31.71 -22.97
C PRO K 203 -67.33 30.60 -22.22
N ASP K 204 -68.35 30.00 -22.83
CA ASP K 204 -69.07 28.91 -22.17
C ASP K 204 -68.22 27.66 -22.07
N CYS K 205 -67.31 27.45 -23.01
CA CYS K 205 -66.50 26.24 -23.03
C CYS K 205 -65.45 26.28 -21.92
N VAL K 206 -65.13 25.10 -21.39
CA VAL K 206 -64.10 24.92 -20.36
C VAL K 206 -62.76 24.76 -21.08
N LEU K 207 -61.94 25.80 -21.08
CA LEU K 207 -60.69 25.81 -21.82
C LEU K 207 -59.52 25.37 -20.94
N MET K 208 -58.78 24.36 -21.40
CA MET K 208 -57.57 23.89 -20.75
C MET K 208 -56.44 23.85 -21.78
N VAL K 209 -55.25 24.29 -21.37
CA VAL K 209 -54.08 24.34 -22.26
C VAL K 209 -52.99 23.44 -21.66
N LEU K 210 -52.75 22.31 -22.30
CA LEU K 210 -51.74 21.34 -21.85
C LEU K 210 -50.48 21.53 -22.68
N LEU K 211 -49.37 21.85 -22.01
CA LEU K 211 -48.08 22.08 -22.65
C LEU K 211 -47.11 20.97 -22.23
N ILE K 212 -46.67 20.17 -23.20
CA ILE K 212 -45.85 18.99 -22.93
C ILE K 212 -44.54 19.14 -23.70
N ASP K 213 -43.43 19.17 -22.95
CA ASP K 213 -42.08 19.05 -23.51
C ASP K 213 -41.74 20.21 -24.43
N GLU K 214 -42.25 21.40 -24.10
CA GLU K 214 -42.02 22.58 -24.92
C GLU K 214 -41.34 23.66 -24.09
N ARG K 215 -41.17 24.83 -24.72
CA ARG K 215 -40.31 25.87 -24.16
C ARG K 215 -40.92 26.46 -22.90
N PRO K 216 -40.10 26.78 -21.88
CA PRO K 216 -40.67 27.28 -20.62
C PRO K 216 -41.24 28.67 -20.75
N GLU K 217 -40.65 29.51 -21.58
CA GLU K 217 -41.18 30.87 -21.72
C GLU K 217 -42.57 30.87 -22.35
N GLU K 218 -42.88 29.85 -23.17
CA GLU K 218 -44.22 29.72 -23.72
C GLU K 218 -45.26 29.40 -22.64
N VAL K 219 -44.85 28.70 -21.57
CA VAL K 219 -45.76 28.44 -20.45
C VAL K 219 -46.25 29.75 -19.83
N THR K 220 -45.31 30.60 -19.42
CA THR K 220 -45.69 31.86 -18.83
C THR K 220 -46.38 32.75 -19.85
N GLU K 221 -45.93 32.73 -21.11
CA GLU K 221 -46.64 33.50 -22.14
C GLU K 221 -48.09 33.05 -22.27
N MET K 222 -48.36 31.76 -22.14
CA MET K 222 -49.70 31.25 -22.33
C MET K 222 -50.59 31.52 -21.12
N GLN K 223 -50.04 31.41 -19.91
CA GLN K 223 -50.89 31.58 -18.74
C GLN K 223 -51.27 33.04 -18.52
N ARG K 224 -50.47 33.97 -19.01
CA ARG K 224 -50.80 35.38 -18.95
C ARG K 224 -51.57 35.86 -20.17
N LEU K 225 -51.78 35.00 -21.16
CA LEU K 225 -52.47 35.35 -22.39
C LEU K 225 -53.87 34.76 -22.50
N VAL K 226 -54.05 33.48 -22.16
CA VAL K 226 -55.34 32.81 -22.34
C VAL K 226 -56.18 32.98 -21.09
N LYS K 227 -57.50 33.03 -21.30
CA LYS K 227 -58.46 33.13 -20.20
C LYS K 227 -58.93 31.69 -19.93
N GLY K 228 -58.07 30.95 -19.26
CA GLY K 228 -58.37 29.57 -18.93
C GLY K 228 -57.30 28.99 -18.05
N GLU K 229 -57.39 27.68 -17.85
CA GLU K 229 -56.42 26.96 -17.04
C GLU K 229 -55.28 26.44 -17.91
N VAL K 230 -54.05 26.59 -17.41
CA VAL K 230 -52.84 26.17 -18.13
C VAL K 230 -52.09 25.17 -17.25
N VAL K 231 -51.93 23.95 -17.74
CA VAL K 231 -51.13 22.90 -17.10
C VAL K 231 -49.93 22.62 -18.00
N ALA K 232 -48.74 22.63 -17.42
CA ALA K 232 -47.52 22.51 -18.22
C ALA K 232 -46.53 21.53 -17.59
N SER K 233 -45.62 21.03 -18.44
CA SER K 233 -44.55 20.09 -18.10
C SER K 233 -43.46 20.28 -19.15
N THR K 234 -42.64 21.32 -18.97
CA THR K 234 -41.66 21.73 -19.96
C THR K 234 -40.62 20.67 -20.28
N PHE K 235 -39.75 20.98 -21.24
CA PHE K 235 -38.70 20.03 -21.58
C PHE K 235 -37.64 19.91 -20.49
N ASP K 236 -37.70 20.72 -19.44
CA ASP K 236 -36.87 20.50 -18.27
C ASP K 236 -37.28 19.26 -17.50
N GLU K 237 -38.42 18.71 -17.80
CA GLU K 237 -39.02 17.61 -17.07
C GLU K 237 -38.84 16.29 -17.81
N PRO K 238 -38.80 15.18 -17.07
CA PRO K 238 -38.65 13.87 -17.71
C PRO K 238 -39.95 13.41 -18.35
N ALA K 239 -39.83 12.36 -19.17
CA ALA K 239 -40.99 11.82 -19.85
C ALA K 239 -42.01 11.28 -18.85
N SER K 240 -41.53 10.68 -17.75
CA SER K 240 -42.42 10.15 -16.73
C SER K 240 -43.41 11.21 -16.27
N ARG K 241 -42.91 12.42 -16.00
CA ARG K 241 -43.77 13.51 -15.55
C ARG K 241 -44.76 13.91 -16.64
N HIS K 242 -44.29 14.03 -17.87
CA HIS K 242 -45.19 14.36 -18.98
C HIS K 242 -46.39 13.43 -19.00
N VAL K 243 -46.13 12.11 -18.94
CA VAL K 243 -47.21 11.14 -19.00
C VAL K 243 -48.18 11.34 -17.85
N GLN K 244 -47.66 11.39 -16.61
CA GLN K 244 -48.57 11.46 -15.48
C GLN K 244 -49.45 12.71 -15.52
N VAL K 245 -48.83 13.86 -15.85
CA VAL K 245 -49.56 15.12 -15.93
C VAL K 245 -50.66 15.04 -16.99
N ALA K 246 -50.31 14.54 -18.17
CA ALA K 246 -51.29 14.42 -19.25
C ALA K 246 -52.45 13.51 -18.86
N GLU K 247 -52.15 12.41 -18.16
CA GLU K 247 -53.21 11.51 -17.72
C GLU K 247 -54.18 12.21 -16.78
N MET K 248 -53.65 12.96 -15.80
CA MET K 248 -54.54 13.71 -14.91
C MET K 248 -55.43 14.69 -15.69
N VAL K 249 -54.85 15.44 -16.64
CA VAL K 249 -55.64 16.42 -17.36
C VAL K 249 -56.73 15.75 -18.20
N ILE K 250 -56.39 14.66 -18.91
CA ILE K 250 -57.39 14.01 -19.74
C ILE K 250 -58.51 13.41 -18.90
N GLU K 251 -58.19 12.83 -17.73
CA GLU K 251 -59.25 12.29 -16.89
C GLU K 251 -60.15 13.39 -16.36
N LYS K 252 -59.56 14.53 -15.98
CA LYS K 252 -60.37 15.67 -15.53
C LYS K 252 -61.33 16.13 -16.63
N ALA K 253 -60.85 16.21 -17.87
CA ALA K 253 -61.71 16.54 -19.00
C ALA K 253 -62.86 15.54 -19.12
N LYS K 254 -62.56 14.23 -19.02
CA LYS K 254 -63.61 13.22 -19.13
C LYS K 254 -64.67 13.41 -18.05
N ARG K 255 -64.26 13.70 -16.82
CA ARG K 255 -65.23 13.93 -15.75
C ARG K 255 -66.14 15.12 -16.08
N LEU K 256 -65.55 16.25 -16.46
CA LEU K 256 -66.37 17.40 -16.82
C LEU K 256 -67.34 17.08 -17.95
N VAL K 257 -66.92 16.25 -18.92
CA VAL K 257 -67.82 15.85 -19.99
C VAL K 257 -68.94 14.96 -19.47
N GLU K 258 -68.64 14.11 -18.49
CA GLU K 258 -69.71 13.39 -17.82
C GLU K 258 -70.73 14.33 -17.19
N HIS K 259 -70.32 15.56 -16.84
CA HIS K 259 -71.29 16.56 -16.42
C HIS K 259 -71.80 17.44 -17.57
N LYS K 260 -71.85 16.91 -18.80
CA LYS K 260 -72.43 17.61 -19.96
C LYS K 260 -71.77 18.97 -20.20
N LYS K 261 -70.46 19.02 -20.03
CA LYS K 261 -69.68 20.22 -20.28
C LYS K 261 -68.95 20.10 -21.61
N ASP K 262 -68.71 21.25 -22.23
CA ASP K 262 -67.95 21.34 -23.49
C ASP K 262 -66.51 21.74 -23.15
N VAL K 263 -65.63 20.73 -23.05
CA VAL K 263 -64.24 20.92 -22.69
C VAL K 263 -63.40 21.01 -23.97
N ILE K 264 -62.38 21.87 -23.95
CA ILE K 264 -61.42 22.01 -25.04
C ILE K 264 -60.01 21.93 -24.47
N ILE K 265 -59.18 21.09 -25.05
CA ILE K 265 -57.80 20.92 -24.63
C ILE K 265 -56.90 21.30 -25.80
N LEU K 266 -56.12 22.35 -25.63
CA LEU K 266 -55.10 22.76 -26.59
C LEU K 266 -53.77 22.19 -26.15
N LEU K 267 -53.29 21.16 -26.86
CA LEU K 267 -52.11 20.42 -26.48
C LEU K 267 -50.93 20.77 -27.38
N ASP K 268 -49.79 21.05 -26.77
CA ASP K 268 -48.57 21.41 -27.49
C ASP K 268 -47.39 20.93 -26.66
N SER K 269 -46.75 19.84 -27.09
CA SER K 269 -47.04 19.18 -28.36
C SER K 269 -47.48 17.74 -28.14
N ILE K 270 -48.38 17.25 -29.01
CA ILE K 270 -48.81 15.86 -28.87
C ILE K 270 -47.77 14.90 -29.44
N THR K 271 -46.97 15.35 -30.39
CA THR K 271 -45.86 14.52 -30.87
C THR K 271 -44.89 14.23 -29.74
N ARG K 272 -44.57 15.24 -28.94
CA ARG K 272 -43.65 15.02 -27.83
C ARG K 272 -44.29 14.19 -26.72
N LEU K 273 -45.60 14.32 -26.53
CA LEU K 273 -46.30 13.44 -25.61
C LEU K 273 -46.21 11.98 -26.07
N ALA K 274 -46.39 11.75 -27.36
CA ALA K 274 -46.23 10.40 -27.92
C ALA K 274 -44.81 9.89 -27.71
N ARG K 275 -43.81 10.76 -27.90
CA ARG K 275 -42.43 10.37 -27.60
C ARG K 275 -42.28 9.96 -26.13
N ALA K 276 -42.88 10.71 -25.21
CA ALA K 276 -42.78 10.34 -23.79
C ALA K 276 -43.36 8.95 -23.55
N TYR K 277 -44.55 8.68 -24.10
CA TYR K 277 -45.11 7.33 -24.00
C TYR K 277 -44.13 6.29 -24.53
N ASN K 278 -43.53 6.54 -25.69
CA ASN K 278 -42.53 5.62 -26.23
C ASN K 278 -41.33 5.45 -25.30
N THR K 279 -41.03 6.46 -24.49
CA THR K 279 -39.93 6.37 -23.53
C THR K 279 -40.26 5.48 -22.35
N VAL K 280 -41.50 5.54 -21.85
CA VAL K 280 -41.84 4.73 -20.68
C VAL K 280 -42.51 3.40 -21.02
N VAL K 281 -42.81 3.14 -22.30
CA VAL K 281 -43.56 1.92 -22.66
C VAL K 281 -42.67 0.70 -22.44
N PRO K 282 -43.21 -0.43 -21.97
CA PRO K 282 -42.39 -1.65 -21.88
C PRO K 282 -42.00 -2.15 -23.26
N ALA K 283 -40.72 -2.48 -23.42
CA ALA K 283 -40.23 -3.03 -24.68
C ALA K 283 -41.01 -4.30 -25.04
N SER K 284 -41.46 -4.35 -26.29
CA SER K 284 -42.22 -5.48 -26.80
C SER K 284 -41.38 -6.42 -27.64
N GLY K 285 -40.11 -6.11 -27.87
CA GLY K 285 -39.32 -6.86 -28.83
C GLY K 285 -39.65 -6.56 -30.27
N LYS K 286 -40.51 -5.60 -30.56
CA LYS K 286 -40.88 -5.21 -31.91
C LYS K 286 -40.82 -3.70 -31.99
N VAL K 287 -40.10 -3.17 -32.99
CA VAL K 287 -39.91 -1.73 -33.09
C VAL K 287 -40.23 -1.29 -34.50
N LEU K 288 -41.12 -0.31 -34.61
CA LEU K 288 -41.54 0.24 -35.88
C LEU K 288 -40.46 1.14 -36.45
N THR K 289 -40.63 1.47 -37.74
CA THR K 289 -39.74 2.43 -38.41
C THR K 289 -39.66 3.74 -37.65
N GLY K 290 -38.44 4.23 -37.44
CA GLY K 290 -38.19 5.45 -36.70
C GLY K 290 -37.86 5.26 -35.24
N GLY K 291 -37.85 4.03 -34.73
CA GLY K 291 -37.56 3.80 -33.32
C GLY K 291 -38.75 3.88 -32.39
N VAL K 292 -39.95 3.59 -32.87
CA VAL K 292 -41.17 3.61 -32.08
C VAL K 292 -41.57 2.18 -31.77
N ASP K 293 -41.73 1.87 -30.49
CA ASP K 293 -42.15 0.53 -30.08
C ASP K 293 -43.51 0.19 -30.68
N ALA K 294 -43.69 -1.08 -31.06
CA ALA K 294 -44.93 -1.51 -31.71
C ALA K 294 -46.15 -1.29 -30.85
N ASN K 295 -45.99 -1.23 -29.52
CA ASN K 295 -47.09 -1.03 -28.58
C ASN K 295 -47.10 0.36 -27.97
N ALA K 296 -46.26 1.26 -28.47
CA ALA K 296 -46.08 2.53 -27.80
C ALA K 296 -47.20 3.50 -28.11
N LEU K 297 -47.80 3.41 -29.29
CA LEU K 297 -48.78 4.40 -29.73
C LEU K 297 -50.20 4.08 -29.31
N HIS K 298 -50.43 2.95 -28.64
CA HIS K 298 -51.78 2.64 -28.17
C HIS K 298 -52.26 3.66 -27.14
N ARG K 299 -51.46 3.90 -26.11
CA ARG K 299 -51.80 4.92 -25.09
C ARG K 299 -51.98 6.32 -25.68
N PRO K 300 -51.01 6.90 -26.40
CA PRO K 300 -51.25 8.24 -26.97
C PRO K 300 -52.41 8.25 -27.92
N LYS K 301 -52.66 7.14 -28.63
CA LYS K 301 -53.81 7.08 -29.51
C LYS K 301 -55.11 7.15 -28.69
N ARG K 302 -55.18 6.47 -27.55
CA ARG K 302 -56.37 6.59 -26.72
C ARG K 302 -56.51 7.99 -26.14
N PHE K 303 -55.39 8.63 -25.80
CA PHE K 303 -55.42 10.01 -25.32
C PHE K 303 -56.01 10.95 -26.36
N PHE K 304 -55.46 10.95 -27.56
CA PHE K 304 -56.01 11.79 -28.62
C PHE K 304 -57.45 11.39 -28.94
N GLY K 305 -57.74 10.09 -29.02
CA GLY K 305 -59.08 9.61 -29.30
C GLY K 305 -60.10 9.88 -28.21
N ALA K 306 -59.67 10.32 -27.02
CA ALA K 306 -60.63 10.76 -26.01
C ALA K 306 -61.56 11.83 -26.58
N ALA K 307 -61.01 12.80 -27.31
CA ALA K 307 -61.82 13.85 -27.90
C ALA K 307 -62.95 13.26 -28.72
N ARG K 308 -64.17 13.72 -28.45
CA ARG K 308 -65.34 13.17 -29.12
C ARG K 308 -66.55 14.05 -28.82
N ASN K 309 -67.54 13.96 -29.70
CA ASN K 309 -68.84 14.58 -29.48
C ASN K 309 -69.78 13.58 -28.84
N VAL K 310 -70.52 14.03 -27.82
CA VAL K 310 -71.42 13.18 -27.06
C VAL K 310 -72.85 13.59 -27.38
N GLU K 311 -73.69 12.59 -27.69
CA GLU K 311 -75.10 12.84 -27.92
C GLU K 311 -75.83 13.19 -26.63
N GLU K 312 -75.42 12.61 -25.50
CA GLU K 312 -76.11 12.86 -24.24
C GLU K 312 -75.95 14.30 -23.77
N GLY K 313 -74.82 14.93 -24.07
CA GLY K 313 -74.62 16.32 -23.68
C GLY K 313 -73.16 16.64 -23.43
N GLY K 314 -72.68 17.77 -23.95
CA GLY K 314 -71.29 18.15 -23.83
C GLY K 314 -70.41 17.51 -24.90
N SER K 315 -69.11 17.77 -24.78
CA SER K 315 -68.15 17.28 -25.75
C SER K 315 -66.74 17.50 -25.21
N LEU K 316 -65.78 16.80 -25.82
CA LEU K 316 -64.36 16.96 -25.54
C LEU K 316 -63.66 17.23 -26.86
N THR K 317 -63.15 18.45 -27.02
CA THR K 317 -62.36 18.86 -28.17
C THR K 317 -60.88 18.81 -27.81
N ILE K 318 -60.05 18.39 -28.75
CA ILE K 318 -58.60 18.40 -28.56
C ILE K 318 -57.95 18.93 -29.83
N ILE K 319 -57.28 20.07 -29.71
CA ILE K 319 -56.48 20.61 -30.80
C ILE K 319 -55.03 20.53 -30.35
N ALA K 320 -54.27 19.63 -30.96
CA ALA K 320 -52.89 19.39 -30.57
C ALA K 320 -51.95 19.63 -31.74
N THR K 321 -50.75 20.08 -31.43
CA THR K 321 -49.73 20.34 -32.45
C THR K 321 -48.89 19.10 -32.69
N ALA K 322 -48.50 18.89 -33.94
CA ALA K 322 -47.66 17.76 -34.33
C ALA K 322 -46.51 18.25 -35.21
N LEU K 323 -45.43 17.47 -35.21
CA LEU K 323 -44.20 17.82 -35.92
C LEU K 323 -44.03 16.93 -37.13
N ILE K 324 -43.49 17.50 -38.21
CA ILE K 324 -43.14 16.77 -39.43
C ILE K 324 -41.86 17.34 -40.00
N ASP K 325 -41.28 16.60 -40.95
CA ASP K 325 -40.06 16.99 -41.65
C ASP K 325 -38.94 17.33 -40.68
N THR K 326 -38.86 16.55 -39.60
CA THR K 326 -37.81 16.70 -38.61
C THR K 326 -36.56 15.89 -38.96
N GLY K 327 -36.55 15.18 -40.08
CA GLY K 327 -35.49 14.24 -40.37
C GLY K 327 -35.57 12.94 -39.61
N SER K 328 -36.45 12.83 -38.61
CA SER K 328 -36.62 11.63 -37.80
C SER K 328 -37.93 10.96 -38.22
N LYS K 329 -37.83 9.76 -38.81
CA LYS K 329 -39.01 9.07 -39.31
C LYS K 329 -40.05 8.83 -38.23
N MET K 330 -39.61 8.71 -36.97
CA MET K 330 -40.52 8.51 -35.85
C MET K 330 -41.67 9.52 -35.85
N ASP K 331 -41.37 10.79 -36.16
CA ASP K 331 -42.40 11.81 -36.14
C ASP K 331 -43.37 11.67 -37.30
N GLU K 332 -42.89 11.22 -38.47
CA GLU K 332 -43.81 10.90 -39.56
C GLU K 332 -44.76 9.77 -39.14
N VAL K 333 -44.24 8.74 -38.47
CA VAL K 333 -45.08 7.64 -38.00
C VAL K 333 -46.13 8.16 -37.01
N ILE K 334 -45.70 8.93 -36.02
CA ILE K 334 -46.62 9.47 -35.02
C ILE K 334 -47.68 10.34 -35.70
N TYR K 335 -47.25 11.22 -36.61
CA TYR K 335 -48.19 12.12 -37.26
C TYR K 335 -49.20 11.34 -38.09
N GLU K 336 -48.75 10.37 -38.88
CA GLU K 336 -49.69 9.63 -39.71
C GLU K 336 -50.62 8.77 -38.87
N GLU K 337 -50.13 8.26 -37.73
CA GLU K 337 -50.97 7.50 -36.83
C GLU K 337 -52.06 8.37 -36.23
N PHE K 338 -51.70 9.59 -35.82
CA PHE K 338 -52.71 10.51 -35.28
C PHE K 338 -53.67 11.00 -36.35
N LYS K 339 -53.23 11.06 -37.62
CA LYS K 339 -54.15 11.50 -38.67
C LYS K 339 -55.26 10.48 -38.89
N GLY K 340 -54.93 9.18 -38.83
CA GLY K 340 -55.89 8.10 -38.86
C GLY K 340 -56.68 7.89 -37.59
N THR K 341 -56.42 8.71 -36.57
CA THR K 341 -57.22 8.79 -35.35
C THR K 341 -58.14 10.00 -35.31
N GLY K 342 -57.66 11.16 -35.74
CA GLY K 342 -58.43 12.38 -35.67
C GLY K 342 -59.24 12.64 -36.92
N ASN K 343 -59.68 13.89 -37.06
CA ASN K 343 -60.63 14.27 -38.12
C ASN K 343 -60.49 15.73 -38.52
N MET K 344 -59.31 16.32 -38.36
CA MET K 344 -59.03 17.71 -38.70
C MET K 344 -57.53 17.96 -38.66
N GLU K 345 -56.98 18.55 -39.72
CA GLU K 345 -55.56 18.87 -39.74
C GLU K 345 -55.39 20.22 -40.40
N LEU K 346 -54.72 21.14 -39.71
CA LEU K 346 -54.31 22.41 -40.26
C LEU K 346 -52.80 22.31 -40.45
N HIS K 347 -52.37 22.26 -41.70
CA HIS K 347 -50.94 22.18 -42.00
C HIS K 347 -50.36 23.58 -42.12
N LEU K 348 -49.13 23.73 -41.62
CA LEU K 348 -48.36 24.94 -41.78
C LEU K 348 -47.07 24.62 -42.50
N SER K 349 -46.67 25.50 -43.41
CA SER K 349 -45.56 25.23 -44.32
C SER K 349 -44.32 26.02 -43.89
N ARG K 350 -43.19 25.33 -43.80
CA ARG K 350 -41.92 26.02 -43.57
C ARG K 350 -41.56 26.93 -44.73
N LYS K 351 -41.90 26.53 -45.96
CA LYS K 351 -41.60 27.36 -47.13
C LYS K 351 -42.32 28.70 -47.06
N ILE K 352 -43.59 28.69 -46.66
CA ILE K 352 -44.34 29.94 -46.50
C ILE K 352 -43.78 30.74 -45.33
N ALA K 353 -43.41 30.06 -44.23
CA ALA K 353 -42.95 30.76 -43.03
C ALA K 353 -41.59 31.43 -43.25
N GLU K 354 -40.73 30.86 -44.09
CA GLU K 354 -39.44 31.46 -44.38
C GLU K 354 -39.55 32.74 -45.21
N LYS K 355 -40.62 32.89 -45.99
CA LYS K 355 -40.93 34.14 -46.68
C LYS K 355 -41.64 35.14 -45.76
N ARG K 356 -41.80 34.80 -44.48
CA ARG K 356 -42.47 35.67 -43.51
C ARG K 356 -43.90 35.99 -43.93
N VAL K 357 -44.60 34.99 -44.44
CA VAL K 357 -46.00 35.09 -44.81
C VAL K 357 -46.80 34.35 -43.75
N PHE K 358 -47.59 35.09 -42.97
CA PHE K 358 -48.35 34.47 -41.89
C PHE K 358 -49.82 34.83 -41.98
N PRO K 359 -50.73 33.88 -41.68
CA PRO K 359 -50.38 32.52 -41.24
C PRO K 359 -49.88 31.66 -42.38
N ALA K 360 -48.82 30.89 -42.12
CA ALA K 360 -48.18 30.06 -43.14
C ALA K 360 -48.95 28.74 -43.24
N ILE K 361 -50.14 28.81 -43.84
CA ILE K 361 -51.06 27.68 -43.89
C ILE K 361 -50.98 27.01 -45.26
N ASP K 362 -50.73 25.71 -45.26
CA ASP K 362 -50.80 24.88 -46.45
C ASP K 362 -52.27 24.56 -46.68
N TYR K 363 -52.90 25.27 -47.61
CA TYR K 363 -54.35 25.19 -47.76
C TYR K 363 -54.77 23.82 -48.25
N ASN K 364 -54.13 23.31 -49.32
CA ASN K 364 -54.57 22.06 -49.93
C ASN K 364 -54.50 20.89 -48.95
N ARG K 365 -53.45 20.85 -48.14
CA ARG K 365 -53.27 19.72 -47.22
C ARG K 365 -54.19 19.80 -46.01
N SER K 366 -54.58 21.02 -45.61
CA SER K 366 -55.48 21.18 -44.48
C SER K 366 -56.88 20.67 -44.81
N GLY K 367 -57.72 20.57 -43.80
CA GLY K 367 -59.09 20.15 -44.01
C GLY K 367 -59.68 19.51 -42.78
N THR K 368 -61.00 19.34 -42.82
CA THR K 368 -61.78 18.73 -41.75
C THR K 368 -62.73 17.68 -42.35
N ARG K 369 -62.87 16.56 -41.65
CA ARG K 369 -63.82 15.54 -42.06
C ARG K 369 -65.24 15.94 -41.71
N LYS K 370 -66.17 15.55 -42.58
CA LYS K 370 -67.60 15.80 -42.37
C LYS K 370 -67.86 17.27 -42.08
N GLU K 371 -67.17 18.14 -42.82
CA GLU K 371 -67.30 19.57 -42.59
C GLU K 371 -68.70 20.09 -42.92
N GLU K 372 -69.52 19.29 -43.60
CA GLU K 372 -70.90 19.69 -43.85
C GLU K 372 -71.74 19.72 -42.58
N LEU K 373 -71.33 19.01 -41.52
CA LEU K 373 -72.01 19.05 -40.24
C LEU K 373 -71.66 20.29 -39.43
N LEU K 374 -70.70 21.09 -39.88
CA LEU K 374 -70.26 22.27 -39.16
C LEU K 374 -70.47 23.57 -39.93
N THR K 375 -71.11 23.50 -41.10
CA THR K 375 -71.24 24.66 -41.96
C THR K 375 -72.66 24.74 -42.51
N THR K 376 -73.10 25.95 -42.85
CA THR K 376 -74.34 26.12 -43.58
C THR K 376 -74.16 25.65 -45.02
N GLN K 377 -75.29 25.46 -45.70
CA GLN K 377 -75.26 24.93 -47.06
C GLN K 377 -74.46 25.85 -47.99
N GLU K 378 -74.77 27.15 -47.96
CA GLU K 378 -74.06 28.09 -48.81
C GLU K 378 -72.63 28.35 -48.34
N GLU K 379 -72.38 28.36 -47.03
CA GLU K 379 -71.00 28.49 -46.53
C GLU K 379 -70.13 27.37 -47.08
N LEU K 380 -70.63 26.13 -47.05
CA LEU K 380 -69.90 25.01 -47.61
C LEU K 380 -69.72 25.16 -49.12
N GLN K 381 -70.75 25.60 -49.85
CA GLN K 381 -70.56 25.78 -51.28
C GLN K 381 -69.49 26.84 -51.59
N LYS K 382 -69.47 27.93 -50.82
CA LYS K 382 -68.46 28.97 -51.03
C LYS K 382 -67.05 28.48 -50.68
N MET K 383 -66.89 27.74 -49.57
CA MET K 383 -65.59 27.15 -49.26
C MET K 383 -65.13 26.17 -50.34
N TRP K 384 -66.06 25.38 -50.87
CA TRP K 384 -65.73 24.41 -51.92
C TRP K 384 -65.17 25.11 -53.16
N ILE K 385 -65.86 26.15 -53.63
CA ILE K 385 -65.33 26.96 -54.73
C ILE K 385 -63.95 27.48 -54.40
N LEU K 386 -63.84 28.09 -53.23
CA LEU K 386 -62.58 28.71 -52.86
C LEU K 386 -61.44 27.71 -52.92
N ARG K 387 -61.70 26.47 -52.50
CA ARG K 387 -60.67 25.46 -52.59
C ARG K 387 -60.34 25.11 -54.03
N LYS K 388 -61.36 24.97 -54.89
CA LYS K 388 -61.07 24.70 -56.29
C LYS K 388 -60.21 25.81 -56.90
N ILE K 389 -60.40 27.06 -56.46
CA ILE K 389 -59.60 28.16 -57.02
C ILE K 389 -58.19 28.12 -56.46
N ILE K 390 -58.02 27.82 -55.17
CA ILE K 390 -56.70 27.87 -54.55
C ILE K 390 -55.83 26.66 -54.90
N HIS K 391 -56.43 25.51 -55.18
CA HIS K 391 -55.65 24.29 -55.44
C HIS K 391 -54.55 24.46 -56.49
N PRO K 392 -54.80 25.04 -57.68
CA PRO K 392 -53.71 25.10 -58.68
C PRO K 392 -52.54 25.97 -58.24
N MET K 393 -52.73 26.85 -57.27
CA MET K 393 -51.69 27.76 -56.85
C MET K 393 -50.63 27.03 -56.03
N GLY K 394 -49.44 27.63 -55.97
CA GLY K 394 -48.40 27.13 -55.08
C GLY K 394 -48.73 27.42 -53.62
N GLU K 395 -47.96 26.77 -52.73
CA GLU K 395 -48.17 26.97 -51.30
C GLU K 395 -48.13 28.45 -50.93
N ILE K 396 -47.09 29.15 -51.38
CA ILE K 396 -46.89 30.55 -51.00
C ILE K 396 -47.90 31.44 -51.72
N ASP K 397 -48.04 31.24 -53.05
CA ASP K 397 -48.99 32.02 -53.83
C ASP K 397 -50.40 31.92 -53.26
N ALA K 398 -50.79 30.73 -52.82
CA ALA K 398 -52.12 30.53 -52.25
C ALA K 398 -52.36 31.43 -51.04
N MET K 399 -51.41 31.47 -50.10
CA MET K 399 -51.61 32.28 -48.90
C MET K 399 -51.54 33.76 -49.21
N GLU K 400 -50.57 34.18 -50.03
CA GLU K 400 -50.51 35.60 -50.37
C GLU K 400 -51.82 36.06 -50.97
N PHE K 401 -52.34 35.29 -51.92
CA PHE K 401 -53.61 35.56 -52.55
C PHE K 401 -54.75 35.67 -51.54
N LEU K 402 -54.93 34.62 -50.74
CA LEU K 402 -56.05 34.56 -49.81
C LEU K 402 -55.97 35.66 -48.75
N ILE K 403 -54.78 35.94 -48.23
CA ILE K 403 -54.65 36.96 -47.19
C ILE K 403 -54.90 38.34 -47.77
N ASN K 404 -54.38 38.63 -48.97
CA ASN K 404 -54.68 39.92 -49.57
C ASN K 404 -56.18 40.08 -49.81
N LYS K 405 -56.86 39.02 -50.23
CA LYS K 405 -58.29 39.12 -50.46
C LYS K 405 -59.07 39.29 -49.15
N LEU K 406 -58.70 38.56 -48.11
CA LEU K 406 -59.41 38.66 -46.85
C LEU K 406 -59.14 39.98 -46.15
N ALA K 407 -57.93 40.52 -46.28
CA ALA K 407 -57.60 41.79 -45.66
C ALA K 407 -58.47 42.93 -46.16
N MET K 408 -59.09 42.78 -47.33
CA MET K 408 -59.97 43.80 -47.87
C MET K 408 -61.26 43.96 -47.05
N THR K 409 -61.67 42.94 -46.31
CA THR K 409 -62.93 42.97 -45.57
C THR K 409 -62.68 42.60 -44.10
N LYS K 410 -63.68 42.90 -43.26
CA LYS K 410 -63.58 42.60 -41.84
C LYS K 410 -63.93 41.14 -41.54
N THR K 411 -64.96 40.62 -42.19
CA THR K 411 -65.46 39.28 -41.91
C THR K 411 -65.45 38.42 -43.17
N ASN K 412 -65.45 37.10 -42.96
CA ASN K 412 -65.54 36.16 -44.06
C ASN K 412 -66.87 36.27 -44.81
N ASP K 413 -67.94 36.64 -44.11
CA ASP K 413 -69.24 36.81 -44.75
C ASP K 413 -69.19 37.91 -45.82
N ASP K 414 -68.63 39.07 -45.48
CA ASP K 414 -68.45 40.12 -46.47
C ASP K 414 -67.53 39.69 -47.61
N PHE K 415 -66.49 38.92 -47.29
CA PHE K 415 -65.61 38.37 -48.33
C PHE K 415 -66.39 37.48 -49.29
N PHE K 416 -67.24 36.59 -48.77
CA PHE K 416 -68.11 35.77 -49.60
C PHE K 416 -69.03 36.63 -50.46
N GLU K 417 -69.63 37.66 -49.89
CA GLU K 417 -70.45 38.57 -50.68
C GLU K 417 -69.65 39.25 -51.78
N MET K 418 -68.36 39.53 -51.54
CA MET K 418 -67.49 40.02 -52.59
C MET K 418 -67.29 38.98 -53.68
N MET K 419 -67.16 37.69 -53.32
CA MET K 419 -66.99 36.67 -54.34
C MET K 419 -68.08 36.73 -55.41
N LYS K 420 -69.27 37.23 -55.07
CA LYS K 420 -70.39 37.31 -56.02
C LYS K 420 -70.27 38.41 -57.06
N MET L 4 2.18 25.96 94.75
CA MET L 4 3.51 25.46 95.13
C MET L 4 3.89 24.25 94.28
N ASN L 5 4.61 24.49 93.18
CA ASN L 5 4.95 23.46 92.21
C ASN L 5 6.45 23.39 92.03
N LEU L 6 6.96 22.18 91.82
CA LEU L 6 8.40 21.98 91.74
C LEU L 6 8.98 22.64 90.48
N THR L 7 8.44 22.32 89.31
CA THR L 7 8.99 22.90 88.08
C THR L 7 8.79 24.40 88.04
N GLU L 8 7.71 24.91 88.65
CA GLU L 8 7.53 26.35 88.74
C GLU L 8 8.63 26.99 89.56
N LEU L 9 9.06 26.33 90.64
CA LEU L 9 10.18 26.81 91.42
C LEU L 9 11.50 26.70 90.66
N LYS L 10 11.65 25.64 89.86
CA LYS L 10 12.84 25.51 89.03
C LYS L 10 12.92 26.58 87.97
N ASN L 11 11.77 27.07 87.49
CA ASN L 11 11.77 28.09 86.45
C ASN L 11 12.10 29.46 87.01
N THR L 12 11.60 29.78 88.21
CA THR L 12 11.79 31.12 88.74
C THR L 12 13.28 31.37 89.00
N PRO L 13 13.75 32.60 88.80
CA PRO L 13 15.16 32.90 89.07
C PRO L 13 15.53 32.70 90.53
N VAL L 14 16.84 32.58 90.77
CA VAL L 14 17.33 32.32 92.13
C VAL L 14 17.02 33.49 93.05
N SER L 15 17.03 34.73 92.53
CA SER L 15 16.79 35.89 93.37
C SER L 15 15.42 35.83 94.02
N GLU L 16 14.38 35.60 93.22
CA GLU L 16 13.03 35.47 93.74
C GLU L 16 12.90 34.27 94.68
N LEU L 17 13.63 33.19 94.41
CA LEU L 17 13.61 32.02 95.29
C LEU L 17 14.21 32.34 96.66
N ILE L 18 15.35 33.03 96.70
CA ILE L 18 15.98 33.38 97.97
C ILE L 18 15.08 34.31 98.76
N THR L 19 14.52 35.34 98.12
CA THR L 19 13.59 36.22 98.82
C THR L 19 12.40 35.44 99.36
N LEU L 20 11.76 34.61 98.52
CA LEU L 20 10.62 33.81 98.95
C LEU L 20 10.98 32.87 100.11
N GLY L 21 12.20 32.33 100.13
CA GLY L 21 12.59 31.42 101.19
C GLY L 21 12.89 32.13 102.49
N GLU L 22 13.50 33.31 102.40
CA GLU L 22 13.72 34.12 103.59
C GLU L 22 12.40 34.58 104.20
N ASN L 23 11.37 34.80 103.37
CA ASN L 23 10.06 35.14 103.91
C ASN L 23 9.50 34.01 104.78
N MET L 24 9.75 32.76 104.41
CA MET L 24 9.29 31.62 105.18
C MET L 24 10.09 31.49 106.47
N ASN L 28 20.25 30.85 106.11
CA ASN L 28 20.85 31.55 105.00
C ASN L 28 20.86 30.69 103.75
N LEU L 29 20.17 31.16 102.70
CA LEU L 29 20.09 30.47 101.43
C LEU L 29 21.11 30.97 100.41
N ALA L 30 21.82 32.07 100.70
CA ALA L 30 22.71 32.68 99.71
C ALA L 30 23.86 31.75 99.36
N ARG L 31 24.36 30.99 100.33
CA ARG L 31 25.55 30.18 100.10
C ARG L 31 25.22 28.93 99.28
N MET L 32 24.15 28.23 99.64
CA MET L 32 23.83 26.94 99.03
C MET L 32 23.39 27.08 97.57
N ARG L 33 23.51 25.98 96.82
CA ARG L 33 23.13 25.95 95.41
C ARG L 33 21.61 26.11 95.26
N LYS L 34 21.21 26.55 94.06
CA LYS L 34 19.79 26.80 93.79
C LYS L 34 18.94 25.56 94.05
N GLN L 35 19.41 24.39 93.61
CA GLN L 35 18.69 23.14 93.89
C GLN L 35 18.37 23.00 95.36
N ASP L 36 19.31 23.37 96.23
CA ASP L 36 19.09 23.29 97.67
C ASP L 36 18.06 24.32 98.13
N ILE L 37 18.09 25.54 97.58
CA ILE L 37 17.06 26.51 97.93
C ILE L 37 15.68 25.93 97.66
N ILE L 38 15.50 25.34 96.47
CA ILE L 38 14.20 24.76 96.15
C ILE L 38 13.85 23.64 97.12
N PHE L 39 14.81 22.75 97.41
CA PHE L 39 14.53 21.62 98.29
C PHE L 39 14.11 22.09 99.69
N ALA L 40 14.85 23.03 100.27
CA ALA L 40 14.53 23.53 101.60
C ALA L 40 13.19 24.24 101.63
N ILE L 41 12.89 25.02 100.58
CA ILE L 41 11.61 25.72 100.50
C ILE L 41 10.46 24.71 100.44
N LEU L 42 10.59 23.68 99.60
CA LEU L 42 9.58 22.64 99.51
C LEU L 42 9.36 21.93 100.84
N LYS L 43 10.44 21.56 101.52
CA LYS L 43 10.31 20.92 102.83
C LYS L 43 9.58 21.81 103.82
N GLN L 44 9.98 23.09 103.91
CA GLN L 44 9.34 23.99 104.85
C GLN L 44 7.84 24.13 104.56
N HIS L 45 7.48 24.21 103.28
CA HIS L 45 6.05 24.23 102.95
C HIS L 45 5.36 22.93 103.35
N ALA L 46 6.04 21.79 103.24
CA ALA L 46 5.45 20.52 103.69
C ALA L 46 5.23 20.51 105.20
N LYS L 47 6.14 21.13 105.96
CA LYS L 47 5.97 21.20 107.42
C LYS L 47 4.68 21.91 107.80
N SER L 48 4.31 22.95 107.05
CA SER L 48 3.08 23.68 107.34
C SER L 48 1.83 22.83 107.14
N GLY L 49 1.96 21.65 106.54
CA GLY L 49 0.81 20.84 106.18
C GLY L 49 0.21 21.17 104.82
N GLU L 50 0.61 22.29 104.22
CA GLU L 50 0.14 22.65 102.89
C GLU L 50 0.66 21.66 101.85
N ASP L 51 -0.07 21.55 100.74
CA ASP L 51 0.26 20.57 99.71
C ASP L 51 1.41 21.06 98.84
N ILE L 52 2.10 20.10 98.23
CA ILE L 52 3.18 20.34 97.27
C ILE L 52 2.79 19.67 95.96
N PHE L 53 3.28 20.21 94.85
CA PHE L 53 2.92 19.69 93.54
C PHE L 53 4.14 19.55 92.65
N GLY L 54 4.07 18.59 91.74
CA GLY L 54 5.10 18.36 90.76
C GLY L 54 4.51 17.75 89.49
N ASP L 55 5.38 17.57 88.49
CA ASP L 55 4.93 17.10 87.18
C ASP L 55 6.12 16.70 86.33
N GLY L 56 5.83 15.96 85.26
CA GLY L 56 6.82 15.55 84.29
C GLY L 56 6.33 14.38 83.47
N VAL L 57 7.15 13.99 82.49
CA VAL L 57 6.77 12.90 81.59
C VAL L 57 7.25 11.57 82.19
N LEU L 58 6.38 10.57 82.15
CA LEU L 58 6.66 9.30 82.79
C LEU L 58 7.66 8.48 81.97
N GLU L 59 8.55 7.80 82.68
CA GLU L 59 9.43 6.80 82.10
C GLU L 59 9.42 5.60 83.05
N ILE L 60 8.92 4.47 82.56
CA ILE L 60 8.79 3.25 83.35
C ILE L 60 10.06 2.43 83.20
N LEU L 61 10.69 2.11 84.32
CA LEU L 61 11.89 1.30 84.33
C LEU L 61 11.52 -0.18 84.21
N GLN L 62 12.55 -1.02 84.13
CA GLN L 62 12.34 -2.45 83.91
C GLN L 62 11.73 -3.12 85.14
N ASP L 63 11.96 -2.58 86.33
CA ASP L 63 11.48 -3.22 87.55
C ASP L 63 9.98 -3.03 87.79
N GLY L 64 9.32 -2.14 87.04
CA GLY L 64 7.90 -1.92 87.19
C GLY L 64 7.52 -0.57 87.76
N PHE L 65 8.47 0.15 88.36
CA PHE L 65 8.23 1.51 88.82
C PHE L 65 8.80 2.50 87.81
N GLY L 66 8.43 3.79 87.97
CA GLY L 66 8.84 4.79 87.01
C GLY L 66 9.22 6.10 87.67
N PHE L 67 9.68 7.03 86.83
CA PHE L 67 9.97 8.39 87.27
C PHE L 67 9.40 9.40 86.30
N LEU L 68 9.16 10.60 86.80
CA LEU L 68 8.67 11.72 86.01
C LEU L 68 9.87 12.59 85.62
N ARG L 69 10.42 12.32 84.44
CA ARG L 69 11.50 13.12 83.91
C ARG L 69 11.02 14.53 83.58
N SER L 70 11.97 15.47 83.54
CA SER L 70 11.69 16.87 83.34
C SER L 70 12.31 17.37 82.04
N ALA L 71 11.67 18.39 81.46
CA ALA L 71 12.11 18.92 80.18
C ALA L 71 13.46 19.60 80.27
N ASP L 72 13.79 20.18 81.43
CA ASP L 72 15.08 20.83 81.60
C ASP L 72 16.24 19.84 81.61
N SER L 73 15.97 18.54 81.72
CA SER L 73 16.97 17.49 81.57
C SER L 73 16.80 16.72 80.27
N SER L 74 16.07 17.29 79.30
CA SER L 74 15.76 16.64 78.03
C SER L 74 15.06 15.30 78.23
N TYR L 75 14.31 15.19 79.32
CA TYR L 75 13.58 14.00 79.72
C TYR L 75 14.51 12.84 80.05
N LEU L 76 15.75 13.15 80.43
CA LEU L 76 16.68 12.18 80.97
C LEU L 76 16.63 12.19 82.49
N ALA L 77 17.39 11.28 83.10
CA ALA L 77 17.43 11.17 84.55
C ALA L 77 17.80 12.51 85.17
N GLY L 78 17.02 12.93 86.17
CA GLY L 78 17.24 14.19 86.83
C GLY L 78 17.19 14.09 88.34
N PRO L 79 17.79 15.06 89.02
CA PRO L 79 17.79 15.02 90.50
C PRO L 79 16.41 15.23 91.10
N ASP L 80 15.53 15.98 90.43
CA ASP L 80 14.20 16.28 90.95
C ASP L 80 13.13 15.36 90.38
N ASP L 81 13.51 14.17 89.91
CA ASP L 81 12.56 13.26 89.32
C ASP L 81 11.61 12.71 90.39
N ILE L 82 10.36 12.51 90.00
CA ILE L 82 9.31 12.10 90.92
C ILE L 82 9.05 10.62 90.74
N TYR L 83 9.19 9.86 91.83
CA TYR L 83 8.96 8.42 91.79
C TYR L 83 7.47 8.12 91.65
N VAL L 84 7.14 7.22 90.73
CA VAL L 84 5.78 6.74 90.52
C VAL L 84 5.76 5.25 90.80
N SER L 85 5.00 4.86 91.82
CA SER L 85 4.94 3.48 92.28
C SER L 85 4.27 2.60 91.23
N PRO L 86 4.62 1.31 91.19
CA PRO L 86 3.94 0.40 90.27
C PRO L 86 2.43 0.39 90.43
N SER L 87 1.94 0.43 91.67
CA SER L 87 0.50 0.42 91.92
C SER L 87 -0.18 1.60 91.22
N GLN L 88 0.45 2.78 91.24
CA GLN L 88 -0.09 3.92 90.53
C GLN L 88 -0.13 3.69 89.03
N ILE L 89 0.88 3.04 88.47
CA ILE L 89 0.92 2.79 87.04
C ILE L 89 -0.17 1.81 86.62
N ARG L 90 -0.38 0.76 87.42
CA ARG L 90 -1.43 -0.21 87.10
C ARG L 90 -2.82 0.41 87.26
N ARG L 91 -3.01 1.26 88.26
CA ARG L 91 -4.33 1.83 88.53
C ARG L 91 -4.86 2.56 87.30
N PHE L 92 -4.03 3.41 86.68
CA PHE L 92 -4.46 4.25 85.56
C PHE L 92 -3.88 3.79 84.22
N ASN L 93 -3.29 2.60 84.16
CA ASN L 93 -2.72 2.03 82.95
C ASN L 93 -1.71 2.99 82.31
N LEU L 94 -0.86 3.57 83.15
CA LEU L 94 0.12 4.53 82.66
C LEU L 94 1.19 3.81 81.85
N ARG L 95 1.74 4.53 80.87
CA ARG L 95 2.83 4.02 80.06
C ARG L 95 3.81 5.15 79.76
N THR L 96 5.04 4.76 79.44
CA THR L 96 6.09 5.72 79.15
C THR L 96 5.63 6.76 78.14
N GLY L 97 5.87 8.04 78.46
CA GLY L 97 5.44 9.15 77.65
C GLY L 97 4.29 9.95 78.25
N ASP L 98 3.55 9.36 79.19
CA ASP L 98 2.39 10.03 79.78
C ASP L 98 2.82 11.23 80.61
N THR L 99 2.39 12.42 80.21
CA THR L 99 2.60 13.61 81.04
C THR L 99 1.76 13.49 82.31
N ILE L 100 2.40 13.64 83.47
CA ILE L 100 1.73 13.45 84.75
C ILE L 100 1.89 14.69 85.60
N SER L 101 0.79 15.12 86.25
CA SER L 101 0.81 16.17 87.25
C SER L 101 0.10 15.70 88.52
N GLY L 102 0.71 15.98 89.67
CA GLY L 102 0.10 15.54 90.91
C GLY L 102 0.81 16.06 92.15
N LYS L 103 0.19 15.77 93.29
CA LYS L 103 0.76 16.14 94.58
C LYS L 103 1.95 15.25 94.90
N ILE L 104 2.97 15.85 95.53
CA ILE L 104 4.22 15.16 95.82
C ILE L 104 4.66 15.47 97.25
N ARG L 105 5.58 14.64 97.75
CA ARG L 105 6.15 14.78 99.08
C ARG L 105 7.67 14.65 99.01
N PRO L 106 8.38 15.38 99.87
CA PRO L 106 9.83 15.24 99.90
C PRO L 106 10.23 13.84 100.30
N PRO L 107 11.44 13.42 99.94
CA PRO L 107 11.87 12.06 100.28
C PRO L 107 12.04 11.90 101.79
N LYS L 108 11.59 10.75 102.30
CA LYS L 108 11.77 10.40 103.69
C LYS L 108 13.20 9.94 103.94
N GLU L 109 13.46 9.52 105.19
CA GLU L 109 14.78 9.02 105.56
C GLU L 109 15.04 7.69 104.84
N GLY L 110 16.20 7.59 104.19
CA GLY L 110 16.52 6.44 103.37
C GLY L 110 15.97 6.52 101.97
N GLU L 111 15.47 7.67 101.54
CA GLU L 111 14.95 7.88 100.20
C GLU L 111 15.72 9.01 99.54
N ARG L 112 15.72 9.00 98.21
CA ARG L 112 16.48 9.97 97.44
C ARG L 112 15.63 10.76 96.45
N TYR L 113 14.32 10.56 96.42
CA TYR L 113 13.48 11.14 95.38
C TYR L 113 12.17 11.63 95.95
N PHE L 114 11.61 12.66 95.32
CA PHE L 114 10.24 13.06 95.59
C PHE L 114 9.28 11.97 95.12
N ALA L 115 8.27 11.68 95.94
CA ALA L 115 7.29 10.65 95.64
C ALA L 115 5.96 11.27 95.26
N LEU L 116 5.19 10.53 94.47
CA LEU L 116 3.90 10.98 93.98
C LEU L 116 2.81 10.44 94.90
N LEU L 117 2.05 11.34 95.51
CA LEU L 117 0.95 10.95 96.39
C LEU L 117 -0.30 10.62 95.59
N LYS L 118 -0.77 11.57 94.80
CA LYS L 118 -1.99 11.45 94.02
C LYS L 118 -1.80 12.10 92.68
N VAL L 119 -2.31 11.47 91.64
CA VAL L 119 -2.15 11.98 90.28
C VAL L 119 -3.40 12.77 89.93
N ASN L 120 -3.25 14.08 89.74
CA ASN L 120 -4.38 14.92 89.40
C ASN L 120 -4.67 14.86 87.90
N GLU L 121 -3.64 14.90 87.07
CA GLU L 121 -3.84 15.03 85.63
C GLU L 121 -2.93 14.08 84.87
N VAL L 122 -3.52 13.33 83.94
CA VAL L 122 -2.82 12.41 83.06
C VAL L 122 -3.09 12.87 81.63
N ASN L 123 -2.06 13.44 80.99
CA ASN L 123 -2.15 13.97 79.62
C ASN L 123 -3.19 15.09 79.53
N PHE L 124 -3.13 16.01 80.49
CA PHE L 124 -3.99 17.20 80.50
C PHE L 124 -5.46 16.80 80.51
N ASP L 125 -5.78 15.74 81.26
CA ASP L 125 -7.13 15.20 81.26
C ASP L 125 -7.34 14.43 82.56
N LYS L 126 -8.59 14.02 82.77
CA LYS L 126 -8.95 13.31 83.99
C LYS L 126 -8.27 11.94 84.03
N PRO L 127 -7.68 11.54 85.16
CA PRO L 127 -6.98 10.25 85.21
C PRO L 127 -7.86 9.05 84.86
N GLU L 128 -9.13 9.08 85.26
CA GLU L 128 -10.04 7.96 84.95
C GLU L 128 -10.13 7.71 83.46
N ASN L 129 -10.19 8.77 82.66
CA ASN L 129 -10.29 8.63 81.22
C ASN L 129 -9.06 7.94 80.64
N ALA L 130 -7.92 7.98 81.33
CA ALA L 130 -6.73 7.29 80.79
C ALA L 130 -6.82 5.78 80.96
N ARG L 131 -7.51 5.31 82.01
CA ARG L 131 -7.91 3.90 82.08
C ARG L 131 -8.72 3.52 80.83
N ASN L 132 -9.75 4.27 80.46
CA ASN L 132 -10.55 3.92 79.32
C ASN L 132 -10.15 4.75 78.09
N LYS L 133 -9.40 4.13 77.18
CA LYS L 133 -8.98 4.82 75.95
C LYS L 133 -8.58 3.76 74.93
N ILE L 134 -8.61 4.12 73.64
CA ILE L 134 -8.16 3.21 72.59
C ILE L 134 -6.67 3.45 72.38
N LEU L 135 -5.89 2.38 72.41
CA LEU L 135 -4.44 2.52 72.34
C LEU L 135 -3.99 2.93 70.93
N PHE L 136 -2.79 3.51 70.87
CA PHE L 136 -2.27 3.98 69.60
C PHE L 136 -2.12 2.83 68.60
N GLU L 137 -1.76 1.64 69.08
CA GLU L 137 -1.58 0.50 68.19
C GLU L 137 -2.89 0.06 67.55
N ASN L 138 -4.02 0.43 68.14
CA ASN L 138 -5.34 -0.01 67.67
C ASN L 138 -6.10 1.06 66.90
N LEU L 139 -5.57 2.28 66.84
CA LEU L 139 -6.21 3.33 66.06
C LEU L 139 -6.18 2.99 64.58
N THR L 140 -7.29 3.23 63.90
CA THR L 140 -7.41 2.85 62.50
C THR L 140 -6.69 3.87 61.63
N PRO L 141 -5.68 3.47 60.88
CA PRO L 141 -4.90 4.43 60.09
C PRO L 141 -5.67 4.92 58.88
N LEU L 142 -5.28 6.08 58.38
CA LEU L 142 -5.85 6.66 57.17
C LEU L 142 -4.82 7.53 56.49
N HIS L 143 -5.06 7.80 55.21
CA HIS L 143 -4.32 8.84 54.52
C HIS L 143 -4.76 10.20 55.03
N ALA L 144 -3.85 11.18 54.96
CA ALA L 144 -4.14 12.51 55.48
C ALA L 144 -5.37 13.10 54.80
N ASN L 145 -6.31 13.60 55.60
CA ASN L 145 -7.52 14.24 55.12
C ASN L 145 -7.42 15.77 55.21
N SER L 146 -7.15 16.28 56.41
CA SER L 146 -7.23 17.71 56.65
C SER L 146 -5.92 18.37 56.23
N ARG L 147 -6.02 19.33 55.32
CA ARG L 147 -4.86 20.02 54.81
C ARG L 147 -4.27 20.92 55.89
N LEU L 148 -2.95 20.92 56.00
CA LEU L 148 -2.19 21.83 56.87
C LEU L 148 -1.49 22.83 55.95
N ARG L 149 -2.18 23.93 55.63
CA ARG L 149 -1.65 24.91 54.69
C ARG L 149 -0.55 25.72 55.35
N MET L 150 0.59 25.82 54.68
CA MET L 150 1.73 26.54 55.25
C MET L 150 1.75 28.01 54.88
N GLU L 151 1.02 28.41 53.84
CA GLU L 151 1.14 29.77 53.32
C GLU L 151 0.62 30.80 54.31
N ARG L 152 1.50 31.70 54.75
CA ARG L 152 1.08 32.78 55.62
C ARG L 152 0.06 33.69 54.92
N GLY L 153 0.36 34.11 53.69
CA GLY L 153 -0.42 35.10 53.00
C GLY L 153 -0.06 36.54 53.30
N ASN L 154 0.87 36.79 54.23
CA ASN L 154 1.29 38.13 54.62
C ASN L 154 2.21 38.81 53.58
N GLY L 155 2.32 38.25 52.37
CA GLY L 155 3.24 38.81 51.39
C GLY L 155 4.68 38.84 51.82
N SER L 156 5.06 38.00 52.78
CA SER L 156 6.42 37.99 53.30
C SER L 156 7.37 37.34 52.31
N THR L 157 8.63 37.78 52.35
CA THR L 157 9.64 37.15 51.50
C THR L 157 10.00 35.76 52.00
N GLU L 158 9.92 35.52 53.32
CA GLU L 158 10.05 34.16 53.83
C GLU L 158 8.89 33.28 53.36
N ASP L 159 7.70 33.87 53.25
CA ASP L 159 6.52 33.11 52.86
C ASP L 159 6.70 32.41 51.52
N LEU L 160 7.60 32.91 50.66
CA LEU L 160 7.87 32.20 49.42
C LEU L 160 8.10 30.72 49.67
N THR L 161 8.97 30.37 50.62
CA THR L 161 9.22 28.96 50.91
C THR L 161 7.93 28.23 51.21
N ALA L 162 7.07 28.83 52.03
CA ALA L 162 5.81 28.15 52.33
C ALA L 162 4.98 28.00 51.07
N ARG L 163 4.89 29.04 50.25
CA ARG L 163 3.99 29.00 49.10
C ARG L 163 4.43 27.90 48.13
N VAL L 164 5.69 27.92 47.71
CA VAL L 164 6.21 26.84 46.87
C VAL L 164 5.90 25.49 47.51
N LEU L 165 6.12 25.35 48.83
CA LEU L 165 5.84 24.06 49.45
C LEU L 165 4.40 23.64 49.14
N ASP L 166 3.44 24.53 49.41
CA ASP L 166 2.05 24.17 49.19
C ASP L 166 1.81 23.71 47.76
N LEU L 167 2.54 24.27 46.81
CA LEU L 167 2.28 23.88 45.43
C LEU L 167 3.02 22.59 45.07
N ALA L 168 4.17 22.35 45.69
CA ALA L 168 4.99 21.24 45.23
C ALA L 168 4.65 19.96 45.98
N SER L 169 4.39 20.07 47.29
CA SER L 169 4.16 18.90 48.14
C SER L 169 3.30 19.31 49.32
N PRO L 170 1.98 19.28 49.16
CA PRO L 170 1.10 19.66 50.27
C PRO L 170 1.30 18.76 51.49
N ILE L 171 0.97 19.29 52.66
CA ILE L 171 1.14 18.60 53.94
C ILE L 171 -0.22 18.55 54.64
N GLY L 172 -0.66 17.33 54.98
CA GLY L 172 -1.85 17.11 55.75
C GLY L 172 -1.56 16.57 57.15
N ARG L 173 -2.62 16.48 57.94
CA ARG L 173 -2.51 15.98 59.31
C ARG L 173 -2.30 14.47 59.30
N GLY L 174 -1.20 14.02 59.92
CA GLY L 174 -0.79 12.64 59.83
C GLY L 174 0.22 12.35 58.74
N GLN L 175 0.74 13.38 58.07
CA GLN L 175 1.69 13.18 57.00
C GLN L 175 2.99 12.58 57.52
N ARG L 176 3.71 11.89 56.63
CA ARG L 176 4.95 11.21 56.95
C ARG L 176 5.96 11.64 55.89
N GLY L 177 6.52 12.85 56.07
CA GLY L 177 7.27 13.52 55.05
C GLY L 177 8.76 13.67 55.34
N LEU L 178 9.49 14.05 54.29
CA LEU L 178 10.94 14.17 54.31
C LEU L 178 11.37 15.42 53.56
N ILE L 179 12.25 16.21 54.16
CA ILE L 179 12.92 17.31 53.48
C ILE L 179 14.28 16.73 53.08
N VAL L 180 14.39 16.25 51.84
CA VAL L 180 15.57 15.53 51.39
C VAL L 180 16.48 16.49 50.63
N ALA L 181 17.77 16.50 51.00
CA ALA L 181 18.74 17.36 50.34
C ALA L 181 20.17 17.12 50.81
N PRO L 182 21.16 17.47 50.00
CA PRO L 182 22.57 17.38 50.45
C PRO L 182 22.86 18.42 51.52
N PRO L 183 23.99 18.29 52.23
CA PRO L 183 24.33 19.30 53.23
C PRO L 183 24.39 20.69 52.62
N LYS L 184 23.85 21.67 53.36
CA LYS L 184 23.87 23.09 53.03
C LYS L 184 22.90 23.45 51.91
N ALA L 185 21.86 22.64 51.68
CA ALA L 185 20.88 22.95 50.65
C ALA L 185 19.70 23.76 51.16
N GLY L 186 19.44 23.74 52.47
CA GLY L 186 18.40 24.57 53.01
C GLY L 186 17.37 23.80 53.83
N LYS L 187 17.72 22.58 54.23
CA LYS L 187 16.76 21.72 54.91
C LYS L 187 16.34 22.31 56.26
N THR L 188 17.32 22.67 57.08
CA THR L 188 17.01 23.15 58.43
C THR L 188 16.19 24.42 58.40
N MET L 189 16.63 25.43 57.64
CA MET L 189 15.87 26.66 57.54
C MET L 189 14.49 26.45 56.94
N LEU L 190 14.35 25.47 56.04
CA LEU L 190 13.02 25.16 55.54
C LEU L 190 12.15 24.55 56.63
N LEU L 191 12.73 23.72 57.50
CA LEU L 191 12.00 23.20 58.64
C LEU L 191 11.61 24.31 59.61
N GLN L 192 12.48 25.31 59.78
CA GLN L 192 12.17 26.47 60.62
C GLN L 192 11.04 27.30 60.01
N ASN L 193 11.08 27.49 58.70
CA ASN L 193 9.98 28.15 58.00
C ASN L 193 8.66 27.40 58.22
N ILE L 194 8.70 26.07 58.13
CA ILE L 194 7.52 25.25 58.42
C ILE L 194 7.05 25.47 59.85
N ALA L 195 7.99 25.49 60.80
CA ALA L 195 7.62 25.67 62.20
C ALA L 195 6.90 27.00 62.41
N GLN L 196 7.42 28.08 61.82
CA GLN L 196 6.74 29.37 61.90
C GLN L 196 5.34 29.29 61.31
N SER L 197 5.20 28.70 60.12
CA SER L 197 3.89 28.57 59.50
C SER L 197 2.92 27.78 60.37
N ILE L 198 3.42 26.75 61.06
CA ILE L 198 2.57 25.95 61.93
C ILE L 198 2.13 26.76 63.13
N ALA L 199 3.05 27.53 63.73
CA ALA L 199 2.67 28.32 64.89
C ALA L 199 1.63 29.38 64.54
N TYR L 200 1.71 29.95 63.34
CA TYR L 200 0.75 31.01 62.99
C TYR L 200 -0.57 30.46 62.46
N ASN L 201 -0.51 29.51 61.52
CA ASN L 201 -1.72 29.02 60.86
C ASN L 201 -2.41 27.92 61.64
N HIS L 202 -1.68 27.18 62.46
CA HIS L 202 -2.22 26.02 63.18
C HIS L 202 -1.78 26.05 64.63
N PRO L 203 -2.18 27.09 65.39
CA PRO L 203 -1.86 27.10 66.83
C PRO L 203 -2.56 25.99 67.60
N ASP L 204 -3.56 25.36 67.00
CA ASP L 204 -4.27 24.26 67.67
C ASP L 204 -3.40 23.01 67.76
N CYS L 205 -2.49 22.82 66.80
CA CYS L 205 -1.64 21.63 66.78
C CYS L 205 -0.57 21.70 67.87
N VAL L 206 -0.22 20.53 68.41
CA VAL L 206 0.81 20.41 69.43
C VAL L 206 2.14 20.27 68.70
N LEU L 207 2.95 21.33 68.70
CA LEU L 207 4.19 21.36 67.93
C LEU L 207 5.38 20.95 68.79
N MET L 208 6.12 19.95 68.33
CA MET L 208 7.36 19.50 68.96
C MET L 208 8.46 19.48 67.91
N VAL L 209 9.66 19.94 68.29
CA VAL L 209 10.82 20.00 67.39
C VAL L 209 11.92 19.13 67.99
N LEU L 210 12.20 17.99 67.35
CA LEU L 210 13.21 17.05 67.80
C LEU L 210 14.47 17.23 66.95
N LEU L 211 15.58 17.59 67.59
CA LEU L 211 16.86 17.85 66.93
C LEU L 211 17.85 16.77 67.34
N ILE L 212 18.30 15.98 66.36
CA ILE L 212 19.15 14.82 66.62
C ILE L 212 20.44 15.00 65.84
N ASP L 213 21.57 15.06 66.57
CA ASP L 213 22.91 14.97 66.00
C ASP L 213 23.21 16.12 65.05
N GLU L 214 22.68 17.30 65.37
CA GLU L 214 22.87 18.48 64.55
C GLU L 214 23.54 19.59 65.36
N ARG L 215 23.68 20.76 64.73
CA ARG L 215 24.52 21.82 65.27
C ARG L 215 23.92 22.39 66.55
N PRO L 216 24.75 22.72 67.54
CA PRO L 216 24.17 23.22 68.81
C PRO L 216 23.57 24.61 68.69
N GLU L 217 24.15 25.48 67.87
CA GLU L 217 23.59 26.82 67.71
C GLU L 217 22.20 26.78 67.09
N GLU L 218 21.89 25.76 66.30
CA GLU L 218 20.54 25.59 65.77
C GLU L 218 19.53 25.25 66.86
N VAL L 219 19.97 24.55 67.92
CA VAL L 219 19.08 24.28 69.04
C VAL L 219 18.57 25.58 69.67
N THR L 220 19.49 26.45 70.05
CA THR L 220 19.08 27.71 70.66
C THR L 220 18.37 28.60 69.65
N GLU L 221 18.80 28.57 68.38
CA GLU L 221 18.06 29.31 67.36
C GLU L 221 16.62 28.84 67.25
N MET L 222 16.39 27.54 67.39
CA MET L 222 15.06 26.98 67.22
C MET L 222 14.18 27.23 68.44
N GLN L 223 14.75 27.16 69.66
CA GLN L 223 13.91 27.31 70.84
C GLN L 223 13.48 28.76 71.05
N ARG L 224 14.27 29.72 70.57
CA ARG L 224 13.90 31.13 70.62
C ARG L 224 13.11 31.58 69.41
N LEU L 225 12.92 30.71 68.41
CA LEU L 225 12.20 31.04 67.19
C LEU L 225 10.81 30.42 67.10
N VAL L 226 10.66 29.13 67.44
CA VAL L 226 9.39 28.44 67.28
C VAL L 226 8.56 28.61 68.55
N LYS L 227 7.24 28.65 68.36
CA LYS L 227 6.30 28.72 69.47
C LYS L 227 5.86 27.28 69.75
N GLY L 228 6.76 26.55 70.40
CA GLY L 228 6.48 25.17 70.74
C GLY L 228 7.58 24.60 71.61
N GLU L 229 7.52 23.30 71.81
CA GLU L 229 8.50 22.59 72.61
C GLU L 229 9.64 22.09 71.75
N VAL L 230 10.87 22.26 72.23
CA VAL L 230 12.08 21.87 71.50
C VAL L 230 12.87 20.90 72.37
N VAL L 231 13.05 19.67 71.87
CA VAL L 231 13.88 18.64 72.51
C VAL L 231 15.06 18.38 71.59
N ALA L 232 16.27 18.41 72.15
CA ALA L 232 17.47 18.32 71.33
C ALA L 232 18.48 17.35 71.95
N SER L 233 19.38 16.87 71.08
CA SER L 233 20.48 15.97 71.42
C SER L 233 21.56 16.17 70.35
N THR L 234 22.35 17.22 70.53
CA THR L 234 23.31 17.67 69.52
C THR L 234 24.37 16.62 69.21
N PHE L 235 25.23 16.94 68.23
CA PHE L 235 26.30 16.02 67.87
C PHE L 235 27.37 15.91 68.94
N ASP L 236 27.31 16.73 69.99
CA ASP L 236 28.17 16.52 71.15
C ASP L 236 27.79 15.27 71.92
N GLU L 237 26.67 14.71 71.64
CA GLU L 237 26.09 13.61 72.38
C GLU L 237 26.28 12.28 71.64
N PRO L 238 26.37 11.18 72.38
CA PRO L 238 26.54 9.87 71.75
C PRO L 238 25.24 9.40 71.11
N ALA L 239 25.37 8.33 70.33
CA ALA L 239 24.19 7.77 69.66
C ALA L 239 23.20 7.20 70.67
N SER L 240 23.70 6.62 71.76
CA SER L 240 22.84 6.07 72.81
C SER L 240 21.82 7.11 73.28
N ARG L 241 22.29 8.32 73.56
CA ARG L 241 21.42 9.40 74.00
C ARG L 241 20.42 9.79 72.93
N HIS L 242 20.87 9.91 71.67
CA HIS L 242 19.95 10.21 70.58
C HIS L 242 18.78 9.25 70.58
N VAL L 243 19.08 7.94 70.64
CA VAL L 243 18.01 6.95 70.59
C VAL L 243 17.05 7.16 71.76
N GLN L 244 17.59 7.21 72.98
CA GLN L 244 16.69 7.26 74.14
C GLN L 244 15.79 8.50 74.09
N VAL L 245 16.37 9.65 73.77
CA VAL L 245 15.61 10.89 73.68
C VAL L 245 14.50 10.77 72.64
N ALA L 246 14.85 10.27 71.45
CA ALA L 246 13.85 10.15 70.39
C ALA L 246 12.72 9.21 70.80
N GLU L 247 13.05 8.13 71.52
CA GLU L 247 12.02 7.21 71.97
C GLU L 247 11.05 7.90 72.92
N MET L 248 11.58 8.66 73.88
CA MET L 248 10.69 9.41 74.77
C MET L 248 9.78 10.35 74.00
N VAL L 249 10.33 11.10 73.03
CA VAL L 249 9.50 12.07 72.32
C VAL L 249 8.42 11.37 71.51
N ILE L 250 8.77 10.28 70.82
CA ILE L 250 7.77 9.61 69.99
C ILE L 250 6.67 8.98 70.86
N GLU L 251 7.02 8.43 72.02
CA GLU L 251 5.97 7.87 72.88
C GLU L 251 5.06 8.95 73.43
N LYS L 252 5.63 10.10 73.81
CA LYS L 252 4.80 11.22 74.24
C LYS L 252 3.82 11.65 73.15
N ALA L 253 4.29 11.73 71.90
CA ALA L 253 3.40 12.04 70.79
C ALA L 253 2.27 11.02 70.68
N LYS L 254 2.60 9.73 70.78
CA LYS L 254 1.56 8.70 70.70
C LYS L 254 0.51 8.87 71.79
N ARG L 255 0.94 9.18 73.02
CA ARG L 255 -0.03 9.40 74.10
C ARG L 255 -0.97 10.56 73.78
N LEU L 256 -0.40 11.70 73.36
CA LEU L 256 -1.26 12.84 73.02
C LEU L 256 -2.24 12.48 71.90
N VAL L 257 -1.81 11.68 70.93
CA VAL L 257 -2.72 11.24 69.86
C VAL L 257 -3.81 10.33 70.41
N GLU L 258 -3.49 9.49 71.40
CA GLU L 258 -4.53 8.74 72.08
C GLU L 258 -5.57 9.66 72.72
N HIS L 259 -5.18 10.90 73.05
CA HIS L 259 -6.15 11.90 73.50
C HIS L 259 -6.71 12.76 72.35
N LYS L 260 -6.79 12.22 71.12
CA LYS L 260 -7.38 12.93 69.97
C LYS L 260 -6.75 14.30 69.72
N LYS L 261 -5.43 14.37 69.86
CA LYS L 261 -4.68 15.59 69.59
C LYS L 261 -3.96 15.46 68.25
N ASP L 262 -3.74 16.62 67.61
CA ASP L 262 -3.01 16.71 66.35
C ASP L 262 -1.57 17.13 66.67
N VAL L 263 -0.68 16.16 66.77
CA VAL L 263 0.73 16.38 67.11
C VAL L 263 1.55 16.49 65.83
N ILE L 264 2.55 17.36 65.84
CA ILE L 264 3.49 17.53 64.73
C ILE L 264 4.90 17.47 65.30
N ILE L 265 5.75 16.63 64.69
CA ILE L 265 7.15 16.49 65.09
C ILE L 265 8.01 16.89 63.90
N LEU L 266 8.78 17.97 64.06
CA LEU L 266 9.76 18.41 63.08
C LEU L 266 11.11 17.84 63.50
N LEU L 267 11.59 16.83 62.78
CA LEU L 267 12.80 16.11 63.15
C LEU L 267 13.96 16.50 62.23
N ASP L 268 15.11 16.79 62.84
CA ASP L 268 16.30 17.17 62.09
C ASP L 268 17.50 16.71 62.91
N SER L 269 18.18 15.65 62.47
CA SER L 269 17.88 14.96 61.21
C SER L 269 17.48 13.51 61.43
N ILE L 270 16.58 12.99 60.59
CA ILE L 270 16.17 11.61 60.74
C ILE L 270 17.22 10.67 60.15
N THR L 271 18.02 11.14 59.19
CA THR L 271 19.12 10.33 58.69
C THR L 271 20.12 10.05 59.80
N ARG L 272 20.44 11.06 60.60
CA ARG L 272 21.38 10.87 61.70
C ARG L 272 20.76 10.03 62.82
N LEU L 273 19.45 10.14 63.04
CA LEU L 273 18.78 9.24 63.97
C LEU L 273 18.90 7.79 63.51
N ALA L 274 18.71 7.55 62.21
CA ALA L 274 18.88 6.21 61.67
C ALA L 274 20.32 5.73 61.85
N ARG L 275 21.29 6.61 61.64
CA ARG L 275 22.69 6.25 61.94
C ARG L 275 22.87 5.84 63.40
N ALA L 276 22.26 6.59 64.33
CA ALA L 276 22.37 6.22 65.74
C ALA L 276 21.82 4.82 66.00
N TYR L 277 20.64 4.53 65.46
CA TYR L 277 20.11 3.17 65.58
C TYR L 277 21.11 2.15 65.04
N ASN L 278 21.69 2.41 63.87
CA ASN L 278 22.68 1.49 63.32
C ASN L 278 23.90 1.35 64.23
N THR L 279 24.18 2.37 65.03
CA THR L 279 25.30 2.33 65.98
C THR L 279 25.01 1.42 67.17
N VAL L 280 23.79 1.44 67.69
CA VAL L 280 23.48 0.64 68.86
C VAL L 280 22.83 -0.70 68.54
N VAL L 281 22.51 -0.96 67.28
CA VAL L 281 21.79 -2.19 66.93
C VAL L 281 22.69 -3.40 67.12
N PRO L 282 22.18 -4.54 67.60
CA PRO L 282 23.03 -5.74 67.70
C PRO L 282 23.42 -6.23 66.31
N ALA L 283 24.71 -6.53 66.14
CA ALA L 283 25.19 -7.06 64.87
C ALA L 283 24.44 -8.33 64.52
N SER L 284 23.97 -8.42 63.28
CA SER L 284 23.24 -9.57 62.80
C SER L 284 24.08 -10.50 61.94
N GLY L 285 25.35 -10.16 61.70
CA GLY L 285 26.15 -10.88 60.74
C GLY L 285 25.81 -10.60 59.28
N LYS L 286 24.90 -9.68 59.02
CA LYS L 286 24.49 -9.32 57.66
C LYS L 286 24.52 -7.81 57.58
N VAL L 287 25.24 -7.26 56.61
CA VAL L 287 25.34 -5.82 56.50
C VAL L 287 24.97 -5.40 55.09
N LEU L 288 24.11 -4.40 54.98
CA LEU L 288 23.65 -3.88 53.72
C LEU L 288 24.69 -2.96 53.10
N THR L 289 24.42 -2.59 51.85
CA THR L 289 25.23 -1.62 51.13
C THR L 289 25.37 -0.31 51.91
N GLY L 290 26.61 0.14 52.05
CA GLY L 290 26.92 1.35 52.78
C GLY L 290 27.26 1.18 54.24
N GLY L 291 27.29 -0.04 54.76
CA GLY L 291 27.60 -0.25 56.16
C GLY L 291 26.42 -0.19 57.11
N VAL L 292 25.22 -0.50 56.65
CA VAL L 292 24.01 -0.49 57.47
C VAL L 292 23.63 -1.94 57.77
N ASP L 293 23.53 -2.26 59.07
CA ASP L 293 23.14 -3.60 59.48
C ASP L 293 21.77 -3.96 58.90
N ALA L 294 21.61 -5.23 58.54
CA ALA L 294 20.38 -5.69 57.90
C ALA L 294 19.15 -5.50 58.78
N ASN L 295 19.33 -5.44 60.10
CA ASN L 295 18.23 -5.27 61.04
C ASN L 295 18.22 -3.88 61.66
N ALA L 296 19.04 -2.96 61.16
CA ALA L 296 19.19 -1.67 61.81
C ALA L 296 18.03 -0.72 61.51
N LEU L 297 17.43 -0.82 60.33
CA LEU L 297 16.42 0.14 59.89
C LEU L 297 15.02 -0.20 60.36
N HIS L 298 14.82 -1.34 61.04
CA HIS L 298 13.49 -1.67 61.53
C HIS L 298 13.00 -0.66 62.57
N ARG L 299 13.81 -0.39 63.59
CA ARG L 299 13.47 0.61 64.60
C ARG L 299 13.24 2.00 64.01
N PRO L 300 14.19 2.60 63.28
CA PRO L 300 13.92 3.93 62.70
C PRO L 300 12.74 3.92 61.76
N LYS L 301 12.51 2.81 61.06
CA LYS L 301 11.33 2.71 60.20
C LYS L 301 10.05 2.76 61.03
N ARG L 302 10.01 2.07 62.17
CA ARG L 302 8.83 2.19 63.03
C ARG L 302 8.68 3.60 63.61
N PHE L 303 9.79 4.25 63.93
CA PHE L 303 9.72 5.63 64.42
C PHE L 303 9.10 6.56 63.38
N PHE L 304 9.65 6.56 62.16
CA PHE L 304 9.06 7.39 61.12
C PHE L 304 7.63 6.98 60.81
N GLY L 305 7.35 5.67 60.75
CA GLY L 305 6.02 5.15 60.48
C GLY L 305 5.01 5.40 61.58
N ALA L 306 5.44 5.84 62.77
CA ALA L 306 4.49 6.27 63.78
C ALA L 306 3.52 7.31 63.22
N ALA L 307 4.05 8.30 62.49
CA ALA L 307 3.22 9.34 61.89
C ALA L 307 2.08 8.72 61.09
N ARG L 308 0.86 9.16 61.37
CA ARG L 308 -0.31 8.58 60.72
C ARG L 308 -1.53 9.43 61.04
N ASN L 309 -2.53 9.32 60.18
CA ASN L 309 -3.84 9.92 60.42
C ASN L 309 -4.77 8.90 61.07
N VAL L 310 -5.48 9.35 62.10
CA VAL L 310 -6.36 8.48 62.88
C VAL L 310 -7.80 8.85 62.57
N GLU L 311 -8.61 7.84 62.27
CA GLU L 311 -10.03 8.06 62.05
C GLU L 311 -10.75 8.41 63.35
N GLU L 312 -10.31 7.84 64.47
CA GLU L 312 -11.00 8.06 65.75
C GLU L 312 -10.86 9.51 66.21
N GLY L 313 -9.75 10.18 65.90
CA GLY L 313 -9.58 11.55 66.29
C GLY L 313 -8.12 11.89 66.49
N GLY L 314 -7.67 13.04 65.96
CA GLY L 314 -6.29 13.44 66.07
C GLY L 314 -5.42 12.82 65.00
N SER L 315 -4.12 13.09 65.12
CA SER L 315 -3.15 12.64 64.13
C SER L 315 -1.74 12.90 64.66
N LEU L 316 -0.78 12.22 64.04
CA LEU L 316 0.65 12.42 64.30
C LEU L 316 1.32 12.69 62.95
N THR L 317 1.80 13.91 62.78
CA THR L 317 2.56 14.33 61.61
C THR L 317 4.05 14.32 61.96
N ILE L 318 4.88 13.91 60.99
CA ILE L 318 6.32 13.95 61.18
C ILE L 318 6.96 14.49 59.91
N ILE L 319 7.60 15.64 60.00
CA ILE L 319 8.37 16.21 58.90
C ILE L 319 9.84 16.15 59.33
N ALA L 320 10.60 15.27 58.71
CA ALA L 320 11.99 15.05 59.08
C ALA L 320 12.91 15.32 57.89
N THR L 321 14.12 15.78 58.18
CA THR L 321 15.11 16.04 57.15
C THR L 321 15.98 14.82 56.90
N ALA L 322 16.35 14.60 55.64
CA ALA L 322 17.22 13.50 55.25
C ALA L 322 18.33 14.00 54.35
N LEU L 323 19.44 13.26 54.34
CA LEU L 323 20.63 13.63 53.61
C LEU L 323 20.81 12.74 52.40
N ILE L 324 21.34 13.32 51.32
CA ILE L 324 21.68 12.59 50.10
C ILE L 324 22.95 13.20 49.50
N ASP L 325 23.51 12.46 48.54
CA ASP L 325 24.72 12.88 47.81
C ASP L 325 25.84 13.24 48.78
N THR L 326 25.95 12.47 49.85
CA THR L 326 27.01 12.63 50.82
C THR L 326 28.26 11.83 50.46
N GLY L 327 28.26 11.13 49.33
CA GLY L 327 29.34 10.21 49.03
C GLY L 327 29.31 8.91 49.81
N SER L 328 28.44 8.80 50.82
CA SER L 328 28.32 7.60 51.64
C SER L 328 27.02 6.89 51.24
N LYS L 329 27.14 5.69 50.67
CA LYS L 329 25.96 4.96 50.18
C LYS L 329 24.94 4.72 51.27
N MET L 330 25.39 4.59 52.52
CA MET L 330 24.50 4.40 53.66
C MET L 330 23.34 5.38 53.67
N ASP L 331 23.61 6.65 53.36
CA ASP L 331 22.56 7.66 53.39
C ASP L 331 21.58 7.50 52.23
N GLU L 332 22.05 7.04 51.07
CA GLU L 332 21.12 6.69 49.99
C GLU L 332 20.20 5.55 50.42
N VAL L 333 20.75 4.53 51.09
CA VAL L 333 19.94 3.42 51.59
C VAL L 333 18.89 3.93 52.58
N ILE L 334 19.32 4.72 53.56
CA ILE L 334 18.41 5.24 54.57
C ILE L 334 17.32 6.09 53.92
N TYR L 335 17.70 6.98 53.01
CA TYR L 335 16.73 7.85 52.34
C TYR L 335 15.73 7.05 51.53
N GLU L 336 16.20 6.08 50.76
CA GLU L 336 15.26 5.31 49.93
C GLU L 336 14.37 4.42 50.77
N GLU L 337 14.88 3.93 51.91
CA GLU L 337 14.05 3.15 52.84
C GLU L 337 12.96 4.02 53.45
N PHE L 338 13.30 5.25 53.85
CA PHE L 338 12.28 6.15 54.39
C PHE L 338 11.30 6.61 53.34
N LYS L 339 11.72 6.69 52.07
CA LYS L 339 10.78 7.10 51.02
C LYS L 339 9.68 6.06 50.84
N GLY L 340 10.03 4.77 50.90
CA GLY L 340 9.09 3.66 50.89
C GLY L 340 8.34 3.45 52.17
N THR L 341 8.60 4.28 53.18
CA THR L 341 7.81 4.32 54.40
C THR L 341 6.86 5.51 54.44
N GLY L 342 7.31 6.68 54.00
CA GLY L 342 6.51 7.88 54.07
C GLY L 342 5.67 8.12 52.83
N ASN L 343 5.21 9.38 52.71
CA ASN L 343 4.25 9.72 51.67
C ASN L 343 4.35 11.19 51.25
N MET L 344 5.54 11.80 51.39
CA MET L 344 5.77 13.19 51.04
C MET L 344 7.26 13.48 51.05
N GLU L 345 7.79 14.06 49.98
CA GLU L 345 9.21 14.41 49.94
C GLU L 345 9.34 15.78 49.27
N LEU L 346 9.99 16.70 49.96
CA LEU L 346 10.37 18.00 49.40
C LEU L 346 11.87 17.95 49.20
N HIS L 347 12.29 17.89 47.94
CA HIS L 347 13.72 17.84 47.61
C HIS L 347 14.28 19.24 47.47
N LEU L 348 15.50 19.42 47.97
CA LEU L 348 16.25 20.65 47.79
C LEU L 348 17.54 20.34 47.05
N SER L 349 17.91 21.22 46.13
CA SER L 349 19.01 20.99 45.21
C SER L 349 20.24 21.80 45.62
N ARG L 350 21.39 21.13 45.68
CA ARG L 350 22.65 21.83 45.90
C ARG L 350 22.99 22.75 44.73
N LYS L 351 22.62 22.34 43.50
CA LYS L 351 22.88 23.17 42.33
C LYS L 351 22.14 24.50 42.41
N ILE L 352 20.87 24.47 42.81
CA ILE L 352 20.10 25.70 42.99
C ILE L 352 20.67 26.52 44.15
N ALA L 353 21.05 25.86 45.23
CA ALA L 353 21.53 26.56 46.42
C ALA L 353 22.86 27.26 46.18
N GLU L 354 23.71 26.68 45.32
CA GLU L 354 24.99 27.31 45.02
C GLU L 354 24.84 28.59 44.21
N LYS L 355 23.76 28.71 43.43
CA LYS L 355 23.42 29.95 42.75
C LYS L 355 22.70 30.95 43.66
N ARG L 356 22.57 30.64 44.95
CA ARG L 356 21.90 31.50 45.92
C ARG L 356 20.45 31.79 45.50
N VAL L 357 19.76 30.77 45.03
CA VAL L 357 18.35 30.84 44.67
C VAL L 357 17.58 30.08 45.75
N PHE L 358 16.79 30.79 46.54
CA PHE L 358 16.07 30.18 47.65
C PHE L 358 14.58 30.50 47.57
N PRO L 359 13.70 29.53 47.88
CA PRO L 359 14.07 28.18 48.32
C PRO L 359 14.59 27.31 47.17
N ALA L 360 15.66 26.57 47.43
CA ALA L 360 16.30 25.75 46.40
C ALA L 360 15.57 24.41 46.31
N ILE L 361 14.37 24.46 45.73
CA ILE L 361 13.47 23.31 45.69
C ILE L 361 13.54 22.64 44.34
N ASP L 362 13.81 21.33 44.35
CA ASP L 362 13.74 20.49 43.15
C ASP L 362 12.28 20.14 42.95
N TYR L 363 11.61 20.84 42.03
CA TYR L 363 10.17 20.74 41.89
C TYR L 363 9.75 19.35 41.40
N ASN L 364 10.40 18.86 40.34
CA ASN L 364 9.98 17.60 39.73
C ASN L 364 10.09 16.45 40.71
N ARG L 365 11.15 16.41 41.52
CA ARG L 365 11.37 15.29 42.42
C ARG L 365 10.46 15.36 43.65
N SER L 366 10.05 16.56 44.05
CA SER L 366 9.17 16.71 45.20
C SER L 366 7.77 16.17 44.88
N GLY L 367 6.96 16.04 45.91
CA GLY L 367 5.59 15.61 45.71
C GLY L 367 5.02 14.95 46.96
N THR L 368 3.71 14.77 46.94
CA THR L 368 2.96 14.15 48.02
C THR L 368 2.04 13.08 47.44
N ARG L 369 1.91 11.96 48.14
CA ARG L 369 0.99 10.91 47.75
C ARG L 369 -0.43 11.29 48.12
N LYS L 370 -1.37 10.88 47.27
CA LYS L 370 -2.80 11.10 47.51
C LYS L 370 -3.08 12.57 47.80
N GLU L 371 -2.42 13.45 47.05
CA GLU L 371 -2.59 14.88 47.27
C GLU L 371 -3.99 15.37 46.96
N GLU L 372 -4.82 14.56 46.28
CA GLU L 372 -6.21 14.92 46.05
C GLU L 372 -7.02 14.92 47.34
N LEU L 373 -6.56 14.23 48.38
CA LEU L 373 -7.23 14.26 49.68
C LEU L 373 -6.90 15.51 50.48
N LEU L 374 -5.95 16.32 50.00
CA LEU L 374 -5.53 17.51 50.71
C LEU L 374 -5.78 18.80 49.93
N THR L 375 -6.44 18.73 48.78
CA THR L 375 -6.61 19.89 47.92
C THR L 375 -8.04 19.92 47.38
N THR L 376 -8.50 21.13 47.06
CA THR L 376 -9.76 21.27 46.34
C THR L 376 -9.60 20.80 44.90
N GLN L 377 -10.74 20.58 44.23
CA GLN L 377 -10.71 20.04 42.87
C GLN L 377 -9.95 20.98 41.94
N GLU L 378 -10.28 22.27 41.97
CA GLU L 378 -9.60 23.23 41.11
C GLU L 378 -8.17 23.52 41.56
N GLU L 379 -7.90 23.53 42.87
CA GLU L 379 -6.52 23.69 43.33
C GLU L 379 -5.63 22.59 42.77
N LEU L 380 -6.11 21.34 42.82
CA LEU L 380 -5.36 20.24 42.24
C LEU L 380 -5.20 20.39 40.74
N GLN L 381 -6.26 20.81 40.02
CA GLN L 381 -6.09 20.98 38.58
C GLN L 381 -5.05 22.06 38.26
N LYS L 382 -5.03 23.15 39.03
CA LYS L 382 -4.04 24.21 38.81
C LYS L 382 -2.62 23.76 39.13
N MET L 383 -2.42 23.03 40.23
CA MET L 383 -1.11 22.46 40.54
C MET L 383 -0.65 21.49 39.46
N TRP L 384 -1.57 20.66 38.95
CA TRP L 384 -1.25 19.71 37.89
C TRP L 384 -0.75 20.42 36.64
N ILE L 385 -1.49 21.44 36.17
CA ILE L 385 -1.04 22.23 35.04
C ILE L 385 0.32 22.86 35.33
N LEU L 386 0.50 23.43 36.52
CA LEU L 386 1.76 24.07 36.87
C LEU L 386 2.93 23.09 36.79
N ARG L 387 2.72 21.86 37.22
CA ARG L 387 3.79 20.87 37.14
C ARG L 387 4.10 20.50 35.69
N LYS L 388 3.07 20.34 34.87
CA LYS L 388 3.33 20.07 33.46
C LYS L 388 4.17 21.20 32.83
N ILE L 389 3.96 22.44 33.26
CA ILE L 389 4.72 23.56 32.69
C ILE L 389 6.16 23.55 33.23
N ILE L 390 6.34 23.26 34.51
CA ILE L 390 7.67 23.34 35.12
C ILE L 390 8.57 22.16 34.76
N HIS L 391 7.99 20.98 34.49
CA HIS L 391 8.80 19.79 34.24
C HIS L 391 9.86 19.97 33.17
N PRO L 392 9.60 20.52 31.98
CA PRO L 392 10.66 20.60 30.98
C PRO L 392 11.82 21.50 31.38
N MET L 393 11.62 22.38 32.34
CA MET L 393 12.66 23.33 32.75
C MET L 393 13.75 22.62 33.56
N GLY L 394 14.93 23.24 33.61
CA GLY L 394 15.97 22.77 34.50
C GLY L 394 15.65 23.09 35.94
N GLU L 395 16.41 22.47 36.85
CA GLU L 395 16.20 22.69 38.28
C GLU L 395 16.19 24.20 38.59
N ILE L 396 17.29 24.86 38.23
CA ILE L 396 17.47 26.27 38.54
C ILE L 396 16.43 27.13 37.81
N ASP L 397 16.29 26.92 36.49
CA ASP L 397 15.30 27.66 35.71
C ASP L 397 13.92 27.52 36.30
N ALA L 398 13.55 26.31 36.72
CA ALA L 398 12.25 26.09 37.34
C ALA L 398 12.07 26.97 38.57
N MET L 399 13.05 26.99 39.48
CA MET L 399 12.82 27.82 40.67
C MET L 399 12.83 29.30 40.35
N GLU L 400 13.75 29.77 39.49
CA GLU L 400 13.76 31.20 39.18
C GLU L 400 12.43 31.62 38.58
N PHE L 401 11.91 30.83 37.63
CA PHE L 401 10.62 31.12 37.01
C PHE L 401 9.49 31.17 38.05
N LEU L 402 9.37 30.12 38.86
CA LEU L 402 8.26 30.06 39.81
C LEU L 402 8.33 31.15 40.87
N ILE L 403 9.52 31.46 41.39
CA ILE L 403 9.65 32.48 42.42
C ILE L 403 9.36 33.86 41.83
N ASN L 404 9.85 34.16 40.63
CA ASN L 404 9.51 35.44 40.01
C ASN L 404 8.01 35.56 39.79
N LYS L 405 7.34 34.48 39.37
CA LYS L 405 5.89 34.57 39.16
C LYS L 405 5.14 34.73 40.48
N LEU L 406 5.54 34.01 41.52
CA LEU L 406 4.85 34.10 42.81
C LEU L 406 5.09 35.44 43.50
N ALA L 407 6.30 36.00 43.37
CA ALA L 407 6.61 37.28 43.98
C ALA L 407 5.71 38.41 43.48
N MET L 408 5.07 38.22 42.33
CA MET L 408 4.16 39.24 41.79
C MET L 408 2.89 39.38 42.63
N THR L 409 2.50 38.34 43.38
CA THR L 409 1.27 38.36 44.14
C THR L 409 1.54 37.99 45.59
N LYS L 410 0.55 38.27 46.44
CA LYS L 410 0.68 37.98 47.85
C LYS L 410 0.37 36.52 48.16
N THR L 411 -0.67 35.97 47.53
CA THR L 411 -1.13 34.63 47.82
C THR L 411 -1.12 33.76 46.57
N ASN L 412 -1.09 32.44 46.79
CA ASN L 412 -1.18 31.50 45.69
C ASN L 412 -2.53 31.57 44.98
N ASP L 413 -3.60 31.93 45.69
CA ASP L 413 -4.92 32.06 45.06
C ASP L 413 -4.91 33.15 43.99
N ASP L 414 -4.36 34.33 44.31
CA ASP L 414 -4.22 35.39 43.32
C ASP L 414 -3.30 34.96 42.17
N PHE L 415 -2.24 34.21 42.47
CA PHE L 415 -1.36 33.68 41.43
C PHE L 415 -2.13 32.76 40.47
N PHE L 416 -2.96 31.88 41.01
CA PHE L 416 -3.83 31.03 40.19
C PHE L 416 -4.78 31.86 39.34
N GLU L 417 -5.39 32.89 39.92
CA GLU L 417 -6.24 33.78 39.14
C GLU L 417 -5.47 34.46 38.03
N MET L 418 -4.18 34.77 38.25
CA MET L 418 -3.34 35.27 37.17
C MET L 418 -3.12 34.23 36.07
N MET L 419 -3.01 32.95 36.44
CA MET L 419 -2.79 31.91 35.43
C MET L 419 -3.88 31.90 34.36
N LYS L 420 -5.12 32.21 34.73
CA LYS L 420 -6.22 32.24 33.79
C LYS L 420 -6.08 33.37 32.77
N MET M 12 36.95 -11.24 -19.34
CA MET M 12 36.34 -11.99 -18.25
C MET M 12 37.31 -13.02 -17.69
N VAL M 13 37.15 -13.29 -16.38
CA VAL M 13 38.08 -14.07 -15.57
C VAL M 13 37.24 -14.90 -14.60
N ARG M 14 37.79 -16.04 -14.19
CA ARG M 14 37.17 -16.99 -13.28
C ARG M 14 38.08 -17.15 -12.09
N VAL M 15 37.51 -17.28 -10.90
CA VAL M 15 38.29 -17.42 -9.68
C VAL M 15 38.04 -18.81 -9.13
N ASN M 16 39.13 -19.50 -8.77
CA ASN M 16 39.07 -20.88 -8.30
C ASN M 16 39.85 -21.07 -7.01
N ASP M 17 40.09 -19.98 -6.29
CA ASP M 17 40.91 -20.05 -5.08
C ASP M 17 40.45 -18.98 -4.10
N GLY M 18 40.33 -19.39 -2.84
CA GLY M 18 39.88 -18.52 -1.78
C GLY M 18 38.37 -18.46 -1.73
N PRO M 19 37.85 -17.49 -0.96
CA PRO M 19 36.38 -17.36 -0.86
C PRO M 19 35.72 -16.91 -2.15
N PHE M 20 36.48 -16.45 -3.13
CA PHE M 20 35.96 -16.08 -4.44
C PHE M 20 36.02 -17.23 -5.43
N ALA M 21 36.44 -18.41 -4.99
CA ALA M 21 36.41 -19.59 -5.83
C ALA M 21 34.99 -19.86 -6.32
N ASP M 22 34.89 -20.41 -7.54
CA ASP M 22 33.62 -20.71 -8.18
C ASP M 22 32.85 -19.44 -8.51
N PHE M 23 33.55 -18.43 -9.00
CA PHE M 23 32.93 -17.17 -9.39
C PHE M 23 33.61 -16.62 -10.62
N ASN M 24 32.89 -15.81 -11.37
CA ASN M 24 33.41 -15.13 -12.54
C ASN M 24 33.52 -13.64 -12.26
N GLY M 25 34.08 -12.93 -13.23
CA GLY M 25 34.35 -11.52 -13.08
C GLY M 25 35.02 -10.98 -14.32
N VAL M 26 35.53 -9.75 -14.19
CA VAL M 26 36.29 -9.10 -15.26
C VAL M 26 37.48 -8.39 -14.63
N VAL M 27 38.61 -8.45 -15.32
CA VAL M 27 39.84 -7.78 -14.90
C VAL M 27 39.80 -6.34 -15.39
N GLU M 28 39.81 -5.41 -14.45
CA GLU M 28 39.87 -3.99 -14.73
C GLU M 28 41.25 -3.59 -15.23
N GLU M 29 42.31 -4.01 -14.52
CA GLU M 29 43.68 -3.67 -14.90
C GLU M 29 44.66 -4.80 -14.60
N ARG M 36 49.64 -9.19 -10.09
CA ARG M 36 48.29 -9.12 -9.54
C ARG M 36 47.30 -8.65 -10.61
N LEU M 37 46.08 -9.16 -10.52
CA LEU M 37 44.99 -8.84 -11.44
C LEU M 37 43.83 -8.27 -10.63
N LYS M 38 43.34 -7.12 -11.06
CA LYS M 38 42.25 -6.39 -10.39
C LYS M 38 40.93 -6.93 -10.92
N VAL M 39 40.38 -7.96 -10.28
CA VAL M 39 39.13 -8.56 -10.73
C VAL M 39 38.07 -8.36 -9.66
N SER M 40 36.91 -7.85 -10.05
CA SER M 40 35.79 -7.73 -9.14
C SER M 40 34.88 -8.94 -9.31
N VAL M 41 34.24 -9.34 -8.21
CA VAL M 41 33.30 -10.44 -8.23
C VAL M 41 31.93 -9.92 -7.80
N SER M 42 30.90 -10.32 -8.55
CA SER M 42 29.51 -9.97 -8.28
C SER M 42 28.96 -10.97 -7.27
N ILE M 43 28.98 -10.56 -6.01
CA ILE M 43 28.51 -11.36 -4.90
C ILE M 43 27.37 -10.63 -4.22
N PHE M 44 26.32 -11.38 -3.94
CA PHE M 44 25.07 -10.88 -3.34
C PHE M 44 24.61 -9.73 -4.23
N GLY M 45 24.68 -8.48 -3.78
CA GLY M 45 24.26 -7.31 -4.50
C GLY M 45 25.26 -6.22 -4.25
N ARG M 46 26.52 -6.62 -4.06
CA ARG M 46 27.60 -5.67 -3.89
C ARG M 46 28.86 -6.20 -4.56
N ALA M 47 29.40 -5.41 -5.49
CA ALA M 47 30.65 -5.78 -6.14
C ALA M 47 31.77 -5.82 -5.12
N THR M 48 32.60 -6.86 -5.21
CA THR M 48 33.76 -6.99 -4.34
C THR M 48 35.00 -6.99 -5.24
N PRO M 49 35.65 -5.83 -5.37
CA PRO M 49 36.91 -5.75 -6.12
C PRO M 49 38.07 -6.33 -5.32
N VAL M 50 38.70 -7.36 -5.88
CA VAL M 50 39.82 -8.04 -5.22
C VAL M 50 40.89 -8.35 -6.26
N GLU M 51 42.12 -8.47 -5.79
CA GLU M 51 43.26 -8.73 -6.66
C GLU M 51 43.70 -10.17 -6.49
N LEU M 52 43.72 -10.90 -7.58
CA LEU M 52 44.11 -12.31 -7.57
C LEU M 52 45.32 -12.51 -8.46
N ASP M 53 46.09 -13.54 -8.12
CA ASP M 53 47.23 -13.88 -8.94
C ASP M 53 46.75 -14.50 -10.25
N PHE M 54 47.72 -14.71 -11.15
CA PHE M 54 47.39 -15.22 -12.47
C PHE M 54 46.93 -16.67 -12.39
N SER M 55 47.56 -17.45 -11.51
CA SER M 55 47.15 -18.82 -11.25
C SER M 55 45.94 -18.93 -10.34
N GLN M 56 45.68 -17.94 -9.47
CA GLN M 56 44.50 -17.97 -8.63
C GLN M 56 43.22 -17.86 -9.42
N VAL M 57 43.31 -17.39 -10.67
CA VAL M 57 42.19 -17.21 -11.58
C VAL M 57 42.52 -17.87 -12.91
N GLU M 58 41.47 -18.14 -13.67
CA GLU M 58 41.52 -18.78 -14.99
C GLU M 58 40.78 -17.91 -16.00
N LYS M 59 41.27 -17.87 -17.22
CA LYS M 59 40.57 -17.10 -18.25
C LYS M 59 39.18 -17.68 -18.48
N ALA M 60 38.22 -16.81 -18.73
CA ALA M 60 36.85 -17.22 -19.03
C ALA M 60 36.77 -17.94 -20.38
N MET N 12 60.79 52.63 22.29
CA MET N 12 61.20 51.35 22.88
C MET N 12 61.37 51.49 24.39
N VAL N 13 61.11 50.37 25.07
CA VAL N 13 60.99 50.29 26.52
C VAL N 13 61.61 48.96 26.96
N ARG N 14 62.12 48.94 28.18
CA ARG N 14 62.77 47.78 28.80
C ARG N 14 62.01 47.44 30.05
N VAL N 15 61.85 46.16 30.34
CA VAL N 15 61.12 45.71 31.52
C VAL N 15 62.12 45.04 32.46
N ASN N 16 62.06 45.42 33.74
CA ASN N 16 62.99 44.94 34.75
C ASN N 16 62.27 44.44 35.98
N ASP N 17 60.98 44.11 35.84
CA ASP N 17 60.19 43.71 37.00
C ASP N 17 59.12 42.73 36.55
N GLY N 18 58.95 41.66 37.33
CA GLY N 18 58.01 40.61 37.03
C GLY N 18 58.58 39.61 36.06
N PRO N 19 57.71 38.74 35.53
CA PRO N 19 58.18 37.74 34.56
C PRO N 19 58.66 38.33 33.25
N PHE N 20 58.36 39.60 32.98
CA PHE N 20 58.83 40.29 31.79
C PHE N 20 60.14 41.03 32.03
N ALA N 21 60.73 40.88 33.22
CA ALA N 21 62.05 41.43 33.48
C ALA N 21 63.06 40.88 32.49
N ASP N 22 64.06 41.71 32.17
CA ASP N 22 65.11 41.37 31.21
C ASP N 22 64.55 41.20 29.79
N PHE N 23 63.63 42.09 29.40
CA PHE N 23 63.07 42.06 28.06
C PHE N 23 62.84 43.48 27.60
N ASN N 24 62.82 43.65 26.28
CA ASN N 24 62.55 44.92 25.65
C ASN N 24 61.19 44.87 24.97
N GLY N 25 60.78 46.02 24.45
CA GLY N 25 59.48 46.15 23.85
C GLY N 25 59.28 47.56 23.34
N VAL N 26 58.03 47.87 23.00
CA VAL N 26 57.63 49.21 22.58
C VAL N 26 56.29 49.54 23.22
N VAL N 27 56.16 50.80 23.66
CA VAL N 27 54.93 51.29 24.25
C VAL N 27 53.99 51.74 23.13
N GLU N 28 52.84 51.07 23.04
CA GLU N 28 51.79 51.43 22.10
C GLU N 28 51.10 52.72 22.51
N GLU N 29 50.69 52.83 23.77
CA GLU N 29 49.99 54.02 24.26
C GLU N 29 50.37 54.35 25.70
N ARG N 36 49.88 53.80 33.71
CA ARG N 36 50.16 52.52 33.05
C ARG N 36 50.66 52.74 31.64
N LEU N 37 51.56 51.86 31.20
CA LEU N 37 52.14 51.88 29.86
C LEU N 37 51.83 50.56 29.17
N LYS N 38 51.30 50.65 27.96
CA LYS N 38 50.90 49.48 27.18
C LYS N 38 52.11 49.00 26.38
N VAL N 39 52.89 48.10 26.95
CA VAL N 39 54.11 47.61 26.29
C VAL N 39 53.94 46.12 26.02
N SER N 40 54.18 45.72 24.77
CA SER N 40 54.18 44.31 24.41
C SER N 40 55.60 43.77 24.48
N VAL N 41 55.73 42.50 24.85
CA VAL N 41 57.03 41.84 24.89
C VAL N 41 57.01 40.67 23.92
N SER N 42 58.08 40.55 23.12
CA SER N 42 58.29 39.48 22.16
C SER N 42 58.89 38.30 22.88
N ILE N 43 58.02 37.37 23.26
CA ILE N 43 58.39 36.16 24.00
C ILE N 43 58.00 34.96 23.16
N PHE N 44 58.93 34.01 23.07
CA PHE N 44 58.81 32.79 22.27
C PHE N 44 58.47 33.25 20.86
N GLY N 45 57.24 33.04 20.38
CA GLY N 45 56.78 33.38 19.06
C GLY N 45 55.37 33.90 19.18
N ARG N 46 55.09 34.55 20.32
CA ARG N 46 53.79 35.16 20.53
C ARG N 46 53.96 36.45 21.31
N ALA N 47 53.49 37.56 20.75
CA ALA N 47 53.52 38.83 21.44
C ALA N 47 52.66 38.76 22.69
N THR N 48 53.18 39.31 23.78
CA THR N 48 52.43 39.38 25.03
C THR N 48 52.27 40.85 25.40
N PRO N 49 51.13 41.44 25.06
CA PRO N 49 50.85 42.84 25.45
C PRO N 49 50.48 42.93 26.92
N VAL N 50 51.28 43.70 27.67
CA VAL N 50 51.07 43.87 29.10
C VAL N 50 51.30 45.32 29.47
N GLU N 51 50.70 45.75 30.57
CA GLU N 51 50.77 47.13 31.03
C GLU N 51 51.67 47.18 32.24
N LEU N 52 52.71 47.99 32.16
CA LEU N 52 53.66 48.14 33.25
C LEU N 52 53.69 49.58 33.71
N ASP N 53 54.05 49.74 34.98
CA ASP N 53 54.19 51.09 35.51
C ASP N 53 55.43 51.76 34.93
N PHE N 54 55.57 53.04 35.24
CA PHE N 54 56.67 53.81 34.68
C PHE N 54 57.99 53.37 35.28
N SER N 55 57.99 53.04 36.59
CA SER N 55 59.15 52.50 37.26
C SER N 55 59.37 51.01 37.00
N GLN N 56 58.32 50.26 36.67
CA GLN N 56 58.49 48.85 36.34
C GLN N 56 59.28 48.65 35.07
N VAL N 57 59.39 49.69 34.23
CA VAL N 57 60.10 49.67 32.97
C VAL N 57 61.05 50.86 32.91
N GLU N 58 62.03 50.76 32.03
CA GLU N 58 63.06 51.76 31.80
C GLU N 58 63.12 52.11 30.33
N LYS N 59 63.39 53.37 30.02
CA LYS N 59 63.50 53.75 28.61
C LYS N 59 64.65 53.01 27.96
N ALA N 60 64.46 52.64 26.70
CA ALA N 60 65.51 51.96 25.92
C ALA N 60 66.68 52.90 25.63
N MET O 12 -18.11 32.63 20.50
CA MET O 12 -17.46 32.41 21.79
C MET O 12 -18.16 31.29 22.55
N VAL O 13 -17.36 30.58 23.36
CA VAL O 13 -17.72 29.35 24.03
C VAL O 13 -17.08 29.36 25.42
N ARG O 14 -17.71 28.67 26.36
CA ARG O 14 -17.28 28.57 27.75
C ARG O 14 -17.08 27.10 28.05
N VAL O 15 -16.06 26.78 28.82
CA VAL O 15 -15.74 25.41 29.18
C VAL O 15 -15.99 25.24 30.66
N ASN O 16 -16.70 24.16 31.03
CA ASN O 16 -17.10 23.89 32.41
C ASN O 16 -16.76 22.48 32.82
N ASP O 17 -15.83 21.83 32.10
CA ASP O 17 -15.52 20.43 32.37
C ASP O 17 -14.06 20.18 32.02
N GLY O 18 -13.39 19.46 32.90
CA GLY O 18 -11.98 19.15 32.76
C GLY O 18 -11.11 20.27 33.24
N PRO O 19 -9.81 20.20 32.92
CA PRO O 19 -8.88 21.26 33.35
C PRO O 19 -9.15 22.60 32.68
N PHE O 20 -9.95 22.64 31.62
CA PHE O 20 -10.33 23.88 30.96
C PHE O 20 -11.64 24.45 31.50
N ALA O 21 -12.19 23.83 32.55
CA ALA O 21 -13.35 24.39 33.21
C ALA O 21 -13.05 25.79 33.73
N ASP O 22 -14.09 26.63 33.74
CA ASP O 22 -14.00 28.02 34.18
C ASP O 22 -13.12 28.85 33.23
N PHE O 23 -13.28 28.62 31.92
CA PHE O 23 -12.53 29.37 30.93
C PHE O 23 -13.42 29.61 29.73
N ASN O 24 -13.10 30.66 28.98
CA ASN O 24 -13.79 30.99 27.75
C ASN O 24 -12.87 30.75 26.57
N GLY O 25 -13.44 30.93 25.38
CA GLY O 25 -12.72 30.65 24.15
C GLY O 25 -13.61 30.92 22.97
N VAL O 26 -13.16 30.46 21.79
CA VAL O 26 -13.91 30.56 20.56
C VAL O 26 -13.77 29.25 19.79
N VAL O 27 -14.88 28.82 19.18
CA VAL O 27 -14.90 27.61 18.37
C VAL O 27 -14.44 27.96 16.95
N GLU O 28 -13.33 27.37 16.55
CA GLU O 28 -12.80 27.51 15.20
C GLU O 28 -13.66 26.76 14.19
N GLU O 29 -13.98 25.50 14.47
CA GLU O 29 -14.79 24.70 13.55
C GLU O 29 -15.71 23.75 14.30
N ARG O 36 -17.73 16.98 18.15
CA ARG O 36 -16.61 17.68 18.77
C ARG O 36 -16.55 19.12 18.28
N LEU O 37 -16.10 20.01 19.18
CA LEU O 37 -15.95 21.43 18.91
C LEU O 37 -14.49 21.81 19.13
N LYS O 38 -13.90 22.48 18.15
CA LYS O 38 -12.49 22.89 18.19
C LYS O 38 -12.42 24.25 18.87
N VAL O 39 -12.24 24.26 20.20
CA VAL O 39 -12.19 25.50 20.96
C VAL O 39 -10.82 25.63 21.58
N SER O 40 -10.19 26.78 21.38
CA SER O 40 -8.92 27.08 22.03
C SER O 40 -9.18 27.87 23.30
N VAL O 41 -8.33 27.66 24.30
CA VAL O 41 -8.42 28.39 25.56
C VAL O 41 -7.12 29.18 25.76
N SER O 42 -7.27 30.45 26.14
CA SER O 42 -6.17 31.35 26.43
C SER O 42 -5.74 31.13 27.88
N ILE O 43 -4.70 30.31 28.03
CA ILE O 43 -4.15 29.95 29.32
C ILE O 43 -2.70 30.41 29.37
N PHE O 44 -2.34 31.03 30.49
CA PHE O 44 -1.02 31.61 30.73
C PHE O 44 -0.74 32.55 29.56
N GLY O 45 0.17 32.22 28.65
CA GLY O 45 0.55 33.02 27.50
C GLY O 45 0.75 32.09 26.33
N ARG O 46 -0.02 31.00 26.32
CA ARG O 46 0.02 30.05 25.22
C ARG O 46 -1.37 29.51 24.96
N ALA O 47 -1.85 29.69 23.73
CA ALA O 47 -3.15 29.14 23.34
C ALA O 47 -3.11 27.63 23.43
N THR O 48 -4.16 27.03 23.97
CA THR O 48 -4.29 25.58 24.04
C THR O 48 -5.53 25.19 23.25
N PRO O 49 -5.36 24.79 22.00
CA PRO O 49 -6.49 24.30 21.20
C PRO O 49 -6.89 22.89 21.60
N VAL O 50 -8.15 22.74 22.04
CA VAL O 50 -8.66 21.47 22.49
C VAL O 50 -10.09 21.29 21.97
N GLU O 51 -10.51 20.05 21.85
CA GLU O 51 -11.82 19.71 21.33
C GLU O 51 -12.70 19.25 22.47
N LEU O 52 -13.83 19.93 22.65
CA LEU O 52 -14.77 19.61 23.71
C LEU O 52 -16.10 19.25 23.11
N ASP O 53 -16.84 18.42 23.85
CA ASP O 53 -18.18 18.07 23.42
C ASP O 53 -19.12 19.26 23.57
N PHE O 54 -20.34 19.09 23.06
CA PHE O 54 -21.29 20.19 23.07
C PHE O 54 -21.76 20.48 24.49
N SER O 55 -21.93 19.42 25.29
CA SER O 55 -22.28 19.56 26.70
C SER O 55 -21.08 19.92 27.57
N GLN O 56 -19.86 19.57 27.17
CA GLN O 56 -18.67 19.93 27.94
C GLN O 56 -18.45 21.44 27.97
N VAL O 57 -19.07 22.17 27.03
CA VAL O 57 -18.97 23.60 26.89
C VAL O 57 -20.37 24.20 26.81
N GLU O 58 -20.44 25.50 27.08
CA GLU O 58 -21.68 26.28 27.07
C GLU O 58 -21.49 27.50 26.19
N LYS O 59 -22.53 27.90 25.49
CA LYS O 59 -22.43 29.10 24.67
C LYS O 59 -22.14 30.32 25.54
N ALA O 60 -21.33 31.23 25.02
CA ALA O 60 -21.02 32.47 25.73
C ALA O 60 -22.23 33.39 25.81
N MET P 12 5.69 20.33 -94.68
CA MET P 12 5.39 19.10 -93.96
C MET P 12 6.38 18.91 -92.81
N VAL P 13 5.88 18.25 -91.76
CA VAL P 13 6.54 18.12 -90.47
C VAL P 13 6.26 16.73 -89.94
N ARG P 14 7.17 16.21 -89.12
CA ARG P 14 7.10 14.88 -88.52
C ARG P 14 7.14 15.06 -87.02
N VAL P 15 6.38 14.27 -86.29
CA VAL P 15 6.33 14.36 -84.83
C VAL P 15 6.94 13.09 -84.27
N ASN P 16 7.84 13.26 -83.29
CA ASN P 16 8.57 12.15 -82.70
C ASN P 16 8.53 12.19 -81.18
N ASP P 17 7.54 12.89 -80.63
CA ASP P 17 7.46 13.06 -79.18
C ASP P 17 6.01 13.21 -78.77
N GLY P 18 5.65 12.50 -77.70
CA GLY P 18 4.30 12.49 -77.19
C GLY P 18 3.43 11.49 -77.92
N PRO P 19 2.12 11.58 -77.72
CA PRO P 19 1.20 10.65 -78.40
C PRO P 19 1.13 10.86 -79.91
N PHE P 20 1.65 11.98 -80.41
CA PHE P 20 1.72 12.23 -81.84
C PHE P 20 3.04 11.78 -82.46
N ALA P 21 3.89 11.12 -81.66
CA ALA P 21 5.11 10.53 -82.20
C ALA P 21 4.77 9.52 -83.29
N ASP P 22 5.68 9.43 -84.27
CA ASP P 22 5.53 8.54 -85.42
C ASP P 22 4.36 8.97 -86.31
N PHE P 23 4.23 10.28 -86.53
CA PHE P 23 3.19 10.81 -87.38
C PHE P 23 3.73 11.99 -88.15
N ASN P 24 3.12 12.26 -89.30
CA ASN P 24 3.45 13.41 -90.12
C ASN P 24 2.32 14.42 -90.08
N GLY P 25 2.56 15.55 -90.72
CA GLY P 25 1.62 16.65 -90.69
C GLY P 25 2.16 17.82 -91.48
N VAL P 26 1.50 18.96 -91.32
CA VAL P 26 1.92 20.21 -91.94
C VAL P 26 1.76 21.34 -90.92
N VAL P 27 2.72 22.26 -90.92
CA VAL P 27 2.69 23.41 -90.05
C VAL P 27 1.87 24.51 -90.72
N GLU P 28 0.77 24.88 -90.08
CA GLU P 28 -0.08 25.98 -90.52
C GLU P 28 0.59 27.32 -90.29
N GLU P 29 1.13 27.55 -89.09
CA GLU P 29 1.79 28.81 -88.77
C GLU P 29 2.97 28.63 -87.83
N ARG P 36 6.64 27.76 -80.73
CA ARG P 36 5.61 26.74 -80.97
C ARG P 36 5.26 26.69 -82.46
N LEU P 37 4.93 25.49 -82.93
CA LEU P 37 4.55 25.22 -84.31
C LEU P 37 3.17 24.61 -84.32
N LYS P 38 2.28 25.18 -85.12
CA LYS P 38 0.89 24.74 -85.24
C LYS P 38 0.81 23.63 -86.28
N VAL P 39 0.95 22.38 -85.85
CA VAL P 39 0.95 21.25 -86.77
C VAL P 39 -0.26 20.37 -86.44
N SER P 40 -1.04 20.05 -87.45
CA SER P 40 -2.15 19.12 -87.30
C SER P 40 -1.69 17.72 -87.69
N VAL P 41 -2.25 16.71 -87.03
CA VAL P 41 -1.95 15.32 -87.33
C VAL P 41 -3.24 14.64 -87.77
N SER P 42 -3.15 13.88 -88.86
CA SER P 42 -4.26 13.09 -89.41
C SER P 42 -4.31 11.76 -88.68
N ILE P 43 -5.16 11.70 -87.67
CA ILE P 43 -5.36 10.53 -86.83
C ILE P 43 -6.80 10.07 -86.98
N PHE P 44 -6.95 8.76 -87.14
CA PHE P 44 -8.23 8.09 -87.36
C PHE P 44 -8.88 8.80 -88.55
N GLY P 45 -9.94 9.58 -88.33
CA GLY P 45 -10.67 10.29 -89.36
C GLY P 45 -11.04 11.65 -88.81
N ARG P 46 -10.17 12.17 -87.95
CA ARG P 46 -10.35 13.51 -87.39
C ARG P 46 -9.01 14.19 -87.24
N ALA P 47 -8.86 15.35 -87.86
CA ALA P 47 -7.64 16.13 -87.71
C ALA P 47 -7.48 16.56 -86.27
N THR P 48 -6.27 16.46 -85.76
CA THR P 48 -5.95 16.90 -84.41
C THR P 48 -4.90 18.00 -84.52
N PRO P 49 -5.31 19.26 -84.49
CA PRO P 49 -4.36 20.38 -84.49
C PRO P 49 -3.71 20.54 -83.13
N VAL P 50 -2.38 20.44 -83.09
CA VAL P 50 -1.61 20.55 -81.87
C VAL P 50 -0.34 21.34 -82.13
N GLU P 51 0.18 21.96 -81.09
CA GLU P 51 1.36 22.80 -81.18
C GLU P 51 2.54 22.07 -80.58
N LEU P 52 3.58 21.88 -81.37
CA LEU P 52 4.77 21.19 -80.92
C LEU P 52 5.98 22.11 -81.02
N ASP P 53 6.95 21.84 -80.16
CA ASP P 53 8.19 22.60 -80.22
C ASP P 53 8.98 22.23 -81.45
N PHE P 54 10.05 22.99 -81.69
CA PHE P 54 10.84 22.79 -82.89
C PHE P 54 11.60 21.47 -82.81
N SER P 55 12.09 21.12 -81.62
CA SER P 55 12.73 19.84 -81.38
C SER P 55 11.75 18.68 -81.22
N GLN P 56 10.51 18.95 -80.78
CA GLN P 56 9.51 17.90 -80.67
C GLN P 56 9.13 17.32 -82.02
N VAL P 57 9.42 18.05 -83.10
CA VAL P 57 9.11 17.66 -84.47
C VAL P 57 10.38 17.81 -85.32
N GLU P 58 10.36 17.13 -86.46
CA GLU P 58 11.45 17.09 -87.42
C GLU P 58 10.91 17.46 -88.80
N LYS P 59 11.71 18.16 -89.59
CA LYS P 59 11.27 18.50 -90.93
C LYS P 59 11.06 17.23 -91.75
N ALA P 60 10.04 17.24 -92.60
CA ALA P 60 9.76 16.10 -93.49
C ALA P 60 10.84 15.94 -94.55
N MET Q 12 -47.86 64.94 -54.85
CA MET Q 12 -47.00 64.15 -53.97
C MET Q 12 -47.71 63.84 -52.65
N VAL Q 13 -47.35 62.68 -52.09
CA VAL Q 13 -48.01 62.06 -50.95
C VAL Q 13 -46.94 61.43 -50.06
N ARG Q 14 -47.23 61.33 -48.78
CA ARG Q 14 -46.34 60.78 -47.76
C ARG Q 14 -47.06 59.63 -47.11
N VAL Q 15 -46.35 58.55 -46.79
CA VAL Q 15 -46.93 57.38 -46.17
C VAL Q 15 -46.39 57.27 -44.75
N ASN Q 16 -47.28 57.06 -43.79
CA ASN Q 16 -46.93 57.00 -42.38
C ASN Q 16 -47.49 55.78 -41.70
N ASP Q 17 -47.84 54.75 -42.48
CA ASP Q 17 -48.49 53.57 -41.93
C ASP Q 17 -48.11 52.35 -42.76
N GLY Q 18 -47.78 51.28 -42.07
CA GLY Q 18 -47.35 50.04 -42.69
C GLY Q 18 -45.89 50.07 -43.04
N PRO Q 19 -45.46 49.10 -43.85
CA PRO Q 19 -44.04 49.04 -44.24
C PRO Q 19 -43.62 50.20 -45.13
N PHE Q 20 -44.57 50.95 -45.69
CA PHE Q 20 -44.28 52.13 -46.49
C PHE Q 20 -44.26 53.41 -45.67
N ALA Q 21 -44.41 53.29 -44.35
CA ALA Q 21 -44.27 54.44 -43.47
C ALA Q 21 -42.88 55.07 -43.64
N ASP Q 22 -42.84 56.40 -43.47
CA ASP Q 22 -41.62 57.18 -43.62
C ASP Q 22 -41.12 57.18 -45.07
N PHE Q 23 -42.05 57.31 -46.02
CA PHE Q 23 -41.69 57.37 -47.42
C PHE Q 23 -42.62 58.33 -48.13
N ASN Q 24 -42.15 58.87 -49.24
CA ASN Q 24 -42.92 59.77 -50.08
C ASN Q 24 -43.25 59.07 -51.38
N GLY Q 25 -44.05 59.75 -52.20
CA GLY Q 25 -44.53 59.18 -53.44
C GLY Q 25 -45.43 60.17 -54.14
N VAL Q 26 -46.14 59.67 -55.14
CA VAL Q 26 -47.11 60.45 -55.89
C VAL Q 26 -48.33 59.58 -56.16
N VAL Q 27 -49.52 60.20 -56.04
CA VAL Q 27 -50.78 59.51 -56.31
C VAL Q 27 -51.06 59.58 -57.82
N GLU Q 28 -51.12 58.41 -58.44
CA GLU Q 28 -51.46 58.27 -59.84
C GLU Q 28 -52.94 58.54 -60.08
N GLU Q 29 -53.81 57.93 -59.27
CA GLU Q 29 -55.25 58.11 -59.41
C GLU Q 29 -55.96 58.08 -58.07
N ARG Q 36 -59.52 54.70 -51.72
CA ARG Q 36 -58.16 54.24 -51.92
C ARG Q 36 -57.40 55.20 -52.84
N LEU Q 37 -56.10 55.33 -52.58
CA LEU Q 37 -55.21 56.19 -53.35
C LEU Q 37 -54.09 55.32 -53.90
N LYS Q 38 -53.85 55.43 -55.21
CA LYS Q 38 -52.84 54.65 -55.93
C LYS Q 38 -51.53 55.41 -55.84
N VAL Q 39 -50.72 55.12 -54.81
CA VAL Q 39 -49.45 55.80 -54.61
C VAL Q 39 -48.32 54.78 -54.73
N SER Q 40 -47.34 55.08 -55.55
CA SER Q 40 -46.14 54.26 -55.66
C SER Q 40 -45.07 54.81 -54.75
N VAL Q 41 -44.25 53.91 -54.21
CA VAL Q 41 -43.12 54.31 -53.36
C VAL Q 41 -41.83 53.84 -54.02
N SER Q 42 -40.84 54.74 -54.06
CA SER Q 42 -39.50 54.48 -54.59
C SER Q 42 -38.68 53.83 -53.49
N ILE Q 43 -38.62 52.50 -53.53
CA ILE Q 43 -37.90 51.69 -52.57
C ILE Q 43 -36.83 50.90 -53.31
N PHE Q 44 -35.63 50.91 -52.74
CA PHE Q 44 -34.44 50.28 -53.31
C PHE Q 44 -34.29 50.84 -54.72
N GLY Q 45 -34.54 50.05 -55.76
CA GLY Q 45 -34.41 50.44 -57.15
C GLY Q 45 -35.55 49.80 -57.91
N ARG Q 46 -36.69 49.67 -57.22
CA ARG Q 46 -37.91 49.16 -57.84
C ARG Q 46 -39.11 49.87 -57.27
N ALA Q 47 -39.89 50.49 -58.15
CA ALA Q 47 -41.12 51.15 -57.73
C ALA Q 47 -42.09 50.11 -57.18
N THR Q 48 -42.73 50.45 -56.07
CA THR Q 48 -43.74 49.58 -55.46
C THR Q 48 -45.05 50.35 -55.46
N PRO Q 49 -45.91 50.11 -56.45
CA PRO Q 49 -47.25 50.73 -56.48
C PRO Q 49 -48.18 50.06 -55.49
N VAL Q 50 -48.68 50.85 -54.53
CA VAL Q 50 -49.57 50.33 -53.50
C VAL Q 50 -50.69 51.35 -53.25
N GLU Q 51 -51.81 50.86 -52.76
CA GLU Q 51 -52.98 51.69 -52.52
C GLU Q 51 -53.13 51.91 -51.03
N LEU Q 52 -53.15 53.17 -50.63
CA LEU Q 52 -53.28 53.54 -49.23
C LEU Q 52 -54.53 54.36 -49.03
N ASP Q 53 -55.06 54.28 -47.82
CA ASP Q 53 -56.20 55.10 -47.47
C ASP Q 53 -55.79 56.56 -47.34
N PHE Q 54 -56.80 57.41 -47.19
CA PHE Q 54 -56.53 58.85 -47.13
C PHE Q 54 -55.83 59.22 -45.84
N SER Q 55 -56.20 58.55 -44.73
CA SER Q 55 -55.53 58.73 -43.46
C SER Q 55 -54.22 57.96 -43.35
N GLN Q 56 -54.05 56.87 -44.11
CA GLN Q 56 -52.79 56.14 -44.10
C GLN Q 56 -51.64 56.95 -44.68
N VAL Q 57 -51.96 58.01 -45.44
CA VAL Q 57 -51.01 58.89 -46.07
C VAL Q 57 -51.36 60.33 -45.74
N GLU Q 58 -50.38 61.21 -45.92
CA GLU Q 58 -50.48 62.63 -45.65
C GLU Q 58 -50.02 63.40 -46.89
N LYS Q 59 -50.66 64.53 -47.16
CA LYS Q 59 -50.23 65.34 -48.30
C LYS Q 59 -48.80 65.83 -48.10
N ALA Q 60 -48.04 65.87 -49.18
CA ALA Q 60 -46.67 66.36 -49.14
C ALA Q 60 -46.62 67.86 -48.86
N MET R 12 -72.39 0.32 -96.96
CA MET R 12 -72.51 0.15 -95.52
C MET R 12 -72.40 -1.32 -95.13
N VAL R 13 -71.87 -1.55 -93.93
CA VAL R 13 -71.48 -2.85 -93.42
C VAL R 13 -71.84 -2.90 -91.94
N ARG R 14 -72.09 -4.10 -91.44
CA ARG R 14 -72.46 -4.37 -90.05
C ARG R 14 -71.44 -5.32 -89.48
N VAL R 15 -71.06 -5.13 -88.22
CA VAL R 15 -70.08 -5.97 -87.56
C VAL R 15 -70.78 -6.76 -86.47
N ASN R 16 -70.52 -8.06 -86.44
CA ASN R 16 -71.18 -8.98 -85.50
C ASN R 16 -70.18 -9.85 -84.78
N ASP R 17 -68.92 -9.43 -84.74
CA ASP R 17 -67.87 -10.26 -84.15
C ASP R 17 -66.79 -9.36 -83.57
N GLY R 18 -66.35 -9.71 -82.37
CA GLY R 18 -65.36 -8.94 -81.65
C GLY R 18 -65.97 -7.77 -80.92
N PRO R 19 -65.12 -6.87 -80.43
CA PRO R 19 -65.62 -5.69 -79.71
C PRO R 19 -66.42 -4.74 -80.59
N PHE R 20 -66.34 -4.87 -81.91
CA PHE R 20 -67.12 -4.06 -82.84
C PHE R 20 -68.44 -4.71 -83.22
N ALA R 21 -68.76 -5.86 -82.59
CA ALA R 21 -70.07 -6.46 -82.79
C ALA R 21 -71.18 -5.50 -82.39
N ASP R 22 -72.31 -5.62 -83.10
CA ASP R 22 -73.47 -4.76 -82.89
C ASP R 22 -73.18 -3.32 -83.27
N PHE R 23 -72.48 -3.12 -84.40
CA PHE R 23 -72.17 -1.79 -84.88
C PHE R 23 -72.23 -1.80 -86.40
N ASN R 24 -72.48 -0.63 -86.97
CA ASN R 24 -72.49 -0.44 -88.41
C ASN R 24 -71.28 0.40 -88.81
N GLY R 25 -71.14 0.56 -90.12
CA GLY R 25 -69.99 1.25 -90.67
C GLY R 25 -70.08 1.26 -92.18
N VAL R 26 -68.96 1.65 -92.80
CA VAL R 26 -68.82 1.64 -94.26
C VAL R 26 -67.44 1.12 -94.61
N VAL R 27 -67.39 0.31 -95.67
CA VAL R 27 -66.12 -0.24 -96.17
C VAL R 27 -65.49 0.78 -97.11
N GLU R 28 -64.31 1.24 -96.72
CA GLU R 28 -63.50 2.15 -97.53
C GLU R 28 -62.91 1.43 -98.74
N GLU R 29 -62.29 0.26 -98.51
CA GLU R 29 -61.67 -0.49 -99.59
C GLU R 29 -61.80 -2.00 -99.38
N ARG R 36 -59.74 -9.19 -96.46
CA ARG R 36 -59.97 -8.20 -95.42
C ARG R 36 -60.76 -7.02 -95.98
N LEU R 37 -61.60 -6.43 -95.12
CA LEU R 37 -62.42 -5.28 -95.46
C LEU R 37 -62.08 -4.15 -94.50
N LYS R 38 -61.80 -2.97 -95.06
CA LYS R 38 -61.42 -1.79 -94.29
C LYS R 38 -62.69 -1.06 -93.88
N VAL R 39 -63.23 -1.39 -92.71
CA VAL R 39 -64.47 -0.79 -92.24
C VAL R 39 -64.18 0.01 -90.96
N SER R 40 -64.60 1.26 -90.94
CA SER R 40 -64.49 2.07 -89.74
C SER R 40 -65.80 2.00 -88.95
N VAL R 41 -65.69 2.07 -87.64
CA VAL R 41 -66.86 2.07 -86.76
C VAL R 41 -66.89 3.38 -85.98
N SER R 42 -68.07 4.00 -85.93
CA SER R 42 -68.32 5.24 -85.19
C SER R 42 -68.62 4.89 -83.75
N ILE R 43 -67.59 4.96 -82.93
CA ILE R 43 -67.65 4.64 -81.51
C ILE R 43 -67.29 5.88 -80.72
N PHE R 44 -68.09 6.15 -79.70
CA PHE R 44 -67.97 7.34 -78.83
C PHE R 44 -67.95 8.54 -79.76
N GLY R 45 -66.83 9.23 -79.93
CA GLY R 45 -66.68 10.40 -80.76
C GLY R 45 -65.34 10.31 -81.45
N ARG R 46 -64.93 9.08 -81.74
CA ARG R 46 -63.71 8.84 -82.49
C ARG R 46 -63.88 7.65 -83.42
N ALA R 47 -63.67 7.87 -84.71
CA ALA R 47 -63.74 6.79 -85.68
C ALA R 47 -62.65 5.77 -85.38
N THR R 48 -63.01 4.49 -85.46
CA THR R 48 -62.05 3.41 -85.27
C THR R 48 -62.02 2.60 -86.55
N PRO R 49 -61.04 2.86 -87.42
CA PRO R 49 -60.87 2.07 -88.64
C PRO R 49 -60.24 0.72 -88.34
N VAL R 50 -60.97 -0.35 -88.67
CA VAL R 50 -60.52 -1.71 -88.42
C VAL R 50 -60.87 -2.58 -89.62
N GLU R 51 -60.11 -3.65 -89.78
CA GLU R 51 -60.27 -4.56 -90.92
C GLU R 51 -60.92 -5.84 -90.42
N LEU R 52 -62.05 -6.17 -91.01
CA LEU R 52 -62.80 -7.36 -90.64
C LEU R 52 -62.91 -8.29 -91.84
N ASP R 53 -63.04 -9.58 -91.54
CA ASP R 53 -63.24 -10.55 -92.59
C ASP R 53 -64.65 -10.41 -93.17
N PHE R 54 -64.89 -11.14 -94.25
CA PHE R 54 -66.17 -11.04 -94.94
C PHE R 54 -67.28 -11.63 -94.10
N SER R 55 -66.98 -12.73 -93.39
CA SER R 55 -67.91 -13.34 -92.47
C SER R 55 -68.00 -12.62 -91.12
N GLN R 56 -66.94 -11.91 -90.71
CA GLN R 56 -66.99 -11.16 -89.46
C GLN R 56 -67.99 -10.00 -89.53
N VAL R 57 -68.38 -9.61 -90.74
CA VAL R 57 -69.30 -8.52 -90.99
C VAL R 57 -70.38 -9.00 -91.95
N GLU R 58 -71.50 -8.27 -91.95
CA GLU R 58 -72.67 -8.55 -92.76
C GLU R 58 -73.05 -7.30 -93.54
N LYS R 59 -73.52 -7.48 -94.76
CA LYS R 59 -73.95 -6.32 -95.54
C LYS R 59 -75.11 -5.61 -94.83
N ALA R 60 -75.12 -4.29 -94.92
CA ALA R 60 -76.20 -3.48 -94.34
C ALA R 60 -77.51 -3.69 -95.10
N MET S 12 67.08 15.84 -5.22
CA MET S 12 66.96 14.59 -4.47
C MET S 12 67.98 14.56 -3.33
N VAL S 13 67.59 13.86 -2.26
CA VAL S 13 68.27 13.84 -0.97
C VAL S 13 68.18 12.42 -0.42
N ARG S 14 69.15 12.06 0.40
CA ARG S 14 69.28 10.75 1.02
C ARG S 14 69.30 10.95 2.52
N VAL S 15 68.66 10.06 3.26
CA VAL S 15 68.60 10.15 4.71
C VAL S 15 69.39 8.99 5.29
N ASN S 16 70.26 9.29 6.25
CA ASN S 16 71.15 8.32 6.86
C ASN S 16 71.09 8.37 8.37
N ASP S 17 70.03 8.96 8.90
CA ASP S 17 69.96 9.14 10.34
C ASP S 17 68.51 9.07 10.78
N GLY S 18 68.30 8.36 11.88
CA GLY S 18 67.00 8.16 12.43
C GLY S 18 66.29 7.06 11.69
N PRO S 19 64.99 6.98 11.93
CA PRO S 19 64.19 5.96 11.26
C PRO S 19 64.14 6.12 9.76
N PHE S 20 64.34 7.32 9.23
CA PHE S 20 64.35 7.52 7.79
C PHE S 20 65.72 7.21 7.17
N ALA S 21 66.65 6.68 7.96
CA ALA S 21 67.93 6.25 7.42
C ALA S 21 67.75 5.19 6.34
N ASP S 22 68.66 5.20 5.36
CA ASP S 22 68.62 4.28 4.22
C ASP S 22 67.40 4.53 3.33
N PHE S 23 67.09 5.81 3.10
CA PHE S 23 65.97 6.17 2.25
C PHE S 23 66.34 7.40 1.45
N ASN S 24 65.68 7.57 0.30
CA ASN S 24 65.85 8.73 -0.55
C ASN S 24 64.59 9.57 -0.51
N GLY S 25 64.66 10.73 -1.16
CA GLY S 25 63.57 11.68 -1.14
C GLY S 25 63.94 12.90 -1.95
N VAL S 26 63.14 13.94 -1.79
CA VAL S 26 63.36 15.23 -2.44
C VAL S 26 63.06 16.34 -1.44
N VAL S 27 63.88 17.38 -1.45
CA VAL S 27 63.69 18.55 -0.58
C VAL S 27 62.73 19.51 -1.27
N GLU S 28 61.59 19.73 -0.63
CA GLU S 28 60.60 20.69 -1.08
C GLU S 28 61.07 22.12 -0.88
N GLU S 29 61.58 22.44 0.31
CA GLU S 29 62.05 23.79 0.61
C GLU S 29 63.25 23.77 1.54
N ARG S 36 67.05 23.54 8.62
CA ARG S 36 66.18 22.38 8.40
C ARG S 36 65.83 22.26 6.91
N LEU S 37 65.68 21.02 6.46
CA LEU S 37 65.33 20.68 5.09
C LEU S 37 64.04 19.88 5.09
N LYS S 38 63.08 20.30 4.29
CA LYS S 38 61.75 19.68 4.20
C LYS S 38 61.83 18.55 3.18
N VAL S 39 62.14 17.33 3.63
CA VAL S 39 62.29 16.21 2.73
C VAL S 39 61.23 15.16 3.08
N SER S 40 60.49 14.72 2.07
CA SER S 40 59.52 13.65 2.26
C SER S 40 60.17 12.32 1.88
N VAL S 41 59.75 11.26 2.56
CA VAL S 41 60.25 9.93 2.27
C VAL S 41 59.07 9.05 1.86
N SER S 42 59.26 8.30 0.77
CA SER S 42 58.27 7.35 0.24
C SER S 42 58.41 6.06 1.00
N ILE S 43 57.57 5.90 2.01
CA ILE S 43 57.56 4.75 2.87
C ILE S 43 56.22 4.07 2.72
N PHE S 44 56.29 2.78 2.48
CA PHE S 44 55.10 1.96 2.34
C PHE S 44 54.32 2.50 1.14
N GLY S 45 53.18 3.15 1.34
CA GLY S 45 52.30 3.71 0.34
C GLY S 45 51.75 5.00 0.90
N ARG S 46 52.55 5.64 1.75
CA ARG S 46 52.18 6.95 2.29
C ARG S 46 53.43 7.80 2.44
N ALA S 47 53.40 8.96 1.79
CA ALA S 47 54.50 9.91 1.92
C ALA S 47 54.61 10.39 3.36
N THR S 48 55.83 10.46 3.86
CA THR S 48 56.09 10.97 5.20
C THR S 48 56.98 12.20 5.06
N PRO S 49 56.39 13.39 5.07
CA PRO S 49 57.17 14.63 5.05
C PRO S 49 57.81 14.91 6.40
N VAL S 50 59.14 14.98 6.43
CA VAL S 50 59.88 15.21 7.65
C VAL S 50 61.02 16.18 7.36
N GLU S 51 61.46 16.88 8.40
CA GLU S 51 62.51 17.89 8.29
C GLU S 51 63.78 17.33 8.90
N LEU S 52 64.84 17.29 8.10
CA LEU S 52 66.13 16.77 8.54
C LEU S 52 67.18 17.85 8.42
N ASP S 53 68.19 17.74 9.27
CA ASP S 53 69.30 18.67 9.20
C ASP S 53 70.14 18.39 7.96
N PHE S 54 71.10 19.28 7.71
CA PHE S 54 71.90 19.17 6.50
C PHE S 54 72.83 17.99 6.59
N SER S 55 73.37 17.71 7.80
CA SER S 55 74.18 16.54 8.04
C SER S 55 73.38 15.26 8.23
N GLN S 56 72.11 15.37 8.67
CA GLN S 56 71.28 14.17 8.81
C GLN S 56 70.97 13.52 7.46
N VAL S 57 71.14 14.28 6.38
CA VAL S 57 70.90 13.83 5.01
C VAL S 57 72.12 14.14 4.15
N GLU S 58 72.19 13.44 3.03
CA GLU S 58 73.27 13.55 2.04
C GLU S 58 72.68 13.81 0.67
N LYS S 59 73.36 14.61 -0.13
CA LYS S 59 72.87 14.87 -1.48
C LYS S 59 72.84 13.57 -2.28
N ALA S 60 71.83 13.42 -3.13
CA ALA S 60 71.70 12.25 -3.98
C ALA S 60 72.80 12.24 -5.05
N MET T 12 18.95 58.37 31.95
CA MET T 12 19.71 57.72 33.01
C MET T 12 18.80 57.43 34.21
N VAL T 13 19.16 56.35 34.91
CA VAL T 13 18.34 55.75 35.97
C VAL T 13 19.30 55.28 37.07
N ARG T 14 18.80 55.24 38.29
CA ARG T 14 19.54 54.84 39.48
C ARG T 14 18.81 53.66 40.10
N VAL T 15 19.54 52.69 40.62
CA VAL T 15 18.95 51.51 41.22
C VAL T 15 19.26 51.54 42.71
N ASN T 16 18.23 51.32 43.54
CA ASN T 16 18.34 51.40 44.98
C ASN T 16 17.76 50.17 45.65
N ASP T 17 17.63 49.07 44.90
CA ASP T 17 16.98 47.88 45.43
C ASP T 17 17.59 46.65 44.79
N GLY T 18 17.84 45.67 45.62
CA GLY T 18 18.43 44.44 45.20
C GLY T 18 19.93 44.58 45.09
N PRO T 19 20.55 43.59 44.45
CA PRO T 19 22.00 43.64 44.27
C PRO T 19 22.46 44.80 43.41
N PHE T 20 21.60 45.34 42.55
CA PHE T 20 21.97 46.49 41.73
C PHE T 20 21.76 47.81 42.47
N ALA T 21 21.44 47.77 43.75
CA ALA T 21 21.34 48.99 44.55
C ALA T 21 22.66 49.73 44.57
N ASP T 22 22.58 51.06 44.63
CA ASP T 22 23.74 51.94 44.63
C ASP T 22 24.48 51.89 43.29
N PHE T 23 23.72 51.89 42.20
CA PHE T 23 24.30 51.87 40.87
C PHE T 23 23.45 52.72 39.95
N ASN T 24 24.08 53.22 38.88
CA ASN T 24 23.40 53.98 37.85
C ASN T 24 23.35 53.17 36.57
N GLY T 25 22.64 53.72 35.58
CA GLY T 25 22.43 53.03 34.33
C GLY T 25 21.59 53.89 33.41
N VAL T 26 21.11 53.25 32.34
CA VAL T 26 20.22 53.90 31.38
C VAL T 26 19.12 52.90 30.99
N VAL T 27 17.90 53.42 30.85
CA VAL T 27 16.76 52.62 30.43
C VAL T 27 16.73 52.55 28.91
N GLU T 28 16.88 51.35 28.38
CA GLU T 28 16.79 51.09 26.95
C GLU T 28 15.36 51.22 26.45
N GLU T 29 14.41 50.58 27.15
CA GLU T 29 13.00 50.63 26.75
C GLU T 29 12.07 50.64 27.95
N ARG T 36 7.73 47.37 33.89
CA ARG T 36 9.14 47.02 33.95
C ARG T 36 9.98 47.98 33.10
N LEU T 37 11.20 48.24 33.55
CA LEU T 37 12.15 49.12 32.87
C LEU T 37 13.41 48.33 32.58
N LYS T 38 13.85 48.38 31.32
CA LYS T 38 15.03 47.65 30.86
C LYS T 38 16.26 48.50 31.10
N VAL T 39 16.89 48.35 32.27
CA VAL T 39 18.06 49.15 32.62
C VAL T 39 19.26 48.24 32.78
N SER T 40 20.35 48.58 32.11
CA SER T 40 21.60 47.84 32.27
C SER T 40 22.46 48.55 33.30
N VAL T 41 23.24 47.77 34.03
CA VAL T 41 24.16 48.31 35.02
C VAL T 41 25.58 47.92 34.63
N SER T 42 26.49 48.90 34.69
CA SER T 42 27.92 48.72 34.41
C SER T 42 28.58 48.22 35.67
N ILE T 43 28.73 46.90 35.74
CA ILE T 43 29.33 46.22 36.86
C ILE T 43 30.56 45.53 36.38
N PHE T 44 31.64 45.78 37.10
CA PHE T 44 32.90 45.15 36.81
C PHE T 44 33.32 45.62 35.42
N GLY T 45 33.29 44.76 34.39
CA GLY T 45 33.68 45.01 33.03
C GLY T 45 32.72 44.22 32.16
N ARG T 46 31.51 44.02 32.66
CA ARG T 46 30.46 43.36 31.89
C ARG T 46 29.12 44.01 32.20
N ALA T 47 28.45 44.50 31.16
CA ALA T 47 27.12 45.07 31.32
C ALA T 47 26.17 43.99 31.79
N THR T 48 25.31 44.34 32.74
CA THR T 48 24.28 43.43 33.23
C THR T 48 22.93 44.07 32.96
N PRO T 49 22.29 43.70 31.86
CA PRO T 49 20.93 44.20 31.57
C PRO T 49 19.89 43.51 32.44
N VAL T 50 19.18 44.30 33.24
CA VAL T 50 18.16 43.78 34.14
C VAL T 50 16.96 44.71 34.11
N GLU T 51 15.80 44.16 34.44
CA GLU T 51 14.53 44.89 34.42
C GLU T 51 14.11 45.18 35.84
N LEU T 52 13.93 46.46 36.13
CA LEU T 52 13.54 46.92 37.46
C LEU T 52 12.21 47.65 37.39
N ASP T 53 11.48 47.60 38.50
CA ASP T 53 10.24 48.33 38.58
C ASP T 53 10.51 49.83 38.65
N PHE T 54 9.43 50.60 38.57
CA PHE T 54 9.56 52.05 38.55
C PHE T 54 10.01 52.56 39.91
N SER T 55 9.51 51.95 40.98
CA SER T 55 9.93 52.26 42.34
C SER T 55 11.26 51.62 42.73
N GLN T 56 11.64 50.50 42.09
CA GLN T 56 12.94 49.89 42.39
C GLN T 56 14.10 50.76 41.93
N VAL T 57 13.83 51.72 41.05
CA VAL T 57 14.81 52.65 40.51
C VAL T 57 14.30 54.07 40.66
N GLU T 58 15.23 55.03 40.59
CA GLU T 58 14.98 56.45 40.71
C GLU T 58 15.59 57.17 39.52
N LYS T 59 14.92 58.22 39.04
CA LYS T 59 15.47 58.98 37.94
C LYS T 59 16.81 59.60 38.34
N ALA T 60 17.73 59.65 37.39
CA ALA T 60 19.04 60.26 37.61
C ALA T 60 18.91 61.78 37.79
N MET U 12 -6.50 -0.77 -5.15
CA MET U 12 -6.63 -1.12 -3.74
C MET U 12 -6.33 -2.62 -3.54
N VAL U 13 -5.80 -2.91 -2.35
CA VAL U 13 -5.25 -4.21 -1.98
C VAL U 13 -5.62 -4.47 -0.53
N ARG U 14 -5.73 -5.74 -0.16
CA ARG U 14 -6.09 -6.21 1.16
C ARG U 14 -4.97 -7.10 1.66
N VAL U 15 -4.65 -7.01 2.94
CA VAL U 15 -3.57 -7.79 3.53
C VAL U 15 -4.20 -8.79 4.49
N ASN U 16 -3.78 -10.05 4.39
CA ASN U 16 -4.35 -11.14 5.19
C ASN U 16 -3.26 -11.96 5.84
N ASP U 17 -2.06 -11.39 5.94
CA ASP U 17 -0.93 -12.16 6.45
C ASP U 17 0.01 -11.25 7.18
N GLY U 18 0.48 -11.74 8.30
CA GLY U 18 1.36 -11.00 9.17
C GLY U 18 0.56 -10.02 9.98
N PRO U 19 1.27 -9.09 10.63
CA PRO U 19 0.61 -7.98 11.32
C PRO U 19 -0.38 -7.25 10.47
N PHE U 20 -0.06 -6.98 9.22
CA PHE U 20 -0.92 -6.14 8.43
C PHE U 20 -2.16 -6.89 7.97
N ALA U 21 -2.36 -8.10 8.50
CA ALA U 21 -3.57 -8.86 8.21
C ALA U 21 -4.81 -8.10 8.67
N ASP U 22 -5.90 -8.30 7.92
CA ASP U 22 -7.16 -7.62 8.19
C ASP U 22 -7.03 -6.11 7.96
N PHE U 23 -6.34 -5.70 6.90
CA PHE U 23 -6.21 -4.28 6.60
C PHE U 23 -6.25 -4.09 5.10
N ASN U 24 -6.64 -2.90 4.67
CA ASN U 24 -6.65 -2.53 3.27
C ASN U 24 -5.56 -1.51 3.00
N GLY U 25 -5.41 -1.18 1.73
CA GLY U 25 -4.35 -0.29 1.29
C GLY U 25 -4.40 -0.12 -0.21
N VAL U 26 -3.33 0.47 -0.75
CA VAL U 26 -3.16 0.66 -2.18
C VAL U 26 -1.71 0.35 -2.55
N VAL U 27 -1.54 -0.32 -3.70
CA VAL U 27 -0.21 -0.64 -4.21
C VAL U 27 0.31 0.56 -5.01
N GLU U 28 1.42 1.12 -4.54
CA GLU U 28 2.11 2.20 -5.20
C GLU U 28 2.81 1.71 -6.46
N GLU U 29 3.57 0.62 -6.36
CA GLU U 29 4.28 0.08 -7.50
C GLU U 29 4.35 -1.45 -7.47
N ARG U 36 7.26 -8.63 -5.34
CA ARG U 36 6.88 -7.80 -4.20
C ARG U 36 5.96 -6.66 -4.65
N LEU U 37 5.03 -6.29 -3.77
CA LEU U 37 4.08 -5.22 -3.99
C LEU U 37 4.24 -4.17 -2.90
N LYS U 38 4.39 -2.92 -3.30
CA LYS U 38 4.60 -1.80 -2.39
C LYS U 38 3.25 -1.28 -1.93
N VAL U 39 2.73 -1.81 -0.81
CA VAL U 39 1.41 -1.43 -0.32
C VAL U 39 1.58 -0.77 1.05
N SER U 40 1.00 0.41 1.21
CA SER U 40 0.99 1.07 2.50
C SER U 40 -0.32 0.76 3.22
N VAL U 41 -0.24 0.68 4.54
CA VAL U 41 -1.42 0.44 5.36
C VAL U 41 -1.62 1.63 6.30
N SER U 42 -2.88 2.09 6.36
CA SER U 42 -3.30 3.20 7.24
C SER U 42 -3.57 2.62 8.61
N ILE U 43 -2.56 2.73 9.47
CA ILE U 43 -2.61 2.23 10.83
C ILE U 43 -2.44 3.40 11.76
N PHE U 44 -3.34 3.46 12.71
CA PHE U 44 -3.31 4.51 13.72
C PHE U 44 -3.49 5.83 12.98
N GLY U 45 -2.45 6.65 12.84
CA GLY U 45 -2.43 7.98 12.25
C GLY U 45 -1.06 8.12 11.62
N ARG U 46 -0.49 6.98 11.22
CA ARG U 46 0.78 6.99 10.49
C ARG U 46 0.76 5.90 9.43
N ALA U 47 0.97 6.29 8.18
CA ALA U 47 1.06 5.33 7.09
C ALA U 47 2.26 4.42 7.31
N THR U 48 2.06 3.13 7.07
CA THR U 48 3.14 2.16 7.17
C THR U 48 3.31 1.53 5.79
N PRO U 49 4.26 2.02 5.00
CA PRO U 49 4.55 1.40 3.69
C PRO U 49 5.34 0.11 3.87
N VAL U 50 4.76 -0.99 3.39
CA VAL U 50 5.38 -2.30 3.50
C VAL U 50 5.18 -3.05 2.19
N GLU U 51 6.07 -4.00 1.93
CA GLU U 51 6.05 -4.79 0.69
C GLU U 51 5.56 -6.19 1.02
N LEU U 52 4.49 -6.59 0.36
CA LEU U 52 3.89 -7.90 0.55
C LEU U 52 3.90 -8.68 -0.74
N ASP U 53 3.95 -10.00 -0.61
CA ASP U 53 3.88 -10.86 -1.77
C ASP U 53 2.48 -10.83 -2.38
N PHE U 54 2.36 -11.46 -3.54
CA PHE U 54 1.09 -11.41 -4.25
C PHE U 54 0.04 -12.25 -3.52
N SER U 55 0.47 -13.38 -2.94
CA SER U 55 -0.40 -14.20 -2.12
C SER U 55 -0.60 -13.67 -0.70
N GLN U 56 0.36 -12.88 -0.18
CA GLN U 56 0.18 -12.29 1.15
C GLN U 56 -0.94 -11.28 1.19
N VAL U 57 -1.37 -10.78 0.01
CA VAL U 57 -2.42 -9.80 -0.14
C VAL U 57 -3.42 -10.30 -1.19
N GLU U 58 -4.61 -9.73 -1.14
CA GLU U 58 -5.73 -10.03 -2.02
C GLU U 58 -6.25 -8.77 -2.66
N LYS U 59 -6.67 -8.85 -3.91
CA LYS U 59 -7.22 -7.66 -4.56
C LYS U 59 -8.47 -7.20 -3.83
N ALA U 60 -8.65 -5.88 -3.76
CA ALA U 60 -9.82 -5.30 -3.13
C ALA U 60 -11.08 -5.57 -3.95
N MET V 12 -5.09 54.60 -68.56
CA MET V 12 -4.67 53.37 -67.91
C MET V 12 -4.63 53.56 -66.40
N VAL V 13 -4.87 52.45 -65.70
CA VAL V 13 -5.10 52.40 -64.25
C VAL V 13 -4.43 51.14 -63.72
N ARG V 14 -4.04 51.18 -62.46
CA ARG V 14 -3.37 50.09 -61.76
C ARG V 14 -4.20 49.73 -60.55
N VAL V 15 -4.30 48.45 -60.23
CA VAL V 15 -5.09 47.98 -59.11
C VAL V 15 -4.13 47.43 -58.07
N ASN V 16 -4.32 47.83 -56.81
CA ASN V 16 -3.45 47.45 -55.72
C ASN V 16 -4.23 46.94 -54.53
N ASP V 17 -5.47 46.53 -54.76
CA ASP V 17 -6.33 46.12 -53.66
C ASP V 17 -7.29 45.05 -54.15
N GLY V 18 -7.44 44.03 -53.31
CA GLY V 18 -8.29 42.91 -53.62
C GLY V 18 -7.58 41.94 -54.51
N PRO V 19 -8.34 41.00 -55.07
CA PRO V 19 -7.75 40.05 -56.02
C PRO V 19 -7.15 40.71 -57.23
N PHE V 20 -7.64 41.86 -57.64
CA PHE V 20 -7.09 42.50 -58.82
C PHE V 20 -5.84 43.31 -58.50
N ALA V 21 -5.33 43.19 -57.28
CA ALA V 21 -4.07 43.83 -56.93
C ALA V 21 -2.94 43.33 -57.81
N ASP V 22 -1.99 44.23 -58.08
CA ASP V 22 -0.82 43.94 -58.92
C ASP V 22 -1.26 43.68 -60.38
N PHE V 23 -2.19 44.49 -60.85
CA PHE V 23 -2.64 44.38 -62.23
C PHE V 23 -2.91 45.77 -62.79
N ASN V 24 -2.84 45.88 -64.11
CA ASN V 24 -3.14 47.12 -64.81
C ASN V 24 -4.43 46.95 -65.59
N GLY V 25 -4.86 48.05 -66.19
CA GLY V 25 -6.12 48.08 -66.90
C GLY V 25 -6.36 49.47 -67.46
N VAL V 26 -7.60 49.68 -67.90
CA VAL V 26 -8.05 50.97 -68.40
C VAL V 26 -9.46 51.24 -67.88
N VAL V 27 -9.71 52.49 -67.51
CA VAL V 27 -11.02 52.93 -67.03
C VAL V 27 -11.89 53.27 -68.25
N GLU V 28 -12.98 52.53 -68.40
CA GLU V 28 -13.96 52.78 -69.44
C GLU V 28 -14.77 54.03 -69.14
N GLU V 29 -15.29 54.16 -67.91
CA GLU V 29 -16.09 55.32 -67.52
C GLU V 29 -15.86 55.71 -66.07
N ARG V 36 -16.97 55.38 -58.13
CA ARG V 36 -16.56 54.11 -58.70
C ARG V 36 -15.95 54.32 -60.09
N LEU V 37 -14.98 53.48 -60.42
CA LEU V 37 -14.28 53.50 -61.70
C LEU V 37 -14.44 52.14 -62.36
N LYS V 38 -14.88 52.15 -63.62
CA LYS V 38 -15.14 50.94 -64.40
C LYS V 38 -13.84 50.52 -65.07
N VAL V 39 -13.06 49.67 -64.41
CA VAL V 39 -11.76 49.25 -64.94
C VAL V 39 -11.81 47.74 -65.18
N SER V 40 -11.43 47.33 -66.38
CA SER V 40 -11.32 45.91 -66.68
C SER V 40 -9.88 45.47 -66.49
N VAL V 41 -9.70 44.23 -66.07
CA VAL V 41 -8.37 43.65 -65.89
C VAL V 41 -8.22 42.45 -66.83
N SER V 42 -7.10 42.39 -67.53
CA SER V 42 -6.74 41.31 -68.43
C SER V 42 -6.12 40.19 -67.62
N ILE V 43 -6.96 39.22 -67.27
CA ILE V 43 -6.58 38.06 -66.47
C ILE V 43 -6.81 36.82 -67.30
N PHE V 44 -5.81 35.95 -67.29
CA PHE V 44 -5.81 34.71 -68.04
C PHE V 44 -6.05 35.08 -69.50
N GLY V 45 -7.21 34.79 -70.07
CA GLY V 45 -7.59 35.04 -71.44
C GLY V 45 -9.04 35.46 -71.45
N ARG V 46 -9.45 36.11 -70.36
CA ARG V 46 -10.80 36.65 -70.27
C ARG V 46 -10.78 37.97 -69.51
N ALA V 47 -11.27 39.02 -70.15
CA ALA V 47 -11.37 40.32 -69.50
C ALA V 47 -12.32 40.22 -68.32
N THR V 48 -11.94 40.83 -67.21
CA THR V 48 -12.79 40.89 -66.02
C THR V 48 -13.07 42.36 -65.74
N PRO V 49 -14.22 42.87 -66.19
CA PRO V 49 -14.62 44.25 -65.88
C PRO V 49 -15.11 44.36 -64.44
N VAL V 50 -14.44 45.21 -63.65
CA VAL V 50 -14.77 45.40 -62.25
C VAL V 50 -14.67 46.88 -61.93
N GLU V 51 -15.39 47.29 -60.90
CA GLU V 51 -15.44 48.69 -60.48
C GLU V 51 -14.66 48.85 -59.18
N LEU V 52 -13.66 49.72 -59.22
CA LEU V 52 -12.80 49.97 -58.08
C LEU V 52 -12.91 51.42 -57.67
N ASP V 53 -12.68 51.66 -56.37
CA ASP V 53 -12.66 53.02 -55.88
C ASP V 53 -11.42 53.75 -56.38
N PHE V 54 -11.40 55.06 -56.12
CA PHE V 54 -10.30 55.87 -56.61
C PHE V 54 -9.01 55.53 -55.89
N SER V 55 -9.10 55.25 -54.58
CA SER V 55 -7.96 54.81 -53.79
C SER V 55 -7.63 53.34 -53.99
N GLN V 56 -8.59 52.50 -54.37
CA GLN V 56 -8.31 51.09 -54.63
C GLN V 56 -7.40 50.90 -55.83
N VAL V 57 -7.30 51.92 -56.68
CA VAL V 57 -6.48 51.92 -57.88
C VAL V 57 -5.61 53.17 -57.91
N GLU V 58 -4.55 53.10 -58.70
CA GLU V 58 -3.56 54.16 -58.89
C GLU V 58 -3.42 54.47 -60.37
N LYS V 59 -3.20 55.73 -60.70
CA LYS V 59 -3.01 56.08 -62.10
C LYS V 59 -1.76 55.41 -62.63
N ALA V 60 -1.81 54.98 -63.89
CA ALA V 60 -0.67 54.35 -64.55
C ALA V 60 0.45 55.36 -64.78
N MET W 12 -78.60 38.21 -69.64
CA MET W 12 -78.11 37.90 -68.29
C MET W 12 -78.89 36.71 -67.71
N VAL W 13 -78.17 35.97 -66.85
CA VAL W 13 -78.60 34.68 -66.32
C VAL W 13 -78.15 34.61 -64.87
N ARG W 14 -78.87 33.84 -64.07
CA ARG W 14 -78.64 33.64 -62.65
C ARG W 14 -78.44 32.17 -62.41
N VAL W 15 -77.51 31.81 -61.53
CA VAL W 15 -77.22 30.42 -61.24
C VAL W 15 -77.66 30.14 -59.81
N ASN W 16 -78.39 29.04 -59.62
CA ASN W 16 -78.95 28.67 -58.32
C ASN W 16 -78.64 27.24 -57.96
N ASP W 17 -77.63 26.66 -58.61
CA ASP W 17 -77.35 25.25 -58.41
C ASP W 17 -75.85 25.02 -58.56
N GLY W 18 -75.32 24.23 -57.65
CA GLY W 18 -73.93 23.91 -57.61
C GLY W 18 -73.16 25.02 -56.96
N PRO W 19 -71.83 24.97 -57.11
CA PRO W 19 -70.99 26.05 -56.59
C PRO W 19 -71.34 27.40 -57.15
N PHE W 20 -71.80 27.48 -58.39
CA PHE W 20 -72.10 28.79 -58.96
C PHE W 20 -73.45 29.31 -58.51
N ALA W 21 -74.10 28.63 -57.56
CA ALA W 21 -75.36 29.12 -57.00
C ALA W 21 -75.17 30.48 -56.37
N ASP W 22 -76.22 31.30 -56.44
CA ASP W 22 -76.22 32.66 -55.90
C ASP W 22 -75.24 33.55 -56.70
N PHE W 23 -75.22 33.40 -58.01
CA PHE W 23 -74.35 34.23 -58.83
C PHE W 23 -75.08 34.59 -60.12
N ASN W 24 -74.68 35.69 -60.73
CA ASN W 24 -75.21 36.12 -62.00
C ASN W 24 -74.14 35.97 -63.08
N GLY W 25 -74.55 36.23 -64.32
CA GLY W 25 -73.69 36.03 -65.46
C GLY W 25 -74.42 36.39 -66.73
N VAL W 26 -73.81 36.00 -67.85
CA VAL W 26 -74.40 36.18 -69.18
C VAL W 26 -74.13 34.92 -70.01
N VAL W 27 -75.14 34.51 -70.78
CA VAL W 27 -75.03 33.37 -71.67
C VAL W 27 -74.40 33.84 -72.98
N GLU W 28 -73.24 33.28 -73.28
CA GLU W 28 -72.53 33.52 -74.53
C GLU W 28 -73.24 32.85 -75.70
N GLU W 29 -73.58 31.56 -75.54
CA GLU W 29 -74.26 30.81 -76.60
C GLU W 29 -75.25 29.81 -76.05
N ARG W 36 -77.61 22.76 -72.99
CA ARG W 36 -76.59 23.42 -72.19
C ARG W 36 -76.49 24.90 -72.55
N LEU W 37 -76.18 25.73 -71.56
CA LEU W 37 -76.02 27.16 -71.71
C LEU W 37 -74.62 27.55 -71.26
N LYS W 38 -73.92 28.29 -72.10
CA LYS W 38 -72.54 28.72 -71.86
C LYS W 38 -72.57 30.02 -71.07
N VAL W 39 -72.56 29.94 -69.75
CA VAL W 39 -72.64 31.13 -68.90
C VAL W 39 -71.35 31.24 -68.09
N SER W 40 -70.73 32.40 -68.13
CA SER W 40 -69.56 32.66 -67.31
C SER W 40 -69.99 33.36 -66.03
N VAL W 41 -69.28 33.08 -64.95
CA VAL W 41 -69.55 33.73 -63.66
C VAL W 41 -68.30 34.51 -63.25
N SER W 42 -68.54 35.74 -62.80
CA SER W 42 -67.50 36.65 -62.29
C SER W 42 -67.26 36.33 -60.83
N ILE W 43 -66.24 35.50 -60.61
CA ILE W 43 -65.84 35.05 -59.29
C ILE W 43 -64.44 35.53 -59.03
N PHE W 44 -64.26 36.07 -57.83
CA PHE W 44 -62.98 36.59 -57.40
C PHE W 44 -62.56 37.72 -58.42
N GLY W 45 -61.58 37.43 -59.29
CA GLY W 45 -61.03 38.32 -60.28
C GLY W 45 -60.64 37.47 -61.46
N ARG W 46 -61.37 36.38 -61.64
CA ARG W 46 -61.18 35.51 -62.79
C ARG W 46 -62.52 34.96 -63.26
N ALA W 47 -62.84 35.23 -64.52
CA ALA W 47 -64.06 34.69 -65.11
C ALA W 47 -63.99 33.18 -65.13
N THR W 48 -65.11 32.53 -64.76
CA THR W 48 -65.21 31.08 -64.81
C THR W 48 -66.33 30.73 -65.78
N PRO W 49 -65.99 30.43 -67.02
CA PRO W 49 -66.99 29.99 -68.00
C PRO W 49 -67.41 28.54 -67.75
N VAL W 50 -68.70 28.35 -67.48
CA VAL W 50 -69.25 27.03 -67.19
C VAL W 50 -70.59 26.89 -67.91
N GLU W 51 -70.96 25.64 -68.16
CA GLU W 51 -72.20 25.33 -68.88
C GLU W 51 -73.21 24.77 -67.90
N LEU W 52 -74.36 25.43 -67.83
CA LEU W 52 -75.43 25.03 -66.93
C LEU W 52 -76.68 24.69 -67.71
N ASP W 53 -77.48 23.81 -67.13
CA ASP W 53 -78.75 23.47 -67.75
C ASP W 53 -79.72 24.64 -67.65
N PHE W 54 -80.86 24.49 -68.33
CA PHE W 54 -81.82 25.57 -68.36
C PHE W 54 -82.48 25.75 -67.01
N SER W 55 -82.74 24.65 -66.30
CA SER W 55 -83.26 24.67 -64.95
C SER W 55 -82.19 24.99 -63.89
N GLN W 56 -80.92 24.68 -64.16
CA GLN W 56 -79.86 25.01 -63.22
C GLN W 56 -79.67 26.51 -63.06
N VAL W 57 -80.18 27.29 -64.01
CA VAL W 57 -80.09 28.74 -64.03
C VAL W 57 -81.49 29.32 -64.27
N GLU W 58 -81.62 30.60 -63.91
CA GLU W 58 -82.85 31.37 -64.03
C GLU W 58 -82.58 32.65 -64.80
N LYS W 59 -83.53 33.08 -65.60
CA LYS W 59 -83.34 34.34 -66.33
C LYS W 59 -83.20 35.49 -65.34
N ALA W 60 -82.34 36.45 -65.68
CA ALA W 60 -82.15 37.63 -64.86
C ALA W 60 -83.39 38.54 -64.87
N MET X 12 -30.08 -6.18 -108.21
CA MET X 12 -30.56 -6.94 -107.06
C MET X 12 -29.44 -7.80 -106.49
N VAL X 13 -29.52 -8.03 -105.17
CA VAL X 13 -28.48 -8.64 -104.36
C VAL X 13 -29.16 -9.53 -103.33
N ARG X 14 -28.45 -10.56 -102.88
CA ARG X 14 -28.92 -11.54 -101.92
C ARG X 14 -27.96 -11.53 -100.74
N VAL X 15 -28.47 -11.67 -99.54
CA VAL X 15 -27.66 -11.65 -98.33
C VAL X 15 -27.69 -13.04 -97.73
N ASN X 16 -26.52 -13.56 -97.38
CA ASN X 16 -26.38 -14.91 -96.85
C ASN X 16 -25.56 -14.93 -95.58
N ASP X 17 -25.43 -13.77 -94.94
CA ASP X 17 -24.56 -13.69 -93.77
C ASP X 17 -25.12 -12.68 -92.80
N GLY X 18 -25.09 -13.05 -91.54
CA GLY X 18 -25.60 -12.23 -90.49
C GLY X 18 -27.10 -12.35 -90.41
N PRO X 19 -27.70 -11.43 -89.65
CA PRO X 19 -29.16 -11.39 -89.56
C PRO X 19 -29.85 -11.23 -90.89
N PHE X 20 -29.24 -10.54 -91.83
CA PHE X 20 -29.90 -10.33 -93.11
C PHE X 20 -29.74 -11.52 -94.05
N ALA X 21 -29.19 -12.63 -93.54
CA ALA X 21 -29.10 -13.85 -94.32
C ALA X 21 -30.48 -14.33 -94.75
N ASP X 22 -30.55 -14.94 -95.93
CA ASP X 22 -31.78 -15.44 -96.52
C ASP X 22 -32.73 -14.29 -96.88
N PHE X 23 -32.18 -13.21 -97.44
CA PHE X 23 -32.99 -12.08 -97.84
C PHE X 23 -32.42 -11.50 -99.13
N ASN X 24 -33.28 -10.83 -99.89
CA ASN X 24 -32.88 -10.14 -101.11
C ASN X 24 -32.96 -8.65 -100.89
N GLY X 25 -32.51 -7.91 -101.92
CA GLY X 25 -32.44 -6.47 -101.83
C GLY X 25 -31.88 -5.91 -103.12
N VAL X 26 -31.52 -4.62 -103.07
CA VAL X 26 -30.89 -3.92 -104.18
C VAL X 26 -29.78 -3.03 -103.64
N VAL X 27 -28.67 -2.99 -104.37
CA VAL X 27 -27.53 -2.14 -104.02
C VAL X 27 -27.77 -0.74 -104.58
N GLU X 28 -27.85 0.23 -103.66
CA GLU X 28 -27.99 1.63 -104.01
C GLU X 28 -26.68 2.20 -104.57
N GLU X 29 -25.55 1.90 -103.91
CA GLU X 29 -24.28 2.42 -104.36
C GLU X 29 -23.14 1.46 -104.02
N ARG X 36 -17.50 -2.05 -99.53
CA ARG X 36 -18.82 -2.12 -98.93
C ARG X 36 -19.89 -1.84 -99.99
N LEU X 37 -21.04 -2.50 -99.84
CA LEU X 37 -22.19 -2.37 -100.72
C LEU X 37 -23.39 -1.91 -99.90
N LYS X 38 -24.03 -0.85 -100.36
CA LYS X 38 -25.18 -0.24 -99.68
C LYS X 38 -26.45 -0.96 -100.14
N VAL X 39 -26.84 -2.02 -99.43
CA VAL X 39 -28.00 -2.81 -99.80
C VAL X 39 -29.06 -2.70 -98.70
N SER X 40 -30.27 -2.36 -99.07
CA SER X 40 -31.38 -2.34 -98.13
C SER X 40 -32.13 -3.66 -98.21
N VAL X 41 -32.67 -4.08 -97.06
CA VAL X 41 -33.46 -5.30 -97.00
C VAL X 41 -34.87 -4.95 -96.55
N SER X 42 -35.86 -5.50 -97.24
CA SER X 42 -37.28 -5.34 -96.94
C SER X 42 -37.66 -6.34 -95.87
N ILE X 43 -37.65 -5.86 -94.63
CA ILE X 43 -37.95 -6.66 -93.46
C ILE X 43 -39.16 -6.07 -92.80
N PHE X 44 -40.12 -6.94 -92.53
CA PHE X 44 -41.35 -6.56 -91.86
C PHE X 44 -42.05 -5.54 -92.78
N GLY X 45 -42.10 -4.27 -92.41
CA GLY X 45 -42.72 -3.18 -93.11
C GLY X 45 -41.86 -1.96 -92.92
N ARG X 46 -40.56 -2.19 -92.76
CA ARG X 46 -39.59 -1.10 -92.66
C ARG X 46 -38.30 -1.50 -93.35
N ALA X 47 -37.89 -0.70 -94.33
CA ALA X 47 -36.63 -0.93 -95.01
C ALA X 47 -35.48 -0.79 -94.03
N THR X 48 -34.52 -1.71 -94.12
CA THR X 48 -33.32 -1.65 -93.29
C THR X 48 -32.13 -1.53 -94.22
N PRO X 49 -31.64 -0.30 -94.43
CA PRO X 49 -30.43 -0.10 -95.24
C PRO X 49 -29.19 -0.48 -94.46
N VAL X 50 -28.43 -1.45 -94.99
CA VAL X 50 -27.22 -1.93 -94.34
C VAL X 50 -26.15 -2.16 -95.41
N GLU X 51 -24.90 -2.10 -94.98
CA GLU X 51 -23.75 -2.24 -95.87
C GLU X 51 -23.12 -3.61 -95.65
N LEU X 52 -23.05 -4.38 -96.72
CA LEU X 52 -22.48 -5.72 -96.66
C LEU X 52 -21.28 -5.82 -97.59
N ASP X 53 -20.38 -6.71 -97.24
CA ASP X 53 -19.22 -6.96 -98.09
C ASP X 53 -19.66 -7.68 -99.36
N PHE X 54 -18.71 -7.81 -100.28
CA PHE X 54 -19.01 -8.42 -101.56
C PHE X 54 -19.27 -9.91 -101.40
N SER X 55 -18.52 -10.56 -100.51
CA SER X 55 -18.73 -11.96 -100.18
C SER X 55 -19.89 -12.18 -99.22
N GLN X 56 -20.25 -11.19 -98.39
CA GLN X 56 -21.39 -11.33 -97.49
C GLN X 56 -22.71 -11.43 -98.24
N VAL X 57 -22.72 -11.01 -99.51
CA VAL X 57 -23.88 -11.03 -100.39
C VAL X 57 -23.51 -11.70 -101.70
N GLU X 58 -24.54 -12.13 -102.41
CA GLU X 58 -24.44 -12.82 -103.70
C GLU X 58 -25.32 -12.11 -104.72
N LYS X 59 -24.87 -12.06 -105.96
CA LYS X 59 -25.69 -11.43 -106.99
C LYS X 59 -27.00 -12.21 -107.15
N ALA X 60 -28.08 -11.48 -107.41
CA ALA X 60 -29.39 -12.08 -107.63
C ALA X 60 -29.42 -12.86 -108.94
#